data_5W68
#
_entry.id   5W68
#
_cell.length_a   1
_cell.length_b   1
_cell.length_c   1
_cell.angle_alpha   90
_cell.angle_beta   90
_cell.angle_gamma   90
#
_symmetry.space_group_name_H-M   'P 1'
#
_entity_poly.entity_id   1
_entity_poly.type   'polypeptide(L)'
_entity_poly.pdbx_seq_one_letter_code
;GNSQVFYLKYSKAEDLVDVLKQVSGTLTAAKEEAEGTVGSGREVVSIAASKHSNALIVTAPQDIMQSLQSVIEQLDIRRA
QVHVEALIVEVAEGSNINFGVQWGSKDAGLMQFANGTQIPIGTLGAAISAAKPQKGSTVISENGATTINPDTNGDLSTLA
QLLSGFSGTAVGVVKGDWMALVQAVKNDSSSNVLSTPSITTLDNQEAFFMVGQDVPVLTGSTVGSNNSNPFNTVERKKVG
IMLKVTPQINEGNAVQMVIEQEVSKVEGQTSLDVVFGERKLKTTVLANDGELIVLGGLMDDQAGESVAKVPLLGDIPLIG
NLFKSTADKKEKRNLMVFIRPTILRDGMAADGVSQRKYNYMRAEQIYRDEQGLSLMPHTAQPILPAQ
;
_entity_poly.pdbx_strand_id   A,B,C,D,E,F,G,H,I,J,K,L,M,N,O
#
# COMPACT_ATOMS: atom_id res chain seq x y z
N GLY A 1 -68.21 5.68 -25.19
CA GLY A 1 -69.31 4.73 -25.13
C GLY A 1 -69.02 3.54 -24.26
N ASN A 2 -68.07 2.72 -24.71
CA ASN A 2 -67.65 1.56 -23.93
C ASN A 2 -66.80 2.00 -22.75
N SER A 3 -65.70 2.69 -23.04
CA SER A 3 -64.86 3.24 -21.99
C SER A 3 -65.22 4.70 -21.74
N GLN A 4 -64.92 5.17 -20.53
CA GLN A 4 -65.25 6.52 -20.13
C GLN A 4 -64.07 7.15 -19.41
N VAL A 5 -64.15 8.47 -19.23
CA VAL A 5 -63.11 9.26 -18.60
C VAL A 5 -63.74 10.02 -17.44
N PHE A 6 -63.18 9.84 -16.24
CA PHE A 6 -63.66 10.52 -15.05
C PHE A 6 -62.64 11.57 -14.64
N TYR A 7 -63.11 12.79 -14.39
CA TYR A 7 -62.29 13.84 -13.84
C TYR A 7 -62.40 13.82 -12.33
N LEU A 8 -61.31 13.51 -11.66
CA LEU A 8 -61.31 13.54 -10.19
C LEU A 8 -61.34 14.97 -9.71
N LYS A 9 -62.19 15.23 -8.71
CA LYS A 9 -62.43 16.60 -8.26
C LYS A 9 -61.70 16.94 -6.97
N TYR A 10 -61.24 15.97 -6.21
CA TYR A 10 -60.53 16.26 -4.97
C TYR A 10 -59.33 15.37 -4.71
N SER A 11 -58.99 14.46 -5.60
CA SER A 11 -57.92 13.50 -5.32
C SER A 11 -57.03 13.34 -6.54
N LYS A 12 -55.80 12.89 -6.29
CA LYS A 12 -54.87 12.63 -7.37
C LYS A 12 -55.27 11.36 -8.12
N ALA A 13 -54.78 11.25 -9.35
CA ALA A 13 -55.17 10.14 -10.19
C ALA A 13 -54.35 8.89 -9.93
N GLU A 14 -53.06 9.05 -9.59
CA GLU A 14 -52.19 7.90 -9.42
C GLU A 14 -52.54 7.11 -8.16
N ASP A 15 -53.06 7.80 -7.14
CA ASP A 15 -53.54 7.11 -5.95
C ASP A 15 -54.76 6.26 -6.26
N LEU A 16 -55.68 6.82 -7.05
CA LEU A 16 -56.89 6.09 -7.41
C LEU A 16 -56.61 4.92 -8.33
N VAL A 17 -55.60 5.03 -9.20
CA VAL A 17 -55.30 3.85 -10.01
C VAL A 17 -54.56 2.81 -9.16
N ASP A 18 -53.73 3.25 -8.21
CA ASP A 18 -53.05 2.31 -7.33
C ASP A 18 -54.02 1.57 -6.42
N VAL A 19 -55.16 2.18 -6.10
CA VAL A 19 -56.22 1.45 -5.42
C VAL A 19 -56.97 0.54 -6.39
N LEU A 20 -57.40 1.10 -7.53
CA LEU A 20 -58.33 0.39 -8.40
C LEU A 20 -57.68 -0.66 -9.29
N LYS A 21 -56.37 -0.90 -9.19
CA LYS A 21 -55.85 -2.11 -9.83
C LYS A 21 -56.29 -3.37 -9.10
N GLN A 22 -56.69 -3.26 -7.84
CA GLN A 22 -57.07 -4.41 -7.04
C GLN A 22 -58.55 -4.70 -7.07
N VAL A 23 -59.38 -3.69 -7.30
CA VAL A 23 -60.83 -3.87 -7.21
C VAL A 23 -61.36 -4.63 -8.43
N SER A 24 -60.99 -4.17 -9.63
CA SER A 24 -61.47 -4.80 -10.85
C SER A 24 -60.82 -6.17 -11.06
N GLY A 25 -59.58 -6.33 -10.62
CA GLY A 25 -58.80 -7.53 -10.93
C GLY A 25 -59.36 -8.80 -10.33
N THR A 26 -60.12 -8.69 -9.25
CA THR A 26 -60.91 -9.81 -8.76
C THR A 26 -62.41 -9.55 -8.87
N LEU A 27 -62.80 -8.32 -9.18
CA LEU A 27 -64.22 -8.04 -9.39
C LEU A 27 -64.72 -8.63 -10.71
N THR A 28 -63.82 -8.89 -11.66
CA THR A 28 -64.22 -9.60 -12.88
C THR A 28 -64.64 -11.04 -12.58
N ALA A 29 -64.07 -11.66 -11.55
CA ALA A 29 -64.44 -13.01 -11.17
C ALA A 29 -65.78 -13.03 -10.47
N VAL A 44 -60.25 -7.11 -20.98
CA VAL A 44 -60.90 -7.42 -19.72
C VAL A 44 -61.28 -6.10 -19.05
N VAL A 45 -60.35 -5.54 -18.28
CA VAL A 45 -60.53 -4.23 -17.65
C VAL A 45 -59.23 -3.45 -17.79
N SER A 46 -59.36 -2.12 -17.83
CA SER A 46 -58.18 -1.25 -17.89
C SER A 46 -58.46 0.02 -17.11
N ILE A 47 -57.61 0.29 -16.13
CA ILE A 47 -57.62 1.53 -15.38
C ILE A 47 -56.27 2.19 -15.63
N ALA A 48 -56.26 3.32 -16.32
CA ALA A 48 -55.05 4.09 -16.56
C ALA A 48 -55.30 5.54 -16.18
N ALA A 49 -54.25 6.19 -15.68
CA ALA A 49 -54.38 7.51 -15.07
C ALA A 49 -53.56 8.52 -15.86
N SER A 50 -54.24 9.48 -16.46
CA SER A 50 -53.57 10.60 -17.13
C SER A 50 -53.10 11.57 -16.06
N LYS A 51 -51.79 11.60 -15.82
CA LYS A 51 -51.25 12.37 -14.70
C LYS A 51 -51.30 13.87 -14.96
N HIS A 52 -51.03 14.29 -16.19
CA HIS A 52 -50.94 15.71 -16.48
C HIS A 52 -52.30 16.39 -16.48
N SER A 53 -53.37 15.64 -16.78
CA SER A 53 -54.68 16.23 -16.96
C SER A 53 -55.69 15.83 -15.91
N ASN A 54 -55.25 15.16 -14.83
CA ASN A 54 -56.03 14.85 -13.63
C ASN A 54 -57.28 14.02 -13.97
N ALA A 55 -57.04 12.87 -14.57
CA ALA A 55 -58.14 12.01 -14.96
C ALA A 55 -57.66 10.57 -15.05
N LEU A 56 -58.49 9.66 -14.54
CA LEU A 56 -58.29 8.24 -14.74
C LEU A 56 -59.29 7.74 -15.75
N ILE A 57 -58.92 6.70 -16.48
CA ILE A 57 -59.72 6.20 -17.59
C ILE A 57 -60.13 4.77 -17.31
N VAL A 58 -61.43 4.53 -17.27
CA VAL A 58 -61.98 3.22 -16.96
C VAL A 58 -62.43 2.57 -18.25
N THR A 59 -61.95 1.35 -18.52
CA THR A 59 -62.41 0.55 -19.64
C THR A 59 -62.95 -0.75 -19.07
N ALA A 60 -64.26 -0.92 -19.11
CA ALA A 60 -64.91 -2.01 -18.40
C ALA A 60 -66.28 -2.26 -19.04
N PRO A 61 -66.85 -3.45 -18.84
CA PRO A 61 -68.25 -3.67 -19.22
C PRO A 61 -69.21 -2.84 -18.37
N GLN A 62 -70.48 -2.87 -18.78
CA GLN A 62 -71.48 -1.96 -18.22
C GLN A 62 -71.80 -2.27 -16.76
N ASP A 63 -71.69 -3.53 -16.36
CA ASP A 63 -72.00 -3.89 -14.98
C ASP A 63 -70.88 -3.49 -14.04
N ILE A 64 -69.63 -3.64 -14.48
CA ILE A 64 -68.49 -3.22 -13.69
C ILE A 64 -68.39 -1.70 -13.66
N MET A 65 -68.87 -1.03 -14.72
CA MET A 65 -68.75 0.41 -14.85
C MET A 65 -69.56 1.15 -13.80
N GLN A 66 -70.72 0.61 -13.42
CA GLN A 66 -71.50 1.26 -12.37
C GLN A 66 -70.89 1.03 -11.00
N SER A 67 -70.24 -0.11 -10.80
CA SER A 67 -69.57 -0.38 -9.53
C SER A 67 -68.37 0.53 -9.34
N LEU A 68 -67.47 0.57 -10.33
CA LEU A 68 -66.30 1.43 -10.25
C LEU A 68 -66.68 2.91 -10.28
N GLN A 69 -67.77 3.23 -10.99
CA GLN A 69 -68.28 4.60 -10.96
C GLN A 69 -68.77 4.97 -9.57
N SER A 70 -69.42 4.02 -8.88
CA SER A 70 -69.89 4.28 -7.53
C SER A 70 -68.72 4.43 -6.55
N VAL A 71 -67.66 3.64 -6.75
CA VAL A 71 -66.50 3.72 -5.87
C VAL A 71 -65.77 5.05 -6.08
N ILE A 72 -65.63 5.48 -7.33
CA ILE A 72 -65.01 6.77 -7.62
C ILE A 72 -65.88 7.91 -7.09
N GLU A 73 -67.20 7.76 -7.14
CA GLU A 73 -68.09 8.75 -6.53
C GLU A 73 -67.96 8.76 -5.01
N GLN A 74 -67.62 7.64 -4.39
CA GLN A 74 -67.50 7.60 -2.94
C GLN A 74 -66.10 7.96 -2.44
N LEU A 75 -65.09 7.98 -3.30
CA LEU A 75 -63.75 8.34 -2.86
C LEU A 75 -63.37 9.78 -3.16
N ASP A 76 -64.03 10.41 -4.13
CA ASP A 76 -63.71 11.78 -4.50
C ASP A 76 -64.41 12.71 -3.51
N ILE A 77 -63.79 12.88 -2.35
CA ILE A 77 -64.40 13.58 -1.22
C ILE A 77 -63.51 14.73 -0.76
N ARG A 78 -64.16 15.72 -0.15
CA ARG A 78 -63.45 16.87 0.40
C ARG A 78 -62.62 16.47 1.60
N ARG A 79 -61.33 16.76 1.56
CA ARG A 79 -60.41 16.42 2.64
C ARG A 79 -60.25 17.63 3.55
N ALA A 80 -60.47 17.43 4.84
CA ALA A 80 -60.31 18.52 5.78
C ALA A 80 -58.84 18.70 6.13
N GLN A 81 -58.53 19.85 6.73
CA GLN A 81 -57.14 20.21 7.02
C GLN A 81 -57.01 20.68 8.45
N VAL A 82 -55.86 20.38 9.04
CA VAL A 82 -55.64 20.46 10.49
C VAL A 82 -54.43 21.33 10.76
N HIS A 83 -54.60 22.36 11.56
CA HIS A 83 -53.49 23.18 12.03
C HIS A 83 -53.06 22.70 13.40
N VAL A 84 -51.81 22.26 13.52
CA VAL A 84 -51.27 21.69 14.75
C VAL A 84 -50.32 22.70 15.35
N GLU A 85 -50.53 23.02 16.63
CA GLU A 85 -49.73 24.02 17.33
C GLU A 85 -49.19 23.40 18.61
N ALA A 86 -47.89 23.15 18.64
CA ALA A 86 -47.24 22.47 19.76
C ALA A 86 -46.43 23.47 20.57
N LEU A 87 -46.75 23.58 21.85
CA LEU A 87 -46.05 24.51 22.72
C LEU A 87 -44.90 23.81 23.44
N ILE A 88 -43.93 24.61 23.87
CA ILE A 88 -42.76 24.12 24.59
C ILE A 88 -42.49 25.10 25.72
N VAL A 89 -42.49 24.61 26.95
CA VAL A 89 -42.23 25.44 28.12
C VAL A 89 -40.98 24.90 28.81
N GLU A 90 -40.05 25.78 29.12
CA GLU A 90 -38.87 25.41 29.90
C GLU A 90 -38.60 26.48 30.94
N VAL A 91 -38.69 26.11 32.21
CA VAL A 91 -38.40 27.00 33.31
C VAL A 91 -37.26 26.40 34.12
N ALA A 92 -36.22 27.20 34.36
CA ALA A 92 -35.05 26.75 35.09
C ALA A 92 -34.77 27.69 36.24
N GLU A 93 -33.99 27.22 37.21
CA GLU A 93 -33.55 28.02 38.35
C GLU A 93 -32.31 27.38 38.95
N GLY A 94 -31.22 28.14 39.04
CA GLY A 94 -30.01 27.62 39.62
C GLY A 94 -29.32 28.61 40.55
N SER A 95 -29.08 28.21 41.80
CA SER A 95 -28.48 29.09 42.79
C SER A 95 -27.62 28.26 43.73
N ASN A 96 -26.32 28.52 43.74
CA ASN A 96 -25.38 27.85 44.64
C ASN A 96 -24.64 28.88 45.46
N ILE A 97 -24.41 28.57 46.74
CA ILE A 97 -23.76 29.47 47.67
C ILE A 97 -22.42 28.87 48.06
N ASN A 98 -21.34 29.59 47.85
CA ASN A 98 -20.04 29.17 48.33
C ASN A 98 -19.62 29.98 49.54
N PHE A 99 -18.69 29.42 50.30
CA PHE A 99 -18.12 30.10 51.46
C PHE A 99 -16.78 29.42 51.73
N GLY A 100 -15.90 30.12 52.42
CA GLY A 100 -14.61 29.54 52.73
C GLY A 100 -13.65 30.45 53.44
N VAL A 101 -12.98 29.91 54.47
CA VAL A 101 -11.97 30.62 55.22
C VAL A 101 -10.69 29.82 55.14
N GLN A 102 -9.60 30.45 54.71
CA GLN A 102 -8.33 29.78 54.53
C GLN A 102 -7.26 30.54 55.29
N TRP A 103 -6.78 29.97 56.38
CA TRP A 103 -5.71 30.55 57.16
C TRP A 103 -4.37 30.13 56.57
N GLY A 104 -3.36 30.99 56.72
CA GLY A 104 -2.05 30.67 56.22
C GLY A 104 -0.93 31.45 56.87
N SER A 105 0.07 30.75 57.36
CA SER A 105 1.29 31.36 57.87
C SER A 105 2.47 30.85 57.06
N LYS A 106 3.48 31.71 56.89
CA LYS A 106 4.62 31.33 56.06
C LYS A 106 5.53 30.35 56.79
N ASP A 107 5.56 30.39 58.11
CA ASP A 107 6.43 29.52 58.89
C ASP A 107 5.70 28.53 59.78
N ALA A 108 4.37 28.54 59.78
CA ALA A 108 3.60 27.72 60.71
C ALA A 108 2.46 27.01 60.01
N GLY A 109 2.70 26.55 58.78
CA GLY A 109 1.72 25.76 58.07
C GLY A 109 0.58 26.58 57.50
N LEU A 110 -0.35 25.87 56.86
CA LEU A 110 -1.47 26.51 56.18
C LEU A 110 -2.73 25.68 56.38
N MET A 111 -3.89 26.33 56.24
CA MET A 111 -5.18 25.66 56.28
C MET A 111 -5.91 25.97 54.97
N GLN A 112 -5.97 25.00 54.07
CA GLN A 112 -6.67 25.23 52.81
C GLN A 112 -7.80 24.21 52.67
N PHE A 113 -8.64 24.45 51.67
CA PHE A 113 -9.75 23.56 51.35
C PHE A 113 -9.95 23.58 49.84
N ALA A 114 -10.77 22.66 49.34
CA ALA A 114 -11.16 22.65 47.95
C ALA A 114 -12.64 22.29 47.83
N ASN A 115 -13.18 22.50 46.63
CA ASN A 115 -14.55 22.13 46.23
C ASN A 115 -15.59 22.79 47.15
N GLY A 116 -15.68 24.11 47.00
CA GLY A 116 -16.61 24.88 47.80
C GLY A 116 -16.05 26.22 48.20
N THR A 117 -14.73 26.30 48.24
CA THR A 117 -14.04 27.58 48.36
C THR A 117 -13.35 27.99 47.07
N GLN A 118 -13.16 27.07 46.13
CA GLN A 118 -12.83 27.29 44.74
C GLN A 118 -11.49 27.95 44.46
N ILE A 119 -10.71 28.23 45.51
CA ILE A 119 -9.37 28.79 45.35
C ILE A 119 -8.52 28.38 46.56
N PRO A 120 -7.53 27.52 46.38
CA PRO A 120 -6.68 27.13 47.50
C PRO A 120 -5.71 28.23 47.87
N ILE A 121 -5.32 28.26 49.14
CA ILE A 121 -4.31 29.20 49.58
C ILE A 121 -2.93 28.74 49.16
N GLY A 122 -2.75 27.45 48.86
CA GLY A 122 -1.46 26.97 48.41
C GLY A 122 -1.16 27.35 46.98
N THR A 123 -2.16 27.23 46.09
CA THR A 123 -1.96 27.59 44.70
C THR A 123 -1.91 29.10 44.53
N LEU A 124 -2.72 29.83 45.28
CA LEU A 124 -2.73 31.29 45.18
C LEU A 124 -1.49 31.89 45.84
N GLY A 125 -1.06 31.30 46.95
CA GLY A 125 0.20 31.72 47.56
C GLY A 125 1.40 31.34 46.72
N ALA A 126 1.29 30.26 45.95
CA ALA A 126 2.36 29.91 45.02
C ALA A 126 2.38 30.85 43.84
N ALA A 127 1.20 31.27 43.36
CA ALA A 127 1.14 32.18 42.22
C ALA A 127 1.61 33.57 42.59
N ILE A 128 1.15 34.09 43.73
CA ILE A 128 1.61 35.39 44.21
C ILE A 128 3.06 35.34 44.64
N SER A 129 3.51 34.19 45.17
CA SER A 129 4.92 34.00 45.48
C SER A 129 5.77 33.97 44.22
N ALA A 130 5.20 33.53 43.10
CA ALA A 130 5.88 33.61 41.81
C ALA A 130 5.66 34.94 41.12
N ALA A 131 4.89 35.85 41.71
CA ALA A 131 4.49 37.08 41.03
C ALA A 131 5.35 38.29 41.38
N LYS A 132 5.97 38.30 42.55
CA LYS A 132 6.79 39.44 42.93
C LYS A 132 8.10 39.42 42.14
N PRO A 133 8.48 40.52 41.50
CA PRO A 133 9.54 40.47 40.49
C PRO A 133 10.93 40.32 41.08
N GLN A 134 11.77 39.62 40.34
CA GLN A 134 13.18 39.46 40.68
C GLN A 134 13.99 40.64 40.17
N LYS A 135 15.21 40.75 40.67
CA LYS A 135 16.12 41.81 40.26
C LYS A 135 17.19 41.25 39.34
N GLY A 136 17.99 42.16 38.77
CA GLY A 136 19.05 41.79 37.87
C GLY A 136 20.41 41.78 38.53
N SER A 137 21.44 41.90 37.70
CA SER A 137 22.82 41.90 38.18
C SER A 137 23.17 43.22 38.85
N ASN A 149 21.28 43.12 34.82
CA ASN A 149 21.29 44.55 35.12
C ASN A 149 19.87 45.19 35.09
N PRO A 150 18.97 44.87 34.10
CA PRO A 150 17.57 45.31 34.27
C PRO A 150 16.77 44.38 35.17
N ASP A 151 15.78 44.91 35.87
CA ASP A 151 14.89 44.12 36.72
C ASP A 151 13.53 43.98 36.05
N THR A 152 13.20 42.75 35.65
CA THR A 152 11.98 42.50 34.91
C THR A 152 10.79 42.32 35.85
N ASN A 153 9.74 43.12 35.64
CA ASN A 153 8.45 42.94 36.28
C ASN A 153 7.51 42.29 35.27
N GLY A 154 7.72 41.01 35.02
CA GLY A 154 6.96 40.31 34.00
C GLY A 154 6.62 38.88 34.36
N ASP A 155 6.73 38.53 35.64
CA ASP A 155 6.39 37.21 36.13
C ASP A 155 4.90 37.16 36.46
N LEU A 156 4.11 36.65 35.53
CA LEU A 156 2.65 36.68 35.64
C LEU A 156 2.11 35.56 34.74
N SER A 157 0.83 35.65 34.39
CA SER A 157 0.05 34.65 33.65
C SER A 157 -0.07 33.33 34.39
N THR A 158 0.05 33.38 35.72
CA THR A 158 -0.34 32.30 36.61
C THR A 158 -1.54 32.69 37.47
N LEU A 159 -1.55 33.93 37.97
CA LEU A 159 -2.77 34.50 38.51
C LEU A 159 -3.78 34.77 37.42
N ALA A 160 -3.32 35.04 36.20
CA ALA A 160 -4.24 35.28 35.10
C ALA A 160 -4.92 34.02 34.63
N GLN A 161 -4.37 32.85 34.96
CA GLN A 161 -5.02 31.58 34.66
C GLN A 161 -5.77 31.04 35.86
N LEU A 162 -5.17 31.15 37.05
CA LEU A 162 -5.81 30.66 38.26
C LEU A 162 -7.02 31.50 38.64
N LEU A 163 -6.99 32.80 38.32
CA LEU A 163 -8.11 33.69 38.54
C LEU A 163 -8.90 33.96 37.28
N SER A 164 -8.76 33.11 36.26
CA SER A 164 -9.49 33.33 35.01
C SER A 164 -10.96 32.98 35.18
N GLY A 165 -11.25 31.72 35.46
CA GLY A 165 -12.61 31.34 35.79
C GLY A 165 -12.82 31.36 37.29
N PHE A 166 -13.29 32.49 37.80
CA PHE A 166 -13.47 32.70 39.22
C PHE A 166 -14.36 33.91 39.46
N SER A 167 -15.35 33.78 40.34
CA SER A 167 -16.31 34.85 40.55
C SER A 167 -16.49 35.23 42.01
N GLY A 168 -15.61 34.77 42.89
CA GLY A 168 -15.83 34.94 44.31
C GLY A 168 -15.21 36.20 44.89
N THR A 169 -15.82 36.68 45.96
CA THR A 169 -15.26 37.73 46.78
C THR A 169 -14.13 37.14 47.61
N ALA A 170 -12.90 37.53 47.31
CA ALA A 170 -11.71 36.99 47.98
C ALA A 170 -10.96 38.14 48.63
N VAL A 171 -11.13 38.30 49.94
CA VAL A 171 -10.43 39.34 50.67
C VAL A 171 -9.24 38.72 51.38
N GLY A 172 -8.24 39.56 51.66
CA GLY A 172 -7.09 39.11 52.43
C GLY A 172 -6.94 39.86 53.74
N VAL A 173 -7.21 39.19 54.85
CA VAL A 173 -7.18 39.83 56.17
C VAL A 173 -5.95 39.34 56.91
N VAL A 174 -5.01 40.23 57.17
CA VAL A 174 -3.83 39.89 57.95
C VAL A 174 -4.12 40.17 59.42
N LYS A 175 -3.89 39.17 60.27
CA LYS A 175 -4.14 39.32 61.70
C LYS A 175 -3.16 38.41 62.43
N GLY A 176 -2.13 39.01 63.01
CA GLY A 176 -1.10 38.25 63.72
C GLY A 176 -0.24 37.39 62.83
N ASP A 177 0.03 37.86 61.62
CA ASP A 177 0.67 37.09 60.53
C ASP A 177 -0.10 35.79 60.28
N TRP A 178 -1.36 35.95 59.92
CA TRP A 178 -2.23 34.86 59.51
C TRP A 178 -3.11 35.40 58.39
N MET A 179 -2.77 35.07 57.14
CA MET A 179 -3.47 35.63 56.00
C MET A 179 -4.83 34.97 55.84
N ALA A 180 -5.85 35.54 56.49
CA ALA A 180 -7.18 34.95 56.51
C ALA A 180 -7.86 35.21 55.18
N LEU A 181 -7.59 34.31 54.23
CA LEU A 181 -8.18 34.42 52.89
C LEU A 181 -9.63 33.96 52.95
N VAL A 182 -10.55 34.91 52.99
CA VAL A 182 -11.98 34.62 53.06
C VAL A 182 -12.55 34.65 51.65
N GLN A 183 -13.22 33.57 51.26
CA GLN A 183 -13.82 33.48 49.94
C GLN A 183 -15.31 33.21 50.09
N ALA A 184 -16.13 33.94 49.34
CA ALA A 184 -17.58 33.81 49.39
C ALA A 184 -18.19 34.33 48.09
N VAL A 185 -19.28 33.70 47.65
CA VAL A 185 -20.00 34.10 46.44
C VAL A 185 -21.39 33.46 46.50
N LYS A 186 -22.37 34.14 45.92
CA LYS A 186 -23.71 33.58 45.73
C LYS A 186 -24.24 34.11 44.41
N ASN A 187 -24.69 33.23 43.53
CA ASN A 187 -25.21 33.65 42.22
C ASN A 187 -26.44 32.84 41.82
N ASP A 188 -27.55 33.55 41.64
CA ASP A 188 -28.80 32.95 41.20
C ASP A 188 -28.87 32.96 39.68
N SER A 189 -29.72 32.11 39.11
CA SER A 189 -29.97 32.05 37.69
C SER A 189 -31.44 31.72 37.46
N SER A 190 -32.00 32.17 36.35
CA SER A 190 -33.41 31.95 36.01
C SER A 190 -33.57 32.04 34.50
N SER A 191 -33.87 30.92 33.86
CA SER A 191 -34.19 30.91 32.44
C SER A 191 -35.68 30.69 32.28
N ASN A 192 -36.22 31.12 31.15
CA ASN A 192 -37.64 30.96 30.84
C ASN A 192 -37.81 31.00 29.33
N VAL A 193 -38.09 29.84 28.74
CA VAL A 193 -38.13 29.69 27.29
C VAL A 193 -39.49 29.17 26.87
N LEU A 194 -40.15 29.93 26.01
CA LEU A 194 -41.43 29.52 25.43
C LEU A 194 -41.30 29.50 23.92
N SER A 195 -41.52 28.33 23.33
CA SER A 195 -41.47 28.17 21.89
C SER A 195 -42.71 27.45 21.43
N THR A 196 -43.19 27.82 20.23
CA THR A 196 -44.42 27.23 19.69
C THR A 196 -44.36 27.18 18.17
N PRO A 197 -43.85 26.08 17.61
CA PRO A 197 -44.00 25.86 16.17
C PRO A 197 -45.43 25.54 15.80
N SER A 198 -45.70 25.66 14.51
CA SER A 198 -47.04 25.43 13.97
C SER A 198 -46.89 24.81 12.59
N ILE A 199 -47.94 24.11 12.16
CA ILE A 199 -47.91 23.43 10.86
C ILE A 199 -49.35 23.38 10.35
N THR A 200 -49.51 23.13 9.06
CA THR A 200 -50.83 22.99 8.45
C THR A 200 -50.75 21.91 7.40
N THR A 201 -51.33 20.76 7.69
CA THR A 201 -51.32 19.64 6.79
C THR A 201 -52.72 19.46 6.22
N LEU A 202 -52.91 18.39 5.47
CA LEU A 202 -54.22 17.83 5.24
C LEU A 202 -54.41 16.64 6.17
N ASP A 203 -55.54 15.96 6.02
CA ASP A 203 -55.75 14.70 6.69
C ASP A 203 -54.83 13.63 6.11
N ASN A 204 -54.17 12.88 7.00
CA ASN A 204 -53.38 11.68 6.66
C ASN A 204 -52.20 11.98 5.75
N GLN A 205 -51.67 13.19 5.80
CA GLN A 205 -50.53 13.57 4.99
C GLN A 205 -49.46 14.12 5.91
N GLU A 206 -48.32 13.43 5.98
CA GLU A 206 -47.28 13.82 6.91
C GLU A 206 -46.60 15.10 6.44
N ALA A 207 -46.05 15.84 7.41
CA ALA A 207 -45.42 17.12 7.15
C ALA A 207 -44.56 17.46 8.34
N PHE A 208 -43.47 18.17 8.08
CA PHE A 208 -42.61 18.55 9.17
C PHE A 208 -42.21 20.00 9.01
N PHE A 209 -41.26 20.41 9.82
CA PHE A 209 -40.90 21.80 10.00
C PHE A 209 -39.54 21.80 10.69
N MET A 210 -38.82 22.90 10.55
CA MET A 210 -37.45 22.98 11.06
C MET A 210 -37.04 24.44 11.08
N VAL A 211 -36.31 24.85 12.11
CA VAL A 211 -35.68 26.16 12.11
C VAL A 211 -34.21 26.03 12.50
N GLY A 212 -33.66 24.85 12.30
CA GLY A 212 -32.34 24.52 12.83
C GLY A 212 -31.18 24.91 11.96
N GLN A 213 -30.11 24.13 12.06
CA GLN A 213 -28.88 24.35 11.33
C GLN A 213 -28.45 23.03 10.69
N ASP A 214 -27.28 23.05 10.05
CA ASP A 214 -26.61 21.86 9.57
C ASP A 214 -25.19 21.89 10.10
N VAL A 215 -24.84 20.93 10.94
CA VAL A 215 -23.54 20.95 11.59
C VAL A 215 -22.69 19.82 11.01
N PRO A 216 -21.42 20.07 10.69
CA PRO A 216 -20.55 18.98 10.21
C PRO A 216 -20.21 18.02 11.33
N VAL A 217 -20.74 16.81 11.23
CA VAL A 217 -20.49 15.74 12.17
C VAL A 217 -19.57 14.74 11.48
N LEU A 218 -18.40 14.50 12.07
CA LEU A 218 -17.43 13.60 11.47
C LEU A 218 -17.65 12.19 11.98
N THR A 219 -17.67 11.22 11.08
CA THR A 219 -17.77 9.81 11.41
C THR A 219 -16.55 9.13 10.77
N GLY A 220 -15.41 9.19 11.45
CA GLY A 220 -14.20 8.61 10.94
C GLY A 220 -13.29 9.61 10.27
N THR A 233 -15.25 10.31 7.46
CA THR A 233 -16.46 10.51 6.68
C THR A 233 -17.38 11.50 7.38
N VAL A 234 -17.21 12.78 7.04
CA VAL A 234 -18.01 13.82 7.65
C VAL A 234 -19.41 13.78 7.06
N GLU A 235 -20.43 13.85 7.93
CA GLU A 235 -21.80 13.77 7.52
C GLU A 235 -22.58 14.94 8.11
N ARG A 236 -23.49 15.50 7.32
CA ARG A 236 -24.27 16.66 7.75
C ARG A 236 -25.44 16.21 8.60
N LYS A 237 -25.56 16.77 9.80
CA LYS A 237 -26.62 16.38 10.72
C LYS A 237 -27.45 17.61 11.06
N LYS A 238 -28.77 17.42 11.07
CA LYS A 238 -29.70 18.50 11.32
C LYS A 238 -29.97 18.66 12.81
N VAL A 239 -30.12 19.91 13.24
CA VAL A 239 -30.44 20.24 14.62
C VAL A 239 -31.67 21.14 14.63
N GLY A 240 -32.02 21.66 15.80
CA GLY A 240 -33.06 22.67 15.88
C GLY A 240 -34.46 22.10 15.98
N ILE A 241 -35.41 23.01 16.11
CA ILE A 241 -36.78 22.69 16.48
C ILE A 241 -37.50 22.00 15.33
N MET A 242 -37.68 20.70 15.44
CA MET A 242 -38.37 19.93 14.41
C MET A 242 -39.72 19.50 14.95
N LEU A 243 -40.69 19.37 14.05
CA LEU A 243 -42.04 18.98 14.44
C LEU A 243 -42.64 18.19 13.29
N LYS A 244 -42.53 16.87 13.34
CA LYS A 244 -43.03 16.02 12.28
C LYS A 244 -44.32 15.35 12.73
N VAL A 245 -45.44 15.78 12.16
CA VAL A 245 -46.75 15.31 12.59
C VAL A 245 -47.36 14.54 11.43
N THR A 246 -48.34 13.69 11.75
CA THR A 246 -49.14 13.00 10.73
C THR A 246 -50.54 12.85 11.27
N PRO A 247 -51.36 13.90 11.19
CA PRO A 247 -52.64 13.88 11.87
C PRO A 247 -53.70 13.09 11.11
N GLN A 248 -54.60 12.50 11.87
CA GLN A 248 -55.74 11.76 11.35
C GLN A 248 -56.98 12.25 12.05
N ILE A 249 -58.04 12.48 11.28
CA ILE A 249 -59.28 13.02 11.82
C ILE A 249 -60.22 11.87 12.13
N ASN A 250 -60.47 11.66 13.42
CA ASN A 250 -61.42 10.66 13.87
C ASN A 250 -62.77 11.31 14.11
N GLU A 251 -63.82 10.49 14.04
CA GLU A 251 -65.16 11.02 14.16
C GLU A 251 -65.48 11.38 15.60
N GLY A 252 -66.41 12.30 15.76
CA GLY A 252 -66.53 13.03 17.00
C GLY A 252 -65.60 14.22 17.08
N ASN A 253 -64.99 14.60 15.94
CA ASN A 253 -64.03 15.71 15.81
C ASN A 253 -62.84 15.55 16.75
N ALA A 254 -62.33 14.33 16.85
CA ALA A 254 -61.12 14.06 17.59
C ALA A 254 -59.99 13.81 16.60
N VAL A 255 -58.78 14.18 17.01
CA VAL A 255 -57.63 14.16 16.13
C VAL A 255 -56.59 13.21 16.70
N GLN A 256 -56.21 12.20 15.92
CA GLN A 256 -55.11 11.32 16.27
C GLN A 256 -53.86 11.79 15.56
N MET A 257 -52.78 11.97 16.30
CA MET A 257 -51.54 12.51 15.75
C MET A 257 -50.39 11.57 16.02
N VAL A 258 -49.48 11.47 15.06
CA VAL A 258 -48.24 10.74 15.24
C VAL A 258 -47.12 11.77 15.23
N ILE A 259 -46.78 12.28 16.40
CA ILE A 259 -45.89 13.42 16.52
C ILE A 259 -44.48 12.93 16.86
N GLU A 260 -43.50 13.42 16.11
CA GLU A 260 -42.09 13.08 16.34
C GLU A 260 -41.34 14.40 16.44
N GLN A 261 -41.34 14.98 17.63
CA GLN A 261 -40.77 16.30 17.85
C GLN A 261 -39.32 16.17 18.30
N GLU A 262 -38.56 17.25 18.12
CA GLU A 262 -37.17 17.30 18.52
C GLU A 262 -36.80 18.76 18.74
N VAL A 263 -36.05 19.04 19.81
CA VAL A 263 -35.47 20.35 20.04
C VAL A 263 -33.98 20.12 20.27
N SER A 264 -33.19 20.30 19.22
CA SER A 264 -31.76 20.12 19.34
C SER A 264 -31.07 21.47 19.45
N LYS A 265 -29.84 21.44 19.96
CA LYS A 265 -29.11 22.66 20.25
C LYS A 265 -27.64 22.33 20.33
N VAL A 266 -26.80 23.16 19.70
CA VAL A 266 -25.37 22.90 19.65
C VAL A 266 -24.76 23.33 20.98
N GLU A 267 -24.23 22.38 21.72
CA GLU A 267 -23.46 22.66 22.92
C GLU A 267 -21.97 22.63 22.58
N GLY A 268 -21.19 23.32 23.39
CA GLY A 268 -19.78 23.45 23.08
C GLY A 268 -18.95 22.29 23.55
N GLN A 269 -17.94 22.61 24.38
CA GLN A 269 -17.03 21.63 24.95
C GLN A 269 -16.05 21.26 23.88
N THR A 270 -16.52 20.47 22.94
CA THR A 270 -15.70 20.04 21.80
C THR A 270 -14.55 19.09 22.15
N SER A 271 -14.87 17.93 22.71
CA SER A 271 -13.83 17.06 23.25
C SER A 271 -13.04 16.40 22.13
N LEU A 272 -13.70 15.57 21.34
CA LEU A 272 -13.18 15.10 20.05
C LEU A 272 -13.97 15.67 18.89
N ASP A 273 -15.24 15.98 19.10
CA ASP A 273 -16.10 16.62 18.12
C ASP A 273 -17.12 17.44 18.90
N VAL A 274 -18.00 18.11 18.19
CA VAL A 274 -19.00 18.95 18.83
C VAL A 274 -20.10 18.07 19.41
N VAL A 275 -20.67 18.50 20.53
CA VAL A 275 -21.74 17.76 21.18
C VAL A 275 -23.03 18.54 20.99
N PHE A 276 -24.15 17.85 21.16
CA PHE A 276 -25.46 18.42 20.95
C PHE A 276 -26.23 18.38 22.27
N GLY A 277 -27.45 18.88 22.25
CA GLY A 277 -28.40 18.52 23.29
C GLY A 277 -29.75 18.27 22.69
N GLU A 278 -30.27 17.05 22.77
CA GLU A 278 -31.56 16.74 22.18
C GLU A 278 -32.62 16.65 23.27
N ARG A 279 -33.86 16.91 22.86
CA ARG A 279 -35.01 16.81 23.75
C ARG A 279 -36.16 16.13 23.04
N LYS A 280 -35.85 15.13 22.22
CA LYS A 280 -36.82 14.59 21.29
C LYS A 280 -37.81 13.67 22.00
N LEU A 281 -38.91 13.40 21.32
CA LEU A 281 -39.91 12.44 21.76
C LEU A 281 -40.69 11.99 20.55
N LYS A 282 -41.15 10.73 20.58
CA LYS A 282 -41.87 10.15 19.45
C LYS A 282 -43.09 9.42 20.00
N THR A 283 -44.18 10.14 20.17
CA THR A 283 -45.37 9.56 20.79
C THR A 283 -46.53 9.57 19.82
N THR A 284 -47.70 9.19 20.33
CA THR A 284 -48.92 9.14 19.52
C THR A 284 -50.08 9.46 20.45
N VAL A 285 -50.67 10.64 20.30
CA VAL A 285 -51.71 11.10 21.19
C VAL A 285 -53.04 11.13 20.46
N LEU A 286 -54.11 11.35 21.22
CA LEU A 286 -55.46 11.46 20.68
C LEU A 286 -56.12 12.62 21.42
N ALA A 287 -56.00 13.81 20.86
CA ALA A 287 -56.53 15.01 21.49
C ALA A 287 -57.93 15.31 20.96
N ASN A 288 -58.57 16.28 21.60
CA ASN A 288 -59.90 16.72 21.20
C ASN A 288 -59.81 17.75 20.07
N ASP A 289 -60.92 18.45 19.83
CA ASP A 289 -61.02 19.29 18.63
C ASP A 289 -60.13 20.52 18.72
N GLY A 290 -60.06 21.14 19.89
CA GLY A 290 -59.21 22.31 20.06
C GLY A 290 -58.58 22.38 21.44
N GLU A 291 -58.66 21.29 22.19
CA GLU A 291 -58.22 21.27 23.57
C GLU A 291 -56.76 20.87 23.65
N LEU A 292 -56.08 21.40 24.66
CA LEU A 292 -54.69 21.06 24.89
C LEU A 292 -54.57 19.69 25.53
N ILE A 293 -53.45 19.03 25.27
CA ILE A 293 -53.09 17.82 25.99
C ILE A 293 -51.59 17.84 26.21
N VAL A 294 -51.17 17.42 27.41
CA VAL A 294 -49.76 17.33 27.72
C VAL A 294 -49.19 16.04 27.13
N LEU A 295 -48.07 16.17 26.44
CA LEU A 295 -47.43 15.02 25.84
C LEU A 295 -46.34 14.44 26.73
N GLY A 296 -45.32 15.24 27.02
CA GLY A 296 -44.21 14.76 27.80
C GLY A 296 -43.81 15.78 28.83
N GLY A 297 -42.62 15.63 29.38
CA GLY A 297 -42.15 16.60 30.35
C GLY A 297 -41.02 16.03 31.18
N LEU A 298 -40.48 16.92 32.01
CA LEU A 298 -39.42 16.56 32.94
C LEU A 298 -39.39 17.61 34.02
N MET A 299 -39.65 17.20 35.26
CA MET A 299 -39.54 18.11 36.39
C MET A 299 -38.30 17.70 37.17
N ASP A 300 -37.16 18.20 36.74
CA ASP A 300 -35.91 17.96 37.44
C ASP A 300 -35.89 18.75 38.74
N ASP A 301 -35.17 18.23 39.72
CA ASP A 301 -35.05 18.87 41.03
C ASP A 301 -33.81 18.30 41.69
N GLN A 302 -32.87 19.17 42.06
CA GLN A 302 -31.65 18.71 42.70
C GLN A 302 -31.44 19.45 44.00
N ALA A 303 -30.37 19.07 44.67
CA ALA A 303 -29.88 19.73 45.88
C ALA A 303 -28.41 19.41 46.00
N GLY A 304 -27.83 19.74 47.14
CA GLY A 304 -26.42 19.49 47.33
C GLY A 304 -25.87 20.12 48.58
N GLU A 305 -24.74 19.61 49.05
CA GLU A 305 -24.09 20.09 50.27
C GLU A 305 -22.68 19.53 50.30
N SER A 306 -21.70 20.40 50.59
CA SER A 306 -20.32 19.95 50.75
C SER A 306 -19.67 20.86 51.77
N VAL A 307 -19.73 20.47 53.04
CA VAL A 307 -19.06 21.18 54.12
C VAL A 307 -17.72 20.48 54.34
N ALA A 308 -16.71 21.24 54.77
CA ALA A 308 -15.37 20.70 54.96
C ALA A 308 -14.81 21.28 56.26
N LYS A 309 -14.97 20.54 57.36
CA LYS A 309 -14.60 21.06 58.67
C LYS A 309 -13.12 20.89 58.98
N VAL A 310 -12.76 21.16 60.22
CA VAL A 310 -11.52 20.73 60.85
C VAL A 310 -12.02 20.02 62.11
N PRO A 311 -11.58 18.76 62.39
CA PRO A 311 -12.38 17.81 63.18
C PRO A 311 -12.84 18.23 64.58
N LEU A 312 -11.96 18.79 65.41
CA LEU A 312 -12.40 19.17 66.74
C LEU A 312 -12.90 20.61 66.76
N LEU A 313 -12.13 21.53 66.17
CA LEU A 313 -12.50 22.95 66.16
C LEU A 313 -13.29 23.33 64.91
N GLY A 314 -14.30 22.52 64.59
CA GLY A 314 -15.18 22.83 63.48
C GLY A 314 -16.61 23.00 63.92
N ASP A 315 -16.99 22.33 65.00
CA ASP A 315 -18.34 22.43 65.55
C ASP A 315 -18.43 23.37 66.75
N ILE A 316 -17.52 24.36 66.83
CA ILE A 316 -17.64 25.44 67.80
C ILE A 316 -18.86 26.26 67.41
N PRO A 317 -19.80 26.50 68.32
CA PRO A 317 -21.06 27.14 67.91
C PRO A 317 -20.93 28.63 67.62
N LEU A 318 -19.79 29.24 67.98
CA LEU A 318 -19.64 30.68 67.81
C LEU A 318 -18.63 31.01 66.72
N ILE A 319 -17.40 30.51 66.85
CA ILE A 319 -16.33 30.90 65.93
C ILE A 319 -15.93 29.72 65.06
N GLY A 320 -16.69 28.63 65.14
CA GLY A 320 -16.42 27.47 64.31
C GLY A 320 -16.76 27.68 62.86
N ASN A 321 -17.61 28.67 62.57
CA ASN A 321 -18.08 28.97 61.23
C ASN A 321 -16.95 29.41 60.31
N LEU A 322 -15.90 30.01 60.87
CA LEU A 322 -14.75 30.42 60.08
C LEU A 322 -13.66 29.35 60.11
N PHE A 323 -14.10 28.11 59.94
CA PHE A 323 -13.18 27.00 59.73
C PHE A 323 -13.66 26.06 58.63
N LYS A 324 -14.93 26.18 58.26
CA LYS A 324 -15.56 25.27 57.31
C LYS A 324 -15.78 25.98 55.98
N SER A 325 -15.58 25.24 54.89
CA SER A 325 -15.83 25.77 53.55
C SER A 325 -17.16 25.23 53.07
N THR A 326 -18.24 25.86 53.52
CA THR A 326 -19.59 25.34 53.30
C THR A 326 -20.01 25.61 51.86
N ALA A 327 -19.97 24.58 51.02
CA ALA A 327 -20.56 24.70 49.70
C ALA A 327 -22.07 24.47 49.78
N ASP A 328 -22.72 24.70 48.65
CA ASP A 328 -24.14 24.44 48.48
C ASP A 328 -24.39 24.41 46.99
N LYS A 329 -25.52 23.80 46.60
CA LYS A 329 -26.00 23.89 45.23
C LYS A 329 -27.49 23.56 45.23
N LYS A 330 -28.32 24.54 44.92
CA LYS A 330 -29.74 24.32 44.74
C LYS A 330 -30.05 24.53 43.26
N GLU A 331 -30.83 23.63 42.69
CA GLU A 331 -31.14 23.71 41.26
C GLU A 331 -32.51 23.08 41.04
N LYS A 332 -33.27 23.66 40.13
CA LYS A 332 -34.59 23.15 39.80
C LYS A 332 -34.90 23.53 38.35
N ARG A 333 -35.42 22.59 37.58
CA ARG A 333 -35.65 22.82 36.17
C ARG A 333 -36.86 22.04 35.71
N ASN A 334 -37.84 22.76 35.16
CA ASN A 334 -39.07 22.15 34.65
C ASN A 334 -39.06 22.19 33.13
N LEU A 335 -39.88 21.34 32.54
CA LEU A 335 -39.97 21.23 31.10
C LEU A 335 -41.30 20.57 30.76
N MET A 336 -41.97 21.08 29.73
CA MET A 336 -43.21 20.51 29.26
C MET A 336 -43.28 20.60 27.75
N VAL A 337 -44.11 19.74 27.16
CA VAL A 337 -44.42 19.77 25.73
C VAL A 337 -45.93 19.61 25.60
N PHE A 338 -46.57 20.63 25.08
CA PHE A 338 -48.02 20.65 24.89
C PHE A 338 -48.33 20.58 23.40
N ILE A 339 -49.61 20.50 23.07
CA ILE A 339 -50.06 20.52 21.68
C ILE A 339 -51.49 21.05 21.65
N ARG A 340 -51.92 21.50 20.48
CA ARG A 340 -53.31 21.91 20.27
C ARG A 340 -53.63 21.69 18.81
N PRO A 341 -54.40 20.66 18.48
CA PRO A 341 -54.90 20.52 17.11
C PRO A 341 -56.06 21.45 16.86
N THR A 342 -56.22 21.82 15.59
CA THR A 342 -57.28 22.73 15.17
C THR A 342 -57.69 22.34 13.76
N ILE A 343 -58.85 21.71 13.61
CA ILE A 343 -59.30 21.37 12.27
C ILE A 343 -59.89 22.61 11.62
N LEU A 344 -59.81 22.66 10.29
CA LEU A 344 -60.25 23.80 9.51
C LEU A 344 -61.30 23.33 8.52
N ARG A 345 -62.53 23.77 8.72
CA ARG A 345 -63.65 23.28 7.90
C ARG A 345 -63.67 23.90 6.52
N ASP A 346 -63.86 25.22 6.45
CA ASP A 346 -64.20 25.91 5.21
C ASP A 346 -63.41 27.21 5.18
N GLY A 347 -63.84 28.14 4.30
CA GLY A 347 -63.26 29.46 4.25
C GLY A 347 -63.52 30.31 5.47
N MET A 348 -64.51 29.95 6.29
CA MET A 348 -64.71 30.64 7.56
C MET A 348 -63.63 30.26 8.58
N ALA A 349 -63.18 29.01 8.55
CA ALA A 349 -62.17 28.57 9.52
C ALA A 349 -60.80 29.14 9.18
N ALA A 350 -60.38 28.99 7.92
CA ALA A 350 -59.14 29.62 7.46
C ALA A 350 -59.24 31.13 7.43
N ASP A 351 -60.46 31.67 7.30
CA ASP A 351 -60.70 33.09 7.52
C ASP A 351 -60.34 33.47 8.96
N GLY A 352 -60.81 32.69 9.93
CA GLY A 352 -60.52 32.98 11.32
C GLY A 352 -59.05 32.84 11.69
N VAL A 353 -58.47 31.68 11.42
CA VAL A 353 -57.10 31.39 11.84
C VAL A 353 -56.11 32.20 11.00
N SER A 354 -56.29 32.19 9.68
CA SER A 354 -55.38 32.95 8.81
C SER A 354 -55.57 34.45 8.97
N GLN A 355 -56.76 34.89 9.37
CA GLN A 355 -56.97 36.30 9.64
C GLN A 355 -56.30 36.73 10.94
N ARG A 356 -56.37 35.89 11.99
CA ARG A 356 -55.75 36.30 13.24
C ARG A 356 -54.23 36.17 13.19
N LYS A 357 -53.70 35.19 12.46
CA LYS A 357 -52.26 35.10 12.32
C LYS A 357 -51.72 36.18 11.39
N TYR A 358 -52.39 36.39 10.24
CA TYR A 358 -51.92 37.36 9.27
C TYR A 358 -52.06 38.78 9.80
N ASN A 359 -53.22 39.12 10.35
CA ASN A 359 -53.39 40.45 10.91
C ASN A 359 -52.70 40.63 12.25
N TYR A 360 -52.36 39.53 12.93
CA TYR A 360 -51.52 39.65 14.12
C TYR A 360 -50.08 39.98 13.76
N MET A 361 -49.53 39.31 12.75
CA MET A 361 -48.16 39.59 12.34
C MET A 361 -48.05 40.94 11.63
N ARG A 362 -49.04 41.26 10.79
CA ARG A 362 -49.10 42.58 10.18
C ARG A 362 -49.27 43.65 11.24
N ALA A 363 -50.07 43.35 12.27
CA ALA A 363 -50.23 44.28 13.38
C ALA A 363 -48.92 44.49 14.12
N GLU A 364 -48.11 43.43 14.26
CA GLU A 364 -46.79 43.60 14.87
C GLU A 364 -45.85 44.40 13.98
N GLN A 365 -45.99 44.29 12.66
CA GLN A 365 -45.21 45.16 11.79
C GLN A 365 -45.68 46.61 11.85
N ILE A 366 -46.97 46.83 12.13
CA ILE A 366 -47.45 48.18 12.39
C ILE A 366 -46.88 48.71 13.69
N TYR A 367 -46.75 47.85 14.71
CA TYR A 367 -46.02 48.25 15.91
C TYR A 367 -44.52 48.37 15.67
N ARG A 368 -44.01 47.89 14.55
CA ARG A 368 -42.66 48.24 14.13
C ARG A 368 -42.63 49.44 13.19
N ASP A 369 -43.80 49.95 12.80
CA ASP A 369 -43.88 51.14 11.96
C ASP A 369 -44.09 52.41 12.77
N GLU A 370 -45.00 52.36 13.76
CA GLU A 370 -45.16 53.48 14.67
C GLU A 370 -43.92 53.66 15.53
N GLN A 371 -43.40 52.56 16.08
CA GLN A 371 -42.08 52.55 16.70
C GLN A 371 -41.07 52.56 15.57
N GLY A 372 -40.74 53.76 15.11
CA GLY A 372 -39.92 53.92 13.93
C GLY A 372 -38.44 53.80 14.23
N LEU A 373 -37.64 53.93 13.17
CA LEU A 373 -36.20 53.90 13.31
C LEU A 373 -35.71 55.15 14.01
N SER A 374 -34.56 55.01 14.69
CA SER A 374 -34.04 56.11 15.50
C SER A 374 -33.39 57.20 14.67
N LEU A 375 -33.09 56.94 13.40
CA LEU A 375 -32.35 57.89 12.57
C LEU A 375 -33.23 58.55 11.51
N MET A 376 -33.91 57.76 10.68
CA MET A 376 -34.67 58.29 9.57
C MET A 376 -36.15 58.00 9.75
N PRO A 377 -36.97 58.99 10.06
CA PRO A 377 -38.43 58.75 10.04
C PRO A 377 -38.98 58.57 8.64
N HIS A 378 -38.29 59.08 7.62
CA HIS A 378 -38.76 58.99 6.23
C HIS A 378 -38.17 57.76 5.55
N THR A 379 -38.45 56.60 6.13
CA THR A 379 -38.02 55.32 5.58
C THR A 379 -39.10 54.29 5.88
N ALA A 380 -39.64 53.66 4.85
CA ALA A 380 -40.75 52.76 5.01
C ALA A 380 -40.29 51.41 5.56
N GLN A 381 -40.96 50.94 6.59
CA GLN A 381 -40.73 49.59 7.08
C GLN A 381 -41.35 48.57 6.14
N PRO A 382 -40.81 47.35 6.08
CA PRO A 382 -41.48 46.28 5.33
C PRO A 382 -42.80 45.89 5.98
N ILE A 383 -43.90 46.21 5.33
CA ILE A 383 -45.22 45.93 5.87
C ILE A 383 -45.97 45.01 4.91
N LEU A 384 -46.83 44.17 5.48
CA LEU A 384 -47.63 43.24 4.70
C LEU A 384 -48.69 44.00 3.89
N PRO A 385 -49.21 43.38 2.81
CA PRO A 385 -50.29 44.03 2.04
C PRO A 385 -51.60 44.19 2.81
N ALA A 386 -52.59 44.78 2.13
CA ALA A 386 -53.79 45.26 2.82
C ALA A 386 -54.68 44.11 3.27
N GLN A 387 -55.16 43.30 2.33
CA GLN A 387 -56.12 42.26 2.66
C GLN A 387 -55.81 40.95 1.93
N GLY B 1 -57.63 5.82 -44.33
CA GLY B 1 -58.87 5.06 -44.36
C GLY B 1 -59.02 4.14 -43.17
N ASN B 2 -58.17 3.12 -43.10
CA ASN B 2 -58.17 2.19 -41.98
C ASN B 2 -57.57 2.86 -40.75
N SER B 3 -56.32 3.31 -40.88
CA SER B 3 -55.69 4.05 -39.80
C SER B 3 -55.81 5.54 -40.03
N GLN B 4 -55.75 6.31 -38.94
CA GLN B 4 -55.90 7.75 -39.00
C GLN B 4 -54.83 8.41 -38.15
N VAL B 5 -54.70 9.73 -38.34
CA VAL B 5 -53.72 10.55 -37.65
C VAL B 5 -54.46 11.68 -36.95
N PHE B 6 -54.26 11.79 -35.63
CA PHE B 6 -54.88 12.83 -34.83
C PHE B 6 -53.82 13.83 -34.42
N TYR B 7 -54.10 15.12 -34.62
CA TYR B 7 -53.24 16.19 -34.15
C TYR B 7 -53.73 16.62 -32.77
N LEU B 8 -52.92 16.39 -31.75
CA LEU B 8 -53.27 16.84 -30.41
C LEU B 8 -53.16 18.35 -30.32
N LYS B 9 -54.15 18.98 -29.70
CA LYS B 9 -54.24 20.43 -29.70
C LYS B 9 -53.80 21.05 -28.38
N TYR B 10 -53.73 20.29 -27.30
CA TYR B 10 -53.30 20.86 -26.03
C TYR B 10 -52.39 19.94 -25.21
N SER B 11 -52.01 18.77 -25.71
CA SER B 11 -51.25 17.83 -24.92
C SER B 11 -50.14 17.23 -25.74
N LYS B 12 -49.11 16.74 -25.05
CA LYS B 12 -48.02 16.07 -25.72
C LYS B 12 -48.45 14.69 -26.21
N ALA B 13 -47.70 14.18 -27.18
CA ALA B 13 -48.08 12.91 -27.80
C ALA B 13 -47.59 11.72 -27.01
N GLU B 14 -46.43 11.82 -26.37
CA GLU B 14 -45.85 10.67 -25.67
C GLU B 14 -46.64 10.33 -24.42
N ASP B 15 -47.26 11.33 -23.79
CA ASP B 15 -48.13 11.09 -22.65
C ASP B 15 -49.38 10.33 -23.09
N LEU B 16 -49.95 10.73 -24.22
CA LEU B 16 -51.15 10.07 -24.73
C LEU B 16 -50.87 8.66 -25.20
N VAL B 17 -49.68 8.40 -25.75
CA VAL B 17 -49.42 7.00 -26.12
C VAL B 17 -49.11 6.18 -24.86
N ASP B 18 -48.48 6.78 -23.85
CA ASP B 18 -48.22 6.06 -22.60
C ASP B 18 -49.51 5.73 -21.87
N VAL B 19 -50.56 6.54 -22.06
CA VAL B 19 -51.87 6.16 -21.54
C VAL B 19 -52.51 5.10 -22.43
N LEU B 20 -52.54 5.34 -23.74
CA LEU B 20 -53.34 4.52 -24.65
C LEU B 20 -52.71 3.20 -25.02
N LYS B 21 -51.53 2.84 -24.50
CA LYS B 21 -51.10 1.46 -24.64
C LYS B 21 -51.94 0.52 -23.79
N GLN B 22 -52.60 1.03 -22.75
CA GLN B 22 -53.37 0.21 -21.83
C GLN B 22 -54.83 0.09 -22.21
N VAL B 23 -55.38 1.08 -22.92
CA VAL B 23 -56.81 1.10 -23.21
C VAL B 23 -57.15 0.08 -24.30
N SER B 24 -56.42 0.14 -25.42
CA SER B 24 -56.70 -0.77 -26.52
C SER B 24 -56.29 -2.20 -26.20
N GLY B 25 -55.24 -2.36 -25.39
CA GLY B 25 -54.65 -3.68 -25.16
C GLY B 25 -55.57 -4.66 -24.45
N THR B 26 -56.54 -4.15 -23.70
CA THR B 26 -57.62 -4.98 -23.19
C THR B 26 -58.97 -4.60 -23.79
N LEU B 27 -59.04 -3.47 -24.50
CA LEU B 27 -60.28 -3.11 -25.17
C LEU B 27 -60.54 -4.00 -26.38
N THR B 28 -59.51 -4.62 -26.95
CA THR B 28 -59.73 -5.61 -28.01
C THR B 28 -60.46 -6.83 -27.51
N ALA B 29 -60.28 -7.19 -26.24
CA ALA B 29 -60.98 -8.33 -25.65
C ALA B 29 -62.45 -8.00 -25.39
N VAL B 44 -53.49 -6.02 -34.97
CA VAL B 44 -54.48 -5.88 -33.92
C VAL B 44 -54.75 -4.39 -33.75
N VAL B 45 -53.95 -3.73 -32.90
CA VAL B 45 -54.02 -2.30 -32.69
C VAL B 45 -52.61 -1.73 -32.64
N SER B 46 -52.47 -0.47 -33.04
CA SER B 46 -51.18 0.21 -32.98
C SER B 46 -51.40 1.67 -32.64
N ILE B 47 -50.77 2.11 -31.56
CA ILE B 47 -50.74 3.51 -31.18
C ILE B 47 -49.27 3.91 -31.18
N ALA B 48 -48.89 4.79 -32.10
CA ALA B 48 -47.54 5.32 -32.17
C ALA B 48 -47.59 6.83 -32.24
N ALA B 49 -46.60 7.48 -31.64
CA ALA B 49 -46.62 8.92 -31.43
C ALA B 49 -45.45 9.56 -32.19
N SER B 50 -45.77 10.38 -33.18
CA SER B 50 -44.76 11.18 -33.88
C SER B 50 -44.39 12.35 -33.00
N LYS B 51 -43.20 12.30 -32.40
CA LYS B 51 -42.82 13.29 -31.39
C LYS B 51 -42.52 14.65 -32.01
N HIS B 52 -41.89 14.66 -33.18
CA HIS B 52 -41.46 15.92 -33.77
C HIS B 52 -42.62 16.71 -34.35
N SER B 53 -43.71 16.04 -34.74
CA SER B 53 -44.79 16.70 -35.43
C SER B 53 -46.09 16.74 -34.65
N ASN B 54 -46.06 16.36 -33.35
CA ASN B 54 -47.16 16.50 -32.40
C ASN B 54 -48.42 15.75 -32.85
N ALA B 55 -48.26 14.45 -33.07
CA ALA B 55 -49.38 13.65 -33.53
C ALA B 55 -49.17 12.21 -33.12
N LEU B 56 -50.25 11.58 -32.67
CA LEU B 56 -50.27 10.14 -32.44
C LEU B 56 -51.08 9.49 -33.55
N ILE B 57 -50.74 8.25 -33.86
CA ILE B 57 -51.31 7.54 -34.98
C ILE B 57 -52.04 6.31 -34.48
N VAL B 58 -53.33 6.25 -34.76
CA VAL B 58 -54.18 5.16 -34.32
C VAL B 58 -54.42 4.22 -35.48
N THR B 59 -54.13 2.93 -35.28
CA THR B 59 -54.43 1.89 -36.26
C THR B 59 -55.33 0.88 -35.57
N ALA B 60 -56.60 0.86 -35.94
CA ALA B 60 -57.60 0.10 -35.20
C ALA B 60 -58.79 -0.17 -36.11
N PRO B 61 -59.60 -1.18 -35.80
CA PRO B 61 -60.88 -1.34 -36.51
C PRO B 61 -61.85 -0.20 -36.20
N GLN B 62 -62.96 -0.20 -36.93
CA GLN B 62 -63.88 0.94 -36.93
C GLN B 62 -64.60 1.10 -35.61
N ASP B 63 -64.83 0.01 -34.88
CA ASP B 63 -65.54 0.11 -33.61
C ASP B 63 -64.62 0.62 -32.51
N ILE B 64 -63.35 0.21 -32.52
CA ILE B 64 -62.38 0.71 -31.56
C ILE B 64 -62.01 2.15 -31.89
N MET B 65 -62.09 2.54 -33.16
CA MET B 65 -61.66 3.86 -33.62
C MET B 65 -62.55 4.96 -33.05
N GLN B 66 -63.85 4.68 -32.91
CA GLN B 66 -64.73 5.69 -32.33
C GLN B 66 -64.54 5.80 -30.82
N SER B 67 -64.17 4.70 -30.16
CA SER B 67 -63.90 4.73 -28.73
C SER B 67 -62.64 5.52 -28.44
N LEU B 68 -61.53 5.17 -29.10
CA LEU B 68 -60.27 5.88 -28.90
C LEU B 68 -60.36 7.31 -29.42
N GLN B 69 -61.15 7.55 -30.45
CA GLN B 69 -61.39 8.91 -30.91
C GLN B 69 -62.14 9.72 -29.86
N SER B 70 -63.09 9.09 -29.18
CA SER B 70 -63.82 9.79 -28.12
C SER B 70 -62.93 10.06 -26.92
N VAL B 71 -62.02 9.15 -26.60
CA VAL B 71 -61.11 9.35 -25.47
C VAL B 71 -60.12 10.47 -25.78
N ILE B 72 -59.59 10.49 -27.01
CA ILE B 72 -58.70 11.58 -27.41
C ILE B 72 -59.44 12.91 -27.46
N GLU B 73 -60.70 12.90 -27.86
CA GLU B 73 -61.51 14.11 -27.78
C GLU B 73 -61.77 14.55 -26.35
N GLN B 74 -61.80 13.62 -25.39
CA GLN B 74 -62.05 14.00 -24.02
C GLN B 74 -60.78 14.31 -23.23
N LEU B 75 -59.60 13.97 -23.74
CA LEU B 75 -58.37 14.29 -23.04
C LEU B 75 -57.66 15.53 -23.56
N ASP B 76 -57.93 15.93 -24.80
CA ASP B 76 -57.29 17.09 -25.40
C ASP B 76 -58.02 18.34 -24.91
N ILE B 77 -57.69 18.77 -23.70
CA ILE B 77 -58.41 19.82 -23.01
C ILE B 77 -57.46 20.95 -22.61
N ARG B 78 -58.04 22.13 -22.47
CA ARG B 78 -57.28 23.30 -22.05
C ARG B 78 -56.87 23.18 -20.59
N ARG B 79 -55.57 23.31 -20.33
CA ARG B 79 -55.03 23.19 -18.99
C ARG B 79 -54.87 24.58 -18.40
N ALA B 80 -55.44 24.78 -17.21
CA ALA B 80 -55.31 26.08 -16.57
C ALA B 80 -53.96 26.19 -15.87
N GLN B 81 -53.59 27.41 -15.51
CA GLN B 81 -52.29 27.69 -14.93
C GLN B 81 -52.43 28.55 -13.69
N VAL B 82 -51.53 28.30 -12.73
CA VAL B 82 -51.66 28.76 -11.35
C VAL B 82 -50.41 29.52 -10.97
N HIS B 83 -50.57 30.76 -10.52
CA HIS B 83 -49.48 31.55 -9.98
C HIS B 83 -49.50 31.43 -8.46
N VAL B 84 -48.42 30.90 -7.89
CA VAL B 84 -48.31 30.67 -6.45
C VAL B 84 -47.37 31.69 -5.87
N GLU B 85 -47.83 32.40 -4.84
CA GLU B 85 -47.06 33.46 -4.20
C GLU B 85 -46.97 33.17 -2.71
N ALA B 86 -45.78 32.79 -2.24
CA ALA B 86 -45.57 32.40 -0.85
C ALA B 86 -44.82 33.49 -0.12
N LEU B 87 -45.40 34.01 0.95
CA LEU B 87 -44.78 35.06 1.73
C LEU B 87 -43.99 34.47 2.89
N ILE B 88 -43.03 35.25 3.36
CA ILE B 88 -42.18 34.86 4.49
C ILE B 88 -42.02 36.09 5.38
N VAL B 89 -42.42 35.98 6.64
CA VAL B 89 -42.29 37.08 7.58
C VAL B 89 -41.39 36.62 8.72
N GLU B 90 -40.41 37.44 9.06
CA GLU B 90 -39.55 37.17 10.21
C GLU B 90 -39.35 38.46 10.98
N VAL B 91 -39.81 38.49 12.24
CA VAL B 91 -39.65 39.63 13.12
C VAL B 91 -38.86 39.16 14.33
N ALA B 92 -37.79 39.87 14.66
CA ALA B 92 -36.94 39.52 15.79
C ALA B 92 -36.78 40.72 16.70
N GLU B 93 -36.36 40.46 17.94
CA GLU B 93 -36.07 41.51 18.92
C GLU B 93 -35.16 40.92 19.98
N GLY B 94 -34.00 41.55 20.20
CA GLY B 94 -33.09 41.09 21.21
C GLY B 94 -32.49 42.22 22.02
N SER B 95 -32.64 42.17 23.34
CA SER B 95 -32.14 43.23 24.23
C SER B 95 -31.71 42.61 25.54
N ASN B 96 -30.43 42.72 25.87
CA ASN B 96 -29.88 42.24 27.12
C ASN B 96 -29.18 43.37 27.85
N ILE B 97 -29.33 43.41 29.17
CA ILE B 97 -28.77 44.47 29.99
C ILE B 97 -27.72 43.85 30.89
N ASN B 98 -26.49 44.37 30.83
CA ASN B 98 -25.46 43.95 31.75
C ASN B 98 -25.21 45.03 32.80
N PHE B 99 -24.61 44.61 33.90
CA PHE B 99 -24.22 45.51 34.97
C PHE B 99 -23.15 44.80 35.78
N GLY B 100 -22.34 45.57 36.49
CA GLY B 100 -21.31 44.95 37.30
C GLY B 100 -20.40 45.93 38.00
N VAL B 101 -20.12 45.64 39.27
CA VAL B 101 -19.21 46.42 40.09
C VAL B 101 -18.12 45.48 40.58
N GLN B 102 -16.87 45.84 40.33
CA GLN B 102 -15.73 45.00 40.71
C GLN B 102 -14.75 45.83 41.52
N TRP B 103 -14.67 45.54 42.82
CA TRP B 103 -13.73 46.21 43.70
C TRP B 103 -12.39 45.49 43.65
N GLY B 104 -11.32 46.23 43.86
CA GLY B 104 -10.01 45.63 43.86
C GLY B 104 -8.96 46.44 44.58
N SER B 105 -8.25 45.80 45.51
CA SER B 105 -7.10 46.39 46.17
C SER B 105 -5.88 45.54 45.89
N LYS B 106 -4.71 46.19 45.80
CA LYS B 106 -3.51 45.46 45.46
C LYS B 106 -3.00 44.63 46.63
N ASP B 107 -3.28 45.06 47.87
CA ASP B 107 -2.80 44.35 49.04
C ASP B 107 -3.91 43.75 49.90
N ALA B 108 -5.18 43.91 49.52
CA ALA B 108 -6.29 43.49 50.36
C ALA B 108 -7.34 42.73 49.56
N GLY B 109 -6.89 41.92 48.61
CA GLY B 109 -7.78 41.07 47.87
C GLY B 109 -8.58 41.81 46.80
N LEU B 110 -9.45 41.07 46.12
CA LEU B 110 -10.23 41.60 45.01
C LEU B 110 -11.62 41.01 45.04
N MET B 111 -12.57 41.71 44.43
CA MET B 111 -13.93 41.23 44.24
C MET B 111 -14.24 41.24 42.76
N GLN B 112 -14.27 40.06 42.13
CA GLN B 112 -14.59 39.99 40.72
C GLN B 112 -15.81 39.12 40.51
N PHE B 113 -16.32 39.14 39.29
CA PHE B 113 -17.47 38.33 38.89
C PHE B 113 -17.28 37.94 37.44
N ALA B 114 -18.11 37.01 36.96
CA ALA B 114 -18.15 36.64 35.56
C ALA B 114 -19.59 36.43 35.12
N ASN B 115 -19.77 36.36 33.80
CA ASN B 115 -21.04 36.04 33.13
C ASN B 115 -22.13 37.05 33.51
N GLY B 116 -21.94 38.27 33.03
CA GLY B 116 -22.88 39.33 33.30
C GLY B 116 -22.19 40.66 33.51
N THR B 117 -20.92 40.60 33.90
CA THR B 117 -20.06 41.77 33.91
C THR B 117 -19.00 41.72 32.80
N GLN B 118 -18.78 40.54 32.22
CA GLN B 118 -18.08 40.31 30.96
C GLN B 118 -16.60 40.72 30.93
N ILE B 119 -16.06 41.20 32.05
CA ILE B 119 -14.65 41.53 32.17
C ILE B 119 -14.21 41.40 33.62
N PRO B 120 -13.39 40.41 33.95
CA PRO B 120 -12.94 40.27 35.33
C PRO B 120 -11.89 41.31 35.68
N ILE B 121 -11.83 41.67 36.97
CA ILE B 121 -10.80 42.58 37.43
C ILE B 121 -9.46 41.85 37.54
N GLY B 122 -9.47 40.52 37.63
CA GLY B 122 -8.22 39.79 37.72
C GLY B 122 -7.52 39.70 36.38
N THR B 123 -8.27 39.44 35.31
CA THR B 123 -7.66 39.37 33.98
C THR B 123 -7.30 40.75 33.47
N LEU B 124 -8.12 41.75 33.75
CA LEU B 124 -7.82 43.11 33.29
C LEU B 124 -6.70 43.71 34.11
N GLY B 125 -6.67 43.45 35.41
CA GLY B 125 -5.55 43.87 36.22
C GLY B 125 -4.27 43.13 35.90
N ALA B 126 -4.39 41.89 35.41
CA ALA B 126 -3.20 41.17 34.95
C ALA B 126 -2.72 41.73 33.62
N ALA B 127 -3.64 42.12 32.75
CA ALA B 127 -3.26 42.65 31.45
C ALA B 127 -2.64 44.04 31.58
N ILE B 128 -3.25 44.92 32.37
CA ILE B 128 -2.69 46.24 32.62
C ILE B 128 -1.42 46.14 33.46
N SER B 129 -1.35 45.17 34.36
CA SER B 129 -0.11 44.91 35.10
C SER B 129 1.00 44.41 34.19
N ALA B 130 0.64 43.74 33.09
CA ALA B 130 1.62 43.37 32.08
C ALA B 130 1.83 44.46 31.04
N ALA B 131 1.12 45.58 31.14
CA ALA B 131 1.15 46.60 30.09
C ALA B 131 2.09 47.75 30.37
N LYS B 132 2.40 48.03 31.63
CA LYS B 132 3.32 49.13 31.93
C LYS B 132 4.74 48.74 31.58
N PRO B 133 5.47 49.55 30.82
CA PRO B 133 6.72 49.09 30.21
C PRO B 133 7.88 48.97 31.19
N GLN B 134 8.72 47.99 30.92
CA GLN B 134 9.94 47.78 31.68
C GLN B 134 11.06 48.66 31.15
N LYS B 135 12.11 48.78 31.94
CA LYS B 135 13.28 49.56 31.56
C LYS B 135 14.42 48.64 31.15
N GLY B 136 15.49 49.25 30.64
CA GLY B 136 16.66 48.53 30.19
C GLY B 136 17.78 48.55 31.20
N SER B 137 18.99 48.30 30.70
CA SER B 137 20.18 48.28 31.54
C SER B 137 20.60 49.70 31.93
N ASN B 149 19.77 48.65 27.69
CA ASN B 149 19.97 50.09 27.61
C ASN B 149 18.75 50.86 27.02
N PRO B 150 18.08 50.37 25.92
CA PRO B 150 16.79 51.00 25.58
C PRO B 150 15.63 50.46 26.39
N ASP B 151 14.62 51.28 26.63
CA ASP B 151 13.42 50.87 27.37
C ASP B 151 12.26 50.70 26.39
N THR B 152 11.81 49.45 26.23
CA THR B 152 10.79 49.13 25.24
C THR B 152 9.40 49.37 25.82
N ASN B 153 8.60 50.19 25.12
CA ASN B 153 7.18 50.35 25.39
C ASN B 153 6.41 49.55 24.34
N GLY B 154 6.44 48.23 24.49
CA GLY B 154 5.82 47.36 23.51
C GLY B 154 5.15 46.14 24.09
N ASP B 155 4.88 46.17 25.39
CA ASP B 155 4.18 45.09 26.07
C ASP B 155 2.67 45.30 25.96
N LEU B 156 2.05 44.64 25.00
CA LEU B 156 0.65 44.87 24.68
C LEU B 156 0.15 43.61 23.97
N SER B 157 -0.98 43.72 23.26
CA SER B 157 -1.72 42.66 22.59
C SER B 157 -2.27 41.64 23.57
N THR B 158 -2.47 42.04 24.81
CA THR B 158 -3.26 41.32 25.79
C THR B 158 -4.53 42.08 26.15
N LEU B 159 -4.42 43.40 26.30
CA LEU B 159 -5.62 44.24 26.32
C LEU B 159 -6.27 44.30 24.95
N ALA B 160 -5.48 44.14 23.89
CA ALA B 160 -6.03 44.16 22.54
C ALA B 160 -6.81 42.89 22.22
N GLN B 161 -6.58 41.82 22.97
CA GLN B 161 -7.37 40.60 22.82
C GLN B 161 -8.47 40.51 23.86
N LEU B 162 -8.17 40.90 25.10
CA LEU B 162 -9.17 40.85 26.16
C LEU B 162 -10.25 41.90 25.95
N LEU B 163 -9.90 43.03 25.35
CA LEU B 163 -10.86 44.08 25.01
C LEU B 163 -11.25 44.06 23.54
N SER B 164 -11.02 42.95 22.85
CA SER B 164 -11.38 42.87 21.44
C SER B 164 -12.88 42.75 21.26
N GLY B 165 -13.47 41.66 21.74
CA GLY B 165 -14.90 41.56 21.75
C GLY B 165 -15.47 42.02 23.07
N PHE B 166 -15.84 43.30 23.13
CA PHE B 166 -16.32 43.93 24.34
C PHE B 166 -17.00 45.26 23.99
N SER B 167 -18.17 45.51 24.57
CA SER B 167 -18.94 46.68 24.21
C SER B 167 -19.40 47.49 25.43
N GLY B 168 -18.86 47.21 26.61
CA GLY B 168 -19.39 47.81 27.81
C GLY B 168 -18.70 49.10 28.21
N THR B 169 -19.46 49.93 28.91
CA THR B 169 -18.92 51.11 29.58
C THR B 169 -18.17 50.66 30.82
N ALA B 170 -16.85 50.80 30.79
CA ALA B 170 -15.99 50.35 31.88
C ALA B 170 -15.21 51.55 32.43
N VAL B 171 -15.66 52.09 33.54
CA VAL B 171 -14.99 53.22 34.17
C VAL B 171 -14.14 52.70 35.32
N GLY B 172 -13.11 53.46 35.67
CA GLY B 172 -12.29 53.12 36.82
C GLY B 172 -12.32 54.21 37.88
N VAL B 173 -12.98 53.93 39.01
CA VAL B 173 -13.16 54.90 40.07
C VAL B 173 -12.27 54.51 41.23
N VAL B 174 -11.27 55.33 41.52
CA VAL B 174 -10.39 55.10 42.67
C VAL B 174 -10.98 55.82 43.87
N LYS B 175 -11.15 55.09 44.97
CA LYS B 175 -11.72 55.66 46.19
C LYS B 175 -11.13 54.90 47.38
N GLY B 176 -10.18 55.53 48.06
CA GLY B 176 -9.52 54.90 49.20
C GLY B 176 -8.64 53.73 48.84
N ASP B 177 -8.00 53.78 47.67
CA ASP B 177 -7.28 52.68 47.04
C ASP B 177 -8.17 51.45 46.91
N TRP B 178 -9.27 51.65 46.17
CA TRP B 178 -10.20 50.58 45.81
C TRP B 178 -10.65 50.87 44.39
N MET B 179 -10.08 50.16 43.41
CA MET B 179 -10.37 50.44 42.01
C MET B 179 -11.75 49.92 41.65
N ALA B 180 -12.77 50.76 41.81
CA ALA B 180 -14.16 50.37 41.59
C ALA B 180 -14.43 50.30 40.09
N LEU B 181 -14.10 49.15 39.51
CA LEU B 181 -14.31 48.93 38.09
C LEU B 181 -15.79 48.67 37.84
N VAL B 182 -16.50 49.69 37.37
CA VAL B 182 -17.93 49.59 37.11
C VAL B 182 -18.12 49.28 35.63
N GLN B 183 -18.87 48.21 35.34
CA GLN B 183 -19.14 47.81 33.97
C GLN B 183 -20.63 47.77 33.74
N ALA B 184 -21.10 48.34 32.63
CA ALA B 184 -22.51 48.40 32.30
C ALA B 184 -22.68 48.58 30.80
N VAL B 185 -23.72 47.98 30.22
CA VAL B 185 -24.03 48.09 28.80
C VAL B 185 -25.49 47.66 28.60
N LYS B 186 -26.15 48.26 27.62
CA LYS B 186 -27.48 47.80 27.19
C LYS B 186 -27.57 48.00 25.69
N ASN B 187 -27.94 46.96 24.97
CA ASN B 187 -28.03 47.03 23.51
C ASN B 187 -29.26 46.29 22.99
N ASP B 188 -30.13 47.04 22.32
CA ASP B 188 -31.32 46.47 21.70
C ASP B 188 -31.02 46.05 20.27
N SER B 189 -31.85 45.18 19.71
CA SER B 189 -31.75 44.75 18.33
C SER B 189 -33.16 44.53 17.79
N SER B 190 -33.33 44.70 16.48
CA SER B 190 -34.63 44.55 15.83
C SER B 190 -34.39 44.22 14.35
N SER B 191 -34.73 43.00 13.96
CA SER B 191 -34.68 42.61 12.55
C SER B 191 -36.11 42.53 12.03
N ASN B 192 -36.26 42.68 10.72
CA ASN B 192 -37.57 42.60 10.06
C ASN B 192 -37.35 42.20 8.61
N VAL B 193 -37.70 40.96 8.27
CA VAL B 193 -37.41 40.41 6.96
C VAL B 193 -38.68 39.95 6.30
N LEU B 194 -38.96 40.49 5.12
CA LEU B 194 -40.11 40.08 4.33
C LEU B 194 -39.62 39.61 2.97
N SER B 195 -39.91 38.36 2.65
CA SER B 195 -39.53 37.79 1.37
C SER B 195 -40.74 37.11 0.76
N THR B 196 -40.84 37.16 -0.56
CA THR B 196 -41.97 36.59 -1.28
C THR B 196 -41.56 36.09 -2.66
N PRO B 197 -41.14 34.83 -2.76
CA PRO B 197 -40.97 34.22 -4.07
C PRO B 197 -42.30 33.97 -4.75
N SER B 198 -42.23 33.75 -6.06
CA SER B 198 -43.40 33.52 -6.88
C SER B 198 -43.04 32.52 -7.97
N ILE B 199 -44.05 31.84 -8.50
CA ILE B 199 -43.85 30.82 -9.52
C ILE B 199 -45.10 30.79 -10.38
N THR B 200 -44.98 30.19 -11.57
CA THR B 200 -46.11 30.04 -12.48
C THR B 200 -45.98 28.69 -13.15
N THR B 201 -46.82 27.75 -12.77
CA THR B 201 -46.80 26.42 -13.33
C THR B 201 -48.02 26.24 -14.20
N LEU B 202 -48.21 25.03 -14.70
CA LEU B 202 -49.51 24.58 -15.15
C LEU B 202 -50.15 23.74 -14.05
N ASP B 203 -51.31 23.18 -14.34
CA ASP B 203 -51.92 22.19 -13.47
C ASP B 203 -51.09 20.91 -13.48
N ASN B 204 -50.82 20.37 -12.29
CA ASN B 204 -50.22 19.05 -12.06
C ASN B 204 -48.82 18.93 -12.65
N GLN B 205 -48.10 20.05 -12.75
CA GLN B 205 -46.74 20.04 -13.27
C GLN B 205 -45.84 20.71 -12.24
N GLU B 206 -44.91 19.95 -11.68
CA GLU B 206 -44.08 20.48 -10.62
C GLU B 206 -43.07 21.47 -11.17
N ALA B 207 -42.65 22.39 -10.30
CA ALA B 207 -41.75 23.46 -10.68
C ALA B 207 -41.15 24.04 -9.42
N PHE B 208 -39.92 24.52 -9.51
CA PHE B 208 -39.30 25.10 -8.35
C PHE B 208 -38.61 26.38 -8.75
N PHE B 209 -37.82 26.90 -7.82
CA PHE B 209 -37.27 28.22 -7.89
C PHE B 209 -36.15 28.28 -6.87
N MET B 210 -35.21 29.20 -7.06
CA MET B 210 -34.03 29.27 -6.21
C MET B 210 -33.37 30.61 -6.44
N VAL B 211 -32.85 31.22 -5.38
CA VAL B 211 -32.00 32.40 -5.52
C VAL B 211 -30.73 32.22 -4.70
N GLY B 212 -30.37 30.97 -4.44
CA GLY B 212 -29.32 30.67 -3.49
C GLY B 212 -27.92 30.66 -4.06
N GLN B 213 -27.08 29.83 -3.46
CA GLN B 213 -25.68 29.67 -3.84
C GLN B 213 -25.36 28.19 -3.98
N ASP B 214 -24.09 27.90 -4.23
CA ASP B 214 -23.57 26.55 -4.19
C ASP B 214 -22.33 26.57 -3.31
N VAL B 215 -22.38 25.85 -2.20
CA VAL B 215 -21.31 25.91 -1.21
C VAL B 215 -20.57 24.59 -1.23
N PRO B 216 -19.24 24.59 -1.23
CA PRO B 216 -18.49 23.31 -1.16
C PRO B 216 -18.62 22.68 0.22
N VAL B 217 -19.34 21.56 0.26
CA VAL B 217 -19.53 20.79 1.48
C VAL B 217 -18.66 19.54 1.36
N LEU B 218 -17.74 19.35 2.29
CA LEU B 218 -16.85 18.20 2.23
C LEU B 218 -17.44 17.04 3.00
N THR B 219 -17.42 15.86 2.40
CA THR B 219 -17.85 14.62 3.02
C THR B 219 -16.68 13.65 2.95
N GLY B 220 -15.75 13.79 3.89
CA GLY B 220 -14.57 12.94 3.92
C GLY B 220 -13.36 13.61 3.31
N THR B 233 -14.41 13.67 -0.03
CA THR B 233 -15.33 13.77 -1.15
C THR B 233 -16.18 15.03 -1.01
N VAL B 234 -15.70 16.13 -1.60
CA VAL B 234 -16.42 17.39 -1.52
C VAL B 234 -17.62 17.33 -2.46
N GLU B 235 -18.78 17.76 -1.95
CA GLU B 235 -20.01 17.73 -2.73
C GLU B 235 -20.67 19.09 -2.68
N ARG B 236 -21.23 19.50 -3.81
CA ARG B 236 -21.86 20.81 -3.92
C ARG B 236 -23.27 20.76 -3.36
N LYS B 237 -23.57 21.66 -2.43
CA LYS B 237 -24.87 21.67 -1.78
C LYS B 237 -25.53 23.02 -2.01
N LYS B 238 -26.82 23.00 -2.32
CA LYS B 238 -27.57 24.21 -2.64
C LYS B 238 -28.15 24.83 -1.37
N VAL B 239 -28.17 26.15 -1.34
CA VAL B 239 -28.74 26.90 -0.22
C VAL B 239 -29.75 27.89 -0.79
N GLY B 240 -30.28 28.77 0.06
CA GLY B 240 -31.09 29.87 -0.40
C GLY B 240 -32.55 29.51 -0.58
N ILE B 241 -33.33 30.53 -0.97
CA ILE B 241 -34.77 30.48 -0.93
C ILE B 241 -35.31 29.58 -2.03
N MET B 242 -35.74 28.39 -1.67
CA MET B 242 -36.30 27.44 -2.62
C MET B 242 -37.80 27.33 -2.41
N LEU B 243 -38.52 27.07 -3.49
CA LEU B 243 -39.98 26.97 -3.42
C LEU B 243 -40.41 25.95 -4.46
N LYS B 244 -40.56 24.69 -4.05
CA LYS B 244 -40.94 23.64 -4.98
C LYS B 244 -42.40 23.27 -4.77
N VAL B 245 -43.25 23.64 -5.71
CA VAL B 245 -44.68 23.46 -5.58
C VAL B 245 -45.13 22.47 -6.64
N THR B 246 -46.30 21.86 -6.42
CA THR B 246 -46.93 21.00 -7.42
C THR B 246 -48.43 21.18 -7.28
N PRO B 247 -48.98 22.24 -7.85
CA PRO B 247 -50.38 22.56 -7.58
C PRO B 247 -51.35 21.72 -8.40
N GLN B 248 -52.50 21.47 -7.80
CA GLN B 248 -53.59 20.75 -8.44
C GLN B 248 -54.86 21.56 -8.26
N ILE B 249 -55.64 21.67 -9.33
CA ILE B 249 -56.84 22.49 -9.33
C ILE B 249 -58.03 21.59 -9.02
N ASN B 250 -58.62 21.78 -7.85
CA ASN B 250 -59.83 21.08 -7.45
C ASN B 250 -61.05 21.91 -7.78
N GLU B 251 -62.17 21.23 -7.96
CA GLU B 251 -63.40 21.91 -8.37
C GLU B 251 -63.97 22.71 -7.20
N GLY B 252 -64.73 23.74 -7.55
CA GLY B 252 -65.01 24.81 -6.62
C GLY B 252 -63.92 25.86 -6.58
N ASN B 253 -62.98 25.81 -7.54
CA ASN B 253 -61.85 26.73 -7.66
C ASN B 253 -60.97 26.71 -6.42
N ALA B 254 -60.75 25.52 -5.88
CA ALA B 254 -59.82 25.34 -4.78
C ALA B 254 -58.54 24.69 -5.30
N VAL B 255 -57.42 25.03 -4.67
CA VAL B 255 -56.11 24.62 -5.15
C VAL B 255 -55.45 23.78 -4.08
N GLN B 256 -55.09 22.55 -4.44
CA GLN B 256 -54.29 21.68 -3.58
C GLN B 256 -52.84 21.78 -4.01
N MET B 257 -51.96 22.05 -3.05
CA MET B 257 -50.55 22.26 -3.33
C MET B 257 -49.70 21.30 -2.53
N VAL B 258 -48.61 20.84 -3.13
CA VAL B 258 -47.61 20.05 -2.42
C VAL B 258 -46.36 20.92 -2.37
N ILE B 259 -46.22 21.69 -1.31
CA ILE B 259 -45.18 22.71 -1.23
C ILE B 259 -44.03 22.19 -0.38
N GLU B 260 -42.81 22.32 -0.91
CA GLU B 260 -41.59 21.90 -0.22
C GLU B 260 -40.66 23.11 -0.22
N GLN B 261 -40.85 24.00 0.72
CA GLN B 261 -40.11 25.25 0.76
C GLN B 261 -38.86 25.10 1.64
N GLU B 262 -37.90 25.98 1.42
CA GLU B 262 -36.65 25.99 2.18
C GLU B 262 -36.09 27.40 2.13
N VAL B 263 -35.59 27.88 3.26
CA VAL B 263 -34.85 29.14 3.32
C VAL B 263 -33.53 28.81 4.01
N SER B 264 -32.49 28.60 3.23
CA SER B 264 -31.18 28.30 3.79
C SER B 264 -30.31 29.54 3.77
N LYS B 265 -29.26 29.52 4.59
CA LYS B 265 -28.41 30.68 4.77
C LYS B 265 -27.09 30.22 5.35
N VAL B 266 -26.00 30.72 4.80
CA VAL B 266 -24.66 30.31 5.23
C VAL B 266 -24.33 31.04 6.53
N GLU B 267 -24.18 30.28 7.61
CA GLU B 267 -23.69 30.82 8.87
C GLU B 267 -22.20 30.52 8.98
N GLY B 268 -21.52 31.32 9.79
CA GLY B 268 -20.09 31.19 9.87
C GLY B 268 -19.62 30.13 10.84
N GLN B 269 -18.81 30.57 11.80
CA GLN B 269 -18.27 29.70 12.84
C GLN B 269 -17.14 28.92 12.23
N THR B 270 -17.51 27.95 11.42
CA THR B 270 -16.53 27.11 10.70
C THR B 270 -15.70 26.20 11.60
N SER B 271 -16.36 25.29 12.31
CA SER B 271 -15.67 24.50 13.32
C SER B 271 -14.76 23.45 12.68
N LEU B 272 -15.35 22.51 11.94
CA LEU B 272 -14.63 21.64 11.03
C LEU B 272 -14.99 21.93 9.59
N ASP B 273 -16.19 22.43 9.35
CA ASP B 273 -16.65 22.85 8.04
C ASP B 273 -17.66 23.97 8.26
N VAL B 274 -18.19 24.51 7.17
CA VAL B 274 -19.14 25.61 7.27
C VAL B 274 -20.50 25.06 7.72
N VAL B 275 -21.23 25.86 8.48
CA VAL B 275 -22.56 25.46 8.96
C VAL B 275 -23.58 26.29 8.22
N PHE B 276 -24.81 25.80 8.22
CA PHE B 276 -25.91 26.44 7.51
C PHE B 276 -26.97 26.86 8.52
N GLY B 277 -28.03 27.47 8.03
CA GLY B 277 -29.25 27.54 8.81
C GLY B 277 -30.44 27.28 7.93
N GLU B 278 -31.18 26.20 8.15
CA GLU B 278 -32.33 25.89 7.32
C GLU B 278 -33.62 26.23 8.04
N ARG B 279 -34.66 26.50 7.25
CA ARG B 279 -35.98 26.80 7.75
C ARG B 279 -37.03 26.07 6.94
N LYS B 280 -36.72 24.85 6.51
CA LYS B 280 -37.52 24.18 5.51
C LYS B 280 -38.80 23.62 6.11
N LEU B 281 -39.74 23.29 5.23
CA LEU B 281 -40.98 22.62 5.59
C LEU B 281 -41.51 21.93 4.35
N LYS B 282 -42.18 20.79 4.56
CA LYS B 282 -42.69 19.99 3.45
C LYS B 282 -44.13 19.60 3.79
N THR B 283 -45.07 20.45 3.45
CA THR B 283 -46.46 20.21 3.83
C THR B 283 -47.34 20.07 2.58
N THR B 284 -48.63 20.00 2.82
CA THR B 284 -49.61 19.85 1.74
C THR B 284 -50.88 20.55 2.18
N VAL B 285 -51.18 21.70 1.58
CA VAL B 285 -52.30 22.51 2.00
C VAL B 285 -53.38 22.48 0.93
N LEU B 286 -54.55 23.03 1.28
CA LEU B 286 -55.68 23.13 0.35
C LEU B 286 -56.28 24.52 0.56
N ALA B 287 -55.79 25.47 -0.22
CA ALA B 287 -56.23 26.84 -0.08
C ALA B 287 -57.37 27.14 -1.05
N ASN B 288 -57.96 28.33 -0.88
CA ASN B 288 -59.04 28.77 -1.74
C ASN B 288 -58.49 29.43 -3.01
N ASP B 289 -59.35 30.14 -3.73
CA ASP B 289 -59.00 30.60 -5.07
C ASP B 289 -57.95 31.70 -5.04
N GLY B 290 -58.04 32.62 -4.09
CA GLY B 290 -57.06 33.69 -3.98
C GLY B 290 -56.79 34.08 -2.54
N GLU B 291 -57.25 33.26 -1.61
CA GLU B 291 -57.17 33.60 -0.19
C GLU B 291 -55.88 33.07 0.42
N LEU B 292 -55.38 33.80 1.42
CA LEU B 292 -54.17 33.38 2.11
C LEU B 292 -54.47 32.25 3.07
N ILE B 293 -53.48 31.42 3.31
CA ILE B 293 -53.54 30.44 4.38
C ILE B 293 -52.16 30.34 5.01
N VAL B 294 -52.13 30.26 6.35
CA VAL B 294 -50.88 30.10 7.07
C VAL B 294 -50.45 28.65 7.00
N LEU B 295 -49.18 28.43 6.64
CA LEU B 295 -48.64 27.09 6.57
C LEU B 295 -47.93 26.69 7.84
N GLY B 296 -46.88 27.41 8.20
CA GLY B 296 -46.10 27.06 9.36
C GLY B 296 -45.79 28.28 10.18
N GLY B 297 -44.82 28.16 11.08
CA GLY B 297 -44.44 29.30 11.86
C GLY B 297 -43.67 28.88 13.10
N LEU B 298 -43.19 29.90 13.79
CA LEU B 298 -42.47 29.70 15.05
C LEU B 298 -42.51 31.01 15.80
N MET B 299 -43.13 31.01 16.97
CA MET B 299 -43.15 32.19 17.84
C MET B 299 -42.24 31.89 19.02
N ASP B 300 -40.94 32.11 18.82
CA ASP B 300 -39.98 31.94 19.88
C ASP B 300 -40.13 33.07 20.89
N ASP B 301 -39.78 32.78 22.13
CA ASP B 301 -39.87 33.75 23.22
C ASP B 301 -38.97 33.26 24.33
N GLN B 302 -38.01 34.08 24.73
CA GLN B 302 -37.08 33.70 25.78
C GLN B 302 -37.05 34.75 26.87
N ALA B 303 -36.28 34.46 27.90
CA ALA B 303 -35.99 35.38 28.98
C ALA B 303 -34.67 34.95 29.60
N GLY B 304 -34.34 35.53 30.75
CA GLY B 304 -33.09 35.18 31.38
C GLY B 304 -32.76 36.08 32.55
N GLU B 305 -31.90 35.60 33.44
CA GLU B 305 -31.49 36.34 34.63
C GLU B 305 -30.25 35.66 35.19
N SER B 306 -29.24 36.45 35.53
CA SER B 306 -28.05 35.91 36.19
C SER B 306 -27.50 37.01 37.10
N VAL B 307 -27.95 37.01 38.35
CA VAL B 307 -27.44 37.93 39.36
C VAL B 307 -26.36 37.17 40.13
N ALA B 308 -25.36 37.89 40.63
CA ALA B 308 -24.23 37.29 41.33
C ALA B 308 -23.91 38.15 42.55
N LYS B 309 -24.47 37.80 43.70
CA LYS B 309 -24.34 38.62 44.89
C LYS B 309 -23.05 38.38 45.63
N VAL B 310 -22.96 38.96 46.82
CA VAL B 310 -22.02 38.58 47.87
C VAL B 310 -22.93 38.34 49.07
N PRO B 311 -22.82 37.15 49.77
CA PRO B 311 -23.96 36.59 50.51
C PRO B 311 -24.65 37.43 51.56
N LEU B 312 -23.92 38.10 52.44
CA LEU B 312 -24.58 38.91 53.46
C LEU B 312 -24.79 40.33 52.98
N LEU B 313 -23.75 40.95 52.42
CA LEU B 313 -23.83 42.34 51.96
C LEU B 313 -24.21 42.43 50.48
N GLY B 314 -25.24 41.69 50.09
CA GLY B 314 -25.74 41.76 48.74
C GLY B 314 -27.18 42.22 48.69
N ASP B 315 -27.94 41.93 49.75
CA ASP B 315 -29.32 42.33 49.84
C ASP B 315 -29.53 43.58 50.69
N ILE B 316 -28.52 44.44 50.78
CA ILE B 316 -28.65 45.76 51.38
C ILE B 316 -29.56 46.57 50.47
N PRO B 317 -30.64 47.17 50.98
CA PRO B 317 -31.62 47.80 50.08
C PRO B 317 -31.14 49.13 49.48
N LEU B 318 -30.05 49.67 49.99
CA LEU B 318 -29.58 50.97 49.52
C LEU B 318 -28.29 50.86 48.72
N ILE B 319 -27.25 50.29 49.31
CA ILE B 319 -25.93 50.27 48.68
C ILE B 319 -25.55 48.85 48.28
N GLY B 320 -26.49 47.92 48.40
CA GLY B 320 -26.26 46.56 48.01
C GLY B 320 -26.18 46.36 46.50
N ASN B 321 -26.74 47.32 45.76
CA ASN B 321 -26.80 47.27 44.30
C ASN B 321 -25.42 47.30 43.66
N LEU B 322 -24.45 47.92 44.34
CA LEU B 322 -23.08 47.95 43.83
C LEU B 322 -22.25 46.81 44.45
N PHE B 323 -22.86 45.62 44.46
CA PHE B 323 -22.14 44.41 44.80
C PHE B 323 -22.51 43.26 43.88
N LYS B 324 -23.59 43.41 43.14
CA LYS B 324 -24.13 42.34 42.31
C LYS B 324 -23.89 42.65 40.84
N SER B 325 -23.56 41.62 40.07
CA SER B 325 -23.37 41.76 38.63
C SER B 325 -24.62 41.26 37.93
N THR B 326 -25.65 42.10 37.88
CA THR B 326 -26.97 41.69 37.42
C THR B 326 -26.95 41.59 35.90
N ALA B 327 -26.91 40.36 35.39
CA ALA B 327 -27.13 40.16 33.98
C ALA B 327 -28.62 40.14 33.67
N ASP B 328 -28.92 40.10 32.38
CA ASP B 328 -30.29 39.97 31.89
C ASP B 328 -30.17 39.53 30.43
N LYS B 329 -31.25 38.98 29.90
CA LYS B 329 -31.37 38.71 28.47
C LYS B 329 -32.83 38.57 28.13
N LYS B 330 -33.37 39.51 27.36
CA LYS B 330 -34.72 39.40 26.83
C LYS B 330 -34.60 39.21 25.33
N GLU B 331 -35.37 38.28 24.79
CA GLU B 331 -35.31 37.97 23.38
C GLU B 331 -36.67 37.46 22.92
N LYS B 332 -37.06 37.84 21.72
CA LYS B 332 -38.33 37.41 21.15
C LYS B 332 -38.19 37.39 19.65
N ARG B 333 -38.68 36.33 19.01
CA ARG B 333 -38.50 36.16 17.58
C ARG B 333 -39.69 35.43 17.00
N ASN B 334 -40.36 36.06 16.04
CA ASN B 334 -41.51 35.48 15.36
C ASN B 334 -41.12 35.08 13.94
N LEU B 335 -41.92 34.19 13.37
CA LEU B 335 -41.67 33.67 12.04
C LEU B 335 -42.97 33.10 11.50
N MET B 336 -43.26 33.37 10.24
CA MET B 336 -44.44 32.82 9.58
C MET B 336 -44.11 32.48 8.14
N VAL B 337 -44.92 31.59 7.57
CA VAL B 337 -44.85 31.24 6.16
C VAL B 337 -46.29 31.22 5.63
N PHE B 338 -46.59 32.11 4.71
CA PHE B 338 -47.91 32.24 4.12
C PHE B 338 -47.85 31.78 2.66
N ILE B 339 -49.01 31.75 2.01
CA ILE B 339 -49.09 31.42 0.60
C ILE B 339 -50.34 32.07 0.03
N ARG B 340 -50.37 32.21 -1.29
CA ARG B 340 -51.57 32.70 -1.99
C ARG B 340 -51.56 32.11 -3.38
N PRO B 341 -52.40 31.12 -3.65
CA PRO B 341 -52.56 30.64 -5.02
C PRO B 341 -53.44 31.59 -5.83
N THR B 342 -53.21 31.59 -7.13
CA THR B 342 -53.95 32.46 -8.05
C THR B 342 -54.06 31.72 -9.38
N ILE B 343 -55.24 31.22 -9.70
CA ILE B 343 -55.41 30.55 -10.98
C ILE B 343 -55.58 31.61 -12.06
N LEU B 344 -55.16 31.26 -13.28
CA LEU B 344 -55.18 32.18 -14.41
C LEU B 344 -56.02 31.55 -15.50
N ARG B 345 -57.17 32.17 -15.80
CA ARG B 345 -58.12 31.59 -16.74
C ARG B 345 -57.67 31.79 -18.19
N ASP B 346 -57.59 33.05 -18.63
CA ASP B 346 -57.48 33.38 -20.04
C ASP B 346 -56.49 34.53 -20.17
N GLY B 347 -56.50 35.19 -21.32
CA GLY B 347 -55.69 36.37 -21.54
C GLY B 347 -56.08 37.57 -20.69
N MET B 348 -57.29 37.57 -20.13
CA MET B 348 -57.66 38.62 -19.18
C MET B 348 -56.96 38.44 -17.84
N ALA B 349 -56.75 37.18 -17.42
CA ALA B 349 -56.12 36.92 -16.13
C ALA B 349 -54.62 37.21 -16.19
N ALA B 350 -53.93 36.66 -17.20
CA ALA B 350 -52.53 36.99 -17.41
C ALA B 350 -52.33 38.43 -17.85
N ASP B 351 -53.36 39.04 -18.46
CA ASP B 351 -53.38 40.47 -18.67
C ASP B 351 -53.32 41.22 -17.33
N GLY B 352 -54.15 40.81 -16.38
CA GLY B 352 -54.15 41.45 -15.07
C GLY B 352 -52.88 41.27 -14.28
N VAL B 353 -52.48 40.01 -14.08
CA VAL B 353 -51.33 39.71 -13.23
C VAL B 353 -50.03 40.12 -13.91
N SER B 354 -49.88 39.75 -15.19
CA SER B 354 -48.66 40.12 -15.92
C SER B 354 -48.60 41.61 -16.19
N GLN B 355 -49.75 42.28 -16.28
CA GLN B 355 -49.75 43.73 -16.43
C GLN B 355 -49.34 44.42 -15.14
N ARG B 356 -49.83 43.94 -13.99
CA ARG B 356 -49.47 44.63 -12.75
C ARG B 356 -48.04 44.32 -12.33
N LYS B 357 -47.53 43.12 -12.61
CA LYS B 357 -46.14 42.82 -12.30
C LYS B 357 -45.21 43.53 -13.28
N TYR B 358 -45.52 43.46 -14.57
CA TYR B 358 -44.66 44.05 -15.59
C TYR B 358 -44.64 45.57 -15.49
N ASN B 359 -45.82 46.18 -15.39
CA ASN B 359 -45.87 47.64 -15.26
C ASN B 359 -45.52 48.11 -13.85
N TYR B 360 -45.56 47.22 -12.86
CA TYR B 360 -45.04 47.60 -11.55
C TYR B 360 -43.52 47.64 -11.55
N MET B 361 -42.87 46.64 -12.16
CA MET B 361 -41.41 46.64 -12.21
C MET B 361 -40.88 47.70 -13.17
N ARG B 362 -41.55 47.87 -14.31
CA ARG B 362 -41.22 48.96 -15.22
C ARG B 362 -41.44 50.30 -14.55
N ALA B 363 -42.50 50.41 -13.75
CA ALA B 363 -42.76 51.63 -13.00
C ALA B 363 -41.65 51.90 -11.99
N GLU B 364 -41.12 50.84 -11.37
CA GLU B 364 -39.99 51.03 -10.46
C GLU B 364 -38.72 51.43 -11.22
N GLN B 365 -38.54 50.95 -12.46
CA GLN B 365 -37.42 51.44 -13.25
C GLN B 365 -37.62 52.89 -13.69
N ILE B 366 -38.87 53.32 -13.85
CA ILE B 366 -39.14 54.74 -14.09
C ILE B 366 -38.81 55.55 -12.84
N TYR B 367 -39.10 55.01 -11.66
CA TYR B 367 -38.63 55.65 -10.43
C TYR B 367 -37.13 55.54 -10.25
N ARG B 368 -36.44 54.69 -11.02
CA ARG B 368 -34.99 54.75 -11.12
C ARG B 368 -34.51 55.62 -12.27
N ASP B 369 -35.44 56.13 -13.10
CA ASP B 369 -35.09 57.02 -14.19
C ASP B 369 -35.25 58.49 -13.81
N GLU B 370 -36.36 58.82 -13.15
CA GLU B 370 -36.53 60.18 -12.62
C GLU B 370 -35.53 60.46 -11.51
N GLN B 371 -35.38 59.51 -10.59
CA GLN B 371 -34.28 59.53 -9.63
C GLN B 371 -33.03 59.09 -10.39
N GLY B 372 -32.38 60.07 -11.02
CA GLY B 372 -31.28 59.79 -11.91
C GLY B 372 -29.97 59.59 -11.18
N LEU B 373 -28.93 59.32 -11.96
CA LEU B 373 -27.59 59.17 -11.42
C LEU B 373 -27.06 60.51 -10.93
N SER B 374 -26.17 60.45 -9.94
CA SER B 374 -25.66 61.66 -9.31
C SER B 374 -24.63 62.38 -10.16
N LEU B 375 -24.08 61.73 -11.19
CA LEU B 375 -23.01 62.32 -11.97
C LEU B 375 -23.46 62.74 -13.37
N MET B 376 -24.04 61.81 -14.14
CA MET B 376 -24.39 62.09 -15.53
C MET B 376 -25.90 62.03 -15.71
N PRO B 377 -26.58 63.16 -15.90
CA PRO B 377 -28.00 63.09 -16.28
C PRO B 377 -28.21 62.57 -17.68
N HIS B 378 -27.22 62.69 -18.56
CA HIS B 378 -27.34 62.26 -19.95
C HIS B 378 -26.84 60.82 -20.12
N THR B 379 -27.47 59.92 -19.37
CA THR B 379 -27.16 58.49 -19.44
C THR B 379 -28.46 57.73 -19.21
N ALA B 380 -28.83 56.89 -20.18
CA ALA B 380 -30.10 56.20 -20.12
C ALA B 380 -30.04 55.03 -19.15
N GLN B 381 -31.03 54.95 -18.26
CA GLN B 381 -31.18 53.79 -17.41
C GLN B 381 -31.73 52.62 -18.22
N PRO B 382 -31.43 51.38 -17.81
CA PRO B 382 -32.09 50.22 -18.43
C PRO B 382 -33.57 50.19 -18.12
N ILE B 383 -34.40 50.42 -19.12
CA ILE B 383 -35.84 50.46 -18.92
C ILE B 383 -36.50 49.40 -19.80
N LEU B 384 -37.61 48.86 -19.31
CA LEU B 384 -38.35 47.84 -20.03
C LEU B 384 -39.01 48.44 -21.27
N PRO B 385 -39.36 47.61 -22.28
CA PRO B 385 -40.08 48.12 -23.45
C PRO B 385 -41.48 48.64 -23.16
N ALA B 386 -42.15 49.13 -24.22
CA ALA B 386 -43.37 49.91 -24.04
C ALA B 386 -44.54 49.04 -23.60
N GLN B 387 -44.92 48.06 -24.41
CA GLN B 387 -46.10 47.27 -24.11
C GLN B 387 -45.89 45.79 -24.38
N GLY C 1 -42.84 -0.76 -59.04
CA GLY C 1 -44.15 -1.35 -59.24
C GLY C 1 -44.76 -1.86 -57.95
N ASN C 2 -44.16 -2.91 -57.39
CA ASN C 2 -44.62 -3.47 -56.13
C ASN C 2 -44.21 -2.55 -54.98
N SER C 3 -42.92 -2.30 -54.85
CA SER C 3 -42.44 -1.36 -53.86
C SER C 3 -42.22 0.02 -54.47
N GLN C 4 -42.28 1.04 -53.63
CA GLN C 4 -42.14 2.41 -54.09
C GLN C 4 -41.21 3.18 -53.16
N VAL C 5 -40.80 4.35 -53.62
CA VAL C 5 -39.89 5.23 -52.90
C VAL C 5 -40.55 6.58 -52.74
N PHE C 6 -40.65 7.04 -51.50
CA PHE C 6 -41.24 8.34 -51.19
C PHE C 6 -40.14 9.30 -50.75
N TYR C 7 -40.13 10.48 -51.34
CA TYR C 7 -39.23 11.54 -50.92
C TYR C 7 -39.95 12.41 -49.90
N LEU C 8 -39.47 12.40 -48.66
CA LEU C 8 -40.05 13.24 -47.63
C LEU C 8 -39.67 14.69 -47.88
N LYS C 9 -40.65 15.58 -47.76
CA LYS C 9 -40.46 16.97 -48.13
C LYS C 9 -40.25 17.90 -46.95
N TYR C 10 -40.59 17.47 -45.74
CA TYR C 10 -40.40 18.33 -44.58
C TYR C 10 -39.90 17.61 -43.34
N SER C 11 -39.64 16.30 -43.40
CA SER C 11 -39.28 15.55 -42.21
C SER C 11 -38.14 14.60 -42.51
N LYS C 12 -37.43 14.22 -41.45
CA LYS C 12 -36.35 13.27 -41.58
C LYS C 12 -36.89 11.87 -41.83
N ALA C 13 -36.04 11.01 -42.39
CA ALA C 13 -36.47 9.68 -42.75
C ALA C 13 -36.44 8.71 -41.58
N GLU C 14 -35.46 8.86 -40.68
CA GLU C 14 -35.31 7.91 -39.59
C GLU C 14 -36.43 8.04 -38.57
N ASP C 15 -36.98 9.25 -38.42
CA ASP C 15 -38.14 9.43 -37.55
C ASP C 15 -39.35 8.73 -38.13
N LEU C 16 -39.55 8.85 -39.44
CA LEU C 16 -40.69 8.22 -40.09
C LEU C 16 -40.58 6.69 -40.09
N VAL C 17 -39.36 6.15 -40.19
CA VAL C 17 -39.28 4.69 -40.11
C VAL C 17 -39.45 4.24 -38.67
N ASP C 18 -38.98 5.03 -37.69
CA ASP C 18 -39.19 4.69 -36.28
C ASP C 18 -40.66 4.72 -35.89
N VAL C 19 -41.45 5.55 -36.57
CA VAL C 19 -42.89 5.49 -36.38
C VAL C 19 -43.49 4.30 -37.13
N LEU C 20 -43.14 4.16 -38.41
CA LEU C 20 -43.85 3.21 -39.27
C LEU C 20 -43.39 1.77 -39.12
N LYS C 21 -42.46 1.46 -38.20
CA LYS C 21 -42.29 0.05 -37.87
C LYS C 21 -43.47 -0.51 -37.08
N GLN C 22 -44.26 0.36 -36.45
CA GLN C 22 -45.37 -0.08 -35.62
C GLN C 22 -46.69 -0.13 -36.36
N VAL C 23 -46.85 0.67 -37.41
CA VAL C 23 -48.13 0.75 -38.09
C VAL C 23 -48.38 -0.48 -38.95
N SER C 24 -47.41 -0.83 -39.79
CA SER C 24 -47.57 -1.98 -40.67
C SER C 24 -47.52 -3.30 -39.90
N GLY C 25 -46.76 -3.34 -38.81
CA GLY C 25 -46.50 -4.59 -38.11
C GLY C 25 -47.73 -5.21 -37.47
N THR C 26 -48.74 -4.40 -37.18
CA THR C 26 -50.05 -4.92 -36.82
C THR C 26 -51.11 -4.58 -37.84
N LEU C 27 -50.79 -3.71 -38.81
CA LEU C 27 -51.74 -3.42 -39.87
C LEU C 27 -51.86 -4.58 -40.85
N THR C 28 -50.85 -5.45 -40.92
CA THR C 28 -50.98 -6.67 -41.72
C THR C 28 -52.04 -7.61 -41.16
N ALA C 29 -52.25 -7.61 -39.85
CA ALA C 29 -53.27 -8.44 -39.23
C ALA C 29 -54.66 -7.87 -39.49
N VAL C 44 -43.42 -9.79 -46.27
CA VAL C 44 -44.60 -9.24 -45.61
C VAL C 44 -44.62 -7.74 -45.90
N VAL C 45 -43.94 -6.96 -45.05
CA VAL C 45 -43.79 -5.52 -45.23
C VAL C 45 -42.36 -5.13 -44.92
N SER C 46 -41.89 -4.07 -45.56
CA SER C 46 -40.55 -3.55 -45.30
C SER C 46 -40.56 -2.04 -45.41
N ILE C 47 -40.15 -1.37 -44.34
CA ILE C 47 -39.95 0.06 -44.32
C ILE C 47 -38.48 0.28 -44.00
N ALA C 48 -37.72 0.80 -44.95
CA ALA C 48 -36.31 1.12 -44.76
C ALA C 48 -36.07 2.55 -45.22
N ALA C 49 -35.16 3.23 -44.53
CA ALA C 49 -34.94 4.66 -44.71
C ALA C 49 -33.54 4.93 -45.22
N SER C 50 -33.44 5.45 -46.44
CA SER C 50 -32.16 5.89 -46.99
C SER C 50 -31.81 7.23 -46.36
N LYS C 51 -30.82 7.22 -45.45
CA LYS C 51 -30.53 8.40 -44.66
C LYS C 51 -29.84 9.49 -45.48
N HIS C 52 -28.94 9.08 -46.38
CA HIS C 52 -28.16 10.06 -47.12
C HIS C 52 -28.98 10.78 -48.18
N SER C 53 -30.04 10.16 -48.68
CA SER C 53 -30.77 10.70 -49.81
C SER C 53 -32.21 11.11 -49.46
N ASN C 54 -32.56 11.12 -48.17
CA ASN C 54 -33.81 11.66 -47.63
C ASN C 54 -35.04 10.96 -48.22
N ALA C 55 -35.07 9.64 -48.06
CA ALA C 55 -36.17 8.87 -48.61
C ALA C 55 -36.35 7.59 -47.81
N LEU C 56 -37.60 7.25 -47.54
CA LEU C 56 -37.95 5.96 -46.98
C LEU C 56 -38.57 5.11 -48.08
N ILE C 57 -38.41 3.80 -47.97
CA ILE C 57 -38.80 2.86 -49.01
C ILE C 57 -39.86 1.92 -48.44
N VAL C 58 -41.03 1.92 -49.06
CA VAL C 58 -42.15 1.10 -48.61
C VAL C 58 -42.26 -0.09 -49.54
N THR C 59 -42.28 -1.29 -48.95
CA THR C 59 -42.52 -2.53 -49.68
C THR C 59 -43.74 -3.19 -49.05
N ALA C 60 -44.85 -3.18 -49.75
CA ALA C 60 -46.13 -3.57 -49.17
C ALA C 60 -47.08 -3.95 -50.29
N PRO C 61 -48.13 -4.73 -49.99
CA PRO C 61 -49.20 -4.94 -50.97
C PRO C 61 -49.98 -3.66 -51.24
N GLN C 62 -50.85 -3.75 -52.25
CA GLN C 62 -51.52 -2.56 -52.79
C GLN C 62 -52.50 -1.94 -51.81
N ASP C 63 -53.10 -2.75 -50.93
CA ASP C 63 -54.07 -2.20 -49.99
C ASP C 63 -53.37 -1.50 -48.83
N ILE C 64 -52.23 -2.04 -48.39
CA ILE C 64 -51.45 -1.40 -47.33
C ILE C 64 -50.75 -0.16 -47.88
N MET C 65 -50.44 -0.16 -49.18
CA MET C 65 -49.67 0.93 -49.80
C MET C 65 -50.46 2.23 -49.82
N GLN C 66 -51.77 2.16 -49.98
CA GLN C 66 -52.57 3.38 -49.95
C GLN C 66 -52.72 3.91 -48.52
N SER C 67 -52.76 3.00 -47.54
CA SER C 67 -52.84 3.42 -46.15
C SER C 67 -51.56 4.11 -45.70
N LEU C 68 -50.41 3.45 -45.91
CA LEU C 68 -49.14 4.05 -45.54
C LEU C 68 -48.81 5.28 -46.39
N GLN C 69 -49.27 5.28 -47.64
CA GLN C 69 -49.13 6.47 -48.47
C GLN C 69 -49.94 7.63 -47.91
N SER C 70 -51.14 7.34 -47.40
CA SER C 70 -51.96 8.38 -46.80
C SER C 70 -51.36 8.91 -45.50
N VAL C 71 -50.74 8.01 -44.72
CA VAL C 71 -50.12 8.44 -43.47
C VAL C 71 -48.89 9.29 -43.75
N ILE C 72 -48.08 8.90 -44.73
CA ILE C 72 -46.93 9.71 -45.12
C ILE C 72 -47.37 11.05 -45.71
N GLU C 73 -48.49 11.07 -46.43
CA GLU C 73 -49.04 12.34 -46.89
C GLU C 73 -49.56 13.20 -45.75
N GLN C 74 -49.99 12.59 -44.66
CA GLN C 74 -50.50 13.38 -43.53
C GLN C 74 -49.42 13.76 -42.52
N LEU C 75 -48.24 13.16 -42.58
CA LEU C 75 -47.18 13.53 -41.64
C LEU C 75 -46.15 14.48 -42.23
N ASP C 76 -46.02 14.53 -43.55
CA ASP C 76 -45.04 15.38 -44.21
C ASP C 76 -45.63 16.79 -44.28
N ILE C 77 -45.52 17.51 -43.16
CA ILE C 77 -46.20 18.79 -42.99
C ILE C 77 -45.17 19.87 -42.64
N ARG C 78 -45.54 21.11 -42.96
CA ARG C 78 -44.70 22.25 -42.65
C ARG C 78 -44.69 22.51 -41.14
N ARG C 79 -43.50 22.56 -40.56
CA ARG C 79 -43.33 22.78 -39.14
C ARG C 79 -43.06 24.26 -38.88
N ALA C 80 -43.85 24.86 -38.01
CA ALA C 80 -43.65 26.26 -37.69
C ALA C 80 -42.51 26.41 -36.68
N GLN C 81 -42.03 27.64 -36.55
CA GLN C 81 -40.88 27.92 -35.71
C GLN C 81 -41.15 29.11 -34.80
N VAL C 82 -40.58 29.04 -33.60
CA VAL C 82 -40.95 29.89 -32.48
C VAL C 82 -39.71 30.60 -31.96
N HIS C 83 -39.74 31.92 -31.89
CA HIS C 83 -38.69 32.70 -31.27
C HIS C 83 -39.11 33.03 -29.84
N VAL C 84 -38.32 32.57 -28.87
CA VAL C 84 -38.62 32.74 -27.45
C VAL C 84 -37.67 33.80 -26.89
N GLU C 85 -38.23 34.80 -26.24
CA GLU C 85 -37.45 35.91 -25.69
C GLU C 85 -37.79 36.05 -24.22
N ALA C 86 -36.84 35.70 -23.35
CA ALA C 86 -37.06 35.70 -21.91
C ALA C 86 -36.32 36.87 -21.28
N LEU C 87 -37.04 37.73 -20.59
CA LEU C 87 -36.45 38.89 -19.95
C LEU C 87 -36.09 38.57 -18.51
N ILE C 88 -35.14 39.35 -17.97
CA ILE C 88 -34.69 39.22 -16.59
C ILE C 88 -34.52 40.61 -16.04
N VAL C 89 -35.23 40.91 -14.96
CA VAL C 89 -35.14 42.22 -14.32
C VAL C 89 -34.63 42.01 -12.90
N GLU C 90 -33.63 42.79 -12.49
CA GLU C 90 -33.15 42.77 -11.11
C GLU C 90 -32.91 44.19 -10.66
N VAL C 91 -33.65 44.62 -9.65
CA VAL C 91 -33.49 45.95 -9.06
C VAL C 91 -33.13 45.77 -7.60
N ALA C 92 -32.06 46.41 -7.17
CA ALA C 92 -31.60 46.31 -5.79
C ALA C 92 -31.44 47.69 -5.20
N GLU C 93 -31.39 47.76 -3.86
CA GLU C 93 -31.17 49.00 -3.14
C GLU C 93 -30.67 48.65 -1.74
N GLY C 94 -29.51 49.18 -1.37
CA GLY C 94 -28.97 48.93 -0.05
C GLY C 94 -28.39 50.18 0.59
N SER C 95 -28.86 50.53 1.78
CA SER C 95 -28.40 51.73 2.48
C SER C 95 -28.44 51.48 3.98
N ASN C 96 -27.28 51.52 4.62
CA ASN C 96 -27.16 51.37 6.07
C ASN C 96 -26.45 52.58 6.66
N ILE C 97 -26.92 53.02 7.82
CA ILE C 97 -26.39 54.20 8.49
C ILE C 97 -25.72 53.75 9.77
N ASN C 98 -24.45 54.08 9.93
CA ASN C 98 -23.77 53.84 11.20
C ASN C 98 -23.59 55.14 11.96
N PHE C 99 -23.37 54.99 13.26
CA PHE C 99 -23.08 56.12 14.14
C PHE C 99 -22.40 55.55 15.37
N GLY C 100 -21.66 56.39 16.07
CA GLY C 100 -20.99 55.92 17.26
C GLY C 100 -20.12 56.95 17.94
N VAL C 101 -20.21 57.01 19.27
CA VAL C 101 -19.40 57.88 20.10
C VAL C 101 -18.67 57.01 21.09
N GLN C 102 -17.34 57.14 21.14
CA GLN C 102 -16.52 56.33 22.01
C GLN C 102 -15.63 57.24 22.85
N TRP C 103 -15.93 57.33 24.13
CA TRP C 103 -15.12 58.11 25.06
C TRP C 103 -13.98 57.26 25.58
N GLY C 104 -12.87 57.90 25.90
CA GLY C 104 -11.73 57.18 26.42
C GLY C 104 -10.76 58.04 27.19
N SER C 105 -10.43 57.62 28.41
CA SER C 105 -9.40 58.25 29.22
C SER C 105 -8.32 57.22 29.51
N LYS C 106 -7.07 57.69 29.61
CA LYS C 106 -5.97 56.75 29.82
C LYS C 106 -5.94 56.25 31.25
N ASP C 107 -6.42 57.04 32.20
CA ASP C 107 -6.39 56.66 33.60
C ASP C 107 -7.77 56.45 34.23
N ALA C 108 -8.85 56.64 33.47
CA ALA C 108 -10.20 56.61 34.04
C ALA C 108 -11.13 55.77 33.18
N GLY C 109 -10.63 54.68 32.63
CA GLY C 109 -11.45 53.76 31.90
C GLY C 109 -11.82 54.25 30.51
N LEU C 110 -12.61 53.44 29.81
CA LEU C 110 -12.97 53.71 28.42
C LEU C 110 -14.42 53.32 28.19
N MET C 111 -15.04 53.92 27.18
CA MET C 111 -16.38 53.56 26.74
C MET C 111 -16.31 53.17 25.27
N GLN C 112 -16.40 51.88 24.98
CA GLN C 112 -16.37 51.44 23.59
C GLN C 112 -17.65 50.69 23.27
N PHE C 113 -17.83 50.41 21.98
CA PHE C 113 -18.97 49.65 21.48
C PHE C 113 -18.52 48.84 20.29
N ALA C 114 -19.37 47.92 19.84
CA ALA C 114 -19.13 47.16 18.62
C ALA C 114 -20.43 47.00 17.85
N ASN C 115 -20.28 46.56 16.59
CA ASN C 115 -21.38 46.21 15.69
C ASN C 115 -22.33 47.40 15.48
N GLY C 116 -21.80 48.41 14.78
CA GLY C 116 -22.56 49.61 14.51
C GLY C 116 -21.71 50.85 14.57
N THR C 117 -20.61 50.77 15.31
CA THR C 117 -19.57 51.78 15.27
C THR C 117 -18.31 51.29 14.57
N GLN C 118 -18.17 49.97 14.38
CA GLN C 118 -17.23 49.32 13.47
C GLN C 118 -15.75 49.52 13.78
N ILE C 119 -15.43 50.24 14.85
CA ILE C 119 -14.04 50.43 15.28
C ILE C 119 -14.01 50.67 16.78
N PRO C 120 -13.49 49.74 17.57
CA PRO C 120 -13.42 49.95 19.01
C PRO C 120 -12.32 50.93 19.38
N ILE C 121 -12.52 51.63 20.50
CA ILE C 121 -11.47 52.52 21.00
C ILE C 121 -10.36 51.71 21.67
N GLY C 122 -10.65 50.46 22.08
CA GLY C 122 -9.61 49.66 22.69
C GLY C 122 -8.64 49.11 21.68
N THR C 123 -9.14 48.64 20.54
CA THR C 123 -8.25 48.11 19.51
C THR C 123 -7.51 49.24 18.80
N LEU C 124 -8.18 50.37 18.58
CA LEU C 124 -7.52 51.48 17.89
C LEU C 124 -6.54 52.18 18.83
N GLY C 125 -6.89 52.28 20.10
CA GLY C 125 -5.95 52.80 21.08
C GLY C 125 -4.79 51.86 21.32
N ALA C 126 -5.01 50.55 21.15
CA ALA C 126 -3.90 49.61 21.23
C ALA C 126 -3.01 49.69 20.01
N ALA C 127 -3.60 49.92 18.84
CA ALA C 127 -2.82 50.00 17.62
C ALA C 127 -2.00 51.30 17.57
N ILE C 128 -2.62 52.43 17.92
CA ILE C 128 -1.90 53.69 17.98
C ILE C 128 -0.91 53.70 19.14
N SER C 129 -1.25 53.02 20.25
CA SER C 129 -0.30 52.85 21.34
C SER C 129 0.88 51.99 20.94
N ALA C 130 0.69 51.07 19.99
CA ALA C 130 1.80 50.32 19.43
C ALA C 130 2.46 51.03 18.26
N ALA C 131 1.97 52.21 17.86
CA ALA C 131 2.44 52.87 16.65
C ALA C 131 3.49 53.94 16.90
N LYS C 132 3.53 54.53 18.09
CA LYS C 132 4.53 55.57 18.35
C LYS C 132 5.90 54.92 18.54
N PRO C 133 6.93 55.39 17.84
CA PRO C 133 8.18 54.65 17.74
C PRO C 133 9.01 54.68 19.02
N GLN C 134 9.70 53.58 19.26
CA GLN C 134 10.63 53.45 20.37
C GLN C 134 12.00 54.01 19.97
N LYS C 135 12.84 54.23 20.98
CA LYS C 135 14.17 54.73 20.77
C LYS C 135 15.19 53.62 20.96
N GLY C 136 16.44 53.92 20.62
CA GLY C 136 17.53 52.97 20.73
C GLY C 136 18.36 53.16 21.98
N SER C 137 19.58 52.65 21.93
CA SER C 137 20.51 52.74 23.05
C SER C 137 21.07 54.15 23.19
N ASN C 149 21.14 52.02 19.27
CA ASN C 149 21.62 53.35 18.90
C ASN C 149 20.74 54.04 17.82
N PRO C 150 20.28 53.34 16.73
CA PRO C 150 19.25 53.98 15.88
C PRO C 150 17.85 53.82 16.45
N ASP C 151 16.98 54.79 16.17
CA ASP C 151 15.58 54.76 16.60
C ASP C 151 14.69 54.44 15.41
N THR C 152 14.07 53.25 15.44
CA THR C 152 13.27 52.79 14.31
C THR C 152 11.86 53.33 14.39
N ASN C 153 11.43 54.00 13.32
CA ASN C 153 10.04 54.39 13.12
C ASN C 153 9.42 53.42 12.12
N GLY C 154 9.15 52.21 12.59
CA GLY C 154 8.65 51.17 11.71
C GLY C 154 7.63 50.25 12.37
N ASP C 155 7.06 50.68 13.48
CA ASP C 155 6.02 49.92 14.19
C ASP C 155 4.67 50.27 13.59
N LEU C 156 4.19 49.43 12.68
CA LEU C 156 2.97 49.72 11.93
C LEU C 156 2.44 48.37 11.44
N SER C 157 1.55 48.40 10.43
CA SER C 157 0.82 47.28 9.86
C SER C 157 -0.13 46.65 10.86
N THR C 158 -0.56 47.42 11.85
CA THR C 158 -1.69 47.11 12.72
C THR C 158 -2.84 48.07 12.49
N LEU C 159 -2.53 49.36 12.33
CA LEU C 159 -3.51 50.30 11.80
C LEU C 159 -3.78 50.03 10.32
N ALA C 160 -2.80 49.49 9.61
CA ALA C 160 -2.99 49.18 8.20
C ALA C 160 -3.88 47.98 8.00
N GLN C 161 -4.05 47.14 9.02
CA GLN C 161 -5.00 46.02 8.95
C GLN C 161 -6.32 46.37 9.62
N LEU C 162 -6.27 47.07 10.76
CA LEU C 162 -7.49 47.44 11.46
C LEU C 162 -8.27 48.50 10.70
N LEU C 163 -7.57 49.36 9.97
CA LEU C 163 -8.21 50.36 9.12
C LEU C 163 -8.22 49.97 7.65
N SER C 164 -8.04 48.68 7.35
CA SER C 164 -8.04 48.24 5.96
C SER C 164 -9.46 48.24 5.39
N GLY C 165 -10.32 47.41 5.94
CA GLY C 165 -11.72 47.48 5.57
C GLY C 165 -12.49 48.37 6.51
N PHE C 166 -12.62 49.64 6.14
CA PHE C 166 -13.25 50.65 6.97
C PHE C 166 -13.56 51.88 6.13
N SER C 167 -14.78 52.41 6.25
CA SER C 167 -15.21 53.52 5.42
C SER C 167 -15.79 54.68 6.21
N GLY C 168 -15.61 54.70 7.52
CA GLY C 168 -16.30 55.68 8.34
C GLY C 168 -15.51 56.95 8.60
N THR C 169 -16.25 58.03 8.81
CA THR C 169 -15.68 59.27 9.29
C THR C 169 -15.35 59.12 10.76
N ALA C 170 -14.06 59.10 11.10
CA ALA C 170 -13.59 58.89 12.46
C ALA C 170 -12.77 60.10 12.88
N VAL C 171 -13.36 60.99 13.66
CA VAL C 171 -12.66 62.16 14.15
C VAL C 171 -12.24 61.91 15.59
N GLY C 172 -11.20 62.61 16.02
CA GLY C 172 -10.76 62.54 17.40
C GLY C 172 -10.86 63.87 18.11
N VAL C 173 -11.80 64.00 19.02
CA VAL C 173 -12.06 65.26 19.72
C VAL C 173 -11.57 65.12 21.16
N VAL C 174 -10.53 65.87 21.50
CA VAL C 174 -10.02 65.89 22.87
C VAL C 174 -10.74 66.99 23.63
N LYS C 175 -11.32 66.63 24.78
CA LYS C 175 -12.05 67.59 25.60
C LYS C 175 -11.92 67.15 27.06
N GLY C 176 -11.07 67.83 27.82
CA GLY C 176 -10.84 67.49 29.21
C GLY C 176 -10.13 66.17 29.42
N ASP C 177 -9.22 65.81 28.51
CA ASP C 177 -8.59 64.50 28.41
C ASP C 177 -9.65 63.39 28.34
N TRP C 178 -10.46 63.49 27.29
CA TRP C 178 -11.46 62.47 26.95
C TRP C 178 -11.49 62.39 25.43
N MET C 179 -10.84 61.37 24.87
CA MET C 179 -10.72 61.27 23.42
C MET C 179 -12.04 60.82 22.81
N ALA C 180 -12.88 61.79 22.47
CA ALA C 180 -14.23 61.51 21.96
C ALA C 180 -14.13 61.03 20.52
N LEU C 181 -13.90 59.74 20.36
CA LEU C 181 -13.78 59.13 19.03
C LEU C 181 -15.18 58.98 18.44
N VAL C 182 -15.55 59.90 17.55
CA VAL C 182 -16.86 59.89 16.91
C VAL C 182 -16.74 59.19 15.58
N GLN C 183 -17.57 58.18 15.35
CA GLN C 183 -17.57 57.43 14.11
C GLN C 183 -18.96 57.50 13.48
N ALA C 184 -19.01 57.77 12.17
CA ALA C 184 -20.27 57.89 11.44
C ALA C 184 -20.02 57.65 9.97
N VAL C 185 -20.97 57.03 9.28
CA VAL C 185 -20.91 56.76 7.85
C VAL C 185 -22.33 56.45 7.35
N LYS C 186 -22.61 56.81 6.10
CA LYS C 186 -23.85 56.42 5.44
C LYS C 186 -23.52 56.17 3.97
N ASN C 187 -23.90 55.01 3.45
CA ASN C 187 -23.62 54.67 2.06
C ASN C 187 -24.79 53.96 1.41
N ASP C 188 -25.32 54.57 0.36
CA ASP C 188 -26.41 54.00 -0.43
C ASP C 188 -25.84 53.15 -1.56
N SER C 189 -26.65 52.25 -2.09
CA SER C 189 -26.31 51.42 -3.23
C SER C 189 -27.54 51.22 -4.08
N SER C 190 -27.36 51.02 -5.39
CA SER C 190 -28.47 50.83 -6.33
C SER C 190 -27.94 50.07 -7.54
N SER C 191 -28.38 48.84 -7.71
CA SER C 191 -28.08 48.06 -8.90
C SER C 191 -29.32 47.99 -9.78
N ASN C 192 -29.12 47.76 -11.06
CA ASN C 192 -30.21 47.64 -12.03
C ASN C 192 -29.72 46.83 -13.21
N VAL C 193 -30.20 45.60 -13.32
CA VAL C 193 -29.69 44.66 -14.31
C VAL C 193 -30.85 44.17 -15.17
N LEU C 194 -30.72 44.38 -16.49
CA LEU C 194 -31.69 43.90 -17.44
C LEU C 194 -30.99 42.99 -18.44
N SER C 195 -31.42 41.73 -18.51
CA SER C 195 -30.84 40.79 -19.45
C SER C 195 -31.98 40.11 -20.19
N THR C 196 -31.74 39.78 -21.46
CA THR C 196 -32.75 39.16 -22.31
C THR C 196 -32.11 38.24 -23.35
N PRO C 197 -31.92 36.97 -22.99
CA PRO C 197 -31.55 35.98 -24.01
C PRO C 197 -32.70 35.71 -24.97
N SER C 198 -32.35 35.11 -26.10
CA SER C 198 -33.30 34.77 -27.15
C SER C 198 -32.89 33.47 -27.79
N ILE C 199 -33.85 32.79 -28.41
CA ILE C 199 -33.58 31.51 -29.04
C ILE C 199 -34.57 31.37 -30.20
N THR C 200 -34.27 30.45 -31.11
CA THR C 200 -35.16 30.16 -32.24
C THR C 200 -35.12 28.67 -32.50
N THR C 201 -36.20 27.99 -32.14
CA THR C 201 -36.28 26.55 -32.34
C THR C 201 -37.26 26.27 -33.45
N LEU C 202 -37.56 25.00 -33.67
CA LEU C 202 -38.77 24.59 -34.34
C LEU C 202 -39.80 24.18 -33.30
N ASP C 203 -40.93 23.69 -33.77
CA ASP C 203 -41.91 23.07 -32.88
C ASP C 203 -41.37 21.76 -32.35
N ASN C 204 -41.51 21.56 -31.03
CA ASN C 204 -41.23 20.30 -30.33
C ASN C 204 -39.77 19.86 -30.43
N GLN C 205 -38.86 20.81 -30.59
CA GLN C 205 -37.44 20.51 -30.68
C GLN C 205 -36.72 21.33 -29.64
N GLU C 206 -36.11 20.66 -28.66
CA GLU C 206 -35.48 21.38 -27.57
C GLU C 206 -34.19 22.06 -28.03
N ALA C 207 -33.84 23.13 -27.34
CA ALA C 207 -32.68 23.94 -27.70
C ALA C 207 -32.32 24.78 -26.50
N PHE C 208 -31.04 25.07 -26.36
CA PHE C 208 -30.63 25.88 -25.24
C PHE C 208 -29.64 26.92 -25.72
N PHE C 209 -29.01 27.58 -24.76
CA PHE C 209 -28.21 28.77 -25.01
C PHE C 209 -27.40 28.98 -23.74
N MET C 210 -26.29 29.70 -23.88
CA MET C 210 -25.35 29.88 -22.77
C MET C 210 -24.42 31.01 -23.13
N VAL C 211 -24.07 31.84 -22.14
CA VAL C 211 -23.01 32.83 -22.33
C VAL C 211 -22.03 32.74 -21.16
N GLY C 212 -21.99 31.59 -20.50
CA GLY C 212 -21.28 31.46 -19.24
C GLY C 212 -19.81 31.13 -19.37
N GLN C 213 -19.31 30.41 -18.37
CA GLN C 213 -17.92 30.01 -18.28
C GLN C 213 -17.86 28.52 -17.95
N ASP C 214 -16.64 28.02 -17.75
CA ASP C 214 -16.40 26.69 -17.23
C ASP C 214 -15.45 26.83 -16.06
N VAL C 215 -15.91 26.48 -14.86
CA VAL C 215 -15.11 26.70 -13.66
C VAL C 215 -14.65 25.34 -13.14
N PRO C 216 -13.39 25.19 -12.75
CA PRO C 216 -12.94 23.92 -12.17
C PRO C 216 -13.52 23.73 -10.76
N VAL C 217 -14.41 22.76 -10.66
CA VAL C 217 -15.04 22.39 -9.39
C VAL C 217 -14.43 21.08 -8.95
N LEU C 218 -13.81 21.06 -7.77
CA LEU C 218 -13.16 19.86 -7.29
C LEU C 218 -14.14 19.05 -6.46
N THR C 219 -14.19 17.74 -6.73
CA THR C 219 -14.99 16.80 -5.96
C THR C 219 -14.04 15.73 -5.45
N GLY C 220 -13.36 16.01 -4.35
CA GLY C 220 -12.41 15.08 -3.78
C GLY C 220 -10.97 15.41 -4.16
N THR C 233 -11.13 14.62 -7.56
CA THR C 233 -11.72 14.49 -8.89
C THR C 233 -12.33 15.83 -9.30
N VAL C 234 -11.52 16.65 -9.99
CA VAL C 234 -11.99 17.95 -10.43
C VAL C 234 -12.91 17.76 -11.63
N GLU C 235 -14.05 18.44 -11.60
CA GLU C 235 -15.04 18.32 -12.66
C GLU C 235 -15.43 19.72 -13.15
N ARG C 236 -15.61 19.84 -14.46
CA ARG C 236 -15.93 21.13 -15.07
C ARG C 236 -17.41 21.39 -14.94
N LYS C 237 -17.77 22.55 -14.39
CA LYS C 237 -19.16 22.90 -14.17
C LYS C 237 -19.48 24.20 -14.89
N LYS C 238 -20.62 24.23 -15.56
CA LYS C 238 -21.04 25.37 -16.36
C LYS C 238 -21.79 26.39 -15.51
N VAL C 239 -21.56 27.66 -15.81
CA VAL C 239 -22.24 28.76 -15.13
C VAL C 239 -22.87 29.65 -16.19
N GLY C 240 -23.42 30.79 -15.77
CA GLY C 240 -23.87 31.79 -16.71
C GLY C 240 -25.28 31.56 -17.20
N ILE C 241 -25.73 32.51 -18.02
CA ILE C 241 -27.13 32.64 -18.41
C ILE C 241 -27.54 31.52 -19.36
N MET C 242 -28.27 30.55 -18.84
CA MET C 242 -28.73 29.44 -19.65
C MET C 242 -30.23 29.57 -19.86
N LEU C 243 -30.71 29.08 -21.00
CA LEU C 243 -32.13 29.16 -21.33
C LEU C 243 -32.48 27.94 -22.17
N LYS C 244 -32.96 26.89 -21.53
CA LYS C 244 -33.29 25.66 -22.23
C LYS C 244 -34.79 25.54 -22.36
N VAL C 245 -35.30 25.71 -23.57
CA VAL C 245 -36.73 25.74 -23.82
C VAL C 245 -37.09 24.55 -24.68
N THR C 246 -38.35 24.16 -24.67
CA THR C 246 -38.88 23.13 -25.56
C THR C 246 -40.31 23.50 -25.91
N PRO C 247 -40.49 24.41 -26.86
CA PRO C 247 -41.83 24.95 -27.09
C PRO C 247 -42.70 24.02 -27.91
N GLN C 248 -44.00 24.09 -27.64
CA GLN C 248 -45.01 23.35 -28.35
C GLN C 248 -46.11 24.31 -28.76
N ILE C 249 -46.57 24.20 -30.00
CA ILE C 249 -47.56 25.11 -30.55
C ILE C 249 -48.93 24.46 -30.38
N ASN C 250 -49.74 25.06 -29.52
CA ASN C 250 -51.12 24.64 -29.32
C ASN C 250 -52.05 25.48 -30.18
N GLU C 251 -53.20 24.91 -30.50
CA GLU C 251 -54.13 25.58 -31.39
C GLU C 251 -54.82 26.74 -30.68
N GLY C 252 -55.27 27.70 -31.48
CA GLY C 252 -55.55 29.02 -30.96
C GLY C 252 -54.33 29.91 -30.87
N ASN C 253 -53.22 29.47 -31.48
CA ASN C 253 -51.93 30.18 -31.49
C ASN C 253 -51.40 30.44 -30.09
N ALA C 254 -51.54 29.43 -29.23
CA ALA C 254 -50.97 29.47 -27.89
C ALA C 254 -49.75 28.55 -27.85
N VAL C 255 -48.78 28.93 -27.04
CA VAL C 255 -47.48 28.26 -27.00
C VAL C 255 -47.28 27.68 -25.60
N GLN C 256 -47.08 26.37 -25.54
CA GLN C 256 -46.69 25.72 -24.30
C GLN C 256 -45.18 25.53 -24.30
N MET C 257 -44.53 25.94 -23.22
CA MET C 257 -43.09 25.91 -23.14
C MET C 257 -42.65 25.14 -21.90
N VAL C 258 -41.56 24.40 -22.03
CA VAL C 258 -40.93 23.74 -20.90
C VAL C 258 -39.59 24.44 -20.70
N ILE C 259 -39.57 25.46 -19.87
CA ILE C 259 -38.42 26.34 -19.75
C ILE C 259 -37.62 25.96 -18.52
N GLU C 260 -36.31 25.79 -18.68
CA GLU C 260 -35.40 25.46 -17.58
C GLU C 260 -34.28 26.49 -17.62
N GLN C 261 -34.52 27.64 -17.01
CA GLN C 261 -33.60 28.76 -17.07
C GLN C 261 -32.66 28.73 -15.88
N GLU C 262 -31.52 29.40 -16.01
CA GLU C 262 -30.53 29.49 -14.96
C GLU C 262 -29.71 30.75 -15.19
N VAL C 263 -29.42 31.48 -14.12
CA VAL C 263 -28.49 32.60 -14.15
C VAL C 263 -27.47 32.34 -13.06
N SER C 264 -26.33 31.79 -13.43
CA SER C 264 -25.29 31.52 -12.46
C SER C 264 -24.21 32.59 -12.54
N LYS C 265 -23.43 32.70 -11.47
CA LYS C 265 -22.44 33.76 -11.36
C LYS C 265 -21.41 33.33 -10.32
N VAL C 266 -20.14 33.54 -10.63
CA VAL C 266 -19.06 33.12 -9.75
C VAL C 266 -18.92 34.14 -8.63
N GLU C 267 -19.19 33.72 -7.41
CA GLU C 267 -18.93 34.53 -6.23
C GLU C 267 -17.60 34.12 -5.62
N GLY C 268 -17.01 35.04 -4.88
CA GLY C 268 -15.67 34.78 -4.36
C GLY C 268 -15.68 34.00 -3.07
N GLN C 269 -15.06 34.60 -2.05
CA GLN C 269 -14.97 34.02 -0.72
C GLN C 269 -13.88 32.96 -0.76
N THR C 270 -14.22 31.85 -1.38
CA THR C 270 -13.27 30.74 -1.56
C THR C 270 -12.87 30.03 -0.26
N SER C 271 -13.85 29.44 0.43
CA SER C 271 -13.58 28.91 1.76
C SER C 271 -12.75 27.63 1.68
N LEU C 272 -13.32 26.58 1.08
CA LEU C 272 -12.57 25.42 0.64
C LEU C 272 -12.50 25.31 -0.87
N ASP C 273 -13.49 25.86 -1.56
CA ASP C 273 -13.52 25.92 -3.00
C ASP C 273 -14.32 27.17 -3.36
N VAL C 274 -14.47 27.43 -4.66
CA VAL C 274 -15.20 28.61 -5.10
C VAL C 274 -16.69 28.37 -4.95
N VAL C 275 -17.43 29.43 -4.64
CA VAL C 275 -18.88 29.34 -4.50
C VAL C 275 -19.52 30.04 -5.68
N PHE C 276 -20.78 29.71 -5.92
CA PHE C 276 -21.53 30.23 -7.04
C PHE C 276 -22.71 31.05 -6.52
N GLY C 277 -23.48 31.60 -7.43
CA GLY C 277 -24.82 32.04 -7.08
C GLY C 277 -25.79 31.67 -8.17
N GLU C 278 -26.74 30.79 -7.91
CA GLU C 278 -27.69 30.38 -8.94
C GLU C 278 -29.03 31.06 -8.72
N ARG C 279 -29.77 31.20 -9.82
CA ARG C 279 -31.10 31.78 -9.80
C ARG C 279 -32.03 30.97 -10.68
N LYS C 280 -31.86 29.65 -10.68
CA LYS C 280 -32.50 28.81 -11.67
C LYS C 280 -33.98 28.60 -11.35
N LEU C 281 -34.71 28.14 -12.35
CA LEU C 281 -36.10 27.74 -12.21
C LEU C 281 -36.43 26.79 -13.34
N LYS C 282 -37.34 25.85 -13.06
CA LYS C 282 -37.71 24.83 -14.03
C LYS C 282 -39.23 24.72 -14.03
N THR C 283 -39.88 25.53 -14.83
CA THR C 283 -41.34 25.57 -14.82
C THR C 283 -41.89 25.18 -16.18
N THR C 284 -43.21 25.33 -16.33
CA THR C 284 -43.90 24.98 -17.57
C THR C 284 -45.08 25.92 -17.70
N VAL C 285 -45.00 26.87 -18.63
CA VAL C 285 -46.02 27.89 -18.77
C VAL C 285 -46.78 27.68 -20.06
N LEU C 286 -47.87 28.42 -20.21
CA LEU C 286 -48.71 28.38 -21.41
C LEU C 286 -49.06 29.83 -21.73
N ALA C 287 -48.23 30.46 -22.55
CA ALA C 287 -48.42 31.86 -22.89
C ALA C 287 -49.21 31.99 -24.19
N ASN C 288 -49.60 33.22 -24.49
CA ASN C 288 -50.34 33.52 -25.71
C ASN C 288 -49.38 33.71 -26.89
N ASP C 289 -49.88 34.28 -27.98
CA ASP C 289 -49.13 34.30 -29.23
C ASP C 289 -47.93 35.23 -29.17
N GLY C 290 -48.08 36.39 -28.55
CA GLY C 290 -46.98 37.32 -28.43
C GLY C 290 -46.99 38.08 -27.12
N GLU C 291 -47.82 37.63 -26.18
CA GLU C 291 -48.03 38.35 -24.93
C GLU C 291 -47.05 37.88 -23.87
N LEU C 292 -46.68 38.79 -22.98
CA LEU C 292 -45.78 38.46 -21.90
C LEU C 292 -46.52 37.71 -20.80
N ILE C 293 -45.78 36.87 -20.09
CA ILE C 293 -46.29 36.25 -18.87
C ILE C 293 -45.15 36.20 -17.87
N VAL C 294 -45.47 36.48 -16.61
CA VAL C 294 -44.48 36.42 -15.54
C VAL C 294 -44.33 34.96 -15.12
N LEU C 295 -43.08 34.51 -15.04
CA LEU C 295 -42.79 33.15 -14.62
C LEU C 295 -42.51 33.05 -13.13
N GLY C 296 -41.47 33.73 -12.68
CA GLY C 296 -41.08 33.64 -11.29
C GLY C 296 -40.74 35.00 -10.74
N GLY C 297 -40.07 35.03 -9.61
CA GLY C 297 -39.68 36.31 -9.05
C GLY C 297 -39.33 36.18 -7.59
N LEU C 298 -38.85 37.30 -7.05
CA LEU C 298 -38.52 37.38 -5.63
C LEU C 298 -38.50 38.86 -5.27
N MET C 299 -39.38 39.26 -4.37
CA MET C 299 -39.38 40.63 -3.87
C MET C 299 -38.86 40.58 -2.44
N ASP C 300 -37.54 40.59 -2.31
CA ASP C 300 -36.92 40.63 -1.00
C ASP C 300 -37.10 42.01 -0.39
N ASP C 301 -37.12 42.06 0.94
CA ASP C 301 -37.30 43.30 1.67
C ASP C 301 -36.79 43.05 3.08
N GLN C 302 -35.82 43.84 3.53
CA GLN C 302 -35.28 43.67 4.86
C GLN C 302 -35.33 44.99 5.61
N ALA C 303 -34.90 44.92 6.86
CA ALA C 303 -34.71 46.08 7.72
C ALA C 303 -33.69 45.70 8.77
N GLY C 304 -33.55 46.54 9.79
CA GLY C 304 -32.58 46.25 10.82
C GLY C 304 -32.38 47.41 11.76
N GLU C 305 -31.87 47.11 12.96
CA GLU C 305 -31.63 48.10 14.00
C GLU C 305 -30.73 47.49 15.05
N SER C 306 -29.70 48.22 15.45
CA SER C 306 -28.83 47.77 16.54
C SER C 306 -28.33 49.01 17.27
N VAL C 307 -29.06 49.43 18.29
CA VAL C 307 -28.65 50.53 19.15
C VAL C 307 -27.95 49.91 20.36
N ALA C 308 -26.98 50.64 20.92
CA ALA C 308 -26.21 50.14 22.05
C ALA C 308 -26.03 51.27 23.06
N LYS C 309 -26.91 51.32 24.06
CA LYS C 309 -26.93 52.43 24.98
C LYS C 309 -25.92 52.28 26.11
N VAL C 310 -26.03 53.16 27.09
CA VAL C 310 -25.45 53.01 28.42
C VAL C 310 -26.67 53.21 29.33
N PRO C 311 -26.95 52.29 30.30
CA PRO C 311 -28.32 52.08 30.80
C PRO C 311 -29.09 53.27 31.36
N LEU C 312 -28.47 54.09 32.22
CA LEU C 312 -29.21 55.22 32.77
C LEU C 312 -29.02 56.46 31.91
N LEU C 313 -27.77 56.77 31.55
CA LEU C 313 -27.48 57.96 30.76
C LEU C 313 -27.46 57.66 29.25
N GLY C 314 -28.48 56.96 28.78
CA GLY C 314 -28.62 56.69 27.37
C GLY C 314 -29.89 57.27 26.80
N ASP C 315 -30.92 57.39 27.63
CA ASP C 315 -32.20 57.96 27.22
C ASP C 315 -32.36 59.41 27.64
N ILE C 316 -31.25 60.15 27.80
CA ILE C 316 -31.29 61.59 27.99
C ILE C 316 -31.78 62.20 26.68
N PRO C 317 -32.81 63.03 26.69
CA PRO C 317 -33.40 63.49 25.42
C PRO C 317 -32.56 64.51 24.69
N LEU C 318 -31.53 65.06 25.34
CA LEU C 318 -30.73 66.11 24.71
C LEU C 318 -29.33 65.63 24.37
N ILE C 319 -28.59 65.13 25.37
CA ILE C 319 -27.19 64.79 25.15
C ILE C 319 -27.00 63.28 25.24
N GLY C 320 -28.10 62.54 25.32
CA GLY C 320 -28.03 61.09 25.36
C GLY C 320 -27.63 60.47 24.03
N ASN C 321 -27.79 61.24 22.95
CA ASN C 321 -27.50 60.77 21.60
C ASN C 321 -26.02 60.45 21.40
N LEU C 322 -25.16 61.13 22.15
CA LEU C 322 -23.72 60.86 22.07
C LEU C 322 -23.30 59.86 23.16
N PHE C 323 -24.10 58.81 23.29
CA PHE C 323 -23.73 57.67 24.11
C PHE C 323 -24.07 56.36 23.44
N LYS C 324 -24.90 56.41 22.40
CA LYS C 324 -25.40 55.21 21.74
C LYS C 324 -24.75 55.05 20.38
N SER C 325 -24.45 53.81 20.01
CA SER C 325 -23.88 53.50 18.70
C SER C 325 -24.99 52.96 17.82
N THR C 326 -25.80 53.87 17.27
CA THR C 326 -27.01 53.51 16.56
C THR C 326 -26.65 52.95 15.18
N ALA C 327 -26.72 51.65 15.03
CA ALA C 327 -26.61 51.06 13.71
C ALA C 327 -27.96 51.13 13.00
N ASP C 328 -27.95 50.76 11.73
CA ASP C 328 -29.14 50.64 10.91
C ASP C 328 -28.74 49.78 9.71
N LYS C 329 -29.76 49.23 9.04
CA LYS C 329 -29.56 48.57 7.76
C LYS C 329 -30.89 48.50 7.04
N LYS C 330 -31.03 49.24 5.95
CA LYS C 330 -32.21 49.14 5.10
C LYS C 330 -31.78 48.51 3.79
N GLU C 331 -32.56 47.55 3.30
CA GLU C 331 -32.20 46.84 2.09
C GLU C 331 -33.47 46.38 1.40
N LYS C 332 -33.49 46.44 0.08
CA LYS C 332 -34.64 46.01 -0.70
C LYS C 332 -34.14 45.54 -2.05
N ARG C 333 -34.65 44.40 -2.51
CA ARG C 333 -34.15 43.80 -3.75
C ARG C 333 -35.29 43.08 -4.46
N ASN C 334 -35.56 43.48 -5.69
CA ASN C 334 -36.59 42.86 -6.50
C ASN C 334 -35.95 42.02 -7.60
N LEU C 335 -36.75 41.11 -8.15
CA LEU C 335 -36.27 40.20 -9.18
C LEU C 335 -37.49 39.65 -9.90
N MET C 336 -37.41 39.57 -11.23
CA MET C 336 -38.46 39.00 -12.03
C MET C 336 -37.87 38.22 -13.19
N VAL C 337 -38.65 37.30 -13.73
CA VAL C 337 -38.32 36.55 -14.93
C VAL C 337 -39.55 36.53 -15.83
N PHE C 338 -39.45 37.16 -16.98
CA PHE C 338 -40.53 37.25 -17.94
C PHE C 338 -40.21 36.39 -19.16
N ILE C 339 -41.16 36.30 -20.09
CA ILE C 339 -40.94 35.59 -21.33
C ILE C 339 -41.86 36.19 -22.38
N ARG C 340 -41.56 35.94 -23.65
CA ARG C 340 -42.43 36.34 -24.76
C ARG C 340 -42.19 35.37 -25.90
N PRO C 341 -43.11 34.45 -26.14
CA PRO C 341 -43.02 33.63 -27.34
C PRO C 341 -43.47 34.38 -28.57
N THR C 342 -42.93 33.98 -29.72
CA THR C 342 -43.25 34.63 -30.99
C THR C 342 -43.17 33.56 -32.08
N ILE C 343 -44.31 33.11 -32.58
CA ILE C 343 -44.28 32.14 -33.66
C ILE C 343 -43.96 32.84 -34.96
N LEU C 344 -43.34 32.12 -35.88
CA LEU C 344 -42.90 32.66 -37.16
C LEU C 344 -43.56 31.84 -38.26
N ARG C 345 -44.46 32.48 -39.01
CA ARG C 345 -45.23 31.77 -40.02
C ARG C 345 -44.42 31.49 -41.28
N ASP C 346 -44.02 32.55 -41.98
CA ASP C 346 -43.49 32.44 -43.33
C ASP C 346 -42.30 33.38 -43.45
N GLY C 347 -41.91 33.68 -44.69
CA GLY C 347 -40.85 34.65 -44.94
C GLY C 347 -41.21 36.07 -44.56
N MET C 348 -42.49 36.37 -44.40
CA MET C 348 -42.89 37.68 -43.88
C MET C 348 -42.59 37.82 -42.40
N ALA C 349 -42.72 36.73 -41.64
CA ALA C 349 -42.48 36.78 -40.20
C ALA C 349 -41.00 36.86 -39.90
N ALA C 350 -40.19 35.98 -40.49
CA ALA C 350 -38.74 36.07 -40.37
C ALA C 350 -38.19 37.29 -41.07
N ASP C 351 -38.90 37.80 -42.08
CA ASP C 351 -38.59 39.12 -42.64
C ASP C 351 -38.72 40.19 -41.58
N GLY C 352 -39.82 40.18 -40.82
CA GLY C 352 -40.04 41.17 -39.78
C GLY C 352 -39.04 41.08 -38.63
N VAL C 353 -38.96 39.90 -38.01
CA VAL C 353 -38.12 39.73 -36.82
C VAL C 353 -36.64 39.78 -37.18
N SER C 354 -36.25 39.04 -38.23
CA SER C 354 -34.86 39.04 -38.65
C SER C 354 -34.44 40.37 -39.24
N GLN C 355 -35.40 41.11 -39.82
CA GLN C 355 -35.08 42.44 -40.33
C GLN C 355 -34.88 43.43 -39.19
N ARG C 356 -35.71 43.37 -38.14
CA ARG C 356 -35.55 44.34 -37.07
C ARG C 356 -34.35 44.00 -36.18
N LYS C 357 -34.03 42.72 -36.01
CA LYS C 357 -32.83 42.38 -35.24
C LYS C 357 -31.57 42.65 -36.05
N TYR C 358 -31.57 42.25 -37.33
CA TYR C 358 -30.38 42.43 -38.16
C TYR C 358 -30.12 43.89 -38.45
N ASN C 359 -31.14 44.64 -38.84
CA ASN C 359 -30.96 46.06 -39.09
C ASN C 359 -30.86 46.87 -37.81
N TYR C 360 -31.32 46.33 -36.68
CA TYR C 360 -31.08 47.00 -35.40
C TYR C 360 -29.62 46.88 -34.99
N MET C 361 -29.04 45.68 -35.11
CA MET C 361 -27.64 45.50 -34.74
C MET C 361 -26.71 46.16 -35.74
N ARG C 362 -27.04 46.07 -37.03
CA ARG C 362 -26.29 46.80 -38.04
C ARG C 362 -26.41 48.30 -37.82
N ALA C 363 -27.59 48.76 -37.42
CA ALA C 363 -27.79 50.16 -37.10
C ALA C 363 -26.93 50.59 -35.91
N GLU C 364 -26.78 49.70 -34.91
CA GLU C 364 -25.88 50.00 -33.80
C GLU C 364 -24.42 50.03 -34.23
N GLN C 365 -24.04 49.20 -35.20
CA GLN C 365 -22.69 49.30 -35.75
C GLN C 365 -22.50 50.57 -36.56
N ILE C 366 -23.56 51.08 -37.18
CA ILE C 366 -23.50 52.39 -37.83
C ILE C 366 -23.34 53.49 -36.78
N TYR C 367 -24.01 53.35 -35.63
CA TYR C 367 -23.74 54.26 -34.53
C TYR C 367 -22.38 54.04 -33.89
N ARG C 368 -21.69 52.93 -34.20
CA ARG C 368 -20.29 52.79 -33.89
C ARG C 368 -19.38 53.23 -35.03
N ASP C 369 -19.96 53.58 -36.18
CA ASP C 369 -19.19 54.07 -37.32
C ASP C 369 -19.16 55.59 -37.38
N GLU C 370 -20.32 56.24 -37.17
CA GLU C 370 -20.35 57.69 -37.07
C GLU C 370 -19.63 58.17 -35.82
N GLN C 371 -19.88 57.51 -34.68
CA GLN C 371 -19.07 57.68 -33.49
C GLN C 371 -17.77 56.91 -33.73
N GLY C 372 -16.82 57.58 -34.36
CA GLY C 372 -15.60 56.94 -34.80
C GLY C 372 -14.59 56.80 -33.69
N LEU C 373 -13.45 56.22 -34.06
CA LEU C 373 -12.35 56.06 -33.13
C LEU C 373 -11.71 57.42 -32.85
N SER C 374 -11.11 57.55 -31.66
CA SER C 374 -10.56 58.83 -31.24
C SER C 374 -9.24 59.16 -31.91
N LEU C 375 -8.59 58.18 -32.54
CA LEU C 375 -7.25 58.37 -33.10
C LEU C 375 -7.27 58.43 -34.63
N MET C 376 -7.80 57.40 -35.27
CA MET C 376 -7.74 57.30 -36.72
C MET C 376 -9.14 57.35 -37.32
N PRO C 377 -9.53 58.45 -37.97
CA PRO C 377 -10.80 58.44 -38.71
C PRO C 377 -10.75 57.56 -39.96
N HIS C 378 -9.57 57.31 -40.49
CA HIS C 378 -9.42 56.51 -41.72
C HIS C 378 -9.18 55.04 -41.37
N THR C 379 -10.13 54.48 -40.63
CA THR C 379 -10.09 53.06 -40.26
C THR C 379 -11.52 52.55 -40.23
N ALA C 380 -11.79 51.51 -41.02
CA ALA C 380 -13.15 51.01 -41.17
C ALA C 380 -13.55 50.17 -39.97
N GLN C 381 -14.72 50.47 -39.41
CA GLN C 381 -15.29 49.63 -38.37
C GLN C 381 -15.84 48.35 -38.99
N PRO C 382 -15.89 47.26 -38.22
CA PRO C 382 -16.57 46.05 -38.70
C PRO C 382 -18.07 46.27 -38.83
N ILE C 383 -18.57 46.29 -40.05
CA ILE C 383 -19.98 46.56 -40.29
C ILE C 383 -20.58 45.37 -41.03
N LEU C 384 -21.86 45.12 -40.76
CA LEU C 384 -22.59 44.03 -41.39
C LEU C 384 -22.80 44.33 -42.88
N PRO C 385 -23.04 43.28 -43.70
CA PRO C 385 -23.33 43.50 -45.13
C PRO C 385 -24.65 44.24 -45.39
N ALA C 386 -24.93 44.47 -46.68
CA ALA C 386 -25.99 45.40 -47.06
C ALA C 386 -27.37 44.85 -46.78
N GLN C 387 -27.71 43.72 -47.39
CA GLN C 387 -29.06 43.19 -47.26
C GLN C 387 -29.07 41.67 -47.08
N GLY D 1 -26.42 -12.96 -66.74
CA GLY D 1 -27.72 -13.43 -67.16
C GLY D 1 -28.71 -13.47 -66.02
N ASN D 2 -28.47 -14.37 -65.06
CA ASN D 2 -29.33 -14.49 -63.89
C ASN D 2 -29.06 -13.33 -62.94
N SER D 3 -27.80 -13.19 -62.51
CA SER D 3 -27.42 -12.07 -61.68
C SER D 3 -26.80 -10.97 -62.53
N GLN D 4 -26.87 -9.74 -62.03
CA GLN D 4 -26.36 -8.58 -62.75
C GLN D 4 -25.57 -7.69 -61.81
N VAL D 5 -24.84 -6.76 -62.41
CA VAL D 5 -23.99 -5.82 -61.70
C VAL D 5 -24.40 -4.42 -62.07
N PHE D 6 -24.72 -3.59 -61.06
CA PHE D 6 -25.11 -2.22 -61.27
C PHE D 6 -24.00 -1.30 -60.79
N TYR D 7 -23.62 -0.35 -61.63
CA TYR D 7 -22.66 0.68 -61.23
C TYR D 7 -23.44 1.88 -60.71
N LEU D 8 -23.28 2.17 -59.42
CA LEU D 8 -23.93 3.34 -58.85
C LEU D 8 -23.24 4.60 -59.33
N LYS D 9 -24.04 5.60 -59.72
CA LYS D 9 -23.50 6.79 -60.36
C LYS D 9 -23.42 7.99 -59.42
N TYR D 10 -24.12 7.98 -58.29
CA TYR D 10 -24.06 9.10 -57.38
C TYR D 10 -24.03 8.71 -55.91
N SER D 11 -24.00 7.42 -55.57
CA SER D 11 -24.10 7.02 -54.18
C SER D 11 -23.12 5.91 -53.89
N LYS D 12 -22.78 5.76 -52.62
CA LYS D 12 -21.89 4.70 -52.19
C LYS D 12 -22.61 3.36 -52.23
N ALA D 13 -21.83 2.29 -52.29
CA ALA D 13 -22.40 0.95 -52.42
C ALA D 13 -22.83 0.38 -51.09
N GLU D 14 -22.10 0.67 -50.02
CA GLU D 14 -22.40 0.06 -48.73
C GLU D 14 -23.69 0.61 -48.14
N ASP D 15 -24.02 1.86 -48.45
CA ASP D 15 -25.30 2.41 -48.02
C ASP D 15 -26.45 1.72 -48.73
N LEU D 16 -26.29 1.47 -50.04
CA LEU D 16 -27.34 0.82 -50.81
C LEU D 16 -27.51 -0.64 -50.41
N VAL D 17 -26.43 -1.33 -50.02
CA VAL D 17 -26.65 -2.70 -49.56
C VAL D 17 -27.25 -2.69 -48.16
N ASP D 18 -26.89 -1.71 -47.31
CA ASP D 18 -27.49 -1.61 -45.99
C ASP D 18 -28.98 -1.29 -46.05
N VAL D 19 -29.42 -0.61 -47.11
CA VAL D 19 -30.85 -0.46 -47.34
C VAL D 19 -31.46 -1.73 -47.90
N LEU D 20 -30.84 -2.27 -48.96
CA LEU D 20 -31.47 -3.35 -49.72
C LEU D 20 -31.35 -4.73 -49.09
N LYS D 21 -30.75 -4.87 -47.90
CA LYS D 21 -30.93 -6.13 -47.19
C LYS D 21 -32.35 -6.30 -46.66
N GLN D 22 -33.10 -5.19 -46.52
CA GLN D 22 -34.44 -5.24 -45.96
C GLN D 22 -35.52 -5.36 -47.02
N VAL D 23 -35.26 -4.89 -48.23
CA VAL D 23 -36.30 -4.85 -49.26
C VAL D 23 -36.56 -6.25 -49.82
N SER D 24 -35.49 -6.94 -50.23
CA SER D 24 -35.65 -8.27 -50.80
C SER D 24 -36.04 -9.31 -49.76
N GLY D 25 -35.58 -9.11 -48.51
CA GLY D 25 -35.75 -10.12 -47.48
C GLY D 25 -37.19 -10.39 -47.08
N THR D 26 -38.07 -9.43 -47.30
CA THR D 26 -39.50 -9.68 -47.22
C THR D 26 -40.20 -9.52 -48.57
N LEU D 27 -39.50 -9.00 -49.58
CA LEU D 27 -40.08 -8.93 -50.91
C LEU D 27 -40.17 -10.30 -51.56
N THR D 28 -39.36 -11.27 -51.12
CA THR D 28 -39.52 -12.64 -51.60
C THR D 28 -40.84 -13.26 -51.15
N ALA D 29 -41.35 -12.85 -50.00
CA ALA D 29 -42.63 -13.35 -49.51
C ALA D 29 -43.79 -12.73 -50.29
N VAL D 44 -31.79 -17.78 -52.85
CA VAL D 44 -32.97 -16.93 -52.73
C VAL D 44 -32.64 -15.58 -53.37
N VAL D 45 -32.05 -14.67 -52.58
CA VAL D 45 -31.60 -13.38 -53.06
C VAL D 45 -30.23 -13.08 -52.46
N SER D 46 -29.44 -12.30 -53.18
CA SER D 46 -28.14 -11.89 -52.68
C SER D 46 -27.83 -10.49 -53.16
N ILE D 47 -27.58 -9.59 -52.22
CA ILE D 47 -27.11 -8.24 -52.50
C ILE D 47 -25.76 -8.10 -51.83
N ALA D 48 -24.71 -7.98 -52.63
CA ALA D 48 -23.36 -7.77 -52.12
C ALA D 48 -22.74 -6.58 -52.83
N ALA D 49 -21.91 -5.84 -52.10
CA ALA D 49 -21.41 -4.55 -52.56
C ALA D 49 -19.90 -4.61 -52.69
N SER D 50 -19.39 -4.47 -53.91
CA SER D 50 -17.97 -4.35 -54.16
C SER D 50 -17.53 -2.94 -53.81
N LYS D 51 -16.82 -2.80 -52.69
CA LYS D 51 -16.51 -1.47 -52.17
C LYS D 51 -15.46 -0.76 -52.99
N HIS D 52 -14.45 -1.50 -53.47
CA HIS D 52 -13.34 -0.87 -54.17
C HIS D 52 -13.73 -0.40 -55.56
N SER D 53 -14.73 -1.03 -56.18
CA SER D 53 -15.06 -0.75 -57.57
C SER D 53 -16.42 -0.10 -57.76
N ASN D 54 -17.07 0.32 -56.67
CA ASN D 54 -18.30 1.13 -56.66
C ASN D 54 -19.44 0.43 -57.40
N ALA D 55 -19.78 -0.77 -56.92
CA ALA D 55 -20.83 -1.54 -57.56
C ALA D 55 -21.43 -2.50 -56.56
N LEU D 56 -22.75 -2.61 -56.59
CA LEU D 56 -23.47 -3.63 -55.85
C LEU D 56 -23.94 -4.69 -56.83
N ILE D 57 -24.06 -5.92 -56.35
CA ILE D 57 -24.36 -7.07 -57.20
C ILE D 57 -25.67 -7.67 -56.74
N VAL D 58 -26.64 -7.72 -57.65
CA VAL D 58 -27.97 -8.24 -57.36
C VAL D 58 -28.07 -9.64 -57.95
N THR D 59 -28.45 -10.60 -57.11
CA THR D 59 -28.74 -11.96 -57.55
C THR D 59 -30.18 -12.27 -57.15
N ALA D 60 -31.07 -12.34 -58.14
CA ALA D 60 -32.49 -12.40 -57.87
C ALA D 60 -33.19 -12.98 -59.08
N PRO D 61 -34.40 -13.51 -58.91
CA PRO D 61 -35.23 -13.87 -60.07
C PRO D 61 -35.66 -12.65 -60.87
N GLN D 62 -36.27 -12.92 -62.03
CA GLN D 62 -36.54 -11.87 -63.01
C GLN D 62 -37.61 -10.90 -62.54
N ASP D 63 -38.54 -11.34 -61.70
CA ASP D 63 -39.59 -10.44 -61.24
C ASP D 63 -39.07 -9.51 -60.14
N ILE D 64 -38.21 -10.02 -59.27
CA ILE D 64 -37.60 -9.20 -58.23
C ILE D 64 -36.56 -8.26 -58.85
N MET D 65 -35.94 -8.67 -59.95
CA MET D 65 -34.87 -7.91 -60.57
C MET D 65 -35.36 -6.58 -61.13
N GLN D 66 -36.58 -6.55 -61.66
CA GLN D 66 -37.12 -5.29 -62.15
C GLN D 66 -37.52 -4.36 -61.01
N SER D 67 -37.97 -4.93 -59.88
CA SER D 67 -38.31 -4.13 -58.72
C SER D 67 -37.07 -3.48 -58.12
N LEU D 68 -36.05 -4.29 -57.82
CA LEU D 68 -34.81 -3.77 -57.26
C LEU D 68 -34.07 -2.89 -58.25
N GLN D 69 -34.19 -3.18 -59.54
CA GLN D 69 -33.63 -2.31 -60.56
C GLN D 69 -34.33 -0.96 -60.56
N SER D 70 -35.65 -0.96 -60.36
CA SER D 70 -36.38 0.31 -60.30
C SER D 70 -36.03 1.11 -59.06
N VAL D 71 -35.80 0.43 -57.94
CA VAL D 71 -35.43 1.12 -56.70
C VAL D 71 -34.03 1.71 -56.81
N ILE D 72 -33.10 0.97 -57.40
CA ILE D 72 -31.75 1.50 -57.63
C ILE D 72 -31.77 2.64 -58.62
N GLU D 73 -32.66 2.58 -59.63
CA GLU D 73 -32.83 3.72 -60.53
C GLU D 73 -33.44 4.92 -59.83
N GLN D 74 -34.24 4.71 -58.79
CA GLN D 74 -34.85 5.84 -58.09
C GLN D 74 -34.01 6.37 -56.94
N LEU D 75 -32.98 5.65 -56.50
CA LEU D 75 -32.13 6.14 -55.43
C LEU D 75 -30.83 6.76 -55.91
N ASP D 76 -30.38 6.42 -57.11
CA ASP D 76 -29.12 6.93 -57.64
C ASP D 76 -29.39 8.31 -58.23
N ILE D 77 -29.44 9.31 -57.34
CA ILE D 77 -29.87 10.66 -57.69
C ILE D 77 -28.79 11.67 -57.33
N ARG D 78 -28.81 12.79 -58.05
CA ARG D 78 -27.89 13.88 -57.80
C ARG D 78 -28.20 14.55 -56.48
N ARG D 79 -27.19 14.63 -55.60
CA ARG D 79 -27.35 15.24 -54.29
C ARG D 79 -26.88 16.68 -54.35
N ALA D 80 -27.73 17.60 -53.91
CA ALA D 80 -27.36 18.99 -53.90
C ALA D 80 -26.49 19.30 -52.69
N GLN D 81 -25.83 20.46 -52.72
CA GLN D 81 -24.89 20.83 -51.68
C GLN D 81 -25.15 22.25 -51.21
N VAL D 82 -24.92 22.48 -49.92
CA VAL D 82 -25.39 23.66 -49.20
C VAL D 82 -24.20 24.33 -48.54
N HIS D 83 -24.00 25.61 -48.82
CA HIS D 83 -23.01 26.42 -48.13
C HIS D 83 -23.69 27.19 -47.01
N VAL D 84 -23.26 26.95 -45.78
CA VAL D 84 -23.86 27.56 -44.59
C VAL D 84 -22.91 28.60 -44.06
N GLU D 85 -23.41 29.82 -43.87
CA GLU D 85 -22.59 30.94 -43.41
C GLU D 85 -23.24 31.54 -42.18
N ALA D 86 -22.62 31.35 -41.02
CA ALA D 86 -23.18 31.79 -39.74
C ALA D 86 -22.41 33.00 -39.24
N LEU D 87 -23.11 34.10 -39.02
CA LEU D 87 -22.48 35.32 -38.54
C LEU D 87 -22.56 35.40 -37.03
N ILE D 88 -21.65 36.17 -36.45
CA ILE D 88 -21.58 36.39 -35.01
C ILE D 88 -21.29 37.87 -34.79
N VAL D 89 -22.17 38.55 -34.06
CA VAL D 89 -22.00 39.97 -33.77
C VAL D 89 -21.91 40.12 -32.26
N GLU D 90 -20.91 40.86 -31.79
CA GLU D 90 -20.79 41.18 -30.38
C GLU D 90 -20.41 42.65 -30.24
N VAL D 91 -21.28 43.43 -29.62
CA VAL D 91 -21.02 44.84 -29.36
C VAL D 91 -21.07 45.06 -27.86
N ALA D 92 -20.04 45.67 -27.31
CA ALA D 92 -19.96 45.91 -25.88
C ALA D 92 -19.70 47.39 -25.63
N GLU D 93 -19.96 47.83 -24.40
CA GLU D 93 -19.70 49.19 -23.96
C GLU D 93 -19.64 49.21 -22.44
N GLY D 94 -18.53 49.69 -21.90
CA GLY D 94 -18.38 49.78 -20.46
C GLY D 94 -17.74 51.08 -20.01
N SER D 95 -18.42 51.81 -19.13
CA SER D 95 -17.94 53.10 -18.64
C SER D 95 -18.39 53.31 -17.21
N ASN D 96 -17.42 53.39 -16.30
CA ASN D 96 -17.70 53.65 -14.88
C ASN D 96 -16.94 54.90 -14.43
N ILE D 97 -17.59 55.71 -13.60
CA ILE D 97 -17.02 56.96 -13.12
C ILE D 97 -16.79 56.83 -11.63
N ASN D 98 -15.56 57.05 -11.19
CA ASN D 98 -15.26 57.10 -9.78
C ASN D 98 -15.04 58.54 -9.33
N PHE D 99 -15.17 58.75 -8.03
CA PHE D 99 -14.92 60.05 -7.41
C PHE D 99 -14.67 59.78 -5.94
N GLY D 100 -13.97 60.71 -5.28
CA GLY D 100 -13.72 60.53 -3.87
C GLY D 100 -12.86 61.60 -3.24
N VAL D 101 -13.27 62.05 -2.06
CA VAL D 101 -12.54 63.03 -1.28
C VAL D 101 -12.24 62.41 0.07
N GLN D 102 -10.97 62.39 0.45
CA GLN D 102 -10.55 61.78 1.71
C GLN D 102 -9.75 62.78 2.51
N TRP D 103 -10.33 63.28 3.59
CA TRP D 103 -9.65 64.19 4.48
C TRP D 103 -8.84 63.40 5.51
N GLY D 104 -7.74 63.99 5.96
CA GLY D 104 -6.92 63.33 6.96
C GLY D 104 -6.03 64.26 7.74
N SER D 105 -6.09 64.17 9.06
CA SER D 105 -5.20 64.88 9.94
C SER D 105 -4.43 63.87 10.78
N LYS D 106 -3.18 64.20 11.11
CA LYS D 106 -2.36 63.25 11.85
C LYS D 106 -2.77 63.18 13.32
N ASP D 107 -3.33 64.26 13.86
CA ASP D 107 -3.71 64.30 15.27
C ASP D 107 -5.21 64.45 15.50
N ALA D 108 -6.01 64.53 14.44
CA ALA D 108 -7.45 64.81 14.59
C ALA D 108 -8.28 63.88 13.73
N GLY D 109 -7.87 62.62 13.64
CA GLY D 109 -8.65 61.62 12.94
C GLY D 109 -8.55 61.73 11.44
N LEU D 110 -9.29 60.85 10.76
CA LEU D 110 -9.25 60.74 9.31
C LEU D 110 -10.65 60.47 8.77
N MET D 111 -10.88 60.81 7.51
CA MET D 111 -12.11 60.49 6.80
C MET D 111 -11.75 59.69 5.56
N GLN D 112 -12.01 58.39 5.58
CA GLN D 112 -11.72 57.57 4.42
C GLN D 112 -13.00 56.90 3.94
N PHE D 113 -12.91 56.29 2.76
CA PHE D 113 -14.02 55.56 2.16
C PHE D 113 -13.44 54.39 1.38
N ALA D 114 -14.30 53.48 0.95
CA ALA D 114 -13.92 52.38 0.08
C ALA D 114 -15.00 52.15 -0.96
N ASN D 115 -14.64 51.35 -1.98
CA ASN D 115 -15.54 50.88 -3.04
C ASN D 115 -16.16 52.06 -3.80
N GLY D 116 -15.29 52.75 -4.54
CA GLY D 116 -15.73 53.91 -5.30
C GLY D 116 -14.69 55.01 -5.32
N THR D 117 -13.84 55.01 -4.29
CA THR D 117 -12.66 55.85 -4.28
C THR D 117 -11.38 55.04 -4.44
N GLN D 118 -11.45 53.73 -4.25
CA GLN D 118 -10.45 52.73 -4.67
C GLN D 118 -9.09 52.85 -4.01
N ILE D 119 -8.90 53.80 -3.10
CA ILE D 119 -7.66 53.95 -2.35
C ILE D 119 -7.95 54.61 -1.01
N PRO D 120 -7.82 53.89 0.09
CA PRO D 120 -8.07 54.50 1.40
C PRO D 120 -6.93 55.41 1.81
N ILE D 121 -7.27 56.43 2.62
CA ILE D 121 -6.23 57.29 3.16
C ILE D 121 -5.49 56.59 4.30
N GLY D 122 -6.09 55.56 4.90
CA GLY D 122 -5.41 54.85 5.97
C GLY D 122 -4.33 53.93 5.45
N THR D 123 -4.62 53.21 4.37
CA THR D 123 -3.63 52.31 3.80
C THR D 123 -2.53 53.08 3.07
N LEU D 124 -2.91 54.18 2.40
CA LEU D 124 -1.91 54.96 1.68
C LEU D 124 -1.07 55.79 2.65
N GLY D 125 -1.70 56.30 3.71
CA GLY D 125 -0.94 56.96 4.75
C GLY D 125 -0.07 56.01 5.54
N ALA D 126 -0.48 54.75 5.64
CA ALA D 126 0.37 53.74 6.27
C ALA D 126 1.53 53.36 5.38
N ALA D 127 1.30 53.31 4.06
CA ALA D 127 2.37 52.95 3.15
C ALA D 127 3.39 54.07 3.02
N ILE D 128 2.93 55.31 2.88
CA ILE D 128 3.84 56.46 2.83
C ILE D 128 4.50 56.68 4.18
N SER D 129 3.77 56.40 5.28
CA SER D 129 4.37 56.45 6.60
C SER D 129 5.44 55.38 6.79
N ALA D 130 5.32 54.25 6.08
CA ALA D 130 6.37 53.25 6.06
C ALA D 130 7.42 53.51 5.00
N ALA D 131 7.26 54.57 4.21
CA ALA D 131 8.14 54.80 3.05
C ALA D 131 9.28 55.76 3.32
N LYS D 132 9.13 56.67 4.28
CA LYS D 132 10.21 57.62 4.56
C LYS D 132 11.35 56.91 5.28
N PRO D 133 12.58 57.04 4.82
CA PRO D 133 13.67 56.15 5.28
C PRO D 133 14.15 56.47 6.68
N GLN D 134 14.54 55.40 7.38
CA GLN D 134 15.13 55.50 8.70
C GLN D 134 16.63 55.77 8.59
N LYS D 135 17.21 56.18 9.70
CA LYS D 135 18.64 56.44 9.77
C LYS D 135 19.35 55.31 10.51
N GLY D 136 20.67 55.37 10.49
CA GLY D 136 21.50 54.37 11.14
C GLY D 136 22.03 54.82 12.49
N SER D 137 23.10 54.18 12.92
CA SER D 137 23.72 54.49 14.20
C SER D 137 24.50 55.80 14.14
N ASN D 149 25.12 52.64 11.07
CA ASN D 149 25.91 53.74 10.53
C ASN D 149 25.48 54.18 9.11
N PRO D 150 25.17 53.25 8.14
CA PRO D 150 24.53 53.73 6.91
C PRO D 150 23.02 53.91 7.05
N ASP D 151 22.45 54.85 6.31
CA ASP D 151 21.00 55.09 6.32
C ASP D 151 20.39 54.54 5.03
N THR D 152 19.57 53.51 5.18
CA THR D 152 19.00 52.82 4.02
C THR D 152 17.73 53.52 3.54
N ASN D 153 17.72 53.90 2.26
CA ASN D 153 16.52 54.37 1.59
C ASN D 153 15.98 53.23 0.73
N GLY D 154 15.40 52.24 1.39
CA GLY D 154 14.94 51.05 0.69
C GLY D 154 13.64 50.48 1.22
N ASP D 155 12.90 51.28 1.99
CA ASP D 155 11.61 50.88 2.53
C ASP D 155 10.51 51.19 1.50
N LEU D 156 10.13 50.19 0.73
CA LEU D 156 9.21 50.38 -0.38
C LEU D 156 8.57 49.02 -0.66
N SER D 157 7.99 48.86 -1.86
CA SER D 157 7.21 47.70 -2.32
C SER D 157 5.94 47.50 -1.51
N THR D 158 5.44 48.57 -0.90
CA THR D 158 4.10 48.65 -0.35
C THR D 158 3.24 49.63 -1.13
N LEU D 159 3.81 50.78 -1.51
CA LEU D 159 3.18 51.63 -2.52
C LEU D 159 3.24 50.98 -3.89
N ALA D 160 4.25 50.14 -4.13
CA ALA D 160 4.35 49.46 -5.41
C ALA D 160 3.32 48.35 -5.56
N GLN D 161 2.76 47.89 -4.46
CA GLN D 161 1.67 46.90 -4.52
C GLN D 161 0.31 47.58 -4.36
N LEU D 162 0.22 48.56 -3.47
CA LEU D 162 -1.05 49.26 -3.26
C LEU D 162 -1.41 50.13 -4.45
N LEU D 163 -0.40 50.66 -5.15
CA LEU D 163 -0.61 51.44 -6.36
C LEU D 163 -0.33 50.64 -7.62
N SER D 164 -0.34 49.31 -7.53
CA SER D 164 -0.07 48.49 -8.71
C SER D 164 -1.27 48.49 -9.65
N GLY D 165 -2.41 47.96 -9.18
CA GLY D 165 -3.62 48.07 -9.94
C GLY D 165 -4.42 49.27 -9.51
N PHE D 166 -4.20 50.39 -10.21
CA PHE D 166 -4.83 51.67 -9.87
C PHE D 166 -4.69 52.63 -11.04
N SER D 167 -5.77 53.30 -11.40
CA SER D 167 -5.77 54.17 -12.58
C SER D 167 -6.29 55.56 -12.30
N GLY D 168 -6.45 55.94 -11.04
CA GLY D 168 -7.12 57.18 -10.72
C GLY D 168 -6.18 58.37 -10.58
N THR D 169 -6.74 59.55 -10.85
CA THR D 169 -6.08 60.80 -10.56
C THR D 169 -6.16 61.04 -9.05
N ALA D 170 -5.02 60.98 -8.38
CA ALA D 170 -4.96 61.13 -6.93
C ALA D 170 -4.04 62.30 -6.60
N VAL D 171 -4.63 63.44 -6.27
CA VAL D 171 -3.87 64.61 -5.90
C VAL D 171 -3.86 64.74 -4.39
N GLY D 172 -2.85 65.42 -3.87
CA GLY D 172 -2.78 65.70 -2.45
C GLY D 172 -2.80 67.18 -2.15
N VAL D 173 -3.90 67.68 -1.60
CA VAL D 173 -4.08 69.11 -1.35
C VAL D 173 -3.99 69.33 0.16
N VAL D 174 -2.95 70.02 0.60
CA VAL D 174 -2.80 70.38 2.00
C VAL D 174 -3.47 71.73 2.23
N LYS D 175 -4.36 71.78 3.22
CA LYS D 175 -5.07 73.02 3.53
C LYS D 175 -5.40 73.00 5.02
N GLY D 176 -4.63 73.78 5.80
CA GLY D 176 -4.84 73.83 7.24
C GLY D 176 -4.46 72.55 7.96
N ASP D 177 -3.44 71.85 7.47
CA ASP D 177 -3.05 70.49 7.88
C ASP D 177 -4.24 69.55 7.79
N TRP D 178 -4.76 69.43 6.56
CA TRP D 178 -5.80 68.48 6.21
C TRP D 178 -5.48 67.96 4.81
N MET D 179 -4.91 66.76 4.74
CA MET D 179 -4.46 66.22 3.46
C MET D 179 -5.66 65.78 2.62
N ALA D 180 -6.19 66.69 1.82
CA ALA D 180 -7.40 66.43 1.03
C ALA D 180 -7.03 65.55 -0.15
N LEU D 181 -7.02 64.25 0.08
CA LEU D 181 -6.71 63.28 -0.96
C LEU D 181 -7.91 63.12 -1.87
N VAL D 182 -7.88 63.78 -3.03
CA VAL D 182 -8.96 63.73 -4.00
C VAL D 182 -8.66 62.66 -5.02
N GLN D 183 -9.59 61.74 -5.23
CA GLN D 183 -9.42 60.67 -6.19
C GLN D 183 -10.56 60.70 -7.19
N ALA D 184 -10.24 60.59 -8.47
CA ALA D 184 -11.24 60.63 -9.54
C ALA D 184 -10.68 59.94 -10.78
N VAL D 185 -11.54 59.27 -11.53
CA VAL D 185 -11.18 58.59 -12.77
C VAL D 185 -12.46 58.32 -13.56
N LYS D 186 -12.36 58.33 -14.88
CA LYS D 186 -13.45 57.90 -15.76
C LYS D 186 -12.83 57.21 -16.96
N ASN D 187 -13.27 56.00 -17.27
CA ASN D 187 -12.73 55.23 -18.38
C ASN D 187 -13.82 54.50 -19.15
N ASP D 188 -13.95 54.84 -20.43
CA ASP D 188 -14.90 54.19 -21.32
C ASP D 188 -14.24 52.99 -22.00
N SER D 189 -15.05 52.08 -22.50
CA SER D 189 -14.60 50.92 -23.26
C SER D 189 -15.60 50.63 -24.35
N SER D 190 -15.14 50.03 -25.46
CA SER D 190 -16.00 49.71 -26.60
C SER D 190 -15.34 48.57 -27.38
N SER D 191 -15.97 47.41 -27.36
CA SER D 191 -15.52 46.28 -28.18
C SER D 191 -16.50 46.11 -29.33
N ASN D 192 -16.04 45.50 -30.40
CA ASN D 192 -16.86 45.23 -31.58
C ASN D 192 -16.26 44.06 -32.34
N VAL D 193 -16.91 42.91 -32.27
CA VAL D 193 -16.38 41.67 -32.81
C VAL D 193 -17.35 41.10 -33.82
N LEU D 194 -16.86 40.89 -35.04
CA LEU D 194 -17.65 40.26 -36.09
C LEU D 194 -16.90 39.04 -36.59
N SER D 195 -17.53 37.88 -36.46
CA SER D 195 -16.93 36.63 -36.94
C SER D 195 -17.95 35.90 -37.77
N THR D 196 -17.47 35.20 -38.80
CA THR D 196 -18.34 34.48 -39.73
C THR D 196 -17.65 33.23 -40.27
N PRO D 197 -17.80 32.10 -39.58
CA PRO D 197 -17.38 30.83 -40.17
C PRO D 197 -18.28 30.42 -41.32
N SER D 198 -17.79 29.48 -42.11
CA SER D 198 -18.50 28.98 -43.27
C SER D 198 -18.19 27.50 -43.43
N ILE D 199 -19.08 26.78 -44.11
CA ILE D 199 -18.93 25.35 -44.31
C ILE D 199 -19.60 24.99 -45.62
N THR D 200 -19.27 23.82 -46.16
CA THR D 200 -19.88 23.32 -47.38
C THR D 200 -20.07 21.83 -47.24
N THR D 201 -21.31 21.40 -47.05
CA THR D 201 -21.60 19.99 -46.90
C THR D 201 -22.32 19.51 -48.14
N LEU D 202 -22.78 18.27 -48.11
CA LEU D 202 -23.85 17.82 -48.98
C LEU D 202 -25.16 17.85 -48.22
N ASP D 203 -26.21 17.38 -48.86
CA ASP D 203 -27.47 17.15 -48.17
C ASP D 203 -27.34 16.01 -47.19
N ASN D 204 -27.83 16.22 -45.96
CA ASN D 204 -27.98 15.19 -44.92
C ASN D 204 -26.65 14.57 -44.49
N GLN D 205 -25.57 15.32 -44.62
CA GLN D 205 -24.25 14.85 -44.21
C GLN D 205 -23.66 15.86 -43.24
N GLU D 206 -23.45 15.44 -42.00
CA GLU D 206 -22.98 16.37 -40.98
C GLU D 206 -21.52 16.72 -41.21
N ALA D 207 -21.15 17.91 -40.73
CA ALA D 207 -19.82 18.44 -40.93
C ALA D 207 -19.61 19.55 -39.92
N PHE D 208 -18.37 19.72 -39.49
CA PHE D 208 -18.10 20.78 -38.54
C PHE D 208 -16.84 21.50 -38.96
N PHE D 209 -16.36 22.34 -38.06
CA PHE D 209 -15.32 23.30 -38.35
C PHE D 209 -14.81 23.78 -37.01
N MET D 210 -13.58 24.30 -36.98
CA MET D 210 -12.93 24.68 -35.74
C MET D 210 -11.75 25.56 -36.07
N VAL D 211 -11.50 26.58 -35.27
CA VAL D 211 -10.26 27.35 -35.37
C VAL D 211 -9.64 27.49 -34.00
N GLY D 212 -9.97 26.59 -33.09
CA GLY D 212 -9.62 26.75 -31.69
C GLY D 212 -8.26 26.24 -31.30
N GLN D 213 -8.17 25.78 -30.06
CA GLN D 213 -6.95 25.27 -29.47
C GLN D 213 -7.25 23.95 -28.78
N ASP D 214 -6.23 23.39 -28.13
CA ASP D 214 -6.39 22.25 -27.24
C ASP D 214 -5.73 22.61 -25.92
N VAL D 215 -6.52 22.67 -24.86
CA VAL D 215 -6.03 23.14 -23.57
C VAL D 215 -5.98 21.95 -22.62
N PRO D 216 -4.90 21.77 -21.86
CA PRO D 216 -4.85 20.69 -20.87
C PRO D 216 -5.78 20.97 -19.70
N VAL D 217 -6.84 20.19 -19.62
CA VAL D 217 -7.81 20.27 -18.54
C VAL D 217 -7.59 19.08 -17.63
N LEU D 218 -7.29 19.34 -16.36
CA LEU D 218 -7.02 18.26 -15.42
C LEU D 218 -8.30 17.84 -14.73
N THR D 219 -8.54 16.53 -14.67
CA THR D 219 -9.66 15.93 -13.96
C THR D 219 -9.07 14.96 -12.95
N GLY D 220 -8.65 15.48 -11.81
CA GLY D 220 -8.06 14.65 -10.77
C GLY D 220 -6.54 14.69 -10.80
N THR D 233 -6.00 12.97 -13.80
CA THR D 233 -6.26 12.54 -15.16
C THR D 233 -6.49 13.75 -16.06
N VAL D 234 -5.40 14.24 -16.66
CA VAL D 234 -5.49 15.40 -17.53
C VAL D 234 -6.11 14.98 -18.85
N GLU D 235 -7.07 15.77 -19.32
CA GLU D 235 -7.77 15.46 -20.56
C GLU D 235 -7.75 16.68 -21.46
N ARG D 236 -7.58 16.45 -22.76
CA ARG D 236 -7.50 17.53 -23.74
C ARG D 236 -8.90 17.98 -24.10
N LYS D 237 -9.15 19.28 -23.98
CA LYS D 237 -10.46 19.85 -24.27
C LYS D 237 -10.34 20.89 -25.35
N LYS D 238 -11.26 20.86 -26.30
CA LYS D 238 -11.24 21.76 -27.44
C LYS D 238 -11.97 23.06 -27.12
N VAL D 239 -11.45 24.17 -27.65
CA VAL D 239 -12.06 25.48 -27.49
C VAL D 239 -12.23 26.09 -28.87
N GLY D 240 -12.64 27.36 -28.92
CA GLY D 240 -12.66 28.09 -30.16
C GLY D 240 -13.92 27.88 -30.97
N ILE D 241 -13.97 28.60 -32.11
CA ILE D 241 -15.18 28.77 -32.88
C ILE D 241 -15.54 27.48 -33.60
N MET D 242 -16.54 26.78 -33.10
CA MET D 242 -17.00 25.54 -33.70
C MET D 242 -18.35 25.78 -34.37
N LEU D 243 -18.61 25.04 -35.44
CA LEU D 243 -19.87 25.19 -36.17
C LEU D 243 -20.22 23.83 -36.75
N LYS D 244 -21.03 23.06 -36.03
CA LYS D 244 -21.40 21.73 -36.47
C LYS D 244 -22.84 21.74 -36.99
N VAL D 245 -22.98 21.62 -38.31
CA VAL D 245 -24.27 21.74 -38.94
C VAL D 245 -24.62 20.39 -39.55
N THR D 246 -25.92 20.17 -39.81
CA THR D 246 -26.38 18.99 -40.53
C THR D 246 -27.59 19.40 -41.35
N PRO D 247 -27.36 20.02 -42.51
CA PRO D 247 -28.47 20.61 -43.24
C PRO D 247 -29.28 19.59 -44.03
N GLN D 248 -30.55 19.88 -44.17
CA GLN D 248 -31.49 19.08 -44.94
C GLN D 248 -32.25 20.00 -45.87
N ILE D 249 -32.40 19.58 -47.11
CA ILE D 249 -33.04 20.40 -48.13
C ILE D 249 -34.51 20.01 -48.21
N ASN D 250 -35.38 20.91 -47.79
CA ASN D 250 -36.82 20.72 -47.91
C ASN D 250 -37.33 21.37 -49.18
N GLU D 251 -38.46 20.87 -49.66
CA GLU D 251 -39.00 21.36 -50.92
C GLU D 251 -39.61 22.74 -50.76
N GLY D 252 -39.65 23.48 -51.85
CA GLY D 252 -39.80 24.92 -51.78
C GLY D 252 -38.51 25.64 -51.57
N ASN D 253 -37.37 24.93 -51.70
CA ASN D 253 -36.01 25.45 -51.51
C ASN D 253 -35.81 26.04 -50.12
N ALA D 254 -36.34 25.36 -49.12
CA ALA D 254 -36.11 25.71 -47.74
C ALA D 254 -35.15 24.72 -47.12
N VAL D 255 -34.34 25.19 -46.17
CA VAL D 255 -33.25 24.42 -45.60
C VAL D 255 -33.50 24.25 -44.12
N GLN D 256 -33.57 23.01 -43.67
CA GLN D 256 -33.64 22.69 -42.25
C GLN D 256 -32.24 22.34 -41.77
N MET D 257 -31.80 22.99 -40.69
CA MET D 257 -30.45 22.81 -40.19
C MET D 257 -30.48 22.38 -38.73
N VAL D 258 -29.56 21.52 -38.36
CA VAL D 258 -29.36 21.16 -36.96
C VAL D 258 -28.01 21.72 -36.56
N ILE D 259 -27.99 22.93 -36.05
CA ILE D 259 -26.76 23.67 -35.81
C ILE D 259 -26.38 23.57 -34.35
N GLU D 260 -25.13 23.22 -34.09
CA GLU D 260 -24.59 23.12 -32.73
C GLU D 260 -23.33 23.96 -32.69
N GLN D 261 -23.49 25.26 -32.49
CA GLN D 261 -22.39 26.20 -32.56
C GLN D 261 -21.80 26.41 -31.16
N GLU D 262 -20.55 26.87 -31.13
CA GLU D 262 -19.85 27.15 -29.89
C GLU D 262 -18.78 28.20 -30.18
N VAL D 263 -18.63 29.16 -29.29
CA VAL D 263 -17.53 30.11 -29.34
C VAL D 263 -16.87 30.07 -27.97
N SER D 264 -15.79 29.31 -27.84
CA SER D 264 -15.09 29.22 -26.58
C SER D 264 -13.85 30.09 -26.61
N LYS D 265 -13.35 30.41 -25.42
CA LYS D 265 -12.24 31.35 -25.29
C LYS D 265 -11.59 31.12 -23.93
N VAL D 266 -10.27 31.08 -23.91
CA VAL D 266 -9.54 30.82 -22.67
C VAL D 266 -9.49 32.10 -21.85
N GLU D 267 -10.13 32.08 -20.69
CA GLU D 267 -10.01 33.16 -19.73
C GLU D 267 -8.97 32.80 -18.69
N GLY D 268 -8.41 33.82 -18.05
CA GLY D 268 -7.34 33.57 -17.12
C GLY D 268 -7.80 33.20 -15.74
N GLN D 269 -7.34 34.00 -14.77
CA GLN D 269 -7.69 33.82 -13.36
C GLN D 269 -6.85 32.69 -12.84
N THR D 270 -7.22 31.49 -13.23
CA THR D 270 -6.49 30.28 -12.85
C THR D 270 -6.55 29.93 -11.36
N SER D 271 -7.77 29.68 -10.85
CA SER D 271 -7.94 29.52 -9.41
C SER D 271 -7.37 28.19 -8.93
N LEU D 272 -7.95 27.09 -9.39
CA LEU D 272 -7.37 25.76 -9.29
C LEU D 272 -6.94 25.23 -10.64
N ASP D 273 -7.62 25.66 -11.70
CA ASP D 273 -7.27 25.31 -13.06
C ASP D 273 -7.72 26.47 -13.94
N VAL D 274 -7.49 26.37 -15.24
CA VAL D 274 -7.84 27.44 -16.15
C VAL D 274 -9.35 27.42 -16.38
N VAL D 275 -9.93 28.60 -16.58
CA VAL D 275 -11.36 28.72 -16.83
C VAL D 275 -11.55 29.12 -18.28
N PHE D 276 -12.76 28.88 -18.78
CA PHE D 276 -13.09 29.14 -20.17
C PHE D 276 -14.18 30.19 -20.22
N GLY D 277 -14.59 30.55 -21.43
CA GLY D 277 -15.87 31.21 -21.59
C GLY D 277 -16.59 30.66 -22.79
N GLU D 278 -17.74 30.01 -22.60
CA GLU D 278 -18.46 29.43 -23.72
C GLU D 278 -19.65 30.29 -24.09
N ARG D 279 -20.07 30.19 -25.34
CA ARG D 279 -21.23 30.90 -25.85
C ARG D 279 -22.05 29.97 -26.73
N LYS D 280 -22.13 28.70 -26.37
CA LYS D 280 -22.66 27.69 -27.26
C LYS D 280 -24.18 27.75 -27.33
N LEU D 281 -24.72 27.10 -28.35
CA LEU D 281 -26.15 26.93 -28.53
C LEU D 281 -26.37 25.73 -29.43
N LYS D 282 -27.47 25.02 -29.20
CA LYS D 282 -27.77 23.81 -29.96
C LYS D 282 -29.24 23.86 -30.36
N THR D 283 -29.52 24.50 -31.49
CA THR D 283 -30.89 24.70 -31.92
C THR D 283 -31.16 24.00 -33.24
N THR D 284 -32.35 24.23 -33.78
CA THR D 284 -32.76 23.62 -35.04
C THR D 284 -33.68 24.62 -35.74
N VAL D 285 -33.20 25.24 -36.80
CA VAL D 285 -33.94 26.29 -37.47
C VAL D 285 -34.39 25.80 -38.84
N LEU D 286 -35.26 26.59 -39.47
CA LEU D 286 -35.76 26.29 -40.82
C LEU D 286 -35.75 27.62 -41.58
N ALA D 287 -34.64 27.89 -42.25
CA ALA D 287 -34.48 29.14 -42.97
C ALA D 287 -34.89 28.98 -44.42
N ASN D 288 -34.95 30.11 -45.12
CA ASN D 288 -35.28 30.11 -46.54
C ASN D 288 -34.05 29.85 -47.39
N ASP D 289 -34.16 30.14 -48.69
CA ASP D 289 -33.13 29.70 -49.64
C ASP D 289 -31.83 30.48 -49.47
N GLY D 290 -31.91 31.78 -49.23
CA GLY D 290 -30.72 32.57 -49.02
C GLY D 290 -30.91 33.67 -48.00
N GLU D 291 -32.01 33.61 -47.25
CA GLU D 291 -32.38 34.67 -46.34
C GLU D 291 -31.80 34.42 -44.97
N LEU D 292 -31.50 35.51 -44.26
CA LEU D 292 -30.97 35.41 -42.92
C LEU D 292 -32.08 35.08 -41.94
N ILE D 293 -31.71 34.42 -40.86
CA ILE D 293 -32.60 34.23 -39.73
C ILE D 293 -31.78 34.34 -38.44
N VAL D 294 -32.33 35.02 -37.45
CA VAL D 294 -31.68 35.14 -36.16
C VAL D 294 -31.91 33.87 -35.37
N LEU D 295 -30.82 33.33 -34.82
CA LEU D 295 -30.91 32.12 -34.01
C LEU D 295 -31.03 32.43 -32.53
N GLY D 296 -30.02 33.08 -31.98
CA GLY D 296 -30.00 33.35 -30.56
C GLY D 296 -29.56 34.77 -30.29
N GLY D 297 -29.19 35.05 -29.06
CA GLY D 297 -28.72 36.38 -28.74
C GLY D 297 -28.78 36.64 -27.26
N LEU D 298 -28.24 37.81 -26.90
CA LEU D 298 -28.26 38.26 -25.52
C LEU D 298 -28.05 39.76 -25.54
N MET D 299 -29.03 40.51 -25.06
CA MET D 299 -28.89 41.96 -24.93
C MET D 299 -28.76 42.26 -23.45
N ASP D 300 -27.54 42.16 -22.95
CA ASP D 300 -27.26 42.50 -21.58
C ASP D 300 -27.33 44.01 -21.40
N ASP D 301 -27.66 44.44 -20.19
CA ASP D 301 -27.78 45.86 -19.87
C ASP D 301 -27.69 45.98 -18.36
N GLN D 302 -26.73 46.74 -17.86
CA GLN D 302 -26.57 46.90 -16.43
C GLN D 302 -26.55 48.38 -16.08
N ALA D 303 -26.45 48.64 -14.78
CA ALA D 303 -26.28 49.96 -14.22
C ALA D 303 -25.64 49.78 -12.85
N GLY D 304 -25.60 50.86 -12.08
CA GLY D 304 -24.97 50.78 -10.78
C GLY D 304 -24.80 52.14 -10.13
N GLU D 305 -24.67 52.14 -8.81
CA GLU D 305 -24.51 53.36 -8.02
C GLU D 305 -24.02 52.97 -6.64
N SER D 306 -23.00 53.67 -6.16
CA SER D 306 -22.53 53.45 -4.78
C SER D 306 -22.00 54.78 -4.27
N VAL D 307 -22.87 55.56 -3.64
CA VAL D 307 -22.49 56.81 -2.99
C VAL D 307 -22.23 56.48 -1.52
N ALA D 308 -21.32 57.23 -0.90
CA ALA D 308 -20.95 56.99 0.49
C ALA D 308 -20.82 58.34 1.19
N LYS D 309 -21.89 58.78 1.84
CA LYS D 309 -21.92 60.11 2.43
C LYS D 309 -21.28 60.17 3.80
N VAL D 310 -21.44 61.31 4.45
CA VAL D 310 -21.26 61.48 5.89
C VAL D 310 -22.60 62.07 6.33
N PRO D 311 -23.27 61.51 7.37
CA PRO D 311 -24.74 61.62 7.50
C PRO D 311 -25.38 63.00 7.50
N LEU D 312 -24.86 63.95 8.27
CA LEU D 312 -25.48 65.26 8.29
C LEU D 312 -24.85 66.18 7.24
N LEU D 313 -23.53 66.22 7.19
CA LEU D 313 -22.83 67.09 6.24
C LEU D 313 -22.50 66.38 4.93
N GLY D 314 -23.49 65.69 4.38
CA GLY D 314 -23.32 65.03 3.10
C GLY D 314 -24.27 65.57 2.06
N ASP D 315 -25.43 66.04 2.51
CA ASP D 315 -26.44 66.61 1.62
C ASP D 315 -26.43 68.14 1.59
N ILE D 316 -25.28 68.74 1.88
CA ILE D 316 -25.08 70.18 1.69
C ILE D 316 -25.12 70.43 0.18
N PRO D 317 -25.95 71.34 -0.31
CA PRO D 317 -26.11 71.48 -1.77
C PRO D 317 -24.93 72.15 -2.45
N LEU D 318 -24.02 72.74 -1.69
CA LEU D 318 -22.91 73.46 -2.30
C LEU D 318 -21.58 72.74 -2.09
N ILE D 319 -21.21 72.48 -0.85
CA ILE D 319 -19.88 71.93 -0.54
C ILE D 319 -20.02 70.50 -0.04
N GLY D 320 -21.22 69.95 -0.10
CA GLY D 320 -21.44 68.57 0.31
C GLY D 320 -20.84 67.56 -0.64
N ASN D 321 -20.59 67.98 -1.88
CA ASN D 321 -20.07 67.12 -2.94
C ASN D 321 -18.68 66.60 -2.62
N LEU D 322 -17.90 67.36 -1.84
CA LEU D 322 -16.57 66.91 -1.43
C LEU D 322 -16.62 66.23 -0.06
N PHE D 323 -17.61 65.36 0.09
CA PHE D 323 -17.68 64.48 1.25
C PHE D 323 -18.08 63.07 0.85
N LYS D 324 -18.61 62.91 -0.37
CA LYS D 324 -19.15 61.64 -0.82
C LYS D 324 -18.22 61.02 -1.86
N SER D 325 -18.08 59.70 -1.80
CA SER D 325 -17.28 58.97 -2.78
C SER D 325 -18.23 58.32 -3.78
N THR D 326 -18.68 59.12 -4.74
CA THR D 326 -19.73 58.70 -5.66
C THR D 326 -19.15 57.74 -6.70
N ALA D 327 -19.43 56.46 -6.53
CA ALA D 327 -19.11 55.51 -7.58
C ALA D 327 -20.21 55.52 -8.64
N ASP D 328 -19.95 54.79 -9.72
CA ASP D 328 -20.91 54.58 -10.79
C ASP D 328 -20.40 53.38 -11.58
N LYS D 329 -21.30 52.78 -12.34
CA LYS D 329 -20.92 51.75 -13.32
C LYS D 329 -22.03 51.63 -14.35
N LYS D 330 -21.76 52.04 -15.57
CA LYS D 330 -22.68 51.82 -16.68
C LYS D 330 -22.07 50.80 -17.61
N GLU D 331 -22.87 49.83 -18.05
CA GLU D 331 -22.36 48.77 -18.90
C GLU D 331 -23.50 48.28 -19.78
N LYS D 332 -23.17 47.95 -21.02
CA LYS D 332 -24.16 47.45 -21.97
C LYS D 332 -23.44 46.55 -22.97
N ARG D 333 -24.02 45.40 -23.25
CA ARG D 333 -23.36 44.42 -24.11
C ARG D 333 -24.40 43.66 -24.91
N ASN D 334 -24.29 43.70 -26.22
CA ASN D 334 -25.18 43.00 -27.13
C ASN D 334 -24.47 41.81 -27.75
N LEU D 335 -25.25 40.87 -28.25
CA LEU D 335 -24.72 39.66 -28.85
C LEU D 335 -25.80 39.07 -29.73
N MET D 336 -25.41 38.59 -30.91
CA MET D 336 -26.33 37.93 -31.82
C MET D 336 -25.62 36.80 -32.53
N VAL D 337 -26.42 35.85 -33.03
CA VAL D 337 -25.94 34.76 -33.86
C VAL D 337 -26.90 34.63 -35.03
N PHE D 338 -26.39 34.86 -36.23
CA PHE D 338 -27.17 34.80 -37.46
C PHE D 338 -26.73 33.59 -38.27
N ILE D 339 -27.42 33.36 -39.38
CA ILE D 339 -27.04 32.29 -40.30
C ILE D 339 -27.56 32.66 -41.68
N ARG D 340 -26.99 32.02 -42.70
CA ARG D 340 -27.47 32.18 -44.08
C ARG D 340 -27.15 30.90 -44.83
N PRO D 341 -28.14 30.06 -45.09
CA PRO D 341 -27.91 28.92 -45.96
C PRO D 341 -27.91 29.34 -47.42
N THR D 342 -27.18 28.56 -48.23
CA THR D 342 -27.05 28.84 -49.65
C THR D 342 -26.90 27.51 -50.37
N ILE D 343 -27.95 27.07 -51.06
CA ILE D 343 -27.84 25.82 -51.81
C ILE D 343 -27.08 26.08 -53.10
N LEU D 344 -26.40 25.05 -53.59
CA LEU D 344 -25.58 25.15 -54.78
C LEU D 344 -26.09 24.14 -55.79
N ARG D 345 -26.63 24.62 -56.90
CA ARG D 345 -27.26 23.73 -57.88
C ARG D 345 -26.23 23.02 -58.74
N ASP D 346 -25.47 23.78 -59.52
CA ASP D 346 -24.66 23.22 -60.60
C ASP D 346 -23.32 23.95 -60.60
N GLY D 347 -22.59 23.83 -61.71
CA GLY D 347 -21.35 24.56 -61.88
C GLY D 347 -21.51 26.06 -61.99
N MET D 348 -22.72 26.54 -62.28
CA MET D 348 -22.97 27.98 -62.24
C MET D 348 -23.02 28.50 -60.81
N ALA D 349 -23.54 27.70 -59.88
CA ALA D 349 -23.66 28.14 -58.49
C ALA D 349 -22.29 28.15 -57.81
N ALA D 350 -21.56 27.04 -57.91
CA ALA D 350 -20.19 26.99 -57.40
C ALA D 350 -19.26 27.89 -58.18
N ASP D 351 -19.59 28.17 -59.45
CA ASP D 351 -18.92 29.22 -60.21
C ASP D 351 -19.10 30.57 -59.53
N GLY D 352 -20.33 30.89 -59.14
CA GLY D 352 -20.60 32.16 -58.47
C GLY D 352 -19.97 32.31 -57.11
N VAL D 353 -20.25 31.34 -56.22
CA VAL D 353 -19.78 31.43 -54.84
C VAL D 353 -18.28 31.20 -54.76
N SER D 354 -17.79 30.16 -55.44
CA SER D 354 -16.36 29.88 -55.41
C SER D 354 -15.57 30.92 -56.18
N GLN D 355 -16.19 31.57 -57.17
CA GLN D 355 -15.53 32.66 -57.88
C GLN D 355 -15.43 33.90 -57.01
N ARG D 356 -16.49 34.24 -56.27
CA ARG D 356 -16.42 35.44 -55.46
C ARG D 356 -15.55 35.25 -54.22
N LYS D 357 -15.53 34.04 -53.65
CA LYS D 357 -14.65 33.80 -52.51
C LYS D 357 -13.19 33.69 -52.97
N TYR D 358 -12.95 32.94 -54.04
CA TYR D 358 -11.59 32.72 -54.52
C TYR D 358 -10.98 34.01 -55.07
N ASN D 359 -11.73 34.72 -55.93
CA ASN D 359 -11.22 35.98 -56.44
C ASN D 359 -11.30 37.12 -55.43
N TYR D 360 -12.11 36.97 -54.38
CA TYR D 360 -12.07 37.95 -53.30
C TYR D 360 -10.81 37.79 -52.46
N MET D 361 -10.45 36.55 -52.13
CA MET D 361 -9.25 36.33 -51.33
C MET D 361 -7.98 36.56 -52.14
N ARG D 362 -7.99 36.14 -53.41
CA ARG D 362 -6.90 36.47 -54.31
C ARG D 362 -6.78 37.97 -54.52
N ALA D 363 -7.93 38.64 -54.59
CA ALA D 363 -7.93 40.10 -54.70
C ALA D 363 -7.33 40.74 -53.46
N GLU D 364 -7.60 40.18 -52.28
CA GLU D 364 -6.96 40.68 -51.07
C GLU D 364 -5.46 40.42 -51.05
N GLN D 365 -5.02 39.31 -51.64
CA GLN D 365 -3.58 39.10 -51.78
C GLN D 365 -2.95 40.05 -52.79
N ILE D 366 -3.72 40.47 -53.79
CA ILE D 366 -3.25 41.52 -54.70
C ILE D 366 -3.16 42.85 -53.95
N TYR D 367 -4.10 43.12 -53.05
CA TYR D 367 -3.94 44.28 -52.17
C TYR D 367 -2.84 44.09 -51.14
N ARG D 368 -2.33 42.88 -50.96
CA ARG D 368 -1.09 42.68 -50.23
C ARG D 368 0.13 42.67 -51.13
N ASP D 369 -0.07 42.72 -52.45
CA ASP D 369 1.04 42.78 -53.40
C ASP D 369 1.36 44.21 -53.82
N GLU D 370 0.33 45.01 -54.13
CA GLU D 370 0.55 46.43 -54.41
C GLU D 370 1.02 47.15 -53.15
N GLN D 371 0.37 46.89 -52.01
CA GLN D 371 0.89 47.31 -50.72
C GLN D 371 2.03 46.36 -50.38
N GLY D 372 3.22 46.71 -50.85
CA GLY D 372 4.37 45.83 -50.76
C GLY D 372 5.05 45.90 -49.40
N LEU D 373 6.10 45.11 -49.27
CA LEU D 373 6.90 45.12 -48.05
C LEU D 373 7.69 46.41 -47.95
N SER D 374 7.98 46.81 -46.71
CA SER D 374 8.64 48.08 -46.47
C SER D 374 10.13 48.06 -46.79
N LEU D 375 10.72 46.87 -46.95
CA LEU D 375 12.16 46.74 -47.14
C LEU D 375 12.53 46.36 -48.56
N MET D 376 11.99 45.25 -49.06
CA MET D 376 12.39 44.73 -50.37
C MET D 376 11.21 44.77 -51.33
N PRO D 377 11.21 45.67 -52.31
CA PRO D 377 10.18 45.59 -53.37
C PRO D 377 10.36 44.39 -54.28
N HIS D 378 11.57 43.86 -54.38
CA HIS D 378 11.86 42.73 -55.27
C HIS D 378 11.73 41.40 -54.51
N THR D 379 10.53 41.18 -53.96
CA THR D 379 10.22 39.94 -53.27
C THR D 379 8.76 39.62 -53.52
N ALA D 380 8.50 38.44 -54.08
CA ALA D 380 7.15 38.07 -54.48
C ALA D 380 6.31 37.67 -53.27
N GLN D 381 5.13 38.25 -53.17
CA GLN D 381 4.17 37.81 -52.16
C GLN D 381 3.56 36.47 -52.57
N PRO D 382 3.12 35.67 -51.60
CA PRO D 382 2.36 34.46 -51.94
C PRO D 382 1.01 34.80 -52.55
N ILE D 383 0.83 34.53 -53.84
CA ILE D 383 -0.40 34.87 -54.53
C ILE D 383 -1.01 33.59 -55.08
N LEU D 384 -2.34 33.58 -55.15
CA LEU D 384 -3.08 32.45 -55.67
C LEU D 384 -2.86 32.31 -57.17
N PRO D 385 -3.09 31.10 -57.74
CA PRO D 385 -2.98 30.95 -59.21
C PRO D 385 -4.01 31.72 -60.01
N ALA D 386 -3.93 31.59 -61.33
CA ALA D 386 -4.65 32.49 -62.23
C ALA D 386 -6.16 32.20 -62.22
N GLN D 387 -6.55 30.99 -62.60
CA GLN D 387 -7.96 30.67 -62.75
C GLN D 387 -8.29 29.28 -62.21
N GLY E 1 -11.12 -28.63 -66.17
CA GLY E 1 -12.36 -29.05 -66.81
C GLY E 1 -13.59 -28.65 -66.03
N ASN E 2 -13.76 -29.27 -64.86
CA ASN E 2 -14.89 -28.93 -63.99
C ASN E 2 -14.64 -27.59 -63.32
N SER E 3 -13.54 -27.47 -62.59
CA SER E 3 -13.16 -26.21 -61.99
C SER E 3 -12.15 -25.48 -62.87
N GLN E 4 -12.12 -24.16 -62.73
CA GLN E 4 -11.25 -23.32 -63.54
C GLN E 4 -10.54 -22.30 -62.65
N VAL E 5 -9.53 -21.67 -63.24
CA VAL E 5 -8.72 -20.66 -62.55
C VAL E 5 -8.76 -19.39 -63.38
N PHE E 6 -9.16 -18.29 -62.73
CA PHE E 6 -9.22 -16.98 -63.38
C PHE E 6 -8.11 -16.10 -62.84
N TYR E 7 -7.35 -15.48 -63.74
CA TYR E 7 -6.36 -14.50 -63.35
C TYR E 7 -7.00 -13.12 -63.39
N LEU E 8 -7.11 -12.48 -62.23
CA LEU E 8 -7.65 -11.13 -62.17
C LEU E 8 -6.64 -10.16 -62.74
N LYS E 9 -7.12 -9.23 -63.57
CA LYS E 9 -6.23 -8.34 -64.30
C LYS E 9 -6.15 -6.94 -63.71
N TYR E 10 -7.11 -6.55 -62.86
CA TYR E 10 -7.06 -5.22 -62.27
C TYR E 10 -7.46 -5.17 -60.80
N SER E 11 -7.76 -6.30 -60.17
CA SER E 11 -8.28 -6.27 -58.81
C SER E 11 -7.62 -7.36 -57.98
N LYS E 12 -7.63 -7.16 -56.67
CA LYS E 12 -7.09 -8.15 -55.76
C LYS E 12 -8.02 -9.35 -55.67
N ALA E 13 -7.46 -10.48 -55.23
CA ALA E 13 -8.22 -11.71 -55.20
C ALA E 13 -9.07 -11.84 -53.95
N GLU E 14 -8.57 -11.33 -52.82
CA GLU E 14 -9.29 -11.50 -51.55
C GLU E 14 -10.57 -10.66 -51.52
N ASP E 15 -10.57 -9.53 -52.20
CA ASP E 15 -11.79 -8.73 -52.33
C ASP E 15 -12.85 -9.47 -53.14
N LEU E 16 -12.41 -10.10 -54.23
CA LEU E 16 -13.34 -10.84 -55.09
C LEU E 16 -13.88 -12.08 -54.41
N VAL E 17 -13.07 -12.74 -53.57
CA VAL E 17 -13.66 -13.89 -52.87
C VAL E 17 -14.57 -13.40 -51.74
N ASP E 18 -14.25 -12.27 -51.11
CA ASP E 18 -15.14 -11.72 -50.07
C ASP E 18 -16.47 -11.27 -50.65
N VAL E 19 -16.50 -10.88 -51.91
CA VAL E 19 -17.77 -10.63 -52.57
C VAL E 19 -18.44 -11.95 -52.96
N LEU E 20 -17.71 -12.84 -53.62
CA LEU E 20 -18.32 -14.01 -54.25
C LEU E 20 -18.62 -15.15 -53.28
N LYS E 21 -18.37 -15.01 -51.97
CA LYS E 21 -18.95 -15.98 -51.06
C LYS E 21 -20.46 -15.83 -50.94
N GLN E 22 -20.99 -14.67 -51.29
CA GLN E 22 -22.42 -14.39 -51.15
C GLN E 22 -23.22 -14.69 -52.41
N VAL E 23 -22.58 -14.62 -53.58
CA VAL E 23 -23.32 -14.76 -54.83
C VAL E 23 -23.68 -16.22 -55.08
N SER E 24 -22.69 -17.12 -54.98
CA SER E 24 -22.95 -18.53 -55.23
C SER E 24 -23.77 -19.16 -54.11
N GLY E 25 -23.61 -18.68 -52.88
CA GLY E 25 -24.21 -19.32 -51.73
C GLY E 25 -25.72 -19.30 -51.71
N THR E 26 -26.33 -18.35 -52.40
CA THR E 26 -27.76 -18.40 -52.68
C THR E 26 -28.06 -18.56 -54.15
N LEU E 27 -27.05 -18.44 -55.02
CA LEU E 27 -27.26 -18.69 -56.44
C LEU E 27 -27.44 -20.18 -56.73
N THR E 28 -26.96 -21.05 -55.85
CA THR E 28 -27.26 -22.48 -56.00
C THR E 28 -28.73 -22.79 -55.81
N ALA E 29 -29.43 -22.01 -54.99
CA ALA E 29 -30.86 -22.20 -54.78
C ALA E 29 -31.65 -21.71 -55.99
N VAL E 44 -20.55 -28.60 -53.68
CA VAL E 44 -21.55 -27.62 -54.10
C VAL E 44 -20.83 -26.57 -54.93
N VAL E 45 -20.29 -25.54 -54.26
CA VAL E 45 -19.50 -24.50 -54.89
C VAL E 45 -18.30 -24.19 -54.01
N SER E 46 -17.21 -23.75 -54.65
CA SER E 46 -16.01 -23.36 -53.91
C SER E 46 -15.35 -22.20 -54.61
N ILE E 47 -15.17 -21.10 -53.89
CA ILE E 47 -14.41 -19.96 -54.35
C ILE E 47 -13.26 -19.79 -53.37
N ALA E 48 -12.04 -20.00 -53.84
CA ALA E 48 -10.84 -19.82 -53.04
C ALA E 48 -9.86 -18.95 -53.81
N ALA E 49 -9.11 -18.13 -53.08
CA ALA E 49 -8.27 -17.10 -53.68
C ALA E 49 -6.81 -17.37 -53.35
N SER E 50 -6.02 -17.64 -54.38
CA SER E 50 -4.57 -17.76 -54.23
C SER E 50 -3.98 -16.37 -54.12
N LYS E 51 -3.55 -15.98 -52.91
CA LYS E 51 -3.14 -14.61 -52.67
C LYS E 51 -1.80 -14.30 -53.30
N HIS E 52 -0.87 -15.26 -53.28
CA HIS E 52 0.47 -14.98 -53.75
C HIS E 52 0.54 -14.90 -55.27
N SER E 53 -0.37 -15.55 -55.97
CA SER E 53 -0.29 -15.65 -57.43
C SER E 53 -1.42 -14.93 -58.15
N ASN E 54 -2.23 -14.15 -57.43
CA ASN E 54 -3.25 -13.24 -57.98
C ASN E 54 -4.28 -13.99 -58.82
N ALA E 55 -4.94 -14.95 -58.17
CA ALA E 55 -5.93 -15.74 -58.88
C ALA E 55 -6.93 -16.30 -57.89
N LEU E 56 -8.20 -16.26 -58.26
CA LEU E 56 -9.24 -16.95 -57.54
C LEU E 56 -9.66 -18.18 -58.33
N ILE E 57 -10.12 -19.20 -57.61
CA ILE E 57 -10.41 -20.50 -58.20
C ILE E 57 -11.89 -20.81 -58.00
N VAL E 58 -12.60 -21.00 -59.10
CA VAL E 58 -14.02 -21.26 -59.10
C VAL E 58 -14.24 -22.75 -59.32
N THR E 59 -14.99 -23.38 -58.43
CA THR E 59 -15.41 -24.77 -58.57
C THR E 59 -16.93 -24.79 -58.54
N ALA E 60 -17.54 -25.03 -59.69
CA ALA E 60 -18.98 -24.85 -59.84
C ALA E 60 -19.47 -25.68 -61.02
N PRO E 61 -20.76 -25.99 -61.08
CA PRO E 61 -21.32 -26.59 -62.30
C PRO E 61 -21.31 -25.61 -63.46
N GLN E 62 -21.65 -26.13 -64.64
CA GLN E 62 -21.47 -25.39 -65.88
C GLN E 62 -22.42 -24.19 -66.00
N ASP E 63 -23.59 -24.27 -65.39
CA ASP E 63 -24.54 -23.16 -65.48
C ASP E 63 -24.14 -22.02 -64.55
N ILE E 64 -23.62 -22.35 -63.37
CA ILE E 64 -23.15 -21.34 -62.43
C ILE E 64 -21.84 -20.74 -62.94
N MET E 65 -21.06 -21.52 -63.68
CA MET E 65 -19.73 -21.10 -64.13
C MET E 65 -19.82 -19.94 -65.12
N GLN E 66 -20.84 -19.92 -65.96
CA GLN E 66 -21.01 -18.81 -66.89
C GLN E 66 -21.49 -17.56 -66.18
N SER E 67 -22.29 -17.71 -65.12
CA SER E 67 -22.76 -16.57 -64.34
C SER E 67 -21.60 -15.93 -63.59
N LEU E 68 -20.86 -16.73 -62.82
CA LEU E 68 -19.72 -16.20 -62.07
C LEU E 68 -18.61 -15.73 -62.99
N GLN E 69 -18.46 -16.39 -64.16
CA GLN E 69 -17.51 -15.91 -65.15
C GLN E 69 -17.92 -14.54 -65.69
N SER E 70 -19.23 -14.33 -65.88
CA SER E 70 -19.70 -13.03 -66.35
C SER E 70 -19.53 -11.96 -65.29
N VAL E 71 -19.71 -12.31 -64.02
CA VAL E 71 -19.54 -11.34 -62.94
C VAL E 71 -18.07 -10.96 -62.79
N ILE E 72 -17.17 -11.95 -62.89
CA ILE E 72 -15.73 -11.67 -62.83
C ILE E 72 -15.30 -10.85 -64.06
N GLU E 73 -15.91 -11.10 -65.21
CA GLU E 73 -15.64 -10.27 -66.38
C GLU E 73 -16.16 -8.85 -66.21
N GLN E 74 -17.22 -8.65 -65.42
CA GLN E 74 -17.75 -7.31 -65.23
C GLN E 74 -17.14 -6.57 -64.06
N LEU E 75 -16.40 -7.25 -63.17
CA LEU E 75 -15.77 -6.55 -62.06
C LEU E 75 -14.29 -6.25 -62.28
N ASP E 76 -13.63 -6.98 -63.17
CA ASP E 76 -12.21 -6.80 -63.44
C ASP E 76 -12.07 -5.61 -64.41
N ILE E 77 -12.14 -4.40 -63.83
CA ILE E 77 -12.22 -3.18 -64.62
C ILE E 77 -11.09 -2.23 -64.23
N ARG E 78 -10.73 -1.37 -65.17
CA ARG E 78 -9.70 -0.37 -64.95
C ARG E 78 -10.19 0.69 -63.97
N ARG E 79 -9.44 0.90 -62.90
CA ARG E 79 -9.79 1.87 -61.88
C ARG E 79 -9.07 3.18 -62.15
N ALA E 80 -9.82 4.27 -62.21
CA ALA E 80 -9.19 5.56 -62.45
C ALA E 80 -8.62 6.11 -61.15
N GLN E 81 -7.77 7.13 -61.28
CA GLN E 81 -7.05 7.67 -60.14
C GLN E 81 -7.15 9.19 -60.13
N VAL E 82 -7.20 9.75 -58.92
CA VAL E 82 -7.61 11.14 -58.69
C VAL E 82 -6.51 11.83 -57.89
N HIS E 83 -6.02 12.94 -58.41
CA HIS E 83 -5.09 13.80 -57.69
C HIS E 83 -5.87 14.93 -57.04
N VAL E 84 -5.81 15.01 -55.71
CA VAL E 84 -6.56 15.99 -54.94
C VAL E 84 -5.58 17.04 -54.43
N GLU E 85 -5.88 18.31 -54.70
CA GLU E 85 -5.01 19.41 -54.32
C GLU E 85 -5.81 20.42 -53.51
N ALA E 86 -5.55 20.50 -52.21
CA ALA E 86 -6.31 21.35 -51.31
C ALA E 86 -5.48 22.55 -50.92
N LEU E 87 -5.98 23.74 -51.19
CA LEU E 87 -5.28 24.97 -50.87
C LEU E 87 -5.71 25.50 -49.51
N ILE E 88 -4.84 26.29 -48.90
CA ILE E 88 -5.08 26.91 -47.61
C ILE E 88 -4.59 28.34 -47.68
N VAL E 89 -5.47 29.30 -47.43
CA VAL E 89 -5.13 30.71 -47.47
C VAL E 89 -5.38 31.28 -46.08
N GLU E 90 -4.41 32.01 -45.54
CA GLU E 90 -4.58 32.71 -44.28
C GLU E 90 -3.98 34.10 -44.40
N VAL E 91 -4.81 35.12 -44.27
CA VAL E 91 -4.37 36.51 -44.31
C VAL E 91 -4.74 37.15 -42.98
N ALA E 92 -3.78 37.79 -42.33
CA ALA E 92 -4.00 38.42 -41.04
C ALA E 92 -3.54 39.87 -41.09
N GLU E 93 -4.02 40.67 -40.15
CA GLU E 93 -3.62 42.06 -40.00
C GLU E 93 -3.91 42.51 -38.58
N GLY E 94 -2.92 43.00 -37.87
CA GLY E 94 -3.11 43.48 -36.53
C GLY E 94 -2.37 44.77 -36.25
N SER E 95 -3.10 45.80 -35.81
CA SER E 95 -2.51 47.11 -35.55
C SER E 95 -3.25 47.77 -34.40
N ASN E 96 -2.55 48.01 -33.30
CA ASN E 96 -3.10 48.69 -32.14
C ASN E 96 -2.26 49.92 -31.80
N ILE E 97 -2.94 51.01 -31.42
CA ILE E 97 -2.28 52.27 -31.12
C ILE E 97 -2.45 52.56 -29.64
N ASN E 98 -1.35 52.75 -28.94
CA ASN E 98 -1.41 53.18 -27.55
C ASN E 98 -1.02 54.64 -27.44
N PHE E 99 -1.43 55.24 -26.32
CA PHE E 99 -1.10 56.62 -26.00
C PHE E 99 -1.28 56.77 -24.50
N GLY E 100 -0.60 57.76 -23.92
CA GLY E 100 -0.74 57.96 -22.50
C GLY E 100 0.12 59.07 -21.93
N VAL E 101 -0.47 59.89 -21.07
CA VAL E 101 0.22 60.97 -20.38
C VAL E 101 0.04 60.73 -18.89
N GLN E 102 1.16 60.68 -18.16
CA GLN E 102 1.14 60.41 -16.73
C GLN E 102 1.89 61.51 -16.01
N TRP E 103 1.16 62.36 -15.29
CA TRP E 103 1.76 63.41 -14.50
C TRP E 103 2.13 62.86 -13.12
N GLY E 104 3.18 63.42 -12.53
CA GLY E 104 3.59 62.99 -11.21
C GLY E 104 4.42 64.00 -10.46
N SER E 105 4.01 64.31 -9.24
CA SER E 105 4.79 65.14 -8.34
C SER E 105 5.12 64.33 -7.09
N LYS E 106 6.28 64.60 -6.51
CA LYS E 106 6.71 63.81 -5.35
C LYS E 106 5.94 64.23 -4.09
N ASP E 107 5.48 65.47 -4.02
CA ASP E 107 4.78 65.95 -2.84
C ASP E 107 3.34 66.33 -3.09
N ALA E 108 2.84 66.20 -4.32
CA ALA E 108 1.49 66.67 -4.66
C ALA E 108 0.74 65.62 -5.47
N GLY E 109 0.91 64.34 -5.13
CA GLY E 109 0.15 63.29 -5.74
C GLY E 109 0.64 62.95 -7.14
N LEU E 110 -0.07 61.99 -7.76
CA LEU E 110 0.31 61.48 -9.07
C LEU E 110 -0.94 61.22 -9.90
N MET E 111 -0.78 61.20 -11.22
CA MET E 111 -1.83 60.83 -12.15
C MET E 111 -1.35 59.68 -12.99
N GLN E 112 -1.84 58.48 -12.73
CA GLN E 112 -1.43 57.32 -13.51
C GLN E 112 -2.66 56.70 -14.17
N PHE E 113 -2.39 55.76 -15.08
CA PHE E 113 -3.43 55.02 -15.76
C PHE E 113 -2.92 53.62 -16.03
N ALA E 114 -3.80 52.73 -16.45
CA ALA E 114 -3.43 51.38 -16.87
C ALA E 114 -4.24 50.98 -18.10
N ASN E 115 -3.81 49.90 -18.74
CA ASN E 115 -4.47 49.25 -19.87
C ASN E 115 -4.66 50.21 -21.03
N GLY E 116 -3.53 50.56 -21.65
CA GLY E 116 -3.53 51.47 -22.76
C GLY E 116 -2.34 52.41 -22.74
N THR E 117 -1.79 52.62 -21.56
CA THR E 117 -0.51 53.28 -21.42
C THR E 117 0.60 52.32 -21.00
N GLN E 118 0.24 51.13 -20.51
CA GLN E 118 1.10 49.95 -20.37
C GLN E 118 2.27 50.11 -19.39
N ILE E 119 2.39 51.25 -18.74
CA ILE E 119 3.42 51.47 -17.72
C ILE E 119 2.94 52.52 -16.73
N PRO E 120 2.65 52.13 -15.49
CA PRO E 120 2.20 53.13 -14.50
C PRO E 120 3.36 53.98 -14.01
N ILE E 121 3.04 55.21 -13.62
CA ILE E 121 4.05 56.08 -13.04
C ILE E 121 4.34 55.66 -11.59
N GLY E 122 3.43 54.93 -10.95
CA GLY E 122 3.68 54.48 -9.60
C GLY E 122 4.67 53.33 -9.53
N THR E 123 4.52 52.36 -10.44
CA THR E 123 5.44 51.23 -10.47
C THR E 123 6.80 51.64 -11.01
N LEU E 124 6.82 52.51 -12.01
CA LEU E 124 8.09 52.95 -12.59
C LEU E 124 8.80 53.92 -11.65
N GLY E 125 8.05 54.78 -10.97
CA GLY E 125 8.64 55.63 -9.95
C GLY E 125 9.08 54.85 -8.74
N ALA E 126 8.43 53.72 -8.45
CA ALA E 126 8.89 52.85 -7.38
C ALA E 126 10.16 52.11 -7.78
N ALA E 127 10.24 51.71 -9.04
CA ALA E 127 11.42 50.98 -9.51
C ALA E 127 12.63 51.89 -9.61
N ILE E 128 12.47 53.09 -10.17
CA ILE E 128 13.55 54.05 -10.24
C ILE E 128 13.88 54.59 -8.85
N SER E 129 12.88 54.71 -7.98
CA SER E 129 13.13 55.08 -6.59
C SER E 129 13.91 54.00 -5.84
N ALA E 130 13.75 52.74 -6.25
CA ALA E 130 14.57 51.66 -5.72
C ALA E 130 15.87 51.48 -6.48
N ALA E 131 16.12 52.28 -7.51
CA ALA E 131 17.27 52.06 -8.39
C ALA E 131 18.48 52.93 -8.05
N LYS E 132 18.27 54.08 -7.42
CA LYS E 132 19.41 54.93 -7.09
C LYS E 132 20.18 54.34 -5.92
N PRO E 133 21.49 54.20 -6.02
CA PRO E 133 22.24 53.36 -5.07
C PRO E 133 22.41 54.01 -3.71
N GLN E 134 22.41 53.16 -2.69
CA GLN E 134 22.67 53.57 -1.32
C GLN E 134 24.17 53.63 -1.06
N LYS E 135 24.53 54.27 0.04
CA LYS E 135 25.92 54.38 0.44
C LYS E 135 26.20 53.44 1.61
N GLY E 136 27.48 53.34 1.97
CA GLY E 136 27.92 52.49 3.05
C GLY E 136 28.17 53.25 4.34
N SER E 137 28.97 52.63 5.20
CA SER E 137 29.31 53.23 6.49
C SER E 137 30.29 54.37 6.33
N ASN E 149 31.04 50.41 4.45
CA ASN E 149 32.14 51.22 3.91
C ASN E 149 32.17 51.27 2.35
N PRO E 150 31.93 50.14 1.60
CA PRO E 150 31.72 50.32 0.15
C PRO E 150 30.28 50.69 -0.18
N ASP E 151 30.09 51.44 -1.27
CA ASP E 151 28.76 51.84 -1.74
C ASP E 151 28.40 51.01 -2.97
N THR E 152 27.39 50.16 -2.81
CA THR E 152 27.00 49.24 -3.87
C THR E 152 26.04 49.91 -4.86
N ASN E 153 26.41 49.90 -6.13
CA ASN E 153 25.53 50.28 -7.23
C ASN E 153 25.01 49.00 -7.89
N GLY E 154 24.11 48.32 -7.21
CA GLY E 154 23.62 47.05 -7.69
C GLY E 154 22.15 46.81 -7.42
N ASP E 155 21.41 47.88 -7.13
CA ASP E 155 19.97 47.79 -6.90
C ASP E 155 19.25 47.92 -8.25
N LEU E 156 18.88 46.78 -8.82
CA LEU E 156 18.32 46.74 -10.16
C LEU E 156 17.52 45.44 -10.26
N SER E 157 17.23 45.01 -11.50
CA SER E 157 16.38 43.87 -11.87
C SER E 157 14.94 44.05 -11.43
N THR E 158 14.51 45.31 -11.28
CA THR E 158 13.12 45.68 -11.18
C THR E 158 12.68 46.50 -12.39
N LEU E 159 13.53 47.41 -12.86
CA LEU E 159 13.33 47.99 -14.18
C LEU E 159 13.60 46.98 -15.27
N ALA E 160 14.47 46.00 -15.00
CA ALA E 160 14.76 44.97 -15.99
C ALA E 160 13.61 43.98 -16.15
N GLN E 161 12.71 43.91 -15.17
CA GLN E 161 11.51 43.10 -15.30
C GLN E 161 10.30 43.92 -15.71
N LEU E 162 10.17 45.13 -15.15
CA LEU E 162 9.06 46.00 -15.50
C LEU E 162 9.16 46.53 -16.92
N LEU E 163 10.39 46.71 -17.41
CA LEU E 163 10.64 47.14 -18.77
C LEU E 163 11.05 45.98 -19.67
N SER E 164 10.78 44.74 -19.26
CA SER E 164 11.17 43.59 -20.08
C SER E 164 10.25 43.45 -21.28
N GLY E 165 8.97 43.21 -21.05
CA GLY E 165 8.02 43.22 -22.13
C GLY E 165 7.38 44.59 -22.26
N PHE E 166 7.96 45.43 -23.12
CA PHE E 166 7.53 46.80 -23.30
C PHE E 166 8.13 47.36 -24.58
N SER E 167 7.32 48.03 -25.39
CA SER E 167 7.77 48.50 -26.69
C SER E 167 7.47 49.98 -26.92
N GLY E 168 7.08 50.73 -25.90
CA GLY E 168 6.59 52.07 -26.11
C GLY E 168 7.66 53.13 -26.00
N THR E 169 7.43 54.24 -26.70
CA THR E 169 8.22 55.44 -26.54
C THR E 169 7.82 56.12 -25.24
N ALA E 170 8.72 56.12 -24.27
CA ALA E 170 8.45 56.66 -22.95
C ALA E 170 9.46 57.76 -22.67
N VAL E 171 9.04 59.01 -22.81
CA VAL E 171 9.89 60.16 -22.56
C VAL E 171 9.55 60.72 -21.18
N GLY E 172 10.51 61.39 -20.57
CA GLY E 172 10.28 62.06 -19.31
C GLY E 172 10.47 63.55 -19.41
N VAL E 173 9.38 64.31 -19.33
CA VAL E 173 9.42 65.76 -19.50
C VAL E 173 9.17 66.40 -18.14
N VAL E 174 10.19 67.07 -17.61
CA VAL E 174 10.05 67.80 -16.36
C VAL E 174 9.61 69.22 -16.66
N LYS E 175 8.52 69.66 -16.02
CA LYS E 175 8.00 71.01 -16.25
C LYS E 175 7.33 71.46 -14.95
N GLY E 176 7.99 72.33 -14.21
CA GLY E 176 7.47 72.82 -12.95
C GLY E 176 7.41 71.77 -11.86
N ASP E 177 8.37 70.85 -11.84
CA ASP E 177 8.38 69.64 -11.01
C ASP E 177 7.09 68.84 -11.21
N TRP E 178 6.89 68.43 -12.47
CA TRP E 178 5.80 67.54 -12.85
C TRP E 178 6.35 66.62 -13.92
N MET E 179 6.69 65.39 -13.54
CA MET E 179 7.33 64.46 -14.46
C MET E 179 6.32 63.93 -15.45
N ALA E 180 6.17 64.62 -16.59
CA ALA E 180 5.17 64.28 -17.60
C ALA E 180 5.64 63.06 -18.38
N LEU E 181 5.35 61.89 -17.82
CA LEU E 181 5.73 60.63 -18.46
C LEU E 181 4.78 60.36 -19.61
N VAL E 182 5.21 60.64 -20.83
CA VAL E 182 4.41 60.44 -22.03
C VAL E 182 4.76 59.09 -22.63
N GLN E 183 3.75 58.26 -22.85
CA GLN E 183 3.95 56.94 -23.43
C GLN E 183 3.10 56.82 -24.69
N ALA E 184 3.71 56.31 -25.76
CA ALA E 184 3.03 56.15 -27.05
C ALA E 184 3.74 55.07 -27.87
N VAL E 185 2.97 54.31 -28.64
CA VAL E 185 3.49 53.26 -29.51
C VAL E 185 2.43 52.92 -30.55
N LYS E 186 2.85 52.54 -31.75
CA LYS E 186 1.95 52.00 -32.77
C LYS E 186 2.70 50.93 -33.53
N ASN E 187 2.13 49.74 -33.64
CA ASN E 187 2.78 48.63 -34.33
C ASN E 187 1.79 47.83 -35.17
N ASP E 188 2.05 47.80 -36.47
CA ASP E 188 1.23 47.03 -37.41
C ASP E 188 1.81 45.63 -37.55
N SER E 189 0.99 44.70 -38.03
CA SER E 189 1.39 43.33 -38.31
C SER E 189 0.64 42.85 -39.54
N SER E 190 1.25 41.92 -40.28
CA SER E 190 0.65 41.37 -41.51
C SER E 190 1.26 39.99 -41.76
N SER E 191 0.44 38.96 -41.63
CA SER E 191 0.85 37.61 -41.98
C SER E 191 0.17 37.22 -43.29
N ASN E 192 0.76 36.27 -44.00
CA ASN E 192 0.22 35.77 -45.25
C ASN E 192 0.76 34.37 -45.49
N VAL E 193 -0.10 33.37 -45.34
CA VAL E 193 0.31 31.98 -45.38
C VAL E 193 -0.47 31.25 -46.45
N LEU E 194 0.26 30.65 -47.39
CA LEU E 194 -0.35 29.83 -48.43
C LEU E 194 0.25 28.45 -48.37
N SER E 195 -0.59 27.44 -48.15
CA SER E 195 -0.15 26.06 -48.11
C SER E 195 -1.05 25.23 -49.01
N THR E 196 -0.46 24.21 -49.63
CA THR E 196 -1.20 23.36 -50.56
C THR E 196 -0.65 21.95 -50.56
N PRO E 197 -1.17 21.08 -49.69
CA PRO E 197 -0.86 19.66 -49.80
C PRO E 197 -1.52 19.04 -51.01
N SER E 198 -1.03 17.86 -51.38
CA SER E 198 -1.52 17.13 -52.54
C SER E 198 -1.45 15.64 -52.23
N ILE E 199 -2.27 14.86 -52.93
CA ILE E 199 -2.34 13.43 -52.71
C ILE E 199 -2.73 12.78 -54.03
N THR E 200 -2.50 11.48 -54.15
CA THR E 200 -2.88 10.73 -55.34
C THR E 200 -3.37 9.36 -54.89
N THR E 201 -4.67 9.14 -54.97
CA THR E 201 -5.26 7.89 -54.56
C THR E 201 -5.73 7.15 -55.80
N LEU E 202 -6.40 6.03 -55.59
CA LEU E 202 -7.29 5.47 -56.60
C LEU E 202 -8.72 5.87 -56.27
N ASP E 203 -9.64 5.35 -57.06
CA ASP E 203 -11.06 5.49 -56.72
C ASP E 203 -11.39 4.66 -55.49
N ASN E 204 -12.11 5.27 -54.55
CA ASN E 204 -12.71 4.60 -53.37
C ASN E 204 -11.67 4.00 -52.45
N GLN E 205 -10.46 4.55 -52.42
CA GLN E 205 -9.39 4.07 -51.56
C GLN E 205 -8.89 5.25 -50.75
N GLU E 206 -9.07 5.18 -49.43
CA GLU E 206 -8.70 6.30 -48.58
C GLU E 206 -7.19 6.41 -48.47
N ALA E 207 -6.73 7.64 -48.21
CA ALA E 207 -5.31 7.94 -48.14
C ALA E 207 -5.16 9.26 -47.42
N PHE E 208 -4.05 9.40 -46.71
CA PHE E 208 -3.83 10.65 -46.02
C PHE E 208 -2.39 11.08 -46.21
N PHE E 209 -2.00 12.08 -45.45
CA PHE E 209 -0.76 12.80 -45.66
C PHE E 209 -0.51 13.58 -44.38
N MET E 210 0.74 13.94 -44.14
CA MET E 210 1.13 14.60 -42.90
C MET E 210 2.50 15.20 -43.09
N VAL E 211 2.73 16.38 -42.53
CA VAL E 211 4.07 16.93 -42.45
C VAL E 211 4.35 17.39 -41.03
N GLY E 212 3.65 16.84 -40.07
CA GLY E 212 3.67 17.36 -38.71
C GLY E 212 4.76 16.83 -37.83
N GLN E 213 4.46 16.74 -36.54
CA GLN E 213 5.39 16.29 -35.52
C GLN E 213 4.69 15.26 -34.65
N ASP E 214 5.39 14.81 -33.60
CA ASP E 214 4.80 13.99 -32.55
C ASP E 214 5.17 14.65 -31.23
N VAL E 215 4.17 15.10 -30.49
CA VAL E 215 4.41 15.87 -29.27
C VAL E 215 4.01 15.00 -28.09
N PRO E 216 4.82 14.93 -27.03
CA PRO E 216 4.42 14.18 -25.83
C PRO E 216 3.30 14.89 -25.09
N VAL E 217 2.12 14.29 -25.12
CA VAL E 217 0.94 14.80 -24.42
C VAL E 217 0.70 13.90 -23.22
N LEU E 218 0.73 14.48 -22.02
CA LEU E 218 0.56 13.69 -20.81
C LEU E 218 -0.91 13.64 -20.43
N THR E 219 -1.38 12.43 -20.13
CA THR E 219 -2.75 12.20 -19.64
C THR E 219 -2.62 11.49 -18.30
N GLY E 220 -2.40 12.27 -17.25
CA GLY E 220 -2.25 11.71 -15.92
C GLY E 220 -0.79 11.57 -15.51
N THR E 233 0.13 9.02 -17.71
CA THR E 233 0.14 8.24 -18.94
C THR E 233 0.38 9.16 -20.13
N VAL E 234 1.65 9.33 -20.49
CA VAL E 234 1.99 10.19 -21.61
C VAL E 234 1.65 9.48 -22.91
N GLU E 235 1.00 10.20 -23.82
CA GLU E 235 0.58 9.63 -25.09
C GLU E 235 1.05 10.53 -26.22
N ARG E 236 1.48 9.91 -27.32
CA ARG E 236 2.01 10.64 -28.46
C ARG E 236 0.85 11.13 -29.32
N LYS E 237 0.82 12.43 -29.60
CA LYS E 237 -0.25 13.03 -30.37
C LYS E 237 0.33 13.70 -31.61
N LYS E 238 -0.32 13.50 -32.74
CA LYS E 238 0.14 14.03 -34.01
C LYS E 238 -0.39 15.44 -34.25
N VAL E 239 0.45 16.27 -34.85
CA VAL E 239 0.08 17.64 -35.21
C VAL E 239 0.37 17.83 -36.69
N GLY E 240 0.23 19.07 -37.17
CA GLY E 240 0.66 19.41 -38.51
C GLY E 240 -0.38 19.13 -39.57
N ILE E 241 -0.02 19.48 -40.80
CA ILE E 241 -0.94 19.56 -41.92
C ILE E 241 -1.36 18.16 -42.36
N MET E 242 -2.56 17.76 -42.01
CA MET E 242 -3.08 16.45 -42.40
C MET E 242 -4.16 16.64 -43.46
N LEU E 243 -4.28 15.66 -44.35
CA LEU E 243 -5.27 15.73 -45.41
C LEU E 243 -5.72 14.31 -45.71
N LYS E 244 -6.81 13.88 -45.09
CA LYS E 244 -7.30 12.53 -45.28
C LYS E 244 -8.53 12.54 -46.19
N VAL E 245 -8.37 12.07 -47.40
CA VAL E 245 -9.44 12.14 -48.40
C VAL E 245 -9.85 10.72 -48.73
N THR E 246 -11.06 10.58 -49.28
CA THR E 246 -11.56 9.31 -49.79
C THR E 246 -12.42 9.61 -51.01
N PRO E 247 -11.80 9.82 -52.16
CA PRO E 247 -12.57 10.30 -53.32
C PRO E 247 -13.34 9.20 -54.01
N GLN E 248 -14.46 9.58 -54.57
CA GLN E 248 -15.31 8.69 -55.36
C GLN E 248 -15.64 9.39 -56.67
N ILE E 249 -15.56 8.65 -57.77
CA ILE E 249 -15.76 9.22 -59.09
C ILE E 249 -17.20 8.97 -59.49
N ASN E 250 -17.97 10.05 -59.58
CA ASN E 250 -19.34 10.00 -60.04
C ASN E 250 -19.39 10.31 -61.53
N GLU E 251 -20.45 9.82 -62.18
CA GLU E 251 -20.56 9.97 -63.62
C GLU E 251 -20.92 11.41 -63.99
N GLY E 252 -20.55 11.80 -65.20
CA GLY E 252 -20.45 13.20 -65.53
C GLY E 252 -19.12 13.81 -65.13
N ASN E 253 -18.15 12.97 -64.76
CA ASN E 253 -16.80 13.37 -64.32
C ASN E 253 -16.85 14.31 -63.12
N ALA E 254 -17.73 14.00 -62.18
CA ALA E 254 -17.79 14.71 -60.92
C ALA E 254 -17.20 13.84 -59.82
N VAL E 255 -16.58 14.48 -58.84
CA VAL E 255 -15.83 13.79 -57.81
C VAL E 255 -16.46 14.08 -56.46
N GLN E 256 -16.87 13.04 -55.76
CA GLN E 256 -17.34 13.15 -54.39
C GLN E 256 -16.20 12.80 -53.45
N MET E 257 -15.92 13.67 -52.49
CA MET E 257 -14.79 13.50 -51.59
C MET E 257 -15.27 13.52 -50.15
N VAL E 258 -14.63 12.70 -49.32
CA VAL E 258 -14.86 12.74 -47.88
C VAL E 258 -13.57 13.23 -47.26
N ILE E 259 -13.45 14.53 -47.09
CA ILE E 259 -12.20 15.16 -46.70
C ILE E 259 -12.21 15.45 -45.21
N GLU E 260 -11.16 15.04 -44.51
CA GLU E 260 -10.99 15.29 -43.08
C GLU E 260 -9.64 15.96 -42.90
N GLN E 261 -9.61 17.26 -43.07
CA GLN E 261 -8.36 18.02 -43.05
C GLN E 261 -8.11 18.55 -41.65
N GLU E 262 -6.84 18.86 -41.37
CA GLU E 262 -6.42 19.41 -40.08
C GLU E 262 -5.14 20.20 -40.31
N VAL E 263 -5.04 21.36 -39.68
CA VAL E 263 -3.80 22.12 -39.64
C VAL E 263 -3.52 22.40 -38.18
N SER E 264 -2.68 21.59 -37.56
CA SER E 264 -2.33 21.80 -36.17
C SER E 264 -0.97 22.48 -36.05
N LYS E 265 -0.74 23.07 -34.89
CA LYS E 265 0.46 23.87 -34.67
C LYS E 265 0.70 23.98 -33.18
N VAL E 266 1.95 23.79 -32.76
CA VAL E 266 2.30 23.82 -31.35
C VAL E 266 2.38 25.27 -30.90
N GLU E 267 1.48 25.65 -30.00
CA GLU E 267 1.56 26.95 -29.35
C GLU E 267 2.22 26.79 -27.99
N GLY E 268 2.79 27.89 -27.49
CA GLY E 268 3.54 27.79 -26.26
C GLY E 268 2.69 27.90 -25.02
N GLN E 269 3.03 28.88 -24.19
CA GLN E 269 2.32 29.16 -22.94
C GLN E 269 2.79 28.14 -21.94
N THR E 270 2.29 26.92 -22.10
CA THR E 270 2.68 25.80 -21.24
C THR E 270 2.18 25.91 -19.80
N SER E 271 0.86 25.95 -19.62
CA SER E 271 0.31 26.24 -18.30
C SER E 271 0.48 25.05 -17.36
N LEU E 272 -0.16 23.93 -17.68
CA LEU E 272 0.13 22.63 -17.09
C LEU E 272 0.77 21.69 -18.08
N ASP E 273 0.46 21.87 -19.37
CA ASP E 273 1.05 21.10 -20.44
C ASP E 273 1.06 22.01 -21.67
N VAL E 274 1.58 21.51 -22.77
CA VAL E 274 1.68 22.30 -23.99
C VAL E 274 0.29 22.39 -24.63
N VAL E 275 0.01 23.52 -25.27
CA VAL E 275 -1.27 23.72 -25.95
C VAL E 275 -1.02 23.69 -27.45
N PHE E 276 -2.09 23.46 -28.19
CA PHE E 276 -2.03 23.34 -29.64
C PHE E 276 -2.84 24.45 -30.26
N GLY E 277 -2.88 24.49 -31.59
CA GLY E 277 -3.92 25.22 -32.27
C GLY E 277 -4.42 24.42 -33.45
N GLU E 278 -5.67 23.99 -33.44
CA GLU E 278 -6.19 23.20 -34.54
C GLU E 278 -7.08 24.05 -35.43
N ARG E 279 -7.18 23.63 -36.69
CA ARG E 279 -8.03 24.28 -37.67
C ARG E 279 -8.76 23.25 -38.50
N LYS E 280 -9.17 22.16 -37.86
CA LYS E 280 -9.64 21.00 -38.59
C LYS E 280 -11.06 21.21 -39.10
N LEU E 281 -11.45 20.36 -40.05
CA LEU E 281 -12.80 20.30 -40.58
C LEU E 281 -13.01 18.92 -41.18
N LYS E 282 -14.24 18.44 -41.10
CA LYS E 282 -14.58 17.10 -41.59
C LYS E 282 -15.86 17.20 -42.41
N THR E 283 -15.72 17.51 -43.69
CA THR E 283 -16.90 17.74 -44.52
C THR E 283 -16.96 16.71 -45.65
N THR E 284 -17.91 16.91 -46.56
CA THR E 284 -18.11 16.02 -47.69
C THR E 284 -18.62 16.87 -48.84
N VAL E 285 -17.79 17.09 -49.85
CA VAL E 285 -18.13 17.99 -50.94
C VAL E 285 -18.32 17.16 -52.21
N LEU E 286 -18.83 17.84 -53.24
CA LEU E 286 -19.04 17.23 -54.57
C LEU E 286 -18.59 18.26 -55.60
N ALA E 287 -17.33 18.20 -55.96
CA ALA E 287 -16.76 19.17 -56.88
C ALA E 287 -16.82 18.64 -58.31
N ASN E 288 -16.49 19.52 -59.25
CA ASN E 288 -16.46 19.16 -60.66
C ASN E 288 -15.14 18.52 -61.03
N ASP E 289 -14.86 18.42 -62.33
CA ASP E 289 -13.74 17.62 -62.81
C ASP E 289 -12.39 18.26 -62.47
N GLY E 290 -12.29 19.57 -62.59
CA GLY E 290 -11.06 20.26 -62.25
C GLY E 290 -11.28 21.62 -61.64
N GLU E 291 -12.52 21.90 -61.25
CA GLU E 291 -12.90 23.22 -60.77
C GLU E 291 -12.73 23.32 -59.27
N LEU E 292 -12.41 24.51 -58.80
CA LEU E 292 -12.26 24.75 -57.37
C LEU E 292 -13.62 24.85 -56.71
N ILE E 293 -13.65 24.48 -55.44
CA ILE E 293 -14.81 24.74 -54.60
C ILE E 293 -14.33 25.12 -53.21
N VAL E 294 -14.98 26.10 -52.62
CA VAL E 294 -14.64 26.53 -51.26
C VAL E 294 -15.29 25.57 -50.28
N LEU E 295 -14.50 25.09 -49.32
CA LEU E 295 -15.00 24.18 -48.31
C LEU E 295 -15.42 24.92 -47.05
N GLY E 296 -14.48 25.59 -46.41
CA GLY E 296 -14.75 26.25 -45.16
C GLY E 296 -14.15 27.63 -45.13
N GLY E 297 -14.04 28.21 -43.96
CA GLY E 297 -13.42 29.51 -43.86
C GLY E 297 -13.78 30.20 -42.57
N LEU E 298 -13.15 31.34 -42.36
CA LEU E 298 -13.41 32.18 -41.20
C LEU E 298 -12.93 33.58 -41.53
N MET E 299 -13.85 34.55 -41.56
CA MET E 299 -13.48 35.94 -41.76
C MET E 299 -13.66 36.65 -40.42
N ASP E 300 -12.63 36.55 -39.59
CA ASP E 300 -12.65 37.25 -38.31
C ASP E 300 -12.47 38.73 -38.55
N ASP E 301 -13.00 39.52 -37.63
CA ASP E 301 -12.92 40.97 -37.72
C ASP E 301 -13.19 41.52 -36.33
N GLN E 302 -12.25 42.28 -35.78
CA GLN E 302 -12.43 42.83 -34.44
C GLN E 302 -12.22 44.34 -34.48
N ALA E 303 -12.40 44.94 -33.31
CA ALA E 303 -12.12 46.34 -33.07
C ALA E 303 -11.88 46.50 -31.57
N GLY E 304 -11.83 47.74 -31.12
CA GLY E 304 -11.58 47.98 -29.71
C GLY E 304 -11.31 49.42 -29.39
N GLU E 305 -11.51 49.80 -28.13
CA GLU E 305 -11.32 51.16 -27.67
C GLU E 305 -11.27 51.13 -26.16
N SER E 306 -10.30 51.84 -25.58
CA SER E 306 -10.22 51.97 -24.13
C SER E 306 -9.60 53.33 -23.83
N VAL E 307 -10.43 54.34 -23.68
CA VAL E 307 -9.99 55.67 -23.29
C VAL E 307 -10.17 55.76 -21.77
N ALA E 308 -9.31 56.55 -21.11
CA ALA E 308 -9.35 56.67 -19.66
C ALA E 308 -9.14 58.15 -19.31
N LYS E 309 -10.24 58.88 -19.12
CA LYS E 309 -10.17 60.32 -18.92
C LYS E 309 -9.88 60.70 -17.48
N VAL E 310 -9.99 61.98 -17.21
CA VAL E 310 -10.13 62.54 -15.87
C VAL E 310 -11.40 63.38 -15.99
N PRO E 311 -12.40 63.22 -15.08
CA PRO E 311 -13.81 63.52 -15.42
C PRO E 311 -14.17 64.91 -15.94
N LEU E 312 -13.67 65.98 -15.31
CA LEU E 312 -14.03 67.31 -15.80
C LEU E 312 -13.00 67.80 -16.81
N LEU E 313 -11.72 67.68 -16.49
CA LEU E 313 -10.66 68.15 -17.38
C LEU E 313 -10.15 67.05 -18.31
N GLY E 314 -11.09 66.36 -18.94
CA GLY E 314 -10.74 65.35 -19.92
C GLY E 314 -11.29 65.66 -21.29
N ASP E 315 -12.42 66.37 -21.33
CA ASP E 315 -13.05 66.76 -22.58
C ASP E 315 -12.75 68.20 -22.97
N ILE E 316 -11.61 68.74 -22.52
CA ILE E 316 -11.11 70.03 -23.01
C ILE E 316 -10.73 69.84 -24.46
N PRO E 317 -11.22 70.65 -25.38
CA PRO E 317 -11.00 70.38 -26.81
C PRO E 317 -9.58 70.68 -27.28
N LEU E 318 -8.78 71.37 -26.45
CA LEU E 318 -7.44 71.75 -26.88
C LEU E 318 -6.36 70.98 -26.13
N ILE E 319 -6.37 71.04 -24.79
CA ILE E 319 -5.30 70.46 -24.01
C ILE E 319 -5.80 69.26 -23.22
N GLY E 320 -7.04 68.86 -23.49
CA GLY E 320 -7.60 67.69 -22.83
C GLY E 320 -7.00 66.38 -23.29
N ASN E 321 -6.37 66.40 -24.48
CA ASN E 321 -5.77 65.22 -25.08
C ASN E 321 -4.63 64.65 -24.26
N LEU E 322 -3.95 65.52 -23.51
CA LEU E 322 -2.86 65.06 -22.63
C LEU E 322 -3.37 64.82 -21.21
N PHE E 323 -4.51 64.14 -21.14
CA PHE E 323 -5.02 63.64 -19.87
C PHE E 323 -5.57 62.23 -20.01
N LYS E 324 -5.81 61.79 -21.25
CA LYS E 324 -6.44 60.52 -21.51
C LYS E 324 -5.42 59.52 -22.04
N SER E 325 -5.55 58.26 -21.63
CA SER E 325 -4.69 57.20 -22.12
C SER E 325 -5.46 56.40 -23.16
N THR E 326 -5.51 56.94 -24.38
CA THR E 326 -6.36 56.39 -25.43
C THR E 326 -5.74 55.11 -25.98
N ALA E 327 -6.28 53.97 -25.59
CA ALA E 327 -5.90 52.73 -26.24
C ALA E 327 -6.68 52.56 -27.53
N ASP E 328 -6.30 51.52 -28.28
CA ASP E 328 -6.99 51.11 -29.50
C ASP E 328 -6.54 49.69 -29.78
N LYS E 329 -7.32 49.00 -30.60
CA LYS E 329 -6.91 47.70 -31.14
C LYS E 329 -7.74 47.42 -32.38
N LYS E 330 -7.10 47.42 -33.54
CA LYS E 330 -7.76 47.00 -34.77
C LYS E 330 -7.12 45.69 -35.20
N GLU E 331 -7.97 44.73 -35.60
CA GLU E 331 -7.47 43.42 -35.98
C GLU E 331 -8.43 42.83 -37.00
N LYS E 332 -7.87 42.11 -37.97
CA LYS E 332 -8.66 41.48 -39.01
C LYS E 332 -7.91 40.27 -39.50
N ARG E 333 -8.61 39.14 -39.65
CA ARG E 333 -7.95 37.89 -40.01
C ARG E 333 -8.89 37.05 -40.85
N ASN E 334 -8.45 36.71 -42.06
CA ASN E 334 -9.22 35.88 -42.97
C ASN E 334 -8.60 34.49 -43.05
N LEU E 335 -9.39 33.54 -43.51
CA LEU E 335 -8.97 32.15 -43.61
C LEU E 335 -9.89 31.45 -44.59
N MET E 336 -9.32 30.62 -45.46
CA MET E 336 -10.10 29.83 -46.40
C MET E 336 -9.46 28.46 -46.57
N VAL E 337 -10.27 27.52 -47.03
CA VAL E 337 -9.82 26.18 -47.39
C VAL E 337 -10.47 25.82 -48.71
N PHE E 338 -9.65 25.64 -49.74
CA PHE E 338 -10.10 25.32 -51.08
C PHE E 338 -9.70 23.89 -51.41
N ILE E 339 -10.14 23.42 -52.58
CA ILE E 339 -9.75 22.10 -53.05
C ILE E 339 -9.83 22.10 -54.57
N ARG E 340 -9.16 21.14 -55.20
CA ARG E 340 -9.26 20.96 -56.65
C ARG E 340 -9.00 19.48 -56.93
N PRO E 341 -10.03 18.72 -57.25
CA PRO E 341 -9.82 17.35 -57.72
C PRO E 341 -9.37 17.33 -59.17
N THR E 342 -8.63 16.28 -59.52
CA THR E 342 -8.10 16.11 -60.86
C THR E 342 -8.04 14.62 -61.15
N ILE E 343 -8.94 14.13 -61.99
CA ILE E 343 -8.89 12.72 -62.33
C ILE E 343 -7.81 12.50 -63.38
N LEU E 344 -7.23 11.31 -63.38
CA LEU E 344 -6.14 10.96 -64.27
C LEU E 344 -6.56 9.76 -65.10
N ARG E 345 -6.72 9.96 -66.40
CA ARG E 345 -7.23 8.91 -67.27
C ARG E 345 -6.18 7.87 -67.60
N ASP E 346 -5.13 8.27 -68.29
CA ASP E 346 -4.19 7.35 -68.92
C ASP E 346 -2.78 7.89 -68.71
N GLY E 347 -1.84 7.37 -69.50
CA GLY E 347 -0.47 7.87 -69.48
C GLY E 347 -0.32 9.29 -69.99
N MET E 348 -1.31 9.80 -70.73
CA MET E 348 -1.30 11.21 -71.12
C MET E 348 -1.60 12.12 -69.94
N ALA E 349 -2.47 11.68 -69.04
CA ALA E 349 -2.84 12.52 -67.90
C ALA E 349 -1.72 12.57 -66.87
N ALA E 350 -1.19 11.40 -66.47
CA ALA E 350 -0.03 11.35 -65.60
C ALA E 350 1.22 11.88 -66.28
N ASP E 351 1.27 11.81 -67.62
CA ASP E 351 2.28 12.51 -68.39
C ASP E 351 2.20 14.01 -68.14
N GLY E 352 1.00 14.58 -68.21
CA GLY E 352 0.82 15.99 -67.99
C GLY E 352 1.11 16.45 -66.57
N VAL E 353 0.44 15.83 -65.60
CA VAL E 353 0.57 16.27 -64.21
C VAL E 353 1.93 15.89 -63.66
N SER E 354 2.37 14.65 -63.88
CA SER E 354 3.68 14.23 -63.38
C SER E 354 4.82 14.92 -64.12
N GLN E 355 4.58 15.31 -65.37
CA GLN E 355 5.59 16.07 -66.10
C GLN E 355 5.71 17.50 -65.58
N ARG E 356 4.58 18.15 -65.28
CA ARG E 356 4.68 19.52 -64.81
C ARG E 356 5.14 19.60 -63.37
N LYS E 357 4.80 18.61 -62.53
CA LYS E 357 5.33 18.61 -61.16
C LYS E 357 6.79 18.21 -61.14
N TYR E 358 7.15 17.16 -61.88
CA TYR E 358 8.52 16.66 -61.88
C TYR E 358 9.47 17.66 -62.54
N ASN E 359 9.11 18.18 -63.70
CA ASN E 359 9.96 19.16 -64.36
C ASN E 359 9.85 20.54 -63.72
N TYR E 360 8.79 20.80 -62.95
CA TYR E 360 8.75 22.03 -62.18
C TYR E 360 9.70 21.98 -61.00
N MET E 361 9.73 20.86 -60.27
CA MET E 361 10.64 20.75 -59.14
C MET E 361 12.09 20.59 -59.59
N ARG E 362 12.31 19.83 -60.67
CA ARG E 362 13.63 19.75 -61.27
C ARG E 362 14.07 21.10 -61.80
N ALA E 363 13.13 21.86 -62.36
CA ALA E 363 13.43 23.22 -62.82
C ALA E 363 13.81 24.12 -61.65
N GLU E 364 13.17 23.95 -60.49
CA GLU E 364 13.57 24.72 -59.32
C GLU E 364 14.95 24.29 -58.81
N GLN E 365 15.30 23.01 -58.95
CA GLN E 365 16.67 22.62 -58.60
C GLN E 365 17.68 23.15 -59.61
N ILE E 366 17.27 23.35 -60.86
CA ILE E 366 18.13 24.04 -61.82
C ILE E 366 18.31 25.51 -61.43
N TYR E 367 17.24 26.13 -60.94
CA TYR E 367 17.38 27.46 -60.36
C TYR E 367 18.14 27.47 -59.04
N ARG E 368 18.35 26.30 -58.43
CA ARG E 368 19.32 26.19 -57.35
C ARG E 368 20.70 25.77 -57.84
N ASP E 369 20.84 25.47 -59.13
CA ASP E 369 22.14 25.13 -59.70
C ASP E 369 22.82 26.32 -60.35
N GLU E 370 22.07 27.12 -61.12
CA GLU E 370 22.59 28.36 -61.67
C GLU E 370 22.88 29.35 -60.56
N GLN E 371 21.93 29.51 -59.63
CA GLN E 371 22.19 30.22 -58.37
C GLN E 371 23.01 29.29 -57.50
N GLY E 372 24.33 29.35 -57.68
CA GLY E 372 25.22 28.42 -57.04
C GLY E 372 25.55 28.80 -55.62
N LEU E 373 26.37 27.97 -54.99
CA LEU E 373 26.83 28.23 -53.64
C LEU E 373 27.80 29.41 -53.64
N SER E 374 27.86 30.11 -52.51
CA SER E 374 28.66 31.31 -52.41
C SER E 374 30.16 31.03 -52.27
N LEU E 375 30.53 29.79 -51.95
CA LEU E 375 31.92 29.45 -51.68
C LEU E 375 32.55 28.62 -52.80
N MET E 376 31.96 27.49 -53.14
CA MET E 376 32.55 26.58 -54.10
C MET E 376 31.67 26.47 -55.34
N PRO E 377 32.09 27.04 -56.47
CA PRO E 377 31.35 26.78 -57.73
C PRO E 377 31.52 25.35 -58.23
N HIS E 378 32.61 24.68 -57.83
CA HIS E 378 32.88 23.32 -58.30
C HIS E 378 32.32 22.30 -57.30
N THR E 379 31.01 22.38 -57.09
CA THR E 379 30.31 21.44 -56.22
C THR E 379 28.92 21.23 -56.80
N ALA E 380 28.59 19.97 -57.10
CA ALA E 380 27.34 19.65 -57.77
C ALA E 380 26.17 19.71 -56.80
N GLN E 381 25.12 20.42 -57.18
CA GLN E 381 23.88 20.41 -56.41
C GLN E 381 23.15 19.09 -56.65
N PRO E 382 22.34 18.64 -55.68
CA PRO E 382 21.47 17.48 -55.91
C PRO E 382 20.41 17.79 -56.94
N ILE E 383 20.51 17.18 -58.12
CA ILE E 383 19.57 17.44 -59.20
C ILE E 383 18.89 16.14 -59.57
N LEU E 384 17.63 16.25 -60.01
CA LEU E 384 16.84 15.10 -60.42
C LEU E 384 17.39 14.52 -61.72
N PRO E 385 17.10 13.23 -62.02
CA PRO E 385 17.53 12.65 -63.30
C PRO E 385 16.89 13.26 -64.53
N ALA E 386 17.28 12.76 -65.70
CA ALA E 386 16.96 13.43 -66.96
C ALA E 386 15.49 13.32 -67.31
N GLN E 387 14.98 12.11 -67.48
CA GLN E 387 13.62 11.93 -67.94
C GLN E 387 12.91 10.80 -67.19
N GLY F 1 0.28 -45.07 -57.35
CA GLY F 1 -0.82 -45.52 -58.20
C GLY F 1 -2.10 -44.77 -57.93
N ASN F 2 -2.67 -44.99 -56.74
CA ASN F 2 -3.89 -44.30 -56.34
C ASN F 2 -3.56 -42.86 -55.99
N SER F 3 -2.67 -42.66 -55.02
CA SER F 3 -2.23 -41.33 -54.66
C SER F 3 -0.92 -41.00 -55.38
N GLN F 4 -0.67 -39.70 -55.56
CA GLN F 4 0.51 -39.25 -56.26
C GLN F 4 1.15 -38.11 -55.50
N VAL F 5 2.38 -37.78 -55.90
CA VAL F 5 3.18 -36.72 -55.29
C VAL F 5 3.58 -35.74 -56.37
N PHE F 6 3.25 -34.47 -56.17
CA PHE F 6 3.59 -33.41 -57.11
C PHE F 6 4.68 -32.54 -56.50
N TYR F 7 5.74 -32.29 -57.27
CA TYR F 7 6.77 -31.36 -56.87
C TYR F 7 6.43 -29.99 -57.42
N LEU F 8 6.16 -29.04 -56.54
CA LEU F 8 5.89 -27.68 -56.97
C LEU F 8 7.17 -27.02 -57.45
N LYS F 9 7.10 -26.33 -58.58
CA LYS F 9 8.28 -25.80 -59.23
C LYS F 9 8.47 -24.30 -59.00
N TYR F 10 7.44 -23.58 -58.60
CA TYR F 10 7.59 -22.15 -58.36
C TYR F 10 6.85 -21.63 -57.14
N SER F 11 6.19 -22.49 -56.36
CA SER F 11 5.37 -22.01 -55.26
C SER F 11 5.60 -22.88 -54.03
N LYS F 12 5.30 -22.31 -52.87
CA LYS F 12 5.40 -23.05 -51.62
C LYS F 12 4.27 -24.07 -51.51
N ALA F 13 4.48 -25.07 -50.67
CA ALA F 13 3.52 -26.15 -50.55
C ALA F 13 2.38 -25.81 -49.60
N GLU F 14 2.66 -25.05 -48.54
CA GLU F 14 1.64 -24.77 -47.53
C GLU F 14 0.57 -23.82 -48.08
N ASP F 15 0.96 -22.94 -49.00
CA ASP F 15 -0.02 -22.08 -49.66
C ASP F 15 -0.96 -22.90 -50.53
N LEU F 16 -0.41 -23.86 -51.27
CA LEU F 16 -1.22 -24.70 -52.14
C LEU F 16 -2.12 -25.63 -51.36
N VAL F 17 -1.69 -26.11 -50.19
CA VAL F 17 -2.63 -26.92 -49.42
C VAL F 17 -3.69 -26.04 -48.77
N ASP F 18 -3.33 -24.81 -48.36
CA ASP F 18 -4.32 -23.89 -47.79
C ASP F 18 -5.36 -23.48 -48.82
N VAL F 19 -5.01 -23.48 -50.11
CA VAL F 19 -6.02 -23.29 -51.14
C VAL F 19 -6.80 -24.57 -51.36
N LEU F 20 -6.10 -25.69 -51.54
CA LEU F 20 -6.75 -26.91 -52.01
C LEU F 20 -7.49 -27.68 -50.92
N LYS F 21 -7.54 -27.19 -49.68
CA LYS F 21 -8.51 -27.80 -48.76
C LYS F 21 -9.94 -27.45 -49.12
N GLN F 22 -10.14 -26.37 -49.88
CA GLN F 22 -11.48 -25.91 -50.22
C GLN F 22 -11.99 -26.48 -51.55
N VAL F 23 -11.09 -26.82 -52.47
CA VAL F 23 -11.49 -27.24 -53.80
C VAL F 23 -12.06 -28.65 -53.78
N SER F 24 -11.31 -29.58 -53.17
CA SER F 24 -11.76 -30.98 -53.13
C SER F 24 -12.94 -31.16 -52.19
N GLY F 25 -12.99 -30.36 -51.11
CA GLY F 25 -13.96 -30.56 -50.06
C GLY F 25 -15.40 -30.37 -50.49
N THR F 26 -15.64 -29.60 -51.54
CA THR F 26 -16.94 -29.56 -52.19
C THR F 26 -16.88 -30.11 -53.61
N LEU F 27 -15.70 -30.36 -54.15
CA LEU F 27 -15.59 -30.98 -55.46
C LEU F 27 -15.97 -32.46 -55.41
N THR F 28 -15.90 -33.10 -54.24
CA THR F 28 -16.40 -34.47 -54.11
C THR F 28 -17.92 -34.53 -54.29
N ALA F 29 -18.64 -33.48 -53.93
CA ALA F 29 -20.08 -33.44 -54.10
C ALA F 29 -20.44 -33.23 -55.57
N VAL F 44 -11.75 -40.37 -48.52
CA VAL F 44 -12.41 -39.45 -49.44
C VAL F 44 -11.32 -38.76 -50.26
N VAL F 45 -10.79 -37.66 -49.74
CA VAL F 45 -9.68 -36.93 -50.36
C VAL F 45 -8.70 -36.53 -49.28
N SER F 46 -7.43 -36.42 -49.66
CA SER F 46 -6.40 -35.96 -48.72
C SER F 46 -5.37 -35.14 -49.47
N ILE F 47 -5.18 -33.91 -49.02
CA ILE F 47 -4.13 -33.04 -49.51
C ILE F 47 -3.24 -32.72 -48.31
N ALA F 48 -2.01 -33.21 -48.35
CA ALA F 48 -1.03 -32.93 -47.31
C ALA F 48 0.26 -32.45 -47.95
N ALA F 49 0.94 -31.54 -47.26
CA ALA F 49 2.08 -30.82 -47.82
C ALA F 49 3.34 -31.14 -47.03
N SER F 50 4.30 -31.79 -47.69
CA SER F 50 5.61 -32.04 -47.10
C SER F 50 6.42 -30.74 -47.18
N LYS F 51 6.59 -30.08 -46.03
CA LYS F 51 7.18 -28.74 -46.02
C LYS F 51 8.68 -28.79 -46.31
N HIS F 52 9.37 -29.79 -45.77
CA HIS F 52 10.83 -29.82 -45.90
C HIS F 52 11.27 -30.18 -47.30
N SER F 53 10.45 -30.91 -48.06
CA SER F 53 10.86 -31.44 -49.35
C SER F 53 10.11 -30.83 -50.53
N ASN F 54 9.31 -29.78 -50.28
CA ASN F 54 8.64 -28.96 -51.31
C ASN F 54 7.72 -29.80 -52.20
N ALA F 55 6.77 -30.45 -51.56
CA ALA F 55 5.84 -31.30 -52.30
C ALA F 55 4.54 -31.44 -51.53
N LEU F 56 3.44 -31.37 -52.26
CA LEU F 56 2.13 -31.69 -51.71
C LEU F 56 1.70 -33.04 -52.26
N ILE F 57 0.90 -33.75 -51.48
CA ILE F 57 0.52 -35.12 -51.78
C ILE F 57 -0.98 -35.18 -51.95
N VAL F 58 -1.42 -35.62 -53.13
CA VAL F 58 -2.84 -35.70 -53.47
C VAL F 58 -3.27 -37.15 -53.37
N THR F 59 -4.32 -37.40 -52.60
CA THR F 59 -4.94 -38.72 -52.51
C THR F 59 -6.39 -38.56 -52.92
N ALA F 60 -6.75 -39.06 -54.10
CA ALA F 60 -8.04 -38.76 -54.69
C ALA F 60 -8.36 -39.83 -55.72
N PRO F 61 -9.64 -40.00 -56.07
CA PRO F 61 -9.98 -40.86 -57.22
C PRO F 61 -9.51 -40.26 -58.53
N GLN F 62 -9.63 -41.06 -59.59
CA GLN F 62 -9.02 -40.73 -60.88
C GLN F 62 -9.67 -39.54 -61.55
N ASP F 63 -10.96 -39.29 -61.30
CA ASP F 63 -11.61 -38.16 -61.93
C ASP F 63 -11.25 -36.85 -61.23
N ILE F 64 -11.12 -36.89 -59.92
CA ILE F 64 -10.70 -35.70 -59.17
C ILE F 64 -9.23 -35.42 -59.40
N MET F 65 -8.44 -36.47 -59.67
CA MET F 65 -7.00 -36.35 -59.81
C MET F 65 -6.61 -35.53 -61.04
N GLN F 66 -7.38 -35.64 -62.12
CA GLN F 66 -7.09 -34.82 -63.30
C GLN F 66 -7.50 -33.38 -63.09
N SER F 67 -8.54 -33.13 -62.30
CA SER F 67 -8.96 -31.77 -62.00
C SER F 67 -7.93 -31.07 -61.13
N LEU F 68 -7.57 -31.69 -60.00
CA LEU F 68 -6.57 -31.10 -59.11
C LEU F 68 -5.20 -31.06 -59.76
N GLN F 69 -4.89 -32.02 -60.63
CA GLN F 69 -3.66 -31.97 -61.40
C GLN F 69 -3.65 -30.77 -62.35
N SER F 70 -4.81 -30.48 -62.95
CA SER F 70 -4.91 -29.33 -63.85
C SER F 70 -4.79 -28.02 -63.09
N VAL F 71 -5.35 -27.96 -61.87
CA VAL F 71 -5.27 -26.75 -61.06
C VAL F 71 -3.83 -26.51 -60.60
N ILE F 72 -3.14 -27.58 -60.18
CA ILE F 72 -1.74 -27.46 -59.78
C ILE F 72 -0.87 -27.09 -60.99
N GLU F 73 -1.21 -27.59 -62.18
CA GLU F 73 -0.51 -27.17 -63.39
C GLU F 73 -0.79 -25.71 -63.73
N GLN F 74 -1.95 -25.18 -63.35
CA GLN F 74 -2.25 -23.79 -63.66
C GLN F 74 -1.82 -22.80 -62.58
N LEU F 75 -1.46 -23.28 -61.39
CA LEU F 75 -1.00 -22.38 -60.35
C LEU F 75 0.51 -22.32 -60.20
N ASP F 76 1.23 -23.34 -60.66
CA ASP F 76 2.68 -23.40 -60.54
C ASP F 76 3.26 -22.57 -61.68
N ILE F 77 3.29 -21.25 -61.47
CA ILE F 77 3.63 -20.30 -62.52
C ILE F 77 4.80 -19.42 -62.07
N ARG F 78 5.53 -18.92 -63.06
CA ARG F 78 6.65 -18.01 -62.79
C ARG F 78 6.13 -16.67 -62.29
N ARG F 79 6.62 -16.25 -61.14
CA ARG F 79 6.22 -14.99 -60.53
C ARG F 79 7.23 -13.90 -60.90
N ALA F 80 6.73 -12.80 -61.44
CA ALA F 80 7.63 -11.71 -61.80
C ALA F 80 7.95 -10.88 -60.57
N GLN F 81 8.99 -10.05 -60.69
CA GLN F 81 9.48 -9.28 -59.57
C GLN F 81 9.68 -7.82 -59.97
N VAL F 82 9.44 -6.94 -59.01
CA VAL F 82 9.26 -5.51 -59.25
C VAL F 82 10.23 -4.74 -58.37
N HIS F 83 11.04 -3.88 -58.98
CA HIS F 83 11.91 -2.97 -58.25
C HIS F 83 11.21 -1.62 -58.16
N VAL F 84 10.95 -1.16 -56.93
CA VAL F 84 10.24 0.08 -56.68
C VAL F 84 11.24 1.11 -56.19
N GLU F 85 11.26 2.27 -56.83
CA GLU F 85 12.21 3.33 -56.50
C GLU F 85 11.42 4.61 -56.24
N ALA F 86 11.38 5.03 -54.98
CA ALA F 86 10.59 6.19 -54.56
C ALA F 86 11.52 7.36 -54.26
N LEU F 87 11.32 8.47 -54.96
CA LEU F 87 12.14 9.65 -54.76
C LEU F 87 11.50 10.58 -53.75
N ILE F 88 12.33 11.42 -53.13
CA ILE F 88 11.89 12.41 -52.17
C ILE F 88 12.65 13.70 -52.44
N VAL F 89 11.92 14.77 -52.71
CA VAL F 89 12.53 16.07 -52.98
C VAL F 89 12.05 17.05 -51.92
N GLU F 90 12.99 17.78 -51.32
CA GLU F 90 12.64 18.84 -50.37
C GLU F 90 13.51 20.05 -50.65
N VAL F 91 12.88 21.15 -51.03
CA VAL F 91 13.57 22.40 -51.28
C VAL F 91 13.00 23.44 -50.32
N ALA F 92 13.88 24.13 -49.59
CA ALA F 92 13.47 25.12 -48.62
C ALA F 92 14.19 26.43 -48.90
N GLU F 93 13.65 27.52 -48.35
CA GLU F 93 14.27 28.85 -48.45
C GLU F 93 13.71 29.71 -47.33
N GLY F 94 14.59 30.27 -46.51
CA GLY F 94 14.16 31.14 -45.44
C GLY F 94 15.03 32.37 -45.28
N SER F 95 14.42 33.55 -45.35
CA SER F 95 15.17 34.81 -45.25
C SER F 95 14.30 35.85 -44.56
N ASN F 96 14.75 36.32 -43.40
CA ASN F 96 14.06 37.36 -42.66
C ASN F 96 15.00 38.54 -42.42
N ILE F 97 14.47 39.75 -42.52
CA ILE F 97 15.26 40.97 -42.38
C ILE F 97 14.79 41.68 -41.12
N ASN F 98 15.71 41.94 -40.20
CA ASN F 98 15.39 42.76 -39.04
C ASN F 98 15.99 44.14 -39.19
N PHE F 99 15.45 45.08 -38.42
CA PHE F 99 15.95 46.44 -38.36
C PHE F 99 15.44 47.04 -37.06
N GLY F 100 16.12 48.07 -36.58
CA GLY F 100 15.67 48.70 -35.36
C GLY F 100 16.56 49.81 -34.85
N VAL F 101 15.94 50.90 -34.43
CA VAL F 101 16.63 52.05 -33.86
C VAL F 101 16.05 52.28 -32.47
N GLN F 102 16.93 52.32 -31.46
CA GLN F 102 16.50 52.48 -30.08
C GLN F 102 17.25 53.64 -29.47
N TRP F 103 16.54 54.74 -29.23
CA TRP F 103 17.11 55.90 -28.58
C TRP F 103 17.03 55.73 -27.06
N GLY F 104 17.98 56.32 -26.35
CA GLY F 104 17.96 56.25 -24.91
C GLY F 104 18.76 57.33 -24.22
N SER F 105 18.13 58.02 -23.28
CA SER F 105 18.80 58.98 -22.43
C SER F 105 18.66 58.54 -20.98
N LYS F 106 19.67 58.83 -20.18
CA LYS F 106 19.64 58.37 -18.79
C LYS F 106 18.67 59.21 -17.95
N ASP F 107 18.46 60.47 -18.32
CA ASP F 107 17.59 61.35 -17.55
C ASP F 107 16.35 61.80 -18.30
N ALA F 108 16.15 61.37 -19.55
CA ALA F 108 15.05 61.86 -20.37
C ALA F 108 14.33 60.73 -21.07
N GLY F 109 14.18 59.60 -20.39
CA GLY F 109 13.41 58.50 -20.91
C GLY F 109 14.14 57.71 -21.98
N LEU F 110 13.46 56.71 -22.53
CA LEU F 110 14.04 55.80 -23.50
C LEU F 110 13.00 55.45 -24.55
N MET F 111 13.48 55.04 -25.73
CA MET F 111 12.63 54.54 -26.80
C MET F 111 13.08 53.14 -27.16
N GLN F 112 12.33 52.13 -26.76
CA GLN F 112 12.69 50.77 -27.09
C GLN F 112 11.57 50.12 -27.89
N PHE F 113 11.87 48.94 -28.42
CA PHE F 113 10.90 48.14 -29.18
C PHE F 113 11.20 46.68 -28.93
N ALA F 114 10.29 45.82 -29.35
CA ALA F 114 10.50 44.37 -29.30
C ALA F 114 9.95 43.73 -30.57
N ASN F 115 10.33 42.46 -30.77
CA ASN F 115 9.84 41.59 -31.85
C ASN F 115 10.14 42.20 -33.22
N GLY F 116 11.43 42.21 -33.54
CA GLY F 116 11.87 42.77 -34.80
C GLY F 116 13.17 43.53 -34.67
N THR F 117 13.44 44.01 -33.46
CA THR F 117 14.75 44.52 -33.13
C THR F 117 15.52 43.62 -32.18
N GLN F 118 14.84 42.67 -31.55
CA GLN F 118 15.40 41.49 -30.87
C GLN F 118 16.29 41.78 -29.68
N ILE F 119 16.47 43.05 -29.31
CA ILE F 119 17.24 43.43 -28.12
C ILE F 119 16.73 44.77 -27.61
N PRO F 120 16.09 44.80 -26.45
CA PRO F 120 15.61 46.08 -25.92
C PRO F 120 16.75 46.90 -25.35
N ILE F 121 16.57 48.22 -25.37
CA ILE F 121 17.55 49.10 -24.75
C ILE F 121 17.40 49.08 -23.24
N GLY F 122 16.23 48.67 -22.73
CA GLY F 122 16.06 48.61 -21.28
C GLY F 122 16.76 47.42 -20.67
N THR F 123 16.66 46.26 -21.31
CA THR F 123 17.33 45.08 -20.77
C THR F 123 18.83 45.15 -20.99
N LEU F 124 19.27 45.70 -22.13
CA LEU F 124 20.69 45.80 -22.40
C LEU F 124 21.33 46.91 -21.57
N GLY F 125 20.60 48.01 -21.38
CA GLY F 125 21.06 49.04 -20.47
C GLY F 125 21.05 48.61 -19.02
N ALA F 126 20.14 47.69 -18.68
CA ALA F 126 20.15 47.12 -17.33
C ALA F 126 21.32 46.15 -17.15
N ALA F 127 21.64 45.40 -18.20
CA ALA F 127 22.73 44.43 -18.11
C ALA F 127 24.08 45.14 -18.07
N ILE F 128 24.28 46.13 -18.94
CA ILE F 128 25.52 46.91 -18.93
C ILE F 128 25.59 47.78 -17.68
N SER F 129 24.45 48.26 -17.19
CA SER F 129 24.42 48.98 -15.93
C SER F 129 24.76 48.08 -14.75
N ALA F 130 24.47 46.78 -14.86
CA ALA F 130 24.92 45.82 -13.87
C ALA F 130 26.32 45.29 -14.14
N ALA F 131 26.96 45.71 -15.22
CA ALA F 131 28.23 45.13 -15.65
C ALA F 131 29.45 45.91 -15.20
N LYS F 132 29.31 47.22 -14.97
CA LYS F 132 30.48 48.00 -14.55
C LYS F 132 30.80 47.68 -13.10
N PRO F 133 32.06 47.37 -12.77
CA PRO F 133 32.38 46.77 -11.48
C PRO F 133 32.33 47.75 -10.32
N GLN F 134 31.92 47.24 -9.17
CA GLN F 134 31.91 47.99 -7.93
C GLN F 134 33.28 47.96 -7.28
N LYS F 135 33.47 48.84 -6.31
CA LYS F 135 34.71 48.90 -5.56
C LYS F 135 34.52 48.32 -4.17
N GLY F 136 35.63 48.18 -3.45
CA GLY F 136 35.63 47.63 -2.11
C GLY F 136 35.69 48.70 -1.03
N SER F 137 36.12 48.27 0.15
CA SER F 137 36.23 49.18 1.29
C SER F 137 37.42 50.11 1.15
N ASN F 149 37.86 45.70 0.60
CA ASN F 149 39.18 46.20 0.22
C ASN F 149 39.61 45.80 -1.23
N PRO F 150 39.35 44.53 -1.71
CA PRO F 150 39.54 44.30 -3.16
C PRO F 150 38.32 44.73 -3.97
N ASP F 151 38.55 45.14 -5.22
CA ASP F 151 37.47 45.54 -6.14
C ASP F 151 37.27 44.44 -7.18
N THR F 152 36.12 43.79 -7.11
CA THR F 152 35.84 42.65 -7.98
C THR F 152 35.29 43.10 -9.33
N ASN F 153 35.96 42.69 -10.40
CA ASN F 153 35.46 42.84 -11.76
C ASN F 153 34.90 41.49 -12.20
N GLY F 154 33.74 41.14 -11.66
CA GLY F 154 33.15 39.85 -11.94
C GLY F 154 31.64 39.87 -12.06
N ASP F 155 31.06 41.05 -12.26
CA ASP F 155 29.63 41.19 -12.45
C ASP F 155 29.29 41.01 -13.93
N LEU F 156 28.87 39.80 -14.28
CA LEU F 156 28.65 39.44 -15.69
C LEU F 156 27.67 38.26 -15.68
N SER F 157 27.62 37.53 -16.81
CA SER F 157 26.71 36.43 -17.10
C SER F 157 25.25 36.89 -17.16
N THR F 158 25.04 38.18 -17.45
CA THR F 158 23.76 38.73 -17.86
C THR F 158 23.80 39.20 -19.31
N LEU F 159 24.89 39.84 -19.72
CA LEU F 159 25.14 40.03 -21.14
C LEU F 159 25.47 38.72 -21.83
N ALA F 160 26.05 37.76 -21.08
CA ALA F 160 26.37 36.47 -21.66
C ALA F 160 25.14 35.63 -21.89
N GLN F 161 24.03 35.94 -21.24
CA GLN F 161 22.76 35.26 -21.50
C GLN F 161 21.88 36.07 -22.43
N LEU F 162 21.84 37.39 -22.25
CA LEU F 162 21.02 38.24 -23.10
C LEU F 162 21.58 38.32 -24.51
N LEU F 163 22.90 38.22 -24.66
CA LEU F 163 23.55 38.19 -25.97
C LEU F 163 23.95 36.79 -26.38
N SER F 164 23.36 35.75 -25.77
CA SER F 164 23.70 34.39 -26.13
C SER F 164 23.11 34.00 -27.47
N GLY F 165 21.79 33.99 -27.56
CA GLY F 165 21.15 33.81 -28.85
C GLY F 165 20.84 35.14 -29.49
N PHE F 166 21.75 35.62 -30.32
CA PHE F 166 21.64 36.93 -30.96
C PHE F 166 22.63 37.02 -32.11
N SER F 167 22.19 37.50 -33.26
CA SER F 167 23.02 37.53 -34.44
C SER F 167 23.07 38.90 -35.11
N GLY F 168 22.59 39.94 -34.46
CA GLY F 168 22.44 41.22 -35.13
C GLY F 168 23.62 42.14 -34.98
N THR F 169 23.78 43.01 -35.97
CA THR F 169 24.72 44.12 -35.89
C THR F 169 24.15 45.18 -34.97
N ALA F 170 24.77 45.35 -33.81
CA ALA F 170 24.28 46.29 -32.79
C ALA F 170 25.38 47.31 -32.53
N VAL F 171 25.25 48.50 -33.09
CA VAL F 171 26.21 49.56 -32.88
C VAL F 171 25.65 50.53 -31.84
N GLY F 172 26.55 51.25 -31.18
CA GLY F 172 26.13 52.27 -30.24
C GLY F 172 26.62 53.64 -30.65
N VAL F 173 25.71 54.51 -31.08
CA VAL F 173 26.06 55.83 -31.58
C VAL F 173 25.62 56.86 -30.56
N VAL F 174 26.57 57.53 -29.94
CA VAL F 174 26.27 58.60 -29.00
C VAL F 174 26.19 59.92 -29.76
N LYS F 175 25.09 60.64 -29.58
CA LYS F 175 24.90 61.92 -30.27
C LYS F 175 24.03 62.80 -29.38
N GLY F 176 24.65 63.77 -28.71
CA GLY F 176 23.93 64.65 -27.83
C GLY F 176 23.41 63.99 -26.57
N ASP F 177 24.14 62.99 -26.06
CA ASP F 177 23.72 62.08 -24.99
C ASP F 177 22.40 61.42 -25.34
N TRP F 178 22.43 60.68 -26.46
CA TRP F 178 21.32 59.86 -26.91
C TRP F 178 21.94 58.60 -27.52
N MET F 179 21.93 57.51 -26.75
CA MET F 179 22.59 56.28 -27.20
C MET F 179 21.78 55.60 -28.28
N ALA F 180 22.05 55.96 -29.54
CA ALA F 180 21.28 55.45 -30.68
C ALA F 180 21.69 54.01 -30.96
N LEU F 181 21.06 53.09 -30.25
CA LEU F 181 21.35 51.67 -30.42
C LEU F 181 20.67 51.18 -31.69
N VAL F 182 21.44 51.05 -32.76
CA VAL F 182 20.93 50.61 -34.05
C VAL F 182 21.16 49.11 -34.17
N GLN F 183 20.09 48.37 -34.46
CA GLN F 183 20.17 46.92 -34.62
C GLN F 183 19.66 46.54 -36.00
N ALA F 184 20.41 45.67 -36.69
CA ALA F 184 20.04 45.23 -38.02
C ALA F 184 20.71 43.90 -38.31
N VAL F 185 20.03 43.02 -39.07
CA VAL F 185 20.55 41.72 -39.47
C VAL F 185 19.72 41.22 -40.65
N LYS F 186 20.35 40.46 -41.54
CA LYS F 186 19.64 39.76 -42.61
C LYS F 186 20.34 38.43 -42.82
N ASN F 187 19.60 37.33 -42.80
CA ASN F 187 20.19 36.00 -42.98
C ASN F 187 19.30 35.11 -43.85
N ASP F 188 19.86 34.67 -44.97
CA ASP F 188 19.17 33.77 -45.88
C ASP F 188 19.49 32.32 -45.50
N SER F 189 18.65 31.40 -45.95
CA SER F 189 18.85 29.97 -45.75
C SER F 189 18.34 29.24 -46.99
N SER F 190 18.93 28.07 -47.27
CA SER F 190 18.56 27.27 -48.44
C SER F 190 18.93 25.82 -48.16
N SER F 191 17.93 24.96 -48.02
CA SER F 191 18.16 23.54 -47.89
C SER F 191 17.76 22.86 -49.20
N ASN F 192 18.32 21.69 -49.45
CA ASN F 192 18.02 20.91 -50.65
C ASN F 192 18.33 19.45 -50.37
N VAL F 193 17.28 18.65 -50.22
CA VAL F 193 17.42 17.26 -49.80
C VAL F 193 16.81 16.34 -50.84
N LEU F 194 17.62 15.42 -51.34
CA LEU F 194 17.13 14.42 -52.28
C LEU F 194 17.44 13.04 -51.72
N SER F 195 16.40 12.25 -51.51
CA SER F 195 16.55 10.89 -51.00
C SER F 195 15.75 9.96 -51.87
N THR F 196 16.27 8.74 -52.05
CA THR F 196 15.64 7.74 -52.90
C THR F 196 15.90 6.33 -52.39
N PRO F 197 15.04 5.83 -51.52
CA PRO F 197 15.08 4.40 -51.18
C PRO F 197 14.63 3.54 -52.34
N SER F 198 14.98 2.25 -52.25
CA SER F 198 14.66 1.28 -53.28
C SER F 198 14.36 -0.05 -52.61
N ILE F 199 13.61 -0.90 -53.30
CA ILE F 199 13.22 -2.19 -52.76
C ILE F 199 13.05 -3.14 -53.94
N THR F 200 13.06 -4.44 -53.65
CA THR F 200 12.85 -5.46 -54.68
C THR F 200 12.01 -6.57 -54.07
N THR F 201 10.76 -6.66 -54.46
CA THR F 201 9.87 -7.67 -53.95
C THR F 201 9.58 -8.67 -55.05
N LEU F 202 8.68 -9.60 -54.78
CA LEU F 202 7.98 -10.32 -55.83
C LEU F 202 6.62 -9.69 -56.03
N ASP F 203 5.83 -10.30 -56.89
CA ASP F 203 4.43 -9.91 -57.03
C ASP F 203 3.65 -10.31 -55.78
N ASN F 204 2.84 -9.37 -55.26
CA ASN F 204 1.87 -9.60 -54.19
C ASN F 204 2.51 -10.02 -52.88
N GLN F 205 3.77 -9.63 -52.65
CA GLN F 205 4.47 -9.95 -51.42
C GLN F 205 4.97 -8.66 -50.82
N GLU F 206 4.47 -8.33 -49.63
CA GLU F 206 4.82 -7.05 -49.02
C GLU F 206 6.25 -7.09 -48.50
N ALA F 207 6.85 -5.90 -48.44
CA ALA F 207 8.23 -5.76 -48.04
C ALA F 207 8.46 -4.31 -47.65
N PHE F 208 9.37 -4.09 -46.71
CA PHE F 208 9.64 -2.73 -46.31
C PHE F 208 11.13 -2.55 -46.18
N PHE F 209 11.51 -1.42 -45.61
CA PHE F 209 12.88 -0.93 -45.63
C PHE F 209 12.93 0.16 -44.57
N MET F 210 14.14 0.42 -44.07
CA MET F 210 14.32 1.35 -42.98
C MET F 210 15.78 1.72 -42.90
N VAL F 211 16.09 2.98 -42.61
CA VAL F 211 17.46 3.38 -42.29
C VAL F 211 17.47 4.19 -41.01
N GLY F 212 16.44 4.03 -40.18
CA GLY F 212 16.22 4.91 -39.06
C GLY F 212 16.96 4.53 -37.79
N GLN F 213 16.34 4.86 -36.67
CA GLN F 213 16.88 4.62 -35.33
C GLN F 213 15.81 3.98 -34.47
N ASP F 214 16.13 3.77 -33.21
CA ASP F 214 15.17 3.37 -32.20
C ASP F 214 15.31 4.32 -31.02
N VAL F 215 14.26 5.09 -30.74
CA VAL F 215 14.34 6.13 -29.74
C VAL F 215 13.50 5.71 -28.54
N PRO F 216 14.00 5.86 -27.31
CA PRO F 216 13.18 5.53 -26.13
C PRO F 216 12.06 6.56 -25.94
N VAL F 217 10.83 6.10 -26.17
CA VAL F 217 9.64 6.91 -25.98
C VAL F 217 8.95 6.43 -24.71
N LEU F 218 8.79 7.33 -23.75
CA LEU F 218 8.18 6.95 -22.48
C LEU F 218 6.68 7.17 -22.54
N THR F 219 5.93 6.17 -22.10
CA THR F 219 4.47 6.25 -21.98
C THR F 219 4.13 5.95 -20.53
N GLY F 220 4.22 6.97 -19.68
CA GLY F 220 3.94 6.80 -18.27
C GLY F 220 5.19 6.62 -17.44
N THR F 233 6.13 3.46 -18.57
CA THR F 233 6.30 2.36 -19.52
C THR F 233 6.99 2.86 -20.78
N VAL F 234 8.31 2.78 -20.80
CA VAL F 234 9.08 3.23 -21.94
C VAL F 234 8.94 2.21 -23.07
N GLU F 235 8.68 2.72 -24.28
CA GLU F 235 8.49 1.85 -25.43
C GLU F 235 9.39 2.32 -26.57
N ARG F 236 9.95 1.38 -27.30
CA ARG F 236 10.86 1.68 -28.39
C ARG F 236 10.08 2.03 -29.63
N LYS F 237 10.36 3.19 -30.22
CA LYS F 237 9.64 3.65 -31.40
C LYS F 237 10.63 3.87 -32.53
N LYS F 238 10.24 3.42 -33.73
CA LYS F 238 11.10 3.51 -34.90
C LYS F 238 10.92 4.83 -35.61
N VAL F 239 12.02 5.36 -36.15
CA VAL F 239 12.00 6.59 -36.92
C VAL F 239 12.69 6.33 -38.25
N GLY F 240 12.90 7.38 -39.04
CA GLY F 240 13.70 7.26 -40.24
C GLY F 240 12.92 6.80 -41.45
N ILE F 241 13.64 6.74 -42.57
CA ILE F 241 13.04 6.59 -43.89
C ILE F 241 12.50 5.19 -44.08
N MET F 242 11.19 5.03 -44.01
CA MET F 242 10.55 3.75 -44.19
C MET F 242 9.82 3.74 -45.52
N LEU F 243 9.74 2.56 -46.13
CA LEU F 243 9.08 2.43 -47.42
C LEU F 243 8.45 1.05 -47.48
N LYS F 244 7.19 0.94 -47.12
CA LYS F 244 6.50 -0.35 -47.10
C LYS F 244 5.57 -0.45 -48.29
N VAL F 245 5.92 -1.27 -49.25
CA VAL F 245 5.18 -1.37 -50.51
C VAL F 245 4.59 -2.77 -50.57
N THR F 246 3.55 -2.92 -51.41
CA THR F 246 2.97 -4.22 -51.71
C THR F 246 2.50 -4.19 -53.14
N PRO F 247 3.41 -4.39 -54.09
CA PRO F 247 3.05 -4.17 -55.49
C PRO F 247 2.29 -5.35 -56.08
N GLN F 248 1.43 -5.02 -57.03
CA GLN F 248 0.65 -6.00 -57.78
C GLN F 248 0.79 -5.68 -59.25
N ILE F 249 1.01 -6.70 -60.07
CA ILE F 249 1.24 -6.53 -61.49
C ILE F 249 -0.08 -6.72 -62.22
N ASN F 250 -0.58 -5.63 -62.79
CA ASN F 250 -1.79 -5.65 -63.61
C ASN F 250 -1.41 -5.78 -65.07
N GLU F 251 -2.35 -6.31 -65.85
CA GLU F 251 -2.06 -6.57 -67.25
C GLU F 251 -2.05 -5.26 -68.04
N GLY F 252 -1.34 -5.29 -69.16
CA GLY F 252 -0.89 -4.06 -69.79
C GLY F 252 0.39 -3.52 -69.18
N ASN F 253 1.07 -4.32 -68.35
CA ASN F 253 2.31 -3.98 -67.66
C ASN F 253 2.15 -2.73 -66.80
N ALA F 254 1.03 -2.65 -66.10
CA ALA F 254 0.79 -1.60 -65.13
C ALA F 254 0.92 -2.18 -63.73
N VAL F 255 1.39 -1.36 -62.80
CA VAL F 255 1.72 -1.80 -61.45
C VAL F 255 0.84 -1.06 -60.47
N GLN F 256 0.08 -1.80 -59.68
CA GLN F 256 -0.68 -1.24 -58.57
C GLN F 256 0.11 -1.45 -57.29
N MET F 257 0.30 -0.36 -56.53
CA MET F 257 1.12 -0.40 -55.33
C MET F 257 0.31 0.09 -54.14
N VAL F 258 0.56 -0.51 -52.99
CA VAL F 258 0.01 -0.04 -51.73
C VAL F 258 1.17 0.46 -50.91
N ILE F 259 1.48 1.74 -51.03
CA ILE F 259 2.70 2.31 -50.47
C ILE F 259 2.37 3.02 -49.17
N GLU F 260 3.13 2.71 -48.12
CA GLU F 260 2.97 3.34 -46.81
C GLU F 260 4.34 3.88 -46.41
N GLN F 261 4.66 5.07 -46.89
CA GLN F 261 5.98 5.65 -46.70
C GLN F 261 5.98 6.53 -45.45
N GLU F 262 7.18 6.76 -44.91
CA GLU F 262 7.36 7.61 -43.74
C GLU F 262 8.78 8.14 -43.76
N VAL F 263 8.95 9.42 -43.44
CA VAL F 263 10.26 10.02 -43.24
C VAL F 263 10.21 10.68 -41.87
N SER F 264 10.71 9.99 -40.86
CA SER F 264 10.74 10.54 -39.52
C SER F 264 12.13 11.07 -39.19
N LYS F 265 12.18 11.94 -38.19
CA LYS F 265 13.41 12.62 -37.85
C LYS F 265 13.30 13.14 -36.42
N VAL F 266 14.35 12.94 -35.64
CA VAL F 266 14.33 13.33 -34.23
C VAL F 266 14.57 14.84 -34.15
N GLU F 267 13.57 15.56 -33.68
CA GLU F 267 13.72 16.97 -33.37
C GLU F 267 13.98 17.14 -31.88
N GLY F 268 14.61 18.25 -31.53
CA GLY F 268 15.01 18.45 -30.15
C GLY F 268 13.91 18.99 -29.26
N GLN F 269 14.22 20.14 -28.65
CA GLN F 269 13.29 20.84 -27.77
C GLN F 269 13.29 20.11 -26.45
N THR F 270 12.64 18.96 -26.44
CA THR F 270 12.58 18.09 -25.26
C THR F 270 11.77 18.67 -24.09
N SER F 271 10.48 18.92 -24.33
CA SER F 271 9.68 19.63 -23.33
C SER F 271 9.39 18.75 -22.12
N LEU F 272 8.65 17.67 -22.33
CA LEU F 272 8.54 16.58 -21.38
C LEU F 272 9.21 15.32 -21.88
N ASP F 273 9.27 15.15 -23.20
CA ASP F 273 9.96 14.04 -23.83
C ASP F 273 10.44 14.55 -25.18
N VAL F 274 11.11 13.69 -25.93
CA VAL F 274 11.64 14.09 -27.23
C VAL F 274 10.50 14.14 -28.25
N VAL F 275 10.60 15.06 -29.19
CA VAL F 275 9.59 15.21 -30.23
C VAL F 275 10.19 14.72 -31.55
N PHE F 276 9.32 14.41 -32.49
CA PHE F 276 9.72 13.86 -33.77
C PHE F 276 9.29 14.84 -34.87
N GLY F 277 9.60 14.49 -36.10
CA GLY F 277 8.90 15.11 -37.22
C GLY F 277 8.57 14.06 -38.26
N GLU F 278 7.29 13.79 -38.51
CA GLU F 278 6.93 12.78 -39.48
C GLU F 278 6.45 13.43 -40.78
N ARG F 279 6.60 12.69 -41.86
CA ARG F 279 6.15 13.12 -43.17
C ARG F 279 5.45 11.98 -43.89
N LYS F 280 4.71 11.17 -43.15
CA LYS F 280 4.23 9.91 -43.67
C LYS F 280 3.04 10.12 -44.62
N LEU F 281 2.75 9.08 -45.39
CA LEU F 281 1.59 9.03 -46.25
C LEU F 281 1.27 7.56 -46.53
N LYS F 282 -0.01 7.27 -46.70
CA LYS F 282 -0.46 5.89 -46.91
C LYS F 282 -1.46 5.90 -48.06
N THR F 283 -0.96 5.80 -49.28
CA THR F 283 -1.82 5.91 -50.45
C THR F 283 -1.80 4.62 -51.26
N THR F 284 -2.44 4.66 -52.41
CA THR F 284 -2.51 3.50 -53.31
C THR F 284 -2.56 4.04 -54.73
N VAL F 285 -1.48 3.86 -55.47
CA VAL F 285 -1.37 4.43 -56.81
C VAL F 285 -1.39 3.31 -57.84
N LEU F 286 -1.51 3.71 -59.10
CA LEU F 286 -1.49 2.77 -60.23
C LEU F 286 -0.61 3.41 -61.30
N ALA F 287 0.67 3.10 -61.27
CA ALA F 287 1.62 3.68 -62.19
C ALA F 287 1.81 2.78 -63.40
N ASN F 288 2.52 3.30 -64.40
CA ASN F 288 2.82 2.55 -65.60
C ASN F 288 4.06 1.68 -65.41
N ASP F 289 4.63 1.19 -66.51
CA ASP F 289 5.67 0.16 -66.42
C ASP F 289 6.97 0.71 -65.88
N GLY F 290 7.34 1.92 -66.28
CA GLY F 290 8.57 2.52 -65.79
C GLY F 290 8.45 4.02 -65.62
N GLU F 291 7.23 4.54 -65.69
CA GLU F 291 7.00 5.97 -65.68
C GLU F 291 6.81 6.48 -64.27
N LEU F 292 7.23 7.72 -64.04
CA LEU F 292 7.06 8.34 -62.74
C LEU F 292 5.63 8.78 -62.53
N ILE F 293 5.21 8.81 -61.28
CA ILE F 293 3.95 9.42 -60.90
C ILE F 293 4.15 10.13 -59.57
N VAL F 294 3.56 11.32 -59.45
CA VAL F 294 3.63 12.07 -58.21
C VAL F 294 2.59 11.52 -57.24
N LEU F 295 3.02 11.24 -56.01
CA LEU F 295 2.12 10.73 -54.99
C LEU F 295 1.55 11.85 -54.13
N GLY F 296 2.42 12.56 -53.43
CA GLY F 296 1.97 13.59 -52.53
C GLY F 296 2.80 14.83 -52.66
N GLY F 297 2.72 15.71 -51.69
CA GLY F 297 3.53 16.91 -51.74
C GLY F 297 2.99 17.97 -50.82
N LEU F 298 3.76 19.04 -50.73
CA LEU F 298 3.38 20.21 -49.94
C LEU F 298 4.19 21.39 -50.45
N MET F 299 3.51 22.40 -50.98
CA MET F 299 4.17 23.62 -51.40
C MET F 299 3.80 24.71 -50.40
N ASP F 300 4.55 24.74 -49.30
CA ASP F 300 4.36 25.77 -48.29
C ASP F 300 4.87 27.10 -48.83
N ASP F 301 4.27 28.18 -48.33
CA ASP F 301 4.65 29.53 -48.75
C ASP F 301 4.14 30.47 -47.67
N GLN F 302 5.04 31.25 -47.08
CA GLN F 302 4.66 32.18 -46.04
C GLN F 302 5.15 33.57 -46.38
N ALA F 303 4.80 34.50 -45.50
CA ALA F 303 5.27 35.88 -45.55
C ALA F 303 5.17 36.44 -44.13
N GLY F 304 5.34 37.73 -44.00
CA GLY F 304 5.27 38.34 -42.69
C GLY F 304 5.72 39.78 -42.68
N GLU F 305 5.29 40.52 -41.65
CA GLU F 305 5.61 41.93 -41.51
C GLU F 305 5.28 42.35 -40.09
N SER F 306 6.20 43.06 -39.44
CA SER F 306 5.94 43.59 -38.12
C SER F 306 6.71 44.90 -37.99
N VAL F 307 6.07 46.00 -38.34
CA VAL F 307 6.65 47.33 -38.18
C VAL F 307 6.12 47.88 -36.86
N ALA F 308 6.92 48.72 -36.20
CA ALA F 308 6.55 49.27 -34.90
C ALA F 308 6.94 50.74 -34.87
N LYS F 309 5.99 51.61 -35.20
CA LYS F 309 6.28 53.03 -35.35
C LYS F 309 6.27 53.77 -34.02
N VAL F 310 6.34 55.09 -34.12
CA VAL F 310 5.98 56.03 -33.06
C VAL F 310 4.97 56.93 -33.75
N PRO F 311 3.75 57.16 -33.15
CA PRO F 311 2.55 57.50 -33.95
C PRO F 311 2.61 58.71 -34.87
N LEU F 312 3.11 59.85 -34.41
CA LEU F 312 3.15 61.02 -35.29
C LEU F 312 4.47 61.08 -36.06
N LEU F 313 5.59 60.91 -35.36
CA LEU F 313 6.90 60.98 -36.00
C LEU F 313 7.41 59.61 -36.45
N GLY F 314 6.54 58.87 -37.13
CA GLY F 314 6.93 57.58 -37.68
C GLY F 314 6.79 57.56 -39.18
N ASP F 315 5.87 58.35 -39.72
CA ASP F 315 5.65 58.43 -41.15
C ASP F 315 6.30 59.65 -41.78
N ILE F 316 7.38 60.16 -41.18
CA ILE F 316 8.21 61.19 -41.79
C ILE F 316 8.90 60.54 -42.98
N PRO F 317 8.81 61.11 -44.18
CA PRO F 317 9.32 60.41 -45.37
C PRO F 317 10.84 60.40 -45.47
N LEU F 318 11.52 61.19 -44.65
CA LEU F 318 12.96 61.29 -44.74
C LEU F 318 13.67 60.66 -43.55
N ILE F 319 13.35 61.11 -42.34
CA ILE F 319 14.07 60.66 -41.15
C ILE F 319 13.17 59.80 -40.27
N GLY F 320 11.98 59.48 -40.78
CA GLY F 320 11.07 58.63 -40.04
C GLY F 320 11.52 57.18 -39.98
N ASN F 321 12.40 56.79 -40.89
CA ASN F 321 12.88 55.41 -40.99
C ASN F 321 13.67 54.99 -39.76
N LEU F 322 14.30 55.95 -39.07
CA LEU F 322 15.04 55.64 -37.85
C LEU F 322 14.15 55.87 -36.62
N PHE F 323 12.91 55.39 -36.72
CA PHE F 323 12.03 55.34 -35.57
C PHE F 323 11.27 54.02 -35.50
N LYS F 324 11.27 53.27 -36.60
CA LYS F 324 10.49 52.05 -36.71
C LYS F 324 11.40 50.84 -36.67
N SER F 325 10.95 49.78 -36.01
CA SER F 325 11.69 48.52 -35.95
C SER F 325 11.07 47.56 -36.94
N THR F 326 11.41 47.71 -38.21
CA THR F 326 10.76 46.99 -39.30
C THR F 326 11.25 45.55 -39.31
N ALA F 327 10.42 44.63 -38.83
CA ALA F 327 10.71 43.22 -39.01
C ALA F 327 10.26 42.78 -40.39
N ASP F 328 10.61 41.54 -40.72
CA ASP F 328 10.17 40.87 -41.93
C ASP F 328 10.40 39.39 -41.72
N LYS F 329 9.73 38.57 -42.53
CA LYS F 329 10.01 37.14 -42.60
C LYS F 329 9.48 36.61 -43.91
N LYS F 330 10.36 36.20 -44.80
CA LYS F 330 9.96 35.52 -46.02
C LYS F 330 10.42 34.08 -45.91
N GLU F 331 9.55 33.15 -46.28
CA GLU F 331 9.86 31.74 -46.17
C GLU F 331 9.10 30.99 -47.25
N LYS F 332 9.73 29.97 -47.81
CA LYS F 332 9.11 29.15 -48.84
C LYS F 332 9.72 27.76 -48.78
N ARG F 333 8.88 26.74 -48.85
CA ARG F 333 9.36 25.37 -48.67
C ARG F 333 8.52 24.43 -49.52
N ASN F 334 9.17 23.70 -50.42
CA ASN F 334 8.51 22.73 -51.29
C ASN F 334 8.85 21.33 -50.84
N LEU F 335 8.03 20.38 -51.26
CA LEU F 335 8.20 18.99 -50.88
C LEU F 335 7.42 18.15 -51.88
N MET F 336 8.03 17.04 -52.32
CA MET F 336 7.37 16.11 -53.21
C MET F 336 7.77 14.68 -52.85
N VAL F 337 6.93 13.73 -53.27
CA VAL F 337 7.19 12.31 -53.14
C VAL F 337 6.84 11.66 -54.47
N PHE F 338 7.84 11.11 -55.14
CA PHE F 338 7.67 10.46 -56.43
C PHE F 338 7.86 8.96 -56.27
N ILE F 339 7.66 8.22 -57.36
CA ILE F 339 7.89 6.78 -57.35
C ILE F 339 8.20 6.37 -58.79
N ARG F 340 8.79 5.19 -58.94
CA ARG F 340 9.03 4.60 -60.25
C ARG F 340 9.06 3.09 -60.08
N PRO F 341 8.02 2.39 -60.49
CA PRO F 341 8.08 0.94 -60.52
C PRO F 341 8.86 0.44 -61.73
N THR F 342 9.45 -0.74 -61.57
CA THR F 342 10.25 -1.34 -62.62
C THR F 342 10.10 -2.86 -62.51
N ILE F 343 9.35 -3.47 -63.42
CA ILE F 343 9.23 -4.92 -63.38
C ILE F 343 10.47 -5.54 -63.98
N LEU F 344 10.80 -6.74 -63.52
CA LEU F 344 11.99 -7.45 -63.94
C LEU F 344 11.57 -8.79 -64.54
N ARG F 345 11.78 -8.95 -65.84
CA ARG F 345 11.29 -10.14 -66.53
C ARG F 345 12.18 -11.35 -66.26
N ASP F 346 13.44 -11.28 -66.71
CA ASP F 346 14.31 -12.46 -66.79
C ASP F 346 15.69 -12.04 -66.32
N GLY F 347 16.70 -12.86 -66.65
CA GLY F 347 18.08 -12.54 -66.36
C GLY F 347 18.61 -11.35 -67.15
N MET F 348 17.95 -10.97 -68.24
CA MET F 348 18.32 -9.74 -68.95
C MET F 348 17.93 -8.50 -68.17
N ALA F 349 16.79 -8.56 -67.47
CA ALA F 349 16.31 -7.40 -66.72
C ALA F 349 17.14 -7.18 -65.46
N ALA F 350 17.32 -8.23 -64.66
CA ALA F 350 18.20 -8.16 -63.50
C ALA F 350 19.65 -8.00 -63.91
N ASP F 351 20.02 -8.45 -65.11
CA ASP F 351 21.31 -8.12 -65.70
C ASP F 351 21.45 -6.61 -65.87
N GLY F 352 20.42 -5.96 -66.43
CA GLY F 352 20.46 -4.52 -66.62
C GLY F 352 20.48 -3.72 -65.35
N VAL F 353 19.49 -3.95 -64.48
CA VAL F 353 19.35 -3.15 -63.27
C VAL F 353 20.44 -3.49 -62.26
N SER F 354 20.68 -4.79 -62.04
CA SER F 354 21.71 -5.20 -61.10
C SER F 354 23.11 -4.88 -61.62
N GLN F 355 23.28 -4.84 -62.95
CA GLN F 355 24.56 -4.45 -63.51
C GLN F 355 24.80 -2.96 -63.36
N ARG F 356 23.78 -2.13 -63.57
CA ARG F 356 24.01 -0.69 -63.44
C ARG F 356 24.13 -0.25 -61.99
N LYS F 357 23.40 -0.92 -61.07
CA LYS F 357 23.57 -0.58 -59.65
C LYS F 357 24.88 -1.12 -59.11
N TYR F 358 25.20 -2.38 -59.43
CA TYR F 358 26.42 -3.00 -58.91
C TYR F 358 27.67 -2.34 -59.49
N ASN F 359 27.71 -2.16 -60.81
CA ASN F 359 28.86 -1.50 -61.41
C ASN F 359 28.85 0.01 -61.20
N TYR F 360 27.71 0.60 -60.85
CA TYR F 360 27.71 1.99 -60.46
C TYR F 360 28.33 2.18 -59.08
N MET F 361 27.96 1.33 -58.12
CA MET F 361 28.52 1.44 -56.78
C MET F 361 29.98 0.99 -56.74
N ARG F 362 30.30 -0.06 -57.48
CA ARG F 362 31.70 -0.46 -57.63
C ARG F 362 32.50 0.62 -58.33
N ALA F 363 31.89 1.28 -59.31
CA ALA F 363 32.54 2.40 -59.98
C ALA F 363 32.79 3.55 -59.02
N GLU F 364 31.86 3.80 -58.10
CA GLU F 364 32.10 4.82 -57.08
C GLU F 364 33.19 4.42 -56.11
N GLN F 365 33.34 3.12 -55.82
CA GLN F 365 34.47 2.69 -55.01
C GLN F 365 35.79 2.80 -55.77
N ILE F 366 35.75 2.67 -57.10
CA ILE F 366 36.93 2.94 -57.91
C ILE F 366 37.26 4.43 -57.86
N TYR F 367 36.24 5.30 -57.87
CA TYR F 367 36.50 6.71 -57.63
C TYR F 367 36.89 7.00 -56.19
N ARG F 368 36.73 6.05 -55.27
CA ARG F 368 37.36 6.15 -53.96
C ARG F 368 38.72 5.46 -53.92
N ASP F 369 39.11 4.78 -54.99
CA ASP F 369 40.41 4.14 -55.06
C ASP F 369 41.45 5.02 -55.77
N GLU F 370 41.07 5.63 -56.90
CA GLU F 370 41.94 6.60 -57.55
C GLU F 370 42.13 7.83 -56.68
N GLN F 371 41.03 8.35 -56.14
CA GLN F 371 41.09 9.36 -55.09
C GLN F 371 41.48 8.64 -53.80
N GLY F 372 42.79 8.49 -53.61
CA GLY F 372 43.31 7.68 -52.53
C GLY F 372 43.35 8.43 -51.21
N LEU F 373 43.82 7.72 -50.19
CA LEU F 373 43.97 8.32 -48.87
C LEU F 373 45.11 9.33 -48.87
N SER F 374 45.02 10.31 -47.99
CA SER F 374 45.99 11.40 -47.97
C SER F 374 47.32 10.99 -47.34
N LEU F 375 47.36 9.86 -46.64
CA LEU F 375 48.56 9.46 -45.90
C LEU F 375 49.28 8.29 -46.55
N MET F 376 48.58 7.17 -46.75
CA MET F 376 49.22 5.96 -47.25
C MET F 376 48.67 5.59 -48.62
N PRO F 377 49.44 5.77 -49.69
CA PRO F 377 49.00 5.24 -51.00
C PRO F 377 49.02 3.72 -51.05
N HIS F 378 49.82 3.07 -50.22
CA HIS F 378 49.95 1.61 -50.23
C HIS F 378 48.98 0.99 -49.21
N THR F 379 47.70 1.27 -49.42
CA THR F 379 46.63 0.72 -48.58
C THR F 379 45.42 0.50 -49.46
N ALA F 380 44.94 -0.74 -49.53
CA ALA F 380 43.86 -1.09 -50.43
C ALA F 380 42.52 -0.62 -49.88
N GLN F 381 41.74 0.06 -50.72
CA GLN F 381 40.38 0.41 -50.36
C GLN F 381 39.50 -0.83 -50.45
N PRO F 382 38.41 -0.88 -49.68
CA PRO F 382 37.43 -1.95 -49.87
C PRO F 382 36.71 -1.84 -51.20
N ILE F 383 36.98 -2.78 -52.10
CA ILE F 383 36.41 -2.73 -53.44
C ILE F 383 35.60 -4.00 -53.67
N LEU F 384 34.54 -3.88 -54.45
CA LEU F 384 33.68 -5.00 -54.78
C LEU F 384 34.42 -5.99 -55.69
N PRO F 385 33.97 -7.27 -55.73
CA PRO F 385 34.58 -8.24 -56.63
C PRO F 385 34.38 -7.93 -58.11
N ALA F 386 34.95 -8.80 -58.97
CA ALA F 386 35.08 -8.49 -60.38
C ALA F 386 33.74 -8.53 -61.11
N GLN F 387 33.08 -9.68 -61.11
CA GLN F 387 31.86 -9.83 -61.89
C GLN F 387 30.79 -10.61 -61.12
N GLY G 1 5.81 -59.42 -41.88
CA GLY G 1 4.89 -59.97 -42.88
C GLY G 1 3.74 -59.03 -43.19
N ASN G 2 2.87 -58.83 -42.20
CA ASN G 2 1.74 -57.92 -42.35
C ASN G 2 2.23 -56.48 -42.29
N SER G 3 2.88 -56.12 -41.18
CA SER G 3 3.47 -54.80 -41.05
C SER G 3 4.94 -54.85 -41.41
N GLN G 4 5.47 -53.70 -41.82
CA GLN G 4 6.86 -53.60 -42.25
C GLN G 4 7.50 -52.36 -41.64
N VAL G 5 8.82 -52.31 -41.73
CA VAL G 5 9.62 -51.22 -41.20
C VAL G 5 10.46 -50.64 -42.32
N PHE G 6 10.34 -49.34 -42.55
CA PHE G 6 11.10 -48.64 -43.57
C PHE G 6 12.15 -47.76 -42.91
N TYR G 7 13.39 -47.87 -43.37
CA TYR G 7 14.45 -46.99 -42.93
C TYR G 7 14.53 -45.80 -43.89
N LEU G 8 14.23 -44.62 -43.39
CA LEU G 8 14.33 -43.42 -44.20
C LEU G 8 15.80 -43.08 -44.42
N LYS G 9 16.14 -42.74 -45.67
CA LYS G 9 17.53 -42.56 -46.04
C LYS G 9 17.93 -41.09 -46.15
N TYR G 10 16.98 -40.17 -46.25
CA TYR G 10 17.34 -38.76 -46.35
C TYR G 10 16.43 -37.83 -45.56
N SER G 11 15.46 -38.34 -44.81
CA SER G 11 14.50 -37.48 -44.15
C SER G 11 14.23 -37.97 -42.74
N LYS G 12 13.77 -37.06 -41.89
CA LYS G 12 13.43 -37.42 -40.53
C LYS G 12 12.13 -38.21 -40.50
N ALA G 13 11.93 -38.95 -39.41
CA ALA G 13 10.78 -39.84 -39.32
C ALA G 13 9.53 -39.10 -38.86
N GLU G 14 9.68 -38.11 -37.98
CA GLU G 14 8.51 -37.44 -37.43
C GLU G 14 7.81 -36.58 -38.46
N ASP G 15 8.56 -36.04 -39.43
CA ASP G 15 7.97 -35.31 -40.53
C ASP G 15 7.14 -36.23 -41.40
N LEU G 16 7.66 -37.42 -41.69
CA LEU G 16 6.95 -38.38 -42.52
C LEU G 16 5.72 -38.94 -41.83
N VAL G 17 5.75 -39.10 -40.51
CA VAL G 17 4.51 -39.55 -39.87
C VAL G 17 3.51 -38.40 -39.79
N ASP G 18 3.99 -37.15 -39.62
CA ASP G 18 3.08 -36.01 -39.61
C ASP G 18 2.42 -35.79 -40.96
N VAL G 19 3.08 -36.19 -42.05
CA VAL G 19 2.41 -36.20 -43.34
C VAL G 19 1.48 -37.39 -43.46
N LEU G 20 1.97 -38.59 -43.15
CA LEU G 20 1.24 -39.82 -43.47
C LEU G 20 0.12 -40.15 -42.49
N LYS G 21 -0.14 -39.32 -41.48
CA LYS G 21 -1.40 -39.52 -40.75
C LYS G 21 -2.61 -39.12 -41.60
N GLN G 22 -2.41 -38.30 -42.63
CA GLN G 22 -3.51 -37.82 -43.45
C GLN G 22 -3.76 -38.67 -44.68
N VAL G 23 -2.74 -39.37 -45.18
CA VAL G 23 -2.88 -40.11 -46.43
C VAL G 23 -3.69 -41.37 -46.22
N SER G 24 -3.31 -42.17 -45.22
CA SER G 24 -4.00 -43.43 -44.97
C SER G 24 -5.39 -43.20 -44.38
N GLY G 25 -5.56 -42.13 -43.61
CA GLY G 25 -6.79 -41.90 -42.86
C GLY G 25 -8.01 -41.67 -43.72
N THR G 26 -7.82 -41.22 -44.96
CA THR G 26 -8.89 -41.23 -45.95
C THR G 26 -8.60 -42.17 -47.11
N LEU G 27 -7.38 -42.70 -47.19
CA LEU G 27 -7.07 -43.67 -48.22
C LEU G 27 -7.73 -45.02 -47.93
N THR G 28 -8.06 -45.29 -46.66
CA THR G 28 -8.84 -46.50 -46.36
C THR G 28 -10.25 -46.45 -46.95
N ALA G 29 -10.81 -45.26 -47.08
CA ALA G 29 -12.14 -45.10 -47.67
C ALA G 29 -12.08 -45.28 -49.18
N VAL G 44 -6.92 -51.02 -38.38
CA VAL G 44 -7.15 -50.35 -39.65
C VAL G 44 -5.78 -50.05 -40.26
N VAL G 45 -5.20 -48.91 -39.90
CA VAL G 45 -3.85 -48.52 -40.32
C VAL G 45 -3.10 -47.94 -39.13
N SER G 46 -1.78 -48.09 -39.15
CA SER G 46 -0.95 -47.51 -38.09
C SER G 46 0.36 -47.06 -38.69
N ILE G 47 0.66 -45.77 -38.53
CA ILE G 47 1.95 -45.21 -38.88
C ILE G 47 2.57 -44.67 -37.61
N ALA G 48 3.65 -45.28 -37.15
CA ALA G 48 4.37 -44.82 -35.98
C ALA G 48 5.85 -44.69 -36.32
N ALA G 49 6.50 -43.72 -35.70
CA ALA G 49 7.85 -43.33 -36.06
C ALA G 49 8.79 -43.54 -34.89
N SER G 50 9.74 -44.47 -35.06
CA SER G 50 10.80 -44.67 -34.08
C SER G 50 11.83 -43.55 -34.23
N LYS G 51 11.84 -42.61 -33.29
CA LYS G 51 12.64 -41.41 -33.44
C LYS G 51 14.12 -41.70 -33.25
N HIS G 52 14.46 -42.58 -32.31
CA HIS G 52 15.87 -42.81 -32.00
C HIS G 52 16.57 -43.62 -33.08
N SER G 53 15.84 -44.43 -33.83
CA SER G 53 16.45 -45.35 -34.77
C SER G 53 16.14 -45.03 -36.23
N ASN G 54 15.52 -43.87 -36.51
CA ASN G 54 15.31 -43.31 -37.84
C ASN G 54 14.49 -44.26 -38.72
N ALA G 55 13.30 -44.60 -38.25
CA ALA G 55 12.45 -45.50 -38.99
C ALA G 55 11.00 -45.26 -38.62
N LEU G 56 10.13 -45.28 -39.63
CA LEU G 56 8.71 -45.28 -39.44
C LEU G 56 8.18 -46.67 -39.73
N ILE G 57 7.08 -47.02 -39.07
CA ILE G 57 6.54 -48.38 -39.12
C ILE G 57 5.14 -48.32 -39.71
N VAL G 58 4.94 -49.02 -40.81
CA VAL G 58 3.66 -49.03 -41.51
C VAL G 58 2.95 -50.33 -41.19
N THR G 59 1.71 -50.24 -40.72
CA THR G 59 0.85 -51.39 -40.49
C THR G 59 -0.40 -51.18 -41.34
N ALA G 60 -0.53 -51.97 -42.41
CA ALA G 60 -1.56 -51.70 -43.40
C ALA G 60 -1.81 -52.98 -44.18
N PRO G 61 -2.98 -53.10 -44.84
CA PRO G 61 -3.17 -54.20 -45.79
C PRO G 61 -2.28 -54.08 -47.00
N GLN G 62 -2.29 -55.12 -47.83
CA GLN G 62 -1.34 -55.26 -48.92
C GLN G 62 -1.55 -54.24 -50.02
N ASP G 63 -2.79 -53.79 -50.23
CA ASP G 63 -3.05 -52.82 -51.28
C ASP G 63 -2.63 -51.42 -50.86
N ILE G 64 -2.84 -51.08 -49.59
CA ILE G 64 -2.40 -49.79 -49.07
C ILE G 64 -0.89 -49.76 -48.92
N MET G 65 -0.27 -50.93 -48.69
CA MET G 65 1.16 -51.01 -48.43
C MET G 65 1.99 -50.63 -49.65
N GLN G 66 1.50 -50.95 -50.84
CA GLN G 66 2.22 -50.56 -52.05
C GLN G 66 2.06 -49.07 -52.33
N SER G 67 0.91 -48.51 -51.97
CA SER G 67 0.71 -47.07 -52.15
C SER G 67 1.59 -46.26 -51.21
N LEU G 68 1.54 -46.58 -49.92
CA LEU G 68 2.38 -45.87 -48.95
C LEU G 68 3.86 -46.17 -49.16
N GLN G 69 4.18 -47.37 -49.64
CA GLN G 69 5.56 -47.68 -50.01
C GLN G 69 6.01 -46.83 -51.18
N SER G 70 5.13 -46.59 -52.15
CA SER G 70 5.48 -45.75 -53.28
C SER G 70 5.64 -44.30 -52.86
N VAL G 71 4.82 -43.83 -51.92
CA VAL G 71 4.93 -42.45 -51.45
C VAL G 71 6.22 -42.26 -50.66
N ILE G 72 6.57 -43.22 -49.81
CA ILE G 72 7.83 -43.15 -49.07
C ILE G 72 9.02 -43.25 -50.02
N GLU G 73 8.90 -44.03 -51.10
CA GLU G 73 9.95 -44.06 -52.11
C GLU G 73 10.04 -42.74 -52.86
N GLN G 74 8.95 -41.99 -52.99
CA GLN G 74 9.00 -40.73 -53.70
C GLN G 74 9.34 -39.53 -52.82
N LEU G 75 9.28 -39.67 -51.50
CA LEU G 75 9.63 -38.57 -50.62
C LEU G 75 11.04 -38.64 -50.07
N ASP G 76 11.64 -39.84 -50.03
CA ASP G 76 12.98 -40.01 -49.48
C ASP G 76 13.98 -39.63 -50.57
N ILE G 77 14.20 -38.32 -50.69
CA ILE G 77 14.98 -37.76 -51.79
C ILE G 77 16.12 -36.92 -51.26
N ARG G 78 17.17 -36.81 -52.08
CA ARG G 78 18.33 -36.00 -51.74
C ARG G 78 17.98 -34.52 -51.75
N ARG G 79 18.23 -33.84 -50.66
CA ARG G 79 17.94 -32.42 -50.52
C ARG G 79 19.18 -31.61 -50.84
N ALA G 80 19.07 -30.66 -51.76
CA ALA G 80 20.21 -29.83 -52.09
C ALA G 80 20.37 -28.73 -51.06
N GLN G 81 21.54 -28.09 -51.08
CA GLN G 81 21.89 -27.09 -50.09
C GLN G 81 22.44 -25.85 -50.76
N VAL G 82 22.15 -24.69 -50.15
CA VAL G 82 22.29 -23.39 -50.78
C VAL G 82 23.15 -22.52 -49.87
N HIS G 83 24.23 -21.97 -50.42
CA HIS G 83 25.05 -20.99 -49.72
C HIS G 83 24.62 -19.59 -50.16
N VAL G 84 24.16 -18.79 -49.23
CA VAL G 84 23.66 -17.44 -49.49
C VAL G 84 24.68 -16.44 -49.01
N GLU G 85 25.07 -15.52 -49.88
CA GLU G 85 26.09 -14.53 -49.56
C GLU G 85 25.54 -13.14 -49.87
N ALA G 86 25.25 -12.37 -48.82
CA ALA G 86 24.62 -11.07 -48.95
C ALA G 86 25.65 -9.98 -48.69
N LEU G 87 25.84 -9.09 -49.66
CA LEU G 87 26.80 -8.01 -49.53
C LEU G 87 26.12 -6.76 -49.02
N ILE G 88 26.91 -5.88 -48.41
CA ILE G 88 26.44 -4.60 -47.88
C ILE G 88 27.47 -3.55 -48.24
N VAL G 89 27.05 -2.52 -48.97
CA VAL G 89 27.94 -1.44 -49.36
C VAL G 89 27.41 -0.15 -48.75
N GLU G 90 28.28 0.61 -48.10
CA GLU G 90 27.93 1.93 -47.59
C GLU G 90 29.04 2.90 -47.90
N VAL G 91 28.75 3.92 -48.71
CA VAL G 91 29.70 4.96 -49.05
C VAL G 91 29.13 6.28 -48.58
N ALA G 92 29.90 7.04 -47.81
CA ALA G 92 29.46 8.32 -47.29
C ALA G 92 30.46 9.41 -47.65
N GLU G 93 30.03 10.65 -47.57
CA GLU G 93 30.88 11.81 -47.81
C GLU G 93 30.24 13.03 -47.16
N GLY G 94 30.97 13.69 -46.28
CA GLY G 94 30.46 14.88 -45.63
C GLY G 94 31.49 15.99 -45.54
N SER G 95 31.15 17.17 -46.05
CA SER G 95 32.08 18.31 -46.06
C SER G 95 31.28 19.59 -45.94
N ASN G 96 31.50 20.33 -44.86
CA ASN G 96 30.86 21.61 -44.62
C ASN G 96 31.92 22.69 -44.42
N ILE G 97 31.68 23.87 -44.96
CA ILE G 97 32.61 24.98 -44.89
C ILE G 97 32.00 26.07 -44.05
N ASN G 98 32.68 26.48 -43.00
CA ASN G 98 32.25 27.64 -42.22
C ASN G 98 33.12 28.84 -42.52
N PHE G 99 32.60 30.01 -42.20
CA PHE G 99 33.30 31.27 -42.34
C PHE G 99 32.62 32.28 -41.43
N GLY G 100 33.34 33.31 -41.04
CA GLY G 100 32.73 34.31 -40.19
C GLY G 100 33.66 35.42 -39.75
N VAL G 101 33.17 36.65 -39.81
CA VAL G 101 33.90 37.83 -39.36
C VAL G 101 33.06 38.51 -38.30
N GLN G 102 33.63 38.73 -37.13
CA GLN G 102 32.92 39.33 -36.01
C GLN G 102 33.70 40.54 -35.51
N TRP G 103 33.17 41.73 -35.77
CA TRP G 103 33.78 42.96 -35.28
C TRP G 103 33.29 43.24 -33.87
N GLY G 104 34.13 43.91 -33.08
CA GLY G 104 33.73 44.25 -31.73
C GLY G 104 34.53 45.38 -31.14
N SER G 105 33.83 46.39 -30.62
CA SER G 105 34.44 47.47 -29.87
C SER G 105 33.86 47.49 -28.47
N LYS G 106 34.67 47.89 -27.50
CA LYS G 106 34.22 47.85 -26.11
C LYS G 106 33.25 48.99 -25.82
N ASP G 107 33.37 50.11 -26.53
CA ASP G 107 32.53 51.27 -26.30
C ASP G 107 31.62 51.63 -27.46
N ALA G 108 31.66 50.88 -28.56
CA ALA G 108 30.91 51.24 -29.76
C ALA G 108 30.19 50.03 -30.34
N GLY G 109 29.66 49.18 -29.48
CA GLY G 109 28.85 48.06 -29.92
C GLY G 109 29.67 46.92 -30.50
N LEU G 110 28.96 45.90 -30.95
CA LEU G 110 29.57 44.68 -31.46
C LEU G 110 28.79 44.16 -32.65
N MET G 111 29.45 43.38 -33.50
CA MET G 111 28.82 42.69 -34.61
C MET G 111 29.08 41.20 -34.47
N GLN G 112 28.06 40.45 -34.07
CA GLN G 112 28.23 39.01 -33.93
C GLN G 112 27.25 38.29 -34.84
N PHE G 113 27.43 36.98 -34.95
CA PHE G 113 26.56 36.12 -35.73
C PHE G 113 26.50 34.76 -35.05
N ALA G 114 25.58 33.92 -35.50
CA ALA G 114 25.49 32.54 -35.04
C ALA G 114 25.16 31.62 -36.21
N ASN G 115 25.33 30.32 -35.97
CA ASN G 115 24.97 29.24 -36.89
C ASN G 115 25.71 29.38 -38.23
N GLY G 116 27.01 29.16 -38.15
CA GLY G 116 27.86 29.27 -39.32
C GLY G 116 29.20 29.88 -39.01
N THR G 117 29.25 30.65 -37.93
CA THR G 117 30.51 31.10 -37.37
C THR G 117 30.84 30.41 -36.06
N GLN G 118 29.84 29.78 -35.42
CA GLN G 118 29.99 28.80 -34.35
C GLN G 118 30.60 29.31 -33.06
N ILE G 119 30.92 30.60 -32.98
CA ILE G 119 31.42 31.21 -31.76
C ILE G 119 31.07 32.70 -31.76
N PRO G 120 30.17 33.14 -30.89
CA PRO G 120 29.82 34.56 -30.84
C PRO G 120 30.92 35.37 -30.18
N ILE G 121 31.01 36.64 -30.59
CA ILE G 121 31.96 37.55 -29.94
C ILE G 121 31.43 37.99 -28.58
N GLY G 122 30.13 37.88 -28.35
CA GLY G 122 29.58 38.26 -27.06
C GLY G 122 29.87 37.23 -25.98
N THR G 123 29.72 35.96 -26.32
CA THR G 123 30.00 34.90 -25.35
C THR G 123 31.49 34.73 -25.12
N LEU G 124 32.28 34.88 -26.19
CA LEU G 124 33.73 34.73 -26.04
C LEU G 124 34.33 35.95 -25.37
N GLY G 125 33.80 37.14 -25.67
CA GLY G 125 34.22 38.33 -24.95
C GLY G 125 33.77 38.34 -23.51
N ALA G 126 32.65 37.67 -23.22
CA ALA G 126 32.21 37.52 -21.84
C ALA G 126 33.09 36.52 -21.10
N ALA G 127 33.51 35.46 -21.78
CA ALA G 127 34.34 34.45 -21.15
C ALA G 127 35.75 34.97 -20.89
N ILE G 128 36.34 35.64 -21.88
CA ILE G 128 37.66 36.25 -21.71
C ILE G 128 37.59 37.42 -20.74
N SER G 129 36.47 38.15 -20.74
CA SER G 129 36.26 39.22 -19.76
C SER G 129 36.13 38.65 -18.36
N ALA G 130 35.63 37.42 -18.22
CA ALA G 130 35.63 36.75 -16.93
C ALA G 130 36.93 36.00 -16.65
N ALA G 131 37.89 36.02 -17.56
CA ALA G 131 39.08 35.19 -17.44
C ALA G 131 40.28 35.93 -16.88
N LYS G 132 40.35 37.25 -17.02
CA LYS G 132 41.49 37.98 -16.48
C LYS G 132 41.38 38.06 -14.96
N PRO G 133 42.44 37.71 -14.22
CA PRO G 133 42.30 37.49 -12.79
C PRO G 133 42.16 38.76 -11.98
N GLN G 134 41.39 38.65 -10.90
CA GLN G 134 41.21 39.73 -9.95
C GLN G 134 42.34 39.73 -8.94
N LYS G 135 42.45 40.83 -8.21
CA LYS G 135 43.45 40.97 -7.16
C LYS G 135 42.82 40.84 -5.79
N GLY G 136 43.66 40.79 -4.77
CA GLY G 136 43.22 40.65 -3.39
C GLY G 136 43.22 41.96 -2.65
N SER G 137 43.26 41.86 -1.32
CA SER G 137 43.25 43.03 -0.46
C SER G 137 44.60 43.74 -0.47
N ASN G 149 44.30 39.35 0.23
CA ASN G 149 45.76 39.56 0.15
C ASN G 149 46.44 38.71 -0.97
N PRO G 150 46.08 37.39 -1.18
CA PRO G 150 46.57 36.73 -2.41
C PRO G 150 45.70 37.05 -3.61
N ASP G 151 46.30 37.05 -4.80
CA ASP G 151 45.58 37.28 -6.06
C ASP G 151 45.44 35.96 -6.81
N THR G 152 44.20 35.49 -6.93
CA THR G 152 43.94 34.19 -7.53
C THR G 152 43.84 34.30 -9.05
N ASN G 153 44.66 33.52 -9.74
CA ASN G 153 44.56 33.32 -11.19
C ASN G 153 43.87 31.97 -11.42
N GLY G 154 42.57 31.93 -11.18
CA GLY G 154 41.84 30.69 -11.28
C GLY G 154 40.44 30.84 -11.83
N ASP G 155 40.16 31.97 -12.48
CA ASP G 155 38.87 32.22 -13.11
C ASP G 155 38.88 31.65 -14.54
N LEU G 156 38.34 30.44 -14.68
CA LEU G 156 38.41 29.73 -15.95
C LEU G 156 37.27 28.71 -15.94
N SER G 157 37.37 27.70 -16.82
CA SER G 157 36.34 26.69 -17.09
C SER G 157 35.08 27.27 -17.68
N THR G 158 35.19 28.43 -18.32
CA THR G 158 34.18 28.98 -19.21
C THR G 158 34.65 29.00 -20.65
N LEU G 159 35.93 29.37 -20.87
CA LEU G 159 36.55 29.11 -22.16
C LEU G 159 36.79 27.63 -22.37
N ALA G 160 36.98 26.87 -21.28
CA ALA G 160 37.18 25.44 -21.40
C ALA G 160 35.90 24.71 -21.77
N GLN G 161 34.74 25.32 -21.56
CA GLN G 161 33.48 24.75 -22.00
C GLN G 161 33.02 25.34 -23.33
N LEU G 162 33.19 26.65 -23.50
CA LEU G 162 32.79 27.31 -24.74
C LEU G 162 33.68 26.91 -25.89
N LEU G 163 34.95 26.63 -25.62
CA LEU G 163 35.89 26.15 -26.62
C LEU G 163 36.10 24.64 -26.55
N SER G 164 35.19 23.91 -25.91
CA SER G 164 35.36 22.47 -25.80
C SER G 164 35.05 21.78 -27.13
N GLY G 165 33.82 21.90 -27.59
CA GLY G 165 33.50 21.41 -28.91
C GLY G 165 33.60 22.53 -29.93
N PHE G 166 34.78 22.65 -30.55
CA PHE G 166 35.07 23.71 -31.49
C PHE G 166 36.32 23.37 -32.28
N SER G 167 36.27 23.53 -33.60
CA SER G 167 37.37 23.13 -34.46
C SER G 167 37.84 24.22 -35.40
N GLY G 168 37.42 25.46 -35.20
CA GLY G 168 37.67 26.50 -36.17
C GLY G 168 38.95 27.28 -35.92
N THR G 169 39.51 27.81 -37.00
CA THR G 169 40.59 28.78 -36.94
C THR G 169 40.02 30.11 -36.50
N ALA G 170 40.35 30.55 -35.30
CA ALA G 170 39.82 31.78 -34.73
C ALA G 170 40.99 32.70 -34.41
N VAL G 171 41.22 33.69 -35.28
CA VAL G 171 42.29 34.65 -35.05
C VAL G 171 41.69 35.93 -34.50
N GLY G 172 42.51 36.71 -33.80
CA GLY G 172 42.07 38.00 -33.31
C GLY G 172 42.90 39.13 -33.88
N VAL G 173 42.31 39.92 -34.75
CA VAL G 173 43.01 41.00 -35.44
C VAL G 173 42.53 42.32 -34.87
N VAL G 174 43.41 43.04 -34.20
CA VAL G 174 43.10 44.36 -33.68
C VAL G 174 43.46 45.40 -34.73
N LYS G 175 42.51 46.27 -35.06
CA LYS G 175 42.73 47.29 -36.07
C LYS G 175 41.86 48.49 -35.73
N GLY G 176 42.46 49.53 -35.17
CA GLY G 176 41.72 50.71 -34.76
C GLY G 176 40.79 50.50 -33.60
N ASP G 177 41.17 49.63 -32.66
CA ASP G 177 40.33 49.12 -31.57
C ASP G 177 39.04 48.53 -32.12
N TRP G 178 39.21 47.51 -32.95
CA TRP G 178 38.11 46.71 -33.50
C TRP G 178 38.61 45.28 -33.57
N MET G 179 38.21 44.46 -32.60
CA MET G 179 38.71 43.09 -32.51
C MET G 179 38.08 42.23 -33.58
N ALA G 180 38.72 42.17 -34.76
CA ALA G 180 38.17 41.44 -35.91
C ALA G 180 38.36 39.94 -35.69
N LEU G 181 37.42 39.35 -34.99
CA LEU G 181 37.45 37.92 -34.71
C LEU G 181 37.03 37.16 -35.96
N VAL G 182 38.00 36.64 -36.70
CA VAL G 182 37.76 35.90 -37.93
C VAL G 182 37.72 34.43 -37.62
N GLN G 183 36.64 33.76 -38.01
CA GLN G 183 36.48 32.33 -37.77
C GLN G 183 36.27 31.62 -39.10
N ALA G 184 36.98 30.52 -39.30
CA ALA G 184 36.88 29.74 -40.54
C ALA G 184 37.35 28.32 -40.28
N VAL G 185 36.71 27.35 -40.96
CA VAL G 185 37.07 25.94 -40.86
C VAL G 185 36.47 25.22 -42.06
N LYS G 186 37.14 24.16 -42.52
CA LYS G 186 36.61 23.27 -43.54
C LYS G 186 37.08 21.86 -43.21
N ASN G 187 36.16 20.91 -43.14
CA ASN G 187 36.51 19.53 -42.80
C ASN G 187 35.71 18.54 -43.65
N ASP G 188 36.44 17.73 -44.40
CA ASP G 188 35.85 16.68 -45.23
C ASP G 188 35.77 15.39 -44.43
N SER G 189 34.91 14.47 -44.86
CA SER G 189 34.78 13.14 -44.27
C SER G 189 34.47 12.15 -45.37
N SER G 190 34.87 10.89 -45.18
CA SER G 190 34.66 9.83 -46.17
C SER G 190 34.68 8.50 -45.44
N SER G 191 33.53 7.83 -45.39
CA SER G 191 33.44 6.48 -44.85
C SER G 191 33.25 5.51 -46.02
N ASN G 192 33.63 4.26 -45.80
CA ASN G 192 33.49 3.21 -46.80
C ASN G 192 33.44 1.87 -46.09
N VAL G 193 32.25 1.27 -46.07
CA VAL G 193 32.03 0.06 -45.29
C VAL G 193 31.52 -1.04 -46.20
N LEU G 194 32.24 -2.15 -46.21
CA LEU G 194 31.83 -3.33 -46.96
C LEU G 194 31.71 -4.51 -46.02
N SER G 195 30.52 -5.08 -45.93
CA SER G 195 30.28 -6.24 -45.08
C SER G 195 29.57 -7.30 -45.88
N THR G 196 29.88 -8.56 -45.59
CA THR G 196 29.30 -9.69 -46.33
C THR G 196 29.16 -10.91 -45.42
N PRO G 197 28.02 -11.04 -44.76
CA PRO G 197 27.71 -12.30 -44.08
C PRO G 197 27.41 -13.41 -45.07
N SER G 198 27.46 -14.63 -44.56
CA SER G 198 27.23 -15.82 -45.37
C SER G 198 26.53 -16.85 -44.51
N ILE G 199 25.83 -17.78 -45.16
CA ILE G 199 25.08 -18.81 -44.45
C ILE G 199 25.04 -20.03 -45.35
N THR G 200 24.72 -21.19 -44.77
CA THR G 200 24.59 -22.43 -45.53
C THR G 200 23.43 -23.22 -44.93
N THR G 201 22.32 -23.26 -45.64
CA THR G 201 21.15 -23.98 -45.18
C THR G 201 20.97 -25.21 -46.02
N LEU G 202 19.87 -25.91 -45.81
CA LEU G 202 19.33 -26.83 -46.80
C LEU G 202 18.20 -26.13 -47.54
N ASP G 203 17.54 -26.87 -48.42
CA ASP G 203 16.33 -26.39 -49.05
C ASP G 203 15.20 -26.31 -48.02
N ASN G 204 14.48 -25.18 -48.01
CA ASN G 204 13.25 -24.97 -47.25
C ASN G 204 13.46 -25.06 -45.74
N GLN G 205 14.66 -24.77 -45.27
CA GLN G 205 14.98 -24.81 -43.84
C GLN G 205 15.54 -23.46 -43.46
N GLU G 206 14.83 -22.74 -42.59
CA GLU G 206 15.25 -21.40 -42.24
C GLU G 206 16.47 -21.43 -41.33
N ALA G 207 17.25 -20.36 -41.39
CA ALA G 207 18.50 -20.27 -40.65
C ALA G 207 18.89 -18.81 -40.59
N PHE G 208 19.56 -18.43 -39.51
CA PHE G 208 19.97 -17.05 -39.40
C PHE G 208 21.40 -17.01 -38.89
N PHE G 209 21.83 -15.81 -38.53
CA PHE G 209 23.22 -15.51 -38.27
C PHE G 209 23.23 -14.17 -37.54
N MET G 210 24.29 -13.91 -36.80
CA MET G 210 24.36 -12.73 -35.96
C MET G 210 25.82 -12.53 -35.55
N VAL G 211 26.26 -11.28 -35.51
CA VAL G 211 27.57 -10.97 -34.91
C VAL G 211 27.41 -9.82 -33.93
N GLY G 212 26.20 -9.63 -33.42
CA GLY G 212 25.88 -8.44 -32.66
C GLY G 212 26.19 -8.51 -31.19
N GLN G 213 25.39 -7.81 -30.41
CA GLN G 213 25.52 -7.72 -28.96
C GLN G 213 24.16 -7.95 -28.32
N ASP G 214 24.12 -7.82 -27.00
CA ASP G 214 22.88 -7.80 -26.24
C ASP G 214 22.90 -6.57 -25.36
N VAL G 215 21.98 -5.65 -25.59
CA VAL G 215 22.00 -4.37 -24.89
C VAL G 215 20.83 -4.33 -23.92
N PRO G 216 21.02 -3.89 -22.68
CA PRO G 216 19.90 -3.76 -21.75
C PRO G 216 18.98 -2.61 -22.15
N VAL G 217 17.78 -2.96 -22.60
CA VAL G 217 16.76 -2.00 -22.98
C VAL G 217 15.70 -2.01 -21.89
N LEU G 218 15.47 -0.86 -21.26
CA LEU G 218 14.51 -0.78 -20.18
C LEU G 218 13.14 -0.43 -20.72
N THR G 219 12.12 -1.16 -20.29
CA THR G 219 10.73 -0.89 -20.63
C THR G 219 9.98 -0.71 -19.31
N GLY G 220 10.05 0.49 -18.75
CA GLY G 220 9.41 0.77 -17.49
C GLY G 220 10.35 0.70 -16.31
N THR G 233 10.93 -2.75 -16.30
CA THR G 233 11.12 -4.08 -16.85
C THR G 233 12.18 -4.04 -17.95
N VAL G 234 13.43 -4.29 -17.55
CA VAL G 234 14.53 -4.26 -18.50
C VAL G 234 14.48 -5.54 -19.33
N GLU G 235 14.63 -5.39 -20.65
CA GLU G 235 14.57 -6.52 -21.56
C GLU G 235 15.78 -6.50 -22.47
N ARG G 236 16.33 -7.68 -22.74
CA ARG G 236 17.52 -7.81 -23.56
C ARG G 236 17.14 -7.75 -25.03
N LYS G 237 17.79 -6.85 -25.77
CA LYS G 237 17.48 -6.68 -27.18
C LYS G 237 18.74 -6.90 -28.01
N LYS G 238 18.59 -7.63 -29.10
CA LYS G 238 19.70 -7.99 -29.96
C LYS G 238 19.97 -6.92 -31.00
N VAL G 239 21.24 -6.69 -31.30
CA VAL G 239 21.66 -5.74 -32.32
C VAL G 239 22.59 -6.46 -33.29
N GLY G 240 23.18 -5.71 -34.22
CA GLY G 240 24.22 -6.25 -35.07
C GLY G 240 23.69 -6.95 -36.30
N ILE G 241 24.64 -7.41 -37.12
CA ILE G 241 24.37 -7.88 -38.47
C ILE G 241 23.65 -9.20 -38.45
N MET G 242 22.35 -9.18 -38.72
CA MET G 242 21.55 -10.38 -38.76
C MET G 242 21.18 -10.69 -40.21
N LEU G 243 21.03 -11.97 -40.51
CA LEU G 243 20.70 -12.40 -41.87
C LEU G 243 19.86 -13.66 -41.76
N LYS G 244 18.54 -13.51 -41.76
CA LYS G 244 17.64 -14.65 -41.63
C LYS G 244 17.03 -14.99 -42.98
N VAL G 245 17.45 -16.09 -43.56
CA VAL G 245 17.04 -16.45 -44.90
C VAL G 245 16.23 -17.74 -44.81
N THR G 246 15.42 -18.00 -45.83
CA THR G 246 14.69 -19.27 -45.95
C THR G 246 14.61 -19.61 -47.43
N PRO G 247 15.67 -20.17 -48.00
CA PRO G 247 15.73 -20.33 -49.44
C PRO G 247 14.93 -21.53 -49.92
N GLN G 248 14.41 -21.39 -51.13
CA GLN G 248 13.67 -22.44 -51.81
C GLN G 248 14.23 -22.58 -53.21
N ILE G 249 14.44 -23.82 -53.65
CA ILE G 249 15.05 -24.09 -54.94
C ILE G 249 13.94 -24.33 -55.94
N ASN G 250 13.81 -23.41 -56.89
CA ASN G 250 12.86 -23.52 -57.98
C ASN G 250 13.57 -24.12 -59.20
N GLU G 251 12.77 -24.74 -60.06
CA GLU G 251 13.33 -25.42 -61.21
C GLU G 251 13.79 -24.42 -62.26
N GLY G 252 14.75 -24.85 -63.08
CA GLY G 252 15.56 -23.91 -63.83
C GLY G 252 16.72 -23.37 -63.04
N ASN G 253 17.00 -23.97 -61.87
CA ASN G 253 18.09 -23.57 -60.96
C ASN G 253 17.95 -22.12 -60.51
N ALA G 254 16.73 -21.72 -60.22
CA ALA G 254 16.46 -20.41 -59.64
C ALA G 254 16.12 -20.58 -58.17
N VAL G 255 16.49 -19.58 -57.38
CA VAL G 255 16.39 -19.65 -55.93
C VAL G 255 15.45 -18.55 -55.45
N GLN G 256 14.39 -18.95 -54.76
CA GLN G 256 13.50 -18.01 -54.09
C GLN G 256 13.89 -17.91 -52.63
N MET G 257 14.08 -16.70 -52.15
CA MET G 257 14.56 -16.46 -50.79
C MET G 257 13.60 -15.57 -50.05
N VAL G 258 13.43 -15.84 -48.76
CA VAL G 258 12.68 -14.96 -47.88
C VAL G 258 13.68 -14.38 -46.90
N ILE G 259 14.25 -13.24 -47.24
CA ILE G 259 15.37 -12.67 -46.50
C ILE G 259 14.86 -11.59 -45.57
N GLU G 260 15.27 -11.66 -44.30
CA GLU G 260 14.92 -10.67 -43.30
C GLU G 260 16.22 -10.20 -42.66
N GLN G 261 16.87 -9.24 -43.30
CA GLN G 261 18.18 -8.78 -42.88
C GLN G 261 18.05 -7.58 -41.94
N GLU G 262 19.08 -7.34 -41.16
CA GLU G 262 19.13 -6.22 -40.23
C GLU G 262 20.59 -5.88 -39.97
N VAL G 263 20.90 -4.59 -39.95
CA VAL G 263 22.22 -4.11 -39.52
C VAL G 263 21.96 -3.09 -38.43
N SER G 264 22.05 -3.50 -37.18
CA SER G 264 21.85 -2.60 -36.07
C SER G 264 23.18 -2.15 -35.50
N LYS G 265 23.15 -1.04 -34.77
CA LYS G 265 24.37 -0.43 -34.26
C LYS G 265 24.00 0.48 -33.11
N VAL G 266 24.76 0.40 -32.02
CA VAL G 266 24.47 1.18 -30.83
C VAL G 266 24.97 2.61 -31.05
N GLU G 267 24.03 3.55 -31.08
CA GLU G 267 24.37 4.96 -31.10
C GLU G 267 24.28 5.52 -29.69
N GLY G 268 25.00 6.61 -29.46
CA GLY G 268 25.08 7.14 -28.11
C GLY G 268 23.92 8.05 -27.75
N GLN G 269 24.27 9.28 -27.37
CA GLN G 269 23.30 10.30 -27.00
C GLN G 269 22.84 9.99 -25.60
N THR G 270 22.00 8.97 -25.51
CA THR G 270 21.49 8.50 -24.22
C THR G 270 20.54 9.47 -23.52
N SER G 271 19.41 9.79 -24.16
CA SER G 271 18.54 10.85 -23.65
C SER G 271 17.80 10.40 -22.39
N LEU G 272 16.95 9.39 -22.54
CA LEU G 272 16.40 8.64 -21.43
C LEU G 272 16.92 7.22 -21.39
N ASP G 273 17.28 6.68 -22.54
CA ASP G 273 17.87 5.36 -22.65
C ASP G 273 18.76 5.40 -23.90
N VAL G 274 19.42 4.29 -24.18
CA VAL G 274 20.32 4.24 -25.32
C VAL G 274 19.50 4.12 -26.60
N VAL G 275 20.01 4.71 -27.69
CA VAL G 275 19.34 4.66 -28.98
C VAL G 275 20.14 3.75 -29.89
N PHE G 276 19.48 3.27 -30.94
CA PHE G 276 20.08 2.35 -31.88
C PHE G 276 20.13 3.00 -33.25
N GLY G 277 20.66 2.28 -34.22
CA GLY G 277 20.39 2.61 -35.60
C GLY G 277 20.15 1.36 -36.40
N GLU G 278 18.94 1.18 -36.94
CA GLU G 278 18.64 -0.01 -37.69
C GLU G 278 18.64 0.28 -39.19
N ARG G 279 18.89 -0.76 -39.96
CA ARG G 279 18.89 -0.68 -41.42
C ARG G 279 18.19 -1.90 -42.01
N LYS G 280 17.14 -2.36 -41.33
CA LYS G 280 16.57 -3.66 -41.65
C LYS G 280 15.73 -3.59 -42.91
N LEU G 281 15.45 -4.78 -43.45
CA LEU G 281 14.54 -4.93 -44.58
C LEU G 281 14.03 -6.37 -44.57
N LYS G 282 12.80 -6.55 -45.03
CA LYS G 282 12.17 -7.88 -45.02
C LYS G 282 11.50 -8.09 -46.37
N THR G 283 12.26 -8.59 -47.34
CA THR G 283 11.76 -8.72 -48.68
C THR G 283 11.74 -10.19 -49.11
N THR G 284 11.42 -10.42 -50.38
CA THR G 284 11.35 -11.76 -50.93
C THR G 284 11.75 -11.67 -52.39
N VAL G 285 12.94 -12.16 -52.72
CA VAL G 285 13.47 -12.03 -54.07
C VAL G 285 13.51 -13.39 -54.75
N LEU G 286 13.79 -13.36 -56.05
CA LEU G 286 13.90 -14.58 -56.85
C LEU G 286 15.12 -14.38 -57.76
N ALA G 287 16.27 -14.81 -57.27
CA ALA G 287 17.51 -14.64 -57.99
C ALA G 287 17.82 -15.87 -58.84
N ASN G 288 18.85 -15.74 -59.68
CA ASN G 288 19.29 -16.83 -60.52
C ASN G 288 20.26 -17.75 -59.76
N ASP G 289 20.98 -18.59 -60.50
CA ASP G 289 21.74 -19.67 -59.87
C ASP G 289 22.95 -19.13 -59.12
N GLY G 290 23.64 -18.15 -59.68
CA GLY G 290 24.78 -17.56 -59.01
C GLY G 290 24.92 -16.09 -59.26
N GLU G 291 23.88 -15.48 -59.81
CA GLU G 291 23.94 -14.08 -60.22
C GLU G 291 23.49 -13.17 -59.09
N LEU G 292 24.07 -11.97 -59.06
CA LEU G 292 23.70 -10.99 -58.06
C LEU G 292 22.37 -10.34 -58.40
N ILE G 293 21.67 -9.91 -57.37
CA ILE G 293 20.49 -9.07 -57.54
C ILE G 293 20.48 -8.04 -56.43
N VAL G 294 20.13 -6.81 -56.77
CA VAL G 294 20.02 -5.74 -55.79
C VAL G 294 18.69 -5.87 -55.06
N LEU G 295 18.74 -5.82 -53.74
CA LEU G 295 17.54 -5.91 -52.93
C LEU G 295 16.99 -4.53 -52.58
N GLY G 296 17.78 -3.75 -51.84
CA GLY G 296 17.32 -2.46 -51.40
C GLY G 296 18.38 -1.42 -51.59
N GLY G 297 18.23 -0.29 -50.93
CA GLY G 297 19.24 0.74 -51.03
C GLY G 297 18.70 2.08 -50.61
N LEU G 298 19.61 3.04 -50.57
CA LEU G 298 19.28 4.42 -50.23
C LEU G 298 20.39 5.29 -50.76
N MET G 299 20.07 6.18 -51.69
CA MET G 299 21.03 7.15 -52.19
C MET G 299 20.64 8.51 -51.63
N ASP G 300 21.09 8.78 -50.41
CA ASP G 300 20.85 10.07 -49.80
C ASP G 300 21.72 11.12 -50.47
N ASP G 301 21.24 12.36 -50.45
CA ASP G 301 21.95 13.48 -51.05
C ASP G 301 21.38 14.74 -50.44
N GLN G 302 22.24 15.55 -49.82
CA GLN G 302 21.79 16.77 -49.20
C GLN G 302 22.61 17.95 -49.72
N ALA G 303 22.23 19.13 -49.24
CA ALA G 303 22.95 20.37 -49.47
C ALA G 303 22.61 21.31 -48.33
N GLY G 304 22.99 22.57 -48.49
CA GLY G 304 22.71 23.53 -47.44
C GLY G 304 23.39 24.85 -47.66
N GLU G 305 22.88 25.90 -47.02
CA GLU G 305 23.41 27.25 -47.15
C GLU G 305 22.83 28.09 -46.02
N SER G 306 23.68 28.85 -45.34
CA SER G 306 23.20 29.78 -44.32
C SER G 306 24.15 30.96 -44.30
N VAL G 307 23.84 31.99 -45.08
CA VAL G 307 24.60 33.23 -45.09
C VAL G 307 23.88 34.19 -44.15
N ALA G 308 24.63 35.08 -43.52
CA ALA G 308 24.06 36.03 -42.56
C ALA G 308 24.70 37.39 -42.79
N LYS G 309 24.04 38.23 -43.58
CA LYS G 309 24.62 39.50 -43.99
C LYS G 309 24.42 40.59 -42.95
N VAL G 310 24.77 41.81 -43.34
CA VAL G 310 24.33 43.05 -42.69
C VAL G 310 23.72 43.82 -43.85
N PRO G 311 22.45 44.34 -43.71
CA PRO G 311 21.58 44.58 -44.87
C PRO G 311 22.09 45.46 -46.01
N LEU G 312 22.68 46.61 -45.73
CA LEU G 312 23.15 47.47 -46.81
C LEU G 312 24.60 47.15 -47.16
N LEU G 313 25.46 47.07 -46.14
CA LEU G 313 26.88 46.80 -46.37
C LEU G 313 27.22 45.32 -46.30
N GLY G 314 26.42 44.51 -46.99
CA GLY G 314 26.68 43.09 -47.08
C GLY G 314 26.92 42.64 -48.50
N ASP G 315 26.32 43.34 -49.45
CA ASP G 315 26.49 43.02 -50.87
C ASP G 315 27.50 43.93 -51.56
N ILE G 316 28.46 44.47 -50.81
CA ILE G 316 29.60 45.18 -51.40
C ILE G 316 30.43 44.13 -52.13
N PRO G 317 30.75 44.34 -53.42
CA PRO G 317 31.40 43.28 -54.19
C PRO G 317 32.86 43.06 -53.83
N LEU G 318 33.46 43.98 -53.07
CA LEU G 318 34.88 43.88 -52.77
C LEU G 318 35.13 43.53 -51.31
N ILE G 319 34.61 44.35 -50.39
CA ILE G 319 34.91 44.19 -48.96
C ILE G 319 33.67 43.73 -48.21
N GLY G 320 32.61 43.41 -48.94
CA GLY G 320 31.40 42.92 -48.32
C GLY G 320 31.53 41.52 -47.76
N ASN G 321 32.53 40.77 -48.25
CA ASN G 321 32.75 39.39 -47.87
C ASN G 321 33.11 39.25 -46.40
N LEU G 322 33.72 40.28 -45.82
CA LEU G 322 34.05 40.27 -44.39
C LEU G 322 32.96 40.96 -43.58
N PHE G 323 31.72 40.59 -43.91
CA PHE G 323 30.58 40.98 -43.08
C PHE G 323 29.60 39.83 -42.92
N LYS G 324 29.72 38.80 -43.75
CA LYS G 324 28.77 37.70 -43.79
C LYS G 324 29.41 36.46 -43.18
N SER G 325 28.61 35.68 -42.44
CA SER G 325 29.06 34.43 -41.86
C SER G 325 28.53 33.29 -42.72
N THR G 326 29.20 33.03 -43.83
CA THR G 326 28.71 32.11 -44.84
C THR G 326 28.91 30.68 -44.36
N ALA G 327 27.84 30.05 -43.92
CA ALA G 327 27.88 28.62 -43.66
C ALA G 327 27.71 27.84 -44.96
N ASP G 328 27.89 26.53 -44.86
CA ASP G 328 27.65 25.60 -45.95
C ASP G 328 27.53 24.22 -45.32
N LYS G 329 26.95 23.30 -46.07
CA LYS G 329 26.96 21.88 -45.69
C LYS G 329 26.67 21.06 -46.92
N LYS G 330 27.66 20.30 -47.39
CA LYS G 330 27.46 19.36 -48.46
C LYS G 330 27.60 17.96 -47.88
N GLU G 331 26.68 17.07 -48.25
CA GLU G 331 26.68 15.73 -47.70
C GLU G 331 26.07 14.79 -48.74
N LYS G 332 26.63 13.58 -48.82
CA LYS G 332 26.13 12.58 -49.75
C LYS G 332 26.44 11.21 -49.17
N ARG G 333 25.47 10.31 -49.23
CA ARG G 333 25.62 9.00 -48.59
C ARG G 333 24.84 7.96 -49.39
N ASN G 334 25.56 6.94 -49.85
CA ASN G 334 24.96 5.85 -50.60
C ASN G 334 24.90 4.60 -49.74
N LEU G 335 24.05 3.66 -50.14
CA LEU G 335 23.85 2.43 -49.39
C LEU G 335 23.21 1.43 -50.34
N MET G 336 23.68 0.18 -50.29
CA MET G 336 23.11 -0.89 -51.08
C MET G 336 23.12 -2.17 -50.28
N VAL G 337 22.25 -3.10 -50.68
CA VAL G 337 22.20 -4.45 -50.13
C VAL G 337 22.07 -5.42 -51.30
N PHE G 338 23.08 -6.24 -51.49
CA PHE G 338 23.12 -7.22 -52.58
C PHE G 338 22.97 -8.62 -52.00
N ILE G 339 22.90 -9.61 -52.88
CA ILE G 339 22.86 -11.00 -52.47
C ILE G 339 23.43 -11.85 -53.60
N ARG G 340 23.81 -13.07 -53.27
CA ARG G 340 24.25 -14.05 -54.27
C ARG G 340 23.95 -15.43 -53.73
N PRO G 341 22.92 -16.10 -54.24
CA PRO G 341 22.72 -17.50 -53.89
C PRO G 341 23.66 -18.40 -54.65
N THR G 342 23.96 -19.55 -54.05
CA THR G 342 24.88 -20.53 -54.65
C THR G 342 24.42 -21.90 -54.21
N ILE G 343 23.82 -22.67 -55.11
CA ILE G 343 23.40 -24.02 -54.76
C ILE G 343 24.62 -24.93 -54.80
N LEU G 344 24.59 -25.97 -53.99
CA LEU G 344 25.70 -26.91 -53.85
C LEU G 344 25.18 -28.30 -54.19
N ARG G 345 25.68 -28.86 -55.29
CA ARG G 345 25.17 -30.13 -55.78
C ARG G 345 25.72 -31.30 -54.98
N ASP G 346 27.03 -31.51 -55.03
CA ASP G 346 27.65 -32.75 -54.57
C ASP G 346 28.94 -32.37 -53.84
N GLY G 347 29.81 -33.37 -53.66
CA GLY G 347 31.12 -33.13 -53.06
C GLY G 347 32.05 -32.30 -53.93
N MET G 348 31.76 -32.17 -55.22
CA MET G 348 32.52 -31.26 -56.07
C MET G 348 32.18 -29.80 -55.77
N ALA G 349 30.92 -29.52 -55.44
CA ALA G 349 30.50 -28.14 -55.18
C ALA G 349 31.01 -27.66 -53.83
N ALA G 350 30.79 -28.46 -52.77
CA ALA G 350 31.36 -28.15 -51.47
C ALA G 350 32.86 -28.29 -51.45
N ASP G 351 33.42 -29.11 -52.36
CA ASP G 351 34.86 -29.11 -52.60
C ASP G 351 35.32 -27.74 -53.09
N GLY G 352 34.61 -27.17 -54.06
CA GLY G 352 34.97 -25.86 -54.59
C GLY G 352 34.82 -24.73 -53.60
N VAL G 353 33.62 -24.59 -53.03
CA VAL G 353 33.33 -23.46 -52.15
C VAL G 353 34.06 -23.61 -50.82
N SER G 354 33.98 -24.81 -50.22
CA SER G 354 34.65 -25.04 -48.95
C SER G 354 36.17 -25.06 -49.11
N GLN G 355 36.66 -25.41 -50.30
CA GLN G 355 38.10 -25.36 -50.54
C GLN G 355 38.57 -23.92 -50.69
N ARG G 356 37.81 -23.07 -51.39
CA ARG G 356 38.27 -21.70 -51.56
C ARG G 356 38.10 -20.88 -50.29
N LYS G 357 37.07 -21.15 -49.49
CA LYS G 357 36.93 -20.45 -48.22
C LYS G 357 37.94 -20.95 -47.20
N TYR G 358 38.09 -22.28 -47.09
CA TYR G 358 38.99 -22.86 -46.10
C TYR G 358 40.45 -22.55 -46.44
N ASN G 359 40.85 -22.75 -47.69
CA ASN G 359 42.22 -22.44 -48.07
C ASN G 359 42.44 -20.94 -48.24
N TYR G 360 41.38 -20.16 -48.40
CA TYR G 360 41.55 -18.70 -48.39
C TYR G 360 41.83 -18.20 -46.98
N MET G 361 41.08 -18.69 -45.98
CA MET G 361 41.30 -18.27 -44.62
C MET G 361 42.59 -18.84 -44.04
N ARG G 362 42.90 -20.10 -44.37
CA ARG G 362 44.18 -20.68 -44.01
C ARG G 362 45.31 -19.94 -44.69
N ALA G 363 45.10 -19.52 -45.94
CA ALA G 363 46.11 -18.73 -46.65
C ALA G 363 46.32 -17.39 -45.96
N GLU G 364 45.25 -16.78 -45.45
CA GLU G 364 45.42 -15.54 -44.69
C GLU G 364 46.14 -15.78 -43.36
N GLN G 365 45.95 -16.94 -42.73
CA GLN G 365 46.75 -17.24 -41.56
C GLN G 365 48.21 -17.51 -41.90
N ILE G 366 48.48 -18.01 -43.12
CA ILE G 366 49.86 -18.12 -43.58
C ILE G 366 50.45 -16.73 -43.81
N TYR G 367 49.64 -15.80 -44.32
CA TYR G 367 50.09 -14.41 -44.37
C TYR G 367 50.16 -13.76 -43.01
N ARG G 368 49.60 -14.37 -41.97
CA ARG G 368 49.88 -13.98 -40.60
C ARG G 368 51.03 -14.78 -39.99
N ASP G 369 51.55 -15.78 -40.70
CA ASP G 369 52.69 -16.55 -40.23
C ASP G 369 54.01 -16.04 -40.80
N GLU G 370 54.05 -15.75 -42.10
CA GLU G 370 55.23 -15.12 -42.69
C GLU G 370 55.42 -13.71 -42.14
N GLN G 371 54.33 -12.93 -42.08
CA GLN G 371 54.32 -11.67 -41.35
C GLN G 371 54.24 -12.04 -39.87
N GLY G 372 55.41 -12.27 -39.27
CA GLY G 372 55.49 -12.78 -37.93
C GLY G 372 55.32 -11.70 -36.88
N LEU G 373 55.39 -12.13 -35.62
CA LEU G 373 55.32 -11.20 -34.50
C LEU G 373 56.60 -10.38 -34.43
N SER G 374 56.47 -9.17 -33.88
CA SER G 374 57.59 -8.24 -33.85
C SER G 374 58.62 -8.60 -32.78
N LEU G 375 58.28 -9.47 -31.82
CA LEU G 375 59.16 -9.77 -30.70
C LEU G 375 59.78 -11.15 -30.81
N MET G 376 58.96 -12.20 -30.92
CA MET G 376 59.45 -13.56 -30.89
C MET G 376 59.20 -14.25 -32.23
N PRO G 377 60.24 -14.48 -33.04
CA PRO G 377 60.04 -15.31 -34.24
C PRO G 377 59.79 -16.77 -33.92
N HIS G 378 60.22 -17.24 -32.76
CA HIS G 378 60.06 -18.64 -32.36
C HIS G 378 58.78 -18.83 -31.56
N THR G 379 57.67 -18.47 -32.19
CA THR G 379 56.34 -18.65 -31.59
C THR G 379 55.36 -18.96 -32.70
N ALA G 380 54.69 -20.11 -32.60
CA ALA G 380 53.82 -20.58 -33.66
C ALA G 380 52.50 -19.82 -33.65
N GLN G 381 52.10 -19.32 -34.82
CA GLN G 381 50.79 -18.74 -34.97
C GLN G 381 49.73 -19.85 -35.02
N PRO G 382 48.49 -19.54 -34.61
CA PRO G 382 47.40 -20.50 -34.79
C PRO G 382 47.08 -20.71 -36.27
N ILE G 383 47.39 -21.88 -36.80
CA ILE G 383 47.18 -22.16 -38.21
C ILE G 383 46.23 -23.35 -38.33
N LEU G 384 45.43 -23.33 -39.40
CA LEU G 384 44.49 -24.39 -39.68
C LEU G 384 45.23 -25.68 -40.06
N PRO G 385 44.56 -26.85 -39.91
CA PRO G 385 45.18 -28.11 -40.33
C PRO G 385 45.43 -28.23 -41.83
N ALA G 386 46.01 -29.36 -42.24
CA ALA G 386 46.55 -29.49 -43.59
C ALA G 386 45.45 -29.58 -44.64
N GLN G 387 44.61 -30.60 -44.55
CA GLN G 387 43.60 -30.83 -45.58
C GLN G 387 42.26 -31.22 -44.99
N GLY H 1 4.69 -69.27 -22.36
CA GLY H 1 3.97 -69.97 -23.39
C GLY H 1 3.12 -69.03 -24.24
N ASN H 2 2.09 -68.47 -23.62
CA ASN H 2 1.22 -67.51 -24.31
C ASN H 2 1.94 -66.18 -24.46
N SER H 3 2.35 -65.60 -23.34
CA SER H 3 3.13 -64.37 -23.38
C SER H 3 4.62 -64.69 -23.29
N GLN H 4 5.43 -63.77 -23.80
CA GLN H 4 6.88 -63.95 -23.83
C GLN H 4 7.56 -62.68 -23.38
N VAL H 5 8.87 -62.80 -23.11
CA VAL H 5 9.70 -61.70 -22.65
C VAL H 5 10.88 -61.57 -23.60
N PHE H 6 11.06 -60.38 -24.16
CA PHE H 6 12.15 -60.10 -25.07
C PHE H 6 13.16 -59.20 -24.38
N TYR H 7 14.43 -59.58 -24.43
CA TYR H 7 15.51 -58.73 -23.94
C TYR H 7 16.03 -57.88 -25.09
N LEU H 8 15.83 -56.58 -25.01
CA LEU H 8 16.36 -55.68 -26.03
C LEU H 8 17.88 -55.59 -25.90
N LYS H 9 18.56 -55.66 -27.04
CA LYS H 9 20.01 -55.75 -27.05
C LYS H 9 20.70 -54.45 -27.39
N TYR H 10 19.99 -53.48 -27.98
CA TYR H 10 20.61 -52.22 -28.31
C TYR H 10 19.74 -51.00 -28.07
N SER H 11 18.53 -51.16 -27.53
CA SER H 11 17.62 -50.04 -27.40
C SER H 11 16.93 -50.08 -26.04
N LYS H 12 16.46 -48.91 -25.62
CA LYS H 12 15.73 -48.82 -24.37
C LYS H 12 14.34 -49.43 -24.51
N ALA H 13 13.75 -49.79 -23.38
CA ALA H 13 12.47 -50.47 -23.40
C ALA H 13 11.30 -49.50 -23.51
N GLU H 14 11.42 -48.32 -22.90
CA GLU H 14 10.30 -47.39 -22.87
C GLU H 14 10.05 -46.79 -24.25
N ASP H 15 11.10 -46.65 -25.06
CA ASP H 15 10.93 -46.19 -26.42
C ASP H 15 10.17 -47.23 -27.24
N LEU H 16 10.52 -48.50 -27.07
CA LEU H 16 9.87 -49.57 -27.81
C LEU H 16 8.43 -49.76 -27.38
N VAL H 17 8.10 -49.53 -26.11
CA VAL H 17 6.69 -49.64 -25.76
C VAL H 17 5.93 -48.42 -26.25
N ASP H 18 6.58 -47.23 -26.26
CA ASP H 18 5.93 -46.04 -26.79
C ASP H 18 5.66 -46.14 -28.29
N VAL H 19 6.48 -46.92 -29.00
CA VAL H 19 6.15 -47.22 -30.39
C VAL H 19 5.07 -48.29 -30.47
N LEU H 20 5.24 -49.39 -29.75
CA LEU H 20 4.39 -50.56 -29.94
C LEU H 20 3.03 -50.47 -29.27
N LYS H 21 2.68 -49.36 -28.62
CA LYS H 21 1.28 -49.20 -28.26
C LYS H 21 0.41 -48.93 -29.47
N GLN H 22 0.99 -48.46 -30.57
CA GLN H 22 0.24 -48.12 -31.76
C GLN H 22 0.14 -49.25 -32.77
N VAL H 23 1.10 -50.17 -32.77
CA VAL H 23 1.13 -51.22 -33.79
C VAL H 23 0.07 -52.28 -33.50
N SER H 24 0.05 -52.79 -32.28
CA SER H 24 -0.92 -53.84 -31.93
C SER H 24 -2.34 -53.30 -31.84
N GLY H 25 -2.48 -52.03 -31.44
CA GLY H 25 -3.79 -51.46 -31.15
C GLY H 25 -4.71 -51.36 -32.35
N THR H 26 -4.14 -51.30 -33.55
CA THR H 26 -4.93 -51.47 -34.77
C THR H 26 -4.54 -52.73 -35.53
N LEU H 27 -3.45 -53.39 -35.13
CA LEU H 27 -3.10 -54.66 -35.75
C LEU H 27 -4.04 -55.78 -35.34
N THR H 28 -4.72 -55.64 -34.20
CA THR H 28 -5.76 -56.61 -33.83
C THR H 28 -6.94 -56.57 -34.79
N ALA H 29 -7.23 -55.40 -35.37
CA ALA H 29 -8.32 -55.29 -36.32
C ALA H 29 -7.93 -55.91 -37.67
N VAL H 44 -6.71 -58.83 -24.78
CA VAL H 44 -6.49 -58.52 -26.19
C VAL H 44 -4.99 -58.58 -26.44
N VAL H 45 -4.30 -57.45 -26.22
CA VAL H 45 -2.84 -57.36 -26.32
C VAL H 45 -2.31 -56.55 -25.16
N SER H 46 -1.08 -56.84 -24.76
CA SER H 46 -0.43 -56.08 -23.70
C SER H 46 1.05 -55.97 -23.99
N ILE H 47 1.54 -54.75 -24.06
CA ILE H 47 2.96 -54.46 -24.17
C ILE H 47 3.32 -53.64 -22.94
N ALA H 48 4.14 -54.21 -22.06
CA ALA H 48 4.63 -53.52 -20.88
C ALA H 48 6.14 -53.66 -20.81
N ALA H 49 6.80 -52.63 -20.30
CA ALA H 49 8.25 -52.52 -20.35
C ALA H 49 8.81 -52.49 -18.94
N SER H 50 9.59 -53.53 -18.60
CA SER H 50 10.32 -53.56 -17.33
C SER H 50 11.54 -52.66 -17.46
N LYS H 51 11.49 -51.50 -16.82
CA LYS H 51 12.53 -50.48 -17.03
C LYS H 51 13.84 -50.87 -16.36
N HIS H 52 13.77 -51.48 -15.18
CA HIS H 52 14.99 -51.76 -14.43
C HIS H 52 15.78 -52.92 -15.03
N SER H 53 15.10 -53.83 -15.74
CA SER H 53 15.75 -55.05 -16.21
C SER H 53 15.87 -55.13 -17.72
N ASN H 54 15.55 -54.03 -18.44
CA ASN H 54 15.78 -53.86 -19.89
C ASN H 54 15.02 -54.92 -20.70
N ALA H 55 13.72 -54.97 -20.52
CA ALA H 55 12.91 -55.96 -21.22
C ALA H 55 11.50 -55.45 -21.35
N LEU H 56 10.91 -55.66 -22.53
CA LEU H 56 9.51 -55.44 -22.75
C LEU H 56 8.81 -56.79 -22.83
N ILE H 57 7.54 -56.82 -22.43
CA ILE H 57 6.79 -58.05 -22.31
C ILE H 57 5.61 -58.00 -23.26
N VAL H 58 5.55 -58.96 -24.17
CA VAL H 58 4.51 -59.04 -25.18
C VAL H 58 3.51 -60.10 -24.76
N THR H 59 2.22 -59.73 -24.69
CA THR H 59 1.14 -60.67 -24.45
C THR H 59 0.19 -60.58 -25.63
N ALA H 60 0.18 -61.60 -26.47
CA ALA H 60 -0.51 -61.53 -27.75
C ALA H 60 -0.80 -62.94 -28.23
N PRO H 61 -1.77 -63.11 -29.13
CA PRO H 61 -1.95 -64.41 -29.79
C PRO H 61 -0.77 -64.73 -30.71
N GLN H 62 -0.78 -65.97 -31.21
CA GLN H 62 0.37 -66.52 -31.92
C GLN H 62 0.63 -65.85 -33.26
N ASP H 63 -0.42 -65.34 -33.90
CA ASP H 63 -0.24 -64.69 -35.20
C ASP H 63 0.33 -63.29 -35.03
N ILE H 64 -0.12 -62.57 -33.99
CA ILE H 64 0.41 -61.25 -33.71
C ILE H 64 1.83 -61.34 -33.15
N MET H 65 2.14 -62.46 -32.47
CA MET H 65 3.43 -62.63 -31.80
C MET H 65 4.57 -62.71 -32.80
N GLN H 66 4.34 -63.31 -33.96
CA GLN H 66 5.39 -63.37 -34.97
C GLN H 66 5.59 -62.01 -35.65
N SER H 67 4.51 -61.23 -35.78
CA SER H 67 4.62 -59.90 -36.35
C SER H 67 5.39 -58.97 -35.44
N LEU H 68 4.97 -58.88 -34.17
CA LEU H 68 5.67 -58.03 -33.21
C LEU H 68 7.07 -58.54 -32.92
N GLN H 69 7.27 -59.86 -32.97
CA GLN H 69 8.61 -60.41 -32.84
C GLN H 69 9.49 -59.99 -34.01
N SER H 70 8.92 -59.95 -35.21
CA SER H 70 9.69 -59.52 -36.37
C SER H 70 10.02 -58.03 -36.30
N VAL H 71 9.09 -57.21 -35.78
CA VAL H 71 9.34 -55.79 -35.65
C VAL H 71 10.41 -55.51 -34.59
N ILE H 72 10.36 -56.23 -33.47
CA ILE H 72 11.40 -56.09 -32.44
C ILE H 72 12.74 -56.59 -32.97
N GLU H 73 12.74 -57.63 -33.80
CA GLU H 73 13.97 -58.07 -34.44
C GLU H 73 14.50 -57.05 -35.44
N GLN H 74 13.62 -56.25 -36.05
CA GLN H 74 14.08 -55.26 -37.01
C GLN H 74 14.41 -53.90 -36.39
N LEU H 75 14.02 -53.65 -35.14
CA LEU H 75 14.35 -52.39 -34.50
C LEU H 75 15.54 -52.47 -33.58
N ASP H 76 15.88 -53.65 -33.08
CA ASP H 76 16.98 -53.81 -32.15
C ASP H 76 18.27 -53.87 -32.96
N ILE H 77 18.76 -52.69 -33.35
CA ILE H 77 19.87 -52.56 -34.28
C ILE H 77 20.99 -51.74 -33.66
N ARG H 78 22.20 -51.99 -34.16
CA ARG H 78 23.37 -51.26 -33.71
C ARG H 78 23.32 -49.82 -34.20
N ARG H 79 23.42 -48.87 -33.27
CA ARG H 79 23.37 -47.46 -33.57
C ARG H 79 24.79 -46.92 -33.71
N ALA H 80 25.08 -46.27 -34.84
CA ALA H 80 26.40 -45.71 -35.03
C ALA H 80 26.51 -44.37 -34.30
N GLN H 81 27.75 -43.91 -34.14
CA GLN H 81 28.02 -42.71 -33.37
C GLN H 81 28.95 -41.78 -34.14
N VAL H 82 28.73 -40.48 -33.96
CA VAL H 82 29.28 -39.44 -34.82
C VAL H 82 30.03 -38.44 -33.95
N HIS H 83 31.29 -38.20 -34.28
CA HIS H 83 32.09 -37.16 -33.64
C HIS H 83 32.06 -35.92 -34.52
N VAL H 84 31.53 -34.82 -33.98
CA VAL H 84 31.37 -33.57 -34.70
C VAL H 84 32.41 -32.59 -34.20
N GLU H 85 33.18 -32.01 -35.13
CA GLU H 85 34.25 -31.08 -34.80
C GLU H 85 34.04 -29.79 -35.58
N ALA H 86 33.67 -28.73 -34.87
CA ALA H 86 33.34 -27.46 -35.50
C ALA H 86 34.46 -26.46 -35.23
N LEU H 87 35.05 -25.92 -36.30
CA LEU H 87 36.13 -24.97 -36.17
C LEU H 87 35.59 -23.55 -36.20
N ILE H 88 36.36 -22.62 -35.63
CA ILE H 88 36.03 -21.21 -35.59
C ILE H 88 37.29 -20.43 -35.89
N VAL H 89 37.26 -19.61 -36.93
CA VAL H 89 38.40 -18.80 -37.30
C VAL H 89 37.99 -17.33 -37.21
N GLU H 90 38.81 -16.52 -36.55
CA GLU H 90 38.59 -15.08 -36.51
C GLU H 90 39.91 -14.37 -36.71
N VAL H 91 40.01 -13.61 -37.79
CA VAL H 91 41.20 -12.82 -38.09
C VAL H 91 40.79 -11.36 -38.16
N ALA H 92 41.49 -10.51 -37.42
CA ALA H 92 41.18 -9.08 -37.37
C ALA H 92 42.42 -8.27 -37.69
N GLU H 93 42.22 -7.01 -38.05
CA GLU H 93 43.31 -6.08 -38.32
C GLU H 93 42.76 -4.66 -38.18
N GLY H 94 43.38 -3.86 -37.33
CA GLY H 94 42.96 -2.49 -37.17
C GLY H 94 44.12 -1.52 -37.06
N SER H 95 44.15 -0.51 -37.93
CA SER H 95 45.23 0.46 -37.96
C SER H 95 44.68 1.82 -38.38
N ASN H 96 44.77 2.80 -37.49
CA ASN H 96 44.35 4.17 -37.78
C ASN H 96 45.51 5.13 -37.55
N ILE H 97 45.63 6.12 -38.42
CA ILE H 97 46.71 7.09 -38.36
C ILE H 97 46.12 8.45 -38.03
N ASN H 98 46.59 9.06 -36.96
CA ASN H 98 46.21 10.43 -36.64
C ASN H 98 47.34 11.38 -36.97
N PHE H 99 46.98 12.65 -37.11
CA PHE H 99 47.93 13.72 -37.35
C PHE H 99 47.24 15.02 -36.96
N GLY H 100 48.03 16.03 -36.65
CA GLY H 100 47.43 17.30 -36.28
C GLY H 100 48.41 18.37 -35.88
N VAL H 101 48.18 19.58 -36.37
CA VAL H 101 49.00 20.75 -36.05
C VAL H 101 48.06 21.79 -35.47
N GLN H 102 48.37 22.28 -34.27
CA GLN H 102 47.53 23.26 -33.59
C GLN H 102 48.38 24.47 -33.21
N TRP H 103 48.17 25.58 -33.88
CA TRP H 103 48.85 26.82 -33.56
C TRP H 103 48.09 27.55 -32.47
N GLY H 104 48.83 28.31 -31.66
CA GLY H 104 48.19 29.07 -30.60
C GLY H 104 49.02 30.23 -30.10
N SER H 105 48.42 31.41 -30.08
CA SER H 105 49.01 32.59 -29.48
C SER H 105 48.12 33.07 -28.35
N LYS H 106 48.75 33.64 -27.30
CA LYS H 106 47.97 34.06 -26.15
C LYS H 106 47.19 35.34 -26.44
N ASP H 107 47.69 36.18 -27.34
CA ASP H 107 47.05 37.45 -27.64
C ASP H 107 46.51 37.55 -29.07
N ALA H 108 46.69 36.52 -29.90
CA ALA H 108 46.34 36.61 -31.30
C ALA H 108 45.56 35.37 -31.75
N GLY H 109 44.68 34.87 -30.89
CA GLY H 109 43.82 33.77 -31.26
C GLY H 109 44.52 32.43 -31.28
N LEU H 110 43.76 31.40 -31.65
CA LEU H 110 44.24 30.03 -31.64
C LEU H 110 43.69 29.28 -32.84
N MET H 111 44.38 28.22 -33.24
CA MET H 111 43.93 27.31 -34.29
C MET H 111 43.85 25.91 -33.70
N GLN H 112 42.65 25.42 -33.44
CA GLN H 112 42.50 24.08 -32.90
C GLN H 112 41.65 23.25 -33.85
N PHE H 113 41.61 21.95 -33.58
CA PHE H 113 40.81 21.00 -34.34
C PHE H 113 40.33 19.91 -33.39
N ALA H 114 39.41 19.09 -33.86
CA ALA H 114 38.95 17.93 -33.12
C ALA H 114 38.75 16.75 -34.07
N ASN H 115 38.61 15.55 -33.48
CA ASN H 115 38.29 14.31 -34.16
C ASN H 115 39.34 13.98 -35.23
N GLY H 116 40.53 13.64 -34.74
CA GLY H 116 41.63 13.31 -35.62
C GLY H 116 42.95 13.83 -35.09
N THR H 117 42.89 14.86 -34.27
CA THR H 117 44.03 15.31 -33.50
C THR H 117 43.89 15.01 -32.02
N GLN H 118 42.68 14.69 -31.56
CA GLN H 118 42.38 14.04 -30.28
C GLN H 118 42.74 14.84 -29.03
N ILE H 119 43.26 16.05 -29.20
CA ILE H 119 43.57 16.93 -28.07
C ILE H 119 43.50 18.39 -28.53
N PRO H 120 42.51 19.15 -28.09
CA PRO H 120 42.44 20.56 -28.50
C PRO H 120 43.48 21.40 -27.77
N ILE H 121 43.90 22.47 -28.44
CA ILE H 121 44.81 23.41 -27.80
C ILE H 121 44.07 24.29 -26.79
N GLY H 122 42.74 24.40 -26.92
CA GLY H 122 41.99 25.19 -25.97
C GLY H 122 41.82 24.49 -24.64
N THR H 123 41.51 23.19 -24.68
CA THR H 123 41.34 22.45 -23.44
C THR H 123 42.68 22.18 -22.77
N LEU H 124 43.72 21.92 -23.57
CA LEU H 124 45.04 21.66 -22.98
C LEU H 124 45.68 22.95 -22.49
N GLY H 125 45.47 24.05 -23.21
CA GLY H 125 45.91 25.35 -22.72
C GLY H 125 45.13 25.81 -21.52
N ALA H 126 43.87 25.39 -21.40
CA ALA H 126 43.09 25.69 -20.20
C ALA H 126 43.56 24.85 -19.03
N ALA H 127 43.93 23.60 -19.28
CA ALA H 127 44.39 22.73 -18.20
C ALA H 127 45.76 23.14 -17.70
N ILE H 128 46.69 23.43 -18.61
CA ILE H 128 48.02 23.90 -18.22
C ILE H 128 47.93 25.31 -17.64
N SER H 129 47.00 26.13 -18.14
CA SER H 129 46.76 27.44 -17.55
C SER H 129 46.19 27.33 -16.14
N ALA H 130 45.47 26.25 -15.86
CA ALA H 130 45.02 25.98 -14.50
C ALA H 130 46.05 25.20 -13.69
N ALA H 131 47.19 24.85 -14.27
CA ALA H 131 48.15 23.97 -13.61
C ALA H 131 49.28 24.70 -12.93
N LYS H 132 49.63 25.91 -13.36
CA LYS H 132 50.73 26.62 -12.72
C LYS H 132 50.27 27.15 -11.38
N PRO H 133 51.03 26.91 -10.31
CA PRO H 133 50.52 27.12 -8.95
C PRO H 133 50.42 28.59 -8.56
N GLN H 134 49.40 28.88 -7.75
CA GLN H 134 49.21 30.19 -7.19
C GLN H 134 50.03 30.36 -5.93
N LYS H 135 50.17 31.60 -5.48
CA LYS H 135 50.90 31.91 -4.28
C LYS H 135 49.94 32.26 -3.14
N GLY H 136 50.49 32.42 -1.95
CA GLY H 136 49.71 32.73 -0.77
C GLY H 136 49.77 34.20 -0.40
N SER H 137 49.47 34.47 0.87
CA SER H 137 49.47 35.84 1.37
C SER H 137 50.89 36.36 1.57
N ASN H 149 49.63 32.42 3.23
CA ASN H 149 51.06 32.42 3.50
C ASN H 149 51.82 31.22 2.87
N PRO H 150 51.29 29.94 2.90
CA PRO H 150 51.93 28.91 2.07
C PRO H 150 51.45 28.96 0.62
N ASP H 151 52.31 28.56 -0.31
CA ASP H 151 51.97 28.49 -1.74
C ASP H 151 51.77 27.03 -2.15
N THR H 152 50.54 26.69 -2.49
CA THR H 152 50.19 25.31 -2.80
C THR H 152 50.48 24.99 -4.26
N ASN H 153 51.28 23.95 -4.48
CA ASN H 153 51.49 23.37 -5.80
C ASN H 153 50.65 22.09 -5.89
N GLY H 154 49.34 22.27 -6.02
CA GLY H 154 48.44 21.15 -6.01
C GLY H 154 47.27 21.29 -6.96
N ASP H 155 47.37 22.21 -7.91
CA ASP H 155 46.34 22.41 -8.93
C ASP H 155 46.59 21.46 -10.10
N LEU H 156 45.89 20.33 -10.10
CA LEU H 156 46.13 19.28 -11.07
C LEU H 156 44.85 18.45 -11.14
N SER H 157 44.95 17.22 -11.67
CA SER H 157 43.86 16.28 -11.96
C SER H 157 42.90 16.82 -13.02
N THR H 158 43.39 17.72 -13.86
CA THR H 158 42.75 18.11 -15.10
C THR H 158 43.55 17.66 -16.31
N LEU H 159 44.88 17.80 -16.25
CA LEU H 159 45.74 17.12 -17.20
C LEU H 159 45.73 15.61 -16.96
N ALA H 160 45.51 15.19 -15.72
CA ALA H 160 45.46 13.77 -15.42
C ALA H 160 44.19 13.11 -15.94
N GLN H 161 43.15 13.89 -16.23
CA GLN H 161 41.96 13.35 -16.85
C GLN H 161 41.95 13.60 -18.35
N LEU H 162 42.40 14.77 -18.79
CA LEU H 162 42.43 15.09 -20.21
C LEU H 162 43.50 14.27 -20.94
N LEU H 163 44.59 13.93 -20.25
CA LEU H 163 45.63 13.09 -20.80
C LEU H 163 45.55 11.65 -20.29
N SER H 164 44.38 11.24 -19.78
CA SER H 164 44.24 9.89 -19.27
C SER H 164 44.15 8.89 -20.41
N GLY H 165 43.10 8.99 -21.23
CA GLY H 165 43.03 8.20 -22.42
C GLY H 165 43.58 8.95 -23.61
N PHE H 166 44.86 8.75 -23.89
CA PHE H 166 45.57 9.46 -24.93
C PHE H 166 46.88 8.75 -25.23
N SER H 167 47.20 8.55 -26.51
CA SER H 167 48.37 7.79 -26.90
C SER H 167 49.25 8.51 -27.90
N GLY H 168 49.03 9.79 -28.14
CA GLY H 168 49.71 10.47 -29.22
C GLY H 168 51.00 11.14 -28.82
N THR H 169 51.89 11.27 -29.80
CA THR H 169 53.09 12.08 -29.66
C THR H 169 52.68 13.54 -29.76
N ALA H 170 52.80 14.27 -28.65
CA ALA H 170 52.39 15.66 -28.58
C ALA H 170 53.59 16.50 -28.19
N VAL H 171 54.20 17.15 -29.15
CA VAL H 171 55.35 18.02 -28.89
C VAL H 171 54.88 19.46 -28.87
N GLY H 172 55.63 20.31 -28.17
CA GLY H 172 55.35 21.72 -28.15
C GLY H 172 56.48 22.54 -28.73
N VAL H 173 56.28 23.12 -29.91
CA VAL H 173 57.32 23.86 -30.62
C VAL H 173 56.97 25.34 -30.55
N VAL H 174 57.78 26.11 -29.84
CA VAL H 174 57.59 27.56 -29.78
C VAL H 174 58.39 28.20 -30.91
N LYS H 175 57.72 29.03 -31.70
CA LYS H 175 58.39 29.70 -32.83
C LYS H 175 57.68 31.03 -33.05
N GLY H 176 58.32 32.11 -32.61
CA GLY H 176 57.74 33.44 -32.75
C GLY H 176 56.53 33.68 -31.87
N ASP H 177 56.50 33.08 -30.68
CA ASP H 177 55.35 33.01 -29.78
C ASP H 177 54.14 32.43 -30.52
N TRP H 178 54.32 31.20 -31.00
CA TRP H 178 53.25 30.41 -31.61
C TRP H 178 53.47 28.97 -31.18
N MET H 179 52.70 28.51 -30.19
CA MET H 179 52.91 27.19 -29.62
C MET H 179 52.40 26.12 -30.59
N ALA H 180 53.27 25.66 -31.48
CA ALA H 180 52.91 24.70 -32.52
C ALA H 180 52.75 23.32 -31.90
N LEU H 181 51.56 23.06 -31.38
CA LEU H 181 51.27 21.77 -30.75
C LEU H 181 51.03 20.74 -31.85
N VAL H 182 52.04 19.93 -32.12
CA VAL H 182 51.96 18.90 -33.15
C VAL H 182 51.57 17.58 -32.50
N GLN H 183 50.52 16.95 -33.01
CA GLN H 183 50.04 15.69 -32.48
C GLN H 183 50.02 14.66 -33.60
N ALA H 184 50.55 13.46 -33.31
CA ALA H 184 50.61 12.38 -34.29
C ALA H 184 50.72 11.05 -33.57
N VAL H 185 50.11 10.01 -34.14
CA VAL H 185 50.15 8.65 -33.60
C VAL H 185 49.74 7.68 -34.71
N LYS H 186 50.29 6.48 -34.68
CA LYS H 186 49.86 5.40 -35.56
C LYS H 186 49.97 4.10 -34.77
N ASN H 187 48.90 3.32 -34.73
CA ASN H 187 48.89 2.06 -33.98
C ASN H 187 48.15 0.97 -34.74
N ASP H 188 48.88 -0.10 -35.04
CA ASP H 188 48.31 -1.26 -35.71
C ASP H 188 47.81 -2.26 -34.67
N SER H 189 46.92 -3.16 -35.09
CA SER H 189 46.41 -4.23 -34.25
C SER H 189 46.19 -5.46 -35.12
N SER H 190 46.30 -6.65 -34.52
CA SER H 190 46.14 -7.92 -35.23
C SER H 190 45.73 -8.98 -34.22
N SER H 191 44.50 -9.47 -34.33
CA SER H 191 44.03 -10.59 -33.54
C SER H 191 43.95 -11.83 -34.42
N ASN H 192 44.02 -12.99 -33.80
CA ASN H 192 43.94 -14.26 -34.51
C ASN H 192 43.47 -15.33 -33.54
N VAL H 193 42.22 -15.76 -33.70
CA VAL H 193 41.59 -16.66 -32.74
C VAL H 193 41.13 -17.92 -33.47
N LEU H 194 41.60 -19.06 -32.99
CA LEU H 194 41.18 -20.34 -33.52
C LEU H 194 40.62 -21.18 -32.38
N SER H 195 39.35 -21.56 -32.49
CA SER H 195 38.70 -22.39 -31.50
C SER H 195 38.03 -23.55 -32.19
N THR H 196 38.01 -24.70 -31.52
CA THR H 196 37.42 -25.91 -32.08
C THR H 196 36.84 -26.80 -30.99
N PRO H 197 35.57 -26.61 -30.65
CA PRO H 197 34.88 -27.57 -29.80
C PRO H 197 34.63 -28.88 -30.53
N SER H 198 34.32 -29.91 -29.75
CA SER H 198 34.08 -31.24 -30.26
C SER H 198 33.01 -31.89 -29.41
N ILE H 199 32.33 -32.89 -29.99
CA ILE H 199 31.25 -33.58 -29.29
C ILE H 199 31.20 -35.00 -29.83
N THR H 200 30.54 -35.89 -29.09
CA THR H 200 30.36 -37.27 -29.53
C THR H 200 28.98 -37.71 -29.11
N THR H 201 28.08 -37.84 -30.07
CA THR H 201 26.72 -38.25 -29.80
C THR H 201 26.53 -39.65 -30.33
N LEU H 202 25.29 -40.13 -30.27
CA LEU H 202 24.85 -41.22 -31.12
C LEU H 202 24.08 -40.63 -32.30
N ASP H 203 23.53 -41.53 -33.11
CA ASP H 203 22.61 -41.11 -34.16
C ASP H 203 21.31 -40.61 -33.54
N ASN H 204 20.84 -39.46 -34.02
CA ASN H 204 19.51 -38.89 -33.71
C ASN H 204 19.32 -38.58 -32.23
N GLN H 205 20.42 -38.30 -31.52
CA GLN H 205 20.36 -37.96 -30.11
C GLN H 205 21.05 -36.62 -29.92
N GLU H 206 20.31 -35.61 -29.50
CA GLU H 206 20.87 -34.28 -29.38
C GLU H 206 21.81 -34.19 -28.19
N ALA H 207 22.77 -33.28 -28.28
CA ALA H 207 23.79 -33.12 -27.27
C ALA H 207 24.43 -31.76 -27.46
N PHE H 208 24.87 -31.16 -26.37
CA PHE H 208 25.50 -29.86 -26.48
C PHE H 208 26.74 -29.84 -25.62
N PHE H 209 27.28 -28.65 -25.46
CA PHE H 209 28.60 -28.45 -24.89
C PHE H 209 28.68 -26.97 -24.56
N MET H 210 29.57 -26.63 -23.63
CA MET H 210 29.66 -25.27 -23.12
C MET H 210 30.98 -25.12 -22.38
N VAL H 211 31.63 -23.98 -22.52
CA VAL H 211 32.78 -23.66 -21.67
C VAL H 211 32.60 -22.26 -21.10
N GLY H 212 31.38 -21.79 -21.01
CA GLY H 212 31.11 -20.41 -20.69
C GLY H 212 31.02 -20.09 -19.21
N GLN H 213 30.20 -19.10 -18.90
CA GLN H 213 30.00 -18.61 -17.54
C GLN H 213 28.51 -18.50 -17.27
N ASP H 214 28.18 -17.99 -16.10
CA ASP H 214 26.81 -17.61 -15.76
C ASP H 214 26.85 -16.18 -15.22
N VAL H 215 26.21 -15.27 -15.93
CA VAL H 215 26.29 -13.85 -15.60
C VAL H 215 24.95 -13.41 -15.05
N PRO H 216 24.92 -12.66 -13.94
CA PRO H 216 23.64 -12.14 -13.43
C PRO H 216 23.08 -11.06 -14.34
N VAL H 217 21.99 -11.38 -15.02
CA VAL H 217 21.28 -10.46 -15.89
C VAL H 217 20.01 -10.04 -15.18
N LEU H 218 19.85 -8.75 -14.95
CA LEU H 218 18.69 -8.24 -14.23
C LEU H 218 17.58 -7.90 -15.22
N THR H 219 16.37 -8.37 -14.92
CA THR H 219 15.17 -8.05 -15.69
C THR H 219 14.18 -7.41 -14.73
N GLY H 220 14.34 -6.12 -14.49
CA GLY H 220 13.47 -5.41 -13.57
C GLY H 220 14.07 -5.25 -12.19
N THR H 233 13.98 -8.59 -11.17
CA THR H 233 14.04 -10.04 -11.30
C THR H 233 15.32 -10.45 -12.03
N VAL H 234 16.37 -10.69 -11.24
CA VAL H 234 17.65 -11.08 -11.81
C VAL H 234 17.57 -12.52 -12.29
N GLU H 235 18.05 -12.78 -13.49
CA GLU H 235 18.01 -14.10 -14.08
C GLU H 235 19.39 -14.49 -14.59
N ARG H 236 19.75 -15.75 -14.39
CA ARG H 236 21.06 -16.24 -14.78
C ARG H 236 21.07 -16.56 -16.27
N LYS H 237 22.03 -16.00 -17.00
CA LYS H 237 22.11 -16.20 -18.43
C LYS H 237 23.46 -16.79 -18.77
N LYS H 238 23.45 -17.79 -19.67
CA LYS H 238 24.66 -18.51 -20.05
C LYS H 238 25.35 -17.81 -21.20
N VAL H 239 26.68 -17.83 -21.18
CA VAL H 239 27.50 -17.27 -22.24
C VAL H 239 28.49 -18.34 -22.70
N GLY H 240 29.42 -17.95 -23.57
CA GLY H 240 30.51 -18.84 -23.92
C GLY H 240 30.18 -19.79 -25.05
N ILE H 241 31.19 -20.57 -25.42
CA ILE H 241 31.18 -21.37 -26.64
C ILE H 241 30.22 -22.55 -26.50
N MET H 242 29.07 -22.45 -27.13
CA MET H 242 28.08 -23.52 -27.10
C MET H 242 28.04 -24.19 -28.46
N LEU H 243 27.72 -25.48 -28.47
CA LEU H 243 27.65 -26.23 -29.72
C LEU H 243 26.59 -27.31 -29.54
N LYS H 244 25.36 -27.02 -29.96
CA LYS H 244 24.27 -27.96 -29.80
C LYS H 244 23.95 -28.59 -31.15
N VAL H 245 24.29 -29.87 -31.29
CA VAL H 245 24.15 -30.56 -32.56
C VAL H 245 23.10 -31.65 -32.38
N THR H 246 22.54 -32.11 -33.50
CA THR H 246 21.64 -33.27 -33.51
C THR H 246 21.85 -34.00 -34.82
N PRO H 247 22.90 -34.82 -34.90
CA PRO H 247 23.26 -35.40 -36.19
C PRO H 247 22.40 -36.59 -36.56
N GLN H 248 22.22 -36.74 -37.87
CA GLN H 248 21.48 -37.86 -38.44
C GLN H 248 22.33 -38.45 -39.55
N ILE H 249 22.41 -39.78 -39.58
CA ILE H 249 23.25 -40.48 -40.54
C ILE H 249 22.39 -40.87 -41.73
N ASN H 250 22.66 -40.24 -42.87
CA ASN H 250 22.01 -40.57 -44.12
C ASN H 250 22.86 -41.56 -44.91
N GLU H 251 22.19 -42.31 -45.78
CA GLU H 251 22.88 -43.35 -46.52
C GLU H 251 23.76 -42.76 -47.61
N GLY H 252 24.78 -43.50 -48.00
CA GLY H 252 25.91 -42.92 -48.69
C GLY H 252 26.93 -42.31 -47.76
N ASN H 253 26.81 -42.58 -46.45
CA ASN H 253 27.69 -42.06 -45.39
C ASN H 253 27.73 -40.54 -45.37
N ALA H 254 26.56 -39.92 -45.55
CA ALA H 254 26.41 -38.49 -45.41
C ALA H 254 25.71 -38.19 -44.10
N VAL H 255 26.05 -37.05 -43.51
CA VAL H 255 25.59 -36.68 -42.18
C VAL H 255 24.78 -35.40 -42.27
N GLN H 256 23.54 -35.46 -41.84
CA GLN H 256 22.70 -34.27 -41.70
C GLN H 256 22.75 -33.81 -40.25
N MET H 257 23.03 -32.52 -40.06
CA MET H 257 23.20 -31.98 -38.73
C MET H 257 22.28 -30.80 -38.52
N VAL H 258 21.76 -30.67 -37.31
CA VAL H 258 20.99 -29.50 -36.93
C VAL H 258 21.81 -28.77 -35.87
N ILE H 259 22.64 -27.85 -36.31
CA ILE H 259 23.64 -27.22 -35.46
C ILE H 259 23.15 -25.87 -35.01
N GLU H 260 23.21 -25.62 -33.69
CA GLU H 260 22.81 -24.35 -33.10
C GLU H 260 23.99 -23.86 -32.27
N GLN H 261 24.94 -23.21 -32.90
CA GLN H 261 26.18 -22.81 -32.26
C GLN H 261 26.04 -21.38 -31.73
N GLU H 262 26.89 -21.04 -30.76
CA GLU H 262 26.91 -19.71 -30.17
C GLU H 262 28.30 -19.48 -29.60
N VAL H 263 28.84 -18.28 -29.80
CA VAL H 263 30.08 -17.86 -29.16
C VAL H 263 29.76 -16.53 -28.47
N SER H 264 29.47 -16.58 -27.18
CA SER H 264 29.18 -15.38 -26.44
C SER H 264 30.39 -14.95 -25.64
N LYS H 265 30.39 -13.67 -25.25
CA LYS H 265 31.54 -13.08 -24.58
C LYS H 265 31.08 -11.85 -23.84
N VAL H 266 31.54 -11.70 -22.59
CA VAL H 266 31.12 -10.58 -21.77
C VAL H 266 31.90 -9.33 -22.18
N GLU H 267 31.20 -8.35 -22.72
CA GLU H 267 31.79 -7.04 -22.98
C GLU H 267 31.47 -6.09 -21.83
N GLY H 268 32.30 -5.07 -21.68
CA GLY H 268 32.14 -4.19 -20.55
C GLY H 268 31.12 -3.09 -20.76
N GLN H 269 31.59 -1.86 -20.62
CA GLN H 269 30.78 -0.66 -20.80
C GLN H 269 29.94 -0.51 -19.56
N THR H 270 28.92 -1.36 -19.46
CA THR H 270 28.04 -1.37 -18.29
C THR H 270 27.15 -0.14 -18.15
N SER H 271 26.30 0.10 -19.15
CA SER H 271 25.54 1.36 -19.18
C SER H 271 24.45 1.37 -18.12
N LEU H 272 23.48 0.47 -18.25
CA LEU H 272 22.54 0.15 -17.18
C LEU H 272 22.77 -1.25 -16.64
N ASP H 273 23.28 -2.15 -17.48
CA ASP H 273 23.63 -3.50 -17.10
C ASP H 273 24.79 -3.92 -18.01
N VAL H 274 25.28 -5.14 -17.81
CA VAL H 274 26.41 -5.62 -18.59
C VAL H 274 25.92 -6.00 -19.98
N VAL H 275 26.77 -5.81 -20.99
CA VAL H 275 26.42 -6.15 -22.35
C VAL H 275 27.24 -7.37 -22.76
N PHE H 276 26.78 -8.05 -23.79
CA PHE H 276 27.40 -9.27 -24.28
C PHE H 276 27.91 -9.05 -25.69
N GLY H 277 28.51 -10.08 -26.27
CA GLY H 277 28.66 -10.12 -27.69
C GLY H 277 28.37 -11.52 -28.21
N GLU H 278 27.33 -11.70 -28.99
CA GLU H 278 27.00 -13.03 -29.48
C GLU H 278 27.40 -13.18 -30.94
N ARG H 279 27.65 -14.42 -31.34
CA ARG H 279 28.00 -14.76 -32.71
C ARG H 279 27.26 -16.01 -33.15
N LYS H 280 26.02 -16.14 -32.70
CA LYS H 280 25.31 -17.39 -32.84
C LYS H 280 24.81 -17.60 -34.26
N LEU H 281 24.46 -18.85 -34.56
CA LEU H 281 23.83 -19.22 -35.81
C LEU H 281 23.09 -20.53 -35.60
N LYS H 282 21.98 -20.69 -36.32
CA LYS H 282 21.13 -21.88 -36.17
C LYS H 282 20.79 -22.40 -37.56
N THR H 283 21.65 -23.23 -38.11
CA THR H 283 21.47 -23.70 -39.47
C THR H 283 21.27 -25.20 -39.51
N THR H 284 21.24 -25.76 -40.72
CA THR H 284 21.05 -27.18 -40.92
C THR H 284 21.81 -27.56 -42.18
N VAL H 285 22.93 -28.27 -42.04
CA VAL H 285 23.79 -28.58 -43.16
C VAL H 285 23.73 -30.07 -43.45
N LEU H 286 24.31 -30.46 -44.57
CA LEU H 286 24.40 -31.85 -44.99
C LEU H 286 25.81 -32.06 -45.53
N ALA H 287 26.71 -32.47 -44.64
CA ALA H 287 28.10 -32.64 -45.01
C ALA H 287 28.37 -34.09 -45.40
N ASN H 288 29.57 -34.33 -45.92
CA ASN H 288 29.99 -35.67 -46.30
C ASN H 288 30.55 -36.42 -45.11
N ASP H 289 31.26 -37.52 -45.37
CA ASP H 289 31.63 -38.45 -44.30
C ASP H 289 32.71 -37.86 -43.40
N GLY H 290 33.69 -37.16 -43.97
CA GLY H 290 34.72 -36.55 -43.16
C GLY H 290 35.19 -35.23 -43.72
N GLU H 291 34.44 -34.68 -44.68
CA GLU H 291 34.85 -33.48 -45.39
C GLU H 291 34.33 -32.24 -44.69
N LEU H 292 35.09 -31.16 -44.80
CA LEU H 292 34.69 -29.90 -44.22
C LEU H 292 33.62 -29.23 -45.06
N ILE H 293 32.79 -28.44 -44.41
CA ILE H 293 31.86 -27.57 -45.12
C ILE H 293 31.78 -26.26 -44.34
N VAL H 294 31.75 -25.15 -45.07
CA VAL H 294 31.62 -23.84 -44.45
C VAL H 294 30.16 -23.60 -44.13
N LEU H 295 29.89 -23.17 -42.90
CA LEU H 295 28.52 -22.89 -42.47
C LEU H 295 28.18 -21.42 -42.62
N GLY H 296 28.89 -20.56 -41.93
CA GLY H 296 28.59 -19.15 -41.95
C GLY H 296 29.85 -18.33 -42.09
N GLY H 297 29.75 -17.04 -41.80
CA GLY H 297 30.93 -16.22 -41.86
C GLY H 297 30.56 -14.75 -41.95
N LEU H 298 31.60 -13.94 -41.89
CA LEU H 298 31.46 -12.49 -42.01
C LEU H 298 32.82 -11.94 -42.41
N MET H 299 32.90 -11.32 -43.59
CA MET H 299 34.11 -10.66 -44.01
C MET H 299 33.86 -9.16 -43.95
N ASP H 300 34.03 -8.60 -42.75
CA ASP H 300 33.90 -7.17 -42.57
C ASP H 300 35.09 -6.46 -43.20
N ASP H 301 34.85 -5.23 -43.62
CA ASP H 301 35.89 -4.42 -44.26
C ASP H 301 35.44 -2.97 -44.16
N GLN H 302 36.26 -2.12 -43.55
CA GLN H 302 35.91 -0.72 -43.40
C GLN H 302 37.03 0.15 -43.93
N ALA H 303 36.78 1.45 -43.89
CA ALA H 303 37.76 2.47 -44.21
C ALA H 303 37.33 3.74 -43.49
N GLY H 304 37.95 4.85 -43.83
CA GLY H 304 37.61 6.10 -43.17
C GLY H 304 38.57 7.22 -43.51
N GLU H 305 38.12 8.45 -43.33
CA GLU H 305 38.91 9.64 -43.62
C GLU H 305 38.24 10.83 -42.95
N SER H 306 39.03 11.64 -42.26
CA SER H 306 38.49 12.88 -41.69
C SER H 306 39.63 13.91 -41.69
N VAL H 307 39.71 14.69 -42.76
CA VAL H 307 40.65 15.78 -42.86
C VAL H 307 39.93 17.04 -42.43
N ALA H 308 40.65 17.99 -41.86
CA ALA H 308 40.06 19.23 -41.35
C ALA H 308 40.99 20.39 -41.72
N LYS H 309 40.70 21.04 -42.85
CA LYS H 309 41.59 22.06 -43.38
C LYS H 309 41.36 23.42 -42.73
N VAL H 310 42.00 24.43 -43.31
CA VAL H 310 41.67 25.84 -43.13
C VAL H 310 41.50 26.31 -44.57
N PRO H 311 40.37 27.00 -44.93
CA PRO H 311 39.85 26.98 -46.31
C PRO H 311 40.78 27.43 -47.44
N LEU H 312 41.49 28.55 -47.29
CA LEU H 312 42.35 28.99 -48.37
C LEU H 312 43.76 28.42 -48.21
N LEU H 313 44.32 28.54 -47.00
CA LEU H 313 45.68 28.07 -46.74
C LEU H 313 45.70 26.63 -46.21
N GLY H 314 44.96 25.76 -46.88
CA GLY H 314 44.96 24.35 -46.54
C GLY H 314 45.45 23.48 -47.68
N ASP H 315 45.24 23.94 -48.91
CA ASP H 315 45.68 23.22 -50.09
C ASP H 315 46.98 23.77 -50.67
N ILE H 316 47.82 24.39 -49.83
CA ILE H 316 49.18 24.76 -50.23
C ILE H 316 49.95 23.47 -50.43
N PRO H 317 50.60 23.26 -51.57
CA PRO H 317 51.21 21.94 -51.83
C PRO H 317 52.48 21.68 -51.05
N LEU H 318 53.03 22.70 -50.40
CA LEU H 318 54.29 22.53 -49.69
C LEU H 318 54.11 22.60 -48.17
N ILE H 319 53.54 23.70 -47.67
CA ILE H 319 53.46 23.92 -46.23
C ILE H 319 52.02 23.84 -45.77
N GLY H 320 51.12 23.45 -46.66
CA GLY H 320 49.72 23.29 -46.31
C GLY H 320 49.45 22.11 -45.41
N ASN H 321 50.38 21.14 -45.40
CA ASN H 321 50.25 19.91 -44.63
C ASN H 321 50.21 20.16 -43.14
N LEU H 322 50.84 21.25 -42.69
CA LEU H 322 50.81 21.60 -41.27
C LEU H 322 49.70 22.61 -40.99
N PHE H 323 48.52 22.31 -41.55
CA PHE H 323 47.31 23.05 -41.21
C PHE H 323 46.12 22.12 -41.06
N LYS H 324 46.26 20.88 -41.54
CA LYS H 324 45.16 19.93 -41.56
C LYS H 324 45.38 18.85 -40.52
N SER H 325 44.30 18.43 -39.88
CA SER H 325 44.35 17.35 -38.89
C SER H 325 43.84 16.08 -39.56
N THR H 326 44.71 15.44 -40.33
CA THR H 326 44.31 14.32 -41.18
C THR H 326 44.12 13.08 -40.33
N ALA H 327 42.87 12.72 -40.08
CA ALA H 327 42.59 11.44 -39.47
C ALA H 327 42.58 10.34 -40.53
N ASP H 328 42.49 9.10 -40.06
CA ASP H 328 42.36 7.93 -40.91
C ASP H 328 41.83 6.82 -40.01
N LYS H 329 41.29 5.79 -40.64
CA LYS H 329 40.94 4.55 -39.94
C LYS H 329 40.81 3.44 -40.96
N LYS H 330 41.72 2.49 -40.92
CA LYS H 330 41.61 1.29 -41.75
C LYS H 330 41.34 0.11 -40.82
N GLU H 331 40.39 -0.73 -41.20
CA GLU H 331 40.01 -1.85 -40.36
C GLU H 331 39.51 -2.97 -41.26
N LYS H 332 39.83 -4.21 -40.88
CA LYS H 332 39.40 -5.37 -41.64
C LYS H 332 39.29 -6.54 -40.68
N ARG H 333 38.21 -7.30 -40.79
CA ARG H 333 37.96 -8.38 -39.83
C ARG H 333 37.23 -9.51 -40.53
N ASN H 334 37.82 -10.70 -40.51
CA ASN H 334 37.22 -11.89 -41.10
C ASN H 334 36.74 -12.82 -40.01
N LEU H 335 35.84 -13.71 -40.40
CA LEU H 335 35.25 -14.66 -39.46
C LEU H 335 34.68 -15.81 -40.26
N MET H 336 34.87 -17.03 -39.78
CA MET H 336 34.32 -18.22 -40.42
C MET H 336 33.89 -19.21 -39.35
N VAL H 337 33.00 -20.11 -39.74
CA VAL H 337 32.56 -21.23 -38.92
C VAL H 337 32.54 -22.47 -39.79
N PHE H 338 33.39 -23.42 -39.48
CA PHE H 338 33.51 -24.67 -40.23
C PHE H 338 32.97 -25.82 -39.40
N ILE H 339 32.94 -27.01 -39.99
CA ILE H 339 32.53 -28.21 -39.27
C ILE H 339 33.18 -29.41 -39.95
N ARG H 340 33.24 -30.51 -39.24
CA ARG H 340 33.73 -31.78 -39.80
C ARG H 340 33.05 -32.90 -39.04
N PRO H 341 32.07 -33.57 -39.63
CA PRO H 341 31.53 -34.78 -39.02
C PRO H 341 32.45 -35.97 -39.24
N THR H 342 32.37 -36.91 -38.32
CA THR H 342 33.20 -38.11 -38.37
C THR H 342 32.40 -39.25 -37.75
N ILE H 343 31.90 -40.16 -38.57
CA ILE H 343 31.17 -41.30 -38.03
C ILE H 343 32.17 -42.32 -37.49
N LEU H 344 31.75 -43.08 -36.49
CA LEU H 344 32.61 -44.05 -35.82
C LEU H 344 31.93 -45.41 -35.94
N ARG H 345 32.56 -46.31 -36.69
CA ARG H 345 31.96 -47.61 -36.96
C ARG H 345 32.07 -48.56 -35.78
N ASP H 346 33.29 -48.93 -35.41
CA ASP H 346 33.55 -50.03 -34.50
C ASP H 346 34.66 -49.61 -33.55
N GLY H 347 35.26 -50.61 -32.89
CA GLY H 347 36.41 -50.35 -32.03
C GLY H 347 37.66 -49.91 -32.76
N MET H 348 37.72 -50.13 -34.08
CA MET H 348 38.82 -49.59 -34.87
C MET H 348 38.70 -48.09 -35.05
N ALA H 349 37.47 -47.58 -35.17
CA ALA H 349 37.27 -46.16 -35.39
C ALA H 349 37.51 -45.37 -34.11
N ALA H 350 36.90 -45.79 -33.00
CA ALA H 350 37.17 -45.19 -31.71
C ALA H 350 38.59 -45.48 -31.23
N ASP H 351 39.18 -46.59 -31.70
CA ASP H 351 40.61 -46.82 -31.53
C ASP H 351 41.42 -45.71 -32.18
N GLY H 352 41.09 -45.37 -33.42
CA GLY H 352 41.80 -44.33 -34.14
C GLY H 352 41.63 -42.94 -33.54
N VAL H 353 40.38 -42.51 -33.39
CA VAL H 353 40.10 -41.14 -32.93
C VAL H 353 40.44 -41.00 -31.45
N SER H 354 39.99 -41.95 -30.63
CA SER H 354 40.29 -41.88 -29.20
C SER H 354 41.77 -42.11 -28.91
N GLN H 355 42.46 -42.86 -29.79
CA GLN H 355 43.89 -43.03 -29.63
C GLN H 355 44.65 -41.77 -29.98
N ARG H 356 44.25 -41.07 -31.05
CA ARG H 356 44.99 -39.87 -31.41
C ARG H 356 44.66 -38.70 -30.49
N LYS H 357 43.44 -38.61 -29.97
CA LYS H 357 43.14 -37.56 -29.01
C LYS H 357 43.76 -37.86 -27.65
N TYR H 358 43.63 -39.11 -27.19
CA TYR H 358 44.15 -39.48 -25.87
C TYR H 358 45.67 -39.44 -25.85
N ASN H 359 46.32 -40.04 -26.84
CA ASN H 359 47.77 -40.00 -26.89
C ASN H 359 48.31 -38.67 -27.36
N TYR H 360 47.48 -37.84 -28.00
CA TYR H 360 47.91 -36.47 -28.29
C TYR H 360 47.93 -35.62 -27.03
N MET H 361 46.88 -35.72 -26.21
CA MET H 361 46.84 -34.94 -24.96
C MET H 361 47.83 -35.48 -23.93
N ARG H 362 47.95 -36.80 -23.84
CA ARG H 362 48.98 -37.39 -22.99
C ARG H 362 50.37 -37.01 -23.49
N ALA H 363 50.54 -36.95 -24.81
CA ALA H 363 51.82 -36.52 -25.38
C ALA H 363 52.10 -35.07 -25.02
N GLU H 364 51.08 -34.21 -24.99
CA GLU H 364 51.28 -32.84 -24.54
C GLU H 364 51.61 -32.76 -23.06
N GLN H 365 51.06 -33.66 -22.25
CA GLN H 365 51.48 -33.71 -20.84
C GLN H 365 52.91 -34.23 -20.69
N ILE H 366 53.36 -35.08 -21.61
CA ILE H 366 54.77 -35.48 -21.64
C ILE H 366 55.64 -34.29 -22.02
N TYR H 367 55.18 -33.46 -22.95
CA TYR H 367 55.87 -32.20 -23.21
C TYR H 367 55.73 -31.20 -22.09
N ARG H 368 54.82 -31.42 -21.13
CA ARG H 368 54.84 -30.69 -19.87
C ARG H 368 55.64 -31.40 -18.79
N ASP H 369 56.12 -32.61 -19.06
CA ASP H 369 56.95 -33.34 -18.11
C ASP H 369 58.43 -33.17 -18.38
N GLU H 370 58.84 -33.27 -19.65
CA GLU H 370 60.22 -32.97 -20.02
C GLU H 370 60.54 -31.50 -19.81
N GLN H 371 59.64 -30.63 -20.25
CA GLN H 371 59.68 -29.21 -19.88
C GLN H 371 59.18 -29.12 -18.44
N GLY H 372 60.11 -29.30 -17.51
CA GLY H 372 59.75 -29.41 -16.11
C GLY H 372 59.56 -28.06 -15.45
N LEU H 373 59.23 -28.12 -14.16
CA LEU H 373 59.07 -26.90 -13.38
C LEU H 373 60.42 -26.25 -13.14
N SER H 374 60.39 -24.93 -12.97
CA SER H 374 61.63 -24.16 -12.84
C SER H 374 62.28 -24.30 -11.48
N LEU H 375 61.57 -24.82 -10.48
CA LEU H 375 62.06 -24.88 -9.12
C LEU H 375 62.42 -26.30 -8.69
N MET H 376 61.48 -27.23 -8.78
CA MET H 376 61.69 -28.58 -8.28
C MET H 376 61.64 -29.58 -9.42
N PRO H 377 62.78 -30.16 -9.82
CA PRO H 377 62.73 -31.28 -10.78
C PRO H 377 62.14 -32.53 -10.19
N HIS H 378 62.18 -32.70 -8.87
CA HIS H 378 61.68 -33.90 -8.21
C HIS H 378 60.22 -33.71 -7.78
N THR H 379 59.38 -33.42 -8.77
CA THR H 379 57.94 -33.26 -8.55
C THR H 379 57.22 -33.77 -9.78
N ALA H 380 56.34 -34.75 -9.59
CA ALA H 380 55.68 -35.41 -10.71
C ALA H 380 54.57 -34.54 -11.26
N GLN H 381 54.57 -34.35 -12.58
CA GLN H 381 53.45 -33.70 -13.23
C GLN H 381 52.25 -34.64 -13.30
N PRO H 382 51.03 -34.09 -13.35
CA PRO H 382 49.85 -34.93 -13.59
C PRO H 382 49.87 -35.51 -15.00
N ILE H 383 50.07 -36.82 -15.11
CA ILE H 383 50.16 -37.46 -16.41
C ILE H 383 49.06 -38.52 -16.50
N LEU H 384 48.57 -38.73 -17.72
CA LEU H 384 47.54 -39.71 -17.99
C LEU H 384 48.09 -41.12 -17.81
N PRO H 385 47.20 -42.12 -17.57
CA PRO H 385 47.67 -43.51 -17.47
C PRO H 385 48.24 -44.08 -18.77
N ALA H 386 48.67 -45.35 -18.70
CA ALA H 386 49.50 -45.91 -19.77
C ALA H 386 48.69 -46.19 -21.03
N GLN H 387 47.67 -47.03 -20.94
CA GLN H 387 46.92 -47.43 -22.12
C GLN H 387 45.42 -47.49 -21.85
N GLY I 1 -3.03 -72.86 -2.19
CA GLY I 1 -3.60 -73.74 -3.19
C GLY I 1 -4.02 -73.01 -4.45
N ASN I 2 -5.05 -72.17 -4.31
CA ASN I 2 -5.53 -71.36 -5.43
C ASN I 2 -4.55 -70.23 -5.69
N SER I 3 -4.32 -69.39 -4.69
CA SER I 3 -3.34 -68.32 -4.81
C SER I 3 -2.02 -68.76 -4.21
N GLN I 4 -0.94 -68.13 -4.68
CA GLN I 4 0.41 -68.48 -4.24
C GLN I 4 1.19 -67.21 -3.95
N VAL I 5 2.33 -67.40 -3.29
CA VAL I 5 3.22 -66.31 -2.90
C VAL I 5 4.60 -66.61 -3.47
N PHE I 6 5.13 -65.65 -4.23
CA PHE I 6 6.45 -65.77 -4.83
C PHE I 6 7.41 -64.82 -4.13
N TYR I 7 8.56 -65.34 -3.72
CA TYR I 7 9.62 -64.51 -3.16
C TYR I 7 10.56 -64.11 -4.28
N LEU I 8 10.60 -62.81 -4.59
CA LEU I 8 11.52 -62.32 -5.60
C LEU I 8 12.94 -62.37 -5.07
N LYS I 9 13.86 -62.84 -5.91
CA LYS I 9 15.22 -63.09 -5.47
C LYS I 9 16.20 -62.03 -5.91
N TYR I 10 15.86 -61.20 -6.90
CA TYR I 10 16.77 -60.16 -7.35
C TYR I 10 16.10 -58.84 -7.67
N SER I 11 14.80 -58.70 -7.48
CA SER I 11 14.10 -57.50 -7.90
C SER I 11 13.11 -57.06 -6.83
N LYS I 12 12.78 -55.77 -6.87
CA LYS I 12 11.79 -55.24 -5.94
C LYS I 12 10.40 -55.71 -6.32
N ALA I 13 9.49 -55.65 -5.35
CA ALA I 13 8.14 -56.17 -5.57
C ALA I 13 7.24 -55.14 -6.25
N GLU I 14 7.42 -53.86 -5.94
CA GLU I 14 6.53 -52.84 -6.48
C GLU I 14 6.74 -52.64 -7.97
N ASP I 15 7.97 -52.86 -8.44
CA ASP I 15 8.23 -52.81 -9.88
C ASP I 15 7.52 -53.95 -10.60
N LEU I 16 7.57 -55.14 -10.01
CA LEU I 16 6.93 -56.30 -10.63
C LEU I 16 5.41 -56.19 -10.60
N VAL I 17 4.84 -55.57 -9.56
CA VAL I 17 3.38 -55.41 -9.62
C VAL I 17 3.01 -54.30 -10.60
N ASP I 18 3.84 -53.25 -10.72
CA ASP I 18 3.58 -52.20 -11.69
C ASP I 18 3.68 -52.71 -13.12
N VAL I 19 4.49 -53.74 -13.37
CA VAL I 19 4.46 -54.39 -14.66
C VAL I 19 3.25 -55.31 -14.79
N LEU I 20 3.03 -56.17 -13.80
CA LEU I 20 2.06 -57.24 -13.94
C LEU I 20 0.62 -56.80 -13.73
N LYS I 21 0.33 -55.52 -13.50
CA LYS I 21 -1.07 -55.10 -13.60
C LYS I 21 -1.55 -55.10 -15.04
N GLN I 22 -0.63 -55.05 -16.01
CA GLN I 22 -0.98 -54.97 -17.42
C GLN I 22 -1.06 -56.33 -18.10
N VAL I 23 -0.32 -57.32 -17.59
CA VAL I 23 -0.23 -58.60 -18.27
C VAL I 23 -1.50 -59.42 -18.05
N SER I 24 -1.93 -59.54 -16.80
CA SER I 24 -3.12 -60.32 -16.49
C SER I 24 -4.39 -59.62 -16.95
N GLY I 25 -4.39 -58.29 -16.94
CA GLY I 25 -5.60 -57.52 -17.17
C GLY I 25 -6.16 -57.67 -18.58
N THR I 26 -5.32 -58.02 -19.54
CA THR I 26 -5.78 -58.45 -20.85
C THR I 26 -5.47 -59.91 -21.13
N LEU I 27 -4.66 -60.55 -20.29
CA LEU I 27 -4.41 -61.97 -20.45
C LEU I 27 -5.62 -62.81 -20.07
N THR I 28 -6.52 -62.27 -19.23
CA THR I 28 -7.77 -62.97 -18.95
C THR I 28 -8.66 -63.07 -20.19
N ALA I 29 -8.58 -62.10 -21.10
CA ALA I 29 -9.35 -62.14 -22.33
C ALA I 29 -8.77 -63.16 -23.30
N VAL I 44 -11.32 -62.35 -10.31
CA VAL I 44 -10.71 -62.49 -11.62
C VAL I 44 -9.22 -62.78 -11.41
N VAL I 45 -8.41 -61.73 -11.28
CA VAL I 45 -7.00 -61.84 -10.99
C VAL I 45 -6.62 -60.79 -9.95
N SER I 46 -5.60 -61.09 -9.15
CA SER I 46 -5.10 -60.13 -8.17
C SER I 46 -3.60 -60.28 -8.03
N ILE I 47 -2.89 -59.19 -8.27
CA ILE I 47 -1.45 -59.11 -8.04
C ILE I 47 -1.26 -58.02 -7.00
N ALA I 48 -0.81 -58.39 -5.81
CA ALA I 48 -0.50 -57.45 -4.75
C ALA I 48 0.89 -57.75 -4.21
N ALA I 49 1.58 -56.68 -3.80
CA ALA I 49 2.99 -56.76 -3.46
C ALA I 49 3.19 -56.39 -2.00
N SER I 50 3.66 -57.36 -1.20
CA SER I 50 4.03 -57.10 0.18
C SER I 50 5.40 -56.43 0.19
N LYS I 51 5.41 -55.12 0.48
CA LYS I 51 6.64 -54.34 0.34
C LYS I 51 7.65 -54.67 1.43
N HIS I 52 7.18 -54.89 2.65
CA HIS I 52 8.09 -55.08 3.77
C HIS I 52 8.77 -56.44 3.72
N SER I 53 8.14 -57.44 3.10
CA SER I 53 8.64 -58.81 3.15
C SER I 53 9.11 -59.34 1.79
N ASN I 54 9.19 -58.46 0.79
CA ASN I 54 9.79 -58.75 -0.53
C ASN I 54 9.09 -59.91 -1.24
N ALA I 55 7.78 -59.75 -1.43
CA ALA I 55 7.01 -60.80 -2.08
C ALA I 55 5.78 -60.20 -2.73
N LEU I 56 5.48 -60.68 -3.93
CA LEU I 56 4.23 -60.37 -4.60
C LEU I 56 3.34 -61.60 -4.54
N ILE I 57 2.04 -61.36 -4.53
CA ILE I 57 1.05 -62.43 -4.32
C ILE I 57 0.17 -62.51 -5.56
N VAL I 58 0.16 -63.69 -6.18
CA VAL I 58 -0.60 -63.93 -7.39
C VAL I 58 -1.85 -64.70 -7.02
N THR I 59 -3.01 -64.19 -7.43
CA THR I 59 -4.28 -64.89 -7.28
C THR I 59 -4.88 -65.03 -8.67
N ALA I 60 -4.88 -66.26 -9.20
CA ALA I 60 -5.20 -66.47 -10.60
C ALA I 60 -5.63 -67.93 -10.78
N PRO I 61 -6.36 -68.24 -11.84
CA PRO I 61 -6.60 -69.65 -12.19
C PRO I 61 -5.33 -70.35 -12.62
N GLN I 62 -5.44 -71.67 -12.78
CA GLN I 62 -4.28 -72.53 -12.96
C GLN I 62 -3.57 -72.30 -14.30
N ASP I 63 -4.33 -71.89 -15.33
CA ASP I 63 -3.70 -71.67 -16.63
C ASP I 63 -2.95 -70.35 -16.66
N ILE I 64 -3.49 -69.32 -16.00
CA ILE I 64 -2.81 -68.04 -15.92
C ILE I 64 -1.62 -68.13 -14.97
N MET I 65 -1.70 -69.03 -13.97
CA MET I 65 -0.68 -69.14 -12.94
C MET I 65 0.65 -69.63 -13.51
N GLN I 66 0.61 -70.51 -14.51
CA GLN I 66 1.84 -70.97 -15.13
C GLN I 66 2.44 -69.91 -16.03
N SER I 67 1.60 -69.08 -16.66
CA SER I 67 2.09 -67.99 -17.49
C SER I 67 2.78 -66.93 -16.65
N LEU I 68 2.09 -66.43 -15.62
CA LEU I 68 2.67 -65.42 -14.74
C LEU I 68 3.84 -65.98 -13.94
N GLN I 69 3.79 -67.28 -13.60
CA GLN I 69 4.93 -67.92 -12.96
C GLN I 69 6.13 -67.95 -13.89
N SER I 70 5.90 -68.20 -15.19
CA SER I 70 6.99 -68.20 -16.14
C SER I 70 7.57 -66.81 -16.35
N VAL I 71 6.71 -65.78 -16.33
CA VAL I 71 7.19 -64.41 -16.49
C VAL I 71 7.99 -63.97 -15.28
N ILE I 72 7.53 -64.32 -14.07
CA ILE I 72 8.30 -64.02 -12.87
C ILE I 72 9.61 -64.79 -12.83
N GLU I 73 9.62 -66.02 -13.34
CA GLU I 73 10.87 -66.76 -13.48
C GLU I 73 11.80 -66.13 -14.50
N GLN I 74 11.27 -65.45 -15.52
CA GLN I 74 12.13 -64.84 -16.52
C GLN I 74 12.54 -63.41 -16.19
N LEU I 75 11.90 -62.77 -15.21
CA LEU I 75 12.30 -61.41 -14.84
C LEU I 75 13.19 -61.34 -13.61
N ASP I 76 13.17 -62.37 -12.76
CA ASP I 76 13.96 -62.39 -11.54
C ASP I 76 15.38 -62.82 -11.91
N ILE I 77 16.16 -61.86 -12.41
CA ILE I 77 17.46 -62.14 -13.00
C ILE I 77 18.53 -61.30 -12.31
N ARG I 78 19.76 -61.82 -12.36
CA ARG I 78 20.90 -61.13 -11.78
C ARG I 78 21.24 -59.89 -12.61
N ARG I 79 21.29 -58.74 -11.94
CA ARG I 79 21.58 -57.48 -12.60
C ARG I 79 23.07 -57.16 -12.45
N ALA I 80 23.73 -56.90 -13.57
CA ALA I 80 25.15 -56.57 -13.51
C ALA I 80 25.33 -55.10 -13.13
N GLN I 81 26.55 -54.76 -12.74
CA GLN I 81 26.85 -53.43 -12.25
C GLN I 81 28.09 -52.87 -12.92
N VAL I 82 28.08 -51.56 -13.13
CA VAL I 82 29.00 -50.87 -14.02
C VAL I 82 29.70 -49.76 -13.26
N HIS I 83 31.03 -49.77 -13.25
CA HIS I 83 31.82 -48.68 -12.69
C HIS I 83 32.23 -47.76 -13.83
N VAL I 84 31.81 -46.49 -13.75
CA VAL I 84 32.07 -45.50 -14.78
C VAL I 84 33.12 -44.54 -14.26
N GLU I 85 34.18 -44.34 -15.03
CA GLU I 85 35.29 -43.50 -14.65
C GLU I 85 35.54 -42.47 -15.75
N ALA I 86 35.21 -41.21 -15.47
CA ALA I 86 35.29 -40.14 -16.45
C ALA I 86 36.47 -39.25 -16.14
N LEU I 87 37.39 -39.10 -17.08
CA LEU I 87 38.57 -38.28 -16.89
C LEU I 87 38.33 -36.88 -17.43
N ILE I 88 39.10 -35.93 -16.91
CA ILE I 88 39.03 -34.53 -17.32
C ILE I 88 40.45 -34.02 -17.42
N VAL I 89 40.84 -33.54 -18.60
CA VAL I 89 42.16 -33.00 -18.81
C VAL I 89 42.03 -31.54 -19.21
N GLU I 90 42.79 -30.67 -18.57
CA GLU I 90 42.84 -29.26 -18.95
C GLU I 90 44.29 -28.80 -18.93
N VAL I 91 44.79 -28.39 -20.09
CA VAL I 91 46.14 -27.87 -20.22
C VAL I 91 46.04 -26.45 -20.76
N ALA I 92 46.68 -25.50 -20.09
CA ALA I 92 46.64 -24.10 -20.48
C ALA I 92 48.05 -23.57 -20.62
N GLU I 93 48.19 -22.46 -21.32
CA GLU I 93 49.47 -21.76 -21.49
C GLU I 93 49.18 -20.32 -21.87
N GLY I 94 49.70 -19.37 -21.10
CA GLY I 94 49.52 -17.97 -21.42
C GLY I 94 50.78 -17.15 -21.22
N SER I 95 51.20 -16.45 -22.26
CA SER I 95 52.43 -15.65 -22.23
C SER I 95 52.26 -14.43 -23.11
N ASN I 96 52.32 -13.25 -22.50
CA ASN I 96 52.24 -11.99 -23.23
C ASN I 96 53.47 -11.13 -22.92
N ILE I 97 53.98 -10.46 -23.94
CA ILE I 97 55.18 -9.64 -23.81
C ILE I 97 54.79 -8.19 -24.00
N ASN I 98 55.10 -7.35 -23.03
CA ASN I 98 54.91 -5.92 -23.18
C ASN I 98 56.25 -5.23 -23.40
N PHE I 99 56.17 -4.03 -23.95
CA PHE I 99 57.33 -3.18 -24.17
C PHE I 99 56.81 -1.76 -24.32
N GLY I 100 57.69 -0.79 -24.06
CA GLY I 100 57.26 0.59 -24.21
C GLY I 100 58.30 1.62 -23.81
N VAL I 101 58.43 2.65 -24.64
CA VAL I 101 59.35 3.75 -24.38
C VAL I 101 58.51 5.02 -24.38
N GLN I 102 58.61 5.80 -23.31
CA GLN I 102 57.83 7.02 -23.16
C GLN I 102 58.76 8.18 -22.85
N TRP I 103 58.92 9.07 -23.82
CA TRP I 103 59.74 10.26 -23.64
C TRP I 103 58.88 11.36 -23.03
N GLY I 104 59.53 12.23 -22.25
CA GLY I 104 58.80 13.33 -21.65
C GLY I 104 59.69 14.48 -21.23
N SER I 105 59.32 15.69 -21.67
CA SER I 105 59.97 16.92 -21.24
C SER I 105 58.93 17.80 -20.57
N LYS I 106 59.38 18.57 -19.57
CA LYS I 106 58.44 19.39 -18.82
C LYS I 106 58.01 20.61 -19.62
N ASP I 107 58.85 21.09 -20.53
CA ASP I 107 58.56 22.29 -21.30
C ASP I 107 58.42 22.03 -22.80
N ALA I 108 58.60 20.79 -23.27
CA ALA I 108 58.62 20.50 -24.70
C ALA I 108 57.76 19.29 -25.02
N GLY I 109 56.63 19.16 -24.36
CA GLY I 109 55.68 18.10 -24.68
C GLY I 109 56.10 16.75 -24.16
N LEU I 110 55.28 15.75 -24.47
CA LEU I 110 55.48 14.39 -23.98
C LEU I 110 55.11 13.39 -25.06
N MET I 111 55.67 12.19 -24.97
CA MET I 111 55.32 11.08 -25.85
C MET I 111 54.85 9.93 -24.98
N GLN I 112 53.54 9.67 -24.96
CA GLN I 112 53.02 8.56 -24.18
C GLN I 112 52.29 7.60 -25.08
N PHE I 113 51.95 6.44 -24.53
CA PHE I 113 51.19 5.41 -25.23
C PHE I 113 50.30 4.70 -24.22
N ALA I 114 49.38 3.89 -24.71
CA ALA I 114 48.55 3.05 -23.87
C ALA I 114 48.37 1.68 -24.52
N ASN I 115 47.86 0.74 -23.72
CA ASN I 115 47.50 -0.61 -24.14
C ASN I 115 48.70 -1.36 -24.74
N GLY I 116 49.64 -1.67 -23.86
CA GLY I 116 50.84 -2.36 -24.27
C GLY I 116 52.07 -1.88 -23.53
N THR I 117 52.00 -0.64 -23.05
CA THR I 117 52.98 -0.12 -22.12
C THR I 117 52.43 0.04 -20.71
N GLN I 118 51.10 0.01 -20.56
CA GLN I 118 50.38 -0.21 -19.30
C GLN I 118 50.56 0.87 -18.24
N ILE I 119 51.33 1.92 -18.54
CA ILE I 119 51.51 3.05 -17.62
C ILE I 119 51.84 4.31 -18.44
N PRO I 120 50.93 5.27 -18.50
CA PRO I 120 51.22 6.50 -19.25
C PRO I 120 52.19 7.39 -18.49
N ILE I 121 52.96 8.17 -19.25
CA ILE I 121 53.83 9.15 -18.62
C ILE I 121 53.06 10.35 -18.13
N GLY I 122 51.84 10.57 -18.65
CA GLY I 122 51.04 11.69 -18.19
C GLY I 122 50.42 11.42 -16.83
N THR I 123 49.89 10.21 -16.63
CA THR I 123 49.29 9.87 -15.35
C THR I 123 50.35 9.67 -14.28
N LEU I 124 51.48 9.08 -14.65
CA LEU I 124 52.55 8.84 -13.67
C LEU I 124 53.27 10.15 -13.34
N GLY I 125 53.46 11.01 -14.35
CA GLY I 125 54.00 12.33 -14.08
C GLY I 125 53.05 13.20 -13.31
N ALA I 126 51.75 12.98 -13.47
CA ALA I 126 50.77 13.70 -12.65
C ALA I 126 50.78 13.20 -11.22
N ALA I 127 50.95 11.89 -11.04
CA ALA I 127 50.96 11.32 -9.70
C ALA I 127 52.22 11.70 -8.94
N ILE I 128 53.38 11.60 -9.59
CA ILE I 128 54.63 12.02 -8.96
C ILE I 128 54.67 13.54 -8.80
N SER I 129 54.06 14.28 -9.74
CA SER I 129 53.93 15.72 -9.58
C SER I 129 53.03 16.08 -8.41
N ALA I 130 52.07 15.23 -8.08
CA ALA I 130 51.25 15.41 -6.89
C ALA I 130 51.88 14.79 -5.66
N ALA I 131 53.06 14.16 -5.78
CA ALA I 131 53.63 13.40 -4.68
C ALA I 131 54.69 14.16 -3.90
N LYS I 132 55.35 15.15 -4.50
CA LYS I 132 56.37 15.89 -3.77
C LYS I 132 55.70 16.84 -2.78
N PRO I 133 56.12 16.83 -1.52
CA PRO I 133 55.33 17.49 -0.46
C PRO I 133 55.42 19.00 -0.49
N GLN I 134 54.31 19.62 -0.11
CA GLN I 134 54.23 21.06 0.03
C GLN I 134 54.73 21.49 1.40
N LYS I 135 54.99 22.79 1.54
CA LYS I 135 55.44 23.35 2.79
C LYS I 135 54.32 24.12 3.47
N GLY I 136 54.58 24.54 4.69
CA GLY I 136 53.60 25.27 5.49
C GLY I 136 53.84 26.77 5.48
N SER I 137 53.30 27.43 6.49
CA SER I 137 53.43 28.87 6.63
C SER I 137 54.83 29.26 7.10
N ASN I 149 52.49 26.14 9.23
CA ASN I 149 53.78 26.06 9.91
C ASN I 149 54.44 24.65 9.83
N PRO I 150 53.68 23.50 10.02
CA PRO I 150 54.30 22.21 9.69
C PRO I 150 54.21 21.89 8.20
N ASP I 151 55.18 21.14 7.70
CA ASP I 151 55.20 20.71 6.29
C ASP I 151 54.83 19.23 6.22
N THR I 152 53.68 18.94 5.63
CA THR I 152 53.17 17.58 5.58
C THR I 152 53.74 16.82 4.39
N ASN I 153 54.37 15.68 4.67
CA ASN I 153 54.77 14.71 3.66
C ASN I 153 53.77 13.57 3.66
N GLY I 154 52.58 13.85 3.11
CA GLY I 154 51.51 12.88 3.14
C GLY I 154 50.66 12.87 1.89
N ASP I 155 51.16 13.46 0.81
CA ASP I 155 50.47 13.48 -0.48
C ASP I 155 50.82 12.21 -1.25
N LEU I 156 49.94 11.22 -1.17
CA LEU I 156 50.21 9.90 -1.74
C LEU I 156 48.85 9.24 -1.97
N SER I 157 48.85 7.91 -2.13
CA SER I 157 47.71 7.06 -2.48
C SER I 157 47.15 7.37 -3.87
N THR I 158 48.00 7.92 -4.72
CA THR I 158 47.76 8.01 -6.16
C THR I 158 48.73 7.14 -6.93
N LEU I 159 50.01 7.14 -6.52
CA LEU I 159 50.94 6.12 -6.99
C LEU I 159 50.59 4.76 -6.40
N ALA I 160 49.99 4.74 -5.21
CA ALA I 160 49.61 3.49 -4.60
C ALA I 160 48.41 2.85 -5.28
N GLN I 161 47.65 3.63 -6.04
CA GLN I 161 46.55 3.08 -6.83
C GLN I 161 46.96 2.87 -8.27
N LEU I 162 47.71 3.81 -8.84
CA LEU I 162 48.15 3.69 -10.22
C LEU I 162 49.19 2.59 -10.39
N LEU I 163 49.99 2.35 -9.36
CA LEU I 163 50.97 1.26 -9.36
C LEU I 163 50.48 0.06 -8.56
N SER I 164 49.18 -0.05 -8.31
CA SER I 164 48.66 -1.18 -7.54
C SER I 164 48.67 -2.45 -8.39
N GLY I 165 47.89 -2.46 -9.48
CA GLY I 165 47.97 -3.56 -10.40
C GLY I 165 48.93 -3.25 -11.53
N PHE I 166 50.18 -3.67 -11.35
CA PHE I 166 51.25 -3.37 -12.30
C PHE I 166 52.44 -4.28 -12.02
N SER I 167 53.00 -4.88 -13.06
CA SER I 167 54.08 -5.85 -12.89
C SER I 167 55.29 -5.56 -13.76
N GLY I 168 55.38 -4.38 -14.36
CA GLY I 168 56.41 -4.12 -15.33
C GLY I 168 57.68 -3.51 -14.75
N THR I 169 58.78 -3.78 -15.43
CA THR I 169 60.04 -3.10 -15.16
C THR I 169 59.96 -1.69 -15.73
N ALA I 170 59.93 -0.70 -14.85
CA ALA I 170 59.78 0.70 -15.25
C ALA I 170 60.99 1.48 -14.74
N VAL I 171 61.94 1.75 -15.62
CA VAL I 171 63.12 2.51 -15.27
C VAL I 171 62.94 3.95 -15.73
N GLY I 172 63.64 4.86 -15.08
CA GLY I 172 63.64 6.25 -15.51
C GLY I 172 65.00 6.74 -15.91
N VAL I 173 65.21 6.96 -17.21
CA VAL I 173 66.51 7.35 -17.74
C VAL I 173 66.44 8.81 -18.15
N VAL I 174 67.18 9.66 -17.45
CA VAL I 174 67.26 11.07 -17.80
C VAL I 174 68.41 11.27 -18.77
N LYS I 175 68.14 11.91 -19.91
CA LYS I 175 69.16 12.14 -20.93
C LYS I 175 68.80 13.42 -21.66
N GLY I 176 69.50 14.51 -21.34
CA GLY I 176 69.23 15.79 -21.96
C GLY I 176 67.91 16.41 -21.56
N ASP I 177 67.48 16.19 -20.31
CA ASP I 177 66.15 16.50 -19.80
C ASP I 177 65.06 15.88 -20.68
N TRP I 178 65.12 14.56 -20.77
CA TRP I 178 64.11 13.75 -21.46
C TRP I 178 63.95 12.47 -20.63
N MET I 179 62.89 12.41 -19.83
CA MET I 179 62.70 11.29 -18.92
C MET I 179 62.25 10.06 -19.69
N ALA I 180 63.21 9.26 -20.15
CA ALA I 180 62.94 8.10 -20.99
C ALA I 180 62.38 6.98 -20.12
N LEU I 181 61.07 7.02 -19.90
CA LEU I 181 60.40 6.00 -19.09
C LEU I 181 60.25 4.74 -19.92
N VAL I 182 61.11 3.76 -19.68
CA VAL I 182 61.11 2.50 -20.40
C VAL I 182 60.33 1.48 -19.58
N GLN I 183 59.33 0.86 -20.20
CA GLN I 183 58.51 -0.14 -19.54
C GLN I 183 58.58 -1.44 -20.32
N ALA I 184 58.78 -2.55 -19.61
CA ALA I 184 58.88 -3.87 -20.23
C ALA I 184 58.56 -4.95 -19.21
N VAL I 185 57.92 -6.03 -19.65
CA VAL I 185 57.58 -7.16 -18.80
C VAL I 185 57.27 -8.36 -19.70
N LYS I 186 57.57 -9.56 -19.22
CA LYS I 186 57.17 -10.79 -19.89
C LYS I 186 56.83 -11.81 -18.81
N ASN I 187 55.66 -12.42 -18.88
CA ASN I 187 55.24 -13.40 -17.89
C ASN I 187 54.51 -14.57 -18.53
N ASP I 188 55.08 -15.76 -18.34
CA ASP I 188 54.48 -17.00 -18.83
C ASP I 188 53.56 -17.58 -17.76
N SER I 189 52.65 -18.46 -18.18
CA SER I 189 51.76 -19.18 -17.29
C SER I 189 51.54 -20.58 -17.85
N SER I 190 51.27 -21.54 -16.97
CA SER I 190 51.05 -22.93 -17.36
C SER I 190 50.21 -23.61 -16.28
N SER I 191 48.98 -23.96 -16.63
CA SER I 191 48.13 -24.74 -15.74
C SER I 191 48.04 -26.16 -16.27
N ASN I 192 47.75 -27.11 -15.40
CA ASN I 192 47.60 -28.51 -15.76
C ASN I 192 46.71 -29.19 -14.73
N VAL I 193 45.48 -29.51 -15.13
CA VAL I 193 44.48 -30.01 -14.21
C VAL I 193 43.98 -31.36 -14.70
N LEU I 194 44.10 -32.36 -13.84
CA LEU I 194 43.59 -33.69 -14.13
C LEU I 194 42.62 -34.09 -13.04
N SER I 195 41.38 -34.35 -13.41
CA SER I 195 40.35 -34.77 -12.46
C SER I 195 39.66 -36.01 -13.02
N THR I 196 39.26 -36.90 -12.11
CA THR I 196 38.61 -38.16 -12.50
C THR I 196 37.63 -38.61 -11.44
N PRO I 197 36.38 -38.18 -11.55
CA PRO I 197 35.33 -38.77 -10.71
C PRO I 197 35.02 -40.21 -11.14
N SER I 198 34.35 -40.92 -10.25
CA SER I 198 33.99 -42.31 -10.46
C SER I 198 32.64 -42.57 -9.82
N ILE I 199 31.95 -43.59 -10.30
CA ILE I 199 30.62 -43.93 -9.80
C ILE I 199 30.44 -45.43 -9.97
N THR I 200 29.47 -45.99 -9.26
CA THR I 200 29.14 -47.41 -9.37
C THR I 200 27.64 -47.55 -9.27
N THR I 201 27.00 -47.84 -10.38
CA THR I 201 25.56 -48.01 -10.42
C THR I 201 25.24 -49.48 -10.62
N LEU I 202 23.96 -49.77 -10.80
CA LEU I 202 23.55 -51.00 -11.44
C LEU I 202 23.21 -50.70 -12.90
N ASP I 203 22.73 -51.72 -13.59
CA ASP I 203 22.18 -51.52 -14.92
C ASP I 203 20.89 -50.73 -14.85
N ASN I 204 20.78 -49.71 -15.72
CA ASN I 204 19.55 -48.94 -15.95
C ASN I 204 19.07 -48.18 -14.71
N GLN I 205 19.98 -47.84 -13.81
CA GLN I 205 19.64 -47.10 -12.61
C GLN I 205 20.52 -45.86 -12.57
N GLU I 206 19.89 -44.69 -12.64
CA GLU I 206 20.64 -43.46 -12.70
C GLU I 206 21.26 -43.13 -11.35
N ALA I 207 22.36 -42.40 -11.38
CA ALA I 207 23.12 -42.07 -10.19
C ALA I 207 24.02 -40.90 -10.52
N PHE I 208 24.29 -40.07 -9.53
CA PHE I 208 25.16 -38.94 -9.78
C PHE I 208 26.13 -38.81 -8.63
N PHE I 209 26.84 -37.69 -8.62
CA PHE I 209 27.99 -37.48 -7.77
C PHE I 209 28.25 -35.99 -7.79
N MET I 210 28.94 -35.50 -6.77
CA MET I 210 29.15 -34.07 -6.61
C MET I 210 30.25 -33.87 -5.58
N VAL I 211 31.11 -32.89 -5.81
CA VAL I 211 32.06 -32.47 -4.78
C VAL I 211 32.02 -30.95 -4.63
N GLY I 212 30.91 -30.35 -5.02
CA GLY I 212 30.84 -28.91 -5.15
C GLY I 212 30.47 -28.16 -3.88
N GLN I 213 29.79 -27.04 -4.07
CA GLN I 213 29.35 -26.17 -3.00
C GLN I 213 27.90 -25.81 -3.20
N ASP I 214 27.38 -24.94 -2.33
CA ASP I 214 26.07 -24.33 -2.51
C ASP I 214 26.25 -22.84 -2.36
N VAL I 215 25.97 -22.10 -3.42
CA VAL I 215 26.24 -20.66 -3.44
C VAL I 215 24.91 -19.93 -3.43
N PRO I 216 24.75 -18.89 -2.60
CA PRO I 216 23.51 -18.11 -2.63
C PRO I 216 23.41 -17.28 -3.90
N VAL I 217 22.47 -17.66 -4.75
CA VAL I 217 22.18 -16.96 -6.00
C VAL I 217 20.88 -16.21 -5.81
N LEU I 218 20.92 -14.89 -5.96
CA LEU I 218 19.73 -14.08 -5.76
C LEU I 218 18.98 -13.92 -7.07
N THR I 219 17.67 -14.13 -7.03
CA THR I 219 16.78 -13.92 -8.17
C THR I 219 15.72 -12.92 -7.72
N GLY I 220 16.05 -11.64 -7.77
CA GLY I 220 15.13 -10.60 -7.35
C GLY I 220 15.40 -10.13 -5.94
N THR I 233 14.43 -12.99 -4.19
CA THR I 233 14.24 -14.41 -3.93
C THR I 233 15.57 -15.14 -4.14
N VAL I 234 16.32 -15.28 -3.05
CA VAL I 234 17.61 -15.96 -3.11
C VAL I 234 17.39 -17.46 -3.22
N GLU I 235 18.09 -18.09 -4.13
CA GLU I 235 17.94 -19.53 -4.36
C GLU I 235 19.32 -20.19 -4.34
N ARG I 236 19.37 -21.38 -3.75
CA ARG I 236 20.62 -22.11 -3.60
C ARG I 236 20.93 -22.84 -4.90
N LYS I 237 22.12 -22.62 -5.43
CA LYS I 237 22.52 -23.25 -6.69
C LYS I 237 23.78 -24.06 -6.47
N LYS I 238 23.80 -25.26 -7.05
CA LYS I 238 24.91 -26.18 -6.88
C LYS I 238 25.98 -25.94 -7.92
N VAL I 239 27.24 -26.10 -7.50
CA VAL I 239 28.38 -25.97 -8.39
C VAL I 239 29.23 -27.22 -8.27
N GLY I 240 30.40 -27.23 -8.90
CA GLY I 240 31.36 -28.28 -8.70
C GLY I 240 31.14 -29.48 -9.60
N ILE I 241 32.05 -30.44 -9.45
CA ILE I 241 32.19 -31.56 -10.39
C ILE I 241 31.04 -32.53 -10.25
N MET I 242 30.10 -32.49 -11.19
CA MET I 242 28.96 -33.38 -11.17
C MET I 242 29.12 -34.40 -12.29
N LEU I 243 28.58 -35.60 -12.06
CA LEU I 243 28.68 -36.68 -13.05
C LEU I 243 27.42 -37.52 -12.93
N LYS I 244 26.41 -37.23 -13.74
CA LYS I 244 25.16 -37.95 -13.68
C LYS I 244 25.06 -38.91 -14.85
N VAL I 245 25.18 -40.20 -14.58
CA VAL I 245 25.23 -41.20 -15.62
C VAL I 245 24.00 -42.08 -15.48
N THR I 246 23.65 -42.77 -16.56
CA THR I 246 22.58 -43.77 -16.54
C THR I 246 22.96 -44.88 -17.51
N PRO I 247 23.82 -45.80 -17.09
CA PRO I 247 24.38 -46.76 -18.03
C PRO I 247 23.43 -47.90 -18.33
N GLN I 248 23.54 -48.40 -19.55
CA GLN I 248 22.78 -49.54 -20.02
C GLN I 248 23.74 -50.53 -20.65
N ILE I 249 23.57 -51.80 -20.34
CA ILE I 249 24.48 -52.85 -20.80
C ILE I 249 23.89 -53.46 -22.06
N ASN I 250 24.55 -53.23 -23.19
CA ASN I 250 24.17 -53.83 -24.46
C ASN I 250 24.98 -55.09 -24.69
N GLU I 251 24.42 -55.98 -25.50
CA GLU I 251 25.06 -57.27 -25.73
C GLU I 251 26.27 -57.11 -26.64
N GLY I 252 27.20 -58.05 -26.51
CA GLY I 252 28.55 -57.82 -26.97
C GLY I 252 29.41 -57.08 -25.97
N ASN I 253 28.93 -56.95 -24.73
CA ASN I 253 29.59 -56.25 -23.62
C ASN I 253 29.91 -54.81 -23.97
N ALA I 254 28.97 -54.15 -24.62
CA ALA I 254 29.07 -52.72 -24.89
C ALA I 254 28.13 -51.97 -23.96
N VAL I 255 28.53 -50.76 -23.59
CA VAL I 255 27.82 -49.98 -22.58
C VAL I 255 27.33 -48.70 -23.21
N GLN I 256 26.02 -48.48 -23.16
CA GLN I 256 25.41 -47.22 -23.57
C GLN I 256 25.18 -46.36 -22.34
N MET I 257 25.65 -45.12 -22.39
CA MET I 257 25.59 -44.23 -21.24
C MET I 257 24.87 -42.95 -21.62
N VAL I 258 24.10 -42.42 -20.67
CA VAL I 258 23.50 -41.10 -20.83
C VAL I 258 24.16 -40.21 -19.80
N ILE I 259 25.24 -39.54 -20.19
CA ILE I 259 26.09 -38.82 -19.26
C ILE I 259 25.76 -37.34 -19.32
N GLU I 260 25.54 -36.73 -18.16
CA GLU I 260 25.27 -35.31 -18.04
C GLU I 260 26.27 -34.74 -17.04
N GLN I 261 27.45 -34.41 -17.53
CA GLN I 261 28.54 -33.98 -16.67
C GLN I 261 28.56 -32.46 -16.58
N GLU I 262 29.18 -31.94 -15.53
CA GLU I 262 29.32 -30.52 -15.29
C GLU I 262 30.54 -30.29 -14.42
N VAL I 263 31.32 -29.27 -14.75
CA VAL I 263 32.42 -28.81 -13.91
C VAL I 263 32.20 -27.33 -13.69
N SER I 264 31.60 -26.97 -12.57
CA SER I 264 31.37 -25.57 -12.26
C SER I 264 32.41 -25.06 -11.28
N LYS I 265 32.56 -23.74 -11.23
CA LYS I 265 33.59 -23.12 -10.43
C LYS I 265 33.20 -21.68 -10.18
N VAL I 266 33.36 -21.23 -8.95
CA VAL I 266 32.95 -19.87 -8.57
C VAL I 266 34.04 -18.91 -9.04
N GLU I 267 33.69 -18.04 -9.98
CA GLU I 267 34.56 -16.95 -10.38
C GLU I 267 34.16 -15.68 -9.64
N GLY I 268 35.10 -14.75 -9.52
CA GLY I 268 34.83 -13.57 -8.73
C GLY I 268 34.13 -12.48 -9.49
N GLN I 269 34.77 -11.31 -9.52
CA GLN I 269 34.26 -10.14 -10.23
C GLN I 269 33.19 -9.53 -9.35
N THR I 270 32.04 -10.20 -9.35
CA THR I 270 30.91 -9.78 -8.52
C THR I 270 30.26 -8.46 -8.96
N SER I 271 29.73 -8.42 -10.18
CA SER I 271 29.26 -7.14 -10.73
C SER I 271 27.97 -6.70 -10.07
N LEU I 272 26.90 -7.49 -10.24
CA LEU I 272 25.69 -7.39 -9.46
C LEU I 272 25.51 -8.58 -8.55
N ASP I 273 26.03 -9.74 -8.95
CA ASP I 273 26.03 -10.95 -8.15
C ASP I 273 27.26 -11.74 -8.56
N VAL I 274 27.46 -12.89 -7.93
CA VAL I 274 28.63 -13.71 -8.22
C VAL I 274 28.44 -14.42 -9.56
N VAL I 275 29.52 -14.62 -10.29
CA VAL I 275 29.47 -15.31 -11.57
C VAL I 275 30.12 -16.68 -11.40
N PHE I 276 29.81 -17.57 -12.33
CA PHE I 276 30.28 -18.94 -12.28
C PHE I 276 31.15 -19.19 -13.50
N GLY I 277 31.68 -20.41 -13.61
CA GLY I 277 32.16 -20.88 -14.88
C GLY I 277 31.76 -22.33 -15.09
N GLU I 278 30.92 -22.61 -16.07
CA GLU I 278 30.48 -23.98 -16.30
C GLU I 278 31.20 -24.58 -17.48
N ARG I 279 31.29 -25.91 -17.47
CA ARG I 279 31.90 -26.66 -18.55
C ARG I 279 31.07 -27.89 -18.86
N LYS I 280 29.75 -27.75 -18.79
CA LYS I 280 28.87 -28.89 -18.80
C LYS I 280 28.71 -29.46 -20.21
N LEU I 281 28.21 -30.69 -20.27
CA LEU I 281 27.87 -31.34 -21.53
C LEU I 281 26.86 -32.42 -21.22
N LYS I 282 25.95 -32.68 -22.16
CA LYS I 282 24.88 -33.66 -21.97
C LYS I 282 24.81 -34.51 -23.23
N THR I 283 25.60 -35.56 -23.28
CA THR I 283 25.67 -36.38 -24.48
C THR I 283 25.21 -37.80 -24.20
N THR I 284 25.38 -38.66 -25.20
CA THR I 284 24.98 -40.07 -25.08
C THR I 284 25.94 -40.87 -25.94
N VAL I 285 26.84 -41.63 -25.31
CA VAL I 285 27.87 -42.34 -26.02
C VAL I 285 27.61 -43.84 -25.94
N LEU I 286 28.37 -44.60 -26.71
CA LEU I 286 28.29 -46.06 -26.73
C LEU I 286 29.72 -46.57 -26.76
N ALA I 287 30.28 -46.80 -25.59
CA ALA I 287 31.66 -47.24 -25.49
C ALA I 287 31.74 -48.76 -25.40
N ASN I 288 32.97 -49.26 -25.48
CA ASN I 288 33.21 -50.69 -25.38
C ASN I 288 33.32 -51.13 -23.93
N ASP I 289 33.84 -52.33 -23.70
CA ASP I 289 33.77 -52.94 -22.38
C ASP I 289 34.67 -52.25 -21.37
N GLY I 290 35.87 -51.86 -21.80
CA GLY I 290 36.77 -51.16 -20.90
C GLY I 290 37.61 -50.11 -21.61
N GLU I 291 37.23 -49.80 -22.85
CA GLU I 291 38.03 -48.91 -23.69
C GLU I 291 37.59 -47.46 -23.50
N LEU I 292 38.55 -46.55 -23.64
CA LEU I 292 38.25 -45.13 -23.53
C LEU I 292 37.57 -44.64 -24.79
N ILE I 293 36.76 -43.60 -24.63
CA ILE I 293 36.22 -42.86 -25.76
C ILE I 293 36.19 -41.38 -25.39
N VAL I 294 36.57 -40.54 -26.34
CA VAL I 294 36.52 -39.10 -26.13
C VAL I 294 35.09 -38.62 -26.31
N LEU I 295 34.62 -37.83 -25.36
CA LEU I 295 33.27 -37.27 -25.42
C LEU I 295 33.26 -35.89 -26.03
N GLY I 296 33.93 -34.95 -25.39
CA GLY I 296 33.91 -33.58 -25.85
C GLY I 296 35.29 -32.99 -25.81
N GLY I 297 35.37 -31.67 -25.90
CA GLY I 297 36.66 -31.03 -25.82
C GLY I 297 36.61 -29.63 -26.37
N LEU I 298 37.73 -28.95 -26.22
CA LEU I 298 37.90 -27.59 -26.73
C LEU I 298 39.39 -27.33 -26.85
N MET I 299 39.87 -27.10 -28.06
CA MET I 299 41.26 -26.72 -28.27
C MET I 299 41.28 -25.26 -28.65
N ASP I 300 41.26 -24.40 -27.64
CA ASP I 300 41.36 -22.97 -27.85
C ASP I 300 42.77 -22.62 -28.27
N ASP I 301 42.89 -21.53 -29.04
CA ASP I 301 44.18 -21.06 -29.54
C ASP I 301 44.00 -19.61 -29.93
N GLN I 302 44.79 -18.72 -29.33
CA GLN I 302 44.68 -17.31 -29.65
C GLN I 302 46.04 -16.76 -30.04
N ALA I 303 46.04 -15.48 -30.38
CA ALA I 303 47.23 -14.72 -30.65
C ALA I 303 46.89 -13.25 -30.42
N GLY I 304 47.78 -12.36 -30.84
CA GLY I 304 47.53 -10.95 -30.63
C GLY I 304 48.73 -10.09 -30.94
N GLU I 305 48.49 -8.81 -31.21
CA GLU I 305 49.53 -7.85 -31.55
C GLU I 305 48.95 -6.46 -31.42
N SER I 306 49.69 -5.57 -30.76
CA SER I 306 49.27 -4.17 -30.68
C SER I 306 50.53 -3.33 -30.62
N VAL I 307 51.02 -2.90 -31.77
CA VAL I 307 52.16 -2.00 -31.86
C VAL I 307 51.60 -0.59 -31.99
N ALA I 308 52.32 0.40 -31.48
CA ALA I 308 51.86 1.79 -31.49
C ALA I 308 53.05 2.67 -31.86
N LYS I 309 53.18 3.00 -33.14
CA LYS I 309 54.35 3.72 -33.63
C LYS I 309 54.22 5.22 -33.44
N VAL I 310 55.16 5.95 -34.02
CA VAL I 310 55.07 7.37 -34.32
C VAL I 310 55.35 7.43 -35.81
N PRO I 311 54.49 8.10 -36.63
CA PRO I 311 54.34 7.75 -38.06
C PRO I 311 55.59 7.74 -38.95
N LEU I 312 56.43 8.77 -38.88
CA LEU I 312 57.60 8.77 -39.75
C LEU I 312 58.79 8.12 -39.04
N LEU I 313 59.05 8.52 -37.79
CA LEU I 313 60.19 7.99 -37.04
C LEU I 313 59.80 6.78 -36.20
N GLY I 314 59.11 5.83 -36.81
CA GLY I 314 58.77 4.60 -36.15
C GLY I 314 59.34 3.39 -36.84
N ASP I 315 59.53 3.50 -38.15
CA ASP I 315 60.11 2.41 -38.94
C ASP I 315 61.58 2.63 -39.25
N ILE I 316 62.30 3.36 -38.39
CA ILE I 316 63.75 3.45 -38.45
C ILE I 316 64.29 2.07 -38.09
N PRO I 317 65.16 1.46 -38.91
CA PRO I 317 65.56 0.07 -38.66
C PRO I 317 66.52 -0.09 -37.49
N LEU I 318 67.08 1.01 -36.98
CA LEU I 318 68.07 0.91 -35.92
C LEU I 318 67.54 1.43 -34.59
N ILE I 319 67.08 2.68 -34.56
CA ILE I 319 66.69 3.32 -33.31
C ILE I 319 65.19 3.54 -33.28
N GLY I 320 64.48 3.01 -34.27
CA GLY I 320 63.04 3.13 -34.30
C GLY I 320 62.33 2.28 -33.26
N ASN I 321 63.04 1.27 -32.75
CA ASN I 321 62.49 0.33 -31.77
C ASN I 321 62.14 1.01 -30.46
N LEU I 322 62.82 2.10 -30.12
CA LEU I 322 62.52 2.85 -28.91
C LEU I 322 61.58 4.02 -29.22
N PHE I 323 60.54 3.71 -30.01
CA PHE I 323 59.44 4.64 -30.22
C PHE I 323 58.10 3.93 -30.19
N LYS I 324 58.12 2.61 -30.29
CA LYS I 324 56.90 1.82 -30.39
C LYS I 324 56.65 1.07 -29.10
N SER I 325 55.38 0.97 -28.71
CA SER I 325 54.99 0.22 -27.52
C SER I 325 54.44 -1.12 -27.97
N THR I 326 55.32 -2.05 -28.27
CA THR I 326 54.94 -3.31 -28.90
C THR I 326 54.32 -4.23 -27.85
N ALA I 327 53.00 -4.35 -27.89
CA ALA I 327 52.34 -5.37 -27.09
C ALA I 327 52.41 -6.71 -27.80
N ASP I 328 51.95 -7.73 -27.09
CA ASP I 328 51.82 -9.09 -27.63
C ASP I 328 50.90 -9.83 -26.67
N LYS I 329 50.33 -10.92 -27.15
CA LYS I 329 49.60 -11.86 -26.30
C LYS I 329 49.52 -13.19 -27.01
N LYS I 330 50.20 -14.19 -26.48
CA LYS I 330 50.07 -15.56 -26.97
C LYS I 330 49.37 -16.38 -25.91
N GLU I 331 48.40 -17.18 -26.32
CA GLU I 331 47.62 -17.97 -25.38
C GLU I 331 47.15 -19.23 -26.08
N LYS I 332 47.14 -20.33 -25.33
CA LYS I 332 46.69 -21.61 -25.86
C LYS I 332 46.14 -22.43 -24.72
N ARG I 333 44.99 -23.07 -24.94
CA ARG I 333 44.32 -23.78 -23.87
C ARG I 333 43.58 -24.98 -24.44
N ASN I 334 43.91 -26.17 -23.96
CA ASN I 334 43.27 -27.39 -24.38
C ASN I 334 42.37 -27.92 -23.28
N LEU I 335 41.44 -28.78 -23.67
CA LEU I 335 40.47 -29.34 -22.74
C LEU I 335 39.90 -30.60 -23.36
N MET I 336 39.75 -31.65 -22.56
CA MET I 336 39.15 -32.90 -23.01
C MET I 336 38.31 -33.49 -21.89
N VAL I 337 37.37 -34.34 -22.30
CA VAL I 337 36.55 -35.12 -21.38
C VAL I 337 36.52 -36.55 -21.89
N PHE I 338 37.06 -37.48 -21.12
CA PHE I 338 37.14 -38.88 -21.48
C PHE I 338 36.20 -39.67 -20.58
N ILE I 339 36.08 -40.97 -20.84
CA ILE I 339 35.30 -41.85 -19.99
C ILE I 339 35.86 -43.26 -20.14
N ARG I 340 35.54 -44.12 -19.18
CA ARG I 340 35.89 -45.54 -19.26
C ARG I 340 34.86 -46.31 -18.47
N PRO I 341 33.94 -47.01 -19.14
CA PRO I 341 33.05 -47.92 -18.43
C PRO I 341 33.75 -49.22 -18.08
N THR I 342 33.28 -49.85 -17.01
CA THR I 342 33.85 -51.09 -16.51
C THR I 342 32.73 -51.90 -15.90
N ILE I 343 32.28 -52.95 -16.58
CA ILE I 343 31.25 -53.79 -15.99
C ILE I 343 31.88 -54.72 -14.96
N LEU I 344 31.08 -55.09 -13.97
CA LEU I 344 31.55 -55.92 -12.86
C LEU I 344 30.69 -57.18 -12.83
N ARG I 345 31.30 -58.32 -13.11
CA ARG I 345 30.55 -59.57 -13.22
C ARG I 345 30.19 -60.14 -11.86
N ASP I 346 31.19 -60.52 -11.08
CA ASP I 346 31.00 -61.33 -9.89
C ASP I 346 31.91 -60.79 -8.79
N GLY I 347 32.13 -61.60 -7.76
CA GLY I 347 33.06 -61.25 -6.70
C GLY I 347 34.51 -61.19 -7.12
N MET I 348 34.84 -61.78 -8.27
CA MET I 348 36.19 -61.63 -8.82
C MET I 348 36.40 -60.23 -9.40
N ALA I 349 35.35 -59.64 -9.99
CA ALA I 349 35.48 -58.33 -10.60
C ALA I 349 35.56 -57.24 -9.54
N ALA I 350 34.60 -57.25 -8.59
CA ALA I 350 34.67 -56.33 -7.46
C ALA I 350 35.84 -56.63 -6.53
N ASP I 351 36.32 -57.89 -6.53
CA ASP I 351 37.59 -58.22 -5.90
C ASP I 351 38.73 -57.45 -6.55
N GLY I 352 38.78 -57.44 -7.88
CA GLY I 352 39.83 -56.74 -8.59
C GLY I 352 39.78 -55.22 -8.43
N VAL I 353 38.63 -54.63 -8.75
CA VAL I 353 38.52 -53.17 -8.75
C VAL I 353 38.50 -52.65 -7.32
N SER I 354 37.70 -53.27 -6.45
CA SER I 354 37.64 -52.82 -5.06
C SER I 354 38.93 -53.13 -4.31
N GLN I 355 39.66 -54.16 -4.74
CA GLN I 355 40.95 -54.44 -4.14
C GLN I 355 42.00 -53.42 -4.56
N ARG I 356 42.02 -53.02 -5.84
CA ARG I 356 43.03 -52.07 -6.26
C ARG I 356 42.72 -50.66 -5.79
N LYS I 357 41.44 -50.29 -5.68
CA LYS I 357 41.11 -48.97 -5.14
C LYS I 357 41.31 -48.94 -3.63
N TYR I 358 40.84 -49.97 -2.93
CA TYR I 358 40.94 -50.00 -1.47
C TYR I 358 42.39 -50.13 -1.02
N ASN I 359 43.14 -51.06 -1.60
CA ASN I 359 44.54 -51.21 -1.23
C ASN I 359 45.41 -50.12 -1.85
N TYR I 360 44.94 -49.44 -2.88
CA TYR I 360 45.68 -48.27 -3.37
C TYR I 360 45.54 -47.10 -2.40
N MET I 361 44.33 -46.84 -1.92
CA MET I 361 44.14 -45.73 -0.98
C MET I 361 44.72 -46.05 0.39
N ARG I 362 44.57 -47.30 0.84
CA ARG I 362 45.23 -47.74 2.07
C ARG I 362 46.74 -47.67 1.92
N ALA I 363 47.24 -48.02 0.73
CA ALA I 363 48.67 -47.91 0.46
C ALA I 363 49.13 -46.46 0.51
N GLU I 364 48.30 -45.52 0.04
CA GLU I 364 48.65 -44.11 0.17
C GLU I 364 48.61 -43.65 1.62
N GLN I 365 47.72 -44.21 2.44
CA GLN I 365 47.77 -43.89 3.86
C GLN I 365 48.99 -44.50 4.55
N ILE I 366 49.48 -45.63 4.03
CA ILE I 366 50.74 -46.17 4.53
C ILE I 366 51.90 -45.26 4.12
N TYR I 367 51.85 -44.68 2.92
CA TYR I 367 52.80 -43.64 2.56
C TYR I 367 52.57 -42.34 3.32
N ARG I 368 51.44 -42.18 4.00
CA ARG I 368 51.29 -41.12 4.98
C ARG I 368 51.65 -41.57 6.39
N ASP I 369 51.94 -42.85 6.59
CA ASP I 369 52.36 -43.36 7.89
C ASP I 369 53.87 -43.45 8.01
N GLU I 370 54.55 -43.96 6.97
CA GLU I 370 56.02 -43.94 6.96
C GLU I 370 56.53 -42.52 6.88
N GLN I 371 55.95 -41.70 5.99
CA GLN I 371 56.17 -40.26 6.00
C GLN I 371 55.35 -39.70 7.17
N GLY I 372 55.97 -39.71 8.35
CA GLY I 372 55.27 -39.37 9.57
C GLY I 372 55.17 -37.87 9.79
N LEU I 373 54.53 -37.51 10.90
CA LEU I 373 54.42 -36.12 11.28
C LEU I 373 55.77 -35.57 11.71
N SER I 374 55.95 -34.26 11.54
CA SER I 374 57.24 -33.64 11.82
C SER I 374 57.50 -33.46 13.31
N LEU I 375 56.48 -33.58 14.16
CA LEU I 375 56.61 -33.31 15.58
C LEU I 375 56.58 -34.57 16.43
N MET I 376 55.52 -35.37 16.30
CA MET I 376 55.35 -36.53 17.16
C MET I 376 55.39 -37.81 16.34
N PRO I 377 56.47 -38.60 16.44
CA PRO I 377 56.45 -39.94 15.81
C PRO I 377 55.50 -40.90 16.50
N HIS I 378 55.19 -40.67 17.77
CA HIS I 378 54.32 -41.57 18.53
C HIS I 378 52.87 -41.09 18.46
N THR I 379 52.36 -41.01 17.24
CA THR I 379 50.97 -40.63 16.99
C THR I 379 50.49 -41.40 15.77
N ALA I 380 49.43 -42.18 15.94
CA ALA I 380 48.95 -43.05 14.88
C ALA I 380 48.18 -42.25 13.83
N GLN I 381 48.55 -42.46 12.56
CA GLN I 381 47.77 -41.90 11.47
C GLN I 381 46.47 -42.67 11.30
N PRO I 382 45.43 -42.03 10.76
CA PRO I 382 44.21 -42.77 10.41
C PRO I 382 44.46 -43.73 9.26
N ILE I 383 44.43 -45.03 9.53
CA ILE I 383 44.71 -46.03 8.52
C ILE I 383 43.50 -46.94 8.38
N LEU I 384 43.29 -47.44 7.16
CA LEU I 384 42.19 -48.33 6.86
C LEU I 384 42.40 -49.68 7.54
N PRO I 385 41.31 -50.46 7.75
CA PRO I 385 41.47 -51.81 8.32
C PRO I 385 42.23 -52.78 7.42
N ALA I 386 42.39 -54.02 7.92
CA ALA I 386 43.33 -54.96 7.32
C ALA I 386 42.81 -55.49 5.98
N GLN I 387 41.66 -56.15 5.99
CA GLN I 387 41.17 -56.79 4.77
C GLN I 387 39.66 -56.59 4.59
N GLY J 1 -16.01 -69.54 15.10
CA GLY J 1 -16.46 -70.60 14.23
C GLY J 1 -16.42 -70.21 12.77
N ASN J 2 -17.27 -69.27 12.39
CA ASN J 2 -17.31 -68.78 11.01
C ASN J 2 -16.11 -67.88 10.77
N SER J 3 -15.97 -66.82 11.56
CA SER J 3 -14.82 -65.95 11.47
C SER J 3 -13.78 -66.34 12.51
N GLN J 4 -12.52 -66.01 12.23
CA GLN J 4 -11.42 -66.36 13.11
C GLN J 4 -10.50 -65.16 13.29
N VAL J 5 -9.61 -65.28 14.27
CA VAL J 5 -8.66 -64.23 14.62
C VAL J 5 -7.26 -64.83 14.56
N PHE J 6 -6.39 -64.21 13.77
CA PHE J 6 -5.01 -64.63 13.63
C PHE J 6 -4.09 -63.64 14.33
N TYR J 7 -3.20 -64.14 15.17
CA TYR J 7 -2.17 -63.32 15.78
C TYR J 7 -0.93 -63.36 14.90
N LEU J 8 -0.57 -62.22 14.33
CA LEU J 8 0.65 -62.16 13.53
C LEU J 8 1.86 -62.21 14.44
N LYS J 9 2.85 -63.00 14.04
CA LYS J 9 4.00 -63.26 14.90
C LYS J 9 5.25 -62.49 14.51
N TYR J 10 5.30 -61.95 13.29
CA TYR J 10 6.48 -61.20 12.88
C TYR J 10 6.17 -59.95 12.06
N SER J 11 4.91 -59.62 11.83
CA SER J 11 4.57 -58.52 10.95
C SER J 11 3.46 -57.68 11.54
N LYS J 12 3.38 -56.44 11.09
CA LYS J 12 2.32 -55.55 11.54
C LYS J 12 1.00 -55.95 10.90
N ALA J 13 -0.10 -55.52 11.52
CA ALA J 13 -1.41 -55.91 11.05
C ALA J 13 -1.91 -55.03 9.92
N GLU J 14 -1.58 -53.75 9.94
CA GLU J 14 -2.11 -52.83 8.94
C GLU J 14 -1.49 -53.09 7.57
N ASP J 15 -0.26 -53.57 7.53
CA ASP J 15 0.35 -53.96 6.26
C ASP J 15 -0.36 -55.18 5.68
N LEU J 16 -0.68 -56.16 6.52
CA LEU J 16 -1.36 -57.36 6.07
C LEU J 16 -2.78 -57.08 5.63
N VAL J 17 -3.47 -56.13 6.26
CA VAL J 17 -4.81 -55.83 5.75
C VAL J 17 -4.71 -55.01 4.47
N ASP J 18 -3.69 -54.14 4.34
CA ASP J 18 -3.50 -53.39 3.10
C ASP J 18 -3.16 -54.30 1.93
N VAL J 19 -2.52 -55.44 2.20
CA VAL J 19 -2.35 -56.44 1.15
C VAL J 19 -3.64 -57.21 0.91
N LEU J 20 -4.26 -57.71 1.98
CA LEU J 20 -5.35 -58.66 1.83
C LEU J 20 -6.70 -58.02 1.51
N LYS J 21 -6.79 -56.70 1.32
CA LYS J 21 -8.00 -56.18 0.72
C LYS J 21 -8.10 -56.54 -0.76
N GLN J 22 -6.99 -56.87 -1.40
CA GLN J 22 -6.97 -57.17 -2.83
C GLN J 22 -7.12 -58.65 -3.13
N VAL J 23 -6.72 -59.52 -2.21
CA VAL J 23 -6.72 -60.95 -2.49
C VAL J 23 -8.14 -61.51 -2.46
N SER J 24 -8.88 -61.23 -1.38
CA SER J 24 -10.23 -61.75 -1.26
C SER J 24 -11.20 -61.07 -2.22
N GLY J 25 -10.95 -59.79 -2.53
CA GLY J 25 -11.90 -59.00 -3.29
C GLY J 25 -12.11 -59.48 -4.72
N THR J 26 -11.13 -60.19 -5.28
CA THR J 26 -11.35 -60.93 -6.52
C THR J 26 -11.25 -62.43 -6.33
N LEU J 27 -10.81 -62.88 -5.15
CA LEU J 27 -10.79 -64.31 -4.88
C LEU J 27 -12.20 -64.86 -4.66
N THR J 28 -13.16 -64.01 -4.29
CA THR J 28 -14.56 -64.44 -4.21
C THR J 28 -15.11 -64.80 -5.59
N ALA J 29 -14.62 -64.16 -6.65
CA ALA J 29 -15.07 -64.45 -8.00
C ALA J 29 -14.47 -65.77 -8.49
N VAL J 44 -19.92 -60.95 2.61
CA VAL J 44 -19.05 -61.55 1.61
C VAL J 44 -17.74 -61.92 2.31
N VAL J 45 -16.81 -60.98 2.39
CA VAL J 45 -15.55 -61.16 3.10
C VAL J 45 -15.25 -59.90 3.91
N SER J 46 -14.53 -60.07 5.02
CA SER J 46 -14.12 -58.94 5.83
C SER J 46 -12.76 -59.21 6.42
N ILE J 47 -11.81 -58.32 6.14
CA ILE J 47 -10.49 -58.33 6.74
C ILE J 47 -10.35 -57.02 7.49
N ALA J 48 -10.29 -57.10 8.82
CA ALA J 48 -10.09 -55.92 9.65
C ALA J 48 -8.95 -56.19 10.62
N ALA J 49 -8.19 -55.15 10.94
CA ALA J 49 -6.94 -55.28 11.68
C ALA J 49 -7.05 -54.53 13.00
N SER J 50 -6.98 -55.27 14.10
CA SER J 50 -6.91 -54.68 15.43
C SER J 50 -5.49 -54.18 15.66
N LYS J 51 -5.30 -52.86 15.62
CA LYS J 51 -3.95 -52.30 15.65
C LYS J 51 -3.33 -52.41 17.02
N HIS J 52 -4.11 -52.21 18.08
CA HIS J 52 -3.54 -52.18 19.42
C HIS J 52 -3.15 -53.57 19.91
N SER J 53 -3.78 -54.62 19.40
CA SER J 53 -3.58 -55.96 19.93
C SER J 53 -2.90 -56.90 18.94
N ASN J 54 -2.41 -56.39 17.81
CA ASN J 54 -1.57 -57.11 16.84
C ASN J 54 -2.29 -58.32 16.26
N ALA J 55 -3.45 -58.08 15.67
CA ALA J 55 -4.22 -59.17 15.11
C ALA J 55 -5.11 -58.66 14.01
N LEU J 56 -5.19 -59.42 12.93
CA LEU J 56 -6.16 -59.19 11.87
C LEU J 56 -7.26 -60.23 11.98
N ILE J 57 -8.46 -59.86 11.55
CA ILE J 57 -9.64 -60.70 11.73
C ILE J 57 -10.19 -61.04 10.36
N VAL J 58 -10.27 -62.34 10.07
CA VAL J 58 -10.75 -62.82 8.78
C VAL J 58 -12.17 -63.32 8.95
N THR J 59 -13.07 -62.82 8.12
CA THR J 59 -14.45 -63.29 8.06
C THR J 59 -14.71 -63.77 6.64
N ALA J 60 -14.80 -65.08 6.45
CA ALA J 60 -14.82 -65.66 5.12
C ALA J 60 -15.44 -67.04 5.19
N PRO J 61 -15.93 -67.56 4.08
CA PRO J 61 -16.35 -68.97 4.03
C PRO J 61 -15.16 -69.91 4.18
N GLN J 62 -15.48 -71.21 4.32
CA GLN J 62 -14.48 -72.20 4.70
C GLN J 62 -13.45 -72.45 3.61
N ASP J 63 -13.83 -72.27 2.34
CA ASP J 63 -12.89 -72.50 1.25
C ASP J 63 -11.91 -71.34 1.11
N ILE J 64 -12.40 -70.12 1.31
CA ILE J 64 -11.52 -68.95 1.27
C ILE J 64 -10.64 -68.90 2.52
N MET J 65 -11.13 -69.46 3.63
CA MET J 65 -10.43 -69.38 4.91
C MET J 65 -9.12 -70.16 4.89
N GLN J 66 -9.09 -71.28 4.17
CA GLN J 66 -7.84 -72.04 4.06
C GLN J 66 -6.85 -71.35 3.14
N SER J 67 -7.35 -70.65 2.11
CA SER J 67 -6.47 -69.91 1.21
C SER J 67 -5.83 -68.74 1.93
N LEU J 68 -6.64 -67.89 2.56
CA LEU J 68 -6.11 -66.75 3.29
C LEU J 68 -5.30 -67.18 4.51
N GLN J 69 -5.67 -68.30 5.13
CA GLN J 69 -4.86 -68.85 6.20
C GLN J 69 -3.50 -69.30 5.70
N SER J 70 -3.45 -69.87 4.50
CA SER J 70 -2.18 -70.28 3.92
C SER J 70 -1.32 -69.07 3.55
N VAL J 71 -1.95 -68.00 3.07
CA VAL J 71 -1.20 -66.79 2.71
C VAL J 71 -0.64 -66.12 3.96
N ILE J 72 -1.44 -66.05 5.03
CA ILE J 72 -0.95 -65.49 6.29
C ILE J 72 0.14 -66.37 6.89
N GLU J 73 0.04 -67.69 6.72
CA GLU J 73 1.13 -68.58 7.14
C GLU J 73 2.39 -68.38 6.30
N GLN J 74 2.25 -67.97 5.05
CA GLN J 74 3.43 -67.77 4.22
C GLN J 74 4.01 -66.36 4.29
N LEU J 75 3.28 -65.40 4.85
CA LEU J 75 3.83 -64.05 4.97
C LEU J 75 4.39 -63.74 6.35
N ASP J 76 3.96 -64.45 7.39
CA ASP J 76 4.41 -64.21 8.75
C ASP J 76 5.76 -64.89 8.91
N ILE J 77 6.81 -64.21 8.44
CA ILE J 77 8.14 -64.79 8.34
C ILE J 77 9.15 -63.92 9.08
N ARG J 78 10.23 -64.56 9.52
CA ARG J 78 11.31 -63.86 10.20
C ARG J 78 12.06 -62.96 9.23
N ARG J 79 12.17 -61.69 9.57
CA ARG J 79 12.85 -60.71 8.73
C ARG J 79 14.28 -60.53 9.23
N ALA J 80 15.23 -60.68 8.33
CA ALA J 80 16.63 -60.51 8.70
C ALA J 80 16.98 -59.03 8.75
N GLN J 81 18.11 -58.73 9.37
CA GLN J 81 18.52 -57.35 9.58
C GLN J 81 19.97 -57.16 9.17
N VAL J 82 20.26 -55.97 8.65
CA VAL J 82 21.50 -55.68 7.92
C VAL J 82 22.17 -54.48 8.55
N HIS J 83 23.44 -54.64 8.94
CA HIS J 83 24.25 -53.54 9.41
C HIS J 83 25.10 -53.03 8.26
N VAL J 84 24.91 -51.76 7.90
CA VAL J 84 25.60 -51.14 6.78
C VAL J 84 26.65 -50.19 7.32
N GLU J 85 27.89 -50.36 6.85
CA GLU J 85 29.01 -49.56 7.33
C GLU J 85 29.70 -48.92 6.13
N ALA J 86 29.56 -47.61 5.98
CA ALA J 86 30.07 -46.89 4.82
C ALA J 86 31.29 -46.08 5.24
N LEU J 87 32.42 -46.33 4.59
CA LEU J 87 33.65 -45.62 4.90
C LEU J 87 33.83 -44.42 3.99
N ILE J 88 34.60 -43.45 4.46
CA ILE J 88 34.90 -42.23 3.71
C ILE J 88 36.38 -41.94 3.90
N VAL J 89 37.11 -41.87 2.81
CA VAL J 89 38.54 -41.57 2.85
C VAL J 89 38.78 -40.27 2.08
N GLU J 90 39.52 -39.35 2.69
CA GLU J 90 39.92 -38.13 2.00
C GLU J 90 41.37 -37.84 2.31
N VAL J 91 42.21 -37.85 1.29
CA VAL J 91 43.63 -37.54 1.43
C VAL J 91 43.93 -36.34 0.54
N ALA J 92 44.55 -35.32 1.12
CA ALA J 92 44.87 -34.09 0.40
C ALA J 92 46.35 -33.79 0.54
N GLU J 93 46.87 -32.94 -0.35
CA GLU J 93 48.24 -32.48 -0.30
C GLU J 93 48.34 -31.18 -1.10
N GLY J 94 48.83 -30.12 -0.47
CA GLY J 94 48.99 -28.86 -1.15
C GLY J 94 50.29 -28.17 -0.82
N SER J 95 51.09 -27.85 -1.84
CA SER J 95 52.40 -27.22 -1.63
C SER J 95 52.68 -26.30 -2.81
N ASN J 96 52.81 -25.00 -2.52
CA ASN J 96 53.15 -24.00 -3.53
C ASN J 96 54.40 -23.25 -3.10
N ILE J 97 55.26 -22.95 -4.06
CA ILE J 97 56.53 -22.28 -3.80
C ILE J 97 56.48 -20.91 -4.46
N ASN J 98 56.69 -19.87 -3.67
CA ASN J 98 56.81 -18.53 -4.23
C ASN J 98 58.27 -18.08 -4.21
N PHE J 99 58.56 -17.09 -5.05
CA PHE J 99 59.87 -16.48 -5.12
C PHE J 99 59.69 -15.11 -5.76
N GLY J 100 60.63 -14.22 -5.51
CA GLY J 100 60.52 -12.90 -6.10
C GLY J 100 61.61 -11.94 -5.69
N VAL J 101 62.13 -11.20 -6.66
CA VAL J 101 63.14 -10.18 -6.45
C VAL J 101 62.59 -8.87 -7.01
N GLN J 102 62.56 -7.83 -6.17
CA GLN J 102 62.00 -6.55 -6.56
C GLN J 102 63.04 -5.46 -6.30
N TRP J 103 63.60 -4.91 -7.36
CA TRP J 103 64.55 -3.83 -7.25
C TRP J 103 63.80 -2.50 -7.20
N GLY J 104 64.38 -1.52 -6.51
CA GLY J 104 63.76 -0.22 -6.43
C GLY J 104 64.71 0.90 -6.09
N SER J 105 64.70 1.95 -6.89
CA SER J 105 65.44 3.18 -6.61
C SER J 105 64.45 4.33 -6.51
N LYS J 106 64.77 5.29 -5.64
CA LYS J 106 63.85 6.40 -5.42
C LYS J 106 63.87 7.38 -6.60
N ASP J 107 64.99 7.47 -7.31
CA ASP J 107 65.12 8.42 -8.41
C ASP J 107 65.31 7.75 -9.76
N ALA J 108 65.35 6.42 -9.83
CA ALA J 108 65.67 5.74 -11.08
C ALA J 108 64.71 4.59 -11.34
N GLY J 109 63.45 4.78 -11.01
CA GLY J 109 62.42 3.80 -11.32
C GLY J 109 62.45 2.60 -10.38
N LEU J 110 61.55 1.66 -10.66
CA LEU J 110 61.37 0.48 -9.81
C LEU J 110 61.09 -0.73 -10.68
N MET J 111 61.37 -1.91 -10.13
CA MET J 111 61.04 -3.18 -10.77
C MET J 111 60.17 -3.98 -9.82
N GLN J 112 58.88 -4.06 -10.11
CA GLN J 112 57.99 -4.83 -9.26
C GLN J 112 57.33 -5.94 -10.08
N PHE J 113 56.65 -6.83 -9.37
CA PHE J 113 55.91 -7.92 -9.98
C PHE J 113 54.68 -8.20 -9.13
N ALA J 114 53.77 -9.01 -9.65
CA ALA J 114 52.62 -9.48 -8.90
C ALA J 114 52.36 -10.95 -9.22
N ASN J 115 51.50 -11.56 -8.38
CA ASN J 115 50.99 -12.92 -8.55
C ASN J 115 52.14 -13.94 -8.57
N GLY J 116 52.76 -14.08 -7.41
CA GLY J 116 53.88 -14.99 -7.27
C GLY J 116 54.95 -14.46 -6.36
N THR J 117 55.00 -13.13 -6.24
CA THR J 117 55.80 -12.48 -5.22
C THR J 117 54.96 -11.87 -4.12
N GLN J 118 53.66 -11.71 -4.36
CA GLN J 118 52.62 -11.46 -3.35
C GLN J 118 52.74 -10.14 -2.58
N ILE J 119 53.74 -9.33 -2.89
CA ILE J 119 53.90 -8.01 -2.27
C ILE J 119 54.64 -7.09 -3.24
N PRO J 120 53.99 -6.09 -3.80
CA PRO J 120 54.68 -5.17 -4.71
C PRO J 120 55.58 -4.21 -3.94
N ILE J 121 56.63 -3.76 -4.63
CA ILE J 121 57.51 -2.77 -4.03
C ILE J 121 56.86 -1.39 -4.10
N GLY J 122 55.89 -1.19 -4.98
CA GLY J 122 55.21 0.09 -5.05
C GLY J 122 54.24 0.31 -3.92
N THR J 123 53.46 -0.73 -3.59
CA THR J 123 52.51 -0.61 -2.49
C THR J 123 53.23 -0.62 -1.15
N LEU J 124 54.28 -1.42 -1.02
CA LEU J 124 55.01 -1.47 0.26
C LEU J 124 55.86 -0.23 0.44
N GLY J 125 56.44 0.28 -0.65
CA GLY J 125 57.15 1.55 -0.57
C GLY J 125 56.22 2.72 -0.35
N ALA J 126 54.97 2.61 -0.81
CA ALA J 126 53.98 3.64 -0.52
C ALA J 126 53.54 3.57 0.93
N ALA J 127 53.41 2.36 1.47
CA ALA J 127 52.98 2.21 2.86
C ALA J 127 54.06 2.65 3.83
N ILE J 128 55.31 2.24 3.59
CA ILE J 128 56.43 2.67 4.42
C ILE J 128 56.71 4.15 4.22
N SER J 129 56.50 4.65 2.99
CA SER J 129 56.61 6.09 2.74
C SER J 129 55.54 6.88 3.47
N ALA J 130 54.38 6.26 3.71
CA ALA J 130 53.35 6.88 4.54
C ALA J 130 53.52 6.57 6.02
N ALA J 131 54.54 5.81 6.39
CA ALA J 131 54.68 5.34 7.76
C ALA J 131 55.64 6.17 8.61
N LYS J 132 56.60 6.86 7.99
CA LYS J 132 57.53 7.65 8.77
C LYS J 132 56.84 8.92 9.26
N PRO J 133 56.92 9.23 10.56
CA PRO J 133 56.03 10.24 11.14
C PRO J 133 56.40 11.66 10.77
N GLN J 134 55.37 12.49 10.65
CA GLN J 134 55.54 13.91 10.40
C GLN J 134 55.77 14.66 11.70
N LYS J 135 56.21 15.90 11.58
CA LYS J 135 56.45 16.75 12.74
C LYS J 135 55.35 17.80 12.85
N GLY J 136 55.38 18.53 13.96
CA GLY J 136 54.40 19.56 14.23
C GLY J 136 54.91 20.95 13.93
N SER J 137 54.26 21.94 14.54
CA SER J 137 54.63 23.34 14.34
C SER J 137 55.91 23.68 15.08
N ASN J 149 52.57 21.59 17.16
CA ASN J 149 53.64 21.57 18.18
C ASN J 149 54.00 20.12 18.65
N PRO J 150 53.03 19.18 18.89
CA PRO J 150 53.45 17.79 19.07
C PRO J 150 53.67 17.07 17.75
N ASP J 151 54.59 16.10 17.74
CA ASP J 151 54.86 15.27 16.56
C ASP J 151 54.26 13.88 16.75
N THR J 152 53.24 13.58 15.94
CA THR J 152 52.52 12.33 16.09
C THR J 152 53.21 11.20 15.35
N ASN J 153 53.52 10.12 16.06
CA ASN J 153 53.98 8.87 15.48
C ASN J 153 52.80 7.89 15.47
N GLY J 154 51.87 8.14 14.57
CA GLY J 154 50.66 7.34 14.51
C GLY J 154 50.14 7.07 13.12
N ASP J 155 51.00 7.26 12.11
CA ASP J 155 50.67 6.99 10.73
C ASP J 155 50.95 5.52 10.42
N LEU J 156 49.91 4.70 10.48
CA LEU J 156 50.06 3.25 10.36
C LEU J 156 48.69 2.70 9.92
N SER J 157 48.49 1.39 10.11
CA SER J 157 47.33 0.61 9.67
C SER J 157 47.20 0.57 8.14
N THR J 158 48.32 0.76 7.45
CA THR J 158 48.45 0.44 6.03
C THR J 158 49.41 -0.71 5.81
N LEU J 159 50.52 -0.74 6.55
CA LEU J 159 51.33 -1.95 6.64
C LEU J 159 50.60 -3.03 7.42
N ALA J 160 49.73 -2.64 8.36
CA ALA J 160 48.98 -3.62 9.14
C ALA J 160 47.89 -4.28 8.31
N GLN J 161 47.49 -3.67 7.19
CA GLN J 161 46.55 -4.30 6.28
C GLN J 161 47.25 -4.97 5.11
N LEU J 162 48.28 -4.31 4.57
CA LEU J 162 49.02 -4.88 3.45
C LEU J 162 49.83 -6.09 3.87
N LEU J 163 50.30 -6.12 5.12
CA LEU J 163 51.02 -7.26 5.67
C LEU J 163 50.14 -8.12 6.56
N SER J 164 48.82 -8.00 6.45
CA SER J 164 47.93 -8.80 7.28
C SER J 164 47.90 -10.25 6.82
N GLY J 165 47.42 -10.48 5.60
CA GLY J 165 47.52 -11.81 5.04
C GLY J 165 48.77 -11.95 4.19
N PHE J 166 49.84 -12.44 4.80
CA PHE J 166 51.14 -12.55 4.17
C PHE J 166 52.03 -13.46 4.99
N SER J 167 52.72 -14.39 4.33
CA SER J 167 53.51 -15.39 5.04
C SER J 167 54.94 -15.50 4.52
N GLY J 168 55.39 -14.56 3.70
CA GLY J 168 56.66 -14.71 3.04
C GLY J 168 57.83 -14.11 3.78
N THR J 169 59.00 -14.68 3.54
CA THR J 169 60.26 -14.11 3.98
C THR J 169 60.58 -12.92 3.09
N ALA J 170 60.52 -11.72 3.64
CA ALA J 170 60.75 -10.50 2.88
C ALA J 170 61.92 -9.74 3.51
N VAL J 171 63.08 -9.85 2.90
CA VAL J 171 64.27 -9.15 3.39
C VAL J 171 64.47 -7.90 2.54
N GLY J 172 65.16 -6.92 3.12
CA GLY J 172 65.51 -5.71 2.39
C GLY J 172 67.01 -5.53 2.28
N VAL J 173 67.56 -5.72 1.09
CA VAL J 173 69.00 -5.65 0.87
C VAL J 173 69.30 -4.37 0.10
N VAL J 174 70.00 -3.45 0.76
CA VAL J 174 70.43 -2.21 0.11
C VAL J 174 71.81 -2.44 -0.50
N LYS J 175 71.94 -2.13 -1.80
CA LYS J 175 73.21 -2.32 -2.50
C LYS J 175 73.28 -1.27 -3.61
N GLY J 176 74.08 -0.23 -3.38
CA GLY J 176 74.21 0.85 -4.34
C GLY J 176 72.97 1.70 -4.51
N ASP J 177 72.21 1.89 -3.42
CA ASP J 177 70.88 2.49 -3.41
C ASP J 177 69.95 1.77 -4.38
N TRP J 178 69.78 0.48 -4.12
CA TRP J 178 68.83 -0.36 -4.84
C TRP J 178 68.24 -1.33 -3.80
N MET J 179 67.02 -1.03 -3.36
CA MET J 179 66.41 -1.81 -2.29
C MET J 179 65.93 -3.16 -2.83
N ALA J 180 66.82 -4.15 -2.78
CA ALA J 180 66.54 -5.48 -3.34
C ALA J 180 65.59 -6.23 -2.42
N LEU J 181 64.30 -5.98 -2.60
CA LEU J 181 63.27 -6.63 -1.80
C LEU J 181 63.08 -8.06 -2.29
N VAL J 182 63.68 -9.01 -1.59
CA VAL J 182 63.61 -10.42 -1.94
C VAL J 182 62.48 -11.06 -1.16
N GLN J 183 61.57 -11.71 -1.87
CA GLN J 183 60.42 -12.38 -1.24
C GLN J 183 60.44 -13.85 -1.62
N ALA J 184 60.25 -14.73 -0.64
CA ALA J 184 60.26 -16.17 -0.85
C ALA J 184 59.49 -16.86 0.26
N VAL J 185 58.79 -17.95 -0.06
CA VAL J 185 58.04 -18.74 0.90
C VAL J 185 57.75 -20.11 0.28
N LYS J 186 57.69 -21.14 1.12
CA LYS J 186 57.24 -22.46 0.68
C LYS J 186 56.47 -23.08 1.84
N ASN J 187 55.25 -23.54 1.58
CA ASN J 187 54.42 -24.13 2.62
C ASN J 187 53.67 -25.36 2.12
N ASP J 188 53.94 -26.50 2.75
CA ASP J 188 53.26 -27.75 2.42
C ASP J 188 52.02 -27.89 3.30
N SER J 189 51.09 -28.74 2.86
CA SER J 189 49.89 -29.07 3.60
C SER J 189 49.55 -30.54 3.37
N SER J 190 48.89 -31.17 4.34
CA SER J 190 48.52 -32.58 4.26
C SER J 190 47.34 -32.81 5.19
N SER J 191 46.18 -33.11 4.61
CA SER J 191 45.01 -33.50 5.37
C SER J 191 44.79 -35.00 5.20
N ASN J 192 44.11 -35.61 6.16
CA ASN J 192 43.80 -37.03 6.13
C ASN J 192 42.57 -37.28 6.99
N VAL J 193 41.44 -37.56 6.36
CA VAL J 193 40.17 -37.65 7.04
C VAL J 193 39.56 -39.02 6.78
N LEU J 194 39.29 -39.74 7.86
CA LEU J 194 38.61 -41.03 7.77
C LEU J 194 37.35 -40.99 8.60
N SER J 195 36.20 -41.19 7.96
CA SER J 195 34.93 -41.21 8.65
C SER J 195 34.17 -42.46 8.25
N THR J 196 33.40 -43.00 9.18
CA THR J 196 32.64 -44.23 8.95
C THR J 196 31.37 -44.25 9.76
N PRO J 197 30.27 -43.73 9.20
CA PRO J 197 28.96 -43.95 9.81
C PRO J 197 28.51 -45.39 9.68
N SER J 198 27.51 -45.73 10.50
CA SER J 198 26.96 -47.07 10.53
C SER J 198 25.47 -46.98 10.81
N ILE J 199 24.75 -48.02 10.42
CA ILE J 199 23.30 -48.05 10.58
C ILE J 199 22.88 -49.50 10.74
N THR J 200 21.68 -49.72 11.26
CA THR J 200 21.14 -51.06 11.42
C THR J 200 19.65 -51.00 11.11
N THR J 201 19.27 -51.53 9.97
CA THR J 201 17.87 -51.53 9.56
C THR J 201 17.34 -52.94 9.65
N LEU J 202 16.12 -53.13 9.19
CA LEU J 202 15.65 -54.44 8.78
C LEU J 202 15.75 -54.54 7.26
N ASP J 203 15.26 -55.66 6.73
CA ASP J 203 15.11 -55.79 5.29
C ASP J 203 14.01 -54.87 4.78
N ASN J 204 14.30 -54.13 3.71
CA ASN J 204 13.34 -53.33 2.94
C ASN J 204 12.71 -52.20 3.77
N GLN J 205 13.43 -51.72 4.77
CA GLN J 205 12.95 -50.63 5.61
C GLN J 205 14.00 -49.54 5.60
N GLU J 206 13.64 -48.37 5.05
CA GLU J 206 14.61 -47.30 4.92
C GLU J 206 14.92 -46.68 6.27
N ALA J 207 16.12 -46.12 6.36
CA ALA J 207 16.61 -45.54 7.60
C ALA J 207 17.77 -44.63 7.27
N PHE J 208 17.93 -43.57 8.06
CA PHE J 208 19.04 -42.67 7.79
C PHE J 208 19.70 -42.33 9.11
N PHE J 209 20.58 -41.34 9.05
CA PHE J 209 21.51 -41.03 10.11
C PHE J 209 22.04 -39.65 9.80
N MET J 210 22.53 -38.96 10.82
CA MET J 210 22.96 -37.58 10.68
C MET J 210 23.79 -37.22 11.89
N VAL J 211 24.86 -36.44 11.69
CA VAL J 211 25.59 -35.85 12.81
C VAL J 211 25.79 -34.37 12.56
N GLY J 212 24.95 -33.79 11.73
CA GLY J 212 25.18 -32.45 11.23
C GLY J 212 24.66 -31.34 12.11
N GLN J 213 24.27 -30.24 11.47
CA GLN J 213 23.76 -29.05 12.13
C GLN J 213 22.48 -28.60 11.42
N ASP J 214 21.95 -27.47 11.86
CA ASP J 214 20.86 -26.80 11.18
C ASP J 214 21.28 -25.35 10.99
N VAL J 215 21.41 -24.92 9.75
CA VAL J 215 21.94 -23.59 9.46
C VAL J 215 20.80 -22.73 8.90
N PRO J 216 20.65 -21.49 9.36
CA PRO J 216 19.62 -20.62 8.79
C PRO J 216 19.99 -20.18 7.38
N VAL J 217 19.23 -20.69 6.41
CA VAL J 217 19.40 -20.35 5.01
C VAL J 217 18.26 -19.44 4.62
N LEU J 218 18.58 -18.23 4.16
CA LEU J 218 17.55 -17.26 3.82
C LEU J 218 17.19 -17.41 2.34
N THR J 219 15.89 -17.44 2.06
CA THR J 219 15.36 -17.48 0.70
C THR J 219 14.43 -16.28 0.56
N GLY J 220 15.00 -15.11 0.29
CA GLY J 220 14.21 -13.90 0.17
C GLY J 220 14.22 -13.07 1.42
N THR J 233 12.33 -15.18 3.47
CA THR J 233 11.83 -16.44 4.00
C THR J 233 12.99 -17.35 4.37
N VAL J 234 13.43 -17.24 5.64
CA VAL J 234 14.54 -18.05 6.11
C VAL J 234 14.06 -19.48 6.32
N GLU J 235 14.84 -20.44 5.84
CA GLU J 235 14.49 -21.84 5.94
C GLU J 235 15.65 -22.62 6.52
N ARG J 236 15.34 -23.59 7.38
CA ARG J 236 16.36 -24.37 8.05
C ARG J 236 16.83 -25.49 7.13
N LYS J 237 18.14 -25.57 6.91
CA LYS J 237 18.71 -26.56 6.02
C LYS J 237 19.70 -27.42 6.78
N LYS J 238 19.64 -28.72 6.56
CA LYS J 238 20.47 -29.68 7.26
C LYS J 238 21.80 -29.87 6.54
N VAL J 239 22.86 -30.05 7.33
CA VAL J 239 24.20 -30.31 6.80
C VAL J 239 24.74 -31.56 7.47
N GLY J 240 26.00 -31.88 7.22
CA GLY J 240 26.67 -32.93 7.95
C GLY J 240 26.46 -34.31 7.34
N ILE J 241 27.10 -35.29 7.98
CA ILE J 241 27.26 -36.63 7.42
C ILE J 241 25.94 -37.38 7.47
N MET J 242 25.29 -37.51 6.32
CA MET J 242 24.03 -38.22 6.22
C MET J 242 24.26 -39.54 5.50
N LEU J 243 23.48 -40.55 5.84
CA LEU J 243 23.61 -41.86 5.22
C LEU J 243 22.23 -42.49 5.19
N LYS J 244 21.52 -42.33 4.08
CA LYS J 244 20.17 -42.87 3.94
C LYS J 244 20.19 -44.10 3.06
N VAL J 245 19.99 -45.27 3.68
CA VAL J 245 20.11 -46.53 2.97
C VAL J 245 18.73 -47.19 2.96
N THR J 246 18.54 -48.11 2.02
CA THR J 246 17.33 -48.93 1.98
C THR J 246 17.73 -50.31 1.48
N PRO J 247 18.26 -51.16 2.34
CA PRO J 247 18.85 -52.41 1.86
C PRO J 247 17.81 -53.47 1.60
N GLN J 248 18.11 -54.31 0.63
CA GLN J 248 17.30 -55.45 0.26
C GLN J 248 18.18 -56.68 0.19
N ILE J 249 17.70 -57.78 0.75
CA ILE J 249 18.47 -59.00 0.84
C ILE J 249 18.11 -59.89 -0.35
N ASN J 250 19.05 -60.07 -1.25
CA ASN J 250 18.90 -60.95 -2.39
C ASN J 250 19.48 -62.32 -2.06
N GLU J 251 18.99 -63.34 -2.75
CA GLU J 251 19.41 -64.70 -2.46
C GLU J 251 20.82 -64.95 -2.99
N GLY J 252 21.49 -65.91 -2.37
CA GLY J 252 22.94 -65.98 -2.47
C GLY J 252 23.64 -65.09 -1.48
N ASN J 253 22.90 -64.55 -0.50
CA ASN J 253 23.40 -63.64 0.54
C ASN J 253 24.06 -62.40 -0.05
N ALA J 254 23.44 -61.85 -1.09
CA ALA J 254 23.87 -60.59 -1.66
C ALA J 254 22.89 -59.50 -1.25
N VAL J 255 23.40 -58.29 -1.11
CA VAL J 255 22.64 -57.17 -0.56
C VAL J 255 22.55 -56.08 -1.61
N GLN J 256 21.33 -55.71 -1.98
CA GLN J 256 21.10 -54.56 -2.85
C GLN J 256 20.74 -53.36 -1.99
N MET J 257 21.43 -52.25 -2.20
CA MET J 257 21.26 -51.07 -1.38
C MET J 257 20.91 -49.88 -2.24
N VAL J 258 20.05 -49.01 -1.72
CA VAL J 258 19.76 -47.74 -2.36
C VAL J 258 20.31 -46.67 -1.45
N ILE J 259 21.55 -46.27 -1.66
CA ILE J 259 22.27 -45.41 -0.75
C ILE J 259 22.25 -43.98 -1.26
N GLU J 260 21.87 -43.05 -0.39
CA GLU J 260 21.85 -41.62 -0.71
C GLU J 260 22.67 -40.91 0.35
N GLN J 261 23.96 -40.87 0.16
CA GLN J 261 24.88 -40.34 1.16
C GLN J 261 25.14 -38.86 0.88
N GLU J 262 25.58 -38.14 1.91
CA GLU J 262 25.92 -36.73 1.80
C GLU J 262 26.91 -36.40 2.91
N VAL J 263 27.93 -35.61 2.57
CA VAL J 263 28.85 -35.07 3.56
C VAL J 263 28.87 -33.57 3.33
N SER J 264 28.09 -32.83 4.10
CA SER J 264 28.05 -31.38 3.97
C SER J 264 28.89 -30.74 5.06
N LYS J 265 29.28 -29.49 4.82
CA LYS J 265 30.18 -28.78 5.70
C LYS J 265 30.02 -27.29 5.46
N VAL J 266 29.94 -26.52 6.54
CA VAL J 266 29.74 -25.08 6.44
C VAL J 266 31.06 -24.42 6.08
N GLU J 267 31.12 -23.82 4.91
CA GLU J 267 32.25 -23.00 4.51
C GLU J 267 31.92 -21.54 4.76
N GLY J 268 32.96 -20.74 4.92
CA GLY J 268 32.75 -19.35 5.28
C GLY J 268 32.45 -18.45 4.09
N GLN J 269 33.30 -17.43 3.96
CA GLN J 269 33.20 -16.46 2.88
C GLN J 269 32.08 -15.51 3.22
N THR J 270 30.87 -16.00 3.07
CA THR J 270 29.66 -15.24 3.40
C THR J 270 29.40 -14.03 2.49
N SER J 271 29.21 -14.29 1.20
CA SER J 271 29.14 -13.20 0.23
C SER J 271 27.82 -12.43 0.36
N LEU J 272 26.71 -13.11 0.10
CA LEU J 272 25.39 -12.65 0.46
C LEU J 272 24.76 -13.51 1.53
N ASP J 273 25.15 -14.78 1.60
CA ASP J 273 24.71 -15.69 2.63
C ASP J 273 25.84 -16.71 2.81
N VAL J 274 25.66 -17.65 3.73
CA VAL J 274 26.69 -18.64 4.00
C VAL J 274 26.69 -19.68 2.88
N VAL J 275 27.87 -20.20 2.58
CA VAL J 275 28.00 -21.22 1.54
C VAL J 275 28.33 -22.54 2.22
N PHE J 276 28.10 -23.62 1.50
CA PHE J 276 28.28 -24.97 2.01
C PHE J 276 29.35 -25.66 1.20
N GLY J 277 29.66 -26.90 1.55
CA GLY J 277 30.34 -27.78 0.62
C GLY J 277 29.73 -29.15 0.67
N GLU J 278 29.12 -29.62 -0.41
CA GLU J 278 28.50 -30.93 -0.41
C GLU J 278 29.37 -31.94 -1.15
N ARG J 279 29.20 -33.20 -0.78
CA ARG J 279 29.90 -34.31 -1.42
C ARG J 279 28.96 -35.46 -1.64
N LYS J 280 27.72 -35.16 -1.99
CA LYS J 280 26.66 -36.16 -1.97
C LYS J 280 26.75 -37.08 -3.18
N LEU J 281 26.07 -38.21 -3.08
CA LEU J 281 25.91 -39.15 -4.17
C LEU J 281 24.68 -39.98 -3.90
N LYS J 282 24.00 -40.39 -4.99
CA LYS J 282 22.75 -41.15 -4.87
C LYS J 282 22.83 -42.31 -5.85
N THR J 283 23.40 -43.42 -5.41
CA THR J 283 23.61 -44.55 -6.29
C THR J 283 22.84 -45.77 -5.82
N THR J 284 23.08 -46.90 -6.47
CA THR J 284 22.41 -48.15 -6.13
C THR J 284 23.38 -49.28 -6.45
N VAL J 285 23.93 -49.91 -5.42
CA VAL J 285 24.96 -50.91 -5.61
C VAL J 285 24.40 -52.28 -5.24
N LEU J 286 25.17 -53.32 -5.56
CA LEU J 286 24.83 -54.69 -5.23
C LEU J 286 26.10 -55.36 -4.72
N ALA J 287 26.31 -55.30 -3.42
CA ALA J 287 27.51 -55.84 -2.81
C ALA J 287 27.28 -57.27 -2.35
N ASN J 288 28.37 -57.92 -1.94
CA ASN J 288 28.31 -59.27 -1.43
C ASN J 288 27.97 -59.28 0.06
N ASP J 289 28.19 -60.42 0.72
CA ASP J 289 27.67 -60.60 2.07
C ASP J 289 28.43 -59.75 3.09
N GLY J 290 29.74 -59.64 2.95
CA GLY J 290 30.52 -58.83 3.86
C GLY J 290 31.68 -58.13 3.19
N GLU J 291 31.68 -58.13 1.86
CA GLU J 291 32.80 -57.63 1.09
C GLU J 291 32.62 -56.15 0.79
N LEU J 292 33.73 -55.44 0.69
CA LEU J 292 33.70 -54.03 0.37
C LEU J 292 33.45 -53.83 -1.12
N ILE J 293 32.84 -52.70 -1.45
CA ILE J 293 32.74 -52.28 -2.84
C ILE J 293 32.90 -50.76 -2.88
N VAL J 294 33.64 -50.28 -3.86
CA VAL J 294 33.82 -48.84 -4.03
C VAL J 294 32.60 -48.26 -4.73
N LEU J 295 32.06 -47.18 -4.18
CA LEU J 295 30.90 -46.54 -4.76
C LEU J 295 31.29 -45.38 -5.67
N GLY J 296 31.95 -44.38 -5.11
CA GLY J 296 32.30 -43.21 -5.88
C GLY J 296 33.72 -42.79 -5.61
N GLY J 297 34.06 -41.57 -5.98
CA GLY J 297 35.40 -41.10 -5.71
C GLY J 297 35.74 -39.91 -6.56
N LEU J 298 36.90 -39.35 -6.28
CA LEU J 298 37.44 -38.23 -7.04
C LEU J 298 38.94 -38.18 -6.77
N MET J 299 39.74 -38.36 -7.82
CA MET J 299 41.18 -38.23 -7.71
C MET J 299 41.56 -36.94 -8.42
N ASP J 300 41.46 -35.84 -7.69
CA ASP J 300 41.87 -34.55 -8.22
C ASP J 300 43.39 -34.49 -8.29
N ASP J 301 43.88 -33.70 -9.23
CA ASP J 301 45.33 -33.54 -9.44
C ASP J 301 45.52 -32.25 -10.21
N GLN J 302 46.29 -31.33 -9.66
CA GLN J 302 46.54 -30.06 -10.32
C GLN J 302 48.02 -29.80 -10.43
N ALA J 303 48.34 -28.70 -11.07
CA ALA J 303 49.70 -28.17 -11.17
C ALA J 303 49.59 -26.68 -11.42
N GLY J 304 50.70 -26.05 -11.76
CA GLY J 304 50.67 -24.63 -11.99
C GLY J 304 52.05 -24.04 -12.14
N GLU J 305 52.13 -22.87 -12.78
CA GLU J 305 53.38 -22.18 -13.02
C GLU J 305 53.06 -20.75 -13.42
N SER J 306 53.76 -19.79 -12.82
CA SER J 306 53.62 -18.39 -13.21
C SER J 306 54.97 -17.72 -12.99
N VAL J 307 55.79 -17.70 -14.03
CA VAL J 307 57.06 -16.99 -14.01
C VAL J 307 56.82 -15.63 -14.64
N ALA J 308 57.58 -14.62 -14.20
CA ALA J 308 57.40 -13.26 -14.69
C ALA J 308 58.78 -12.65 -14.91
N LYS J 309 59.29 -12.74 -16.14
CA LYS J 309 60.65 -12.31 -16.43
C LYS J 309 60.77 -10.82 -16.65
N VAL J 310 61.94 -10.41 -17.12
CA VAL J 310 62.19 -9.13 -17.75
C VAL J 310 62.84 -9.54 -19.08
N PRO J 311 62.34 -9.04 -20.25
CA PRO J 311 62.49 -9.78 -21.53
C PRO J 311 63.89 -10.17 -21.99
N LEU J 312 64.87 -9.28 -21.95
CA LEU J 312 66.20 -9.65 -22.41
C LEU J 312 67.03 -10.19 -21.26
N LEU J 313 67.05 -9.49 -20.13
CA LEU J 313 67.85 -9.91 -18.97
C LEU J 313 67.05 -10.77 -17.99
N GLY J 314 66.36 -11.76 -18.54
CA GLY J 314 65.64 -12.71 -17.71
C GLY J 314 66.13 -14.13 -17.89
N ASP J 315 66.65 -14.43 -19.07
CA ASP J 315 67.19 -15.75 -19.37
C ASP J 315 68.71 -15.81 -19.27
N ILE J 316 69.31 -14.94 -18.45
CA ILE J 316 70.72 -15.03 -18.12
C ILE J 316 70.89 -16.30 -17.29
N PRO J 317 71.80 -17.21 -17.65
CA PRO J 317 71.85 -18.50 -16.96
C PRO J 317 72.46 -18.43 -15.56
N LEU J 318 73.07 -17.31 -15.21
CA LEU J 318 73.73 -17.21 -13.92
C LEU J 318 73.01 -16.26 -12.97
N ILE J 319 72.80 -15.01 -13.38
CA ILE J 319 72.24 -14.01 -12.49
C ILE J 319 70.84 -13.61 -12.95
N GLY J 320 70.31 -14.32 -13.94
CA GLY J 320 68.97 -14.06 -14.41
C GLY J 320 67.89 -14.48 -13.44
N ASN J 321 68.24 -15.37 -12.51
CA ASN J 321 67.31 -15.92 -11.54
C ASN J 321 66.77 -14.85 -10.59
N LEU J 322 67.55 -13.80 -10.35
CA LEU J 322 67.10 -12.70 -9.51
C LEU J 322 66.50 -11.57 -10.35
N PHE J 323 65.66 -11.98 -11.30
CA PHE J 323 64.84 -11.04 -12.04
C PHE J 323 63.42 -11.55 -12.22
N LYS J 324 63.20 -12.83 -11.98
CA LYS J 324 61.92 -13.47 -12.24
C LYS J 324 61.23 -13.78 -10.92
N SER J 325 59.91 -13.62 -10.90
CA SER J 325 59.10 -13.95 -9.73
C SER J 325 58.44 -15.29 -9.97
N THR J 326 59.18 -16.37 -9.78
CA THR J 326 58.75 -17.70 -10.15
C THR J 326 57.71 -18.20 -9.13
N ALA J 327 56.45 -18.17 -9.52
CA ALA J 327 55.44 -18.83 -8.71
C ALA J 327 55.41 -20.32 -9.02
N ASP J 328 54.63 -21.05 -8.24
CA ASP J 328 54.37 -22.46 -8.43
C ASP J 328 53.13 -22.79 -7.63
N LYS J 329 52.49 -23.91 -7.98
CA LYS J 329 51.41 -24.47 -7.17
C LYS J 329 51.26 -25.93 -7.51
N LYS J 330 51.59 -26.81 -6.58
CA LYS J 330 51.33 -28.24 -6.73
C LYS J 330 50.25 -28.62 -5.75
N GLU J 331 49.28 -29.40 -6.21
CA GLU J 331 48.16 -29.79 -5.37
C GLU J 331 47.65 -31.14 -5.84
N LYS J 332 47.23 -31.97 -4.88
CA LYS J 332 46.71 -33.29 -5.18
C LYS J 332 45.75 -33.67 -4.08
N ARG J 333 44.60 -34.21 -4.46
CA ARG J 333 43.56 -34.51 -3.48
C ARG J 333 42.77 -35.72 -3.93
N ASN J 334 42.75 -36.75 -3.09
CA ASN J 334 42.01 -37.97 -3.36
C ASN J 334 40.78 -38.04 -2.47
N LEU J 335 39.83 -38.87 -2.89
CA LEU J 335 38.57 -39.03 -2.17
C LEU J 335 37.96 -40.35 -2.60
N MET J 336 37.41 -41.09 -1.63
CA MET J 336 36.72 -42.34 -1.92
C MET J 336 35.53 -42.49 -1.00
N VAL J 337 34.58 -43.31 -1.41
CA VAL J 337 33.42 -43.69 -0.61
C VAL J 337 33.25 -45.19 -0.74
N PHE J 338 33.41 -45.91 0.36
CA PHE J 338 33.30 -47.36 0.39
C PHE J 338 32.05 -47.74 1.16
N ILE J 339 31.76 -49.04 1.21
CA ILE J 339 30.63 -49.54 1.97
C ILE J 339 30.94 -50.99 2.36
N ARG J 340 30.24 -51.50 3.35
CA ARG J 340 30.33 -52.91 3.74
C ARG J 340 29.00 -53.30 4.36
N PRO J 341 28.17 -54.04 3.65
CA PRO J 341 26.98 -54.60 4.28
C PRO J 341 27.31 -55.82 5.13
N THR J 342 26.48 -56.05 6.14
CA THR J 342 26.68 -57.15 7.07
C THR J 342 25.30 -57.62 7.52
N ILE J 343 24.85 -58.77 7.02
CA ILE J 343 23.57 -59.28 7.47
C ILE J 343 23.74 -59.93 8.83
N LEU J 344 22.67 -59.91 9.62
CA LEU J 344 22.68 -60.44 10.97
C LEU J 344 21.62 -61.52 11.07
N ARG J 345 22.06 -62.76 11.27
CA ARG J 345 21.14 -63.89 11.26
C ARG J 345 20.35 -64.00 12.56
N ASP J 346 21.04 -64.24 13.66
CA ASP J 346 20.42 -64.66 14.91
C ASP J 346 21.10 -63.92 16.05
N GLY J 347 20.92 -64.43 17.27
CA GLY J 347 21.60 -63.89 18.43
C GLY J 347 23.10 -64.11 18.43
N MET J 348 23.58 -65.05 17.62
CA MET J 348 25.03 -65.21 17.46
C MET J 348 25.63 -64.07 16.64
N ALA J 349 24.89 -63.57 15.65
CA ALA J 349 25.41 -62.51 14.80
C ALA J 349 25.43 -61.18 15.53
N ALA J 350 24.29 -60.81 16.14
CA ALA J 350 24.25 -59.61 16.97
C ALA J 350 25.08 -59.77 18.24
N ASP J 351 25.30 -61.01 18.69
CA ASP J 351 26.28 -61.29 19.72
C ASP J 351 27.67 -60.87 19.26
N GLY J 352 28.05 -61.26 18.04
CA GLY J 352 29.36 -60.91 17.51
C GLY J 352 29.55 -59.43 17.27
N VAL J 353 28.65 -58.82 16.50
CA VAL J 353 28.81 -57.42 16.11
C VAL J 353 28.55 -56.50 17.29
N SER J 354 27.45 -56.75 18.02
CA SER J 354 27.15 -55.91 19.17
C SER J 354 28.13 -56.13 20.31
N GLN J 355 28.74 -57.32 20.38
CA GLN J 355 29.76 -57.57 21.39
C GLN J 355 31.05 -56.84 21.05
N ARG J 356 31.45 -56.84 19.77
CA ARG J 356 32.70 -56.17 19.43
C ARG J 356 32.55 -54.65 19.44
N LYS J 357 31.38 -54.12 19.07
CA LYS J 357 31.20 -52.68 19.15
C LYS J 357 31.02 -52.23 20.60
N TYR J 358 30.20 -52.96 21.37
CA TYR J 358 29.93 -52.58 22.75
C TYR J 358 31.17 -52.73 23.62
N ASN J 359 31.85 -53.88 23.52
CA ASN J 359 33.07 -54.06 24.30
C ASN J 359 34.26 -53.31 23.72
N TYR J 360 34.19 -52.90 22.46
CA TYR J 360 35.22 -52.01 21.94
C TYR J 360 35.08 -50.61 22.50
N MET J 361 33.85 -50.08 22.54
CA MET J 361 33.65 -48.74 23.07
C MET J 361 33.81 -48.71 24.58
N ARG J 362 33.32 -49.75 25.27
CA ARG J 362 33.56 -49.88 26.70
C ARG J 362 35.05 -50.04 26.97
N ALA J 363 35.75 -50.77 26.11
CA ALA J 363 37.20 -50.90 26.24
C ALA J 363 37.90 -49.57 26.07
N GLU J 364 37.40 -48.71 25.16
CA GLU J 364 37.96 -47.37 25.03
C GLU J 364 37.66 -46.51 26.25
N GLN J 365 36.51 -46.70 26.89
CA GLN J 365 36.26 -45.99 28.14
C GLN J 365 37.14 -46.52 29.27
N ILE J 366 37.52 -47.79 29.22
CA ILE J 366 38.51 -48.31 30.17
C ILE J 366 39.87 -47.68 29.90
N TYR J 367 40.22 -47.48 28.63
CA TYR J 367 41.42 -46.70 28.33
C TYR J 367 41.26 -45.22 28.64
N ARG J 368 40.05 -44.75 28.90
CA ARG J 368 39.87 -43.44 29.51
C ARG J 368 39.77 -43.50 31.02
N ASP J 369 39.76 -44.70 31.60
CA ASP J 369 39.74 -44.85 33.05
C ASP J 369 41.14 -45.07 33.63
N GLU J 370 41.94 -45.93 32.99
CA GLU J 370 43.34 -46.08 33.38
C GLU J 370 44.12 -44.80 33.11
N GLN J 371 43.94 -44.23 31.93
CA GLN J 371 44.41 -42.88 31.64
C GLN J 371 43.45 -41.92 32.35
N GLY J 372 43.74 -41.66 33.61
CA GLY J 372 42.85 -40.90 34.46
C GLY J 372 42.99 -39.40 34.26
N LEU J 373 42.17 -38.67 35.02
CA LEU J 373 42.23 -37.22 34.99
C LEU J 373 43.51 -36.73 35.65
N SER J 374 43.97 -35.55 35.22
CA SER J 374 45.24 -35.02 35.70
C SER J 374 45.15 -34.45 37.10
N LEU J 375 43.96 -34.21 37.61
CA LEU J 375 43.79 -33.54 38.90
C LEU J 375 43.31 -34.50 40.00
N MET J 376 42.19 -35.18 39.77
CA MET J 376 41.59 -36.02 40.80
C MET J 376 41.60 -37.47 40.37
N PRO J 377 42.44 -38.31 40.98
CA PRO J 377 42.33 -39.76 40.71
C PRO J 377 41.08 -40.37 41.32
N HIS J 378 40.51 -39.75 42.35
CA HIS J 378 39.33 -40.29 43.02
C HIS J 378 38.05 -39.69 42.43
N THR J 379 37.89 -39.91 41.13
CA THR J 379 36.70 -39.47 40.41
C THR J 379 36.40 -40.50 39.33
N ALA J 380 35.20 -41.07 39.36
CA ALA J 380 34.84 -42.15 38.46
C ALA J 380 34.53 -41.61 37.08
N GLN J 381 35.14 -42.21 36.07
CA GLN J 381 34.78 -41.91 34.69
C GLN J 381 33.43 -42.54 34.35
N PRO J 382 32.68 -41.96 33.40
CA PRO J 382 31.48 -42.64 32.90
C PRO J 382 31.82 -43.91 32.14
N ILE J 383 31.48 -45.06 32.71
CA ILE J 383 31.81 -46.34 32.11
C ILE J 383 30.52 -47.10 31.84
N LEU J 384 30.53 -47.90 30.78
CA LEU J 384 29.39 -48.72 30.41
C LEU J 384 29.17 -49.83 31.43
N PRO J 385 27.94 -50.39 31.50
CA PRO J 385 27.70 -51.52 32.42
C PRO J 385 28.45 -52.80 32.04
N ALA J 386 28.25 -53.83 32.85
CA ALA J 386 29.11 -55.01 32.79
C ALA J 386 28.86 -55.85 31.54
N GLN J 387 27.63 -56.34 31.38
CA GLN J 387 27.34 -57.25 30.27
C GLN J 387 25.99 -56.95 29.63
N GLY K 1 -31.96 -59.94 26.55
CA GLY K 1 -32.38 -61.15 25.87
C GLY K 1 -31.91 -61.21 24.44
N ASN K 2 -32.45 -60.33 23.61
CA ASN K 2 -32.05 -60.26 22.21
C ASN K 2 -30.68 -59.61 22.11
N SER K 3 -30.55 -58.39 22.61
CA SER K 3 -29.26 -57.72 22.65
C SER K 3 -28.60 -57.90 24.01
N GLN K 4 -27.27 -57.81 24.02
CA GLN K 4 -26.51 -58.01 25.24
C GLN K 4 -25.46 -56.92 25.38
N VAL K 5 -24.88 -56.85 26.57
CA VAL K 5 -23.86 -55.87 26.91
C VAL K 5 -22.63 -56.60 27.40
N PHE K 6 -21.49 -56.34 26.77
CA PHE K 6 -20.23 -56.95 27.14
C PHE K 6 -19.34 -55.90 27.80
N TYR K 7 -18.78 -56.24 28.97
CA TYR K 7 -17.81 -55.39 29.61
C TYR K 7 -16.42 -55.83 29.18
N LEU K 8 -15.72 -54.95 28.47
CA LEU K 8 -14.36 -55.25 28.05
C LEU K 8 -13.43 -55.18 29.26
N LYS K 9 -12.54 -56.16 29.38
CA LYS K 9 -11.71 -56.29 30.57
C LYS K 9 -10.28 -55.81 30.37
N TYR K 10 -9.83 -55.66 29.13
CA TYR K 10 -8.47 -55.19 28.90
C TYR K 10 -8.32 -54.21 27.75
N SER K 11 -9.41 -53.82 27.09
CA SER K 11 -9.30 -52.99 25.90
C SER K 11 -10.36 -51.90 25.92
N LYS K 12 -10.08 -50.83 25.18
CA LYS K 12 -11.04 -49.75 25.07
C LYS K 12 -12.21 -50.15 24.19
N ALA K 13 -13.32 -49.44 24.35
CA ALA K 13 -14.54 -49.80 23.63
C ALA K 13 -14.57 -49.25 22.22
N GLU K 14 -14.01 -48.05 22.02
CA GLU K 14 -14.09 -47.41 20.71
C GLU K 14 -13.24 -48.12 19.68
N ASP K 15 -12.13 -48.73 20.12
CA ASP K 15 -11.31 -49.54 19.23
C ASP K 15 -12.07 -50.78 18.78
N LEU K 16 -12.77 -51.43 19.71
CA LEU K 16 -13.52 -52.63 19.40
C LEU K 16 -14.72 -52.33 18.51
N VAL K 17 -15.36 -51.16 18.66
CA VAL K 17 -16.44 -50.88 17.73
C VAL K 17 -15.89 -50.48 16.37
N ASP K 18 -14.72 -49.81 16.33
CA ASP K 18 -14.10 -49.48 15.05
C ASP K 18 -13.65 -50.71 14.29
N VAL K 19 -13.34 -51.79 15.00
CA VAL K 19 -13.09 -53.06 14.33
C VAL K 19 -14.41 -53.71 13.92
N LEU K 20 -15.35 -53.82 14.86
CA LEU K 20 -16.53 -54.64 14.65
C LEU K 20 -17.61 -53.98 13.81
N LYS K 21 -17.41 -52.76 13.28
CA LYS K 21 -18.32 -52.31 12.24
C LYS K 21 -18.12 -53.07 10.93
N GLN K 22 -16.95 -53.69 10.75
CA GLN K 22 -16.65 -54.38 9.50
C GLN K 22 -16.99 -55.86 9.54
N VAL K 23 -17.00 -56.47 10.72
CA VAL K 23 -17.21 -57.92 10.82
C VAL K 23 -18.66 -58.27 10.58
N SER K 24 -19.57 -57.61 11.30
CA SER K 24 -20.99 -57.92 11.15
C SER K 24 -21.55 -57.44 9.81
N GLY K 25 -20.99 -56.35 9.28
CA GLY K 25 -21.56 -55.71 8.10
C GLY K 25 -21.50 -56.55 6.85
N THR K 26 -20.57 -57.50 6.78
CA THR K 26 -20.61 -58.53 5.75
C THR K 26 -20.84 -59.91 6.33
N LEU K 27 -20.79 -60.05 7.65
CA LEU K 27 -21.12 -61.34 8.27
C LEU K 27 -22.60 -61.64 8.20
N THR K 28 -23.45 -60.61 8.06
CA THR K 28 -24.88 -60.85 7.83
C THR K 28 -25.14 -61.53 6.49
N ALA K 29 -24.30 -61.26 5.50
CA ALA K 29 -24.45 -61.90 4.19
C ALA K 29 -24.00 -63.35 4.24
N VAL K 44 -31.01 -54.96 11.75
CA VAL K 44 -30.04 -55.90 11.22
C VAL K 44 -29.04 -56.21 12.34
N VAL K 45 -28.00 -55.39 12.44
CA VAL K 45 -27.00 -55.50 13.51
C VAL K 45 -26.69 -54.10 14.02
N SER K 46 -26.31 -54.04 15.29
CA SER K 46 -25.90 -52.76 15.89
C SER K 46 -24.80 -53.00 16.89
N ILE K 47 -23.67 -52.34 16.69
CA ILE K 47 -22.57 -52.34 17.64
C ILE K 47 -22.37 -50.88 18.04
N ALA K 48 -22.65 -50.57 19.30
CA ALA K 48 -22.44 -49.24 19.85
C ALA K 48 -21.64 -49.35 21.14
N ALA K 49 -20.80 -48.35 21.39
CA ALA K 49 -19.83 -48.40 22.47
C ALA K 49 -20.11 -47.30 23.47
N SER K 50 -20.46 -47.69 24.69
CA SER K 50 -20.61 -46.74 25.80
C SER K 50 -19.22 -46.37 26.30
N LYS K 51 -18.79 -45.14 25.99
CA LYS K 51 -17.41 -44.76 26.25
C LYS K 51 -17.16 -44.53 27.75
N HIS K 52 -18.14 -43.96 28.44
CA HIS K 52 -17.92 -43.60 29.84
C HIS K 52 -17.92 -44.82 30.75
N SER K 53 -18.59 -45.89 30.36
CA SER K 53 -18.78 -47.04 31.24
C SER K 53 -18.07 -48.30 30.75
N ASN K 54 -17.23 -48.19 29.72
CA ASN K 54 -16.32 -49.25 29.23
C ASN K 54 -17.09 -50.49 28.80
N ALA K 55 -18.01 -50.30 27.86
CA ALA K 55 -18.82 -51.41 27.40
C ALA K 55 -19.30 -51.14 25.98
N LEU K 56 -19.24 -52.18 25.15
CA LEU K 56 -19.86 -52.14 23.84
C LEU K 56 -21.13 -52.98 23.87
N ILE K 57 -22.10 -52.62 23.05
CA ILE K 57 -23.42 -53.23 23.07
C ILE K 57 -23.68 -53.89 21.73
N VAL K 58 -23.92 -55.20 21.76
CA VAL K 58 -24.15 -55.98 20.55
C VAL K 58 -25.64 -56.24 20.43
N THR K 59 -26.20 -55.90 19.27
CA THR K 59 -27.59 -56.22 18.94
C THR K 59 -27.57 -57.05 17.67
N ALA K 60 -27.86 -58.34 17.79
CA ALA K 60 -27.65 -59.28 16.70
C ALA K 60 -28.52 -60.49 16.92
N PRO K 61 -28.82 -61.27 15.87
CA PRO K 61 -29.46 -62.56 16.07
C PRO K 61 -28.54 -63.55 16.78
N GLN K 62 -29.12 -64.71 17.13
CA GLN K 62 -28.46 -65.65 18.02
C GLN K 62 -27.25 -66.32 17.36
N ASP K 63 -27.27 -66.47 16.05
CA ASP K 63 -26.15 -67.12 15.37
C ASP K 63 -24.97 -66.16 15.23
N ILE K 64 -25.25 -64.89 14.98
CA ILE K 64 -24.19 -63.89 14.90
C ILE K 64 -23.65 -63.57 16.29
N MET K 65 -24.49 -63.73 17.32
CA MET K 65 -24.12 -63.36 18.69
C MET K 65 -23.02 -64.26 19.23
N GLN K 66 -23.02 -65.54 18.86
CA GLN K 66 -21.96 -66.43 19.30
C GLN K 66 -20.65 -66.15 18.56
N SER K 67 -20.74 -65.74 17.30
CA SER K 67 -19.55 -65.39 16.54
C SER K 67 -18.89 -64.14 17.09
N LEU K 68 -19.67 -63.06 17.24
CA LEU K 68 -19.13 -61.82 17.78
C LEU K 68 -18.74 -61.96 19.25
N GLN K 69 -19.44 -62.82 19.99
CA GLN K 69 -19.05 -63.12 21.35
C GLN K 69 -17.71 -63.84 21.38
N SER K 70 -17.48 -64.74 20.43
CA SER K 70 -16.20 -65.44 20.37
C SER K 70 -15.06 -64.50 19.97
N VAL K 71 -15.35 -63.54 19.08
CA VAL K 71 -14.32 -62.59 18.67
C VAL K 71 -13.97 -61.65 19.81
N ILE K 72 -14.98 -61.18 20.55
CA ILE K 72 -14.73 -60.35 21.73
C ILE K 72 -13.99 -61.13 22.82
N GLU K 73 -14.29 -62.42 22.95
CA GLU K 73 -13.53 -63.26 23.88
C GLU K 73 -12.10 -63.46 23.42
N GLN K 74 -11.84 -63.41 22.12
CA GLN K 74 -10.47 -63.60 21.64
C GLN K 74 -9.67 -62.31 21.52
N LEU K 75 -10.32 -61.14 21.59
CA LEU K 75 -9.58 -59.88 21.53
C LEU K 75 -9.33 -59.26 22.89
N ASP K 76 -10.13 -59.59 23.90
CA ASP K 76 -9.98 -59.01 25.23
C ASP K 76 -8.86 -59.77 25.94
N ILE K 77 -7.62 -59.37 25.62
CA ILE K 77 -6.44 -60.11 26.06
C ILE K 77 -5.50 -59.17 26.83
N ARG K 78 -4.70 -59.78 27.70
CA ARG K 78 -3.71 -59.04 28.47
C ARG K 78 -2.59 -58.56 27.57
N ARG K 79 -2.33 -57.25 27.60
CA ARG K 79 -1.31 -56.64 26.78
C ARG K 79 -0.03 -56.49 27.60
N ALA K 80 1.08 -57.01 27.07
CA ALA K 80 2.33 -56.88 27.79
C ALA K 80 2.95 -55.51 27.56
N GLN K 81 3.92 -55.17 28.38
CA GLN K 81 4.52 -53.85 28.36
C GLN K 81 6.03 -53.94 28.35
N VAL K 82 6.66 -53.00 27.66
CA VAL K 82 8.06 -53.07 27.26
C VAL K 82 8.78 -51.83 27.75
N HIS K 83 9.85 -52.00 28.51
CA HIS K 83 10.72 -50.91 28.91
C HIS K 83 11.91 -50.86 27.96
N VAL K 84 12.06 -49.73 27.27
CA VAL K 84 13.09 -49.55 26.27
C VAL K 84 14.15 -48.61 26.84
N GLU K 85 15.41 -49.04 26.81
CA GLU K 85 16.51 -48.27 27.37
C GLU K 85 17.58 -48.09 26.30
N ALA K 86 17.72 -46.87 25.80
CA ALA K 86 18.64 -46.59 24.69
C ALA K 86 19.84 -45.83 25.23
N LEU K 87 21.03 -46.38 25.02
CA LEU K 87 22.25 -45.75 25.48
C LEU K 87 22.87 -44.89 24.39
N ILE K 88 23.68 -43.93 24.82
CA ILE K 88 24.37 -43.01 23.91
C ILE K 88 25.78 -42.85 24.43
N VAL K 89 26.77 -43.18 23.61
CA VAL K 89 28.16 -43.04 23.98
C VAL K 89 28.82 -42.06 23.03
N GLU K 90 29.55 -41.09 23.57
CA GLU K 90 30.33 -40.17 22.74
C GLU K 90 31.69 -39.97 23.38
N VAL K 91 32.74 -40.37 22.68
CA VAL K 91 34.11 -40.20 23.13
C VAL K 91 34.83 -39.34 22.11
N ALA K 92 35.48 -38.28 22.57
CA ALA K 92 36.19 -37.36 21.69
C ALA K 92 37.62 -37.20 22.17
N GLU K 93 38.48 -36.70 21.29
CA GLU K 93 39.87 -36.40 21.61
C GLU K 93 40.41 -35.42 20.59
N GLY K 94 40.91 -34.28 21.05
CA GLY K 94 41.47 -33.30 20.14
C GLY K 94 42.76 -32.69 20.66
N SER K 95 43.82 -32.77 19.87
CA SER K 95 45.14 -32.26 20.28
C SER K 95 45.87 -31.75 19.04
N ASN K 96 46.16 -30.45 19.02
CA ASN K 96 46.93 -29.83 17.95
C ASN K 96 48.14 -29.13 18.51
N ILE K 97 49.26 -29.23 17.79
CA ILE K 97 50.53 -28.66 18.23
C ILE K 97 50.89 -27.54 17.27
N ASN K 98 51.10 -26.33 17.80
CA ASN K 98 51.60 -25.24 16.99
C ASN K 98 53.07 -24.98 17.32
N PHE K 99 53.74 -24.31 16.38
CA PHE K 99 55.12 -23.90 16.54
C PHE K 99 55.35 -22.76 15.56
N GLY K 100 56.36 -21.95 15.84
CA GLY K 100 56.65 -20.86 14.94
C GLY K 100 57.76 -19.94 15.39
N VAL K 101 58.64 -19.59 14.46
CA VAL K 101 59.73 -18.66 14.69
C VAL K 101 59.58 -17.52 13.70
N GLN K 102 59.55 -16.30 14.20
CA GLN K 102 59.36 -15.11 13.37
C GLN K 102 60.48 -14.13 13.65
N TRP K 103 61.38 -13.97 12.69
CA TRP K 103 62.46 -13.01 12.78
C TRP K 103 61.99 -11.66 12.29
N GLY K 104 62.54 -10.60 12.85
CA GLY K 104 62.18 -9.27 12.42
C GLY K 104 63.21 -8.21 12.74
N SER K 105 63.60 -7.44 11.73
CA SER K 105 64.45 -6.28 11.91
C SER K 105 63.72 -5.04 11.44
N LYS K 106 63.99 -3.91 12.08
CA LYS K 106 63.26 -2.69 11.74
C LYS K 106 63.75 -2.10 10.43
N ASP K 107 65.01 -2.33 10.07
CA ASP K 107 65.58 -1.78 8.85
C ASP K 107 65.98 -2.82 7.82
N ALA K 108 65.78 -4.10 8.09
CA ALA K 108 66.27 -5.16 7.20
C ALA K 108 65.19 -6.21 6.98
N GLY K 109 63.95 -5.79 6.86
CA GLY K 109 62.87 -6.70 6.53
C GLY K 109 62.44 -7.57 7.70
N LEU K 110 61.47 -8.45 7.42
CA LEU K 110 60.87 -9.29 8.43
C LEU K 110 60.59 -10.67 7.86
N MET K 111 60.50 -11.67 8.74
CA MET K 111 60.11 -13.02 8.37
C MET K 111 58.90 -13.41 9.19
N GLN K 112 57.73 -13.43 8.57
CA GLN K 112 56.53 -13.81 9.29
C GLN K 112 55.89 -15.02 8.61
N PHE K 113 54.90 -15.60 9.29
CA PHE K 113 54.14 -16.73 8.78
C PHE K 113 52.71 -16.61 9.29
N ALA K 114 51.82 -17.43 8.75
CA ALA K 114 50.45 -17.52 9.22
C ALA K 114 50.00 -18.98 9.22
N ASN K 115 48.87 -19.21 9.89
CA ASN K 115 48.17 -20.51 9.94
C ASN K 115 49.08 -21.61 10.49
N GLY K 116 49.37 -21.48 11.79
CA GLY K 116 50.23 -22.44 12.47
C GLY K 116 51.12 -21.79 13.48
N THR K 117 51.39 -20.50 13.28
CA THR K 117 52.02 -19.67 14.29
C THR K 117 51.06 -18.68 14.92
N GLN K 118 49.91 -18.44 14.29
CA GLN K 118 48.72 -17.80 14.86
C GLN K 118 48.90 -16.34 15.28
N ILE K 119 50.08 -15.76 15.08
CA ILE K 119 50.33 -14.36 15.36
C ILE K 119 51.44 -13.84 14.46
N PRO K 120 51.14 -12.97 13.51
CA PRO K 120 52.19 -12.45 12.63
C PRO K 120 53.04 -11.42 13.36
N ILE K 121 54.29 -11.30 12.93
CA ILE K 121 55.17 -10.28 13.48
C ILE K 121 54.82 -8.91 12.89
N GLY K 122 54.15 -8.88 11.74
CA GLY K 122 53.78 -7.61 11.17
C GLY K 122 52.61 -6.96 11.88
N THR K 123 51.60 -7.76 12.23
CA THR K 123 50.45 -7.22 12.94
C THR K 123 50.79 -6.92 14.39
N LEU K 124 51.61 -7.76 15.02
CA LEU K 124 51.98 -7.53 16.41
C LEU K 124 52.98 -6.38 16.51
N GLY K 125 53.90 -6.29 15.55
CA GLY K 125 54.79 -5.14 15.51
C GLY K 125 54.07 -3.86 15.16
N ALA K 126 52.98 -3.95 14.40
CA ALA K 126 52.15 -2.77 14.13
C ALA K 126 51.36 -2.38 15.36
N ALA K 127 50.89 -3.36 16.13
CA ALA K 127 50.11 -3.05 17.32
C ALA K 127 50.98 -2.47 18.42
N ILE K 128 52.15 -3.07 18.66
CA ILE K 128 53.09 -2.55 19.65
C ILE K 128 53.68 -1.23 19.17
N SER K 129 53.88 -1.08 17.86
CA SER K 129 54.32 0.19 17.30
C SER K 129 53.26 1.27 17.47
N ALA K 130 51.98 0.88 17.51
CA ALA K 130 50.92 1.83 17.82
C ALA K 130 50.67 1.95 19.32
N ALA K 131 51.40 1.20 20.15
CA ALA K 131 51.11 1.15 21.58
C ALA K 131 51.97 2.07 22.42
N LYS K 132 53.15 2.44 21.95
CA LYS K 132 54.00 3.33 22.75
C LYS K 132 53.45 4.75 22.70
N PRO K 133 53.28 5.40 23.84
CA PRO K 133 52.48 6.64 23.88
C PRO K 133 53.19 7.84 23.29
N GLN K 134 52.39 8.71 22.68
CA GLN K 134 52.87 9.97 22.14
C GLN K 134 52.92 11.02 23.23
N LYS K 135 53.61 12.12 22.94
CA LYS K 135 53.70 13.23 23.86
C LYS K 135 52.83 14.39 23.40
N GLY K 136 52.72 15.41 24.25
CA GLY K 136 51.91 16.57 23.97
C GLY K 136 52.74 17.74 23.48
N SER K 137 52.15 18.94 23.62
CA SER K 137 52.81 20.16 23.20
C SER K 137 53.92 20.56 24.17
N ASN K 149 49.85 19.55 25.65
CA ASN K 149 50.59 19.70 26.90
C ASN K 149 50.56 18.43 27.80
N PRO K 150 49.40 17.72 27.97
CA PRO K 150 49.49 16.39 28.60
C PRO K 150 49.89 15.29 27.63
N ASP K 151 50.58 14.26 28.12
CA ASP K 151 50.99 13.12 27.31
C ASP K 151 50.10 11.92 27.66
N THR K 152 49.28 11.51 26.69
CA THR K 152 48.31 10.45 26.93
C THR K 152 48.94 9.07 26.72
N ASN K 153 48.86 8.22 27.74
CA ASN K 153 49.21 6.81 27.65
C ASN K 153 47.90 6.02 27.54
N GLY K 154 47.28 6.10 26.36
CA GLY K 154 45.99 5.46 26.17
C GLY K 154 45.81 4.85 24.79
N ASP K 155 46.90 4.65 24.07
CA ASP K 155 46.86 4.02 22.76
C ASP K 155 46.94 2.50 22.91
N LEU K 156 45.77 1.86 22.88
CA LEU K 156 45.68 0.43 23.16
C LEU K 156 44.39 -0.06 22.50
N SER K 157 43.89 -1.22 22.93
CA SER K 157 42.76 -1.97 22.38
C SER K 157 43.00 -2.43 20.95
N THR K 158 44.27 -2.58 20.58
CA THR K 158 44.69 -3.30 19.39
C THR K 158 45.43 -4.57 19.76
N LEU K 159 46.30 -4.50 20.77
CA LEU K 159 46.82 -5.72 21.38
C LEU K 159 45.73 -6.44 22.17
N ALA K 160 44.75 -5.70 22.68
CA ALA K 160 43.67 -6.32 23.42
C ALA K 160 42.71 -7.07 22.51
N GLN K 161 42.71 -6.77 21.21
CA GLN K 161 41.92 -7.52 20.25
C GLN K 161 42.75 -8.57 19.53
N LEU K 162 43.98 -8.23 19.17
CA LEU K 162 44.86 -9.17 18.49
C LEU K 162 45.31 -10.29 19.41
N LEU K 163 45.44 -10.01 20.71
CA LEU K 163 45.78 -11.02 21.70
C LEU K 163 44.56 -11.47 22.49
N SER K 164 43.35 -11.25 21.97
CA SER K 164 42.15 -11.67 22.69
C SER K 164 41.97 -13.18 22.60
N GLY K 165 41.77 -13.70 21.39
CA GLY K 165 41.75 -15.13 21.23
C GLY K 165 43.12 -15.64 20.84
N PHE K 166 43.89 -16.05 21.84
CA PHE K 166 45.27 -16.49 21.66
C PHE K 166 45.74 -17.22 22.90
N SER K 167 46.38 -18.37 22.72
CA SER K 167 46.77 -19.21 23.84
C SER K 167 48.23 -19.62 23.81
N GLY K 168 49.04 -19.02 22.94
CA GLY K 168 50.39 -19.50 22.73
C GLY K 168 51.43 -18.85 23.61
N THR K 169 52.50 -19.59 23.86
CA THR K 169 53.70 -19.06 24.49
C THR K 169 54.45 -18.23 23.46
N ALA K 170 54.48 -16.92 23.67
CA ALA K 170 55.10 -16.00 22.72
C ALA K 170 56.21 -15.23 23.46
N VAL K 171 57.44 -15.64 23.25
CA VAL K 171 58.58 -14.96 23.86
C VAL K 171 59.22 -14.05 22.83
N GLY K 172 59.91 -13.02 23.32
CA GLY K 172 60.65 -12.14 22.44
C GLY K 172 62.14 -12.16 22.74
N VAL K 173 62.92 -12.74 21.84
CA VAL K 173 64.35 -12.90 22.03
C VAL K 173 65.07 -11.94 21.10
N VAL K 174 65.75 -10.95 21.68
CA VAL K 174 66.55 -10.02 20.90
C VAL K 174 67.96 -10.56 20.77
N LYS K 175 68.46 -10.65 19.54
CA LYS K 175 69.80 -11.18 19.30
C LYS K 175 70.34 -10.51 18.04
N GLY K 176 71.24 -9.55 18.22
CA GLY K 176 71.81 -8.82 17.10
C GLY K 176 70.83 -7.92 16.39
N ASP K 177 69.88 -7.34 17.12
CA ASP K 177 68.72 -6.60 16.60
C ASP K 177 67.94 -7.47 15.62
N TRP K 178 67.47 -8.60 16.13
CA TRP K 178 66.58 -9.51 15.40
C TRP K 178 65.59 -10.05 16.42
N MET K 179 64.37 -9.51 16.41
CA MET K 179 63.39 -9.87 17.41
C MET K 179 62.82 -11.26 17.12
N ALA K 180 63.46 -12.29 17.66
CA ALA K 180 63.09 -13.68 17.39
C ALA K 180 61.81 -14.02 18.15
N LEU K 181 60.68 -13.69 17.55
CA LEU K 181 59.38 -13.96 18.15
C LEU K 181 59.06 -15.44 18.00
N VAL K 182 59.27 -16.20 19.06
CA VAL K 182 59.03 -17.64 19.06
C VAL K 182 57.64 -17.89 19.62
N GLN K 183 56.82 -18.62 18.87
CA GLN K 183 55.46 -18.95 19.28
C GLN K 183 55.29 -20.46 19.30
N ALA K 184 54.70 -20.99 20.38
CA ALA K 184 54.50 -22.42 20.53
C ALA K 184 53.36 -22.66 21.51
N VAL K 185 52.57 -23.72 21.28
CA VAL K 185 51.47 -24.11 22.15
C VAL K 185 51.09 -25.54 21.83
N LYS K 186 50.63 -26.28 22.84
CA LYS K 186 50.07 -27.62 22.63
C LYS K 186 48.94 -27.78 23.63
N ASN K 187 47.75 -28.16 23.16
CA ASN K 187 46.60 -28.32 24.03
C ASN K 187 45.78 -29.56 23.64
N ASP K 188 45.67 -30.48 24.59
CA ASP K 188 44.86 -31.69 24.41
C ASP K 188 43.44 -31.43 24.89
N SER K 189 42.51 -32.27 24.43
CA SER K 189 41.12 -32.22 24.86
C SER K 189 40.58 -33.65 24.91
N SER K 190 39.59 -33.89 25.77
CA SER K 190 39.00 -35.22 25.94
C SER K 190 37.60 -35.04 26.52
N SER K 191 36.59 -35.36 25.72
CA SER K 191 35.21 -35.38 26.19
C SER K 191 34.76 -36.82 26.34
N ASN K 192 33.77 -37.05 27.18
CA ASN K 192 33.22 -38.37 27.42
C ASN K 192 31.79 -38.22 27.92
N VAL K 193 30.82 -38.54 27.07
CA VAL K 193 29.42 -38.29 27.37
C VAL K 193 28.64 -39.60 27.29
N LEU K 194 27.99 -39.94 28.38
CA LEU K 194 27.13 -41.12 28.43
C LEU K 194 25.72 -40.69 28.82
N SER K 195 24.76 -40.94 27.95
CA SER K 195 23.37 -40.61 28.23
C SER K 195 22.52 -41.84 27.94
N THR K 196 21.46 -42.00 28.72
CA THR K 196 20.57 -43.16 28.59
C THR K 196 19.14 -42.78 28.98
N PRO K 197 18.34 -42.34 28.02
CA PRO K 197 16.90 -42.21 28.26
C PRO K 197 16.23 -43.56 28.37
N SER K 198 15.02 -43.55 28.92
CA SER K 198 14.24 -44.75 29.13
C SER K 198 12.78 -44.42 28.93
N ILE K 199 11.98 -45.43 28.61
CA ILE K 199 10.56 -45.25 28.36
C ILE K 199 9.85 -46.54 28.75
N THR K 200 8.54 -46.46 28.94
CA THR K 200 7.73 -47.63 29.26
C THR K 200 6.41 -47.49 28.53
N THR K 201 6.22 -48.28 27.49
CA THR K 201 4.99 -48.24 26.71
C THR K 201 4.20 -49.51 26.99
N LEU K 202 3.11 -49.68 26.25
CA LEU K 202 2.53 -50.98 26.07
C LEU K 202 2.98 -51.53 24.72
N ASP K 203 2.44 -52.69 24.36
CA ASP K 203 2.62 -53.22 23.02
C ASP K 203 1.86 -52.36 22.01
N ASN K 204 2.55 -52.01 20.92
CA ASN K 204 1.97 -51.36 19.74
C ASN K 204 1.39 -49.98 20.03
N GLN K 205 1.91 -49.31 21.06
CA GLN K 205 1.46 -47.97 21.42
C GLN K 205 2.66 -47.05 21.44
N GLU K 206 2.68 -46.07 20.55
CA GLU K 206 3.83 -45.19 20.43
C GLU K 206 3.91 -44.25 21.61
N ALA K 207 5.13 -43.82 21.91
CA ALA K 207 5.40 -42.97 23.05
C ALA K 207 6.76 -42.33 22.85
N PHE K 208 6.91 -41.13 23.37
CA PHE K 208 8.19 -40.47 23.22
C PHE K 208 8.58 -39.84 24.55
N PHE K 209 9.61 -39.01 24.49
CA PHE K 209 10.29 -38.51 25.67
C PHE K 209 11.13 -37.35 25.19
N MET K 210 11.47 -36.46 26.11
CA MET K 210 12.18 -35.23 25.76
C MET K 210 12.74 -34.63 27.03
N VAL K 211 13.95 -34.07 26.97
CA VAL K 211 14.47 -33.28 28.07
C VAL K 211 15.01 -31.96 27.53
N GLY K 212 14.52 -31.55 26.37
CA GLY K 212 15.11 -30.44 25.65
C GLY K 212 14.61 -29.07 26.04
N GLN K 213 14.60 -28.17 25.06
CA GLN K 213 14.19 -26.80 25.22
C GLN K 213 13.22 -26.43 24.10
N ASP K 214 12.81 -25.16 24.07
CA ASP K 214 12.08 -24.60 22.95
C ASP K 214 12.79 -23.32 22.54
N VAL K 215 13.31 -23.29 21.33
CA VAL K 215 14.13 -22.17 20.88
C VAL K 215 13.34 -21.40 19.83
N PRO K 216 13.31 -20.06 19.90
CA PRO K 216 12.64 -19.28 18.86
C PRO K 216 13.41 -19.32 17.56
N VAL K 217 12.84 -19.99 16.57
CA VAL K 217 13.40 -20.10 15.24
C VAL K 217 12.58 -19.21 14.31
N LEU K 218 13.23 -18.23 13.69
CA LEU K 218 12.51 -17.29 12.82
C LEU K 218 12.51 -17.81 11.40
N THR K 219 11.34 -17.79 10.77
CA THR K 219 11.17 -18.15 9.37
C THR K 219 10.54 -16.96 8.68
N GLY K 220 11.36 -15.98 8.30
CA GLY K 220 10.88 -14.78 7.66
C GLY K 220 10.72 -13.62 8.63
N THR K 233 8.03 -14.83 10.49
CA THR K 233 7.18 -15.81 11.15
C THR K 233 8.04 -16.70 12.06
N VAL K 234 8.16 -16.28 13.33
CA VAL K 234 8.94 -17.03 14.29
C VAL K 234 8.17 -18.28 14.70
N GLU K 235 8.85 -19.42 14.71
CA GLU K 235 8.22 -20.68 15.05
C GLU K 235 9.05 -21.39 16.12
N ARG K 236 8.37 -22.02 17.06
CA ARG K 236 9.02 -22.70 18.17
C ARG K 236 9.49 -24.07 17.72
N LYS K 237 10.77 -24.36 17.92
CA LYS K 237 11.34 -25.62 17.51
C LYS K 237 11.94 -26.33 18.72
N LYS K 238 11.69 -27.63 18.81
CA LYS K 238 12.13 -28.43 19.93
C LYS K 238 13.54 -28.98 19.69
N VAL K 239 14.32 -29.03 20.77
CA VAL K 239 15.67 -29.58 20.73
C VAL K 239 15.79 -30.64 21.82
N GLY K 240 16.99 -31.15 22.02
CA GLY K 240 17.24 -32.03 23.14
C GLY K 240 16.93 -33.48 22.88
N ILE K 241 17.21 -34.30 23.89
CA ILE K 241 17.24 -35.76 23.76
C ILE K 241 15.84 -36.31 23.60
N MET K 242 15.47 -36.69 22.38
CA MET K 242 14.17 -37.25 22.11
C MET K 242 14.32 -38.74 21.83
N LEU K 243 13.30 -39.51 22.17
CA LEU K 243 13.33 -40.96 21.96
C LEU K 243 11.90 -41.41 21.68
N LYS K 244 11.54 -41.49 20.42
CA LYS K 244 10.19 -41.89 20.04
C LYS K 244 10.19 -43.32 19.54
N VAL K 245 9.63 -44.23 20.33
CA VAL K 245 9.68 -45.65 20.02
C VAL K 245 8.25 -46.12 19.78
N THR K 246 8.13 -47.25 19.09
CA THR K 246 6.83 -47.90 18.91
C THR K 246 7.08 -49.40 18.88
N PRO K 247 7.21 -50.02 20.06
CA PRO K 247 7.65 -51.41 20.10
C PRO K 247 6.53 -52.38 19.81
N GLN K 248 6.90 -53.50 19.21
CA GLN K 248 6.00 -54.59 18.90
C GLN K 248 6.62 -55.88 19.41
N ILE K 249 5.83 -56.71 20.06
CA ILE K 249 6.31 -57.94 20.66
C ILE K 249 6.09 -59.07 19.68
N ASN K 250 7.17 -59.62 19.15
CA ASN K 250 7.14 -60.77 18.29
C ASN K 250 7.37 -62.04 19.09
N GLU K 251 6.86 -63.15 18.56
CA GLU K 251 6.95 -64.41 19.29
C GLU K 251 8.37 -64.96 19.27
N GLY K 252 8.67 -65.77 20.27
CA GLY K 252 10.06 -66.03 20.61
C GLY K 252 10.66 -64.98 21.51
N ASN K 253 9.81 -64.09 22.06
CA ASN K 253 10.20 -62.99 22.95
C ASN K 253 11.20 -62.05 22.29
N ALA K 254 10.98 -61.76 21.02
CA ALA K 254 11.75 -60.77 20.29
C ALA K 254 10.93 -59.51 20.12
N VAL K 255 11.61 -58.37 20.11
CA VAL K 255 10.96 -57.07 20.12
C VAL K 255 11.34 -56.33 18.85
N GLN K 256 10.34 -55.95 18.06
CA GLN K 256 10.54 -55.08 16.91
C GLN K 256 10.22 -53.65 17.31
N MET K 257 11.14 -52.74 17.04
CA MET K 257 10.99 -51.35 17.46
C MET K 257 11.10 -50.43 16.26
N VAL K 258 10.31 -49.36 16.27
CA VAL K 258 10.43 -48.29 15.28
C VAL K 258 10.93 -47.07 16.02
N ILE K 259 12.24 -46.90 16.08
CA ILE K 259 12.86 -45.90 16.93
C ILE K 259 13.23 -44.69 16.10
N GLU K 260 12.83 -43.51 16.56
CA GLU K 260 13.15 -42.24 15.90
C GLU K 260 13.80 -41.34 16.95
N GLN K 261 15.10 -41.52 17.14
CA GLN K 261 15.82 -40.82 18.19
C GLN K 261 16.42 -39.53 17.64
N GLU K 262 16.72 -38.60 18.54
CA GLU K 262 17.33 -37.32 18.20
C GLU K 262 18.07 -36.80 19.42
N VAL K 263 19.26 -36.27 19.21
CA VAL K 263 20.00 -35.56 20.25
C VAL K 263 20.35 -34.21 19.67
N SER K 264 19.56 -33.20 19.98
CA SER K 264 19.83 -31.85 19.49
C SER K 264 20.48 -31.02 20.58
N LYS K 265 21.13 -29.94 20.16
CA LYS K 265 21.91 -29.12 21.06
C LYS K 265 22.10 -27.75 20.43
N VAL K 266 21.91 -26.71 21.21
CA VAL K 266 22.00 -25.35 20.70
C VAL K 266 23.47 -24.97 20.59
N GLU K 267 23.93 -24.75 19.36
CA GLU K 267 25.25 -24.21 19.12
C GLU K 267 25.16 -22.70 18.90
N GLY K 268 26.26 -22.01 19.14
CA GLY K 268 26.21 -20.56 19.07
C GLY K 268 26.41 -20.02 17.68
N GLN K 269 27.44 -19.18 17.54
CA GLN K 269 27.79 -18.56 16.27
C GLN K 269 26.82 -17.43 16.03
N THR K 270 25.61 -17.81 15.66
CA THR K 270 24.52 -16.85 15.44
C THR K 270 24.73 -15.94 14.22
N SER K 271 24.81 -16.54 13.03
CA SER K 271 25.19 -15.77 11.84
C SER K 271 24.05 -14.86 11.40
N LEU K 272 22.92 -15.46 11.00
CA LEU K 272 21.67 -14.76 10.84
C LEU K 272 20.65 -15.19 11.87
N ASP K 273 20.76 -16.43 12.35
CA ASP K 273 19.92 -16.95 13.41
C ASP K 273 20.75 -17.99 14.15
N VAL K 274 20.18 -18.59 15.17
CA VAL K 274 20.91 -19.57 15.97
C VAL K 274 20.99 -20.88 15.20
N VAL K 275 22.10 -21.61 15.38
CA VAL K 275 22.29 -22.89 14.72
C VAL K 275 22.18 -23.99 15.76
N PHE K 276 21.92 -25.20 15.29
CA PHE K 276 21.72 -26.35 16.15
C PHE K 276 22.82 -27.36 15.88
N GLY K 277 22.78 -28.48 16.60
CA GLY K 277 23.49 -29.65 16.16
C GLY K 277 22.65 -30.88 16.37
N GLU K 278 22.25 -31.56 15.31
CA GLU K 278 21.41 -32.75 15.46
C GLU K 278 22.23 -34.01 15.27
N ARG K 279 21.74 -35.08 15.87
CA ARG K 279 22.36 -36.40 15.76
C ARG K 279 21.30 -37.46 15.56
N LYS K 280 20.26 -37.13 14.81
CA LYS K 280 19.07 -37.96 14.78
C LYS K 280 19.28 -39.19 13.90
N LEU K 281 18.38 -40.16 14.08
CA LEU K 281 18.34 -41.36 13.26
C LEU K 281 16.93 -41.93 13.34
N LYS K 282 16.48 -42.55 12.27
CA LYS K 282 15.12 -43.10 12.20
C LYS K 282 15.22 -44.49 11.61
N THR K 283 15.45 -45.48 12.45
CA THR K 283 15.66 -46.84 11.97
C THR K 283 14.57 -47.77 12.49
N THR K 284 14.75 -49.06 12.23
CA THR K 284 13.80 -50.08 12.66
C THR K 284 14.59 -51.34 12.92
N VAL K 285 14.75 -51.71 14.19
CA VAL K 285 15.58 -52.84 14.57
C VAL K 285 14.70 -53.97 15.09
N LEU K 286 15.31 -55.14 15.27
CA LEU K 286 14.65 -56.31 15.81
C LEU K 286 15.61 -56.94 16.81
N ALA K 287 15.50 -56.53 18.06
CA ALA K 287 16.40 -57.01 19.10
C ALA K 287 15.80 -58.20 19.82
N ASN K 288 16.61 -58.83 20.67
CA ASN K 288 16.17 -59.96 21.46
C ASN K 288 15.48 -59.49 22.74
N ASP K 289 15.31 -60.41 23.69
CA ASP K 289 14.46 -60.13 24.85
C ASP K 289 15.09 -59.12 25.79
N GLY K 290 16.39 -59.20 26.02
CA GLY K 290 17.05 -58.25 26.88
C GLY K 290 18.45 -57.92 26.42
N GLU K 291 18.79 -58.31 25.19
CA GLU K 291 20.13 -58.17 24.68
C GLU K 291 20.30 -56.83 23.98
N LEU K 292 21.53 -56.31 24.03
CA LEU K 292 21.83 -55.05 23.37
C LEU K 292 22.00 -55.27 21.89
N ILE K 293 21.71 -54.23 21.12
CA ILE K 293 22.04 -54.21 19.69
C ILE K 293 22.49 -52.80 19.34
N VAL K 294 23.52 -52.71 18.52
CA VAL K 294 24.01 -51.41 18.06
C VAL K 294 23.12 -50.93 16.92
N LEU K 295 22.68 -49.68 17.01
CA LEU K 295 21.83 -49.10 15.98
C LEU K 295 22.65 -48.32 14.97
N GLY K 296 23.34 -47.28 15.42
CA GLY K 296 24.08 -46.43 14.52
C GLY K 296 25.43 -46.11 15.08
N GLY K 297 26.08 -45.10 14.53
CA GLY K 297 27.36 -44.71 15.05
C GLY K 297 28.13 -43.87 14.06
N LEU K 298 29.27 -43.39 14.53
CA LEU K 298 30.17 -42.60 13.70
C LEU K 298 31.54 -42.64 14.35
N MET K 299 32.52 -43.21 13.66
CA MET K 299 33.89 -43.22 14.16
C MET K 299 34.68 -42.24 13.28
N ASP K 300 34.60 -40.97 13.65
CA ASP K 300 35.37 -39.95 12.96
C ASP K 300 36.84 -40.09 13.32
N ASP K 301 37.69 -39.66 12.40
CA ASP K 301 39.14 -39.73 12.59
C ASP K 301 39.76 -38.76 11.61
N GLN K 302 40.53 -37.80 12.11
CA GLN K 302 41.16 -36.81 11.25
C GLN K 302 42.66 -36.77 11.52
N ALA K 303 43.32 -35.93 10.74
CA ALA K 303 44.73 -35.62 10.91
C ALA K 303 44.96 -34.26 10.28
N GLY K 304 46.23 -33.88 10.13
CA GLY K 304 46.53 -32.60 9.56
C GLY K 304 47.99 -32.24 9.66
N GLU K 305 48.44 -31.32 8.81
CA GLU K 305 49.82 -30.87 8.77
C GLU K 305 49.88 -29.59 7.96
N SER K 306 50.58 -28.59 8.48
CA SER K 306 50.79 -27.35 7.74
C SER K 306 52.15 -26.79 8.15
N VAL K 307 53.19 -27.18 7.43
CA VAL K 307 54.53 -26.64 7.64
C VAL K 307 54.71 -25.50 6.65
N ALA K 308 55.51 -24.50 7.02
CA ALA K 308 55.72 -23.32 6.18
C ALA K 308 57.21 -22.97 6.23
N LYS K 309 57.96 -23.45 5.25
CA LYS K 309 59.41 -23.30 5.27
C LYS K 309 59.86 -21.95 4.73
N VAL K 310 61.16 -21.83 4.54
CA VAL K 310 61.80 -20.82 3.70
C VAL K 310 62.67 -21.67 2.77
N PRO K 311 62.58 -21.47 1.41
CA PRO K 311 62.89 -22.56 0.45
C PRO K 311 64.26 -23.24 0.53
N LEU K 312 65.34 -22.48 0.64
CA LEU K 312 66.65 -23.12 0.68
C LEU K 312 67.06 -23.40 2.12
N LEU K 313 66.94 -22.41 3.00
CA LEU K 313 67.34 -22.55 4.39
C LEU K 313 66.18 -23.00 5.29
N GLY K 314 65.46 -24.03 4.83
CA GLY K 314 64.39 -24.60 5.61
C GLY K 314 64.64 -26.06 5.95
N ASP K 315 65.38 -26.75 5.07
CA ASP K 315 65.71 -28.15 5.27
C ASP K 315 67.12 -28.35 5.82
N ILE K 316 67.66 -27.35 6.53
CA ILE K 316 68.91 -27.51 7.27
C ILE K 316 68.62 -28.49 8.41
N PRO K 317 69.41 -29.56 8.56
CA PRO K 317 69.04 -30.60 9.54
C PRO K 317 69.28 -30.19 10.99
N LEU K 318 69.99 -29.09 11.21
CA LEU K 318 70.33 -28.69 12.57
C LEU K 318 69.57 -27.44 13.01
N ILE K 319 69.71 -26.35 12.25
CA ILE K 319 69.15 -25.07 12.67
C ILE K 319 68.01 -24.67 11.74
N GLY K 320 67.62 -25.58 10.86
CA GLY K 320 66.50 -25.31 9.96
C GLY K 320 65.16 -25.31 10.66
N ASN K 321 65.10 -25.93 11.84
CA ASN K 321 63.87 -26.06 12.61
C ASN K 321 63.32 -24.72 13.07
N LEU K 322 64.20 -23.74 13.25
CA LEU K 322 63.77 -22.39 13.63
C LEU K 322 63.62 -21.49 12.39
N PHE K 323 62.98 -22.06 11.38
CA PHE K 323 62.55 -21.29 10.22
C PHE K 323 61.16 -21.66 9.77
N LYS K 324 60.66 -22.79 10.25
CA LYS K 324 59.38 -23.34 9.80
C LYS K 324 58.34 -23.17 10.90
N SER K 325 57.10 -22.86 10.50
CA SER K 325 55.99 -22.74 11.44
C SER K 325 55.16 -24.01 11.35
N THR K 326 55.62 -25.06 12.01
CA THR K 326 55.05 -26.39 11.87
C THR K 326 53.73 -26.45 12.63
N ALA K 327 52.62 -26.39 11.91
CA ALA K 327 51.34 -26.67 12.52
C ALA K 327 51.11 -28.18 12.60
N ASP K 328 50.04 -28.55 13.28
CA ASP K 328 49.58 -29.93 13.37
C ASP K 328 48.13 -29.86 13.83
N LYS K 329 47.41 -30.96 13.61
CA LYS K 329 46.07 -31.13 14.19
C LYS K 329 45.75 -32.61 14.19
N LYS K 330 45.66 -33.22 15.37
CA LYS K 330 45.19 -34.58 15.50
C LYS K 330 43.84 -34.54 16.20
N GLU K 331 42.89 -35.31 15.68
CA GLU K 331 41.54 -35.30 16.24
C GLU K 331 40.92 -36.67 15.99
N LYS K 332 40.14 -37.13 16.96
CA LYS K 332 39.47 -38.42 16.86
C LYS K 332 38.21 -38.36 17.70
N ARG K 333 37.10 -38.84 17.15
CA ARG K 333 35.81 -38.72 17.82
C ARG K 333 34.95 -39.92 17.49
N ASN K 334 34.53 -40.65 18.51
CA ASN K 334 33.67 -41.81 18.34
C ASN K 334 32.26 -41.48 18.83
N LEU K 335 31.31 -42.28 18.38
CA LEU K 335 29.91 -42.09 18.72
C LEU K 335 29.18 -43.39 18.47
N MET K 336 28.29 -43.75 19.39
CA MET K 336 27.46 -44.94 19.24
C MET K 336 26.08 -44.68 19.79
N VAL K 337 25.13 -45.48 19.33
CA VAL K 337 23.75 -45.49 19.84
C VAL K 337 23.34 -46.93 20.04
N PHE K 338 23.09 -47.31 21.28
CA PHE K 338 22.70 -48.66 21.64
C PHE K 338 21.25 -48.66 22.08
N ILE K 339 20.72 -49.85 22.36
CA ILE K 339 19.36 -49.99 22.88
C ILE K 339 19.30 -51.29 23.67
N ARG K 340 18.28 -51.40 24.53
CA ARG K 340 18.01 -52.64 25.25
C ARG K 340 16.52 -52.68 25.55
N PRO K 341 15.77 -53.50 24.84
CA PRO K 341 14.38 -53.71 25.21
C PRO K 341 14.26 -54.67 26.39
N THR K 342 13.17 -54.50 27.14
CA THR K 342 12.93 -55.30 28.33
C THR K 342 11.43 -55.47 28.46
N ILE K 343 10.90 -56.64 28.16
CA ILE K 343 9.46 -56.85 28.33
C ILE K 343 9.18 -57.10 29.80
N LEU K 344 7.97 -56.74 30.22
CA LEU K 344 7.56 -56.84 31.61
C LEU K 344 6.31 -57.73 31.66
N ARG K 345 6.45 -58.90 32.27
CA ARG K 345 5.36 -59.87 32.28
C ARG K 345 4.28 -59.51 33.28
N ASP K 346 4.62 -59.50 34.56
CA ASP K 346 3.64 -59.46 35.64
C ASP K 346 4.16 -58.51 36.72
N GLY K 347 3.58 -58.62 37.91
CA GLY K 347 4.05 -57.85 39.05
C GLY K 347 5.43 -58.23 39.54
N MET K 348 5.93 -59.41 39.16
CA MET K 348 7.30 -59.78 39.46
C MET K 348 8.29 -59.00 38.60
N ALA K 349 7.92 -58.73 37.35
CA ALA K 349 8.82 -58.02 36.44
C ALA K 349 8.91 -56.54 36.79
N ALA K 350 7.75 -55.89 36.95
CA ALA K 350 7.72 -54.51 37.41
C ALA K 350 8.18 -54.38 38.86
N ASP K 351 8.04 -55.46 39.64
CA ASP K 351 8.67 -55.54 40.95
C ASP K 351 10.18 -55.43 40.82
N GLY K 352 10.78 -56.19 39.90
CA GLY K 352 12.20 -56.15 39.70
C GLY K 352 12.74 -54.83 39.16
N VAL K 353 12.19 -54.39 38.03
CA VAL K 353 12.69 -53.18 37.38
C VAL K 353 12.32 -51.94 38.17
N SER K 354 11.06 -51.84 38.58
CA SER K 354 10.63 -50.67 39.36
C SER K 354 11.25 -50.68 40.75
N GLN K 355 11.59 -51.85 41.29
CA GLN K 355 12.27 -51.91 42.58
C GLN K 355 13.72 -51.46 42.44
N ARG K 356 14.41 -51.87 41.38
CA ARG K 356 15.81 -51.47 41.27
C ARG K 356 15.95 -50.01 40.84
N LYS K 357 15.03 -49.48 40.04
CA LYS K 357 15.09 -48.06 39.71
C LYS K 357 14.65 -47.20 40.88
N TYR K 358 13.55 -47.58 41.54
CA TYR K 358 13.03 -46.79 42.65
C TYR K 358 13.97 -46.82 43.84
N ASN K 359 14.43 -48.01 44.24
CA ASN K 359 15.35 -48.10 45.35
C ASN K 359 16.77 -47.69 44.97
N TYR K 360 17.09 -47.65 43.68
CA TYR K 360 18.37 -47.08 43.28
C TYR K 360 18.36 -45.56 43.40
N MET K 361 17.28 -44.92 42.96
CA MET K 361 17.21 -43.46 43.06
C MET K 361 16.99 -43.02 44.50
N ARG K 362 16.17 -43.75 45.25
CA ARG K 362 16.03 -43.49 46.67
C ARG K 362 17.33 -43.72 47.40
N ALA K 363 18.09 -44.75 46.98
CA ALA K 363 19.40 -45.00 47.56
C ALA K 363 20.35 -43.86 47.27
N GLU K 364 20.27 -43.26 46.07
CA GLU K 364 21.08 -42.08 45.78
C GLU K 364 20.66 -40.88 46.60
N GLN K 365 19.37 -40.75 46.91
CA GLN K 365 18.96 -39.68 47.83
C GLN K 365 19.42 -39.95 49.25
N ILE K 366 19.56 -41.23 49.63
CA ILE K 366 20.16 -41.55 50.92
C ILE K 366 21.64 -41.18 50.91
N TYR K 367 22.33 -41.40 49.79
CA TYR K 367 23.69 -40.88 49.65
C TYR K 367 23.74 -39.37 49.53
N ARG K 368 22.61 -38.70 49.31
CA ARG K 368 22.53 -37.26 49.49
C ARG K 368 22.06 -36.87 50.89
N ASP K 369 21.68 -37.84 51.71
CA ASP K 369 21.29 -37.58 53.09
C ASP K 369 22.42 -37.77 54.08
N GLU K 370 23.18 -38.86 53.92
CA GLU K 370 24.38 -39.05 54.74
C GLU K 370 25.44 -38.00 54.39
N GLN K 371 25.66 -37.77 53.10
CA GLN K 371 26.43 -36.63 52.64
C GLN K 371 25.53 -35.40 52.77
N GLY K 372 25.55 -34.81 53.97
CA GLY K 372 24.63 -33.76 54.31
C GLY K 372 25.09 -32.40 53.80
N LEU K 373 24.27 -31.40 54.07
CA LEU K 373 24.60 -30.03 53.71
C LEU K 373 25.74 -29.51 54.57
N SER K 374 26.51 -28.58 54.01
CA SER K 374 27.70 -28.08 54.69
C SER K 374 27.39 -27.12 55.82
N LEU K 375 26.16 -26.61 55.90
CA LEU K 375 25.81 -25.59 56.88
C LEU K 375 24.91 -26.12 57.98
N MET K 376 23.77 -26.71 57.62
CA MET K 376 22.79 -27.14 58.61
C MET K 376 22.63 -28.64 58.58
N PRO K 377 23.13 -29.37 59.58
CA PRO K 377 22.81 -30.81 59.66
C PRO K 377 21.36 -31.07 60.01
N HIS K 378 20.68 -30.12 60.65
CA HIS K 378 19.29 -30.30 61.07
C HIS K 378 18.33 -29.76 60.01
N THR K 379 18.46 -30.33 58.81
CA THR K 379 17.59 -29.98 57.69
C THR K 379 17.38 -31.24 56.85
N ALA K 380 16.12 -31.63 56.69
CA ALA K 380 15.80 -32.88 56.02
C ALA K 380 15.94 -32.73 54.51
N GLN K 381 16.65 -33.67 53.90
CA GLN K 381 16.70 -33.74 52.45
C GLN K 381 15.39 -34.29 51.90
N PRO K 382 15.03 -33.94 50.67
CA PRO K 382 13.88 -34.58 50.02
C PRO K 382 14.14 -36.05 49.73
N ILE K 383 13.47 -36.93 50.45
CA ILE K 383 13.69 -38.37 50.30
C ILE K 383 12.38 -39.02 49.88
N LEU K 384 12.50 -40.09 49.09
CA LEU K 384 11.35 -40.84 48.62
C LEU K 384 10.69 -41.59 49.78
N PRO K 385 9.39 -41.95 49.63
CA PRO K 385 8.73 -42.74 50.68
C PRO K 385 9.29 -44.14 50.87
N ALA K 386 8.72 -44.88 51.83
CA ALA K 386 9.33 -46.11 52.30
C ALA K 386 9.23 -47.24 51.28
N GLN K 387 8.02 -47.62 50.89
CA GLN K 387 7.85 -48.77 50.02
C GLN K 387 6.78 -48.50 48.96
N GLY L 1 -48.15 -45.70 30.20
CA GLY L 1 -48.62 -47.00 29.75
C GLY L 1 -47.83 -47.53 28.58
N ASN L 2 -47.97 -46.87 27.43
CA ASN L 2 -47.23 -47.24 26.23
C ASN L 2 -45.78 -46.81 26.37
N SER L 3 -45.56 -45.52 26.58
CA SER L 3 -44.21 -45.02 26.81
C SER L 3 -43.96 -44.88 28.31
N GLN L 4 -42.68 -44.93 28.68
CA GLN L 4 -42.29 -44.86 30.08
C GLN L 4 -41.12 -43.91 30.23
N VAL L 5 -40.84 -43.56 31.48
CA VAL L 5 -39.77 -42.63 31.85
C VAL L 5 -38.86 -43.33 32.85
N PHE L 6 -37.57 -43.39 32.52
CA PHE L 6 -36.58 -44.01 33.39
C PHE L 6 -35.70 -42.93 33.99
N TYR L 7 -35.52 -42.98 35.30
CA TYR L 7 -34.59 -42.09 35.98
C TYR L 7 -33.24 -42.78 36.09
N LEU L 8 -32.24 -42.25 35.41
CA LEU L 8 -30.90 -42.79 35.50
C LEU L 8 -30.29 -42.49 36.86
N LYS L 9 -29.67 -43.49 37.46
CA LYS L 9 -29.20 -43.35 38.83
C LYS L 9 -27.70 -43.12 38.94
N TYR L 10 -26.93 -43.38 37.89
CA TYR L 10 -25.49 -43.15 37.95
C TYR L 10 -24.90 -42.58 36.69
N SER L 11 -25.69 -42.28 35.66
CA SER L 11 -25.14 -41.84 34.40
C SER L 11 -25.94 -40.68 33.84
N LYS L 12 -25.30 -39.90 32.97
CA LYS L 12 -25.97 -38.80 32.32
C LYS L 12 -26.95 -39.31 31.27
N ALA L 13 -27.92 -38.47 30.93
CA ALA L 13 -28.97 -38.88 30.00
C ALA L 13 -28.54 -38.75 28.55
N GLU L 14 -27.74 -37.73 28.22
CA GLU L 14 -27.38 -37.49 26.84
C GLU L 14 -26.43 -38.56 26.30
N ASP L 15 -25.62 -39.14 27.18
CA ASP L 15 -24.77 -40.26 26.78
C ASP L 15 -25.61 -41.49 26.46
N LEU L 16 -26.62 -41.75 27.29
CA LEU L 16 -27.49 -42.90 27.06
C LEU L 16 -28.36 -42.73 25.83
N VAL L 17 -28.78 -41.51 25.50
CA VAL L 17 -29.54 -41.38 24.26
C VAL L 17 -28.59 -41.46 23.06
N ASP L 18 -27.35 -40.97 23.19
CA ASP L 18 -26.38 -41.09 22.11
C ASP L 18 -26.00 -42.53 21.84
N VAL L 19 -26.07 -43.39 22.85
CA VAL L 19 -25.91 -44.82 22.62
C VAL L 19 -27.19 -45.41 22.02
N LEU L 20 -28.33 -45.13 22.64
CA LEU L 20 -29.57 -45.84 22.31
C LEU L 20 -30.26 -45.34 21.05
N LYS L 21 -29.70 -44.36 20.33
CA LYS L 21 -30.23 -44.11 18.99
C LYS L 21 -29.86 -45.24 18.03
N GLN L 22 -28.84 -46.02 18.34
CA GLN L 22 -28.37 -47.07 17.45
C GLN L 22 -28.98 -48.42 17.75
N VAL L 23 -29.40 -48.66 18.99
CA VAL L 23 -29.88 -49.98 19.38
C VAL L 23 -31.27 -50.24 18.83
N SER L 24 -32.19 -49.30 19.07
CA SER L 24 -33.56 -49.46 18.61
C SER L 24 -33.67 -49.33 17.09
N GLY L 25 -32.81 -48.51 16.48
CA GLY L 25 -32.95 -48.18 15.07
C GLY L 25 -32.74 -49.35 14.13
N THR L 26 -32.01 -50.38 14.57
CA THR L 26 -31.98 -51.64 13.87
C THR L 26 -32.62 -52.77 14.67
N LEU L 27 -32.92 -52.54 15.96
CA LEU L 27 -33.62 -53.54 16.74
C LEU L 27 -35.07 -53.67 16.32
N THR L 28 -35.65 -52.63 15.70
CA THR L 28 -36.99 -52.77 15.14
C THR L 28 -37.04 -53.77 13.99
N ALA L 29 -35.95 -53.91 13.24
CA ALA L 29 -35.88 -54.87 12.15
C ALA L 29 -35.74 -56.29 12.68
N VAL L 44 -42.68 -45.35 15.54
CA VAL L 44 -41.81 -46.50 15.56
C VAL L 44 -41.20 -46.59 16.96
N VAL L 45 -40.07 -45.90 17.16
CA VAL L 45 -39.41 -45.81 18.46
C VAL L 45 -38.97 -44.36 18.68
N SER L 46 -38.91 -43.97 19.95
CA SER L 46 -38.43 -42.63 20.30
C SER L 46 -37.67 -42.70 21.61
N ILE L 47 -36.42 -42.26 21.58
CA ILE L 47 -35.60 -42.10 22.76
C ILE L 47 -35.24 -40.63 22.84
N ALA L 48 -35.75 -39.94 23.85
CA ALA L 48 -35.45 -38.54 24.09
C ALA L 48 -35.02 -38.36 25.54
N ALA L 49 -34.10 -37.43 25.76
CA ALA L 49 -33.44 -37.28 27.06
C ALA L 49 -33.75 -35.91 27.64
N SER L 50 -34.46 -35.89 28.76
CA SER L 50 -34.69 -34.65 29.50
C SER L 50 -33.43 -34.31 30.28
N LYS L 51 -32.71 -33.29 29.81
CA LYS L 51 -31.39 -33.00 30.36
C LYS L 51 -31.49 -32.38 31.75
N HIS L 52 -32.47 -31.52 31.97
CA HIS L 52 -32.54 -30.80 33.24
C HIS L 52 -32.99 -31.70 34.38
N SER L 53 -33.74 -32.76 34.09
CA SER L 53 -34.35 -33.57 35.13
C SER L 53 -33.78 -34.99 35.20
N ASN L 54 -32.70 -35.28 34.46
CA ASN L 54 -31.93 -36.52 34.53
C ASN L 54 -32.79 -37.75 34.22
N ALA L 55 -33.39 -37.74 33.04
CA ALA L 55 -34.26 -38.84 32.65
C ALA L 55 -34.31 -38.93 31.14
N LEU L 56 -34.27 -40.16 30.64
CA LEU L 56 -34.52 -40.44 29.24
C LEU L 56 -35.89 -41.08 29.12
N ILE L 57 -36.54 -40.87 27.98
CA ILE L 57 -37.91 -41.29 27.78
C ILE L 57 -37.95 -42.28 26.62
N VAL L 58 -38.43 -43.48 26.90
CA VAL L 58 -38.50 -44.55 25.92
C VAL L 58 -39.94 -44.66 25.44
N THR L 59 -40.13 -44.62 24.12
CA THR L 59 -41.42 -44.86 23.49
C THR L 59 -41.25 -46.02 22.54
N ALA L 60 -41.81 -47.17 22.88
CA ALA L 60 -41.50 -48.40 22.15
C ALA L 60 -42.63 -49.39 22.41
N PRO L 61 -42.79 -50.39 21.55
CA PRO L 61 -43.69 -51.51 21.86
C PRO L 61 -43.18 -52.35 23.03
N GLN L 62 -44.04 -53.27 23.48
CA GLN L 62 -43.80 -53.99 24.72
C GLN L 62 -42.62 -54.95 24.63
N ASP L 63 -42.34 -55.48 23.44
CA ASP L 63 -41.22 -56.41 23.30
C ASP L 63 -39.89 -55.68 23.28
N ILE L 64 -39.85 -54.50 22.64
CA ILE L 64 -38.64 -53.70 22.62
C ILE L 64 -38.41 -53.06 23.99
N MET L 65 -39.49 -52.81 24.73
CA MET L 65 -39.41 -52.12 26.02
C MET L 65 -38.67 -52.93 27.06
N GLN L 66 -38.81 -54.26 27.03
CA GLN L 66 -38.08 -55.09 27.97
C GLN L 66 -36.61 -55.20 27.59
N SER L 67 -36.30 -55.15 26.29
CA SER L 67 -34.92 -55.18 25.85
C SER L 67 -34.19 -53.90 26.24
N LEU L 68 -34.75 -52.74 25.89
CA LEU L 68 -34.14 -51.46 26.24
C LEU L 68 -34.16 -51.23 27.74
N GLN L 69 -35.18 -51.75 28.43
CA GLN L 69 -35.19 -51.68 29.89
C GLN L 69 -34.07 -52.51 30.48
N SER L 70 -33.78 -53.67 29.88
CA SER L 70 -32.68 -54.50 30.36
C SER L 70 -31.33 -53.84 30.09
N VAL L 71 -31.19 -53.16 28.95
CA VAL L 71 -29.93 -52.48 28.63
C VAL L 71 -29.71 -51.29 29.56
N ILE L 72 -30.77 -50.53 29.84
CA ILE L 72 -30.65 -49.42 30.79
C ILE L 72 -30.37 -49.94 32.20
N GLU L 73 -30.93 -51.10 32.57
CA GLU L 73 -30.59 -51.70 33.84
C GLU L 73 -29.15 -52.19 33.88
N GLN L 74 -28.57 -52.55 32.73
CA GLN L 74 -27.20 -53.03 32.73
C GLN L 74 -26.17 -51.92 32.53
N LEU L 75 -26.58 -50.72 32.13
CA LEU L 75 -25.63 -49.63 31.97
C LEU L 75 -25.60 -48.67 33.14
N ASP L 76 -26.67 -48.60 33.93
CA ASP L 76 -26.75 -47.68 35.06
C ASP L 76 -26.00 -48.32 36.23
N ILE L 77 -24.67 -48.18 36.20
CA ILE L 77 -23.79 -48.88 37.12
C ILE L 77 -22.91 -47.88 37.86
N ARG L 78 -22.47 -48.30 39.06
CA ARG L 78 -21.58 -47.48 39.87
C ARG L 78 -20.21 -47.40 39.23
N ARG L 79 -19.73 -46.19 39.01
CA ARG L 79 -18.43 -45.95 38.40
C ARG L 79 -17.40 -45.73 39.50
N ALA L 80 -16.31 -46.49 39.46
CA ALA L 80 -15.26 -46.32 40.44
C ALA L 80 -14.37 -45.14 40.07
N GLN L 81 -13.58 -44.69 41.03
CA GLN L 81 -12.76 -43.50 40.86
C GLN L 81 -11.33 -43.77 41.31
N VAL L 82 -10.39 -43.13 40.61
CA VAL L 82 -8.97 -43.48 40.66
C VAL L 82 -8.18 -42.24 41.01
N HIS L 83 -7.37 -42.32 42.07
CA HIS L 83 -6.45 -41.25 42.42
C HIS L 83 -5.07 -41.60 41.87
N VAL L 84 -4.55 -40.76 40.99
CA VAL L 84 -3.28 -40.98 40.32
C VAL L 84 -2.25 -40.05 40.92
N GLU L 85 -1.11 -40.61 41.35
CA GLU L 85 -0.06 -39.84 42.00
C GLU L 85 1.25 -40.10 41.28
N ALA L 86 1.73 -39.10 40.56
CA ALA L 86 2.93 -39.24 39.72
C ALA L 86 4.09 -38.51 40.38
N LEU L 87 5.17 -39.23 40.66
CA LEU L 87 6.34 -38.64 41.29
C LEU L 87 7.35 -38.20 40.24
N ILE L 88 8.19 -37.26 40.62
CA ILE L 88 9.25 -36.73 39.76
C ILE L 88 10.49 -36.58 40.61
N VAL L 89 11.57 -37.24 40.22
CA VAL L 89 12.83 -37.16 40.94
C VAL L 89 13.88 -36.58 39.99
N GLU L 90 14.62 -35.59 40.46
CA GLU L 90 15.73 -35.03 39.70
C GLU L 90 16.90 -34.82 40.63
N VAL L 91 18.01 -35.51 40.37
CA VAL L 91 19.23 -35.38 41.15
C VAL L 91 20.33 -34.94 40.20
N ALA L 92 21.04 -33.87 40.55
CA ALA L 92 22.09 -33.33 39.72
C ALA L 92 23.37 -33.19 40.53
N GLU L 93 24.50 -33.08 39.83
CA GLU L 93 25.80 -32.86 40.47
C GLU L 93 26.74 -32.28 39.42
N GLY L 94 27.31 -31.12 39.71
CA GLY L 94 28.26 -30.51 38.79
C GLY L 94 29.46 -29.93 39.49
N SER L 95 30.66 -30.35 39.09
CA SER L 95 31.91 -29.90 39.71
C SER L 95 33.01 -29.86 38.66
N ASN L 96 33.53 -28.66 38.40
CA ASN L 96 34.63 -28.47 37.47
C ASN L 96 35.78 -27.78 38.17
N ILE L 97 37.01 -28.20 37.86
CA ILE L 97 38.21 -27.68 38.48
C ILE L 97 39.01 -26.92 37.42
N ASN L 98 39.29 -25.65 37.68
CA ASN L 98 40.17 -24.91 36.80
C ASN L 98 41.54 -24.73 37.46
N PHE L 99 42.53 -24.44 36.62
CA PHE L 99 43.88 -24.15 37.07
C PHE L 99 44.56 -23.39 35.94
N GLY L 100 45.60 -22.64 36.29
CA GLY L 100 46.31 -21.89 35.27
C GLY L 100 47.42 -21.03 35.78
N VAL L 101 48.55 -21.05 35.08
CA VAL L 101 49.71 -20.23 35.38
C VAL L 101 50.03 -19.42 34.14
N GLN L 102 50.10 -18.09 34.29
CA GLN L 102 50.35 -17.20 33.18
C GLN L 102 51.53 -16.31 33.50
N TRP L 103 52.65 -16.54 32.84
CA TRP L 103 53.83 -15.72 33.01
C TRP L 103 53.75 -14.52 32.08
N GLY L 104 54.36 -13.41 32.50
CA GLY L 104 54.36 -12.23 31.67
C GLY L 104 55.46 -11.24 31.99
N SER L 105 56.22 -10.85 30.99
CA SER L 105 57.21 -9.79 31.11
C SER L 105 56.84 -8.67 30.15
N LYS L 106 57.16 -7.44 30.54
CA LYS L 106 56.78 -6.29 29.73
C LYS L 106 57.68 -6.17 28.50
N ASP L 107 58.92 -6.64 28.58
CA ASP L 107 59.86 -6.52 27.49
C ASP L 107 60.30 -7.86 26.90
N ALA L 108 59.81 -8.98 27.41
CA ALA L 108 60.29 -10.29 26.99
C ALA L 108 59.13 -11.25 26.74
N GLY L 109 58.04 -10.74 26.18
CA GLY L 109 56.93 -11.57 25.77
C GLY L 109 56.07 -12.01 26.95
N LEU L 110 55.06 -12.82 26.63
CA LEU L 110 54.07 -13.26 27.61
C LEU L 110 53.69 -14.71 27.33
N MET L 111 53.21 -15.39 28.36
CA MET L 111 52.68 -16.75 28.25
C MET L 111 51.25 -16.73 28.75
N GLN L 112 50.28 -16.80 27.84
CA GLN L 112 48.89 -16.82 28.26
C GLN L 112 48.23 -18.08 27.76
N PHE L 113 47.01 -18.32 28.24
CA PHE L 113 46.21 -19.46 27.83
C PHE L 113 44.74 -19.04 27.86
N ALA L 114 43.88 -19.88 27.31
CA ALA L 114 42.44 -19.67 27.37
C ALA L 114 41.74 -21.01 27.60
N ASN L 115 40.45 -20.92 27.96
CA ASN L 115 39.54 -22.05 28.12
C ASN L 115 40.05 -23.04 29.17
N GLY L 116 40.03 -22.58 30.41
CA GLY L 116 40.50 -23.39 31.52
C GLY L 116 41.23 -22.57 32.55
N THR L 117 41.78 -21.44 32.12
CA THR L 117 42.29 -20.44 33.04
C THR L 117 41.41 -19.20 33.11
N GLN L 118 40.51 -19.03 32.13
CA GLN L 118 39.36 -18.11 32.16
C GLN L 118 39.70 -16.64 32.24
N ILE L 119 40.97 -16.28 32.24
CA ILE L 119 41.40 -14.87 32.24
C ILE L 119 42.78 -14.78 31.59
N PRO L 120 42.89 -14.20 30.41
CA PRO L 120 44.20 -14.06 29.77
C PRO L 120 45.03 -12.97 30.43
N ILE L 121 46.35 -13.14 30.37
CA ILE L 121 47.24 -12.10 30.87
C ILE L 121 47.31 -10.94 29.90
N GLY L 122 46.95 -11.15 28.64
CA GLY L 122 46.98 -10.06 27.67
C GLY L 122 45.82 -9.11 27.84
N THR L 123 44.61 -9.66 28.06
CA THR L 123 43.45 -8.82 28.26
C THR L 123 43.48 -8.15 29.62
N LEU L 124 43.95 -8.86 30.65
CA LEU L 124 44.00 -8.28 31.99
C LEU L 124 45.14 -7.27 32.09
N GLY L 125 46.27 -7.56 31.45
CA GLY L 125 47.34 -6.58 31.38
C GLY L 125 46.98 -5.38 30.52
N ALA L 126 46.11 -5.57 29.54
CA ALA L 126 45.61 -4.43 28.76
C ALA L 126 44.63 -3.60 29.58
N ALA L 127 43.80 -4.27 30.39
CA ALA L 127 42.83 -3.54 31.19
C ALA L 127 43.50 -2.77 32.32
N ILE L 128 44.44 -3.41 33.02
CA ILE L 128 45.19 -2.73 34.08
C ILE L 128 46.12 -1.69 33.48
N SER L 129 46.66 -1.95 32.29
CA SER L 129 47.45 -0.94 31.58
C SER L 129 46.61 0.26 31.16
N ALA L 130 45.31 0.05 30.93
CA ALA L 130 44.40 1.15 30.69
C ALA L 130 43.82 1.72 31.96
N ALA L 131 44.17 1.18 33.13
CA ALA L 131 43.52 1.57 34.38
C ALA L 131 44.32 2.59 35.18
N LYS L 132 45.63 2.67 35.00
CA LYS L 132 46.40 3.64 35.77
C LYS L 132 46.15 5.05 35.21
N PRO L 133 45.84 6.02 36.05
CA PRO L 133 45.30 7.29 35.55
C PRO L 133 46.34 8.18 34.91
N GLN L 134 45.90 8.92 33.90
CA GLN L 134 46.73 9.91 33.23
C GLN L 134 46.69 11.23 33.99
N LYS L 135 47.62 12.10 33.65
CA LYS L 135 47.70 13.42 34.26
C LYS L 135 47.20 14.48 33.28
N GLY L 136 47.08 15.70 33.79
CA GLY L 136 46.60 16.83 33.01
C GLY L 136 47.72 17.71 32.51
N SER L 137 47.35 18.94 32.18
CA SER L 137 48.31 19.92 31.68
C SER L 137 49.21 20.46 32.79
N ASN L 149 44.78 20.38 33.23
CA ASN L 149 45.21 20.80 34.57
C ASN L 149 44.73 19.85 35.71
N PRO L 150 43.44 19.35 35.71
CA PRO L 150 43.13 18.27 36.66
C PRO L 150 43.54 16.91 36.14
N ASP L 151 43.88 15.99 37.05
CA ASP L 151 44.25 14.62 36.69
C ASP L 151 43.09 13.67 37.06
N THR L 152 42.47 13.10 36.03
CA THR L 152 41.30 12.26 36.24
C THR L 152 41.69 10.83 36.56
N ASN L 153 41.20 10.33 37.69
CA ASN L 153 41.28 8.92 38.05
C ASN L 153 39.93 8.28 37.77
N GLY L 154 39.64 8.08 36.49
CA GLY L 154 38.34 7.57 36.09
C GLY L 154 38.39 6.62 34.92
N ASP L 155 39.56 6.09 34.61
CA ASP L 155 39.75 5.12 33.54
C ASP L 155 39.49 3.71 34.09
N LEU L 156 38.28 3.22 33.88
CA LEU L 156 37.84 1.95 34.47
C LEU L 156 36.69 1.44 33.61
N SER L 157 35.89 0.52 34.16
CA SER L 157 34.80 -0.22 33.50
C SER L 157 35.30 -1.10 32.37
N THR L 158 36.57 -1.49 32.42
CA THR L 158 37.12 -2.57 31.61
C THR L 158 37.51 -3.76 32.48
N LEU L 159 38.10 -3.51 33.64
CA LEU L 159 38.21 -4.54 34.66
C LEU L 159 36.85 -4.88 35.26
N ALA L 160 35.93 -3.91 35.27
CA ALA L 160 34.60 -4.17 35.79
C ALA L 160 33.77 -5.02 34.86
N GLN L 161 34.15 -5.12 33.59
CA GLN L 161 33.49 -6.02 32.66
C GLN L 161 34.26 -7.33 32.49
N LEU L 162 35.59 -7.24 32.43
CA LEU L 162 36.41 -8.43 32.26
C LEU L 162 36.40 -9.29 33.54
N LEU L 163 36.26 -8.66 34.70
CA LEU L 163 36.14 -9.36 35.97
C LEU L 163 34.71 -9.44 36.46
N SER L 164 33.73 -9.24 35.57
CA SER L 164 32.34 -9.29 36.00
C SER L 164 31.90 -10.73 36.24
N GLY L 165 31.91 -11.54 35.20
CA GLY L 165 31.66 -12.96 35.39
C GLY L 165 32.96 -13.71 35.55
N PHE L 166 33.38 -13.89 36.80
CA PHE L 166 34.65 -14.52 37.13
C PHE L 166 34.66 -14.91 38.60
N SER L 167 35.09 -16.14 38.90
CA SER L 167 35.04 -16.64 40.26
C SER L 167 36.35 -17.21 40.75
N GLY L 168 37.45 -16.98 40.03
CA GLY L 168 38.69 -17.66 40.34
C GLY L 168 39.59 -16.90 41.29
N THR L 169 40.40 -17.65 42.02
CA THR L 169 41.49 -17.10 42.81
C THR L 169 42.61 -16.69 41.87
N ALA L 170 42.84 -15.38 41.75
CA ALA L 170 43.84 -14.85 40.82
C ALA L 170 44.84 -14.04 41.63
N VAL L 171 45.99 -14.63 41.89
CA VAL L 171 47.06 -13.94 42.62
C VAL L 171 48.08 -13.44 41.63
N GLY L 172 48.82 -12.40 42.03
CA GLY L 172 49.90 -11.89 41.21
C GLY L 172 51.24 -11.99 41.91
N VAL L 173 52.10 -12.90 41.44
CA VAL L 173 53.39 -13.15 42.08
C VAL L 173 54.48 -12.59 41.19
N VAL L 174 55.16 -11.56 41.67
CA VAL L 174 56.29 -10.99 40.94
C VAL L 174 57.57 -11.71 41.38
N LYS L 175 58.32 -12.21 40.40
CA LYS L 175 59.56 -12.92 40.70
C LYS L 175 60.50 -12.72 39.52
N GLY L 176 61.50 -11.85 39.71
CA GLY L 176 62.45 -11.54 38.65
C GLY L 176 61.86 -10.78 37.48
N ASP L 177 60.89 -9.91 37.75
CA ASP L 177 60.05 -9.23 36.75
C ASP L 177 59.39 -10.26 35.83
N TRP L 178 58.60 -11.13 36.45
CA TRP L 178 57.77 -12.10 35.75
C TRP L 178 56.47 -12.21 36.53
N MET L 179 55.42 -11.56 36.04
CA MET L 179 54.16 -11.50 36.78
C MET L 179 53.44 -12.85 36.68
N ALA L 180 53.72 -13.74 37.62
CA ALA L 180 53.17 -15.09 37.61
C ALA L 180 51.71 -15.05 38.03
N LEU L 181 50.84 -14.78 37.06
CA LEU L 181 49.41 -14.72 37.32
C LEU L 181 48.86 -16.14 37.45
N VAL L 182 48.65 -16.58 38.69
CA VAL L 182 48.16 -17.92 38.97
C VAL L 182 46.65 -17.85 39.15
N GLN L 183 45.92 -18.66 38.40
CA GLN L 183 44.47 -18.69 38.47
C GLN L 183 44.02 -20.11 38.81
N ALA L 184 43.09 -20.23 39.76
CA ALA L 184 42.59 -21.53 40.20
C ALA L 184 41.23 -21.35 40.85
N VAL L 185 40.34 -22.32 40.67
CA VAL L 185 38.99 -22.32 41.25
C VAL L 185 38.45 -23.75 41.20
N LYS L 186 37.63 -24.10 42.18
CA LYS L 186 36.89 -25.36 42.16
C LYS L 186 35.54 -25.10 42.80
N ASN L 187 34.45 -25.46 42.13
CA ASN L 187 33.11 -25.24 42.64
C ASN L 187 32.19 -26.42 42.34
N ASP L 188 31.68 -27.02 43.42
CA ASP L 188 30.75 -28.13 43.32
C ASP L 188 29.31 -27.59 43.29
N SER L 189 28.38 -28.41 42.80
CA SER L 189 26.97 -28.09 42.79
C SER L 189 26.18 -29.37 43.03
N SER L 190 24.99 -29.23 43.61
CA SER L 190 24.13 -30.38 43.93
C SER L 190 22.68 -29.89 44.01
N SER L 191 21.86 -30.31 43.05
CA SER L 191 20.44 -30.03 43.10
C SER L 191 19.70 -31.31 43.46
N ASN L 192 18.50 -31.17 44.02
CA ASN L 192 17.67 -32.31 44.41
C ASN L 192 16.22 -31.85 44.42
N VAL L 193 15.44 -32.29 43.43
CA VAL L 193 14.08 -31.81 43.25
C VAL L 193 13.13 -32.99 43.27
N LEU L 194 12.16 -32.93 44.18
CA LEU L 194 11.12 -33.93 44.26
C LEU L 194 9.77 -33.25 44.12
N SER L 195 9.02 -33.64 43.11
CA SER L 195 7.69 -33.09 42.87
C SER L 195 6.72 -34.24 42.67
N THR L 196 5.48 -34.05 43.12
CA THR L 196 4.46 -35.08 43.04
C THR L 196 3.07 -34.46 42.90
N PRO L 197 2.63 -34.22 41.66
CA PRO L 197 1.23 -33.86 41.44
C PRO L 197 0.31 -35.05 41.70
N SER L 198 -0.98 -34.74 41.85
CA SER L 198 -1.99 -35.73 42.12
C SER L 198 -3.27 -35.30 41.42
N ILE L 199 -4.14 -36.28 41.16
CA ILE L 199 -5.40 -36.01 40.46
C ILE L 199 -6.41 -37.04 40.95
N THR L 200 -7.69 -36.76 40.72
CA THR L 200 -8.76 -37.69 41.07
C THR L 200 -9.81 -37.62 39.98
N THR L 201 -9.89 -38.65 39.16
CA THR L 201 -10.84 -38.70 38.08
C THR L 201 -11.91 -39.73 38.43
N LEU L 202 -12.79 -39.99 37.47
CA LEU L 202 -13.56 -41.22 37.45
C LEU L 202 -12.90 -42.18 36.47
N ASP L 203 -13.55 -43.32 36.27
CA ASP L 203 -13.14 -44.23 35.21
C ASP L 203 -13.45 -43.62 33.85
N ASN L 204 -12.47 -43.68 32.94
CA ASN L 204 -12.61 -43.34 31.52
C ASN L 204 -12.97 -41.88 31.30
N GLN L 205 -12.60 -41.00 32.22
CA GLN L 205 -12.87 -39.58 32.09
C GLN L 205 -11.55 -38.83 32.23
N GLU L 206 -11.14 -38.16 31.17
CA GLU L 206 -9.85 -37.49 31.18
C GLU L 206 -9.88 -36.26 32.07
N ALA L 207 -8.72 -35.90 32.59
CA ALA L 207 -8.58 -34.80 33.51
C ALA L 207 -7.13 -34.40 33.56
N PHE L 208 -6.87 -33.12 33.79
CA PHE L 208 -5.49 -32.68 33.86
C PHE L 208 -5.34 -31.74 35.03
N PHE L 209 -4.19 -31.10 35.08
CA PHE L 209 -3.74 -30.35 36.23
C PHE L 209 -2.59 -29.48 35.74
N MET L 210 -2.33 -28.40 36.48
CA MET L 210 -1.34 -27.42 36.05
C MET L 210 -1.01 -26.54 37.25
N VAL L 211 0.26 -26.17 37.39
CA VAL L 211 0.64 -25.15 38.36
C VAL L 211 1.53 -24.12 37.70
N GLY L 212 1.43 -24.00 36.38
CA GLY L 212 2.37 -23.22 35.60
C GLY L 212 2.05 -21.76 35.48
N GLN L 213 2.46 -21.18 34.35
CA GLN L 213 2.27 -19.78 34.04
C GLN L 213 1.70 -19.65 32.64
N ASP L 214 1.56 -18.41 32.18
CA ASP L 214 1.24 -18.11 30.80
C ASP L 214 2.25 -17.09 30.30
N VAL L 215 3.05 -17.48 29.32
CA VAL L 215 4.15 -16.64 28.87
C VAL L 215 3.81 -16.11 27.48
N PRO L 216 4.02 -14.82 27.21
CA PRO L 216 3.77 -14.30 25.86
C PRO L 216 4.83 -14.80 24.88
N VAL L 217 4.40 -15.66 23.97
CA VAL L 217 5.25 -16.21 22.93
C VAL L 217 4.86 -15.54 21.62
N LEU L 218 5.80 -14.86 20.98
CA LEU L 218 5.51 -14.14 19.75
C LEU L 218 5.76 -15.05 18.56
N THR L 219 4.81 -15.07 17.63
CA THR L 219 4.92 -15.80 16.37
C THR L 219 4.71 -14.79 15.26
N GLY L 220 5.78 -14.07 14.91
CA GLY L 220 5.69 -13.05 13.88
C GLY L 220 5.52 -11.66 14.44
N THR L 233 2.28 -11.96 15.69
CA THR L 233 1.13 -12.61 16.30
C THR L 233 1.56 -13.28 17.60
N VAL L 234 1.43 -12.54 18.70
CA VAL L 234 1.81 -13.07 20.01
C VAL L 234 0.74 -14.04 20.48
N GLU L 235 1.17 -15.21 20.95
CA GLU L 235 0.25 -16.24 21.41
C GLU L 235 0.64 -16.69 22.81
N ARG L 236 -0.36 -16.94 23.63
CA ARG L 236 -0.14 -17.34 25.02
C ARG L 236 0.17 -18.83 25.09
N LYS L 237 1.28 -19.19 25.71
CA LYS L 237 1.69 -20.58 25.80
C LYS L 237 1.83 -20.97 27.26
N LYS L 238 1.32 -22.15 27.59
CA LYS L 238 1.32 -22.63 28.96
C LYS L 238 2.60 -23.37 29.29
N VAL L 239 3.07 -23.21 30.52
CA VAL L 239 4.27 -23.90 31.01
C VAL L 239 3.91 -24.60 32.30
N GLY L 240 4.92 -25.17 32.97
CA GLY L 240 4.72 -25.70 34.30
C GLY L 240 4.21 -27.12 34.31
N ILE L 241 4.07 -27.65 35.53
CA ILE L 241 3.86 -29.06 35.78
C ILE L 241 2.46 -29.48 35.37
N MET L 242 2.35 -30.15 34.23
CA MET L 242 1.07 -30.62 33.74
C MET L 242 1.00 -32.13 33.88
N LEU L 243 -0.20 -32.65 34.10
CA LEU L 243 -0.39 -34.09 34.28
C LEU L 243 -1.76 -34.44 33.73
N LYS L 244 -1.82 -34.84 32.46
CA LYS L 244 -3.08 -35.18 31.83
C LYS L 244 -3.23 -36.68 31.72
N VAL L 245 -4.11 -37.25 32.51
CA VAL L 245 -4.26 -38.70 32.60
C VAL L 245 -5.65 -39.05 32.07
N THR L 246 -5.82 -40.31 31.68
CA THR L 246 -7.13 -40.85 31.30
C THR L 246 -7.17 -42.30 31.73
N PRO L 247 -7.44 -42.56 33.00
CA PRO L 247 -7.29 -43.93 33.50
C PRO L 247 -8.48 -44.81 33.15
N GLN L 248 -8.17 -46.08 32.98
CA GLN L 248 -9.17 -47.11 32.71
C GLN L 248 -8.94 -48.26 33.68
N ILE L 249 -10.02 -48.78 34.26
CA ILE L 249 -9.93 -49.82 35.26
C ILE L 249 -10.12 -51.15 34.57
N ASN L 250 -9.06 -51.94 34.53
CA ASN L 250 -9.09 -53.30 33.99
C ASN L 250 -9.31 -54.29 35.12
N GLU L 251 -9.86 -55.44 34.76
CA GLU L 251 -10.21 -56.44 35.77
C GLU L 251 -8.96 -57.12 36.29
N GLY L 252 -9.05 -57.65 37.50
CA GLY L 252 -7.87 -57.95 38.28
C GLY L 252 -7.32 -56.75 39.03
N ASN L 253 -8.10 -55.65 39.08
CA ASN L 253 -7.75 -54.39 39.74
C ASN L 253 -6.45 -53.81 39.18
N ALA L 254 -6.30 -53.88 37.87
CA ALA L 254 -5.19 -53.23 37.18
C ALA L 254 -5.70 -51.99 36.47
N VAL L 255 -4.84 -50.98 36.37
CA VAL L 255 -5.22 -49.67 35.87
C VAL L 255 -4.40 -49.37 34.63
N GLN L 256 -5.08 -49.13 33.51
CA GLN L 256 -4.45 -48.66 32.30
C GLN L 256 -4.59 -47.15 32.21
N MET L 257 -3.48 -46.46 32.00
CA MET L 257 -3.46 -45.01 32.00
C MET L 257 -2.89 -44.50 30.70
N VAL L 258 -3.44 -43.38 30.22
CA VAL L 258 -2.89 -42.67 29.08
C VAL L 258 -2.36 -41.34 29.60
N ILE L 259 -1.10 -41.32 30.00
CA ILE L 259 -0.53 -40.19 30.71
C ILE L 259 0.26 -39.32 29.74
N GLU L 260 -0.01 -38.01 29.77
CA GLU L 260 0.69 -37.04 28.94
C GLU L 260 1.21 -35.96 29.87
N GLN L 261 2.38 -36.21 30.46
CA GLN L 261 2.93 -35.34 31.47
C GLN L 261 3.88 -34.33 30.82
N GLU L 262 4.12 -33.22 31.50
CA GLU L 262 5.01 -32.17 31.04
C GLU L 262 5.52 -31.41 32.26
N VAL L 263 6.81 -31.10 32.27
CA VAL L 263 7.39 -30.21 33.28
C VAL L 263 8.12 -29.12 32.52
N SER L 264 7.47 -27.98 32.32
CA SER L 264 8.10 -26.88 31.61
C SER L 264 8.62 -25.86 32.60
N LYS L 265 9.54 -25.03 32.13
CA LYS L 265 10.21 -24.06 32.99
C LYS L 265 10.80 -22.97 32.11
N VAL L 266 10.63 -21.72 32.53
CA VAL L 266 11.09 -20.59 31.75
C VAL L 266 12.59 -20.43 31.97
N GLU L 267 13.37 -20.63 30.92
CA GLU L 267 14.79 -20.33 30.95
C GLU L 267 15.03 -18.96 30.33
N GLY L 268 16.15 -18.35 30.71
CA GLY L 268 16.40 -16.99 30.27
C GLY L 268 17.03 -16.90 28.90
N GLN L 269 18.19 -16.26 28.86
CA GLN L 269 18.96 -16.08 27.64
C GLN L 269 18.30 -14.96 26.86
N THR L 270 17.17 -15.29 26.27
CA THR L 270 16.38 -14.32 25.51
C THR L 270 17.03 -13.83 24.21
N SER L 271 17.30 -14.75 23.28
CA SER L 271 18.09 -14.40 22.10
C SER L 271 17.29 -13.54 21.14
N LEU L 272 16.21 -14.10 20.59
CA LEU L 272 15.17 -13.33 19.91
C LEU L 272 13.87 -13.34 20.67
N ASP L 273 13.63 -14.38 21.46
CA ASP L 273 12.47 -14.48 22.33
C ASP L 273 12.89 -15.35 23.51
N VAL L 274 11.98 -15.57 24.45
CA VAL L 274 12.29 -16.35 25.64
C VAL L 274 12.32 -17.83 25.27
N VAL L 275 13.19 -18.59 25.93
CA VAL L 275 13.29 -20.01 25.69
C VAL L 275 12.73 -20.74 26.89
N PHE L 276 12.37 -22.00 26.69
CA PHE L 276 11.76 -22.82 27.71
C PHE L 276 12.68 -23.99 28.02
N GLY L 277 12.26 -24.84 28.95
CA GLY L 277 12.82 -26.16 29.04
C GLY L 277 11.74 -27.18 29.30
N GLU L 278 11.48 -28.09 28.37
CA GLU L 278 10.42 -29.07 28.55
C GLU L 278 11.02 -30.43 28.93
N ARG L 279 10.21 -31.22 29.62
CA ARG L 279 10.58 -32.56 30.01
C ARG L 279 9.42 -33.51 29.78
N LYS L 280 8.67 -33.30 28.71
CA LYS L 280 7.39 -33.96 28.54
C LYS L 280 7.58 -35.41 28.10
N LEU L 281 6.50 -36.18 28.24
CA LEU L 281 6.43 -37.55 27.76
C LEU L 281 4.97 -37.91 27.59
N LYS L 282 4.68 -38.76 26.60
CA LYS L 282 3.32 -39.14 26.29
C LYS L 282 3.28 -40.66 26.11
N THR L 283 3.11 -41.38 27.20
CA THR L 283 3.17 -42.84 27.15
C THR L 283 1.84 -43.44 27.56
N THR L 284 1.83 -44.77 27.68
CA THR L 284 0.62 -45.50 28.06
C THR L 284 1.08 -46.72 28.84
N VAL L 285 0.85 -46.73 30.15
CA VAL L 285 1.33 -47.78 31.02
C VAL L 285 0.16 -48.61 31.52
N LEU L 286 0.49 -49.72 32.16
CA LEU L 286 -0.51 -50.61 32.76
C LEU L 286 0.04 -51.03 34.12
N ALA L 287 -0.29 -50.26 35.14
CA ALA L 287 0.21 -50.52 36.48
C ALA L 287 -0.76 -51.38 37.27
N ASN L 288 -0.30 -51.82 38.44
CA ASN L 288 -1.12 -52.62 39.33
C ASN L 288 -2.01 -51.73 40.20
N ASP L 289 -2.57 -52.31 41.26
CA ASP L 289 -3.62 -51.62 42.02
C ASP L 289 -3.07 -50.45 42.82
N GLY L 290 -1.90 -50.61 43.42
CA GLY L 290 -1.30 -49.54 44.18
C GLY L 290 0.21 -49.51 44.07
N GLU L 291 0.75 -50.27 43.12
CA GLU L 291 2.20 -50.44 43.00
C GLU L 291 2.78 -49.39 42.07
N LEU L 292 4.02 -49.01 42.35
CA LEU L 292 4.71 -48.05 41.52
C LEU L 292 5.20 -48.71 40.23
N ILE L 293 5.30 -47.90 39.19
CA ILE L 293 5.97 -48.33 37.97
C ILE L 293 6.74 -47.14 37.41
N VAL L 294 7.95 -47.40 36.93
CA VAL L 294 8.76 -46.37 36.32
C VAL L 294 8.29 -46.13 34.89
N LEU L 295 8.07 -44.87 34.54
CA LEU L 295 7.64 -44.52 33.20
C LEU L 295 8.81 -44.16 32.30
N GLY L 296 9.55 -43.12 32.65
CA GLY L 296 10.63 -42.66 31.83
C GLY L 296 11.84 -42.35 32.66
N GLY L 297 12.79 -41.62 32.09
CA GLY L 297 13.95 -41.23 32.84
C GLY L 297 15.08 -40.82 31.94
N LEU L 298 16.14 -40.35 32.57
CA LEU L 298 17.35 -39.94 31.89
C LEU L 298 18.48 -39.95 32.89
N MET L 299 19.47 -40.80 32.67
CA MET L 299 20.66 -40.82 33.53
C MET L 299 21.80 -40.23 32.70
N ASP L 300 21.88 -38.90 32.70
CA ASP L 300 22.97 -38.22 32.04
C ASP L 300 24.25 -38.41 32.83
N ASP L 301 25.37 -38.37 32.11
CA ASP L 301 26.69 -38.55 32.72
C ASP L 301 27.71 -37.97 31.75
N GLN L 302 28.48 -37.00 32.19
CA GLN L 302 29.49 -36.39 31.34
C GLN L 302 30.84 -36.43 32.01
N ALA L 303 31.83 -35.94 31.27
CA ALA L 303 33.19 -35.75 31.76
C ALA L 303 33.82 -34.67 30.91
N GLY L 304 35.13 -34.50 31.03
CA GLY L 304 35.80 -33.48 30.27
C GLY L 304 37.22 -33.26 30.70
N GLU L 305 38.03 -32.69 29.82
CA GLU L 305 39.44 -32.43 30.06
C GLU L 305 39.94 -31.46 29.01
N SER L 306 40.67 -30.43 29.46
CA SER L 306 41.29 -29.50 28.52
C SER L 306 42.58 -29.00 29.16
N VAL L 307 43.68 -29.69 28.88
CA VAL L 307 44.99 -29.27 29.33
C VAL L 307 45.62 -28.49 28.18
N ALA L 308 46.48 -27.52 28.51
CA ALA L 308 47.11 -26.68 27.51
C ALA L 308 48.57 -26.49 27.89
N LYS L 309 49.45 -27.32 27.32
CA LYS L 309 50.85 -27.32 27.72
C LYS L 309 51.66 -26.26 27.01
N VAL L 310 52.97 -26.34 27.18
CA VAL L 310 53.97 -25.70 26.34
C VAL L 310 54.86 -26.87 25.93
N PRO L 311 55.14 -27.06 24.61
CA PRO L 311 55.47 -28.41 24.08
C PRO L 311 56.63 -29.18 24.70
N LEU L 312 57.78 -28.55 24.93
CA LEU L 312 58.89 -29.30 25.51
C LEU L 312 58.88 -29.19 27.03
N LEU L 313 58.73 -27.98 27.55
CA LEU L 313 58.73 -27.76 29.00
C LEU L 313 57.33 -27.80 29.60
N GLY L 314 56.57 -28.83 29.23
CA GLY L 314 55.25 -29.02 29.79
C GLY L 314 55.13 -30.34 30.53
N ASP L 315 55.92 -31.34 30.09
CA ASP L 315 55.93 -32.64 30.73
C ASP L 315 57.10 -32.83 31.68
N ILE L 316 57.62 -31.74 32.26
CA ILE L 316 58.59 -31.82 33.34
C ILE L 316 57.86 -32.40 34.55
N PRO L 317 58.37 -33.46 35.18
CA PRO L 317 57.59 -34.12 36.23
C PRO L 317 57.54 -33.35 37.55
N LEU L 318 58.37 -32.30 37.69
CA LEU L 318 58.42 -31.57 38.94
C LEU L 318 57.83 -30.17 38.82
N ILE L 319 58.36 -29.37 37.89
CA ILE L 319 57.96 -27.98 37.80
C ILE L 319 57.17 -27.73 36.52
N GLY L 320 56.85 -28.80 35.80
CA GLY L 320 56.06 -28.68 34.59
C GLY L 320 54.61 -28.33 34.84
N ASN L 321 54.14 -28.57 36.08
CA ASN L 321 52.76 -28.33 36.47
C ASN L 321 52.39 -26.86 36.40
N LEU L 322 53.36 -25.97 36.58
CA LEU L 322 53.11 -24.54 36.48
C LEU L 322 53.44 -24.03 35.08
N PHE L 323 52.97 -24.78 34.09
CA PHE L 323 53.01 -24.34 32.71
C PHE L 323 51.71 -24.67 31.98
N LYS L 324 50.90 -25.55 32.56
CA LYS L 324 49.70 -26.04 31.91
C LYS L 324 48.46 -25.45 32.59
N SER L 325 47.45 -25.14 31.78
CA SER L 325 46.19 -24.63 32.30
C SER L 325 45.18 -25.77 32.29
N THR L 326 45.27 -26.62 33.31
CA THR L 326 44.49 -27.87 33.34
C THR L 326 43.04 -27.55 33.67
N ALA L 327 42.17 -27.58 32.67
CA ALA L 327 40.76 -27.53 32.94
C ALA L 327 40.23 -28.91 33.32
N ASP L 328 38.98 -28.95 33.74
CA ASP L 328 38.26 -30.18 34.03
C ASP L 328 36.79 -29.82 34.02
N LYS L 329 35.94 -30.85 33.88
CA LYS L 329 34.51 -30.69 34.08
C LYS L 329 33.91 -32.06 34.34
N LYS L 330 33.43 -32.28 35.56
CA LYS L 330 32.70 -33.49 35.88
C LYS L 330 31.24 -33.10 36.13
N GLU L 331 30.32 -33.87 35.57
CA GLU L 331 28.91 -33.56 35.69
C GLU L 331 28.12 -34.85 35.62
N LYS L 332 27.06 -34.92 36.41
CA LYS L 332 26.20 -36.10 36.44
C LYS L 332 24.81 -35.66 36.83
N ARG L 333 23.80 -36.15 36.13
CA ARG L 333 22.43 -35.70 36.36
C ARG L 333 21.47 -36.84 36.10
N ASN L 334 20.68 -37.19 37.10
CA ASN L 334 19.67 -38.24 36.99
C ASN L 334 18.29 -37.64 36.95
N LEU L 335 17.34 -38.42 36.46
CA LEU L 335 15.97 -37.97 36.32
C LEU L 335 15.08 -39.20 36.21
N MET L 336 13.94 -39.18 36.89
CA MET L 336 12.98 -40.27 36.80
C MET L 336 11.57 -39.69 36.86
N VAL L 337 10.62 -40.48 36.35
CA VAL L 337 9.20 -40.18 36.43
C VAL L 337 8.48 -41.46 36.86
N PHE L 338 7.87 -41.44 38.02
CA PHE L 338 7.16 -42.57 38.58
C PHE L 338 5.67 -42.27 38.57
N ILE L 339 4.88 -43.26 38.97
CA ILE L 339 3.44 -43.09 39.09
C ILE L 339 2.93 -44.09 40.12
N ARG L 340 1.74 -43.83 40.65
CA ARG L 340 1.06 -44.77 41.55
C ARG L 340 -0.42 -44.56 41.41
N PRO L 341 -1.12 -45.46 40.74
CA PRO L 341 -2.59 -45.40 40.73
C PRO L 341 -3.16 -45.94 42.04
N THR L 342 -4.34 -45.45 42.37
CA THR L 342 -5.02 -45.85 43.60
C THR L 342 -6.52 -45.78 43.34
N ILE L 343 -7.16 -46.94 43.20
CA ILE L 343 -8.61 -46.93 42.99
C ILE L 343 -9.29 -46.71 44.33
N LEU L 344 -10.47 -46.11 44.28
CA LEU L 344 -11.24 -45.76 45.48
C LEU L 344 -12.59 -46.44 45.38
N ARG L 345 -12.83 -47.40 46.28
CA ARG L 345 -14.04 -48.20 46.21
C ARG L 345 -15.26 -47.44 46.73
N ASP L 346 -15.24 -47.10 48.03
CA ASP L 346 -16.44 -46.64 48.73
C ASP L 346 -16.03 -45.48 49.63
N GLY L 347 -16.90 -45.17 50.60
CA GLY L 347 -16.58 -44.16 51.60
C GLY L 347 -15.46 -44.54 52.55
N MET L 348 -15.12 -45.83 52.63
CA MET L 348 -13.95 -46.25 53.39
C MET L 348 -12.66 -45.87 52.69
N ALA L 349 -12.64 -45.93 51.36
CA ALA L 349 -11.43 -45.62 50.61
C ALA L 349 -11.16 -44.12 50.58
N ALA L 350 -12.17 -43.33 50.23
CA ALA L 350 -12.05 -41.88 50.31
C ALA L 350 -11.95 -41.39 51.75
N ASP L 351 -12.48 -42.17 52.70
CA ASP L 351 -12.21 -41.94 54.11
C ASP L 351 -10.72 -42.05 54.40
N GLY L 352 -10.08 -43.10 53.90
CA GLY L 352 -8.66 -43.29 54.12
C GLY L 352 -7.78 -42.25 53.46
N VAL L 353 -7.94 -42.09 52.14
CA VAL L 353 -7.07 -41.20 51.38
C VAL L 353 -7.38 -39.74 51.70
N SER L 354 -8.67 -39.38 51.71
CA SER L 354 -9.05 -38.00 52.01
C SER L 354 -8.80 -37.66 53.47
N GLN L 355 -8.84 -38.67 54.35
CA GLN L 355 -8.51 -38.43 55.76
C GLN L 355 -7.01 -38.19 55.94
N ARG L 356 -6.17 -38.98 55.25
CA ARG L 356 -4.74 -38.79 55.45
C ARG L 356 -4.22 -37.54 54.75
N LYS L 357 -4.82 -37.16 53.60
CA LYS L 357 -4.41 -35.92 52.96
C LYS L 357 -4.95 -34.71 53.71
N TYR L 358 -6.22 -34.76 54.10
CA TYR L 358 -6.84 -33.62 54.78
C TYR L 358 -6.25 -33.41 56.17
N ASN L 359 -6.14 -34.48 56.95
CA ASN L 359 -5.55 -34.36 58.27
C ASN L 359 -4.03 -34.23 58.22
N TYR L 360 -3.40 -34.61 57.11
CA TYR L 360 -1.98 -34.33 56.96
C TYR L 360 -1.73 -32.85 56.70
N MET L 361 -2.52 -32.24 55.83
CA MET L 361 -2.35 -30.82 55.54
C MET L 361 -2.82 -29.96 56.70
N ARG L 362 -3.93 -30.34 57.34
CA ARG L 362 -4.37 -29.67 58.55
C ARG L 362 -3.34 -29.83 59.65
N ALA L 363 -2.72 -31.00 59.73
CA ALA L 363 -1.66 -31.23 60.70
C ALA L 363 -0.46 -30.33 60.43
N GLU L 364 -0.14 -30.10 59.15
CA GLU L 364 0.93 -29.16 58.83
C GLU L 364 0.55 -27.72 59.17
N GLN L 365 -0.72 -27.37 59.05
CA GLN L 365 -1.14 -26.05 59.52
C GLN L 365 -1.11 -25.94 61.04
N ILE L 366 -1.30 -27.05 61.75
CA ILE L 366 -1.10 -27.06 63.20
C ILE L 366 0.37 -26.88 63.52
N TYR L 367 1.26 -27.49 62.72
CA TYR L 367 2.68 -27.20 62.87
C TYR L 367 3.04 -25.79 62.40
N ARG L 368 2.15 -25.10 61.70
CA ARG L 368 2.30 -23.66 61.49
C ARG L 368 1.58 -22.84 62.54
N ASP L 369 0.84 -23.48 63.45
CA ASP L 369 0.16 -22.78 64.54
C ASP L 369 0.97 -22.81 65.82
N GLU L 370 1.54 -23.98 66.18
CA GLU L 370 2.43 -24.06 67.32
C GLU L 370 3.71 -23.28 67.04
N GLN L 371 4.29 -23.46 65.86
CA GLN L 371 5.36 -22.59 65.37
C GLN L 371 4.71 -21.29 64.93
N GLY L 372 4.53 -20.39 65.90
CA GLY L 372 3.77 -19.17 65.68
C GLY L 372 4.59 -18.10 65.00
N LEU L 373 3.92 -16.96 64.79
CA LEU L 373 4.60 -15.81 64.20
C LEU L 373 5.57 -15.20 65.20
N SER L 374 6.60 -14.55 64.67
CA SER L 374 7.66 -14.02 65.52
C SER L 374 7.26 -12.74 66.24
N LEU L 375 6.17 -12.09 65.82
CA LEU L 375 5.80 -10.80 66.37
C LEU L 375 4.57 -10.89 67.27
N MET L 376 3.46 -11.42 66.76
CA MET L 376 2.21 -11.44 67.50
C MET L 376 1.78 -12.86 67.79
N PRO L 377 1.88 -13.31 69.05
CA PRO L 377 1.28 -14.62 69.39
C PRO L 377 -0.23 -14.62 69.36
N HIS L 378 -0.86 -13.44 69.53
CA HIS L 378 -2.32 -13.34 69.56
C HIS L 378 -2.86 -13.03 68.16
N THR L 379 -2.55 -13.93 67.23
CA THR L 379 -3.04 -13.82 65.86
C THR L 379 -3.28 -15.22 65.34
N ALA L 380 -4.51 -15.51 64.92
CA ALA L 380 -4.88 -16.86 64.51
C ALA L 380 -4.35 -17.17 63.12
N GLN L 381 -3.70 -18.31 62.99
CA GLN L 381 -3.31 -18.80 61.68
C GLN L 381 -4.52 -19.34 60.94
N PRO L 382 -4.51 -19.32 59.60
CA PRO L 382 -5.56 -19.98 58.84
C PRO L 382 -5.51 -21.49 59.01
N ILE L 383 -6.49 -22.06 59.69
CA ILE L 383 -6.51 -23.48 59.97
C ILE L 383 -7.78 -24.08 59.36
N LEU L 384 -7.67 -25.34 58.94
CA LEU L 384 -8.79 -26.05 58.36
C LEU L 384 -9.84 -26.35 59.42
N PRO L 385 -11.11 -26.60 59.00
CA PRO L 385 -12.14 -26.97 59.97
C PRO L 385 -11.91 -28.32 60.65
N ALA L 386 -12.84 -28.68 61.56
CA ALA L 386 -12.61 -29.78 62.48
C ALA L 386 -12.65 -31.13 61.78
N GLN L 387 -13.79 -31.46 61.18
CA GLN L 387 -13.95 -32.78 60.60
C GLN L 387 -14.66 -32.73 59.25
N GLY M 1 -61.78 -29.28 25.39
CA GLY M 1 -62.36 -30.60 25.17
C GLY M 1 -61.42 -31.53 24.44
N ASN M 2 -61.15 -31.22 23.17
CA ASN M 2 -60.22 -32.00 22.37
C ASN M 2 -58.79 -31.71 22.81
N SER M 3 -58.39 -30.45 22.75
CA SER M 3 -57.07 -30.06 23.23
C SER M 3 -57.18 -29.52 24.65
N GLN M 4 -56.05 -29.61 25.37
CA GLN M 4 -56.01 -29.18 26.76
C GLN M 4 -54.76 -28.37 27.00
N VAL M 5 -54.74 -27.70 28.16
CA VAL M 5 -53.64 -26.83 28.57
C VAL M 5 -53.15 -27.32 29.93
N PHE M 6 -51.86 -27.61 30.02
CA PHE M 6 -51.24 -28.06 31.25
C PHE M 6 -50.34 -26.96 31.79
N TYR M 7 -50.51 -26.64 33.07
CA TYR M 7 -49.62 -25.71 33.75
C TYR M 7 -48.49 -26.50 34.41
N LEU M 8 -47.28 -26.29 33.93
CA LEU M 8 -46.12 -26.94 34.53
C LEU M 8 -45.83 -26.31 35.89
N LYS M 9 -45.57 -27.17 36.88
CA LYS M 9 -45.43 -26.70 38.25
C LYS M 9 -43.99 -26.61 38.72
N TYR M 10 -43.05 -27.25 38.04
CA TYR M 10 -41.66 -27.18 38.45
C TYR M 10 -40.67 -27.06 37.30
N SER M 11 -41.12 -26.98 36.05
CA SER M 11 -40.20 -27.00 34.93
C SER M 11 -40.61 -25.96 33.91
N LYS M 12 -39.63 -25.55 33.10
CA LYS M 12 -39.91 -24.61 32.02
C LYS M 12 -40.68 -25.29 30.90
N ALA M 13 -41.36 -24.48 30.09
CA ALA M 13 -42.21 -25.02 29.04
C ALA M 13 -41.42 -25.36 27.79
N GLU M 14 -40.39 -24.58 27.46
CA GLU M 14 -39.66 -24.80 26.22
C GLU M 14 -38.83 -26.08 26.27
N ASP M 15 -38.38 -26.47 27.46
CA ASP M 15 -37.68 -27.74 27.62
C ASP M 15 -38.64 -28.90 27.37
N LEU M 16 -39.86 -28.80 27.91
CA LEU M 16 -40.84 -29.86 27.74
C LEU M 16 -41.33 -29.96 26.31
N VAL M 17 -41.41 -28.84 25.58
CA VAL M 17 -41.80 -29.00 24.18
C VAL M 17 -40.63 -29.53 23.36
N ASP M 18 -39.39 -29.16 23.72
CA ASP M 18 -38.22 -29.70 23.02
C ASP M 18 -38.07 -31.19 23.24
N VAL M 19 -38.54 -31.70 24.37
CA VAL M 19 -38.60 -33.15 24.55
C VAL M 19 -39.78 -33.73 23.78
N LEU M 20 -40.97 -33.17 23.96
CA LEU M 20 -42.19 -33.80 23.47
C LEU M 20 -42.45 -33.60 21.98
N LYS M 21 -41.56 -32.94 21.23
CA LYS M 21 -41.69 -33.04 19.78
C LYS M 21 -41.31 -34.43 19.27
N GLN M 22 -40.55 -35.20 20.05
CA GLN M 22 -40.09 -36.51 19.62
C GLN M 22 -41.00 -37.64 20.06
N VAL M 23 -41.75 -37.46 21.15
CA VAL M 23 -42.54 -38.55 21.70
C VAL M 23 -43.79 -38.79 20.85
N SER M 24 -44.54 -37.72 20.57
CA SER M 24 -45.76 -37.85 19.79
C SER M 24 -45.47 -38.16 18.33
N GLY M 25 -44.35 -37.65 17.81
CA GLY M 25 -44.06 -37.74 16.38
C GLY M 25 -43.86 -39.14 15.86
N THR M 26 -43.47 -40.07 16.73
CA THR M 26 -43.52 -41.48 16.40
C THR M 26 -44.52 -42.25 17.25
N LEU M 27 -45.08 -41.62 18.28
CA LEU M 27 -46.12 -42.27 19.06
C LEU M 27 -47.43 -42.35 18.29
N THR M 28 -47.63 -41.48 17.28
CA THR M 28 -48.80 -41.63 16.41
C THR M 28 -48.74 -42.90 15.58
N ALA M 29 -47.55 -43.37 15.24
CA ALA M 29 -47.40 -44.61 14.48
C ALA M 29 -47.67 -45.82 15.36
N VAL M 44 -52.92 -33.80 13.31
CA VAL M 44 -52.30 -35.00 13.88
C VAL M 44 -52.08 -34.74 15.36
N VAL M 45 -50.93 -34.15 15.70
CA VAL M 45 -50.60 -33.77 17.06
C VAL M 45 -49.97 -32.38 17.05
N SER M 46 -50.15 -31.64 18.14
CA SER M 46 -49.53 -30.34 18.27
C SER M 46 -49.14 -30.10 19.72
N ILE M 47 -47.86 -29.83 19.94
CA ILE M 47 -47.34 -29.43 21.23
C ILE M 47 -46.75 -28.05 21.04
N ALA M 48 -47.36 -27.04 21.66
CA ALA M 48 -46.85 -25.67 21.62
C ALA M 48 -46.77 -25.14 23.04
N ALA M 49 -45.77 -24.29 23.28
CA ALA M 49 -45.44 -23.85 24.63
C ALA M 49 -45.62 -22.34 24.74
N SER M 50 -46.56 -21.92 25.57
CA SER M 50 -46.74 -20.50 25.89
C SER M 50 -45.66 -20.10 26.88
N LYS M 51 -44.67 -19.34 26.40
CA LYS M 51 -43.50 -19.05 27.22
C LYS M 51 -43.81 -18.06 28.32
N HIS M 52 -44.64 -17.06 28.03
CA HIS M 52 -44.89 -16.00 29.01
C HIS M 52 -45.76 -16.47 30.15
N SER M 53 -46.60 -17.48 29.93
CA SER M 53 -47.59 -17.89 30.93
C SER M 53 -47.34 -19.28 31.50
N ASN M 54 -46.18 -19.88 31.19
CA ASN M 54 -45.69 -21.14 31.79
C ASN M 54 -46.67 -22.30 31.56
N ALA M 55 -46.95 -22.55 30.29
CA ALA M 55 -47.88 -23.62 29.96
C ALA M 55 -47.58 -24.14 28.56
N LEU M 56 -47.64 -25.46 28.42
CA LEU M 56 -47.60 -26.10 27.12
C LEU M 56 -48.99 -26.59 26.78
N ILE M 57 -49.28 -26.64 25.48
CA ILE M 57 -50.62 -26.95 25.01
C ILE M 57 -50.56 -28.21 24.17
N VAL M 58 -51.32 -29.23 24.58
CA VAL M 58 -51.34 -30.51 23.93
C VAL M 58 -52.61 -30.60 23.09
N THR M 59 -52.45 -30.92 21.81
CA THR M 59 -53.58 -31.18 20.91
C THR M 59 -53.39 -32.58 20.36
N ALA M 60 -54.22 -33.52 20.81
CA ALA M 60 -53.99 -34.92 20.53
C ALA M 60 -55.31 -35.67 20.69
N PRO M 61 -55.44 -36.85 20.09
CA PRO M 61 -56.59 -37.72 20.40
C PRO M 61 -56.54 -38.24 21.83
N GLN M 62 -57.63 -38.89 22.23
CA GLN M 62 -57.85 -39.24 23.63
C GLN M 62 -56.89 -40.32 24.12
N ASP M 63 -56.43 -41.19 23.22
CA ASP M 63 -55.50 -42.24 23.65
C ASP M 63 -54.09 -41.70 23.83
N ILE M 64 -53.69 -40.78 22.95
CA ILE M 64 -52.38 -40.15 23.09
C ILE M 64 -52.37 -39.18 24.26
N MET M 65 -53.54 -38.60 24.59
CA MET M 65 -53.64 -37.58 25.62
C MET M 65 -53.35 -38.14 27.01
N GLN M 66 -53.73 -39.40 27.26
CA GLN M 66 -53.41 -40.00 28.55
C GLN M 66 -51.94 -40.37 28.65
N SER M 67 -51.32 -40.73 27.52
CA SER M 67 -49.90 -41.05 27.51
C SER M 67 -49.06 -39.80 27.78
N LEU M 68 -49.30 -38.74 26.99
CA LEU M 68 -48.56 -37.49 27.18
C LEU M 68 -48.91 -36.83 28.50
N GLN M 69 -50.14 -37.01 28.98
CA GLN M 69 -50.50 -36.53 30.31
C GLN M 69 -49.72 -37.27 31.38
N SER M 70 -49.53 -38.57 31.20
CA SER M 70 -48.74 -39.34 32.17
C SER M 70 -47.28 -38.95 32.14
N VAL M 71 -46.74 -38.65 30.96
CA VAL M 71 -45.34 -38.24 30.86
C VAL M 71 -45.13 -36.87 31.49
N ILE M 72 -46.06 -35.94 31.26
CA ILE M 72 -45.98 -34.62 31.89
C ILE M 72 -46.16 -34.74 33.41
N GLU M 73 -47.00 -35.67 33.86
CA GLU M 73 -47.09 -35.92 35.29
C GLU M 73 -45.82 -36.54 35.87
N GLN M 74 -45.06 -37.27 35.07
CA GLN M 74 -43.84 -37.89 35.56
C GLN M 74 -42.61 -37.00 35.41
N LEU M 75 -42.67 -35.93 34.62
CA LEU M 75 -41.53 -35.05 34.47
C LEU M 75 -41.61 -33.79 35.32
N ASP M 76 -42.81 -33.39 35.73
CA ASP M 76 -42.99 -32.18 36.54
C ASP M 76 -42.68 -32.53 37.99
N ILE M 77 -41.39 -32.56 38.31
CA ILE M 77 -40.90 -33.05 39.59
C ILE M 77 -40.07 -31.99 40.29
N ARG M 78 -40.02 -32.08 41.61
CA ARG M 78 -39.22 -31.18 42.42
C ARG M 78 -37.74 -31.45 42.21
N ARG M 79 -37.01 -30.41 41.85
CA ARG M 79 -35.57 -30.51 41.59
C ARG M 79 -34.81 -30.10 42.85
N ALA M 80 -33.91 -30.96 43.31
CA ALA M 80 -33.13 -30.62 44.48
C ALA M 80 -31.97 -29.71 44.09
N GLN M 81 -31.37 -29.09 45.11
CA GLN M 81 -30.32 -28.11 44.88
C GLN M 81 -29.12 -28.39 45.78
N VAL M 82 -27.94 -28.10 45.25
CA VAL M 82 -26.66 -28.57 45.80
C VAL M 82 -25.77 -27.38 46.03
N HIS M 83 -25.28 -27.24 47.26
CA HIS M 83 -24.28 -26.23 47.59
C HIS M 83 -22.90 -26.88 47.57
N VAL M 84 -22.03 -26.39 46.69
CA VAL M 84 -20.70 -26.93 46.49
C VAL M 84 -19.69 -25.99 47.11
N GLU M 85 -18.83 -26.53 47.98
CA GLU M 85 -17.84 -25.72 48.70
C GLU M 85 -16.47 -26.33 48.46
N ALA M 86 -15.63 -25.65 47.69
CA ALA M 86 -14.32 -26.16 47.30
C ALA M 86 -13.25 -25.40 48.05
N LEU M 87 -12.42 -26.13 48.81
CA LEU M 87 -11.36 -25.51 49.58
C LEU M 87 -10.06 -25.51 48.79
N ILE M 88 -9.17 -24.60 49.15
CA ILE M 88 -7.86 -24.47 48.52
C ILE M 88 -6.84 -24.22 49.63
N VAL M 89 -5.85 -25.08 49.75
CA VAL M 89 -4.81 -24.95 50.75
C VAL M 89 -3.47 -24.78 50.03
N GLU M 90 -2.70 -23.79 50.43
CA GLU M 90 -1.35 -23.61 49.91
C GLU M 90 -0.43 -23.27 51.06
N VAL M 91 0.56 -24.13 51.32
CA VAL M 91 1.55 -23.91 52.35
C VAL M 91 2.91 -23.89 51.68
N ALA M 92 3.69 -22.85 51.93
CA ALA M 92 5.02 -22.70 51.33
C ALA M 92 6.05 -22.48 52.42
N GLU M 93 7.32 -22.70 52.08
CA GLU M 93 8.44 -22.44 52.97
C GLU M 93 9.70 -22.31 52.14
N GLY M 94 10.40 -21.19 52.29
CA GLY M 94 11.63 -20.98 51.56
C GLY M 94 12.71 -20.36 52.41
N SER M 95 13.88 -21.01 52.48
CA SER M 95 14.99 -20.55 53.30
C SER M 95 16.30 -20.93 52.64
N ASN M 96 17.09 -19.93 52.26
CA ASN M 96 18.40 -20.14 51.66
C ASN M 96 19.46 -19.41 52.47
N ILE M 97 20.61 -20.04 52.64
CA ILE M 97 21.70 -19.50 53.43
C ILE M 97 22.86 -19.18 52.49
N ASN M 98 23.31 -17.93 52.49
CA ASN M 98 24.50 -17.57 51.76
C ASN M 98 25.68 -17.37 52.72
N PHE M 99 26.88 -17.45 52.15
CA PHE M 99 28.10 -17.20 52.88
C PHE M 99 29.18 -16.88 51.85
N GLY M 100 30.22 -16.18 52.28
CA GLY M 100 31.27 -15.85 51.36
C GLY M 100 32.38 -15.00 51.93
N VAL M 101 33.62 -15.36 51.61
CA VAL M 101 34.80 -14.62 52.03
C VAL M 101 35.56 -14.24 50.77
N GLN M 102 35.83 -12.95 50.61
CA GLN M 102 36.51 -12.44 49.42
C GLN M 102 37.73 -11.63 49.84
N TRP M 103 38.92 -12.18 49.61
CA TRP M 103 40.15 -11.48 49.90
C TRP M 103 40.53 -10.60 48.72
N GLY M 104 41.20 -9.50 49.01
CA GLY M 104 41.63 -8.61 47.95
C GLY M 104 42.78 -7.71 48.32
N SER M 105 43.83 -7.71 47.51
CA SER M 105 44.94 -6.78 47.65
C SER M 105 45.04 -5.94 46.38
N LYS M 106 45.47 -4.69 46.53
CA LYS M 106 45.53 -3.81 45.38
C LYS M 106 46.70 -4.14 44.47
N ASP M 107 47.78 -4.70 45.03
CA ASP M 107 48.97 -5.02 44.26
C ASP M 107 49.27 -6.51 44.16
N ALA M 108 48.47 -7.37 44.77
CA ALA M 108 48.79 -8.79 44.85
C ALA M 108 47.56 -9.64 44.52
N GLY M 109 46.77 -9.20 43.55
CA GLY M 109 45.65 -9.98 43.08
C GLY M 109 44.46 -9.96 44.02
N LEU M 110 43.43 -10.71 43.63
CA LEU M 110 42.17 -10.73 44.37
C LEU M 110 41.61 -12.14 44.36
N MET M 111 40.77 -12.44 45.34
CA MET M 111 40.03 -13.70 45.41
C MET M 111 38.55 -13.38 45.47
N GLN M 112 37.84 -13.59 44.37
CA GLN M 112 36.40 -13.34 44.35
C GLN M 112 35.66 -14.62 44.02
N PHE M 113 34.35 -14.57 44.17
CA PHE M 113 33.46 -15.68 43.85
C PHE M 113 32.15 -15.10 43.34
N ALA M 114 31.30 -15.96 42.79
CA ALA M 114 29.95 -15.59 42.39
C ALA M 114 28.98 -16.71 42.72
N ASN M 115 27.69 -16.37 42.66
CA ASN M 115 26.56 -17.30 42.84
C ASN M 115 26.61 -18.00 44.20
N GLY M 116 26.38 -17.20 45.23
CA GLY M 116 26.40 -17.70 46.58
C GLY M 116 26.98 -16.71 47.56
N THR M 117 27.82 -15.82 47.04
CA THR M 117 28.28 -14.66 47.78
C THR M 117 27.65 -13.36 47.28
N GLN M 118 27.07 -13.38 46.07
CA GLN M 118 26.14 -12.38 45.55
C GLN M 118 26.72 -10.97 45.35
N ILE M 119 28.00 -10.78 45.64
CA ILE M 119 28.68 -9.51 45.41
C ILE M 119 30.16 -9.75 45.18
N PRO M 120 30.67 -9.54 43.97
CA PRO M 120 32.09 -9.75 43.72
C PRO M 120 32.92 -8.62 44.31
N ILE M 121 34.17 -8.94 44.67
CA ILE M 121 35.08 -7.91 45.14
C ILE M 121 35.61 -7.09 43.96
N GLY M 122 35.54 -7.63 42.75
CA GLY M 122 36.01 -6.88 41.59
C GLY M 122 35.03 -5.80 41.18
N THR M 123 33.74 -6.11 41.18
CA THR M 123 32.74 -5.11 40.81
C THR M 123 32.55 -4.08 41.92
N LEU M 124 32.62 -4.52 43.18
CA LEU M 124 32.45 -3.59 44.29
C LEU M 124 33.69 -2.74 44.46
N GLY M 125 34.86 -3.32 44.26
CA GLY M 125 36.09 -2.54 44.27
C GLY M 125 36.18 -1.60 43.08
N ALA M 126 35.56 -1.97 41.95
CA ALA M 126 35.49 -1.06 40.83
C ALA M 126 34.52 0.08 41.08
N ALA M 127 33.41 -0.22 41.76
CA ALA M 127 32.41 0.81 42.04
C ALA M 127 32.93 1.79 43.09
N ILE M 128 33.52 1.28 44.17
CA ILE M 128 34.10 2.16 45.20
C ILE M 128 35.34 2.87 44.65
N SER M 129 36.09 2.21 43.76
CA SER M 129 37.20 2.88 43.09
C SER M 129 36.72 3.99 42.17
N ALA M 130 35.51 3.86 41.63
CA ALA M 130 34.91 4.94 40.87
C ALA M 130 34.15 5.93 41.74
N ALA M 131 34.10 5.70 43.05
CA ALA M 131 33.25 6.51 43.93
C ALA M 131 33.99 7.62 44.65
N LYS M 132 35.30 7.50 44.84
CA LYS M 132 36.04 8.57 45.53
C LYS M 132 36.21 9.76 44.60
N PRO M 133 35.87 10.96 45.03
CA PRO M 133 35.73 12.09 44.11
C PRO M 133 37.05 12.63 43.60
N GLN M 134 37.01 13.10 42.36
CA GLN M 134 38.14 13.75 41.72
C GLN M 134 38.18 15.22 42.09
N LYS M 135 39.31 15.86 41.84
CA LYS M 135 39.48 17.27 42.09
C LYS M 135 39.44 18.06 40.78
N GLY M 136 39.43 19.38 40.91
CA GLY M 136 39.38 20.27 39.77
C GLY M 136 40.73 20.85 39.41
N SER M 137 40.70 21.97 38.70
CA SER M 137 41.92 22.63 38.26
C SER M 137 42.59 23.36 39.42
N ASN M 149 38.25 23.93 38.59
CA ASN M 149 38.42 24.66 39.83
C ASN M 149 37.50 24.14 40.98
N PRO M 150 36.18 23.82 40.74
CA PRO M 150 35.44 23.09 41.80
C PRO M 150 35.71 21.59 41.77
N ASP M 151 35.64 20.95 42.93
CA ASP M 151 35.82 19.51 43.05
C ASP M 151 34.46 18.85 43.29
N THR M 152 34.01 18.07 42.30
CA THR M 152 32.68 17.47 42.36
C THR M 152 32.72 16.16 43.13
N ASN M 153 31.87 16.06 44.16
CA ASN M 153 31.61 14.81 44.87
C ASN M 153 30.26 14.28 44.38
N GLY M 154 30.26 13.76 43.16
CA GLY M 154 29.03 13.29 42.54
C GLY M 154 29.18 12.05 41.70
N ASP M 155 30.28 11.32 41.89
CA ASP M 155 30.53 10.07 41.19
C ASP M 155 29.89 8.92 41.97
N LEU M 156 28.69 8.53 41.54
CA LEU M 156 27.89 7.55 42.28
C LEU M 156 26.92 6.94 41.27
N SER M 157 25.85 6.31 41.78
CA SER M 157 24.84 5.55 41.05
C SER M 157 25.42 4.32 40.36
N THR M 158 26.54 3.82 40.87
CA THR M 158 27.07 2.50 40.55
C THR M 158 27.00 1.57 41.76
N LEU M 159 27.32 2.09 42.95
CA LEU M 159 26.99 1.38 44.18
C LEU M 159 25.48 1.39 44.42
N ALA M 160 24.79 2.41 43.92
CA ALA M 160 23.34 2.47 44.09
C ALA M 160 22.62 1.48 43.20
N GLN M 161 23.28 0.99 42.16
CA GLN M 161 22.70 -0.07 41.33
C GLN M 161 23.24 -1.44 41.72
N LEU M 162 24.54 -1.53 42.02
CA LEU M 162 25.13 -2.80 42.40
C LEU M 162 24.65 -3.25 43.78
N LEU M 163 24.35 -2.29 44.66
CA LEU M 163 23.80 -2.59 45.98
C LEU M 163 22.29 -2.35 46.04
N SER M 164 21.62 -2.30 44.90
CA SER M 164 20.18 -2.08 44.90
C SER M 164 19.43 -3.32 45.35
N GLY M 165 19.54 -4.41 44.60
CA GLY M 165 19.00 -5.66 45.05
C GLY M 165 20.05 -6.48 45.76
N PHE M 166 20.10 -6.34 47.08
CA PHE M 166 21.11 -6.98 47.90
C PHE M 166 20.69 -6.94 49.36
N SER M 167 20.80 -8.05 50.07
CA SER M 167 20.32 -8.14 51.43
C SER M 167 21.35 -8.69 52.40
N GLY M 168 22.61 -8.80 52.00
CA GLY M 168 23.59 -9.49 52.81
C GLY M 168 24.35 -8.60 53.77
N THR M 169 24.80 -9.20 54.86
CA THR M 169 25.74 -8.56 55.77
C THR M 169 27.12 -8.57 55.12
N ALA M 170 27.61 -7.40 54.74
CA ALA M 170 28.89 -7.27 54.04
C ALA M 170 29.80 -6.37 54.87
N VAL M 171 30.72 -6.99 55.60
CA VAL M 171 31.68 -6.24 56.41
C VAL M 171 32.99 -6.17 55.66
N GLY M 172 33.79 -5.15 55.98
CA GLY M 172 35.11 -5.03 55.42
C GLY M 172 36.20 -5.07 56.47
N VAL M 173 36.96 -6.16 56.51
CA VAL M 173 37.98 -6.37 57.53
C VAL M 173 39.34 -6.21 56.88
N VAL M 174 40.07 -5.17 57.27
CA VAL M 174 41.43 -4.96 56.78
C VAL M 174 42.39 -5.67 57.73
N LYS M 175 43.27 -6.51 57.17
CA LYS M 175 44.23 -7.25 57.97
C LYS M 175 45.46 -7.49 57.10
N GLY M 176 46.52 -6.72 57.34
CA GLY M 176 47.75 -6.85 56.57
C GLY M 176 47.62 -6.40 55.13
N ASP M 177 46.79 -5.38 54.88
CA ASP M 177 46.36 -4.93 53.55
C ASP M 177 45.77 -6.10 52.76
N TRP M 178 44.70 -6.66 53.32
CA TRP M 178 43.89 -7.70 52.68
C TRP M 178 42.45 -7.42 53.06
N MET M 179 41.69 -6.82 52.14
CA MET M 179 40.33 -6.42 52.44
C MET M 179 39.41 -7.63 52.47
N ALA M 180 39.28 -8.25 53.65
CA ALA M 180 38.51 -9.48 53.81
C ALA M 180 37.02 -9.16 53.78
N LEU M 181 36.48 -9.08 52.56
CA LEU M 181 35.07 -8.78 52.37
C LEU M 181 34.25 -10.03 52.69
N VAL M 182 33.67 -10.07 53.88
CA VAL M 182 32.88 -11.20 54.33
C VAL M 182 31.41 -10.91 54.05
N GLN M 183 30.74 -11.83 53.34
CA GLN M 183 29.34 -11.67 52.99
C GLN M 183 28.57 -12.86 53.53
N ALA M 184 27.43 -12.60 54.18
CA ALA M 184 26.60 -13.65 54.76
C ALA M 184 25.18 -13.14 54.93
N VAL M 185 24.19 -14.02 54.74
CA VAL M 185 22.78 -13.70 54.89
C VAL M 185 22.00 -15.00 55.05
N LYS M 186 20.92 -14.96 55.81
CA LYS M 186 19.98 -16.09 55.89
C LYS M 186 18.58 -15.50 56.03
N ASN M 187 17.66 -15.92 55.17
CA ASN M 187 16.29 -15.41 55.21
C ASN M 187 15.27 -16.52 54.97
N ASP M 188 14.41 -16.71 55.96
CA ASP M 188 13.33 -17.69 55.87
C ASP M 188 12.08 -17.03 55.30
N SER M 189 11.16 -17.84 54.78
CA SER M 189 9.88 -17.38 54.28
C SER M 189 8.83 -18.43 54.59
N SER M 190 7.58 -18.00 54.76
CA SER M 190 6.47 -18.90 55.08
C SER M 190 5.17 -18.25 54.63
N SER M 191 4.55 -18.84 53.61
CA SER M 191 3.23 -18.40 53.18
C SER M 191 2.20 -19.43 53.62
N ASN M 192 0.95 -19.00 53.75
CA ASN M 192 -0.15 -19.87 54.14
C ASN M 192 -1.45 -19.26 53.63
N VAL M 193 -2.03 -19.89 52.61
CA VAL M 193 -3.19 -19.33 51.93
C VAL M 193 -4.32 -20.33 51.97
N LEU M 194 -5.45 -19.91 52.51
CA LEU M 194 -6.65 -20.72 52.54
C LEU M 194 -7.77 -19.96 51.85
N SER M 195 -8.31 -20.54 50.79
CA SER M 195 -9.42 -19.93 50.06
C SER M 195 -10.51 -20.97 49.87
N THR M 196 -11.76 -20.52 49.90
CA THR M 196 -12.91 -21.41 49.78
C THR M 196 -14.07 -20.70 49.09
N PRO M 197 -14.14 -20.78 47.76
CA PRO M 197 -15.36 -20.35 47.07
C PRO M 197 -16.51 -21.30 47.32
N SER M 198 -17.71 -20.81 47.03
CA SER M 198 -18.93 -21.57 47.22
C SER M 198 -19.90 -21.22 46.12
N ILE M 199 -20.85 -22.12 45.85
CA ILE M 199 -21.82 -21.93 44.78
C ILE M 199 -23.09 -22.66 45.20
N THR M 200 -24.20 -22.32 44.54
CA THR M 200 -25.48 -22.97 44.80
C THR M 200 -26.20 -23.10 43.47
N THR M 201 -26.26 -24.31 42.94
CA THR M 201 -26.92 -24.56 41.69
C THR M 201 -28.20 -25.33 41.95
N LEU M 202 -28.86 -25.74 40.88
CA LEU M 202 -29.81 -26.84 40.94
C LEU M 202 -29.13 -28.10 40.45
N ASP M 203 -29.91 -29.18 40.37
CA ASP M 203 -29.44 -30.39 39.73
C ASP M 203 -29.27 -30.17 38.24
N ASN M 204 -28.13 -30.60 37.69
CA ASN M 204 -27.85 -30.67 36.25
C ASN M 204 -27.87 -29.30 35.57
N GLN M 205 -27.58 -28.25 36.32
CA GLN M 205 -27.54 -26.90 35.78
C GLN M 205 -26.18 -26.30 36.11
N GLU M 206 -25.40 -26.01 35.07
CA GLU M 206 -24.05 -25.52 35.29
C GLU M 206 -24.08 -24.08 35.79
N ALA M 207 -23.02 -23.73 36.52
CA ALA M 207 -22.91 -22.43 37.13
C ALA M 207 -21.46 -22.20 37.50
N PHE M 208 -21.04 -20.94 37.47
CA PHE M 208 -19.66 -20.67 37.82
C PHE M 208 -19.63 -19.45 38.72
N PHE M 209 -18.42 -18.95 38.93
CA PHE M 209 -18.14 -17.96 39.94
C PHE M 209 -16.78 -17.40 39.61
N MET M 210 -16.49 -16.19 40.10
CA MET M 210 -15.27 -15.50 39.75
C MET M 210 -15.08 -14.35 40.73
N VAL M 211 -13.84 -14.11 41.14
CA VAL M 211 -13.53 -12.90 41.89
C VAL M 211 -12.32 -12.21 41.26
N GLY M 212 -12.07 -12.47 40.00
CA GLY M 212 -10.83 -12.06 39.37
C GLY M 212 -10.84 -10.66 38.79
N GLN M 213 -10.07 -10.50 37.72
CA GLN M 213 -9.90 -9.22 37.04
C GLN M 213 -10.07 -9.45 35.54
N ASP M 214 -9.87 -8.38 34.77
CA ASP M 214 -9.78 -8.46 33.32
C ASP M 214 -8.50 -7.75 32.91
N VAL M 215 -7.57 -8.48 32.32
CA VAL M 215 -6.26 -7.94 32.01
C VAL M 215 -6.14 -7.80 30.50
N PRO M 216 -5.64 -6.68 29.98
CA PRO M 216 -5.44 -6.55 28.54
C PRO M 216 -4.28 -7.43 28.07
N VAL M 217 -4.64 -8.46 27.30
CA VAL M 217 -3.68 -9.38 26.72
C VAL M 217 -3.60 -9.07 25.23
N LEU M 218 -2.42 -8.72 24.75
CA LEU M 218 -2.26 -8.36 23.34
C LEU M 218 -1.90 -9.60 22.54
N THR M 219 -2.58 -9.79 21.42
CA THR M 219 -2.30 -10.85 20.47
C THR M 219 -2.04 -10.19 19.12
N GLY M 220 -0.81 -9.73 18.92
CA GLY M 220 -0.43 -9.05 17.70
C GLY M 220 -0.47 -7.54 17.82
N THR M 233 -3.92 -7.10 18.12
CA THR M 233 -5.29 -7.41 18.52
C THR M 233 -5.34 -7.72 20.01
N VAL M 234 -5.58 -6.68 20.82
CA VAL M 234 -5.65 -6.85 22.26
C VAL M 234 -6.95 -7.52 22.62
N GLU M 235 -6.89 -8.53 23.49
CA GLU M 235 -8.06 -9.28 23.89
C GLU M 235 -8.12 -9.35 25.41
N ARG M 236 -9.32 -9.24 25.95
CA ARG M 236 -9.52 -9.24 27.39
C ARG M 236 -9.53 -10.67 27.90
N LYS M 237 -8.70 -10.96 28.89
CA LYS M 237 -8.59 -12.29 29.44
C LYS M 237 -8.89 -12.26 30.93
N LYS M 238 -9.67 -13.23 31.38
CA LYS M 238 -10.10 -13.30 32.77
C LYS M 238 -9.10 -14.05 33.62
N VAL M 239 -8.92 -13.60 34.86
CA VAL M 239 -8.03 -14.24 35.82
C VAL M 239 -8.82 -14.50 37.09
N GLY M 240 -8.14 -14.95 38.14
CA GLY M 240 -8.75 -15.05 39.44
C GLY M 240 -9.51 -16.35 39.66
N ILE M 241 -10.04 -16.47 40.88
CA ILE M 241 -10.55 -17.73 41.40
C ILE M 241 -11.86 -18.08 40.72
N MET M 242 -11.82 -19.03 39.80
CA MET M 242 -13.01 -19.48 39.09
C MET M 242 -13.39 -20.87 39.59
N LEU M 243 -14.69 -21.16 39.57
CA LEU M 243 -15.17 -22.46 40.02
C LEU M 243 -16.41 -22.79 39.20
N LYS M 244 -16.24 -23.54 38.13
CA LYS M 244 -17.34 -23.89 37.26
C LYS M 244 -17.73 -25.35 37.49
N VAL M 245 -18.88 -25.55 38.11
CA VAL M 245 -19.31 -26.88 38.50
C VAL M 245 -20.57 -27.21 37.70
N THR M 246 -20.87 -28.52 37.60
CA THR M 246 -22.12 -28.98 37.00
C THR M 246 -22.54 -30.23 37.74
N PRO M 247 -23.16 -30.09 38.90
CA PRO M 247 -23.40 -31.25 39.76
C PRO M 247 -24.60 -32.05 39.31
N GLN M 248 -24.52 -33.35 39.56
CA GLN M 248 -25.59 -34.30 39.28
C GLN M 248 -25.81 -35.14 40.52
N ILE M 249 -27.08 -35.33 40.87
CA ILE M 249 -27.44 -36.05 42.08
C ILE M 249 -27.70 -37.50 41.72
N ASN M 250 -26.83 -38.38 42.18
CA ASN M 250 -26.99 -39.82 42.01
C ASN M 250 -27.66 -40.41 43.24
N GLU M 251 -28.31 -41.54 43.03
CA GLU M 251 -29.07 -42.17 44.10
C GLU M 251 -28.14 -42.81 45.12
N GLY M 252 -28.62 -42.94 46.35
CA GLY M 252 -27.75 -43.14 47.48
C GLY M 252 -27.19 -41.85 48.04
N ASN M 253 -27.73 -40.70 47.59
CA ASN M 253 -27.32 -39.35 47.99
C ASN M 253 -25.85 -39.10 47.70
N ALA M 254 -25.40 -39.56 46.54
CA ALA M 254 -24.05 -39.27 46.06
C ALA M 254 -24.12 -38.24 44.95
N VAL M 255 -23.09 -37.41 44.87
CA VAL M 255 -23.09 -36.26 43.97
C VAL M 255 -21.94 -36.43 42.97
N GLN M 256 -22.27 -36.44 41.69
CA GLN M 256 -21.29 -36.42 40.63
C GLN M 256 -21.11 -35.00 40.14
N MET M 257 -19.87 -34.53 40.10
CA MET M 257 -19.59 -33.14 39.74
C MET M 257 -18.63 -33.10 38.57
N VAL M 258 -18.83 -32.12 37.69
CA VAL M 258 -17.89 -31.84 36.63
C VAL M 258 -17.27 -30.48 36.94
N ILE M 259 -16.16 -30.49 37.65
CA ILE M 259 -15.58 -29.27 38.19
C ILE M 259 -14.44 -28.81 37.32
N GLU M 260 -14.45 -27.53 36.94
CA GLU M 260 -13.39 -26.93 36.12
C GLU M 260 -12.91 -25.70 36.87
N GLN M 261 -12.02 -25.89 37.81
CA GLN M 261 -11.57 -24.82 38.69
C GLN M 261 -10.31 -24.16 38.11
N GLU M 262 -10.05 -22.94 38.55
CA GLU M 262 -8.89 -22.18 38.12
C GLU M 262 -8.56 -21.16 39.19
N VAL M 263 -7.29 -21.00 39.51
CA VAL M 263 -6.81 -19.94 40.38
C VAL M 263 -5.73 -19.21 39.61
N SER M 264 -6.07 -18.11 38.97
CA SER M 264 -5.09 -17.34 38.22
C SER M 264 -4.65 -16.13 39.03
N LYS M 265 -3.50 -15.58 38.66
CA LYS M 265 -2.89 -14.50 39.41
C LYS M 265 -1.92 -13.78 38.50
N VAL M 266 -1.96 -12.45 38.52
CA VAL M 266 -1.10 -11.65 37.65
C VAL M 266 0.30 -11.61 38.25
N GLU M 267 1.26 -12.18 37.55
CA GLU M 267 2.66 -12.05 37.91
C GLU M 267 3.30 -10.95 37.08
N GLY M 268 4.38 -10.39 37.59
CA GLY M 268 4.98 -9.27 36.92
C GLY M 268 5.93 -9.64 35.80
N GLN M 269 7.17 -9.17 35.95
CA GLN M 269 8.23 -9.44 34.99
C GLN M 269 8.01 -8.53 33.81
N THR M 270 7.02 -8.89 33.01
CA THR M 270 6.63 -8.09 31.84
C THR M 270 7.67 -8.07 30.72
N SER M 271 7.97 -9.25 30.15
CA SER M 271 9.08 -9.35 29.21
C SER M 271 8.71 -8.72 27.87
N LEU M 272 7.72 -9.28 27.19
CA LEU M 272 7.05 -8.64 26.08
C LEU M 272 5.61 -8.27 26.41
N ASP M 273 5.00 -9.01 27.33
CA ASP M 273 3.67 -8.73 27.83
C ASP M 273 3.62 -9.25 29.25
N VAL M 274 2.48 -9.09 29.91
CA VAL M 274 2.34 -9.53 31.29
C VAL M 274 2.17 -11.04 31.32
N VAL M 275 2.69 -11.66 32.37
CA VAL M 275 2.58 -13.11 32.54
C VAL M 275 1.62 -13.39 33.67
N PHE M 276 1.09 -14.61 33.68
CA PHE M 276 0.11 -15.02 34.66
C PHE M 276 0.68 -16.15 35.50
N GLY M 277 -0.10 -16.63 36.45
CA GLY M 277 0.16 -17.93 37.02
C GLY M 277 -1.12 -18.70 37.19
N GLU M 278 -1.31 -19.80 36.49
CA GLU M 278 -2.54 -20.56 36.60
C GLU M 278 -2.33 -21.81 37.45
N ARG M 279 -3.42 -22.27 38.05
CA ARG M 279 -3.41 -23.48 38.86
C ARG M 279 -4.64 -24.31 38.55
N LYS M 280 -5.04 -24.34 37.28
CA LYS M 280 -6.34 -24.87 36.92
C LYS M 280 -6.34 -26.40 36.93
N LEU M 281 -7.53 -26.97 36.94
CA LEU M 281 -7.74 -28.40 36.81
C LEU M 281 -9.15 -28.62 36.32
N LYS M 282 -9.34 -29.69 35.54
CA LYS M 282 -10.64 -30.00 34.95
C LYS M 282 -10.91 -31.48 35.16
N THR M 283 -11.48 -31.83 36.29
CA THR M 283 -11.68 -33.24 36.62
C THR M 283 -13.17 -33.54 36.76
N THR M 284 -13.45 -34.76 37.21
CA THR M 284 -14.83 -35.22 37.39
C THR M 284 -14.82 -36.20 38.55
N VAL M 285 -15.36 -35.80 39.69
CA VAL M 285 -15.31 -36.61 40.90
C VAL M 285 -16.70 -37.11 41.22
N LEU M 286 -16.76 -38.02 42.19
CA LEU M 286 -18.02 -38.59 42.68
C LEU M 286 -17.91 -38.66 44.20
N ALA M 287 -18.33 -37.60 44.86
CA ALA M 287 -18.22 -37.52 46.30
C ALA M 287 -19.50 -37.99 46.96
N ASN M 288 -19.44 -38.11 48.29
CA ASN M 288 -20.59 -38.52 49.08
C ASN M 288 -21.48 -37.33 49.41
N ASP M 289 -22.38 -37.51 50.36
CA ASP M 289 -23.44 -36.52 50.59
C ASP M 289 -22.89 -35.24 51.21
N GLY M 290 -21.96 -35.35 52.14
CA GLY M 290 -21.36 -34.17 52.75
C GLY M 290 -19.90 -34.35 53.08
N GLU M 291 -19.30 -35.41 52.54
CA GLU M 291 -17.92 -35.77 52.88
C GLU M 291 -16.94 -35.11 51.93
N LEU M 292 -15.76 -34.81 52.45
CA LEU M 292 -14.72 -34.20 51.65
C LEU M 292 -14.07 -35.26 50.76
N ILE M 293 -13.56 -34.81 49.62
CA ILE M 293 -12.71 -35.64 48.79
C ILE M 293 -11.62 -34.76 48.20
N VAL M 294 -10.40 -35.28 48.17
CA VAL M 294 -9.28 -34.57 47.59
C VAL M 294 -9.33 -34.71 46.07
N LEU M 295 -9.21 -33.58 45.37
CA LEU M 295 -9.22 -33.59 43.92
C LEU M 295 -7.83 -33.65 43.33
N GLY M 296 -7.02 -32.63 43.63
CA GLY M 296 -5.71 -32.55 43.05
C GLY M 296 -4.69 -32.16 44.09
N GLY M 297 -3.53 -31.73 43.65
CA GLY M 297 -2.53 -31.29 44.59
C GLY M 297 -1.15 -31.27 43.98
N LEU M 298 -0.22 -30.76 44.75
CA LEU M 298 1.19 -30.72 44.36
C LEU M 298 2.01 -30.56 45.62
N MET M 299 2.85 -31.54 45.92
CA MET M 299 3.77 -31.45 47.05
C MET M 299 5.16 -31.25 46.47
N ASP M 300 5.49 -30.00 46.17
CA ASP M 300 6.82 -29.67 45.69
C ASP M 300 7.81 -29.77 46.84
N ASP M 301 9.05 -30.06 46.49
CA ASP M 301 10.13 -30.20 47.47
C ASP M 301 11.44 -30.04 46.73
N GLN M 302 12.25 -29.09 47.13
CA GLN M 302 13.53 -28.85 46.47
C GLN M 302 14.65 -28.87 47.49
N ALA M 303 15.86 -28.72 46.97
CA ALA M 303 17.06 -28.56 47.76
C ALA M 303 18.08 -27.84 46.89
N GLY M 304 19.32 -27.79 47.35
CA GLY M 304 20.34 -27.11 46.58
C GLY M 304 21.63 -26.95 47.34
N GLU M 305 22.72 -26.75 46.60
CA GLU M 305 24.05 -26.59 47.17
C GLU M 305 24.96 -26.02 46.11
N SER M 306 25.74 -25.00 46.46
CA SER M 306 26.74 -24.46 45.55
C SER M 306 27.90 -23.94 46.39
N VAL M 307 28.88 -24.80 46.62
CA VAL M 307 30.11 -24.43 47.31
C VAL M 307 31.13 -24.09 46.24
N ALA M 308 32.05 -23.17 46.54
CA ALA M 308 33.05 -22.73 45.59
C ALA M 308 34.39 -22.60 46.31
N LYS M 309 35.20 -23.65 46.25
CA LYS M 309 36.43 -23.71 47.02
C LYS M 309 37.58 -22.98 46.33
N VAL M 310 38.77 -23.16 46.89
CA VAL M 310 40.05 -22.91 46.24
C VAL M 310 40.77 -24.24 46.41
N PRO M 311 41.34 -24.84 45.31
CA PRO M 311 41.52 -26.31 45.25
C PRO M 311 42.32 -27.00 46.36
N LEU M 312 43.48 -26.46 46.74
CA LEU M 312 44.26 -27.13 47.77
C LEU M 312 43.89 -26.58 49.15
N LEU M 313 43.85 -25.26 49.29
CA LEU M 313 43.54 -24.64 50.58
C LEU M 313 42.04 -24.35 50.74
N GLY M 314 41.22 -25.35 50.43
CA GLY M 314 39.79 -25.22 50.63
C GLY M 314 39.26 -26.25 51.60
N ASP M 315 39.92 -27.40 51.68
CA ASP M 315 39.53 -28.46 52.58
C ASP M 315 40.37 -28.50 53.85
N ILE M 316 40.92 -27.36 54.26
CA ILE M 316 41.57 -27.22 55.56
C ILE M 316 40.48 -27.34 56.61
N PRO M 317 40.61 -28.23 57.60
CA PRO M 317 39.48 -28.47 58.52
C PRO M 317 39.26 -27.34 59.53
N LEU M 318 40.20 -26.41 59.63
CA LEU M 318 40.08 -25.36 60.63
C LEU M 318 39.82 -23.99 60.00
N ILE M 319 40.69 -23.55 59.10
CA ILE M 319 40.60 -22.20 58.55
C ILE M 319 40.22 -22.26 57.08
N GLY M 320 39.88 -23.45 56.60
CA GLY M 320 39.45 -23.59 55.22
C GLY M 320 38.08 -23.02 54.95
N ASN M 321 37.29 -22.84 56.01
CA ASN M 321 35.92 -22.35 55.92
C ASN M 321 35.86 -20.93 55.38
N LEU M 322 36.90 -20.14 55.61
CA LEU M 322 36.96 -18.77 55.09
C LEU M 322 37.71 -18.74 53.76
N PHE M 323 37.36 -19.69 52.90
CA PHE M 323 37.82 -19.67 51.52
C PHE M 323 36.70 -20.05 50.55
N LYS M 324 35.63 -20.63 51.08
CA LYS M 324 34.54 -21.15 50.25
C LYS M 324 33.33 -20.25 50.38
N SER M 325 32.61 -20.07 49.27
CA SER M 325 31.38 -19.29 49.25
C SER M 325 30.21 -20.26 49.24
N THR M 326 29.88 -20.79 50.41
CA THR M 326 28.90 -21.88 50.51
C THR M 326 27.50 -21.32 50.35
N ALA M 327 26.92 -21.54 49.17
CA ALA M 327 25.52 -21.25 49.00
C ALA M 327 24.67 -22.39 49.54
N ASP M 328 23.36 -22.16 49.57
CA ASP M 328 22.38 -23.17 49.94
C ASP M 328 21.04 -22.67 49.43
N LYS M 329 20.08 -23.58 49.31
CA LYS M 329 18.69 -23.22 49.04
C LYS M 329 17.82 -24.38 49.45
N LYS M 330 17.01 -24.19 50.49
CA LYS M 330 16.00 -25.16 50.87
C LYS M 330 14.64 -24.55 50.59
N GLU M 331 13.75 -25.34 50.00
CA GLU M 331 12.44 -24.84 49.62
C GLU M 331 11.47 -26.01 49.66
N LYS M 332 10.25 -25.73 50.11
CA LYS M 332 9.21 -26.75 50.17
C LYS M 332 7.86 -26.05 50.03
N ARG M 333 6.99 -26.61 49.21
CA ARG M 333 5.71 -25.96 48.92
C ARG M 333 4.65 -27.01 48.67
N ASN M 334 3.58 -26.97 49.47
CA ASN M 334 2.46 -27.89 49.33
C ASN M 334 1.26 -27.16 48.75
N LEU M 335 0.34 -27.94 48.22
CA LEU M 335 -0.85 -27.40 47.58
C LEU M 335 -1.89 -28.50 47.53
N MET M 336 -3.14 -28.16 47.83
CA MET M 336 -4.24 -29.11 47.74
C MET M 336 -5.49 -28.39 47.24
N VAL M 337 -6.41 -29.18 46.70
CA VAL M 337 -7.73 -28.71 46.28
C VAL M 337 -8.75 -29.72 46.79
N PHE M 338 -9.62 -29.28 47.68
CA PHE M 338 -10.64 -30.12 48.28
C PHE M 338 -12.00 -29.68 47.77
N ILE M 339 -13.04 -30.42 48.15
CA ILE M 339 -14.41 -30.06 47.81
C ILE M 339 -15.33 -30.65 48.87
N ARG M 340 -16.54 -30.12 48.95
CA ARG M 340 -17.58 -30.67 49.82
C ARG M 340 -18.92 -30.34 49.21
N PRO M 341 -19.59 -31.32 48.61
CA PRO M 341 -20.97 -31.10 48.16
C PRO M 341 -21.93 -31.17 49.34
N THR M 342 -23.05 -30.47 49.19
CA THR M 342 -24.08 -30.41 50.23
C THR M 342 -25.42 -30.26 49.54
N ILE M 343 -26.22 -31.33 49.51
CA ILE M 343 -27.53 -31.22 48.91
C ILE M 343 -28.48 -30.54 49.89
N LEU M 344 -29.48 -29.85 49.35
CA LEU M 344 -30.43 -29.09 50.16
C LEU M 344 -31.82 -29.61 49.85
N ARG M 345 -32.46 -30.23 50.85
CA ARG M 345 -33.74 -30.88 50.63
C ARG M 345 -34.89 -29.87 50.58
N ASP M 346 -35.12 -29.18 51.69
CA ASP M 346 -36.34 -28.40 51.88
C ASP M 346 -35.96 -27.09 52.55
N GLY M 347 -36.96 -26.41 53.13
CA GLY M 347 -36.72 -25.20 53.89
C GLY M 347 -35.95 -25.42 55.18
N MET M 348 -35.89 -26.66 55.67
CA MET M 348 -35.04 -26.95 56.82
C MET M 348 -33.57 -26.94 56.45
N ALA M 349 -33.24 -27.39 55.24
CA ALA M 349 -31.85 -27.45 54.81
C ALA M 349 -31.30 -26.06 54.50
N ALA M 350 -32.03 -25.29 53.68
CA ALA M 350 -31.66 -23.91 53.43
C ALA M 350 -31.84 -23.05 54.68
N ASP M 351 -32.71 -23.44 55.59
CA ASP M 351 -32.76 -22.85 56.93
C ASP M 351 -31.43 -23.03 57.65
N GLY M 352 -30.91 -24.26 57.63
CA GLY M 352 -29.63 -24.53 58.28
C GLY M 352 -28.44 -23.84 57.66
N VAL M 353 -28.24 -24.04 56.37
CA VAL M 353 -27.07 -23.51 55.69
C VAL M 353 -27.17 -22.00 55.54
N SER M 354 -28.32 -21.51 55.08
CA SER M 354 -28.50 -20.07 54.91
C SER M 354 -28.56 -19.35 56.25
N GLN M 355 -29.00 -20.04 57.31
CA GLN M 355 -28.98 -19.45 58.64
C GLN M 355 -27.57 -19.35 59.19
N ARG M 356 -26.74 -20.38 58.98
CA ARG M 356 -25.39 -20.31 59.53
C ARG M 356 -24.50 -19.38 58.71
N LYS M 357 -24.70 -19.29 57.40
CA LYS M 357 -23.93 -18.34 56.61
C LYS M 357 -24.40 -16.92 56.85
N TYR M 358 -25.71 -16.71 56.85
CA TYR M 358 -26.26 -15.36 57.02
C TYR M 358 -26.00 -14.83 58.43
N ASN M 359 -26.29 -15.63 59.45
CA ASN M 359 -26.02 -15.19 60.82
C ASN M 359 -24.54 -15.25 61.17
N TYR M 360 -23.74 -16.00 60.42
CA TYR M 360 -22.30 -15.95 60.62
C TYR M 360 -21.73 -14.64 60.09
N MET M 361 -22.15 -14.22 58.89
CA MET M 361 -21.65 -12.98 58.33
C MET M 361 -22.22 -11.77 59.05
N ARG M 362 -23.51 -11.83 59.42
CA ARG M 362 -24.09 -10.78 60.25
C ARG M 362 -23.41 -10.73 61.61
N ALA M 363 -23.07 -11.90 62.15
CA ALA M 363 -22.33 -11.96 63.41
C ALA M 363 -20.96 -11.32 63.28
N GLU M 364 -20.30 -11.50 62.13
CA GLU M 364 -19.03 -10.82 61.90
C GLU M 364 -19.20 -9.32 61.76
N GLN M 365 -20.32 -8.86 61.20
CA GLN M 365 -20.58 -7.42 61.17
C GLN M 365 -20.90 -6.88 62.57
N ILE M 366 -21.47 -7.72 63.44
CA ILE M 366 -21.64 -7.33 64.84
C ILE M 366 -20.27 -7.24 65.52
N TYR M 367 -19.35 -8.15 65.19
CA TYR M 367 -17.98 -7.98 65.66
C TYR M 367 -17.26 -6.82 64.98
N ARG M 368 -17.80 -6.27 63.91
CA ARG M 368 -17.34 -4.98 63.40
C ARG M 368 -18.13 -3.82 63.96
N ASP M 369 -19.18 -4.08 64.74
CA ASP M 369 -19.96 -3.03 65.38
C ASP M 369 -19.50 -2.77 66.82
N GLU M 370 -19.28 -3.83 67.59
CA GLU M 370 -18.71 -3.69 68.93
C GLU M 370 -17.28 -3.17 68.85
N GLN M 371 -16.48 -3.75 67.96
CA GLN M 371 -15.18 -3.18 67.60
C GLN M 371 -15.46 -1.99 66.69
N GLY M 372 -15.69 -0.84 67.31
CA GLY M 372 -16.13 0.33 66.59
C GLY M 372 -14.99 1.07 65.93
N LEU M 373 -15.34 2.16 65.26
CA LEU M 373 -14.36 3.02 64.62
C LEU M 373 -13.56 3.77 65.68
N SER M 374 -12.32 4.11 65.33
CA SER M 374 -11.42 4.75 66.28
C SER M 374 -11.74 6.21 66.52
N LEU M 375 -12.55 6.84 65.66
CA LEU M 375 -12.81 8.27 65.74
C LEU M 375 -14.21 8.58 66.25
N MET M 376 -15.24 8.05 65.58
CA MET M 376 -16.61 8.39 65.91
C MET M 376 -17.36 7.16 66.42
N PRO M 377 -17.66 7.09 67.71
CA PRO M 377 -18.55 6.01 68.18
C PRO M 377 -19.98 6.19 67.72
N HIS M 378 -20.40 7.41 67.40
CA HIS M 378 -21.78 7.69 66.98
C HIS M 378 -21.90 7.64 65.46
N THR M 379 -21.54 6.48 64.91
CA THR M 379 -21.65 6.24 63.47
C THR M 379 -22.01 4.78 63.27
N ALA M 380 -23.13 4.53 62.59
CA ALA M 380 -23.64 3.18 62.44
C ALA M 380 -22.86 2.42 61.39
N GLN M 381 -22.41 1.21 61.74
CA GLN M 381 -21.81 0.33 60.76
C GLN M 381 -22.89 -0.26 59.86
N PRO M 382 -22.53 -0.62 58.62
CA PRO M 382 -23.48 -1.36 57.77
C PRO M 382 -23.75 -2.75 58.32
N ILE M 383 -24.97 -2.98 58.81
CA ILE M 383 -25.32 -4.25 59.42
C ILE M 383 -26.48 -4.85 58.63
N LEU M 384 -26.51 -6.19 58.58
CA LEU M 384 -27.56 -6.91 57.90
C LEU M 384 -28.89 -6.76 58.66
N PRO M 385 -30.04 -6.98 57.96
CA PRO M 385 -31.33 -6.93 58.66
C PRO M 385 -31.53 -8.03 59.69
N ALA M 386 -32.70 -8.02 60.35
CA ALA M 386 -32.91 -8.82 61.55
C ALA M 386 -33.04 -10.31 61.22
N GLN M 387 -34.03 -10.67 60.41
CA GLN M 387 -34.29 -12.08 60.16
C GLN M 387 -34.63 -12.33 58.69
N GLY N 1 -70.48 -13.53 12.97
CA GLY N 1 -71.23 -14.78 12.92
C GLY N 1 -70.32 -15.99 12.75
N ASN N 2 -69.70 -16.08 11.57
CA ASN N 2 -68.77 -17.16 11.29
C ASN N 2 -67.46 -16.93 12.04
N SER N 3 -66.82 -15.79 11.78
CA SER N 3 -65.62 -15.43 12.51
C SER N 3 -65.97 -14.50 13.66
N GLN N 4 -65.10 -14.49 14.67
CA GLN N 4 -65.32 -13.69 15.87
C GLN N 4 -64.04 -12.98 16.25
N VAL N 5 -64.17 -12.02 17.16
CA VAL N 5 -63.07 -11.20 17.65
C VAL N 5 -63.02 -11.33 19.16
N PHE N 6 -61.87 -11.72 19.69
CA PHE N 6 -61.66 -11.87 21.12
C PHE N 6 -60.75 -10.76 21.60
N TYR N 7 -61.15 -10.07 22.67
CA TYR N 7 -60.30 -9.09 23.32
C TYR N 7 -59.54 -9.77 24.44
N LEU N 8 -58.22 -9.85 24.29
CA LEU N 8 -57.40 -10.42 25.35
C LEU N 8 -57.34 -9.47 26.54
N LYS N 9 -57.49 -10.02 27.73
CA LYS N 9 -57.61 -9.20 28.93
C LYS N 9 -56.34 -9.15 29.75
N TYR N 10 -55.39 -10.06 29.55
CA TYR N 10 -54.16 -10.02 30.32
C TYR N 10 -52.91 -10.36 29.51
N SER N 11 -53.02 -10.59 28.21
CA SER N 11 -51.87 -11.04 27.44
C SER N 11 -51.82 -10.30 26.11
N LYS N 12 -50.62 -10.25 25.54
CA LYS N 12 -50.44 -9.63 24.24
C LYS N 12 -51.02 -10.52 23.14
N ALA N 13 -51.31 -9.90 22.00
CA ALA N 13 -51.96 -10.63 20.92
C ALA N 13 -50.97 -11.41 20.07
N GLU N 14 -49.77 -10.88 19.88
CA GLU N 14 -48.80 -11.52 18.99
C GLU N 14 -48.28 -12.81 19.59
N ASP N 15 -48.21 -12.90 20.92
CA ASP N 15 -47.82 -14.13 21.57
C ASP N 15 -48.89 -15.20 21.36
N LEU N 16 -50.15 -14.81 21.48
CA LEU N 16 -51.25 -15.76 21.30
C LEU N 16 -51.38 -16.21 19.86
N VAL N 17 -51.08 -15.35 18.89
CA VAL N 17 -51.14 -15.86 17.52
C VAL N 17 -49.91 -16.73 17.23
N ASP N 18 -48.76 -16.42 17.83
CA ASP N 18 -47.57 -17.27 17.65
C ASP N 18 -47.76 -18.64 18.27
N VAL N 19 -48.59 -18.75 19.31
CA VAL N 19 -48.96 -20.06 19.81
C VAL N 19 -50.00 -20.71 18.90
N LEU N 20 -51.07 -19.98 18.59
CA LEU N 20 -52.23 -20.58 17.94
C LEU N 20 -52.07 -20.80 16.44
N LYS N 21 -50.92 -20.49 15.83
CA LYS N 21 -50.70 -20.98 14.48
C LYS N 21 -50.48 -22.49 14.46
N GLN N 22 -50.09 -23.09 15.59
CA GLN N 22 -49.80 -24.51 15.66
C GLN N 22 -50.98 -25.36 16.07
N VAL N 23 -51.92 -24.78 16.83
CA VAL N 23 -53.03 -25.57 17.37
C VAL N 23 -54.04 -25.91 16.28
N SER N 24 -54.49 -24.88 15.54
CA SER N 24 -55.48 -25.10 14.51
C SER N 24 -54.91 -25.85 13.31
N GLY N 25 -53.61 -25.65 13.02
CA GLY N 25 -53.00 -26.17 11.81
C GLY N 25 -52.95 -27.68 11.73
N THR N 26 -52.97 -28.35 12.88
CA THR N 26 -53.19 -29.79 12.91
C THR N 26 -54.50 -30.15 13.59
N LEU N 27 -55.17 -29.19 14.24
CA LEU N 27 -56.47 -29.47 14.82
C LEU N 27 -57.54 -29.62 13.74
N THR N 28 -57.32 -29.06 12.55
CA THR N 28 -58.25 -29.31 11.44
C THR N 28 -58.23 -30.78 11.01
N ALA N 29 -57.10 -31.46 11.14
CA ALA N 29 -57.00 -32.87 10.79
C ALA N 29 -57.71 -33.74 11.84
N VAL N 44 -59.93 -22.32 5.46
CA VAL N 44 -59.72 -23.35 6.45
C VAL N 44 -59.81 -22.72 7.82
N VAL N 45 -58.70 -22.18 8.33
CA VAL N 45 -58.65 -21.46 9.59
C VAL N 45 -57.79 -20.22 9.40
N SER N 46 -58.08 -19.18 10.18
CA SER N 46 -57.28 -17.96 10.16
C SER N 46 -57.22 -17.37 11.55
N ILE N 47 -56.01 -17.20 12.06
CA ILE N 47 -55.76 -16.50 13.31
C ILE N 47 -54.89 -15.31 12.96
N ALA N 48 -55.43 -14.10 13.10
CA ALA N 48 -54.68 -12.87 12.88
C ALA N 48 -54.86 -11.95 14.08
N ALA N 49 -53.81 -11.19 14.39
CA ALA N 49 -53.74 -10.42 15.61
C ALA N 49 -53.65 -8.94 15.30
N SER N 50 -54.68 -8.19 15.69
CA SER N 50 -54.65 -6.74 15.58
C SER N 50 -53.80 -6.18 16.70
N LYS N 51 -52.59 -5.72 16.36
CA LYS N 51 -51.62 -5.33 17.38
C LYS N 51 -52.00 -4.04 18.07
N HIS N 52 -52.54 -3.08 17.32
CA HIS N 52 -52.81 -1.76 17.88
C HIS N 52 -54.02 -1.78 18.82
N SER N 53 -54.95 -2.71 18.62
CA SER N 53 -56.20 -2.69 19.35
C SER N 53 -56.37 -3.88 20.30
N ASN N 54 -55.31 -4.67 20.50
CA ASN N 54 -55.23 -5.75 21.50
C ASN N 54 -56.32 -6.81 21.29
N ALA N 55 -56.32 -7.39 20.10
CA ALA N 55 -57.33 -8.39 19.79
C ALA N 55 -56.79 -9.32 18.71
N LEU N 56 -57.06 -10.61 18.89
CA LEU N 56 -56.82 -11.61 17.86
C LEU N 56 -58.16 -12.01 17.26
N ILE N 57 -58.13 -12.40 15.99
CA ILE N 57 -59.34 -12.68 15.23
C ILE N 57 -59.31 -14.13 14.80
N VAL N 58 -60.32 -14.88 15.22
CA VAL N 58 -60.43 -16.30 14.91
C VAL N 58 -61.44 -16.48 13.80
N THR N 59 -61.04 -17.17 12.73
CA THR N 59 -61.94 -17.55 11.65
C THR N 59 -61.89 -19.06 11.54
N ALA N 60 -62.96 -19.72 11.95
CA ALA N 60 -62.94 -21.17 12.09
C ALA N 60 -64.37 -21.69 12.06
N PRO N 61 -64.57 -22.98 11.76
CA PRO N 61 -65.90 -23.57 11.92
C PRO N 61 -66.30 -23.66 13.39
N GLN N 62 -67.57 -24.04 13.61
CA GLN N 62 -68.18 -23.95 14.93
C GLN N 62 -67.58 -24.93 15.92
N ASP N 63 -67.09 -26.08 15.45
CA ASP N 63 -66.51 -27.06 16.36
C ASP N 63 -65.12 -26.65 16.80
N ILE N 64 -64.34 -26.07 15.89
CA ILE N 64 -63.01 -25.58 16.23
C ILE N 64 -63.12 -24.32 17.08
N MET N 65 -64.20 -23.55 16.90
CA MET N 65 -64.36 -22.26 17.57
C MET N 65 -64.52 -22.43 19.07
N GLN N 66 -65.18 -23.51 19.51
CA GLN N 66 -65.31 -23.74 20.94
C GLN N 66 -64.00 -24.24 21.55
N SER N 67 -63.20 -24.97 20.77
CA SER N 67 -61.91 -25.43 21.25
C SER N 67 -60.94 -24.27 21.42
N LEU N 68 -60.78 -23.46 20.38
CA LEU N 68 -59.89 -22.30 20.45
C LEU N 68 -60.42 -21.26 21.41
N GLN N 69 -61.75 -21.15 21.55
CA GLN N 69 -62.32 -20.27 22.55
C GLN N 69 -61.98 -20.75 23.95
N SER N 70 -62.00 -22.07 24.16
CA SER N 70 -61.64 -22.60 25.47
C SER N 70 -60.17 -22.41 25.78
N VAL N 71 -59.30 -22.51 24.76
CA VAL N 71 -57.87 -22.32 24.96
C VAL N 71 -57.57 -20.86 25.27
N ILE N 72 -58.22 -19.94 24.56
CA ILE N 72 -58.06 -18.51 24.85
C ILE N 72 -58.61 -18.16 26.22
N GLU N 73 -59.70 -18.81 26.63
CA GLU N 73 -60.20 -18.63 27.99
C GLU N 73 -59.24 -19.19 29.04
N GLN N 74 -58.46 -20.21 28.70
CA GLN N 74 -57.53 -20.79 29.66
C GLN N 74 -56.16 -20.14 29.66
N LEU N 75 -55.82 -19.34 28.64
CA LEU N 75 -54.53 -18.67 28.62
C LEU N 75 -54.58 -17.22 29.08
N ASP N 76 -55.75 -16.58 29.01
CA ASP N 76 -55.89 -15.18 29.39
C ASP N 76 -56.02 -15.12 30.92
N ILE N 77 -54.87 -15.21 31.60
CA ILE N 77 -54.82 -15.36 33.04
C ILE N 77 -53.99 -14.24 33.66
N ARG N 78 -54.30 -13.96 34.93
CA ARG N 78 -53.56 -12.96 35.68
C ARG N 78 -52.15 -13.43 35.98
N ARG N 79 -51.16 -12.63 35.59
CA ARG N 79 -49.76 -12.97 35.80
C ARG N 79 -49.27 -12.30 37.06
N ALA N 80 -48.70 -13.08 37.97
CA ALA N 80 -48.17 -12.52 39.19
C ALA N 80 -46.80 -11.89 38.95
N GLN N 81 -46.36 -11.08 39.91
CA GLN N 81 -45.12 -10.33 39.75
C GLN N 81 -44.26 -10.47 41.00
N VAL N 82 -42.94 -10.48 40.78
CA VAL N 82 -41.96 -10.92 41.77
C VAL N 82 -40.95 -9.81 41.95
N HIS N 83 -40.75 -9.38 43.19
CA HIS N 83 -39.69 -8.44 43.54
C HIS N 83 -38.50 -9.23 44.07
N VAL N 84 -37.37 -9.11 43.39
CA VAL N 84 -36.15 -9.84 43.72
C VAL N 84 -35.17 -8.87 44.36
N GLU N 85 -34.66 -9.23 45.54
CA GLU N 85 -33.75 -8.37 46.29
C GLU N 85 -32.50 -9.17 46.61
N ALA N 86 -31.38 -8.84 45.97
CA ALA N 86 -30.14 -9.58 46.11
C ALA N 86 -29.15 -8.76 46.94
N LEU N 87 -28.69 -9.33 48.05
CA LEU N 87 -27.75 -8.65 48.91
C LEU N 87 -26.32 -9.03 48.55
N ILE N 88 -25.40 -8.15 48.92
CA ILE N 88 -23.98 -8.35 48.69
C ILE N 88 -23.24 -7.90 49.94
N VAL N 89 -22.48 -8.81 50.55
CA VAL N 89 -21.71 -8.50 51.74
C VAL N 89 -20.24 -8.71 51.43
N GLU N 90 -19.41 -7.73 51.77
CA GLU N 90 -17.96 -7.86 51.63
C GLU N 90 -17.29 -7.31 52.87
N VAL N 91 -16.59 -8.17 53.61
CA VAL N 91 -15.86 -7.78 54.80
C VAL N 91 -14.39 -8.11 54.56
N ALA N 92 -13.51 -7.13 54.76
CA ALA N 92 -12.09 -7.31 54.56
C ALA N 92 -11.33 -6.90 55.80
N GLU N 93 -10.08 -7.35 55.90
CA GLU N 93 -9.19 -6.98 57.00
C GLU N 93 -7.75 -7.24 56.54
N GLY N 94 -6.92 -6.21 56.61
CA GLY N 94 -5.53 -6.35 56.23
C GLY N 94 -4.59 -5.65 57.19
N SER N 95 -3.63 -6.37 57.75
CA SER N 95 -2.68 -5.82 58.71
C SER N 95 -1.34 -6.52 58.57
N ASN N 96 -0.31 -5.78 58.19
CA ASN N 96 1.04 -6.29 58.07
C ASN N 96 1.98 -5.48 58.94
N ILE N 97 2.93 -6.17 59.58
CA ILE N 97 3.87 -5.54 60.50
C ILE N 97 5.26 -5.65 59.89
N ASN N 98 5.92 -4.51 59.71
CA ASN N 98 7.31 -4.51 59.28
C ASN N 98 8.22 -4.18 60.46
N PHE N 99 9.49 -4.55 60.30
CA PHE N 99 10.52 -4.24 61.26
C PHE N 99 11.86 -4.35 60.53
N GLY N 100 12.87 -3.68 61.06
CA GLY N 100 14.17 -3.76 60.42
C GLY N 100 15.23 -2.90 61.07
N VAL N 101 16.42 -3.48 61.22
CA VAL N 101 17.58 -2.79 61.76
C VAL N 101 18.68 -2.88 60.72
N GLN N 102 19.23 -1.73 60.33
CA GLN N 102 20.26 -1.67 59.30
C GLN N 102 21.46 -0.91 59.84
N TRP N 103 22.54 -1.62 60.11
CA TRP N 103 23.78 -1.02 60.55
C TRP N 103 24.59 -0.56 59.36
N GLY N 104 25.37 0.49 59.54
CA GLY N 104 26.21 0.97 58.46
C GLY N 104 27.38 1.81 58.92
N SER N 105 28.57 1.46 58.46
CA SER N 105 29.77 2.25 58.68
C SER N 105 30.34 2.67 57.33
N LYS N 106 30.94 3.86 57.30
CA LYS N 106 31.44 4.36 56.02
C LYS N 106 32.72 3.64 55.60
N ASP N 107 33.50 3.16 56.57
CA ASP N 107 34.77 2.49 56.26
C ASP N 107 34.80 1.02 56.64
N ALA N 108 33.72 0.47 57.19
CA ALA N 108 33.75 -0.90 57.70
C ALA N 108 32.50 -1.66 57.25
N GLY N 109 32.06 -1.43 56.02
CA GLY N 109 30.98 -2.19 55.45
C GLY N 109 29.61 -1.76 55.98
N LEU N 110 28.59 -2.47 55.50
CA LEU N 110 27.20 -2.15 55.83
C LEU N 110 26.40 -3.41 56.01
N MET N 111 25.30 -3.32 56.75
CA MET N 111 24.36 -4.41 56.92
C MET N 111 22.99 -3.93 56.46
N GLN N 112 22.55 -4.37 55.30
CA GLN N 112 21.23 -3.97 54.80
C GLN N 112 20.38 -5.21 54.59
N PHE N 113 19.09 -4.96 54.34
CA PHE N 113 18.12 -6.01 54.06
C PHE N 113 17.10 -5.45 53.08
N ALA N 114 16.27 -6.34 52.53
CA ALA N 114 15.16 -5.95 51.69
C ALA N 114 13.94 -6.81 52.00
N ASN N 115 12.79 -6.36 51.49
CA ASN N 115 11.51 -7.07 51.55
C ASN N 115 11.09 -7.34 53.00
N GLY N 116 10.76 -6.25 53.68
CA GLY N 116 10.35 -6.34 55.07
C GLY N 116 10.86 -5.18 55.89
N THR N 117 11.95 -4.59 55.43
CA THR N 117 12.41 -3.31 55.96
C THR N 117 12.19 -2.16 55.00
N GLN N 118 11.92 -2.45 53.72
CA GLN N 118 11.36 -1.55 52.72
C GLN N 118 12.22 -0.34 52.36
N ILE N 119 13.41 -0.21 52.94
CA ILE N 119 14.34 0.85 52.61
C ILE N 119 15.77 0.39 52.89
N PRO N 120 16.59 0.17 51.87
CA PRO N 120 17.96 -0.25 52.10
C PRO N 120 18.81 0.90 52.59
N ILE N 121 19.85 0.56 53.37
CA ILE N 121 20.80 1.57 53.81
C ILE N 121 21.75 1.95 52.67
N GLY N 122 21.88 1.09 51.66
CA GLY N 122 22.74 1.43 50.54
C GLY N 122 22.12 2.45 49.61
N THR N 123 20.83 2.29 49.32
CA THR N 123 20.16 3.24 48.44
C THR N 123 19.90 4.56 49.16
N LEU N 124 19.57 4.50 50.45
CA LEU N 124 19.32 5.73 51.20
C LEU N 124 20.61 6.45 51.51
N GLY N 125 21.67 5.70 51.80
CA GLY N 125 22.98 6.31 51.96
C GLY N 125 23.53 6.85 50.66
N ALA N 126 23.15 6.24 49.54
CA ALA N 126 23.54 6.79 48.24
C ALA N 126 22.76 8.05 47.92
N ALA N 127 21.48 8.10 48.30
CA ALA N 127 20.66 9.26 48.03
C ALA N 127 21.07 10.45 48.89
N ILE N 128 21.28 10.21 50.19
CA ILE N 128 21.74 11.27 51.09
C ILE N 128 23.18 11.65 50.77
N SER N 129 24.00 10.68 50.33
CA SER N 129 25.34 10.99 49.86
C SER N 129 25.32 11.83 48.59
N ALA N 130 24.28 11.69 47.77
CA ALA N 130 24.09 12.57 46.63
C ALA N 130 23.34 13.85 46.97
N ALA N 131 22.93 14.01 48.23
CA ALA N 131 22.07 15.13 48.60
C ALA N 131 22.80 16.32 49.20
N LYS N 132 23.97 16.11 49.78
CA LYS N 132 24.70 17.24 50.37
C LYS N 132 25.32 18.08 49.26
N PRO N 133 25.12 19.39 49.28
CA PRO N 133 25.41 20.21 48.10
C PRO N 133 26.90 20.44 47.87
N GLN N 134 27.26 20.52 46.60
CA GLN N 134 28.62 20.83 46.18
C GLN N 134 28.83 22.33 46.16
N LYS N 135 30.09 22.73 46.09
CA LYS N 135 30.45 24.13 46.03
C LYS N 135 30.88 24.51 44.62
N GLY N 136 31.10 25.80 44.40
CA GLY N 136 31.49 26.33 43.11
C GLY N 136 32.97 26.61 43.03
N SER N 137 33.32 27.48 42.08
CA SER N 137 34.71 27.85 41.87
C SER N 137 35.21 28.80 42.95
N ASN N 149 31.39 29.58 40.79
CA ASN N 149 31.38 30.62 41.81
C ASN N 149 30.13 30.56 42.74
N PRO N 150 28.88 30.34 42.21
CA PRO N 150 27.78 30.03 43.16
C PRO N 150 27.76 28.57 43.58
N ASP N 151 27.28 28.30 44.79
CA ASP N 151 27.15 26.95 45.31
C ASP N 151 25.68 26.54 45.31
N THR N 152 25.34 25.57 44.46
CA THR N 152 23.96 25.16 44.27
C THR N 152 23.56 24.13 45.33
N ASN N 153 22.48 24.44 46.05
CA ASN N 153 21.82 23.48 46.95
C ASN N 153 20.56 22.99 46.24
N GLY N 154 20.77 22.13 45.24
CA GLY N 154 19.66 21.66 44.42
C GLY N 154 19.78 20.21 44.00
N ASP N 155 20.64 19.45 44.67
CA ASP N 155 20.81 18.03 44.40
C ASP N 155 19.80 17.23 45.22
N LEU N 156 18.68 16.88 44.58
CA LEU N 156 17.57 16.25 45.27
C LEU N 156 16.76 15.49 44.22
N SER N 157 15.51 15.15 44.54
CA SER N 157 14.58 14.34 43.76
C SER N 157 15.09 12.91 43.59
N THR N 158 15.92 12.45 44.51
CA THR N 158 16.26 11.04 44.70
C THR N 158 15.72 10.52 46.02
N LEU N 159 15.83 11.32 47.08
CA LEU N 159 15.08 11.04 48.29
C LEU N 159 13.59 11.28 48.08
N ALA N 160 13.24 12.20 47.17
CA ALA N 160 11.84 12.47 46.89
C ALA N 160 11.18 11.34 46.11
N GLN N 161 11.97 10.49 45.46
CA GLN N 161 11.43 9.32 44.79
C GLN N 161 11.59 8.07 45.64
N LEU N 162 12.73 7.92 46.31
CA LEU N 162 12.96 6.76 47.15
C LEU N 162 12.09 6.79 48.40
N LEU N 163 11.76 7.98 48.90
CA LEU N 163 10.86 8.15 50.02
C LEU N 163 9.46 8.56 49.59
N SER N 164 9.11 8.34 48.33
CA SER N 164 7.78 8.72 47.86
C SER N 164 6.72 7.76 48.37
N GLY N 165 6.81 6.49 47.97
CA GLY N 165 5.95 5.49 48.55
C GLY N 165 6.62 4.80 49.71
N PHE N 166 6.37 5.31 50.91
CA PHE N 166 7.01 4.82 52.12
C PHE N 166 6.26 5.34 53.34
N SER N 167 5.98 4.47 54.30
CA SER N 167 5.18 4.84 55.45
C SER N 167 5.81 4.48 56.78
N GLY N 168 7.09 4.11 56.79
CA GLY N 168 7.69 3.58 58.00
C GLY N 168 8.35 4.62 58.87
N THR N 169 8.40 4.31 60.16
CA THR N 169 9.19 5.07 61.12
C THR N 169 10.66 4.72 60.91
N ALA N 170 11.44 5.67 60.42
CA ALA N 170 12.85 5.45 60.10
C ALA N 170 13.68 6.43 60.92
N VAL N 171 14.26 5.96 62.01
CA VAL N 171 15.11 6.79 62.85
C VAL N 171 16.56 6.50 62.52
N GLY N 172 17.42 7.47 62.79
CA GLY N 172 18.85 7.28 62.62
C GLY N 172 19.62 7.41 63.92
N VAL N 173 20.12 6.31 64.44
CA VAL N 173 20.80 6.29 65.73
C VAL N 173 22.29 6.09 65.47
N VAL N 174 23.08 7.11 65.80
CA VAL N 174 24.54 7.01 65.68
C VAL N 174 25.09 6.51 67.00
N LYS N 175 25.90 5.45 66.95
CA LYS N 175 26.48 4.87 68.15
C LYS N 175 27.81 4.25 67.76
N GLY N 176 28.90 4.93 68.10
CA GLY N 176 30.24 4.46 67.76
C GLY N 176 30.55 4.48 66.28
N ASP N 177 30.02 5.47 65.56
CA ASP N 177 30.02 5.56 64.10
C ASP N 177 29.43 4.29 63.49
N TRP N 178 28.18 4.04 63.84
CA TRP N 178 27.38 2.95 63.26
C TRP N 178 25.96 3.49 63.13
N MET N 179 25.57 3.87 61.92
CA MET N 179 24.28 4.50 61.71
C MET N 179 23.17 3.46 61.77
N ALA N 180 22.64 3.23 62.98
CA ALA N 180 21.64 2.19 63.21
C ALA N 180 20.29 2.67 62.66
N LEU N 181 20.10 2.44 61.37
CA LEU N 181 18.85 2.83 60.72
C LEU N 181 17.76 1.83 61.08
N VAL N 182 16.91 2.19 62.03
CA VAL N 182 15.83 1.34 62.49
C VAL N 182 14.56 1.70 61.74
N GLN N 183 13.94 0.71 61.12
CA GLN N 183 12.71 0.91 60.36
C GLN N 183 11.62 0.02 60.93
N ALA N 184 10.42 0.58 61.14
CA ALA N 184 9.29 -0.15 61.70
C ALA N 184 8.00 0.54 61.31
N VAL N 185 6.94 -0.24 61.07
CA VAL N 185 5.62 0.28 60.73
C VAL N 185 4.60 -0.83 60.97
N LYS N 186 3.39 -0.46 61.35
CA LYS N 186 2.27 -1.39 61.43
C LYS N 186 1.02 -0.64 61.01
N ASN N 187 0.26 -1.18 60.06
CA ASN N 187 -0.95 -0.53 59.57
C ASN N 187 -2.07 -1.53 59.33
N ASP N 188 -3.17 -1.34 60.05
CA ASP N 188 -4.36 -2.17 59.90
C ASP N 188 -5.28 -1.57 58.86
N SER N 189 -6.18 -2.39 58.31
CA SER N 189 -7.19 -1.95 57.36
C SER N 189 -8.46 -2.74 57.61
N SER N 190 -9.61 -2.15 57.30
CA SER N 190 -10.92 -2.78 57.50
C SER N 190 -11.92 -2.15 56.55
N SER N 191 -12.38 -2.92 55.57
CA SER N 191 -13.44 -2.49 54.68
C SER N 191 -14.72 -3.22 55.05
N ASN N 192 -15.86 -2.63 54.71
CA ASN N 192 -17.16 -3.23 54.97
C ASN N 192 -18.16 -2.65 53.98
N VAL N 193 -18.57 -3.46 53.01
CA VAL N 193 -19.40 -3.01 51.91
C VAL N 193 -20.68 -3.82 51.87
N LEU N 194 -21.81 -3.13 51.94
CA LEU N 194 -23.12 -3.77 51.83
C LEU N 194 -23.87 -3.11 50.68
N SER N 195 -24.23 -3.91 49.68
CA SER N 195 -24.99 -3.42 48.54
C SER N 195 -26.16 -4.33 48.31
N THR N 196 -27.27 -3.76 47.86
CA THR N 196 -28.51 -4.51 47.64
C THR N 196 -29.32 -3.91 46.50
N PRO N 197 -29.07 -4.36 45.26
CA PRO N 197 -29.98 -4.01 44.17
C PRO N 197 -31.32 -4.71 44.31
N SER N 198 -32.29 -4.20 43.57
CA SER N 198 -33.65 -4.72 43.58
C SER N 198 -34.23 -4.60 42.19
N ILE N 199 -35.23 -5.43 41.90
CA ILE N 199 -35.86 -5.44 40.59
C ILE N 199 -37.30 -5.87 40.78
N THR N 200 -38.14 -5.61 39.77
CA THR N 200 -39.54 -6.02 39.80
C THR N 200 -39.93 -6.44 38.40
N THR N 201 -40.09 -7.74 38.19
CA THR N 201 -40.44 -8.27 36.90
C THR N 201 -41.87 -8.77 36.96
N LEU N 202 -42.32 -9.39 35.89
CA LEU N 202 -43.44 -10.31 35.94
C LEU N 202 -42.91 -11.73 36.00
N ASP N 203 -43.82 -12.69 35.97
CA ASP N 203 -43.45 -14.09 35.81
C ASP N 203 -42.89 -14.32 34.42
N ASN N 204 -41.75 -15.03 34.35
CA ASN N 204 -41.14 -15.54 33.12
C ASN N 204 -40.74 -14.42 32.15
N GLN N 205 -40.44 -13.24 32.67
CA GLN N 205 -40.03 -12.12 31.84
C GLN N 205 -38.70 -11.61 32.38
N GLU N 206 -37.65 -11.72 31.57
CA GLU N 206 -36.33 -11.34 32.04
C GLU N 206 -36.20 -9.84 32.14
N ALA N 207 -35.31 -9.41 33.04
CA ALA N 207 -35.12 -8.00 33.31
C ALA N 207 -33.79 -7.84 34.01
N PHE N 208 -33.13 -6.71 33.80
CA PHE N 208 -31.86 -6.50 34.45
C PHE N 208 -31.82 -5.08 34.99
N PHE N 209 -30.63 -4.69 35.41
CA PHE N 209 -30.43 -3.48 36.19
C PHE N 209 -28.94 -3.19 36.13
N MET N 210 -28.57 -1.94 36.36
CA MET N 210 -27.18 -1.52 36.22
C MET N 210 -27.03 -0.17 36.89
N VAL N 211 -25.91 0.04 37.57
CA VAL N 211 -25.56 1.37 38.06
C VAL N 211 -24.14 1.72 37.66
N GLY N 212 -23.64 1.07 36.62
CA GLY N 212 -22.23 1.14 36.29
C GLY N 212 -21.83 2.30 35.42
N GLN N 213 -20.80 2.06 34.60
CA GLN N 213 -20.24 3.06 33.70
C GLN N 213 -20.08 2.42 32.33
N ASP N 214 -19.49 3.19 31.41
CA ASP N 214 -19.06 2.70 30.11
C ASP N 214 -17.62 3.11 29.92
N VAL N 215 -16.73 2.13 29.83
CA VAL N 215 -15.30 2.41 29.79
C VAL N 215 -14.80 2.10 28.39
N PRO N 216 -13.98 2.96 27.78
CA PRO N 216 -13.41 2.64 26.46
C PRO N 216 -12.36 1.54 26.57
N VAL N 217 -12.70 0.38 26.02
CA VAL N 217 -11.81 -0.78 25.98
C VAL N 217 -11.32 -0.93 24.56
N LEU N 218 -10.01 -0.87 24.36
CA LEU N 218 -9.45 -0.95 23.02
C LEU N 218 -9.14 -2.40 22.69
N THR N 219 -9.55 -2.81 21.49
CA THR N 219 -9.25 -4.14 20.96
C THR N 219 -8.54 -3.93 19.62
N GLY N 220 -7.24 -3.68 19.68
CA GLY N 220 -6.45 -3.43 18.48
C GLY N 220 -6.24 -1.96 18.22
N THR N 233 -9.52 -1.07 17.40
CA THR N 233 -10.97 -1.10 17.44
C THR N 233 -11.44 -0.95 18.89
N VAL N 234 -11.67 0.30 19.30
CA VAL N 234 -12.12 0.56 20.66
C VAL N 234 -13.58 0.18 20.79
N GLU N 235 -13.92 -0.54 21.86
CA GLU N 235 -15.27 -1.01 22.08
C GLU N 235 -15.71 -0.63 23.49
N ARG N 236 -16.98 -0.23 23.62
CA ARG N 236 -17.52 0.21 24.89
C ARG N 236 -17.93 -1.00 25.71
N LYS N 237 -17.42 -1.09 26.94
CA LYS N 237 -17.70 -2.21 27.81
C LYS N 237 -18.35 -1.71 29.09
N LYS N 238 -19.39 -2.42 29.53
CA LYS N 238 -20.15 -2.03 30.70
C LYS N 238 -19.54 -2.61 31.97
N VAL N 239 -19.59 -1.85 33.05
CA VAL N 239 -19.10 -2.28 34.35
C VAL N 239 -20.21 -2.07 35.37
N GLY N 240 -19.91 -2.27 36.64
CA GLY N 240 -20.83 -1.92 37.70
C GLY N 240 -21.84 -3.00 38.01
N ILE N 241 -22.67 -2.72 39.01
CA ILE N 241 -23.53 -3.70 39.65
C ILE N 241 -24.67 -4.09 38.73
N MET N 242 -24.58 -5.26 38.14
CA MET N 242 -25.62 -5.75 37.24
C MET N 242 -26.37 -6.89 37.93
N LEU N 243 -27.65 -7.02 37.62
CA LEU N 243 -28.47 -8.07 38.23
C LEU N 243 -29.51 -8.49 37.19
N LYS N 244 -29.22 -9.52 36.43
CA LYS N 244 -30.12 -9.99 35.39
C LYS N 244 -30.83 -11.26 35.85
N VAL N 245 -32.11 -11.15 36.15
CA VAL N 245 -32.86 -12.25 36.71
C VAL N 245 -33.92 -12.65 35.70
N THR N 246 -34.43 -13.88 35.83
CA THR N 246 -35.56 -14.36 35.04
C THR N 246 -36.37 -15.29 35.92
N PRO N 247 -37.22 -14.74 36.79
CA PRO N 247 -37.88 -15.58 37.79
C PRO N 247 -39.06 -16.33 37.22
N GLN N 248 -39.28 -17.51 37.80
CA GLN N 248 -40.41 -18.37 37.46
C GLN N 248 -41.09 -18.78 38.75
N ILE N 249 -42.41 -18.72 38.77
CA ILE N 249 -43.19 -19.01 39.96
C ILE N 249 -43.62 -20.47 39.91
N ASN N 250 -43.07 -21.27 40.81
CA ASN N 250 -43.45 -22.66 40.95
C ASN N 250 -44.50 -22.80 42.04
N GLU N 251 -45.28 -23.86 41.94
CA GLU N 251 -46.38 -24.06 42.88
C GLU N 251 -45.86 -24.48 44.24
N GLY N 252 -46.66 -24.19 45.27
CA GLY N 252 -46.14 -24.15 46.61
C GLY N 252 -45.50 -22.83 46.97
N ASN N 253 -45.69 -21.81 46.12
CA ASN N 253 -45.14 -20.46 46.27
C ASN N 253 -43.61 -20.47 46.37
N ALA N 254 -42.99 -21.29 45.55
CA ALA N 254 -41.54 -21.31 45.41
C ALA N 254 -41.15 -20.63 44.11
N VAL N 255 -39.99 -19.99 44.12
CA VAL N 255 -39.55 -19.17 43.00
C VAL N 255 -38.25 -19.74 42.46
N GLN N 256 -38.26 -20.08 41.18
CA GLN N 256 -37.05 -20.49 40.47
C GLN N 256 -36.50 -19.29 39.72
N MET N 257 -35.21 -18.99 39.91
CA MET N 257 -34.60 -17.82 39.33
C MET N 257 -33.40 -18.22 38.51
N VAL N 258 -33.18 -17.52 37.40
CA VAL N 258 -31.97 -17.66 36.61
C VAL N 258 -31.20 -16.36 36.74
N ILE N 259 -30.33 -16.28 37.73
CA ILE N 259 -29.68 -15.03 38.09
C ILE N 259 -28.29 -14.98 37.50
N GLU N 260 -27.97 -13.87 36.83
CA GLU N 260 -26.66 -13.65 36.23
C GLU N 260 -26.16 -12.31 36.76
N GLN N 261 -25.57 -12.33 37.93
CA GLN N 261 -25.16 -11.11 38.61
C GLN N 261 -23.69 -10.79 38.27
N GLU N 262 -23.32 -9.54 38.45
CA GLU N 262 -21.97 -9.07 38.20
C GLU N 262 -21.74 -7.82 39.04
N VAL N 263 -20.56 -7.73 39.65
CA VAL N 263 -20.13 -6.51 40.33
C VAL N 263 -18.78 -6.17 39.75
N SER N 264 -18.73 -5.27 38.79
CA SER N 264 -17.48 -4.86 38.19
C SER N 264 -17.04 -3.52 38.76
N LYS N 265 -15.75 -3.24 38.61
CA LYS N 265 -15.15 -2.06 39.21
C LYS N 265 -13.86 -1.75 38.47
N VAL N 266 -13.65 -0.48 38.15
CA VAL N 266 -12.47 -0.07 37.40
C VAL N 266 -11.29 -0.01 38.35
N GLU N 267 -10.30 -0.87 38.12
CA GLU N 267 -9.03 -0.80 38.82
C GLU N 267 -8.02 -0.07 37.95
N GLY N 268 -7.01 0.49 38.61
CA GLY N 268 -6.06 1.30 37.88
C GLY N 268 -4.96 0.51 37.22
N GLN N 269 -3.73 0.87 37.60
CA GLN N 269 -2.53 0.21 37.08
C GLN N 269 -2.28 0.76 35.69
N THR N 270 -3.10 0.30 34.76
CA THR N 270 -3.03 0.76 33.37
C THR N 270 -1.77 0.34 32.62
N SER N 271 -1.55 -0.97 32.48
CA SER N 271 -0.29 -1.47 31.95
C SER N 271 -0.19 -1.21 30.45
N LEU N 272 -1.08 -1.84 29.68
CA LEU N 272 -1.32 -1.47 28.29
C LEU N 272 -2.69 -0.86 28.10
N ASP N 273 -3.64 -1.23 28.95
CA ASP N 273 -4.98 -0.67 28.96
C ASP N 273 -5.48 -0.75 30.40
N VAL N 274 -6.69 -0.27 30.63
CA VAL N 274 -7.25 -0.27 31.98
C VAL N 274 -7.69 -1.68 32.33
N VAL N 275 -7.57 -2.04 33.61
CA VAL N 275 -7.99 -3.35 34.08
C VAL N 275 -9.24 -3.17 34.92
N PHE N 276 -9.97 -4.27 35.09
CA PHE N 276 -11.23 -4.27 35.82
C PHE N 276 -11.10 -5.16 37.04
N GLY N 277 -12.16 -5.26 37.80
CA GLY N 277 -12.30 -6.36 38.73
C GLY N 277 -13.71 -6.89 38.71
N GLU N 278 -13.91 -8.13 38.28
CA GLU N 278 -15.26 -8.69 38.22
C GLU N 278 -15.50 -9.64 39.37
N ARG N 279 -16.77 -9.79 39.73
CA ARG N 279 -17.18 -10.71 40.78
C ARG N 279 -18.44 -11.45 40.35
N LYS N 280 -18.52 -11.79 39.06
CA LYS N 280 -19.76 -12.26 38.49
C LYS N 280 -20.04 -13.71 38.87
N LEU N 281 -21.29 -14.11 38.68
CA LEU N 281 -21.72 -15.48 38.85
C LEU N 281 -22.98 -15.68 38.05
N LYS N 282 -23.18 -16.89 37.54
CA LYS N 282 -24.33 -17.21 36.69
C LYS N 282 -24.91 -18.53 37.17
N THR N 283 -25.80 -18.47 38.14
CA THR N 283 -26.34 -19.69 38.74
C THR N 283 -27.83 -19.77 38.52
N THR N 284 -28.45 -20.78 39.15
CA THR N 284 -29.88 -21.00 39.03
C THR N 284 -30.35 -21.60 40.36
N VAL N 285 -31.07 -20.83 41.16
CA VAL N 285 -31.46 -21.25 42.49
C VAL N 285 -32.97 -21.48 42.51
N LEU N 286 -33.43 -22.07 43.62
CA LEU N 286 -34.85 -22.32 43.84
C LEU N 286 -35.12 -21.95 45.30
N ALA N 287 -35.50 -20.71 45.52
CA ALA N 287 -35.73 -20.22 46.88
C ALA N 287 -37.20 -20.34 47.24
N ASN N 288 -37.49 -20.09 48.51
CA ASN N 288 -38.86 -20.12 49.01
C ASN N 288 -39.56 -18.79 48.77
N ASP N 289 -40.69 -18.57 49.43
CA ASP N 289 -41.56 -17.45 49.10
C ASP N 289 -40.94 -16.12 49.51
N GLY N 290 -40.31 -16.07 50.67
CA GLY N 290 -39.67 -14.83 51.11
C GLY N 290 -38.39 -15.07 51.88
N GLU N 291 -37.89 -16.30 51.83
CA GLU N 291 -36.74 -16.70 52.62
C GLU N 291 -35.44 -16.45 51.86
N LEU N 292 -34.39 -16.15 52.61
CA LEU N 292 -33.09 -15.93 52.00
C LEU N 292 -32.45 -17.26 51.64
N ILE N 293 -31.60 -17.22 50.62
CA ILE N 293 -30.74 -18.35 50.30
C ILE N 293 -29.40 -17.80 49.85
N VAL N 294 -28.33 -18.45 50.30
CA VAL N 294 -26.98 -18.07 49.90
C VAL N 294 -26.70 -18.63 48.53
N LEU N 295 -26.20 -17.77 47.64
CA LEU N 295 -25.86 -18.20 46.29
C LEU N 295 -24.40 -18.58 46.17
N GLY N 296 -23.51 -17.62 46.41
CA GLY N 296 -22.10 -17.86 46.24
C GLY N 296 -21.32 -17.30 47.39
N GLY N 297 -20.02 -17.15 47.22
CA GLY N 297 -19.22 -16.56 48.28
C GLY N 297 -17.76 -16.89 48.09
N LEU N 298 -16.96 -16.29 48.95
CA LEU N 298 -15.52 -16.51 48.98
C LEU N 298 -15.02 -16.09 50.34
N MET N 299 -14.47 -17.04 51.10
CA MET N 299 -13.87 -16.72 52.39
C MET N 299 -12.36 -16.86 52.21
N ASP N 300 -11.74 -15.80 51.71
CA ASP N 300 -10.30 -15.76 51.57
C ASP N 300 -9.66 -15.64 52.95
N ASP N 301 -8.44 -16.16 53.05
CA ASP N 301 -7.69 -16.13 54.30
C ASP N 301 -6.23 -16.34 53.95
N GLN N 302 -5.38 -15.41 54.32
CA GLN N 302 -3.96 -15.53 54.03
C GLN N 302 -3.14 -15.37 55.29
N ALA N 303 -1.84 -15.51 55.12
CA ALA N 303 -0.85 -15.27 56.15
C ALA N 303 0.47 -14.95 55.46
N GLY N 304 1.55 -14.92 56.23
CA GLY N 304 2.83 -14.61 55.64
C GLY N 304 3.89 -14.38 56.68
N GLU N 305 5.15 -14.52 56.27
CA GLU N 305 6.30 -14.36 57.14
C GLU N 305 7.54 -14.22 56.27
N SER N 306 8.38 -13.24 56.58
CA SER N 306 9.66 -13.10 55.88
C SER N 306 10.66 -12.51 56.86
N VAL N 307 11.38 -13.36 57.57
CA VAL N 307 12.44 -12.94 58.47
C VAL N 307 13.74 -13.05 57.69
N ALA N 308 14.71 -12.18 58.01
CA ALA N 308 15.98 -12.15 57.30
C ALA N 308 17.10 -11.98 58.33
N LYS N 309 17.69 -13.09 58.76
CA LYS N 309 18.66 -13.06 59.84
C LYS N 309 20.06 -12.70 59.36
N VAL N 310 21.02 -12.84 60.26
CA VAL N 310 22.44 -12.93 59.96
C VAL N 310 22.84 -14.23 60.66
N PRO N 311 23.53 -15.19 59.96
CA PRO N 311 23.45 -16.62 60.32
C PRO N 311 23.81 -17.04 61.73
N LEU N 312 24.92 -16.55 62.29
CA LEU N 312 25.28 -16.97 63.64
C LEU N 312 24.69 -16.02 64.67
N LEU N 313 24.86 -14.71 64.46
CA LEU N 313 24.37 -13.71 65.41
C LEU N 313 22.96 -13.23 65.06
N GLY N 314 22.07 -14.18 64.78
CA GLY N 314 20.69 -13.83 64.52
C GLY N 314 19.75 -14.47 65.52
N ASP N 315 20.14 -15.61 66.06
CA ASP N 315 19.35 -16.32 67.06
C ASP N 315 19.83 -16.08 68.48
N ILE N 316 20.48 -14.95 68.73
CA ILE N 316 20.80 -14.51 70.09
C ILE N 316 19.47 -14.19 70.78
N PRO N 317 19.19 -14.77 71.95
CA PRO N 317 17.85 -14.60 72.53
C PRO N 317 17.60 -13.22 73.13
N LEU N 318 18.65 -12.41 73.26
CA LEU N 318 18.48 -11.11 73.89
C LEU N 318 18.64 -9.96 72.90
N ILE N 319 19.78 -9.90 72.20
CA ILE N 319 20.08 -8.77 71.34
C ILE N 319 20.06 -9.20 69.88
N GLY N 320 19.64 -10.43 69.62
CA GLY N 320 19.54 -10.92 68.26
C GLY N 320 18.41 -10.30 67.48
N ASN N 321 17.43 -9.74 68.19
CA ASN N 321 16.24 -9.14 67.60
C ASN N 321 16.58 -7.93 66.73
N LEU N 322 17.67 -7.24 67.04
CA LEU N 322 18.11 -6.10 66.25
C LEU N 322 19.16 -6.53 65.21
N PHE N 323 18.85 -7.65 64.55
CA PHE N 323 19.63 -8.07 63.40
C PHE N 323 18.73 -8.59 62.28
N LYS N 324 17.48 -8.87 62.60
CA LYS N 324 16.56 -9.48 61.66
C LYS N 324 15.53 -8.45 61.20
N SER N 325 15.16 -8.52 59.93
CA SER N 325 14.13 -7.64 59.37
C SER N 325 12.84 -8.44 59.26
N THR N 326 12.14 -8.57 60.38
CA THR N 326 10.99 -9.45 60.46
C THR N 326 9.80 -8.82 59.76
N ALA N 327 9.49 -9.30 58.57
CA ALA N 327 8.25 -8.91 57.93
C ALA N 327 7.10 -9.76 58.48
N ASP N 328 5.89 -9.38 58.06
CA ASP N 328 4.67 -10.12 58.38
C ASP N 328 3.63 -9.64 57.38
N LYS N 329 2.58 -10.44 57.22
CA LYS N 329 1.38 -10.01 56.49
C LYS N 329 0.23 -10.89 56.91
N LYS N 330 -0.75 -10.32 57.59
CA LYS N 330 -1.98 -11.01 57.90
C LYS N 330 -3.10 -10.36 57.09
N GLU N 331 -3.95 -11.19 56.49
CA GLU N 331 -5.01 -10.68 55.64
C GLU N 331 -6.16 -11.66 55.68
N LYS N 332 -7.38 -11.13 55.67
CA LYS N 332 -8.58 -11.96 55.68
C LYS N 332 -9.69 -11.19 54.99
N ARG N 333 -10.43 -11.86 54.12
CA ARG N 333 -11.44 -11.19 53.32
C ARG N 333 -12.59 -12.13 53.05
N ASN N 334 -13.79 -11.74 53.46
CA ASN N 334 -15.00 -12.53 53.25
C ASN N 334 -15.86 -11.87 52.18
N LEU N 335 -16.76 -12.66 51.62
CA LEU N 335 -17.63 -12.19 50.55
C LEU N 335 -18.81 -13.15 50.48
N MET N 336 -20.01 -12.60 50.31
CA MET N 336 -21.22 -13.39 50.15
C MET N 336 -22.14 -12.71 49.15
N VAL N 337 -23.03 -13.52 48.57
CA VAL N 337 -24.10 -13.04 47.70
C VAL N 337 -25.38 -13.74 48.12
N PHE N 338 -26.34 -12.97 48.59
CA PHE N 338 -27.62 -13.49 49.06
C PHE N 338 -28.71 -13.06 48.08
N ILE N 339 -29.93 -13.53 48.33
CA ILE N 339 -31.07 -13.13 47.52
C ILE N 339 -32.33 -13.28 48.39
N ARG N 340 -33.40 -12.62 47.98
CA ARG N 340 -34.70 -12.77 48.63
C ARG N 340 -35.77 -12.49 47.59
N PRO N 341 -36.44 -13.51 47.08
CA PRO N 341 -37.60 -13.28 46.22
C PRO N 341 -38.82 -12.90 47.05
N THR N 342 -39.72 -12.14 46.42
CA THR N 342 -40.94 -11.68 47.07
C THR N 342 -42.02 -11.58 46.01
N ILE N 343 -42.96 -12.51 46.01
CA ILE N 343 -44.05 -12.44 45.05
C ILE N 343 -45.06 -11.41 45.52
N LEU N 344 -45.75 -10.79 44.57
CA LEU N 344 -46.70 -9.73 44.85
C LEU N 344 -48.05 -10.15 44.30
N ARG N 345 -49.01 -10.38 45.19
CA ARG N 345 -50.31 -10.92 44.78
C ARG N 345 -51.19 -9.84 44.16
N ASP N 346 -51.56 -8.83 44.94
CA ASP N 346 -52.62 -7.91 44.58
C ASP N 346 -52.18 -6.51 44.98
N GLY N 347 -53.15 -5.58 45.06
CA GLY N 347 -52.88 -4.24 45.54
C GLY N 347 -52.51 -4.16 47.00
N MET N 348 -52.80 -5.20 47.78
CA MET N 348 -52.33 -5.25 49.16
C MET N 348 -50.83 -5.52 49.24
N ALA N 349 -50.31 -6.33 48.32
CA ALA N 349 -48.89 -6.66 48.35
C ALA N 349 -48.04 -5.50 47.87
N ALA N 350 -48.39 -4.92 46.72
CA ALA N 350 -47.72 -3.71 46.25
C ALA N 350 -48.03 -2.51 47.13
N ASP N 351 -49.16 -2.53 47.83
CA ASP N 351 -49.42 -1.57 48.90
C ASP N 351 -48.37 -1.69 50.00
N GLY N 352 -48.09 -2.93 50.44
CA GLY N 352 -47.10 -3.13 51.48
C GLY N 352 -45.68 -2.79 51.07
N VAL N 353 -45.21 -3.38 49.98
CA VAL N 353 -43.82 -3.21 49.56
C VAL N 353 -43.60 -1.80 49.02
N SER N 354 -44.49 -1.34 48.13
CA SER N 354 -44.35 0.01 47.57
C SER N 354 -44.61 1.08 48.62
N GLN N 355 -45.40 0.78 49.64
CA GLN N 355 -45.60 1.72 50.73
C GLN N 355 -44.37 1.81 51.62
N ARG N 356 -43.73 0.68 51.92
CA ARG N 356 -42.58 0.76 52.80
C ARG N 356 -41.35 1.30 52.08
N LYS N 357 -41.20 1.04 50.77
CA LYS N 357 -40.09 1.62 50.03
C LYS N 357 -40.33 3.10 49.78
N TYR N 358 -41.54 3.46 49.34
CA TYR N 358 -41.86 4.85 49.01
C TYR N 358 -41.85 5.73 50.25
N ASN N 359 -42.52 5.29 51.31
CA ASN N 359 -42.52 6.07 52.55
C ASN N 359 -41.22 5.94 53.31
N TYR N 360 -40.41 4.92 53.04
CA TYR N 360 -39.08 4.88 53.62
C TYR N 360 -38.16 5.90 52.97
N MET N 361 -38.19 5.99 51.64
CA MET N 361 -37.34 6.96 50.95
C MET N 361 -37.84 8.40 51.16
N ARG N 362 -39.15 8.58 51.15
CA ARG N 362 -39.72 9.88 51.49
C ARG N 362 -39.41 10.25 52.92
N ALA N 363 -39.43 9.25 53.82
CA ALA N 363 -39.04 9.48 55.20
C ALA N 363 -37.59 9.90 55.32
N GLU N 364 -36.72 9.32 54.49
CA GLU N 364 -35.32 9.75 54.48
C GLU N 364 -35.17 11.16 53.92
N GLN N 365 -36.01 11.55 52.97
CA GLN N 365 -35.98 12.95 52.53
C GLN N 365 -36.53 13.89 53.59
N ILE N 366 -37.45 13.42 54.44
CA ILE N 366 -37.87 14.21 55.59
C ILE N 366 -36.73 14.34 56.59
N TYR N 367 -35.94 13.28 56.77
CA TYR N 367 -34.71 13.42 57.55
C TYR N 367 -33.65 14.24 56.85
N ARG N 368 -33.80 14.53 55.56
CA ARG N 368 -32.99 15.54 54.91
C ARG N 368 -33.66 16.91 54.92
N ASP N 369 -34.90 17.00 55.40
CA ASP N 369 -35.60 18.27 55.51
C ASP N 369 -35.47 18.88 56.90
N GLU N 370 -35.65 18.06 57.95
CA GLU N 370 -35.41 18.53 59.31
C GLU N 370 -33.94 18.84 59.52
N GLN N 371 -33.06 17.93 59.08
CA GLN N 371 -31.63 18.22 58.97
C GLN N 371 -31.45 19.12 57.75
N GLY N 372 -31.61 20.43 57.99
CA GLY N 372 -31.63 21.38 56.90
C GLY N 372 -30.23 21.77 56.44
N LEU N 373 -30.21 22.64 55.43
CA LEU N 373 -28.95 23.16 54.92
C LEU N 373 -28.31 24.09 55.94
N SER N 374 -26.99 24.19 55.89
CA SER N 374 -26.25 24.96 56.87
C SER N 374 -26.33 26.45 56.64
N LEU N 375 -26.77 26.89 55.46
CA LEU N 375 -26.77 28.31 55.11
C LEU N 375 -28.17 28.90 55.09
N MET N 376 -29.08 28.32 54.31
CA MET N 376 -30.41 28.90 54.14
C MET N 376 -31.47 27.97 54.70
N PRO N 377 -32.10 28.30 55.82
CA PRO N 377 -33.26 27.51 56.27
C PRO N 377 -34.47 27.71 55.39
N HIS N 378 -34.56 28.82 54.67
CA HIS N 378 -35.72 29.12 53.81
C HIS N 378 -35.46 28.65 52.38
N THR N 379 -35.21 27.36 52.26
CA THR N 379 -35.00 26.72 50.96
C THR N 379 -35.57 25.31 51.03
N ALA N 380 -36.52 25.00 50.15
CA ALA N 380 -37.21 23.74 50.20
C ALA N 380 -36.35 22.62 49.64
N GLN N 381 -36.24 21.53 50.38
CA GLN N 381 -35.60 20.33 49.87
C GLN N 381 -36.51 19.64 48.86
N PRO N 382 -35.94 18.89 47.91
CA PRO N 382 -36.77 18.05 47.04
C PRO N 382 -37.42 16.92 47.81
N ILE N 383 -38.74 16.99 47.97
CA ILE N 383 -39.46 15.98 48.75
C ILE N 383 -40.49 15.32 47.84
N LEU N 384 -40.76 14.04 48.11
CA LEU N 384 -41.73 13.28 47.36
C LEU N 384 -43.14 13.78 47.64
N PRO N 385 -44.11 13.51 46.72
CA PRO N 385 -45.49 13.90 46.99
C PRO N 385 -46.15 13.17 48.15
N ALA N 386 -47.41 13.51 48.42
CA ALA N 386 -48.06 13.12 49.66
C ALA N 386 -48.39 11.63 49.69
N GLN N 387 -49.20 11.15 48.75
CA GLN N 387 -49.65 9.77 48.79
C GLN N 387 -49.65 9.15 47.40
N GLY O 1 -72.76 -1.16 -4.92
CA GLY O 1 -73.68 -2.29 -4.87
C GLY O 1 -73.01 -3.58 -4.48
N ASN O 2 -72.15 -4.08 -5.36
CA ASN O 2 -71.40 -5.30 -5.08
C ASN O 2 -70.29 -5.00 -4.08
N SER O 3 -69.41 -4.07 -4.41
CA SER O 3 -68.37 -3.65 -3.48
C SER O 3 -68.81 -2.39 -2.75
N GLN O 4 -68.23 -2.20 -1.55
CA GLN O 4 -68.58 -1.06 -0.71
C GLN O 4 -67.32 -0.42 -0.17
N VAL O 5 -67.50 0.78 0.40
CA VAL O 5 -66.41 1.56 0.96
C VAL O 5 -66.77 1.88 2.41
N PHE O 6 -65.88 1.52 3.33
CA PHE O 6 -66.06 1.78 4.74
C PHE O 6 -65.09 2.86 5.19
N TYR O 7 -65.62 3.87 5.88
CA TYR O 7 -64.78 4.90 6.48
C TYR O 7 -64.46 4.49 7.91
N LEU O 8 -63.19 4.22 8.17
CA LEU O 8 -62.77 3.89 9.53
C LEU O 8 -62.82 5.12 10.41
N LYS O 9 -63.37 4.97 11.61
CA LYS O 9 -63.62 6.11 12.47
C LYS O 9 -62.61 6.26 13.60
N TYR O 10 -61.83 5.23 13.91
CA TYR O 10 -60.83 5.34 14.96
C TYR O 10 -59.52 4.65 14.66
N SER O 11 -59.34 4.06 13.47
CA SER O 11 -58.14 3.29 13.21
C SER O 11 -57.63 3.60 11.81
N LYS O 12 -56.33 3.34 11.61
CA LYS O 12 -55.73 3.53 10.30
C LYS O 12 -56.18 2.44 9.34
N ALA O 13 -56.06 2.72 8.05
CA ALA O 13 -56.55 1.80 7.04
C ALA O 13 -55.54 0.71 6.73
N GLU O 14 -54.25 1.02 6.77
CA GLU O 14 -53.24 0.05 6.39
C GLU O 14 -53.12 -1.08 7.41
N ASP O 15 -53.40 -0.78 8.67
CA ASP O 15 -53.43 -1.81 9.70
C ASP O 15 -54.59 -2.77 9.46
N LEU O 16 -55.75 -2.22 9.12
CA LEU O 16 -56.93 -3.04 8.87
C LEU O 16 -56.79 -3.88 7.61
N VAL O 17 -56.10 -3.37 6.59
CA VAL O 17 -55.91 -4.25 5.43
C VAL O 17 -54.84 -5.30 5.73
N ASP O 18 -53.82 -4.96 6.54
CA ASP O 18 -52.81 -5.95 6.92
C ASP O 18 -53.40 -7.06 7.78
N VAL O 19 -54.47 -6.76 8.52
CA VAL O 19 -55.19 -7.83 9.21
C VAL O 19 -56.08 -8.59 8.23
N LEU O 20 -56.88 -7.87 7.45
CA LEU O 20 -57.94 -8.49 6.66
C LEU O 20 -57.46 -9.15 5.37
N LYS O 21 -56.15 -9.16 5.07
CA LYS O 21 -55.71 -10.05 4.01
C LYS O 21 -55.78 -11.51 4.42
N GLN O 22 -55.80 -11.79 5.72
CA GLN O 22 -55.80 -13.16 6.22
C GLN O 22 -57.19 -13.70 6.48
N VAL O 23 -58.16 -12.84 6.76
CA VAL O 23 -59.48 -13.31 7.15
C VAL O 23 -60.25 -13.82 5.92
N SER O 24 -60.30 -13.02 4.87
CA SER O 24 -61.03 -13.41 3.67
C SER O 24 -60.33 -14.54 2.92
N GLY O 25 -59.00 -14.57 2.98
CA GLY O 25 -58.22 -15.48 2.15
C GLY O 25 -58.43 -16.95 2.47
N THR O 26 -58.86 -17.25 3.70
CA THR O 26 -59.35 -18.59 4.02
C THR O 26 -60.83 -18.59 4.36
N LEU O 27 -61.43 -17.42 4.53
CA LEU O 27 -62.87 -17.36 4.75
C LEU O 27 -63.66 -17.69 3.49
N THR O 28 -63.05 -17.53 2.31
CA THR O 28 -63.71 -18.00 1.08
C THR O 28 -63.86 -19.50 1.04
N ALA O 29 -62.94 -20.24 1.67
CA ALA O 29 -63.03 -21.69 1.72
C ALA O 29 -64.11 -22.14 2.69
N VAL O 44 -62.53 -12.88 -6.67
CA VAL O 44 -62.76 -13.61 -5.43
C VAL O 44 -63.07 -12.59 -4.35
N VAL O 45 -62.03 -12.06 -3.70
CA VAL O 45 -62.16 -11.01 -2.70
C VAL O 45 -61.06 -9.98 -2.92
N SER O 46 -61.34 -8.74 -2.54
CA SER O 46 -60.35 -7.68 -2.63
C SER O 46 -60.52 -6.71 -1.48
N ILE O 47 -59.45 -6.54 -0.70
CA ILE O 47 -59.40 -5.55 0.36
C ILE O 47 -58.25 -4.62 -0.01
N ALA O 48 -58.58 -3.36 -0.33
CA ALA O 48 -57.58 -2.35 -0.62
C ALA O 48 -57.87 -1.11 0.21
N ALA O 49 -56.80 -0.42 0.60
CA ALA O 49 -56.90 0.67 1.58
C ALA O 49 -56.46 1.97 0.94
N SER O 50 -57.39 2.91 0.82
CA SER O 50 -57.07 4.26 0.37
C SER O 50 -56.43 5.02 1.52
N LYS O 51 -55.11 5.22 1.43
CA LYS O 51 -54.37 5.78 2.56
C LYS O 51 -54.65 7.25 2.76
N HIS O 52 -54.80 8.01 1.67
CA HIS O 52 -54.95 9.45 1.80
C HIS O 52 -56.33 9.84 2.32
N SER O 53 -57.34 9.00 2.10
CA SER O 53 -58.72 9.37 2.41
C SER O 53 -59.32 8.53 3.53
N ASN O 54 -58.51 7.71 4.22
CA ASN O 54 -58.89 6.98 5.44
C ASN O 54 -60.06 6.03 5.19
N ALA O 55 -59.88 5.13 4.23
CA ALA O 55 -60.96 4.21 3.90
C ALA O 55 -60.36 2.95 3.29
N LEU O 56 -60.90 1.81 3.70
CA LEU O 56 -60.60 0.53 3.05
C LEU O 56 -61.80 0.12 2.22
N ILE O 57 -61.54 -0.61 1.15
CA ILE O 57 -62.55 -0.95 0.17
C ILE O 57 -62.70 -2.47 0.13
N VAL O 58 -63.90 -2.95 0.42
CA VAL O 58 -64.19 -4.37 0.45
C VAL O 58 -64.92 -4.75 -0.82
N THR O 59 -64.40 -5.76 -1.52
CA THR O 59 -65.06 -6.33 -2.69
C THR O 59 -65.27 -7.80 -2.41
N ALA O 60 -66.52 -8.21 -2.17
CA ALA O 60 -66.80 -9.54 -1.66
C ALA O 60 -68.25 -9.88 -1.99
N PRO O 61 -68.60 -11.16 -2.01
CA PRO O 61 -70.02 -11.54 -2.09
C PRO O 61 -70.79 -11.15 -0.83
N GLN O 62 -72.11 -11.30 -0.90
CA GLN O 62 -73.00 -10.77 0.13
C GLN O 62 -72.86 -11.49 1.46
N ASP O 63 -72.50 -12.76 1.44
CA ASP O 63 -72.35 -13.49 2.70
C ASP O 63 -71.05 -13.14 3.41
N ILE O 64 -69.98 -12.93 2.64
CA ILE O 64 -68.71 -12.52 3.22
C ILE O 64 -68.78 -11.07 3.67
N MET O 65 -69.61 -10.27 3.00
CA MET O 65 -69.70 -8.83 3.26
C MET O 65 -70.25 -8.54 4.65
N GLN O 66 -71.19 -9.36 5.12
CA GLN O 66 -71.71 -9.16 6.47
C GLN O 66 -70.71 -9.59 7.52
N SER O 67 -69.90 -10.61 7.23
CA SER O 67 -68.87 -11.05 8.16
C SER O 67 -67.77 -10.01 8.30
N LEU O 68 -67.20 -9.56 7.17
CA LEU O 68 -66.16 -8.54 7.21
C LEU O 68 -66.71 -7.21 7.69
N GLN O 69 -67.98 -6.92 7.41
CA GLN O 69 -68.61 -5.72 7.95
C GLN O 69 -68.73 -5.81 9.47
N SER O 70 -69.03 -7.00 9.98
CA SER O 70 -69.11 -7.17 11.43
C SER O 70 -67.75 -7.07 12.09
N VAL O 71 -66.70 -7.57 11.43
CA VAL O 71 -65.35 -7.48 11.98
C VAL O 71 -64.87 -6.03 11.98
N ILE O 72 -65.14 -5.29 10.91
CA ILE O 72 -64.78 -3.87 10.87
C ILE O 72 -65.59 -3.08 11.90
N GLU O 73 -66.85 -3.46 12.13
CA GLU O 73 -67.62 -2.84 13.21
C GLU O 73 -67.07 -3.18 14.59
N GLN O 74 -66.43 -4.34 14.74
CA GLN O 74 -65.90 -4.70 16.05
C GLN O 74 -64.46 -4.24 16.27
N LEU O 75 -63.75 -3.81 15.23
CA LEU O 75 -62.39 -3.33 15.42
C LEU O 75 -62.28 -1.82 15.46
N ASP O 76 -63.25 -1.09 14.91
CA ASP O 76 -63.22 0.37 14.88
C ASP O 76 -63.71 0.87 16.24
N ILE O 77 -62.80 0.86 17.22
CA ILE O 77 -63.13 1.13 18.61
C ILE O 77 -62.29 2.28 19.15
N ARG O 78 -62.83 2.94 20.16
CA ARG O 78 -62.14 4.04 20.82
C ARG O 78 -60.95 3.51 21.62
N ARG O 79 -59.77 4.05 21.34
CA ARG O 79 -58.55 3.63 22.02
C ARG O 79 -58.27 4.58 23.17
N ALA O 80 -58.08 4.03 24.36
CA ALA O 80 -57.78 4.86 25.51
C ALA O 80 -56.30 5.23 25.52
N GLN O 81 -55.97 6.23 26.34
CA GLN O 81 -54.61 6.76 26.37
C GLN O 81 -54.12 6.88 27.80
N VAL O 82 -52.82 6.66 27.98
CA VAL O 82 -52.21 6.43 29.27
C VAL O 82 -51.08 7.41 29.47
N HIS O 83 -51.12 8.16 30.57
CA HIS O 83 -50.02 9.03 30.96
C HIS O 83 -49.16 8.31 31.99
N VAL O 84 -47.90 8.09 31.66
CA VAL O 84 -46.96 7.36 32.49
C VAL O 84 -46.00 8.35 33.12
N GLU O 85 -45.87 8.30 34.45
CA GLU O 85 -45.03 9.22 35.19
C GLU O 85 -44.07 8.42 36.06
N ALA O 86 -42.79 8.42 35.69
CA ALA O 86 -41.78 7.62 36.37
C ALA O 86 -40.89 8.52 37.21
N LEU O 87 -40.84 8.25 38.51
CA LEU O 87 -40.02 9.04 39.42
C LEU O 87 -38.65 8.42 39.59
N ILE O 88 -37.69 9.25 39.98
CA ILE O 88 -36.32 8.84 40.22
C ILE O 88 -35.84 9.54 41.48
N VAL O 89 -35.44 8.76 42.48
CA VAL O 89 -34.94 9.32 43.74
C VAL O 89 -33.50 8.86 43.92
N GLU O 90 -32.62 9.79 44.23
CA GLU O 90 -31.23 9.47 44.55
C GLU O 90 -30.80 10.28 45.76
N VAL O 91 -30.47 9.60 46.85
CA VAL O 91 -29.99 10.23 48.06
C VAL O 91 -28.60 9.68 48.35
N ALA O 92 -27.63 10.57 48.55
CA ALA O 92 -26.25 10.18 48.80
C ALA O 92 -25.76 10.84 50.08
N GLU O 93 -24.69 10.30 50.64
CA GLU O 93 -24.03 10.86 51.82
C GLU O 93 -22.61 10.33 51.88
N GLY O 94 -21.64 11.24 51.93
CA GLY O 94 -20.25 10.83 52.01
C GLY O 94 -19.45 11.67 52.99
N SER O 95 -18.81 11.03 53.96
CA SER O 95 -18.05 11.73 54.99
C SER O 95 -16.87 10.87 55.42
N ASN O 96 -15.66 11.36 55.18
CA ASN O 96 -14.44 10.68 55.59
C ASN O 96 -13.61 11.59 56.46
N ILE O 97 -12.99 11.03 57.50
CA ILE O 97 -12.21 11.78 58.46
C ILE O 97 -10.75 11.35 58.32
N ASN O 98 -9.87 12.30 58.07
CA ASN O 98 -8.45 12.02 58.07
C ASN O 98 -7.80 12.58 59.33
N PHE O 99 -6.62 12.03 59.64
CA PHE O 99 -5.82 12.48 60.75
C PHE O 99 -4.40 12.02 60.49
N GLY O 100 -3.44 12.69 61.11
CA GLY O 100 -2.06 12.29 60.91
C GLY O 100 -1.05 13.17 61.59
N VAL O 101 -0.06 12.54 62.23
CA VAL O 101 1.04 13.21 62.89
C VAL O 101 2.33 12.70 62.26
N GLN O 102 3.16 13.62 61.78
CA GLN O 102 4.40 13.26 61.11
C GLN O 102 5.56 14.01 61.77
N TRP O 103 6.39 13.28 62.50
CA TRP O 103 7.57 13.85 63.12
C TRP O 103 8.72 13.84 62.13
N GLY O 104 9.61 14.80 62.26
CA GLY O 104 10.76 14.86 61.38
C GLY O 104 11.92 15.66 61.94
N SER O 105 13.10 15.06 61.94
CA SER O 105 14.34 15.74 62.30
C SER O 105 15.28 15.69 61.11
N LYS O 106 16.09 16.74 60.95
CA LYS O 106 16.98 16.79 59.79
C LYS O 106 18.16 15.84 59.96
N ASP O 107 18.58 15.57 61.19
CA ASP O 107 19.73 14.71 61.44
C ASP O 107 19.39 13.42 62.16
N ALA O 108 18.12 13.17 62.49
CA ALA O 108 17.76 12.01 63.31
C ALA O 108 16.55 11.30 62.73
N GLY O 109 16.48 11.21 61.40
CA GLY O 109 15.44 10.45 60.75
C GLY O 109 14.09 11.16 60.74
N LEU O 110 13.10 10.47 60.18
CA LEU O 110 11.77 11.04 60.00
C LEU O 110 10.72 9.96 60.26
N MET O 111 9.52 10.39 60.60
CA MET O 111 8.37 9.51 60.75
C MET O 111 7.27 9.99 59.82
N GLN O 112 7.06 9.28 58.73
CA GLN O 112 6.00 9.67 57.80
C GLN O 112 5.00 8.54 57.65
N PHE O 113 3.89 8.83 57.00
CA PHE O 113 2.84 7.87 56.72
C PHE O 113 2.21 8.23 55.37
N ALA O 114 1.39 7.32 54.85
CA ALA O 114 0.61 7.57 53.65
C ALA O 114 -0.78 6.98 53.80
N ASN O 115 -1.66 7.39 52.89
CA ASN O 115 -3.03 6.88 52.75
C ASN O 115 -3.84 7.09 54.04
N GLY O 116 -4.11 8.35 54.31
CA GLY O 116 -4.86 8.72 55.50
C GLY O 116 -4.36 9.99 56.12
N THR O 117 -3.10 10.32 55.85
CA THR O 117 -2.55 11.62 56.17
C THR O 117 -2.31 12.47 54.92
N GLN O 118 -2.30 11.84 53.74
CA GLN O 118 -2.42 12.48 52.42
C GLN O 118 -1.29 13.43 52.04
N ILE O 119 -0.28 13.58 52.89
CA ILE O 119 0.89 14.40 52.58
C ILE O 119 2.09 13.87 53.37
N PRO O 120 3.07 13.29 52.72
CA PRO O 120 4.25 12.78 53.43
C PRO O 120 5.16 13.93 53.86
N ILE O 121 5.89 13.71 54.95
CA ILE O 121 6.87 14.69 55.38
C ILE O 121 8.12 14.62 54.50
N GLY O 122 8.33 13.50 53.82
CA GLY O 122 9.50 13.40 52.94
C GLY O 122 9.32 14.16 51.65
N THR O 123 8.14 14.07 51.05
CA THR O 123 7.89 14.81 49.82
C THR O 123 7.71 16.30 50.08
N LEU O 124 7.07 16.65 51.20
CA LEU O 124 6.88 18.06 51.51
C LEU O 124 8.17 18.70 51.99
N GLY O 125 8.97 17.94 52.76
CA GLY O 125 10.28 18.43 53.12
C GLY O 125 11.24 18.49 51.95
N ALA O 126 11.03 17.65 50.94
CA ALA O 126 11.82 17.74 49.72
C ALA O 126 11.39 18.94 48.88
N ALA O 127 10.09 19.23 48.86
CA ALA O 127 9.60 20.36 48.09
C ALA O 127 10.00 21.68 48.72
N ILE O 128 9.83 21.81 50.04
CA ILE O 128 10.25 23.02 50.74
C ILE O 128 11.77 23.13 50.76
N SER O 129 12.47 21.99 50.82
CA SER O 129 13.93 22.00 50.70
C SER O 129 14.38 22.44 49.31
N ALA O 130 13.56 22.19 48.29
CA ALA O 130 13.83 22.71 46.96
C ALA O 130 13.27 24.11 46.76
N ALA O 131 12.60 24.69 47.76
CA ALA O 131 11.89 25.94 47.57
C ALA O 131 12.67 27.16 48.04
N LYS O 132 13.60 27.01 48.98
CA LYS O 132 14.36 28.16 49.45
C LYS O 132 15.38 28.57 48.39
N PRO O 133 15.43 29.84 48.02
CA PRO O 133 16.16 30.25 46.81
C PRO O 133 17.67 30.23 46.97
N GLN O 134 18.34 29.90 45.88
CA GLN O 134 19.78 29.92 45.80
C GLN O 134 20.27 31.32 45.48
N LYS O 135 21.57 31.54 45.68
CA LYS O 135 22.19 32.82 45.38
C LYS O 135 23.02 32.71 44.10
N GLY O 136 23.51 33.86 43.65
CA GLY O 136 24.30 33.94 42.44
C GLY O 136 25.78 34.02 42.71
N SER O 137 26.51 34.53 41.73
CA SER O 137 27.96 34.66 41.83
C SER O 137 28.34 35.82 42.75
N ASN O 149 25.39 36.37 39.45
CA ASN O 149 25.33 37.65 40.13
C ASN O 149 23.89 38.01 40.65
N PRO O 150 22.79 37.78 39.86
CA PRO O 150 21.46 37.89 40.49
C PRO O 150 21.06 36.63 41.23
N ASP O 151 20.27 36.78 42.29
CA ASP O 151 19.76 35.65 43.07
C ASP O 151 18.28 35.43 42.74
N THR O 152 17.99 34.30 42.10
CA THR O 152 16.64 34.01 41.63
C THR O 152 15.80 33.39 42.74
N ASN O 153 14.66 34.00 43.04
CA ASN O 153 13.64 33.44 43.90
C ASN O 153 12.52 32.89 43.01
N GLY O 154 12.80 31.78 42.35
CA GLY O 154 11.85 31.21 41.41
C GLY O 154 11.80 29.70 41.40
N ASP O 155 12.31 29.08 42.46
CA ASP O 155 12.27 27.63 42.61
C ASP O 155 10.95 27.22 43.27
N LEU O 156 9.99 26.83 42.45
CA LEU O 156 8.64 26.55 42.93
C LEU O 156 7.99 25.62 41.90
N SER O 157 6.66 25.53 41.92
CA SER O 157 5.82 24.63 41.13
C SER O 157 6.07 23.17 41.48
N THR O 158 6.55 22.90 42.68
CA THR O 158 6.56 21.58 43.30
C THR O 158 5.63 21.53 44.49
N LEU O 159 5.63 22.58 45.31
CA LEU O 159 4.56 22.75 46.29
C LEU O 159 3.24 23.09 45.60
N ALA O 160 3.30 23.73 44.43
CA ALA O 160 2.09 24.06 43.72
C ALA O 160 1.44 22.85 43.07
N GLN O 161 2.20 21.76 42.91
CA GLN O 161 1.62 20.51 42.42
C GLN O 161 1.33 19.55 43.57
N LEU O 162 2.22 19.49 44.55
CA LEU O 162 2.02 18.59 45.69
C LEU O 162 0.89 19.08 46.58
N LEU O 163 0.68 20.39 46.65
CA LEU O 163 -0.42 20.98 47.39
C LEU O 163 -1.57 21.40 46.50
N SER O 164 -1.64 20.87 45.27
CA SER O 164 -2.71 21.25 44.36
C SER O 164 -4.02 20.60 44.77
N GLY O 165 -4.08 19.27 44.73
CA GLY O 165 -5.23 18.58 45.27
C GLY O 165 -5.00 18.18 46.71
N PHE O 166 -5.44 19.05 47.63
CA PHE O 166 -5.21 18.86 49.06
C PHE O 166 -6.14 19.79 49.84
N SER O 167 -6.80 19.26 50.86
CA SER O 167 -7.78 20.04 51.60
C SER O 167 -7.57 20.01 53.10
N GLY O 168 -6.42 19.52 53.57
CA GLY O 168 -6.25 19.30 54.99
C GLY O 168 -5.64 20.46 55.73
N THR O 169 -5.97 20.53 57.02
CA THR O 169 -5.31 21.44 57.94
C THR O 169 -3.93 20.88 58.26
N ALA O 170 -2.89 21.56 57.79
CA ALA O 170 -1.51 21.10 57.96
C ALA O 170 -0.74 22.18 58.71
N VAL O 171 -0.54 21.97 60.00
CA VAL O 171 0.22 22.92 60.82
C VAL O 171 1.63 22.37 61.00
N GLY O 172 2.56 23.29 61.26
CA GLY O 172 3.93 22.89 61.56
C GLY O 172 4.36 23.31 62.95
N VAL O 173 4.50 22.35 63.85
CA VAL O 173 4.83 22.63 65.24
C VAL O 173 6.27 22.20 65.48
N VAL O 174 7.14 23.17 65.75
CA VAL O 174 8.53 22.88 66.09
C VAL O 174 8.64 22.73 67.60
N LYS O 175 9.22 21.61 68.04
CA LYS O 175 9.37 21.34 69.46
C LYS O 175 10.62 20.48 69.65
N GLY O 176 11.71 21.11 70.10
CA GLY O 176 12.97 20.40 70.29
C GLY O 176 13.63 19.96 69.01
N ASP O 177 13.49 20.76 67.95
CA ASP O 177 13.86 20.42 66.57
C ASP O 177 13.21 19.10 66.14
N TRP O 178 11.89 19.11 66.17
CA TRP O 178 11.07 18.00 65.67
C TRP O 178 9.85 18.63 65.02
N MET O 179 9.85 18.69 63.68
CA MET O 179 8.79 19.37 62.96
C MET O 179 7.52 18.52 62.97
N ALA O 180 6.69 18.72 63.98
CA ALA O 180 5.48 17.91 64.16
C ALA O 180 4.42 18.35 63.16
N LEU O 181 4.50 17.79 61.96
CA LEU O 181 3.55 18.11 60.90
C LEU O 181 2.25 17.38 61.17
N VAL O 182 1.27 18.10 61.71
CA VAL O 182 -0.03 17.55 62.04
C VAL O 182 -0.98 17.81 60.89
N GLN O 183 -1.61 16.76 60.38
CA GLN O 183 -2.56 16.87 59.28
C GLN O 183 -3.90 16.31 59.71
N ALA O 184 -4.98 17.04 59.42
CA ALA O 184 -6.32 16.63 59.79
C ALA O 184 -7.33 17.33 58.89
N VAL O 185 -8.43 16.65 58.56
CA VAL O 185 -9.51 17.18 57.73
C VAL O 185 -10.74 16.30 57.94
N LYS O 186 -11.92 16.91 57.85
CA LYS O 186 -13.18 16.17 57.83
C LYS O 186 -14.13 16.90 56.91
N ASN O 187 -14.71 16.20 55.94
CA ASN O 187 -15.62 16.82 54.98
C ASN O 187 -16.82 15.92 54.68
N ASP O 188 -18.01 16.44 54.98
CA ASP O 188 -19.25 15.74 54.72
C ASP O 188 -19.76 16.11 53.33
N SER O 189 -20.64 15.28 52.77
CA SER O 189 -21.28 15.53 51.49
C SER O 189 -22.70 14.99 51.55
N SER O 190 -23.61 15.60 50.79
CA SER O 190 -25.02 15.20 50.76
C SER O 190 -25.62 15.64 49.43
N SER O 191 -25.96 14.67 48.59
CA SER O 191 -26.67 14.95 47.35
C SER O 191 -28.12 14.51 47.50
N ASN O 192 -29.00 15.09 46.71
CA ASN O 192 -30.42 14.76 46.73
C ASN O 192 -31.02 15.13 45.38
N VAL O 193 -31.32 14.12 44.57
CA VAL O 193 -31.76 14.32 43.20
C VAL O 193 -33.12 13.68 43.00
N LEU O 194 -34.07 14.49 42.56
CA LEU O 194 -35.40 14.00 42.23
C LEU O 194 -35.72 14.38 40.80
N SER O 195 -35.97 13.37 39.97
CA SER O 195 -36.32 13.59 38.58
C SER O 195 -37.55 12.79 38.25
N THR O 196 -38.39 13.33 37.37
CA THR O 196 -39.65 12.69 37.00
C THR O 196 -40.03 13.03 35.55
N PRO O 197 -39.58 12.22 34.60
CA PRO O 197 -40.10 12.33 33.24
C PRO O 197 -41.54 11.86 33.16
N SER O 198 -42.19 12.24 32.07
CA SER O 198 -43.58 11.90 31.82
C SER O 198 -43.78 11.68 30.34
N ILE O 199 -44.81 10.92 29.98
CA ILE O 199 -45.09 10.60 28.58
C ILE O 199 -46.59 10.41 28.46
N THR O 200 -47.09 10.47 27.22
CA THR O 200 -48.50 10.24 26.95
C THR O 200 -48.60 9.47 25.65
N THR O 201 -48.95 8.20 25.73
CA THR O 201 -49.07 7.36 24.56
C THR O 201 -50.54 7.07 24.33
N LEU O 202 -50.82 6.21 23.36
CA LEU O 202 -52.07 5.48 23.32
C LEU O 202 -51.85 4.09 23.88
N ASP O 203 -52.88 3.27 23.81
CA ASP O 203 -52.75 1.85 24.12
C ASP O 203 -51.93 1.17 23.05
N ASN O 204 -50.96 0.35 23.49
CA ASN O 204 -50.17 -0.56 22.65
C ASN O 204 -49.34 0.17 21.60
N GLN O 205 -48.96 1.41 21.86
CA GLN O 205 -48.15 2.19 20.94
C GLN O 205 -46.93 2.69 21.70
N GLU O 206 -45.76 2.23 21.28
CA GLU O 206 -44.54 2.57 22.01
C GLU O 206 -44.16 4.02 21.76
N ALA O 207 -43.46 4.59 22.74
CA ALA O 207 -43.08 5.98 22.71
C ALA O 207 -41.95 6.18 23.70
N PHE O 208 -41.07 7.13 23.40
CA PHE O 208 -39.98 7.37 24.32
C PHE O 208 -39.81 8.87 24.48
N PHE O 209 -38.71 9.23 25.12
CA PHE O 209 -38.48 10.58 25.59
C PHE O 209 -36.99 10.66 25.90
N MET O 210 -36.46 11.88 25.91
CA MET O 210 -35.03 12.09 26.07
C MET O 210 -34.80 13.54 26.41
N VAL O 211 -33.86 13.82 27.31
CA VAL O 211 -33.40 15.19 27.53
C VAL O 211 -31.88 15.24 27.48
N GLY O 212 -31.27 14.26 26.82
CA GLY O 212 -29.83 14.07 26.90
C GLY O 212 -29.03 14.88 25.92
N GLN O 213 -27.90 14.31 25.52
CA GLN O 213 -26.95 14.93 24.60
C GLN O 213 -26.57 13.92 23.53
N ASP O 214 -25.65 14.32 22.66
CA ASP O 214 -25.01 13.41 21.71
C ASP O 214 -23.52 13.59 21.85
N VAL O 215 -22.83 12.53 22.26
CA VAL O 215 -21.41 12.62 22.56
C VAL O 215 -20.64 11.86 21.49
N PRO O 216 -19.56 12.42 20.95
CA PRO O 216 -18.75 11.67 19.97
C PRO O 216 -17.99 10.53 20.65
N VAL O 217 -18.40 9.31 20.33
CA VAL O 217 -17.76 8.10 20.83
C VAL O 217 -16.97 7.50 19.69
N LEU O 218 -15.66 7.35 19.88
CA LEU O 218 -14.81 6.82 18.81
C LEU O 218 -14.71 5.31 18.95
N THR O 219 -14.89 4.61 17.82
CA THR O 219 -14.72 3.17 17.75
C THR O 219 -13.68 2.91 16.66
N GLY O 220 -12.40 3.00 17.03
CA GLY O 220 -11.32 2.81 16.09
C GLY O 220 -10.77 4.10 15.54
N THR O 233 -13.52 5.09 13.62
CA THR O 233 -14.92 5.24 13.25
C THR O 233 -15.69 5.84 14.42
N VAL O 234 -15.78 7.18 14.43
CA VAL O 234 -16.49 7.87 15.50
C VAL O 234 -17.99 7.71 15.29
N GLU O 235 -18.70 7.37 16.36
CA GLU O 235 -20.14 7.14 16.28
C GLU O 235 -20.82 7.96 17.36
N ARG O 236 -21.98 8.52 17.02
CA ARG O 236 -22.73 9.37 17.94
C ARG O 236 -23.55 8.49 18.89
N LYS O 237 -23.38 8.72 20.18
CA LYS O 237 -24.07 7.93 21.18
C LYS O 237 -24.92 8.85 22.06
N LYS O 238 -26.14 8.42 22.35
CA LYS O 238 -27.08 9.21 23.12
C LYS O 238 -26.91 8.95 24.60
N VAL O 239 -27.08 10.01 25.39
CA VAL O 239 -27.02 9.92 26.85
C VAL O 239 -28.29 10.54 27.42
N GLY O 240 -28.35 10.67 28.74
CA GLY O 240 -29.42 11.42 29.37
C GLY O 240 -30.66 10.60 29.63
N ILE O 241 -31.64 11.25 30.25
CA ILE O 241 -32.80 10.60 30.84
C ILE O 241 -33.74 10.09 29.75
N MET O 242 -33.73 8.79 29.52
CA MET O 242 -34.59 8.18 28.51
C MET O 242 -35.68 7.39 29.21
N LEU O 243 -36.85 7.31 28.59
CA LEU O 243 -37.97 6.59 29.17
C LEU O 243 -38.79 6.01 28.03
N LYS O 244 -38.51 4.76 27.66
CA LYS O 244 -39.20 4.13 26.55
C LYS O 244 -40.22 3.13 27.09
N VAL O 245 -41.50 3.47 26.97
CA VAL O 245 -42.56 2.67 27.55
C VAL O 245 -43.40 2.11 26.41
N THR O 246 -44.14 1.05 26.69
CA THR O 246 -45.11 0.49 25.75
C THR O 246 -46.27 -0.05 26.55
N PRO O 247 -47.19 0.81 26.98
CA PRO O 247 -48.22 0.38 27.93
C PRO O 247 -49.35 -0.37 27.25
N GLN O 248 -49.92 -1.29 28.01
CA GLN O 248 -51.07 -2.07 27.58
C GLN O 248 -52.11 -2.02 28.68
N ILE O 249 -53.36 -1.82 28.30
CA ILE O 249 -54.45 -1.65 29.25
C ILE O 249 -55.12 -3.01 29.44
N ASN O 250 -54.97 -3.57 30.63
CA ASN O 250 -55.62 -4.81 31.00
C ASN O 250 -56.91 -4.51 31.74
N GLU O 251 -57.84 -5.46 31.69
CA GLU O 251 -59.14 -5.25 32.29
C GLU O 251 -59.07 -5.32 33.80
N GLY O 252 -60.02 -4.66 34.45
CA GLY O 252 -59.86 -4.29 35.84
C GLY O 252 -59.08 -3.00 36.02
N ASN O 253 -58.86 -2.25 34.92
CA ASN O 253 -58.12 -0.98 34.90
C ASN O 253 -56.70 -1.14 35.42
N ALA O 254 -56.05 -2.23 35.04
CA ALA O 254 -54.66 -2.45 35.35
C ALA O 254 -53.83 -2.23 34.09
N VAL O 255 -52.61 -1.75 34.26
CA VAL O 255 -51.77 -1.33 33.16
C VAL O 255 -50.50 -2.18 33.17
N GLN O 256 -50.26 -2.88 32.07
CA GLN O 256 -49.01 -3.60 31.86
C GLN O 256 -48.08 -2.74 31.03
N MET O 257 -46.85 -2.55 31.50
CA MET O 257 -45.91 -1.67 30.85
C MET O 257 -44.62 -2.42 30.53
N VAL O 258 -44.02 -2.10 29.39
CA VAL O 258 -42.71 -2.60 29.05
C VAL O 258 -41.77 -1.41 29.06
N ILE O 259 -41.16 -1.15 30.21
CA ILE O 259 -40.40 0.07 30.43
C ILE O 259 -38.92 -0.21 30.26
N GLU O 260 -38.24 0.61 29.46
CA GLU O 260 -36.80 0.50 29.23
C GLU O 260 -36.21 1.87 29.53
N GLN O 261 -35.94 2.13 30.80
CA GLN O 261 -35.48 3.43 31.24
C GLN O 261 -33.95 3.47 31.27
N GLU O 262 -33.41 4.67 31.22
CA GLU O 262 -31.97 4.90 31.27
C GLU O 262 -31.71 6.29 31.80
N VAL O 263 -30.74 6.43 32.68
CA VAL O 263 -30.26 7.74 33.14
C VAL O 263 -28.77 7.74 32.91
N SER O 264 -28.33 8.32 31.80
CA SER O 264 -26.91 8.39 31.50
C SER O 264 -26.38 9.77 31.83
N LYS O 265 -25.06 9.85 32.00
CA LYS O 265 -24.42 11.08 32.44
C LYS O 265 -22.96 11.02 32.05
N VAL O 266 -22.44 12.11 31.49
CA VAL O 266 -21.06 12.15 31.04
C VAL O 266 -20.15 12.34 32.24
N GLU O 267 -19.31 11.35 32.52
CA GLU O 267 -18.28 11.48 33.52
C GLU O 267 -16.96 11.81 32.83
N GLY O 268 -16.05 12.41 33.59
CA GLY O 268 -14.81 12.88 32.99
C GLY O 268 -13.75 11.81 32.89
N GLN O 269 -12.60 12.11 33.49
CA GLN O 269 -11.47 11.20 33.53
C GLN O 269 -10.79 11.30 32.18
N THR O 270 -11.42 10.68 31.20
CA THR O 270 -10.93 10.71 29.81
C THR O 270 -9.62 9.94 29.59
N SER O 271 -9.63 8.64 29.85
CA SER O 271 -8.39 7.86 29.84
C SER O 271 -7.88 7.67 28.42
N LEU O 272 -8.65 6.95 27.60
CA LEU O 272 -8.47 6.93 26.16
C LEU O 272 -9.62 7.60 25.44
N ASP O 273 -10.80 7.61 26.04
CA ASP O 273 -11.97 8.30 25.53
C ASP O 273 -12.81 8.69 26.74
N VAL O 274 -13.93 9.35 26.48
CA VAL O 274 -14.79 9.80 27.57
C VAL O 274 -15.57 8.61 28.12
N VAL O 275 -15.83 8.63 29.42
CA VAL O 275 -16.59 7.57 30.06
C VAL O 275 -17.96 8.11 30.44
N PHE O 276 -18.89 7.21 30.66
CA PHE O 276 -20.27 7.55 30.96
C PHE O 276 -20.61 7.04 32.35
N GLY O 277 -21.84 7.30 32.78
CA GLY O 277 -22.40 6.53 33.87
C GLY O 277 -23.83 6.18 33.59
N GLU O 278 -24.16 4.90 33.42
CA GLU O 278 -25.52 4.51 33.12
C GLU O 278 -26.21 3.96 34.35
N ARG O 279 -27.54 4.07 34.36
CA ARG O 279 -28.36 3.54 35.44
C ARG O 279 -29.58 2.85 34.86
N LYS O 280 -29.41 2.17 33.73
CA LYS O 280 -30.54 1.70 32.96
C LYS O 280 -31.17 0.46 33.60
N LEU O 281 -32.39 0.17 33.16
CA LEU O 281 -33.10 -1.04 33.53
C LEU O 281 -34.14 -1.32 32.47
N LYS O 282 -34.43 -2.60 32.25
CA LYS O 282 -35.37 -3.02 31.21
C LYS O 282 -36.29 -4.07 31.81
N THR O 283 -37.36 -3.63 32.44
CA THR O 283 -38.24 -4.56 33.13
C THR O 283 -39.64 -4.53 32.53
N THR O 284 -40.56 -5.23 33.18
CA THR O 284 -41.94 -5.32 32.72
C THR O 284 -42.82 -5.45 33.95
N VAL O 285 -43.56 -4.40 34.29
CA VAL O 285 -44.33 -4.38 35.52
C VAL O 285 -45.82 -4.42 35.17
N LEU O 286 -46.63 -4.61 36.20
CA LEU O 286 -48.10 -4.62 36.07
C LEU O 286 -48.64 -3.82 37.25
N ALA O 287 -48.81 -2.53 37.03
CA ALA O 287 -49.27 -1.65 38.10
C ALA O 287 -50.80 -1.49 38.04
N ASN O 288 -51.33 -0.84 39.07
CA ASN O 288 -52.76 -0.58 39.15
C ASN O 288 -53.11 0.69 38.39
N ASP O 289 -54.32 1.21 38.63
CA ASP O 289 -54.85 2.28 37.80
C ASP O 289 -54.11 3.60 38.02
N GLY O 290 -53.79 3.92 39.26
CA GLY O 290 -53.06 5.14 39.54
C GLY O 290 -52.07 4.99 40.69
N GLU O 291 -51.81 3.75 41.08
CA GLU O 291 -50.99 3.47 42.25
C GLU O 291 -49.53 3.34 41.86
N LEU O 292 -48.65 3.73 42.78
CA LEU O 292 -47.22 3.61 42.54
C LEU O 292 -46.78 2.17 42.71
N ILE O 293 -45.71 1.82 42.00
CA ILE O 293 -45.02 0.56 42.23
C ILE O 293 -43.53 0.79 42.07
N VAL O 294 -42.75 0.19 42.96
CA VAL O 294 -41.30 0.29 42.88
C VAL O 294 -40.79 -0.68 41.82
N LEU O 295 -39.94 -0.18 40.94
CA LEU O 295 -39.36 -1.01 39.89
C LEU O 295 -38.01 -1.57 40.29
N GLY O 296 -37.05 -0.69 40.53
CA GLY O 296 -35.71 -1.13 40.85
C GLY O 296 -35.15 -0.34 41.99
N GLY O 297 -33.84 -0.40 42.18
CA GLY O 297 -33.23 0.36 43.23
C GLY O 297 -31.86 -0.16 43.57
N LEU O 298 -31.20 0.58 44.44
CA LEU O 298 -29.88 0.21 44.94
C LEU O 298 -29.66 0.94 46.24
N MET O 299 -29.51 0.20 47.33
CA MET O 299 -29.18 0.80 48.62
C MET O 299 -27.73 0.45 48.92
N ASP O 300 -26.82 1.25 48.38
CA ASP O 300 -25.40 1.08 48.65
C ASP O 300 -25.11 1.52 50.08
N ASP O 301 -24.08 0.92 50.65
CA ASP O 301 -23.66 1.22 52.02
C ASP O 301 -22.23 0.76 52.17
N GLN O 302 -21.33 1.65 52.52
CA GLN O 302 -19.93 1.30 52.69
C GLN O 302 -19.44 1.72 54.05
N ALA O 303 -18.18 1.39 54.31
CA ALA O 303 -17.45 1.81 55.49
C ALA O 303 -15.97 1.75 55.15
N GLY O 304 -15.13 1.89 56.16
CA GLY O 304 -13.71 1.87 55.91
C GLY O 304 -12.90 2.27 57.12
N GLU O 305 -11.63 1.87 57.13
CA GLU O 305 -10.72 2.15 58.23
C GLU O 305 -9.30 1.88 57.75
N SER O 306 -8.40 2.81 58.04
CA SER O 306 -6.98 2.60 57.71
C SER O 306 -6.16 3.34 58.77
N VAL O 307 -5.82 2.65 59.84
CA VAL O 307 -4.94 3.19 60.87
C VAL O 307 -3.53 2.72 60.55
N ALA O 308 -2.53 3.52 60.91
CA ALA O 308 -1.14 3.20 60.61
C ALA O 308 -0.30 3.54 61.84
N LYS O 309 -0.05 2.54 62.69
CA LYS O 309 0.61 2.78 63.96
C LYS O 309 2.13 2.82 63.83
N VAL O 310 2.79 2.84 64.97
CA VAL O 310 4.20 2.50 65.13
C VAL O 310 4.17 1.42 66.21
N PRO O 311 4.82 0.24 65.99
CA PRO O 311 4.38 -1.01 66.65
C PRO O 311 4.30 -1.05 68.17
N LEU O 312 5.31 -0.55 68.89
CA LEU O 312 5.25 -0.60 70.34
C LEU O 312 4.62 0.67 70.89
N LEU O 313 5.07 1.83 70.43
CA LEU O 313 4.56 3.11 70.92
C LEU O 313 3.40 3.64 70.07
N GLY O 314 2.44 2.76 69.79
CA GLY O 314 1.25 3.16 69.06
C GLY O 314 -0.01 2.95 69.87
N ASP O 315 0.02 1.97 70.78
CA ASP O 315 -1.11 1.68 71.64
C ASP O 315 -0.96 2.26 73.04
N ILE O 316 -0.19 3.35 73.17
CA ILE O 316 -0.15 4.11 74.42
C ILE O 316 -1.51 4.76 74.59
N PRO O 317 -2.18 4.59 75.74
CA PRO O 317 -3.56 5.06 75.86
C PRO O 317 -3.68 6.58 75.99
N LEU O 318 -2.57 7.28 76.22
CA LEU O 318 -2.64 8.72 76.44
C LEU O 318 -2.03 9.49 75.28
N ILE O 319 -0.76 9.21 74.95
CA ILE O 319 -0.06 10.01 73.95
C ILE O 319 0.21 9.18 72.70
N GLY O 320 -0.36 7.98 72.65
CA GLY O 320 -0.21 7.14 71.48
C GLY O 320 -0.99 7.63 70.27
N ASN O 321 -1.98 8.48 70.51
CA ASN O 321 -2.85 9.02 69.46
C ASN O 321 -2.10 9.87 68.47
N LEU O 322 -1.01 10.50 68.90
CA LEU O 322 -0.18 11.30 68.01
C LEU O 322 0.99 10.48 67.46
N PHE O 323 0.66 9.26 67.04
CA PHE O 323 1.60 8.43 66.30
C PHE O 323 0.93 7.72 65.14
N LYS O 324 -0.40 7.69 65.13
CA LYS O 324 -1.16 6.94 64.15
C LYS O 324 -1.83 7.90 63.18
N SER O 325 -1.88 7.51 61.91
CA SER O 325 -2.56 8.29 60.88
C SER O 325 -3.90 7.65 60.60
N THR O 326 -4.88 7.93 61.47
CA THR O 326 -6.15 7.24 61.44
C THR O 326 -7.00 7.77 60.30
N ALA O 327 -7.09 7.01 59.22
CA ALA O 327 -8.04 7.33 58.17
C ALA O 327 -9.43 6.82 58.56
N ASP O 328 -10.41 7.20 57.73
CA ASP O 328 -11.78 6.72 57.86
C ASP O 328 -12.44 7.01 56.52
N LYS O 329 -13.55 6.33 56.26
CA LYS O 329 -14.42 6.64 55.14
C LYS O 329 -15.79 6.07 55.41
N LYS O 330 -16.78 6.91 55.61
CA LYS O 330 -18.16 6.49 55.72
C LYS O 330 -18.90 6.99 54.50
N GLU O 331 -19.71 6.13 53.90
CA GLU O 331 -20.42 6.49 52.68
C GLU O 331 -21.71 5.69 52.62
N LYS O 332 -22.77 6.34 52.14
CA LYS O 332 -24.07 5.68 52.01
C LYS O 332 -24.81 6.34 50.86
N ARG O 333 -25.42 5.54 50.00
CA ARG O 333 -26.07 6.06 48.81
C ARG O 333 -27.28 5.22 48.47
N ASN O 334 -28.44 5.84 48.41
CA ASN O 334 -29.69 5.17 48.06
C ASN O 334 -30.12 5.58 46.66
N LEU O 335 -30.98 4.77 46.07
CA LEU O 335 -31.46 5.00 44.72
C LEU O 335 -32.74 4.21 44.54
N MET O 336 -33.74 4.82 43.91
CA MET O 336 -34.99 4.16 43.61
C MET O 336 -35.50 4.61 42.25
N VAL O 337 -36.36 3.78 41.66
CA VAL O 337 -37.07 4.10 40.43
C VAL O 337 -38.53 3.70 40.63
N PHE O 338 -39.41 4.68 40.59
CA PHE O 338 -40.84 4.47 40.79
C PHE O 338 -41.55 4.71 39.46
N ILE O 339 -42.86 4.48 39.46
CA ILE O 339 -43.68 4.76 38.28
C ILE O 339 -45.11 5.00 38.75
N ARG O 340 -45.91 5.63 37.91
CA ARG O 340 -47.33 5.82 38.17
C ARG O 340 -48.04 5.91 36.84
N PRO O 341 -48.75 4.87 36.43
CA PRO O 341 -49.60 4.97 35.24
C PRO O 341 -50.89 5.71 35.56
N THR O 342 -51.45 6.35 34.53
CA THR O 342 -52.68 7.11 34.67
C THR O 342 -53.43 7.02 33.36
N ILE O 343 -54.50 6.24 33.32
CA ILE O 343 -55.29 6.16 32.10
C ILE O 343 -56.17 7.40 31.98
N LEU O 344 -56.47 7.78 30.75
CA LEU O 344 -57.25 8.98 30.47
C LEU O 344 -58.48 8.57 29.68
N ARG O 345 -59.66 8.71 30.28
CA ARG O 345 -60.89 8.24 29.67
C ARG O 345 -61.38 9.18 28.57
N ASP O 346 -61.73 10.40 28.94
CA ASP O 346 -62.48 11.30 28.07
C ASP O 346 -61.90 12.70 28.23
N GLY O 347 -62.65 13.71 27.80
CA GLY O 347 -62.27 15.09 27.98
C GLY O 347 -62.26 15.55 29.42
N MET O 348 -62.92 14.81 30.32
CA MET O 348 -62.83 15.12 31.75
C MET O 348 -61.47 14.72 32.31
N ALA O 349 -60.90 13.62 31.81
CA ALA O 349 -59.61 13.15 32.33
C ALA O 349 -58.47 14.03 31.84
N ALA O 350 -58.41 14.28 30.53
CA ALA O 350 -57.43 15.22 29.99
C ALA O 350 -57.71 16.64 30.42
N ASP O 351 -58.97 16.96 30.75
CA ASP O 351 -59.30 18.21 31.43
C ASP O 351 -58.59 18.30 32.78
N GLY O 352 -58.66 17.22 33.56
CA GLY O 352 -58.01 17.20 34.87
C GLY O 352 -56.50 17.26 34.81
N VAL O 353 -55.89 16.33 34.08
CA VAL O 353 -54.44 16.21 34.05
C VAL O 353 -53.83 17.37 33.26
N SER O 354 -54.38 17.66 32.07
CA SER O 354 -53.86 18.76 31.27
C SER O 354 -54.15 20.11 31.90
N GLN O 355 -55.22 20.21 32.69
CA GLN O 355 -55.51 21.44 33.40
C GLN O 355 -54.54 21.65 34.56
N ARG O 356 -54.22 20.59 35.30
CA ARG O 356 -53.31 20.78 36.43
C ARG O 356 -51.86 20.95 35.98
N LYS O 357 -51.46 20.31 34.88
CA LYS O 357 -50.11 20.52 34.38
C LYS O 357 -49.99 21.89 33.69
N TYR O 358 -50.98 22.23 32.86
CA TYR O 358 -50.93 23.49 32.12
C TYR O 358 -51.07 24.69 33.05
N ASN O 359 -52.05 24.65 33.95
CA ASN O 359 -52.20 25.75 34.89
C ASN O 359 -51.17 25.70 36.01
N TYR O 360 -50.53 24.56 36.24
CA TYR O 360 -49.41 24.54 37.18
C TYR O 360 -48.19 25.22 36.59
N MET O 361 -47.87 24.93 35.32
CA MET O 361 -46.72 25.55 34.68
C MET O 361 -46.97 27.03 34.39
N ARG O 362 -48.19 27.36 33.95
CA ARG O 362 -48.57 28.75 33.78
C ARG O 362 -48.55 29.48 35.11
N ALA O 363 -48.97 28.79 36.17
CA ALA O 363 -48.91 29.37 37.52
C ALA O 363 -47.48 29.64 37.93
N GLU O 364 -46.55 28.74 37.56
CA GLU O 364 -45.14 28.99 37.85
C GLU O 364 -44.59 30.16 37.02
N GLN O 365 -45.09 30.35 35.80
CA GLN O 365 -44.69 31.54 35.05
C GLN O 365 -45.29 32.81 35.65
N ILE O 366 -46.46 32.71 36.29
CA ILE O 366 -47.00 33.84 37.03
C ILE O 366 -46.14 34.13 38.25
N TYR O 367 -45.63 33.08 38.91
CA TYR O 367 -44.63 33.30 39.97
C TYR O 367 -43.29 33.76 39.41
N ARG O 368 -43.07 33.68 38.11
CA ARG O 368 -41.94 34.37 37.48
C ARG O 368 -42.32 35.74 36.96
N ASP O 369 -43.60 36.11 37.03
CA ASP O 369 -44.06 37.43 36.61
C ASP O 369 -44.16 38.39 37.79
N GLU O 370 -44.74 37.93 38.91
CA GLU O 370 -44.76 38.75 40.12
C GLU O 370 -43.36 38.94 40.66
N GLN O 371 -42.58 37.85 40.72
CA GLN O 371 -41.14 37.93 40.97
C GLN O 371 -40.50 38.41 39.67
N GLY O 372 -40.46 39.74 39.51
CA GLY O 372 -40.04 40.33 38.27
C GLY O 372 -38.53 40.42 38.14
N LEU O 373 -38.10 40.96 37.01
CA LEU O 373 -36.68 41.16 36.77
C LEU O 373 -36.15 42.27 37.67
N SER O 374 -34.85 42.18 37.97
CA SER O 374 -34.25 43.12 38.91
C SER O 374 -33.99 44.49 38.30
N LEU O 375 -34.03 44.61 36.97
CA LEU O 375 -33.69 45.85 36.30
C LEU O 375 -34.89 46.57 35.73
N MET O 376 -35.69 45.91 34.89
CA MET O 376 -36.79 46.55 34.21
C MET O 376 -38.11 45.95 34.65
N PRO O 377 -38.93 46.66 35.43
CA PRO O 377 -40.28 46.17 35.70
C PRO O 377 -41.19 46.23 34.49
N HIS O 378 -40.89 47.10 33.53
CA HIS O 378 -41.72 47.27 32.33
C HIS O 378 -41.22 46.37 31.20
N THR O 379 -41.19 45.08 31.48
CA THR O 379 -40.80 44.08 30.49
C THR O 379 -41.61 42.82 30.74
N ALA O 380 -42.36 42.38 29.72
CA ALA O 380 -43.28 41.26 29.89
C ALA O 380 -42.52 39.95 29.88
N GLN O 381 -42.80 39.11 30.88
CA GLN O 381 -42.29 37.76 30.88
C GLN O 381 -43.04 36.91 29.86
N PRO O 382 -42.40 35.86 29.33
CA PRO O 382 -43.13 34.90 28.49
C PRO O 382 -44.16 34.12 29.30
N ILE O 383 -45.44 34.37 29.06
CA ILE O 383 -46.50 33.73 29.82
C ILE O 383 -47.39 32.95 28.84
N LEU O 384 -47.94 31.85 29.33
CA LEU O 384 -48.83 31.01 28.54
C LEU O 384 -50.15 31.73 28.27
N PRO O 385 -50.89 31.32 27.22
CA PRO O 385 -52.21 31.92 26.96
C PRO O 385 -53.24 31.64 28.04
N ALA O 386 -54.45 32.18 27.82
CA ALA O 386 -55.44 32.24 28.89
C ALA O 386 -56.04 30.87 29.20
N GLN O 387 -56.67 30.25 28.20
CA GLN O 387 -57.37 28.99 28.45
C GLN O 387 -57.15 27.99 27.32
#